data_9IKY
#
_entry.id   9IKY
#
_cell.length_a   157.775
_cell.length_b   157.773
_cell.length_c   193.023
_cell.angle_alpha   103.030
_cell.angle_beta   101.920
_cell.angle_gamma   82.170
#
_symmetry.space_group_name_H-M   'P 1'
#
loop_
_entity.id
_entity.type
_entity.pdbx_description
1 polymer 'MHC class I antigen'
2 polymer Beta-2-microglobulin
3 polymer VAL-VAL-GLY-ALA-VAL-GLY-VAL-GLY-LYS
4 polymer '1-2C-T96F TCR alpha chain'
5 polymer '1-2C-T96F TCR beta chain'
#
loop_
_entity_poly.entity_id
_entity_poly.type
_entity_poly.pdbx_seq_one_letter_code
_entity_poly.pdbx_strand_id
1 'polypeptide(L)'
;GSHSMRYFYTSVSRPGRGEPRFIAVGYVDDTQFVRFDSDAASQRMEPRAPWIEQEGPEYWDQETRNVKAQSQTDRVDLGT
LRGYYNQSEDGSHTIQIMYGCDVGPDGRFLRGYRQDAYDGKDYIALNEDLRSWTAADMAAQITKRKWEAAHAAEQQRAYL
EGRCVEWLRRYLENGKETLQRTDPPKTHMTHHPISDHEATLRCWALGFYPAEITLTWQRDGEDQTQDTELVETRPAGDGT
FQKWAAVVVPSGEEQRYTCHVQHEGLPKPLTLRWE
;
o,A,F,K,P,U,Z,e,j,t
2 'polypeptide(L)'
;MIQRTPKIQVYSRHPAENGKSNFLNCYVSGFHPSDIEVDLLKNGERIEKVEHSDLSFSKDWSFYLLYYTEFTPTEKDEYA
CRVNHVTLSQPKIVKWDRDM
;
p,B,G,L,Q,V,a,f,k,u
3 'polypeptide(L)' VVGAVGVGK q,C,H,M,R,W,b,g,l,v
4 'polypeptide(L)'
;QQKVQQSPESLIVPEGGMASLNCTSSDRNVDYFWWYRQHSGKSPKMLMSIFSNGEKEEGRFTVHLNKASLHTSLHIRDSQ
PSDSALYLCAARDSNYQLIWGSGTKLIIKPDIQNPDPAVYQLRDSKSSDKSVCLFTDFDSQTNVSQSKDSDVYITDKCVL
DMRSMDFKSNSAVAWSNKSDFACANAFNNSIIPEDTFFPSPESS
;
r,D,I,N,S,X,c,h,m,w
5 'polypeptide(L)'
;EAAVTQSPRNKVAVTGGKVTLSCNQTNNHNNMYWYRQDTGHGLRLIHYSYGAGSTEKGDIPDGYKASRPSQENFSLILEL
ATPSQTSVYFCASGDFGGYEQYFGPGTRLTVLEDLKNVFPPEVAVFEPSEAEISHTQKATLVCLATGFYPDHVELSWWVN
GKEVHSGVCTDPQPLKEQPALNDSRYALSSRLRVSATFWQNPRNHFRCQVQFYGLSENDEWTQDRAKPVTQIVSAEAWGR
AD
;
s,E,J,O,T,Y,d,i,n,x
#
# COMPACT_ATOMS: atom_id res chain seq x y z
N GLY A 1 30.28 3.49 25.47
CA GLY A 1 29.92 4.89 25.45
C GLY A 1 29.53 5.39 24.07
N SER A 2 28.75 6.46 24.03
CA SER A 2 28.31 7.03 22.76
C SER A 2 29.51 7.60 22.00
N HIS A 3 29.70 7.13 20.77
CA HIS A 3 30.79 7.58 19.93
C HIS A 3 30.24 8.37 18.75
N SER A 4 31.14 9.07 18.05
CA SER A 4 30.71 10.01 17.03
C SER A 4 31.70 10.01 15.86
N MET A 5 31.18 10.41 14.70
CA MET A 5 31.99 10.68 13.51
C MET A 5 31.46 11.97 12.89
N ARG A 6 32.36 12.85 12.49
CA ARG A 6 31.95 14.13 11.94
C ARG A 6 33.00 14.64 10.97
N TYR A 7 32.54 15.12 9.82
CA TYR A 7 33.40 15.70 8.80
C TYR A 7 33.17 17.21 8.76
N PHE A 8 34.25 17.97 8.62
CA PHE A 8 34.18 19.43 8.54
C PHE A 8 34.73 19.90 7.20
N TYR A 9 33.96 20.75 6.52
CA TYR A 9 34.32 21.26 5.21
C TYR A 9 34.49 22.77 5.28
N THR A 10 35.51 23.28 4.60
CA THR A 10 35.76 24.72 4.53
C THR A 10 36.15 25.08 3.11
N SER A 11 35.40 26.00 2.50
CA SER A 11 35.64 26.43 1.13
C SER A 11 35.69 27.96 1.12
N VAL A 12 36.88 28.52 0.86
CA VAL A 12 37.07 29.96 0.84
C VAL A 12 37.30 30.39 -0.60
N SER A 13 36.56 31.42 -1.02
CA SER A 13 36.74 31.94 -2.37
C SER A 13 38.01 32.78 -2.45
N ARG A 14 38.69 32.67 -3.58
CA ARG A 14 39.90 33.45 -3.87
C ARG A 14 39.66 34.15 -5.20
N PRO A 15 38.89 35.24 -5.21
CA PRO A 15 38.54 35.91 -6.48
C PRO A 15 39.76 36.51 -7.17
N GLY A 16 40.10 35.96 -8.34
CA GLY A 16 41.25 36.41 -9.09
C GLY A 16 42.57 35.81 -8.65
N ARG A 17 42.62 35.16 -7.49
CA ARG A 17 43.83 34.55 -6.98
C ARG A 17 43.87 33.05 -7.23
N GLY A 18 42.91 32.52 -7.99
CA GLY A 18 42.84 31.10 -8.26
C GLY A 18 41.44 30.55 -8.09
N GLU A 19 41.34 29.27 -7.77
CA GLU A 19 40.07 28.62 -7.52
C GLU A 19 39.82 28.50 -6.02
N PRO A 20 38.56 28.36 -5.61
CA PRO A 20 38.26 28.25 -4.17
C PRO A 20 39.08 27.17 -3.49
N ARG A 21 39.57 27.48 -2.29
CA ARG A 21 40.37 26.55 -1.50
C ARG A 21 39.45 25.66 -0.68
N PHE A 22 39.60 24.34 -0.82
CA PHE A 22 38.78 23.36 -0.12
C PHE A 22 39.64 22.62 0.88
N ILE A 23 39.28 22.72 2.16
CA ILE A 23 39.93 21.98 3.24
C ILE A 23 38.89 21.09 3.90
N ALA A 24 39.22 19.82 4.05
CA ALA A 24 38.30 18.84 4.62
C ALA A 24 39.03 18.00 5.67
N VAL A 25 38.39 17.81 6.82
CA VAL A 25 38.95 16.99 7.90
C VAL A 25 37.85 16.09 8.44
N GLY A 26 38.24 14.89 8.86
CA GLY A 26 37.32 13.94 9.46
C GLY A 26 37.75 13.60 10.88
N TYR A 27 36.79 13.57 11.79
CA TYR A 27 37.05 13.36 13.22
C TYR A 27 36.15 12.26 13.72
N VAL A 28 36.73 11.12 14.08
CA VAL A 28 36.03 10.11 14.86
C VAL A 28 36.21 10.46 16.33
N ASP A 29 35.12 10.79 17.01
CA ASP A 29 35.14 11.32 18.37
C ASP A 29 35.97 12.60 18.41
N ASP A 30 37.17 12.54 18.98
CA ASP A 30 38.07 13.68 19.06
C ASP A 30 39.39 13.43 18.32
N THR A 31 39.47 12.39 17.51
CA THR A 31 40.70 11.99 16.84
C THR A 31 40.53 12.18 15.34
N GLN A 32 41.29 13.12 14.77
CA GLN A 32 41.29 13.33 13.33
C GLN A 32 41.90 12.11 12.63
N PHE A 33 41.33 11.74 11.48
CA PHE A 33 41.84 10.59 10.73
C PHE A 33 41.98 10.80 9.23
N VAL A 34 41.34 11.81 8.63
CA VAL A 34 41.49 12.07 7.22
C VAL A 34 41.66 13.56 7.00
N ARG A 35 42.27 13.92 5.86
CA ARG A 35 42.52 15.32 5.54
C ARG A 35 42.66 15.47 4.03
N PHE A 36 42.14 16.58 3.52
CA PHE A 36 42.28 16.93 2.10
C PHE A 36 42.40 18.44 1.98
N ASP A 37 43.32 18.89 1.11
CA ASP A 37 43.50 20.30 0.83
C ASP A 37 43.63 20.49 -0.68
N SER A 38 42.88 21.46 -1.21
CA SER A 38 42.90 21.71 -2.65
C SER A 38 44.16 22.44 -3.09
N ASP A 39 44.69 23.32 -2.24
CA ASP A 39 45.94 24.02 -2.52
C ASP A 39 47.16 23.24 -2.05
N ALA A 40 47.04 21.92 -1.92
CA ALA A 40 48.17 21.09 -1.52
C ALA A 40 48.90 20.60 -2.77
N ALA A 41 49.73 19.56 -2.60
CA ALA A 41 50.44 18.96 -3.71
C ALA A 41 50.02 17.53 -3.99
N SER A 42 49.63 16.78 -2.95
CA SER A 42 49.26 15.38 -3.15
C SER A 42 47.97 15.25 -3.94
N GLN A 43 47.03 16.18 -3.74
CA GLN A 43 45.70 16.13 -4.36
C GLN A 43 45.04 14.77 -4.11
N ARG A 44 45.04 14.37 -2.84
CA ARG A 44 44.54 13.07 -2.43
C ARG A 44 44.07 13.13 -0.99
N MET A 45 43.16 12.23 -0.64
CA MET A 45 42.77 12.08 0.76
C MET A 45 43.90 11.41 1.53
N GLU A 46 44.33 12.04 2.61
CA GLU A 46 45.54 11.58 3.28
C GLU A 46 45.24 11.20 4.72
N PRO A 47 45.86 10.14 5.22
CA PRO A 47 45.62 9.72 6.61
C PRO A 47 46.22 10.69 7.60
N ARG A 48 45.63 10.73 8.79
CA ARG A 48 46.16 11.54 9.88
C ARG A 48 46.09 10.78 11.21
N ALA A 49 45.94 9.46 11.16
CA ALA A 49 45.83 8.61 12.34
C ALA A 49 46.33 7.22 11.96
N PRO A 50 46.82 6.43 12.91
CA PRO A 50 47.42 5.14 12.56
C PRO A 50 46.42 4.04 12.20
N TRP A 51 45.18 4.09 12.71
CA TRP A 51 44.23 3.00 12.49
C TRP A 51 43.50 3.11 11.16
N ILE A 52 43.70 4.19 10.40
CA ILE A 52 43.07 4.33 9.09
C ILE A 52 44.04 4.01 7.96
N GLU A 53 45.34 3.92 8.25
CA GLU A 53 46.31 3.55 7.23
C GLU A 53 46.16 2.10 6.80
N GLN A 54 45.50 1.28 7.62
CA GLN A 54 45.29 -0.13 7.30
C GLN A 54 44.27 -0.34 6.19
N GLU A 55 43.59 0.71 5.75
CA GLU A 55 42.61 0.57 4.68
C GLU A 55 43.30 0.50 3.33
N GLY A 56 42.65 -0.21 2.40
CA GLY A 56 43.25 -0.48 1.11
C GLY A 56 43.35 0.74 0.22
N PRO A 57 44.11 0.63 -0.87
CA PRO A 57 44.21 1.75 -1.82
C PRO A 57 42.88 2.12 -2.44
N GLU A 58 41.94 1.16 -2.51
CA GLU A 58 40.60 1.46 -3.01
C GLU A 58 39.90 2.49 -2.14
N TYR A 59 40.06 2.36 -0.82
CA TYR A 59 39.49 3.33 0.10
C TYR A 59 40.06 4.72 -0.14
N TRP A 60 41.38 4.80 -0.34
CA TRP A 60 42.04 6.08 -0.56
C TRP A 60 41.84 6.61 -1.97
N ASP A 61 41.26 5.83 -2.86
CA ASP A 61 40.86 6.33 -4.17
C ASP A 61 39.41 6.79 -4.20
N GLN A 62 38.52 6.05 -3.54
CA GLN A 62 37.12 6.46 -3.51
C GLN A 62 36.92 7.69 -2.63
N GLU A 63 37.65 7.78 -1.50
CA GLU A 63 37.52 8.95 -0.65
C GLU A 63 38.07 10.19 -1.32
N THR A 64 39.15 10.03 -2.11
CA THR A 64 39.69 11.16 -2.86
C THR A 64 38.70 11.65 -3.91
N ARG A 65 38.08 10.72 -4.63
CA ARG A 65 37.11 11.09 -5.66
C ARG A 65 35.89 11.77 -5.04
N ASN A 66 35.37 11.21 -3.94
CA ASN A 66 34.15 11.74 -3.36
C ASN A 66 34.38 13.07 -2.67
N VAL A 67 35.51 13.22 -1.96
CA VAL A 67 35.77 14.50 -1.31
C VAL A 67 36.07 15.58 -2.34
N LYS A 68 36.68 15.21 -3.47
CA LYS A 68 36.91 16.19 -4.53
C LYS A 68 35.59 16.64 -5.14
N ALA A 69 34.58 15.76 -5.13
CA ALA A 69 33.28 16.12 -5.69
C ALA A 69 32.66 17.28 -4.94
N GLN A 70 32.78 17.30 -3.61
CA GLN A 70 32.24 18.41 -2.84
C GLN A 70 32.97 19.71 -3.13
N SER A 71 34.26 19.64 -3.50
CA SER A 71 34.98 20.85 -3.87
C SER A 71 34.36 21.50 -5.10
N GLN A 72 33.95 20.69 -6.09
CA GLN A 72 33.26 21.22 -7.25
C GLN A 72 31.89 21.75 -6.88
N THR A 73 31.18 21.05 -5.99
CA THR A 73 29.84 21.50 -5.58
C THR A 73 29.93 22.85 -4.88
N ASP A 74 30.87 23.00 -3.94
CA ASP A 74 30.97 24.25 -3.20
C ASP A 74 31.49 25.38 -4.09
N ARG A 75 32.24 25.05 -5.15
CA ARG A 75 32.71 26.09 -6.06
C ARG A 75 31.56 26.85 -6.69
N VAL A 76 30.56 26.12 -7.19
CA VAL A 76 29.42 26.77 -7.81
C VAL A 76 28.49 27.35 -6.76
N ASP A 77 28.38 26.72 -5.59
CA ASP A 77 27.54 27.25 -4.52
C ASP A 77 28.06 28.60 -4.05
N LEU A 78 29.38 28.80 -4.14
CA LEU A 78 29.99 30.05 -3.69
C LEU A 78 29.47 31.23 -4.51
N GLY A 79 29.40 31.09 -5.83
CA GLY A 79 28.82 32.13 -6.66
C GLY A 79 27.31 32.20 -6.55
N THR A 80 26.66 31.05 -6.37
CA THR A 80 25.21 31.05 -6.18
C THR A 80 24.82 31.86 -4.95
N LEU A 81 25.57 31.69 -3.86
CA LEU A 81 25.25 32.42 -2.63
C LEU A 81 25.63 33.88 -2.75
N ARG A 82 26.70 34.18 -3.48
CA ARG A 82 27.08 35.57 -3.70
C ARG A 82 25.96 36.34 -4.38
N GLY A 83 25.35 35.75 -5.41
CA GLY A 83 24.24 36.40 -6.07
C GLY A 83 23.02 36.55 -5.18
N TYR A 84 22.76 35.54 -4.33
CA TYR A 84 21.63 35.61 -3.42
C TYR A 84 21.74 36.82 -2.50
N TYR A 85 22.95 37.09 -2.00
CA TYR A 85 23.17 38.18 -1.07
C TYR A 85 23.63 39.46 -1.75
N ASN A 86 23.82 39.44 -3.07
CA ASN A 86 24.31 40.57 -3.84
C ASN A 86 25.59 41.14 -3.23
N GLN A 87 26.61 40.28 -3.17
CA GLN A 87 27.92 40.66 -2.70
C GLN A 87 28.84 40.95 -3.88
N SER A 88 29.95 41.62 -3.60
CA SER A 88 30.88 42.00 -4.66
C SER A 88 31.55 40.77 -5.27
N GLU A 89 31.80 40.86 -6.57
CA GLU A 89 32.38 39.76 -7.33
C GLU A 89 33.87 39.58 -7.07
N ASP A 90 34.49 40.45 -6.27
CA ASP A 90 35.92 40.41 -6.00
C ASP A 90 36.24 40.11 -4.54
N GLY A 91 35.23 39.78 -3.72
CA GLY A 91 35.43 39.57 -2.30
C GLY A 91 35.44 38.10 -1.95
N SER A 92 36.18 37.76 -0.91
CA SER A 92 36.32 36.37 -0.47
C SER A 92 35.23 36.03 0.54
N HIS A 93 34.66 34.83 0.39
CA HIS A 93 33.58 34.35 1.24
C HIS A 93 33.81 32.88 1.54
N THR A 94 33.25 32.40 2.65
CA THR A 94 33.51 31.05 3.13
C THR A 94 32.21 30.27 3.31
N ILE A 95 32.20 29.03 2.82
CA ILE A 95 31.11 28.08 3.03
C ILE A 95 31.63 26.98 3.94
N GLN A 96 30.90 26.72 5.02
CA GLN A 96 31.27 25.69 5.99
C GLN A 96 30.14 24.67 6.12
N ILE A 97 30.50 23.39 6.14
CA ILE A 97 29.54 22.30 6.24
C ILE A 97 30.00 21.35 7.34
N MET A 98 29.08 20.96 8.22
CA MET A 98 29.34 19.95 9.23
C MET A 98 28.27 18.87 9.10
N TYR A 99 28.69 17.61 9.00
CA TYR A 99 27.76 16.50 8.95
C TYR A 99 28.40 15.29 9.60
N GLY A 100 27.56 14.43 10.17
CA GLY A 100 28.06 13.23 10.83
C GLY A 100 26.94 12.50 11.53
N CYS A 101 27.28 11.31 12.02
CA CYS A 101 26.35 10.46 12.73
C CYS A 101 26.86 10.17 14.14
N ASP A 102 25.95 9.70 14.99
CA ASP A 102 26.26 9.36 16.37
C ASP A 102 25.74 7.97 16.66
N VAL A 103 26.63 7.08 17.12
CA VAL A 103 26.25 5.75 17.54
C VAL A 103 26.17 5.72 19.06
N GLY A 104 25.50 4.70 19.58
CA GLY A 104 25.44 4.50 21.02
C GLY A 104 26.42 3.44 21.47
N PRO A 105 26.33 3.06 22.74
CA PRO A 105 27.19 1.95 23.22
C PRO A 105 26.97 0.67 22.43
N ASP A 106 25.73 0.39 22.05
CA ASP A 106 25.43 -0.79 21.26
C ASP A 106 26.10 -0.71 19.88
N GLY A 107 26.06 0.46 19.26
CA GLY A 107 26.54 0.62 17.90
C GLY A 107 25.41 0.99 16.97
N ARG A 108 24.26 1.32 17.54
CA ARG A 108 23.07 1.64 16.77
C ARG A 108 22.96 3.14 16.55
N PHE A 109 22.30 3.52 15.47
CA PHE A 109 22.11 4.92 15.12
C PHE A 109 21.38 5.67 16.23
N LEU A 110 22.07 6.64 16.83
CA LEU A 110 21.44 7.50 17.83
C LEU A 110 20.83 8.75 17.19
N ARG A 111 21.63 9.50 16.44
CA ARG A 111 21.13 10.66 15.72
C ARG A 111 22.17 11.08 14.68
N GLY A 112 21.75 11.98 13.78
CA GLY A 112 22.63 12.46 12.73
C GLY A 112 22.49 13.96 12.55
N TYR A 113 23.53 14.55 11.95
CA TYR A 113 23.61 16.00 11.80
C TYR A 113 23.94 16.36 10.35
N ARG A 114 23.51 17.56 9.96
CA ARG A 114 23.93 18.17 8.69
C ARG A 114 23.64 19.66 8.81
N GLN A 115 24.69 20.48 8.81
CA GLN A 115 24.56 21.91 9.02
C GLN A 115 25.47 22.64 8.05
N ASP A 116 24.92 23.62 7.34
CA ASP A 116 25.68 24.44 6.41
C ASP A 116 25.73 25.88 6.90
N ALA A 117 26.75 26.60 6.46
CA ALA A 117 26.98 27.97 6.93
C ALA A 117 27.56 28.81 5.81
N TYR A 118 27.39 30.13 5.94
CA TYR A 118 27.94 31.10 5.00
C TYR A 118 28.49 32.28 5.77
N ASP A 119 29.79 32.57 5.57
CA ASP A 119 30.45 33.69 6.21
C ASP A 119 30.30 33.64 7.73
N GLY A 120 30.47 32.44 8.30
CA GLY A 120 30.43 32.27 9.73
C GLY A 120 29.05 32.38 10.34
N LYS A 121 27.99 32.39 9.54
CA LYS A 121 26.63 32.43 10.04
C LYS A 121 25.85 31.24 9.49
N ASP A 122 24.85 30.80 10.24
CA ASP A 122 24.04 29.67 9.80
C ASP A 122 23.31 29.98 8.51
N TYR A 123 23.25 29.00 7.61
CA TYR A 123 22.54 29.12 6.35
C TYR A 123 21.37 28.14 6.30
N ILE A 124 21.64 26.84 6.22
CA ILE A 124 20.60 25.83 6.25
C ILE A 124 21.04 24.70 7.17
N ALA A 125 20.07 23.94 7.67
CA ALA A 125 20.36 22.89 8.64
C ALA A 125 19.30 21.79 8.58
N LEU A 126 19.76 20.55 8.43
CA LEU A 126 18.86 19.40 8.51
C LEU A 126 18.39 19.22 9.95
N ASN A 127 17.07 19.13 10.14
CA ASN A 127 16.51 18.97 11.48
C ASN A 127 16.82 17.58 12.02
N GLU A 128 16.41 17.35 13.27
CA GLU A 128 16.64 16.05 13.90
C GLU A 128 15.87 14.94 13.19
N ASP A 129 14.70 15.26 12.63
CA ASP A 129 13.90 14.23 11.97
C ASP A 129 14.56 13.68 10.71
N LEU A 130 15.65 14.30 10.26
CA LEU A 130 16.34 13.91 9.03
C LEU A 130 15.39 13.91 7.84
N ARG A 131 14.36 14.75 7.91
CA ARG A 131 13.29 14.75 6.92
C ARG A 131 12.86 16.16 6.53
N SER A 132 13.41 17.19 7.17
CA SER A 132 13.00 18.57 6.95
C SER A 132 14.20 19.47 7.14
N TRP A 133 14.11 20.68 6.60
CA TRP A 133 15.21 21.65 6.63
C TRP A 133 14.78 22.92 7.37
N THR A 134 15.76 23.59 7.97
CA THR A 134 15.54 24.86 8.65
C THR A 134 16.44 25.92 8.02
N ALA A 135 15.81 26.97 7.49
CA ALA A 135 16.55 28.09 6.90
C ALA A 135 16.67 29.22 7.91
N ALA A 136 17.77 29.96 7.82
CA ALA A 136 18.03 31.07 8.74
C ALA A 136 17.59 32.41 8.19
N ASP A 137 17.85 32.67 6.92
CA ASP A 137 17.45 33.91 6.26
C ASP A 137 16.49 33.60 5.10
N MET A 138 16.07 34.65 4.40
CA MET A 138 15.17 34.47 3.27
C MET A 138 15.90 33.93 2.04
N ALA A 139 17.22 34.10 1.96
CA ALA A 139 17.99 33.55 0.85
C ALA A 139 18.25 32.07 1.02
N ALA A 140 18.25 31.57 2.25
CA ALA A 140 18.39 30.14 2.48
C ALA A 140 17.11 29.39 2.14
N GLN A 141 15.96 30.08 2.10
CA GLN A 141 14.74 29.42 1.67
C GLN A 141 14.78 29.11 0.18
N ILE A 142 15.51 29.92 -0.60
CA ILE A 142 15.75 29.57 -1.99
C ILE A 142 16.42 28.21 -2.07
N THR A 143 17.45 27.98 -1.25
CA THR A 143 18.11 26.69 -1.21
C THR A 143 17.17 25.61 -0.68
N LYS A 144 16.39 25.92 0.36
CA LYS A 144 15.51 24.94 0.95
C LYS A 144 14.48 24.42 -0.06
N ARG A 145 13.86 25.34 -0.80
CA ARG A 145 12.84 24.92 -1.77
C ARG A 145 13.45 24.09 -2.88
N LYS A 146 14.66 24.45 -3.32
CA LYS A 146 15.37 23.61 -4.29
C LYS A 146 15.67 22.24 -3.69
N TRP A 147 16.14 22.20 -2.45
CA TRP A 147 16.54 20.96 -1.82
C TRP A 147 15.34 20.11 -1.42
N GLU A 148 14.19 20.76 -1.18
CA GLU A 148 12.98 20.02 -0.86
C GLU A 148 12.40 19.36 -2.10
N ALA A 149 12.62 19.95 -3.27
CA ALA A 149 12.15 19.35 -4.51
C ALA A 149 13.09 18.29 -5.03
N ALA A 150 14.35 18.28 -4.57
CA ALA A 150 15.31 17.26 -4.94
C ALA A 150 15.40 16.13 -3.92
N HIS A 151 14.51 16.14 -2.91
CA HIS A 151 14.49 15.13 -1.86
C HIS A 151 15.87 14.93 -1.24
N ALA A 152 16.56 16.04 -1.00
CA ALA A 152 17.90 15.96 -0.41
C ALA A 152 17.88 15.39 1.00
N ALA A 153 16.81 15.65 1.75
CA ALA A 153 16.71 15.09 3.10
C ALA A 153 16.73 13.57 3.06
N GLU A 154 16.00 12.97 2.12
CA GLU A 154 16.04 11.51 1.96
C GLU A 154 17.46 11.05 1.67
N GLN A 155 18.12 11.69 0.71
CA GLN A 155 19.46 11.25 0.32
C GLN A 155 20.46 11.43 1.44
N GLN A 156 20.36 12.53 2.20
CA GLN A 156 21.27 12.74 3.31
C GLN A 156 20.98 11.76 4.45
N ARG A 157 19.70 11.47 4.68
CA ARG A 157 19.34 10.49 5.70
C ARG A 157 19.85 9.10 5.32
N ALA A 158 19.86 8.79 4.01
CA ALA A 158 20.34 7.48 3.57
C ALA A 158 21.81 7.27 3.91
N TYR A 159 22.58 8.35 4.00
CA TYR A 159 23.97 8.23 4.41
C TYR A 159 24.10 8.19 5.93
N LEU A 160 23.46 9.14 6.61
CA LEU A 160 23.58 9.22 8.07
C LEU A 160 23.05 7.96 8.75
N GLU A 161 21.93 7.44 8.27
CA GLU A 161 21.35 6.24 8.84
C GLU A 161 22.02 4.97 8.34
N GLY A 162 22.76 5.03 7.23
CA GLY A 162 23.36 3.84 6.66
C GLY A 162 24.87 3.84 6.63
N ARG A 163 25.45 4.33 5.53
CA ARG A 163 26.90 4.23 5.34
C ARG A 163 27.68 4.87 6.47
N CYS A 164 27.16 5.95 7.06
CA CYS A 164 27.86 6.64 8.14
C CYS A 164 28.09 5.73 9.33
N VAL A 165 27.00 5.22 9.93
CA VAL A 165 27.14 4.39 11.13
C VAL A 165 27.87 3.10 10.81
N GLU A 166 27.71 2.58 9.60
CA GLU A 166 28.41 1.36 9.21
C GLU A 166 29.92 1.53 9.31
N TRP A 167 30.43 2.65 8.79
CA TRP A 167 31.87 2.85 8.77
C TRP A 167 32.39 3.40 10.09
N LEU A 168 31.54 4.09 10.85
CA LEU A 168 31.96 4.51 12.19
C LEU A 168 32.25 3.29 13.05
N ARG A 169 31.36 2.30 13.03
CA ARG A 169 31.60 1.06 13.76
C ARG A 169 32.88 0.39 13.28
N ARG A 170 33.09 0.37 11.95
CA ARG A 170 34.31 -0.22 11.41
C ARG A 170 35.55 0.54 11.89
N TYR A 171 35.50 1.87 11.89
CA TYR A 171 36.63 2.65 12.36
C TYR A 171 36.90 2.40 13.84
N LEU A 172 35.83 2.26 14.63
CA LEU A 172 36.00 2.02 16.06
C LEU A 172 36.75 0.72 16.32
N GLU A 173 36.41 -0.34 15.57
CA GLU A 173 37.09 -1.62 15.76
C GLU A 173 38.49 -1.62 15.20
N ASN A 174 38.74 -0.85 14.13
CA ASN A 174 40.11 -0.77 13.61
C ASN A 174 41.05 -0.07 14.59
N GLY A 175 40.52 0.81 15.44
CA GLY A 175 41.38 1.49 16.40
C GLY A 175 40.83 1.40 17.80
N LYS A 176 40.52 0.19 18.26
CA LYS A 176 40.04 -0.02 19.63
C LYS A 176 41.02 0.58 20.64
N GLU A 177 42.31 0.35 20.45
CA GLU A 177 43.31 0.74 21.43
C GLU A 177 43.54 2.25 21.46
N THR A 178 43.00 3.00 20.50
CA THR A 178 43.24 4.44 20.43
C THR A 178 41.97 5.28 20.56
N LEU A 179 40.80 4.72 20.25
CA LEU A 179 39.55 5.48 20.26
C LEU A 179 38.67 5.16 21.46
N GLN A 180 38.62 3.90 21.88
CA GLN A 180 37.78 3.49 22.99
C GLN A 180 38.52 3.49 24.32
N ARG A 181 39.69 4.12 24.37
CA ARG A 181 40.47 4.26 25.58
C ARG A 181 40.28 5.66 26.16
N THR A 182 40.40 5.78 27.47
CA THR A 182 40.33 7.06 28.16
C THR A 182 41.63 7.29 28.91
N ASP A 183 42.21 8.48 28.73
CA ASP A 183 43.41 8.86 29.44
C ASP A 183 43.05 9.83 30.56
N PRO A 184 43.16 9.45 31.82
CA PRO A 184 42.75 10.35 32.90
C PRO A 184 43.73 11.51 33.02
N PRO A 185 43.28 12.65 33.55
CA PRO A 185 44.16 13.81 33.62
C PRO A 185 45.25 13.64 34.67
N LYS A 186 46.41 14.23 34.39
CA LYS A 186 47.53 14.30 35.31
C LYS A 186 47.43 15.65 36.02
N THR A 187 46.97 15.64 37.27
CA THR A 187 46.63 16.86 37.97
C THR A 187 47.71 17.24 38.98
N HIS A 188 48.02 18.53 39.03
CA HIS A 188 48.92 19.09 40.03
C HIS A 188 48.57 20.56 40.22
N MET A 189 49.04 21.13 41.31
CA MET A 189 48.72 22.51 41.65
C MET A 189 49.99 23.33 41.84
N THR A 190 49.92 24.60 41.48
CA THR A 190 51.04 25.52 41.58
C THR A 190 50.59 26.81 42.27
N HIS A 191 51.57 27.58 42.74
CA HIS A 191 51.31 28.73 43.60
C HIS A 191 52.26 29.86 43.21
N HIS A 192 51.70 30.97 42.77
CA HIS A 192 52.50 32.12 42.31
C HIS A 192 52.12 33.37 43.08
N PRO A 193 52.99 33.86 43.97
CA PRO A 193 52.70 35.11 44.69
C PRO A 193 52.60 36.30 43.74
N ILE A 194 51.43 36.95 43.75
CA ILE A 194 51.27 38.21 43.04
C ILE A 194 52.04 39.31 43.73
N SER A 195 51.94 39.38 45.05
CA SER A 195 52.61 40.38 45.87
C SER A 195 52.98 39.72 47.19
N ASP A 196 53.36 40.54 48.16
CA ASP A 196 53.52 40.05 49.53
C ASP A 196 52.19 39.90 50.26
N HIS A 197 51.06 40.17 49.58
CA HIS A 197 49.74 40.09 50.18
C HIS A 197 48.79 39.14 49.46
N GLU A 198 49.11 38.70 48.25
CA GLU A 198 48.20 37.86 47.47
C GLU A 198 49.00 36.82 46.71
N ALA A 199 48.29 35.84 46.15
CA ALA A 199 48.92 34.78 45.37
C ALA A 199 47.89 34.16 44.43
N THR A 200 48.39 33.45 43.42
CA THR A 200 47.56 32.82 42.40
C THR A 200 47.75 31.30 42.49
N LEU A 201 46.68 30.59 42.85
CA LEU A 201 46.70 29.14 42.88
C LEU A 201 46.12 28.62 41.56
N ARG A 202 46.93 27.88 40.81
CA ARG A 202 46.50 27.31 39.53
C ARG A 202 46.39 25.79 39.64
N CYS A 203 45.27 25.27 39.18
CA CYS A 203 44.98 23.86 39.17
C CYS A 203 45.13 23.33 37.74
N TRP A 204 45.96 22.31 37.58
CA TRP A 204 46.37 21.87 36.25
C TRP A 204 45.78 20.51 35.91
N ALA A 205 45.51 20.32 34.62
CA ALA A 205 45.07 19.02 34.08
C ALA A 205 45.82 18.82 32.76
N LEU A 206 46.68 17.80 32.72
CA LEU A 206 47.60 17.59 31.61
C LEU A 206 47.36 16.23 30.98
N GLY A 207 47.44 16.19 29.66
CA GLY A 207 47.46 14.94 28.92
C GLY A 207 46.24 14.06 29.11
N PHE A 208 45.05 14.64 29.08
CA PHE A 208 43.82 13.89 29.25
C PHE A 208 43.06 13.78 27.94
N TYR A 209 42.25 12.72 27.83
CA TYR A 209 41.45 12.40 26.66
C TYR A 209 40.19 11.70 27.15
N PRO A 210 39.02 12.04 26.62
CA PRO A 210 38.75 13.04 25.57
C PRO A 210 38.73 14.48 26.09
N ALA A 211 38.08 15.38 25.35
CA ALA A 211 38.14 16.80 25.68
C ALA A 211 37.26 17.15 26.88
N GLU A 212 36.14 16.44 27.05
CA GLU A 212 35.19 16.81 28.09
C GLU A 212 35.83 16.75 29.46
N ILE A 213 35.88 17.89 30.15
CA ILE A 213 36.47 17.99 31.47
C ILE A 213 35.85 19.19 32.16
N THR A 214 35.72 19.10 33.49
CA THR A 214 35.11 20.15 34.28
C THR A 214 36.01 20.44 35.48
N LEU A 215 36.49 21.68 35.58
CA LEU A 215 37.37 22.10 36.65
C LEU A 215 36.71 23.22 37.42
N THR A 216 36.61 23.08 38.74
CA THR A 216 35.88 24.02 39.57
C THR A 216 36.61 24.24 40.88
N TRP A 217 36.68 25.50 41.31
CA TRP A 217 37.20 25.86 42.62
C TRP A 217 36.08 25.93 43.64
N GLN A 218 36.43 25.69 44.90
CA GLN A 218 35.48 25.83 46.01
C GLN A 218 36.18 26.51 47.18
N ARG A 219 35.44 27.39 47.86
CA ARG A 219 35.89 28.07 49.07
C ARG A 219 35.03 27.55 50.21
N ASP A 220 35.56 26.56 50.96
CA ASP A 220 34.82 25.92 52.04
C ASP A 220 33.51 25.32 51.56
N GLY A 221 33.52 24.83 50.32
CA GLY A 221 32.34 24.24 49.70
C GLY A 221 31.60 25.18 48.76
N GLU A 222 31.83 26.48 48.87
CA GLU A 222 31.17 27.46 48.01
C GLU A 222 31.95 27.63 46.71
N ASP A 223 31.26 27.49 45.59
CA ASP A 223 31.92 27.62 44.29
C ASP A 223 32.42 29.04 44.08
N GLN A 224 33.59 29.15 43.44
CA GLN A 224 34.24 30.43 43.16
C GLN A 224 34.24 30.73 41.66
N THR A 225 33.15 30.42 40.97
CA THR A 225 33.11 30.57 39.52
C THR A 225 33.25 32.03 39.09
N GLN A 226 32.85 32.97 39.95
CA GLN A 226 32.94 34.38 39.59
C GLN A 226 34.34 34.94 39.73
N ASP A 227 35.14 34.39 40.64
CA ASP A 227 36.49 34.88 40.90
C ASP A 227 37.56 33.98 40.28
N THR A 228 37.17 33.29 39.20
CA THR A 228 38.09 32.28 38.64
C THR A 228 38.46 32.55 37.19
N GLU A 229 39.72 32.28 36.84
CA GLU A 229 40.24 32.39 35.48
C GLU A 229 40.24 31.00 34.85
N LEU A 230 39.42 30.83 33.82
CA LEU A 230 39.28 29.56 33.11
C LEU A 230 39.78 29.74 31.69
N VAL A 231 40.59 28.80 31.21
CA VAL A 231 41.10 28.85 29.84
C VAL A 231 40.44 27.76 29.02
N GLU A 232 40.35 28.00 27.71
CA GLU A 232 39.79 27.03 26.80
C GLU A 232 40.62 25.75 26.79
N THR A 233 39.95 24.61 26.80
CA THR A 233 40.65 23.33 26.69
C THR A 233 41.45 23.30 25.40
N ARG A 234 42.75 23.02 25.52
CA ARG A 234 43.66 23.19 24.40
C ARG A 234 44.38 21.89 24.09
N PRO A 235 44.69 21.65 22.81
CA PRO A 235 45.41 20.43 22.44
C PRO A 235 46.88 20.51 22.81
N ALA A 236 47.47 19.34 23.07
CA ALA A 236 48.89 19.24 23.34
C ALA A 236 49.70 18.89 22.09
N GLY A 237 49.04 18.41 21.03
CA GLY A 237 49.71 18.01 19.82
C GLY A 237 49.95 16.53 19.69
N ASP A 238 49.72 15.76 20.74
CA ASP A 238 49.93 14.32 20.74
C ASP A 238 48.62 13.55 20.90
N GLY A 239 47.49 14.20 20.65
CA GLY A 239 46.19 13.57 20.82
C GLY A 239 45.54 13.81 22.16
N THR A 240 46.28 14.30 23.15
CA THR A 240 45.74 14.61 24.47
C THR A 240 45.55 16.11 24.62
N PHE A 241 44.83 16.49 25.67
CA PHE A 241 44.37 17.86 25.85
C PHE A 241 44.82 18.40 27.20
N GLN A 242 44.76 19.72 27.35
CA GLN A 242 45.24 20.43 28.52
C GLN A 242 44.20 21.45 28.97
N LYS A 243 44.22 21.78 30.26
CA LYS A 243 43.33 22.78 30.81
C LYS A 243 43.80 23.12 32.22
N TRP A 244 43.93 24.41 32.50
CA TRP A 244 44.34 24.89 33.82
C TRP A 244 43.40 25.99 34.26
N ALA A 245 43.28 26.14 35.59
CA ALA A 245 42.30 27.03 36.21
C ALA A 245 42.95 27.75 37.38
N ALA A 246 42.77 29.06 37.46
CA ALA A 246 43.42 29.88 38.46
C ALA A 246 42.40 30.53 39.40
N VAL A 247 42.85 30.83 40.61
CA VAL A 247 42.09 31.61 41.57
C VAL A 247 43.07 32.42 42.40
N VAL A 248 42.70 33.67 42.68
CA VAL A 248 43.52 34.56 43.47
C VAL A 248 43.21 34.33 44.95
N VAL A 249 44.24 34.25 45.77
CA VAL A 249 44.08 33.83 47.17
C VAL A 249 44.68 34.86 48.11
N PRO A 250 44.20 34.95 49.34
CA PRO A 250 44.93 35.71 50.37
C PRO A 250 46.22 35.00 50.75
N SER A 251 47.06 35.70 51.49
CA SER A 251 48.39 35.17 51.82
C SER A 251 48.30 33.90 52.64
N GLY A 252 47.44 33.88 53.65
CA GLY A 252 47.41 32.75 54.57
C GLY A 252 46.14 31.92 54.51
N GLU A 253 45.46 31.92 53.36
CA GLU A 253 44.22 31.18 53.20
C GLU A 253 44.29 30.25 52.00
N GLU A 254 45.49 29.78 51.66
CA GLU A 254 45.66 28.88 50.53
C GLU A 254 45.03 27.52 50.78
N GLN A 255 44.85 27.14 52.03
CA GLN A 255 44.34 25.82 52.39
C GLN A 255 42.84 25.81 52.62
N ARG A 256 42.16 26.90 52.26
CA ARG A 256 40.70 26.95 52.28
C ARG A 256 40.09 26.67 50.92
N TYR A 257 40.89 26.74 49.86
CA TYR A 257 40.42 26.58 48.49
C TYR A 257 40.78 25.18 48.00
N THR A 258 39.82 24.53 47.33
CA THR A 258 40.03 23.21 46.78
C THR A 258 39.63 23.20 45.31
N CYS A 259 40.40 22.48 44.50
CA CYS A 259 40.12 22.29 43.09
C CYS A 259 39.51 20.91 42.88
N HIS A 260 38.52 20.84 41.97
CA HIS A 260 37.80 19.61 41.70
C HIS A 260 37.89 19.29 40.21
N VAL A 261 38.39 18.10 39.90
CA VAL A 261 38.60 17.65 38.53
C VAL A 261 37.57 16.58 38.23
N GLN A 262 36.72 16.82 37.24
CA GLN A 262 35.73 15.85 36.79
C GLN A 262 36.05 15.44 35.36
N HIS A 263 36.23 14.13 35.14
CA HIS A 263 36.58 13.60 33.84
C HIS A 263 36.16 12.14 33.80
N GLU A 264 35.67 11.69 32.64
CA GLU A 264 35.14 10.34 32.55
C GLU A 264 36.24 9.27 32.67
N GLY A 265 37.50 9.65 32.47
CA GLY A 265 38.60 8.74 32.70
C GLY A 265 38.95 8.54 34.16
N LEU A 266 38.40 9.37 35.05
CA LEU A 266 38.64 9.23 36.48
C LEU A 266 37.48 8.45 37.10
N PRO A 267 37.74 7.32 37.74
CA PRO A 267 36.64 6.59 38.39
C PRO A 267 35.96 7.38 39.49
N LYS A 268 36.71 8.19 40.22
CA LYS A 268 36.15 9.09 41.23
C LYS A 268 36.71 10.49 41.02
N PRO A 269 35.88 11.52 41.18
CA PRO A 269 36.36 12.89 40.97
C PRO A 269 37.48 13.25 41.94
N LEU A 270 38.51 13.93 41.41
CA LEU A 270 39.67 14.30 42.20
C LEU A 270 39.41 15.60 42.95
N THR A 271 40.08 15.74 44.09
CA THR A 271 40.05 16.97 44.88
C THR A 271 41.48 17.38 45.17
N LEU A 272 41.87 18.55 44.69
CA LEU A 272 43.23 19.06 44.83
C LEU A 272 43.22 20.21 45.84
N ARG A 273 44.15 20.16 46.79
CA ARG A 273 44.31 21.20 47.79
C ARG A 273 45.80 21.51 47.92
N TRP A 274 46.09 22.78 48.22
CA TRP A 274 47.47 23.22 48.35
C TRP A 274 48.00 22.93 49.76
N MET B 1 28.85 39.70 7.50
CA MET B 1 30.09 39.02 7.83
C MET B 1 30.52 39.36 9.26
N ILE B 2 30.09 38.54 10.21
CA ILE B 2 30.51 38.71 11.60
C ILE B 2 31.94 38.18 11.72
N GLN B 3 32.89 39.09 11.85
CA GLN B 3 34.30 38.75 11.97
C GLN B 3 34.70 38.66 13.44
N ARG B 4 35.50 37.66 13.77
CA ARG B 4 35.81 37.31 15.16
C ARG B 4 37.30 37.44 15.40
N THR B 5 37.67 38.12 16.48
CA THR B 5 39.07 38.29 16.84
C THR B 5 39.62 36.98 17.38
N PRO B 6 40.81 36.54 16.95
CA PRO B 6 41.33 35.26 17.42
C PRO B 6 41.73 35.30 18.89
N LYS B 7 41.61 34.14 19.54
CA LYS B 7 42.10 33.94 20.89
C LYS B 7 43.42 33.18 20.83
N ILE B 8 44.41 33.64 21.57
CA ILE B 8 45.77 33.14 21.48
C ILE B 8 46.21 32.61 22.83
N GLN B 9 46.65 31.36 22.87
CA GLN B 9 47.31 30.79 24.03
C GLN B 9 48.66 30.22 23.59
N VAL B 10 49.70 30.53 24.35
CA VAL B 10 51.05 30.03 24.08
C VAL B 10 51.48 29.18 25.26
N TYR B 11 51.97 27.99 24.97
CA TYR B 11 52.29 27.03 26.01
C TYR B 11 53.20 25.95 25.42
N SER B 12 53.57 24.99 26.27
CA SER B 12 54.41 23.87 25.87
C SER B 12 53.63 22.57 26.05
N ARG B 13 53.95 21.58 25.20
CA ARG B 13 53.25 20.30 25.27
C ARG B 13 53.46 19.63 26.63
N HIS B 14 54.71 19.52 27.05
CA HIS B 14 55.06 18.95 28.34
C HIS B 14 55.59 20.04 29.27
N PRO B 15 55.53 19.84 30.59
CA PRO B 15 56.07 20.84 31.52
C PRO B 15 57.52 21.18 31.21
N ALA B 16 57.85 22.47 31.32
CA ALA B 16 59.12 22.99 30.84
C ALA B 16 60.25 22.67 31.81
N GLU B 17 61.20 21.87 31.35
CA GLU B 17 62.44 21.61 32.08
C GLU B 17 63.60 21.92 31.14
N ASN B 18 64.50 22.78 31.60
CA ASN B 18 65.55 23.31 30.73
C ASN B 18 66.50 22.21 30.28
N GLY B 19 66.88 22.27 29.01
CA GLY B 19 67.78 21.29 28.43
C GLY B 19 67.12 20.03 27.92
N LYS B 20 65.81 19.88 28.08
CA LYS B 20 65.09 18.69 27.65
C LYS B 20 64.14 19.05 26.51
N SER B 21 64.11 18.20 25.49
CA SER B 21 63.33 18.48 24.30
C SER B 21 61.84 18.55 24.62
N ASN B 22 61.16 19.51 23.99
CA ASN B 22 59.74 19.72 24.19
C ASN B 22 59.20 20.43 22.96
N PHE B 23 57.88 20.58 22.90
CA PHE B 23 57.22 21.25 21.78
C PHE B 23 56.61 22.57 22.24
N LEU B 24 56.71 23.59 21.40
CA LEU B 24 56.13 24.90 21.65
C LEU B 24 54.84 25.03 20.84
N ASN B 25 53.74 25.29 21.52
CA ASN B 25 52.42 25.33 20.89
C ASN B 25 51.86 26.75 20.93
N CYS B 26 51.34 27.21 19.79
CA CYS B 26 50.56 28.44 19.73
C CYS B 26 49.19 28.07 19.18
N TYR B 27 48.17 28.11 20.03
CA TYR B 27 46.83 27.64 19.70
C TYR B 27 45.93 28.85 19.46
N VAL B 28 45.54 29.06 18.21
CA VAL B 28 44.70 30.18 17.81
C VAL B 28 43.31 29.63 17.55
N SER B 29 42.32 30.13 18.29
CA SER B 29 40.98 29.57 18.28
C SER B 29 39.94 30.68 18.28
N GLY B 30 38.73 30.32 17.85
CA GLY B 30 37.60 31.24 17.88
C GLY B 30 37.73 32.46 16.99
N PHE B 31 38.20 32.29 15.76
CA PHE B 31 38.41 33.39 14.84
C PHE B 31 37.70 33.13 13.52
N HIS B 32 37.39 34.22 12.82
CA HIS B 32 36.72 34.17 11.53
C HIS B 32 36.98 35.48 10.82
N PRO B 33 37.31 35.47 9.52
CA PRO B 33 37.39 34.32 8.60
C PRO B 33 38.64 33.47 8.77
N SER B 34 38.88 32.56 7.82
CA SER B 34 39.93 31.55 7.96
C SER B 34 41.33 32.11 7.73
N ASP B 35 41.46 33.17 6.93
CA ASP B 35 42.77 33.71 6.59
C ASP B 35 43.44 34.27 7.83
N ILE B 36 44.58 33.70 8.19
CA ILE B 36 45.35 34.14 9.36
C ILE B 36 46.82 33.83 9.12
N GLU B 37 47.68 34.70 9.63
CA GLU B 37 49.12 34.52 9.56
C GLU B 37 49.66 34.48 10.99
N VAL B 38 50.32 33.39 11.34
CA VAL B 38 50.82 33.18 12.69
C VAL B 38 52.26 32.67 12.59
N ASP B 39 53.15 33.26 13.39
CA ASP B 39 54.56 32.89 13.40
C ASP B 39 55.01 32.64 14.84
N LEU B 40 55.99 31.75 14.98
CA LEU B 40 56.60 31.46 16.27
C LEU B 40 57.90 32.21 16.40
N LEU B 41 58.06 32.98 17.47
CA LEU B 41 59.18 33.87 17.65
C LEU B 41 60.11 33.35 18.74
N LYS B 42 61.40 33.22 18.41
CA LYS B 42 62.45 32.90 19.36
C LYS B 42 63.32 34.13 19.54
N ASN B 43 63.24 34.76 20.71
CA ASN B 43 63.98 35.98 21.02
C ASN B 43 63.67 37.08 20.01
N GLY B 44 62.41 37.13 19.57
CA GLY B 44 61.97 38.15 18.64
C GLY B 44 62.16 37.83 17.18
N GLU B 45 62.77 36.69 16.84
CA GLU B 45 63.02 36.32 15.47
C GLU B 45 62.18 35.10 15.09
N ARG B 46 61.78 35.07 13.82
CA ARG B 46 60.90 34.02 13.32
C ARG B 46 61.61 32.66 13.32
N ILE B 47 60.84 31.61 13.61
CA ILE B 47 61.33 30.24 13.57
C ILE B 47 60.98 29.65 12.21
N GLU B 48 61.97 29.02 11.56
CA GLU B 48 61.82 28.65 10.16
C GLU B 48 60.90 27.46 9.98
N LYS B 49 61.27 26.30 10.52
CA LYS B 49 60.49 25.07 10.36
C LYS B 49 59.38 25.05 11.41
N VAL B 50 58.19 25.50 11.02
CA VAL B 50 57.02 25.50 11.89
C VAL B 50 55.91 24.73 11.19
N GLU B 51 55.46 23.64 11.81
CA GLU B 51 54.33 22.89 11.30
C GLU B 51 53.04 23.38 11.96
N HIS B 52 51.93 23.19 11.25
CA HIS B 52 50.63 23.68 11.69
C HIS B 52 49.58 22.59 11.49
N SER B 53 48.55 22.64 12.32
CA SER B 53 47.49 21.65 12.26
C SER B 53 46.57 21.93 11.07
N ASP B 54 45.60 21.05 10.88
CA ASP B 54 44.66 21.20 9.77
C ASP B 54 43.52 22.10 10.18
N LEU B 55 43.00 22.86 9.22
CA LEU B 55 41.97 23.84 9.52
C LEU B 55 40.67 23.14 9.91
N SER B 56 40.10 23.55 11.03
CA SER B 56 38.81 23.06 11.48
C SER B 56 38.10 24.20 12.20
N PHE B 57 36.82 23.97 12.54
CA PHE B 57 36.02 24.98 13.20
C PHE B 57 35.18 24.36 14.28
N SER B 58 34.76 25.19 15.24
CA SER B 58 34.00 24.75 16.39
C SER B 58 32.50 24.85 16.10
N LYS B 59 31.68 24.69 17.14
CA LYS B 59 30.23 24.65 16.96
C LYS B 59 29.68 25.99 16.49
N ASP B 60 30.31 27.09 16.90
CA ASP B 60 29.86 28.43 16.50
C ASP B 60 30.47 28.88 15.17
N TRP B 61 31.00 27.95 14.39
CA TRP B 61 31.60 28.17 13.07
C TRP B 61 32.92 28.93 13.13
N SER B 62 33.45 29.21 14.31
CA SER B 62 34.73 29.87 14.42
C SER B 62 35.86 28.86 14.31
N PHE B 63 36.89 29.22 13.55
CA PHE B 63 37.99 28.32 13.25
C PHE B 63 38.92 28.14 14.46
N TYR B 64 39.76 27.11 14.39
CA TYR B 64 40.82 26.93 15.37
C TYR B 64 42.00 26.23 14.73
N LEU B 65 43.21 26.69 15.07
CA LEU B 65 44.45 26.16 14.51
C LEU B 65 45.51 26.09 15.60
N LEU B 66 46.41 25.12 15.44
CA LEU B 66 47.51 24.90 16.38
C LEU B 66 48.82 24.85 15.60
N TYR B 67 49.72 25.79 15.89
CA TYR B 67 51.04 25.80 15.29
C TYR B 67 52.05 25.32 16.33
N TYR B 68 52.96 24.46 15.91
CA TYR B 68 53.91 23.85 16.84
C TYR B 68 55.24 23.62 16.15
N THR B 69 56.30 23.59 16.96
CA THR B 69 57.64 23.23 16.49
C THR B 69 58.43 22.67 17.66
N GLU B 70 59.41 21.83 17.34
CA GLU B 70 60.26 21.23 18.36
C GLU B 70 61.34 22.21 18.78
N PHE B 71 61.58 22.28 20.09
CA PHE B 71 62.54 23.23 20.64
C PHE B 71 63.02 22.72 21.99
N THR B 72 64.08 23.35 22.48
CA THR B 72 64.63 23.04 23.79
C THR B 72 64.64 24.30 24.63
N PRO B 73 63.79 24.40 25.67
CA PRO B 73 63.73 25.65 26.45
C PRO B 73 65.00 25.84 27.27
N THR B 74 65.32 27.12 27.50
CA THR B 74 66.47 27.50 28.31
C THR B 74 66.02 28.52 29.34
N GLU B 75 66.95 28.88 30.23
CA GLU B 75 66.66 29.90 31.23
C GLU B 75 66.70 31.30 30.61
N LYS B 76 67.45 31.48 29.54
CA LYS B 76 67.64 32.79 28.93
C LYS B 76 66.62 33.08 27.82
N ASP B 77 66.40 32.12 26.93
CA ASP B 77 65.60 32.37 25.73
C ASP B 77 64.17 32.73 26.07
N GLU B 78 63.64 33.73 25.36
CA GLU B 78 62.24 34.11 25.44
C GLU B 78 61.54 33.69 24.17
N TYR B 79 60.36 33.09 24.31
CA TYR B 79 59.57 32.65 23.17
C TYR B 79 58.24 33.37 23.17
N ALA B 80 57.73 33.62 21.96
CA ALA B 80 56.48 34.34 21.81
C ALA B 80 55.83 33.95 20.49
N CYS B 81 54.55 34.30 20.35
CA CYS B 81 53.76 33.97 19.17
C CYS B 81 53.24 35.26 18.56
N ARG B 82 53.44 35.43 17.26
CA ARG B 82 52.98 36.60 16.52
C ARG B 82 51.82 36.20 15.64
N VAL B 83 50.66 36.81 15.89
CA VAL B 83 49.42 36.49 15.17
C VAL B 83 48.94 37.74 14.45
N ASN B 84 48.73 37.62 13.15
CA ASN B 84 48.23 38.72 12.34
C ASN B 84 46.90 38.27 11.71
N HIS B 85 45.90 39.14 11.79
CA HIS B 85 44.56 38.79 11.33
C HIS B 85 43.84 40.07 10.92
N VAL B 86 42.77 39.90 10.13
CA VAL B 86 42.06 41.05 9.59
C VAL B 86 41.39 41.86 10.70
N THR B 87 41.07 41.23 11.82
CA THR B 87 40.44 41.92 12.95
C THR B 87 41.46 42.64 13.83
N LEU B 88 42.75 42.51 13.56
CA LEU B 88 43.79 43.12 14.36
C LEU B 88 44.39 44.29 13.60
N SER B 89 44.31 45.49 14.19
CA SER B 89 44.88 46.66 13.56
C SER B 89 46.40 46.56 13.43
N GLN B 90 47.04 45.89 14.38
CA GLN B 90 48.47 45.64 14.35
C GLN B 90 48.71 44.22 14.85
N PRO B 91 49.84 43.60 14.47
CA PRO B 91 50.10 42.23 14.92
C PRO B 91 50.12 42.13 16.44
N LYS B 92 49.59 41.02 16.94
CA LYS B 92 49.49 40.77 18.37
C LYS B 92 50.59 39.81 18.81
N ILE B 93 51.32 40.18 19.86
CA ILE B 93 52.41 39.37 20.41
C ILE B 93 51.95 38.82 21.75
N VAL B 94 52.12 37.51 21.95
CA VAL B 94 51.84 36.86 23.22
C VAL B 94 53.10 36.11 23.63
N LYS B 95 53.72 36.56 24.72
CA LYS B 95 54.93 35.93 25.21
C LYS B 95 54.61 34.59 25.85
N TRP B 96 55.50 33.62 25.66
CA TRP B 96 55.34 32.31 26.30
C TRP B 96 55.70 32.43 27.76
N ASP B 97 54.68 32.50 28.61
CA ASP B 97 54.88 32.46 30.05
C ASP B 97 54.88 31.00 30.49
N ARG B 98 56.05 30.51 30.89
CA ARG B 98 56.11 29.19 31.50
C ARG B 98 55.24 29.20 32.75
N ASP B 99 54.54 28.08 32.97
CA ASP B 99 53.48 27.85 33.96
C ASP B 99 52.18 28.61 33.62
N MET B 100 52.05 29.11 32.39
CA MET B 100 50.80 29.72 31.94
C MET B 100 50.41 29.18 30.58
N VAL C 1 33.70 7.66 6.09
CA VAL C 1 33.54 7.89 4.66
C VAL C 1 32.82 9.21 4.43
N VAL C 2 32.94 9.75 3.23
CA VAL C 2 32.35 11.04 2.87
C VAL C 2 30.98 10.79 2.27
N GLY C 3 29.98 11.57 2.70
CA GLY C 3 28.65 11.34 2.19
C GLY C 3 27.75 12.56 2.17
N ALA C 4 28.35 13.72 1.88
CA ALA C 4 27.63 14.99 1.82
C ALA C 4 26.89 15.11 0.49
N VAL C 5 25.56 15.12 0.56
CA VAL C 5 24.74 15.21 -0.68
C VAL C 5 24.81 16.64 -1.20
N GLY C 6 25.43 16.83 -2.37
CA GLY C 6 25.50 18.16 -2.97
C GLY C 6 24.38 18.33 -3.97
N VAL C 7 23.56 19.38 -3.82
CA VAL C 7 22.39 19.50 -4.68
C VAL C 7 22.15 20.93 -5.18
N GLY C 8 23.13 21.82 -4.99
CA GLY C 8 23.14 23.08 -5.72
C GLY C 8 23.14 24.33 -4.85
N LYS C 9 22.46 24.27 -3.71
CA LYS C 9 22.38 25.43 -2.81
C LYS C 9 21.91 26.69 -3.53
N GLN D 2 28.73 -8.80 -14.23
CA GLN D 2 27.51 -8.08 -13.93
C GLN D 2 27.12 -8.24 -12.46
N LYS D 3 27.27 -7.16 -11.68
CA LYS D 3 26.98 -7.24 -10.25
C LYS D 3 25.49 -7.26 -9.99
N VAL D 4 24.71 -6.50 -10.76
CA VAL D 4 23.26 -6.44 -10.60
C VAL D 4 22.62 -7.48 -11.52
N GLN D 5 21.86 -8.39 -10.93
CA GLN D 5 21.20 -9.47 -11.65
C GLN D 5 19.70 -9.30 -11.56
N GLN D 6 19.04 -9.19 -12.70
CA GLN D 6 17.59 -9.02 -12.77
C GLN D 6 16.94 -10.29 -13.28
N SER D 7 15.80 -10.64 -12.67
CA SER D 7 15.00 -11.77 -13.12
C SER D 7 13.55 -11.38 -12.93
N PRO D 8 12.66 -11.79 -13.85
CA PRO D 8 12.92 -12.59 -15.06
C PRO D 8 13.57 -11.81 -16.18
N GLU D 9 13.81 -12.46 -17.32
CA GLU D 9 14.28 -11.78 -18.51
C GLU D 9 13.12 -11.28 -19.36
N SER D 10 12.10 -12.12 -19.57
CA SER D 10 10.89 -11.73 -20.28
C SER D 10 9.68 -12.10 -19.43
N LEU D 11 8.65 -11.26 -19.50
CA LEU D 11 7.44 -11.45 -18.71
C LEU D 11 6.25 -11.04 -19.55
N ILE D 12 5.36 -11.99 -19.83
CA ILE D 12 4.11 -11.74 -20.54
C ILE D 12 2.99 -11.80 -19.52
N VAL D 13 2.47 -10.64 -19.14
CA VAL D 13 1.44 -10.51 -18.11
C VAL D 13 0.13 -10.09 -18.79
N PRO D 14 -0.99 -10.72 -18.47
CA PRO D 14 -2.26 -10.30 -19.04
C PRO D 14 -2.66 -8.91 -18.55
N GLU D 15 -3.49 -8.24 -19.33
CA GLU D 15 -3.98 -6.93 -18.94
C GLU D 15 -4.83 -7.05 -17.68
N GLY D 16 -4.57 -6.19 -16.71
CA GLY D 16 -5.27 -6.21 -15.44
C GLY D 16 -4.60 -7.02 -14.36
N GLY D 17 -3.62 -7.85 -14.70
CA GLY D 17 -2.95 -8.69 -13.74
C GLY D 17 -1.81 -7.98 -13.02
N MET D 18 -1.05 -8.77 -12.27
CA MET D 18 0.07 -8.27 -11.49
C MET D 18 1.38 -8.75 -12.11
N ALA D 19 2.40 -7.90 -12.06
CA ALA D 19 3.73 -8.25 -12.57
C ALA D 19 4.75 -7.99 -11.48
N SER D 20 5.47 -9.03 -11.08
CA SER D 20 6.50 -8.93 -10.06
C SER D 20 7.86 -9.11 -10.70
N LEU D 21 8.68 -8.07 -10.65
CA LEU D 21 10.04 -8.12 -11.18
C LEU D 21 11.02 -8.08 -10.02
N ASN D 22 12.13 -8.81 -10.16
CA ASN D 22 13.13 -8.89 -9.10
C ASN D 22 14.49 -8.45 -9.59
N CYS D 23 15.34 -8.07 -8.64
CA CYS D 23 16.70 -7.68 -8.93
C CYS D 23 17.55 -7.91 -7.68
N THR D 24 18.76 -8.42 -7.88
CA THR D 24 19.64 -8.77 -6.77
C THR D 24 21.06 -8.33 -7.11
N SER D 25 21.72 -7.69 -6.15
CA SER D 25 23.09 -7.24 -6.33
C SER D 25 24.07 -8.23 -5.70
N SER D 26 25.26 -8.30 -6.29
CA SER D 26 26.36 -9.10 -5.74
C SER D 26 27.35 -8.25 -4.95
N ASP D 27 27.33 -6.93 -5.12
CA ASP D 27 28.14 -6.03 -4.31
C ASP D 27 27.44 -5.76 -2.99
N ARG D 28 28.09 -6.17 -1.89
CA ARG D 28 27.48 -5.99 -0.58
C ARG D 28 27.44 -4.52 -0.17
N ASN D 29 28.36 -3.70 -0.68
CA ASN D 29 28.43 -2.29 -0.33
C ASN D 29 27.49 -1.47 -1.22
N VAL D 30 26.19 -1.74 -1.08
CA VAL D 30 25.14 -1.04 -1.82
C VAL D 30 24.14 -0.52 -0.81
N ASP D 31 23.90 0.80 -0.82
CA ASP D 31 22.99 1.42 0.14
C ASP D 31 21.70 1.94 -0.48
N TYR D 32 21.59 1.97 -1.80
CA TYR D 32 20.43 2.55 -2.47
C TYR D 32 20.12 1.73 -3.71
N PHE D 33 18.82 1.50 -3.94
CA PHE D 33 18.34 0.76 -5.09
C PHE D 33 17.33 1.60 -5.87
N TRP D 34 17.29 1.39 -7.19
CA TRP D 34 16.43 2.17 -8.07
C TRP D 34 15.74 1.25 -9.06
N TRP D 35 14.64 1.74 -9.61
CA TRP D 35 13.92 1.05 -10.70
C TRP D 35 13.62 2.07 -11.77
N TYR D 36 14.11 1.82 -12.99
CA TYR D 36 13.96 2.74 -14.11
C TYR D 36 13.13 2.08 -15.20
N ARG D 37 12.28 2.87 -15.87
CA ARG D 37 11.41 2.39 -16.94
C ARG D 37 11.86 3.01 -18.26
N GLN D 38 12.08 2.17 -19.27
CA GLN D 38 12.44 2.63 -20.61
C GLN D 38 11.43 2.10 -21.61
N HIS D 39 10.59 2.99 -22.14
CA HIS D 39 9.72 2.62 -23.22
C HIS D 39 10.54 2.46 -24.51
N SER D 40 9.99 1.73 -25.48
CA SER D 40 10.73 1.38 -26.68
C SER D 40 11.20 2.63 -27.42
N GLY D 41 12.51 2.70 -27.67
CA GLY D 41 13.07 3.83 -28.38
C GLY D 41 13.04 5.14 -27.61
N LYS D 42 12.93 5.08 -26.28
CA LYS D 42 12.86 6.27 -25.45
C LYS D 42 14.01 6.26 -24.45
N SER D 43 14.01 7.22 -23.55
CA SER D 43 15.06 7.29 -22.56
C SER D 43 14.61 6.67 -21.24
N PRO D 44 15.55 6.13 -20.47
CA PRO D 44 15.19 5.64 -19.14
C PRO D 44 14.73 6.77 -18.24
N LYS D 45 13.76 6.45 -17.37
CA LYS D 45 13.21 7.42 -16.44
C LYS D 45 12.91 6.71 -15.13
N MET D 46 13.28 7.35 -14.02
CA MET D 46 13.11 6.71 -12.71
C MET D 46 11.64 6.47 -12.41
N LEU D 47 11.33 5.26 -11.94
CA LEU D 47 10.00 4.92 -11.45
C LEU D 47 9.94 4.93 -9.93
N MET D 48 10.76 4.14 -9.27
CA MET D 48 10.74 4.00 -7.83
C MET D 48 12.15 4.14 -7.27
N SER D 49 12.22 4.38 -5.97
CA SER D 49 13.47 4.43 -5.24
C SER D 49 13.27 3.81 -3.88
N ILE D 50 14.31 3.16 -3.35
CA ILE D 50 14.24 2.57 -2.03
C ILE D 50 15.66 2.46 -1.47
N PHE D 51 15.78 2.76 -0.18
CA PHE D 51 17.04 2.58 0.53
C PHE D 51 16.85 2.01 1.93
N SER D 52 15.63 1.91 2.42
CA SER D 52 15.34 1.35 3.73
C SER D 52 14.59 0.04 3.58
N ASN D 53 14.82 -0.87 4.51
CA ASN D 53 14.09 -2.14 4.50
C ASN D 53 12.60 -1.88 4.60
N GLY D 54 11.83 -2.59 3.78
CA GLY D 54 10.39 -2.48 3.83
C GLY D 54 9.73 -2.36 2.47
N GLU D 55 8.58 -1.69 2.43
CA GLU D 55 7.77 -1.57 1.23
C GLU D 55 7.39 -0.11 1.04
N LYS D 56 7.11 0.25 -0.21
CA LYS D 56 6.77 1.64 -0.52
C LYS D 56 5.78 1.64 -1.68
N GLU D 57 4.57 2.14 -1.42
CA GLU D 57 3.48 2.14 -2.39
C GLU D 57 3.28 3.54 -2.94
N GLU D 58 3.16 3.63 -4.27
CA GLU D 58 2.84 4.93 -4.95
C GLU D 58 2.00 4.59 -6.19
N GLY D 59 0.67 4.68 -6.09
CA GLY D 59 -0.18 4.29 -7.21
C GLY D 59 -0.28 2.78 -7.30
N ARG D 60 -0.14 2.26 -8.52
CA ARG D 60 -0.19 0.82 -8.76
C ARG D 60 1.15 0.15 -8.50
N PHE D 61 2.20 0.92 -8.26
CA PHE D 61 3.55 0.38 -8.13
C PHE D 61 3.92 0.19 -6.67
N THR D 62 4.56 -0.94 -6.37
CA THR D 62 5.03 -1.26 -5.02
C THR D 62 6.44 -1.79 -5.11
N VAL D 63 7.34 -1.24 -4.30
CA VAL D 63 8.75 -1.64 -4.31
C VAL D 63 9.10 -2.18 -2.93
N HIS D 64 9.92 -3.23 -2.91
CA HIS D 64 10.29 -3.92 -1.68
C HIS D 64 11.81 -4.02 -1.61
N LEU D 65 12.34 -4.03 -0.38
CA LEU D 65 13.78 -4.10 -0.19
C LEU D 65 14.13 -4.92 1.05
N ASN D 66 15.11 -5.81 0.90
CA ASN D 66 15.71 -6.57 2.00
C ASN D 66 17.22 -6.45 1.85
N LYS D 67 17.82 -5.47 2.56
CA LYS D 67 19.25 -5.22 2.41
C LYS D 67 20.11 -6.39 2.85
N ALA D 68 19.56 -7.31 3.64
CA ALA D 68 20.30 -8.52 3.99
C ALA D 68 20.57 -9.36 2.75
N SER D 69 19.55 -9.57 1.93
CA SER D 69 19.68 -10.33 0.69
C SER D 69 19.93 -9.44 -0.52
N LEU D 70 19.93 -8.12 -0.35
CA LEU D 70 20.15 -7.17 -1.44
C LEU D 70 19.16 -7.41 -2.58
N HIS D 71 17.88 -7.51 -2.23
CA HIS D 71 16.83 -7.87 -3.16
C HIS D 71 15.80 -6.75 -3.24
N THR D 72 15.53 -6.30 -4.46
CA THR D 72 14.51 -5.30 -4.71
C THR D 72 13.46 -5.91 -5.65
N SER D 73 12.21 -5.56 -5.44
CA SER D 73 11.12 -6.16 -6.20
C SER D 73 10.10 -5.09 -6.56
N LEU D 74 9.78 -4.99 -7.86
CA LEU D 74 8.76 -4.09 -8.36
C LEU D 74 7.48 -4.87 -8.63
N HIS D 75 6.37 -4.38 -8.08
CA HIS D 75 5.06 -5.02 -8.24
C HIS D 75 4.10 -4.02 -8.89
N ILE D 76 3.84 -4.21 -10.18
CA ILE D 76 2.89 -3.37 -10.91
C ILE D 76 1.55 -4.08 -10.90
N ARG D 77 0.57 -3.51 -10.20
CA ARG D 77 -0.78 -4.03 -10.13
C ARG D 77 -1.65 -3.32 -11.16
N ASP D 78 -2.79 -3.93 -11.48
CA ASP D 78 -3.74 -3.42 -12.47
C ASP D 78 -3.01 -3.03 -13.75
N SER D 79 -2.36 -4.03 -14.35
CA SER D 79 -1.48 -3.78 -15.49
C SER D 79 -2.26 -3.16 -16.65
N GLN D 80 -1.66 -2.14 -17.25
CA GLN D 80 -2.20 -1.44 -18.41
C GLN D 80 -1.19 -1.50 -19.54
N PRO D 81 -1.65 -1.54 -20.80
CA PRO D 81 -0.70 -1.67 -21.93
C PRO D 81 0.36 -0.58 -21.97
N SER D 82 0.20 0.49 -21.21
CA SER D 82 1.19 1.57 -21.12
C SER D 82 2.34 1.24 -20.17
N ASP D 83 2.43 0.01 -19.67
CA ASP D 83 3.54 -0.41 -18.82
C ASP D 83 4.51 -1.35 -19.54
N SER D 84 4.22 -1.71 -20.79
CA SER D 84 5.10 -2.60 -21.57
C SER D 84 6.39 -1.86 -21.87
N ALA D 85 7.44 -2.16 -21.13
CA ALA D 85 8.70 -1.45 -21.27
C ALA D 85 9.82 -2.29 -20.66
N LEU D 86 11.05 -1.87 -20.93
CA LEU D 86 12.21 -2.45 -20.27
C LEU D 86 12.38 -1.82 -18.90
N TYR D 87 12.54 -2.65 -17.88
CA TYR D 87 12.66 -2.19 -16.50
C TYR D 87 14.06 -2.46 -16.00
N LEU D 88 14.77 -1.40 -15.61
CA LEU D 88 16.18 -1.48 -15.25
C LEU D 88 16.36 -1.28 -13.76
N CYS D 89 17.20 -2.10 -13.15
CA CYS D 89 17.54 -2.00 -11.74
C CYS D 89 18.90 -1.32 -11.59
N ALA D 90 19.03 -0.47 -10.58
CA ALA D 90 20.27 0.25 -10.33
C ALA D 90 20.61 0.16 -8.85
N ALA D 91 21.90 0.34 -8.55
CA ALA D 91 22.40 0.24 -7.18
C ALA D 91 23.59 1.19 -7.02
N ARG D 92 23.64 1.88 -5.88
CA ARG D 92 24.71 2.81 -5.62
C ARG D 92 25.99 2.06 -5.24
N ASP D 93 27.09 2.40 -5.90
CA ASP D 93 28.36 1.72 -5.72
C ASP D 93 28.95 2.01 -4.34
N SER D 94 30.12 1.43 -4.08
CA SER D 94 30.95 1.92 -2.98
C SER D 94 31.34 3.36 -3.22
N ASN D 95 31.53 3.74 -4.48
CA ASN D 95 31.55 5.13 -4.89
C ASN D 95 30.13 5.66 -4.81
N TYR D 96 29.79 6.66 -5.61
CA TYR D 96 28.42 7.13 -5.65
C TYR D 96 27.87 7.06 -7.06
N GLN D 97 28.40 6.10 -7.81
CA GLN D 97 27.90 5.87 -9.18
C GLN D 97 26.85 4.77 -9.12
N LEU D 98 26.17 4.53 -10.23
CA LEU D 98 25.12 3.52 -10.32
C LEU D 98 25.61 2.30 -11.09
N ILE D 99 25.27 1.13 -10.56
CA ILE D 99 25.52 -0.14 -11.24
C ILE D 99 24.22 -0.57 -11.88
N TRP D 100 24.21 -0.72 -13.20
CA TRP D 100 22.98 -1.00 -13.93
C TRP D 100 22.87 -2.49 -14.25
N GLY D 101 21.63 -2.98 -14.35
CA GLY D 101 21.35 -4.35 -14.67
C GLY D 101 20.96 -4.54 -16.13
N SER D 102 20.83 -5.82 -16.52
CA SER D 102 20.50 -6.15 -17.90
C SER D 102 19.12 -5.63 -18.29
N GLY D 103 18.14 -5.78 -17.42
CA GLY D 103 16.81 -5.27 -17.69
C GLY D 103 15.81 -6.40 -17.91
N THR D 104 14.54 -6.10 -17.63
CA THR D 104 13.45 -7.06 -17.77
C THR D 104 12.43 -6.47 -18.74
N LYS D 105 11.93 -7.30 -19.67
CA LYS D 105 10.99 -6.86 -20.68
C LYS D 105 9.58 -7.27 -20.28
N LEU D 106 8.74 -6.27 -19.99
CA LEU D 106 7.33 -6.49 -19.70
C LEU D 106 6.53 -6.41 -20.99
N ILE D 107 5.71 -7.43 -21.24
CA ILE D 107 4.80 -7.47 -22.39
C ILE D 107 3.40 -7.65 -21.85
N ILE D 108 2.57 -6.61 -21.94
CA ILE D 108 1.20 -6.65 -21.46
C ILE D 108 0.30 -6.89 -22.65
N LYS D 109 -0.16 -8.12 -22.77
CA LYS D 109 -1.04 -8.51 -23.85
C LYS D 109 -2.38 -7.78 -23.70
N PRO D 110 -2.88 -7.11 -24.73
CA PRO D 110 -4.12 -6.35 -24.60
C PRO D 110 -5.35 -7.24 -24.41
N ASP D 111 -6.50 -6.62 -24.18
CA ASP D 111 -7.75 -7.31 -23.97
C ASP D 111 -8.69 -6.94 -25.12
N ILE D 112 -8.55 -7.66 -26.24
CA ILE D 112 -9.43 -7.44 -27.38
C ILE D 112 -10.83 -7.90 -27.01
N GLN D 113 -11.77 -6.97 -26.98
CA GLN D 113 -13.09 -7.26 -26.42
C GLN D 113 -14.00 -7.93 -27.45
N ASN D 114 -14.02 -7.45 -28.69
CA ASN D 114 -14.92 -7.95 -29.72
C ASN D 114 -14.10 -8.39 -30.93
N PRO D 115 -13.49 -9.57 -30.87
CA PRO D 115 -12.68 -10.03 -32.01
C PRO D 115 -13.54 -10.29 -33.24
N ASP D 116 -12.96 -10.03 -34.41
CA ASP D 116 -13.62 -10.29 -35.69
C ASP D 116 -12.54 -10.50 -36.74
N PRO D 117 -11.77 -11.59 -36.63
CA PRO D 117 -10.60 -11.75 -37.49
C PRO D 117 -10.97 -11.91 -38.95
N ALA D 118 -10.08 -11.45 -39.82
CA ALA D 118 -10.29 -11.52 -41.26
C ALA D 118 -8.96 -11.22 -41.94
N VAL D 119 -8.92 -11.49 -43.25
CA VAL D 119 -7.77 -11.22 -44.10
C VAL D 119 -8.25 -10.48 -45.33
N TYR D 120 -7.49 -9.47 -45.77
CA TYR D 120 -7.90 -8.61 -46.87
C TYR D 120 -6.77 -8.40 -47.85
N GLN D 121 -7.13 -8.06 -49.08
CA GLN D 121 -6.19 -7.69 -50.13
C GLN D 121 -6.20 -6.17 -50.30
N LEU D 122 -5.02 -5.58 -50.38
CA LEU D 122 -4.88 -4.14 -50.52
C LEU D 122 -4.09 -3.83 -51.78
N ARG D 123 -4.52 -2.82 -52.53
CA ARG D 123 -3.94 -2.49 -53.82
C ARG D 123 -3.10 -1.21 -53.70
N ASP D 124 -2.07 -1.13 -54.54
CA ASP D 124 -1.23 0.06 -54.59
C ASP D 124 -2.05 1.28 -55.00
N SER D 125 -1.71 2.43 -54.42
CA SER D 125 -2.46 3.66 -54.70
C SER D 125 -2.35 4.04 -56.18
N LYS D 126 -1.12 4.07 -56.71
CA LYS D 126 -0.87 4.29 -58.13
C LYS D 126 -0.62 2.95 -58.84
N SER D 127 0.65 2.55 -58.95
CA SER D 127 1.00 1.19 -59.41
C SER D 127 2.41 0.83 -59.01
N SER D 128 3.01 1.57 -58.06
CA SER D 128 4.43 1.48 -57.77
C SER D 128 4.88 0.08 -57.33
N ASP D 129 3.99 -0.72 -56.76
CA ASP D 129 4.42 -2.01 -56.20
C ASP D 129 3.35 -3.06 -56.44
N LYS D 130 3.31 -4.05 -55.55
CA LYS D 130 2.48 -5.23 -55.66
C LYS D 130 1.37 -5.13 -54.63
N SER D 131 0.82 -6.27 -54.23
CA SER D 131 -0.31 -6.29 -53.32
C SER D 131 0.05 -7.00 -52.02
N VAL D 132 -0.74 -6.73 -50.97
CA VAL D 132 -0.43 -7.18 -49.63
C VAL D 132 -1.66 -7.83 -49.00
N CYS D 133 -1.40 -8.59 -47.94
CA CYS D 133 -2.43 -9.27 -47.15
C CYS D 133 -2.40 -8.71 -45.73
N LEU D 134 -3.58 -8.42 -45.18
CA LEU D 134 -3.71 -7.82 -43.86
C LEU D 134 -4.55 -8.71 -42.96
N PHE D 135 -3.95 -9.22 -41.90
CA PHE D 135 -4.65 -9.98 -40.87
C PHE D 135 -4.91 -9.06 -39.68
N THR D 136 -6.16 -8.75 -39.42
CA THR D 136 -6.52 -7.75 -38.43
C THR D 136 -7.72 -8.22 -37.60
N ASP D 137 -7.97 -7.49 -36.51
CA ASP D 137 -9.15 -7.70 -35.66
C ASP D 137 -9.15 -9.07 -34.99
N PHE D 138 -7.97 -9.63 -34.73
CA PHE D 138 -7.86 -10.91 -34.05
C PHE D 138 -7.47 -10.69 -32.59
N ASP D 139 -7.85 -11.65 -31.74
CA ASP D 139 -7.65 -11.53 -30.31
C ASP D 139 -6.16 -11.69 -29.97
N SER D 140 -5.84 -11.53 -28.68
CA SER D 140 -4.46 -11.62 -28.23
C SER D 140 -3.95 -13.05 -28.19
N GLN D 141 -4.84 -14.04 -28.13
CA GLN D 141 -4.42 -15.44 -28.07
C GLN D 141 -3.73 -15.87 -29.35
N THR D 142 -4.23 -15.42 -30.49
CA THR D 142 -3.62 -15.77 -31.77
C THR D 142 -2.20 -15.22 -31.85
N ASN D 143 -1.26 -16.10 -32.19
CA ASN D 143 0.15 -15.74 -32.31
C ASN D 143 0.56 -15.85 -33.76
N VAL D 144 1.12 -14.76 -34.30
CA VAL D 144 1.49 -14.69 -35.70
C VAL D 144 2.84 -15.38 -35.88
N SER D 145 2.84 -16.51 -36.59
CA SER D 145 4.06 -17.22 -36.87
C SER D 145 4.80 -16.58 -38.05
N GLN D 146 6.12 -16.71 -38.03
CA GLN D 146 6.95 -16.09 -39.05
C GLN D 146 6.64 -16.66 -40.43
N SER D 147 6.82 -15.82 -41.45
CA SER D 147 6.62 -16.27 -42.83
C SER D 147 7.58 -17.40 -43.17
N LYS D 148 7.05 -18.45 -43.80
CA LYS D 148 7.90 -19.54 -44.28
C LYS D 148 8.44 -19.22 -45.67
N ASP D 149 7.56 -19.22 -46.68
CA ASP D 149 7.95 -19.02 -48.07
C ASP D 149 8.89 -17.84 -48.21
N SER D 150 10.10 -18.11 -48.71
CA SER D 150 11.17 -17.10 -48.74
C SER D 150 10.82 -15.91 -49.62
N ASP D 151 9.83 -16.04 -50.50
CA ASP D 151 9.43 -14.94 -51.37
C ASP D 151 8.45 -13.98 -50.72
N VAL D 152 7.87 -14.35 -49.57
CA VAL D 152 6.88 -13.52 -48.88
C VAL D 152 7.39 -13.23 -47.47
N TYR D 153 7.14 -11.99 -47.02
CA TYR D 153 7.52 -11.54 -45.69
C TYR D 153 6.26 -11.25 -44.89
N ILE D 154 6.18 -11.77 -43.67
CA ILE D 154 5.07 -11.53 -42.76
C ILE D 154 5.57 -10.69 -41.60
N THR D 155 4.88 -9.58 -41.34
CA THR D 155 5.26 -8.69 -40.25
C THR D 155 4.80 -9.25 -38.91
N ASP D 156 5.35 -8.68 -37.84
CA ASP D 156 4.98 -9.09 -36.49
C ASP D 156 3.60 -8.56 -36.13
N LYS D 157 3.00 -9.19 -35.12
CA LYS D 157 1.77 -8.68 -34.54
C LYS D 157 2.01 -7.32 -33.90
N CYS D 158 1.01 -6.44 -33.98
CA CYS D 158 1.11 -5.14 -33.32
C CYS D 158 -0.28 -4.52 -33.22
N VAL D 159 -0.48 -3.70 -32.18
CA VAL D 159 -1.80 -3.27 -31.73
C VAL D 159 -2.04 -1.82 -32.13
N LEU D 160 -3.28 -1.52 -32.53
CA LEU D 160 -3.74 -0.16 -32.85
C LEU D 160 -4.62 0.35 -31.73
N ASP D 161 -4.91 1.66 -31.78
CA ASP D 161 -5.80 2.27 -30.78
C ASP D 161 -6.45 3.50 -31.40
N MET D 162 -7.74 3.36 -31.75
CA MET D 162 -8.56 4.49 -32.17
C MET D 162 -9.16 5.09 -30.90
N ARG D 163 -8.48 6.11 -30.36
CA ARG D 163 -8.88 6.65 -29.06
C ARG D 163 -10.27 7.29 -29.11
N SER D 164 -10.62 7.90 -30.23
CA SER D 164 -11.93 8.55 -30.33
C SER D 164 -13.06 7.54 -30.19
N MET D 165 -12.90 6.35 -30.77
CA MET D 165 -13.93 5.31 -30.71
C MET D 165 -13.64 4.26 -29.64
N ASP D 166 -12.55 4.40 -28.90
CA ASP D 166 -12.15 3.44 -27.86
C ASP D 166 -12.15 2.01 -28.40
N PHE D 167 -11.41 1.81 -29.49
CA PHE D 167 -11.36 0.53 -30.19
C PHE D 167 -9.91 0.13 -30.39
N LYS D 168 -9.56 -1.06 -29.92
CA LYS D 168 -8.21 -1.61 -30.07
C LYS D 168 -8.26 -2.79 -31.02
N SER D 169 -7.28 -2.87 -31.92
CA SER D 169 -7.26 -3.92 -32.93
C SER D 169 -5.83 -4.36 -33.18
N ASN D 170 -5.63 -5.67 -33.26
CA ASN D 170 -4.35 -6.25 -33.63
C ASN D 170 -4.23 -6.30 -35.15
N SER D 171 -2.99 -6.37 -35.63
CA SER D 171 -2.77 -6.35 -37.08
C SER D 171 -1.46 -7.06 -37.42
N ALA D 172 -1.40 -7.57 -38.66
CA ALA D 172 -0.22 -8.18 -39.22
C ALA D 172 -0.34 -8.13 -40.74
N VAL D 173 0.81 -8.01 -41.41
CA VAL D 173 0.86 -7.73 -42.84
C VAL D 173 1.79 -8.74 -43.52
N ALA D 174 1.41 -9.15 -44.73
CA ALA D 174 2.24 -10.01 -45.57
C ALA D 174 2.28 -9.47 -46.98
N TRP D 175 3.45 -9.55 -47.62
CA TRP D 175 3.60 -9.11 -49.00
C TRP D 175 4.62 -9.98 -49.71
N SER D 176 4.37 -10.20 -51.00
CA SER D 176 5.28 -10.95 -51.86
C SER D 176 5.37 -10.28 -53.22
N ASN D 177 6.51 -10.43 -53.87
CA ASN D 177 6.73 -9.85 -55.19
C ASN D 177 6.32 -10.77 -56.33
N LYS D 178 5.99 -12.03 -56.04
CA LYS D 178 5.58 -12.97 -57.07
C LYS D 178 4.06 -12.89 -57.28
N SER D 179 3.65 -13.09 -58.54
CA SER D 179 2.25 -12.93 -58.90
C SER D 179 1.38 -14.03 -58.31
N ASP D 180 1.92 -15.24 -58.15
CA ASP D 180 1.17 -16.36 -57.57
C ASP D 180 1.10 -16.22 -56.04
N PHE D 181 0.48 -15.13 -55.62
CA PHE D 181 0.35 -14.79 -54.20
C PHE D 181 -1.09 -14.36 -53.94
N ALA D 182 -1.74 -15.04 -52.98
CA ALA D 182 -3.11 -14.73 -52.62
C ALA D 182 -3.25 -14.80 -51.10
N CYS D 183 -4.27 -14.12 -50.59
CA CYS D 183 -4.47 -14.07 -49.15
C CYS D 183 -4.98 -15.39 -48.59
N ALA D 184 -5.77 -16.13 -49.37
CA ALA D 184 -6.22 -17.43 -48.93
C ALA D 184 -5.04 -18.38 -48.73
N ASN D 185 -4.06 -18.34 -49.63
CA ASN D 185 -2.83 -19.10 -49.50
C ASN D 185 -1.75 -18.35 -48.74
N ALA D 186 -2.13 -17.34 -47.96
CA ALA D 186 -1.21 -16.60 -47.11
C ALA D 186 -1.58 -16.81 -45.65
N PHE D 187 -0.63 -16.55 -44.77
CA PHE D 187 -0.75 -16.71 -43.31
C PHE D 187 -0.97 -18.15 -42.89
N ASN D 188 -0.71 -19.12 -43.78
CA ASN D 188 -0.96 -20.52 -43.43
C ASN D 188 0.03 -21.04 -42.40
N ASN D 189 1.23 -20.44 -42.34
CA ASN D 189 2.25 -20.89 -41.40
C ASN D 189 1.89 -20.60 -39.96
N SER D 190 0.81 -19.85 -39.71
CA SER D 190 0.38 -19.49 -38.38
C SER D 190 -0.90 -20.24 -38.02
N ILE D 191 -1.49 -19.86 -36.88
CA ILE D 191 -2.73 -20.54 -36.40
C ILE D 191 -3.89 -19.57 -36.43
N ILE D 192 -4.35 -19.20 -37.63
CA ILE D 192 -5.50 -18.26 -37.77
C ILE D 192 -6.73 -18.88 -37.08
N PRO D 193 -7.71 -18.07 -36.62
CA PRO D 193 -8.91 -18.61 -36.02
C PRO D 193 -9.83 -19.29 -37.02
N GLU D 194 -11.11 -19.41 -36.66
CA GLU D 194 -12.07 -20.12 -37.54
C GLU D 194 -13.03 -19.11 -38.18
N ASP D 195 -13.45 -18.10 -37.41
CA ASP D 195 -14.39 -17.06 -37.92
C ASP D 195 -13.66 -16.17 -38.94
N THR D 196 -12.36 -16.40 -39.13
CA THR D 196 -11.57 -15.60 -40.09
C THR D 196 -12.37 -15.43 -41.36
N PHE D 197 -12.75 -14.20 -41.69
CA PHE D 197 -13.52 -13.92 -42.89
C PHE D 197 -12.59 -13.83 -44.10
N PHE D 198 -13.07 -14.30 -45.25
CA PHE D 198 -12.30 -14.29 -46.48
C PHE D 198 -13.19 -13.80 -47.61
N PRO D 199 -12.72 -12.86 -48.44
CA PRO D 199 -13.46 -12.32 -49.59
C PRO D 199 -13.67 -13.36 -50.70
N GLU E 1 11.31 19.97 -14.79
CA GLU E 1 12.10 20.99 -15.47
C GLU E 1 13.44 20.42 -15.98
N ALA E 2 13.58 19.10 -15.92
CA ALA E 2 14.81 18.48 -16.37
C ALA E 2 14.96 18.60 -17.88
N ALA E 3 16.10 19.13 -18.33
CA ALA E 3 16.34 19.39 -19.75
C ALA E 3 17.75 18.92 -20.09
N VAL E 4 17.86 17.66 -20.52
CA VAL E 4 19.11 17.09 -21.02
C VAL E 4 18.92 16.80 -22.51
N THR E 5 19.70 17.49 -23.34
CA THR E 5 19.60 17.38 -24.79
C THR E 5 20.85 16.71 -25.35
N GLN E 6 20.72 16.17 -26.56
CA GLN E 6 21.79 15.41 -27.20
C GLN E 6 21.83 15.75 -28.68
N SER E 7 23.03 15.80 -29.25
CA SER E 7 23.20 16.09 -30.67
C SER E 7 24.54 15.54 -31.09
N PRO E 8 24.60 14.79 -32.20
CA PRO E 8 23.49 14.45 -33.11
C PRO E 8 22.55 13.41 -32.51
N ARG E 9 21.42 13.15 -33.16
CA ARG E 9 20.47 12.17 -32.67
C ARG E 9 20.49 10.87 -33.47
N ASN E 10 20.95 10.93 -34.72
CA ASN E 10 21.14 9.77 -35.57
C ASN E 10 22.34 10.05 -36.46
N LYS E 11 23.21 9.06 -36.64
CA LYS E 11 24.45 9.29 -37.38
C LYS E 11 24.99 7.97 -37.93
N VAL E 12 25.40 7.99 -39.19
CA VAL E 12 26.11 6.88 -39.82
C VAL E 12 27.56 7.31 -40.01
N ALA E 13 28.49 6.41 -39.71
CA ALA E 13 29.91 6.71 -39.83
C ALA E 13 30.63 5.54 -40.49
N VAL E 14 31.92 5.75 -40.78
CA VAL E 14 32.76 4.74 -41.41
C VAL E 14 33.87 4.38 -40.43
N THR E 15 34.34 3.13 -40.51
CA THR E 15 35.45 2.70 -39.68
C THR E 15 36.66 3.61 -39.92
N GLY E 16 37.16 4.22 -38.85
CA GLY E 16 38.25 5.16 -38.93
C GLY E 16 37.86 6.62 -38.84
N GLY E 17 36.55 6.91 -38.89
CA GLY E 17 36.11 8.29 -38.82
C GLY E 17 35.96 8.78 -37.39
N LYS E 18 35.85 10.11 -37.27
CA LYS E 18 35.69 10.76 -35.98
C LYS E 18 34.22 11.11 -35.78
N VAL E 19 33.65 10.67 -34.66
CA VAL E 19 32.28 10.96 -34.30
C VAL E 19 32.29 11.64 -32.93
N THR E 20 31.88 12.90 -32.89
CA THR E 20 31.82 13.67 -31.65
C THR E 20 30.36 13.87 -31.28
N LEU E 21 29.93 13.21 -30.20
CA LEU E 21 28.57 13.32 -29.71
C LEU E 21 28.54 14.31 -28.55
N SER E 22 27.54 15.18 -28.52
CA SER E 22 27.50 16.27 -27.56
C SER E 22 26.21 16.23 -26.74
N CYS E 23 26.33 16.70 -25.50
CA CYS E 23 25.22 16.70 -24.55
C CYS E 23 25.19 18.04 -23.83
N ASN E 24 23.98 18.50 -23.51
CA ASN E 24 23.79 19.82 -22.91
C ASN E 24 22.73 19.74 -21.83
N GLN E 25 23.11 20.03 -20.59
CA GLN E 25 22.17 20.12 -19.49
C GLN E 25 22.05 21.58 -19.05
N THR E 26 20.84 21.96 -18.62
CA THR E 26 20.57 23.31 -18.15
C THR E 26 20.03 23.29 -16.72
N ASN E 27 20.36 22.26 -15.95
CA ASN E 27 19.78 22.04 -14.64
C ASN E 27 20.76 22.29 -13.50
N ASN E 28 21.87 22.99 -13.79
CA ASN E 28 22.89 23.30 -12.80
C ASN E 28 23.36 22.05 -12.06
N HIS E 29 23.61 21.00 -12.83
CA HIS E 29 24.10 19.72 -12.30
C HIS E 29 25.59 19.62 -12.57
N ASN E 30 26.37 19.35 -11.53
CA ASN E 30 27.82 19.24 -11.70
C ASN E 30 28.26 17.90 -12.24
N ASN E 31 27.43 16.86 -12.13
CA ASN E 31 27.80 15.52 -12.58
C ASN E 31 27.09 15.18 -13.88
N MET E 32 27.87 14.75 -14.87
CA MET E 32 27.34 14.34 -16.16
C MET E 32 28.00 13.02 -16.57
N TYR E 33 27.22 12.14 -17.17
CA TYR E 33 27.67 10.80 -17.50
C TYR E 33 27.34 10.48 -18.95
N TRP E 34 28.13 9.59 -19.54
CA TRP E 34 27.93 9.11 -20.90
C TRP E 34 27.80 7.60 -20.87
N TYR E 35 26.58 7.11 -21.08
CA TYR E 35 26.29 5.68 -21.05
C TYR E 35 26.21 5.12 -22.46
N ARG E 36 26.05 3.79 -22.55
CA ARG E 36 25.89 3.10 -23.82
C ARG E 36 25.08 1.84 -23.58
N GLN E 37 23.99 1.69 -24.34
CA GLN E 37 23.03 0.61 -24.11
C GLN E 37 23.12 -0.40 -25.25
N ASP E 38 23.46 -1.64 -24.92
CA ASP E 38 23.44 -2.75 -25.85
C ASP E 38 22.70 -3.92 -25.22
N THR E 39 22.10 -4.78 -26.06
CA THR E 39 21.29 -5.88 -25.56
C THR E 39 22.15 -6.87 -24.79
N GLY E 40 21.70 -7.23 -23.59
CA GLY E 40 22.41 -8.15 -22.74
C GLY E 40 23.30 -7.51 -21.71
N HIS E 41 23.62 -6.22 -21.85
CA HIS E 41 24.45 -5.51 -20.89
C HIS E 41 23.73 -4.37 -20.20
N GLY E 42 22.55 -3.97 -20.67
CA GLY E 42 21.87 -2.83 -20.09
C GLY E 42 22.67 -1.55 -20.38
N LEU E 43 22.67 -0.65 -19.40
CA LEU E 43 23.42 0.60 -19.53
C LEU E 43 24.81 0.43 -18.94
N ARG E 44 25.81 0.88 -19.69
CA ARG E 44 27.22 0.69 -19.32
C ARG E 44 27.93 2.03 -19.40
N LEU E 45 28.62 2.41 -18.32
CA LEU E 45 29.24 3.71 -18.23
C LEU E 45 30.56 3.73 -19.00
N ILE E 46 30.69 4.68 -19.93
CA ILE E 46 31.91 4.84 -20.70
C ILE E 46 32.80 5.86 -20.00
N HIS E 47 32.34 7.10 -19.92
CA HIS E 47 33.08 8.19 -19.30
C HIS E 47 32.10 9.02 -18.49
N TYR E 48 32.64 9.79 -17.55
CA TYR E 48 31.80 10.66 -16.73
C TYR E 48 32.65 11.82 -16.21
N SER E 49 31.97 12.82 -15.67
CA SER E 49 32.62 14.04 -15.19
C SER E 49 31.97 14.51 -13.90
N TYR E 50 32.80 14.90 -12.94
CA TYR E 50 32.34 15.39 -11.65
C TYR E 50 32.20 16.91 -11.61
N GLY E 51 32.56 17.60 -12.69
CA GLY E 51 32.52 19.04 -12.72
C GLY E 51 33.17 19.54 -13.98
N ALA E 52 33.08 20.87 -14.16
CA ALA E 52 33.64 21.50 -15.35
C ALA E 52 35.16 21.34 -15.37
N GLY E 53 35.68 20.90 -16.51
CA GLY E 53 37.10 20.70 -16.70
C GLY E 53 37.59 19.30 -16.41
N SER E 54 36.90 18.58 -15.53
CA SER E 54 37.30 17.22 -15.17
C SER E 54 36.70 16.21 -16.14
N THR E 55 37.46 15.15 -16.39
CA THR E 55 36.96 14.03 -17.18
C THR E 55 37.58 12.75 -16.63
N GLU E 56 36.72 11.83 -16.19
CA GLU E 56 37.14 10.59 -15.57
C GLU E 56 36.65 9.41 -16.40
N LYS E 57 37.36 8.29 -16.29
CA LYS E 57 37.03 7.09 -17.04
C LYS E 57 35.99 6.27 -16.30
N GLY E 58 35.28 5.43 -17.05
CA GLY E 58 34.25 4.57 -16.48
C GLY E 58 34.62 3.11 -16.50
N ASP E 59 33.70 2.27 -16.97
CA ASP E 59 33.92 0.82 -17.02
C ASP E 59 34.26 0.32 -18.41
N ILE E 60 33.85 1.01 -19.47
CA ILE E 60 34.24 0.64 -20.82
C ILE E 60 34.84 1.86 -21.51
N PRO E 61 35.98 2.38 -21.05
CA PRO E 61 36.53 3.62 -21.61
C PRO E 61 37.47 3.46 -22.79
N ASP E 62 37.69 2.23 -23.27
CA ASP E 62 38.63 2.01 -24.36
C ASP E 62 37.97 2.30 -25.70
N GLY E 63 38.66 3.08 -26.54
CA GLY E 63 38.13 3.50 -27.81
C GLY E 63 37.32 4.76 -27.78
N TYR E 64 37.13 5.36 -26.61
CA TYR E 64 36.32 6.55 -26.44
C TYR E 64 37.14 7.65 -25.76
N LYS E 65 36.77 8.90 -26.05
CA LYS E 65 37.36 10.07 -25.42
C LYS E 65 36.24 10.99 -24.96
N ALA E 66 36.55 11.87 -24.01
CA ALA E 66 35.54 12.74 -23.43
C ALA E 66 36.13 14.12 -23.15
N SER E 67 35.25 15.11 -23.06
CA SER E 67 35.66 16.48 -22.79
C SER E 67 34.51 17.22 -22.12
N ARG E 68 34.81 17.91 -21.02
CA ARG E 68 33.84 18.74 -20.30
C ARG E 68 34.34 20.17 -20.29
N PRO E 69 34.06 20.95 -21.34
CA PRO E 69 34.56 22.33 -21.37
C PRO E 69 33.82 23.27 -20.44
N SER E 70 32.60 22.94 -20.06
CA SER E 70 31.82 23.77 -19.15
C SER E 70 30.88 22.86 -18.36
N GLN E 71 30.24 23.45 -17.33
CA GLN E 71 29.28 22.68 -16.55
C GLN E 71 28.10 22.22 -17.39
N GLU E 72 27.80 22.92 -18.48
CA GLU E 72 26.62 22.64 -19.29
C GLU E 72 26.87 21.68 -20.43
N ASN E 73 28.11 21.51 -20.87
CA ASN E 73 28.41 20.70 -22.05
C ASN E 73 29.38 19.57 -21.72
N PHE E 74 29.08 18.40 -22.27
CA PHE E 74 29.88 17.19 -22.09
C PHE E 74 29.89 16.42 -23.41
N SER E 75 31.07 16.13 -23.92
CA SER E 75 31.22 15.53 -25.25
C SER E 75 31.86 14.16 -25.17
N LEU E 76 31.50 13.31 -26.13
CA LEU E 76 32.08 11.98 -26.28
C LEU E 76 32.68 11.90 -27.68
N ILE E 77 34.01 11.76 -27.75
CA ILE E 77 34.73 11.82 -29.01
C ILE E 77 35.19 10.41 -29.37
N LEU E 78 34.70 9.90 -30.50
CA LEU E 78 35.10 8.60 -31.04
C LEU E 78 36.13 8.88 -32.14
N GLU E 79 37.40 8.96 -31.75
CA GLU E 79 38.45 9.38 -32.69
C GLU E 79 38.55 8.42 -33.88
N LEU E 80 38.75 7.13 -33.61
CA LEU E 80 38.85 6.11 -34.66
C LEU E 80 37.69 5.16 -34.49
N ALA E 81 36.66 5.33 -35.31
CA ALA E 81 35.45 4.54 -35.19
C ALA E 81 35.71 3.08 -35.54
N THR E 82 35.09 2.18 -34.77
CA THR E 82 35.11 0.75 -35.03
C THR E 82 33.67 0.25 -35.14
N PRO E 83 33.43 -0.83 -35.88
CA PRO E 83 32.07 -1.38 -35.97
C PRO E 83 31.51 -1.82 -34.62
N SER E 84 32.37 -2.12 -33.65
CA SER E 84 31.93 -2.49 -32.31
C SER E 84 31.45 -1.30 -31.50
N GLN E 85 31.47 -0.10 -32.06
CA GLN E 85 30.94 1.09 -31.40
C GLN E 85 29.55 1.46 -31.92
N THR E 86 28.88 0.52 -32.60
CA THR E 86 27.49 0.71 -33.01
C THR E 86 26.60 0.45 -31.79
N SER E 87 25.91 1.48 -31.33
CA SER E 87 25.09 1.36 -30.13
C SER E 87 24.16 2.56 -30.04
N VAL E 88 23.39 2.61 -28.95
CA VAL E 88 22.59 3.76 -28.59
C VAL E 88 23.27 4.41 -27.39
N TYR E 89 23.70 5.65 -27.54
CA TYR E 89 24.47 6.34 -26.53
C TYR E 89 23.57 7.31 -25.76
N PHE E 90 23.58 7.21 -24.44
CA PHE E 90 22.76 8.05 -23.58
C PHE E 90 23.65 8.91 -22.69
N CYS E 91 23.26 10.17 -22.55
CA CYS E 91 23.93 11.09 -21.64
C CYS E 91 23.00 11.39 -20.47
N ALA E 92 23.56 11.45 -19.27
CA ALA E 92 22.77 11.68 -18.07
C ALA E 92 23.42 12.76 -17.22
N SER E 93 22.58 13.44 -16.43
CA SER E 93 23.05 14.45 -15.49
C SER E 93 22.45 14.17 -14.12
N GLY E 94 23.20 14.53 -13.08
CA GLY E 94 22.75 14.29 -11.72
C GLY E 94 23.59 15.09 -10.74
N ASP E 95 23.32 14.84 -9.44
CA ASP E 95 23.90 15.64 -8.35
C ASP E 95 24.28 14.71 -7.20
N PHE E 96 25.43 14.05 -7.34
CA PHE E 96 26.08 13.24 -6.30
C PHE E 96 25.10 12.56 -5.36
N GLY E 97 24.35 11.61 -5.94
CA GLY E 97 23.39 10.78 -5.23
C GLY E 97 22.59 11.55 -4.21
N GLY E 98 21.60 12.30 -4.66
CA GLY E 98 21.17 12.22 -6.04
C GLY E 98 19.95 11.33 -6.17
N TYR E 99 18.78 11.96 -6.17
CA TYR E 99 17.54 11.21 -6.21
C TYR E 99 17.30 10.56 -7.56
N GLU E 100 17.81 11.16 -8.64
CA GLU E 100 17.50 10.71 -9.99
C GLU E 100 18.64 11.12 -10.92
N GLN E 101 18.94 10.27 -11.89
CA GLN E 101 19.80 10.63 -13.01
C GLN E 101 18.91 10.94 -14.20
N TYR E 102 19.02 12.16 -14.72
CA TYR E 102 18.15 12.63 -15.79
C TYR E 102 18.78 12.32 -17.13
N PHE E 103 18.09 11.52 -17.94
CA PHE E 103 18.66 10.96 -19.17
C PHE E 103 18.25 11.80 -20.38
N GLY E 104 19.14 11.81 -21.38
CA GLY E 104 18.88 12.50 -22.62
C GLY E 104 18.16 11.64 -23.64
N PRO E 105 17.83 12.21 -24.79
CA PRO E 105 17.04 11.46 -25.78
C PRO E 105 17.75 10.23 -26.32
N GLY E 106 19.07 10.25 -26.41
CA GLY E 106 19.82 9.11 -26.91
C GLY E 106 20.17 9.22 -28.39
N THR E 107 21.38 8.83 -28.76
CA THR E 107 21.87 8.93 -30.12
C THR E 107 22.07 7.55 -30.70
N ARG E 108 21.55 7.33 -31.90
CA ARG E 108 21.67 6.07 -32.62
C ARG E 108 22.85 6.18 -33.59
N LEU E 109 23.99 5.61 -33.22
CA LEU E 109 25.18 5.60 -34.05
C LEU E 109 25.38 4.21 -34.63
N THR E 110 25.50 4.14 -35.96
CA THR E 110 25.77 2.89 -36.67
C THR E 110 27.07 3.05 -37.45
N VAL E 111 28.14 2.42 -36.96
CA VAL E 111 29.44 2.47 -37.61
C VAL E 111 29.51 1.32 -38.62
N LEU E 112 29.66 1.68 -39.89
CA LEU E 112 29.82 0.72 -40.97
C LEU E 112 31.27 0.68 -41.42
N GLU E 113 31.63 -0.40 -42.12
CA GLU E 113 32.96 -0.49 -42.71
C GLU E 113 33.04 0.18 -44.07
N ASP E 114 31.95 0.16 -44.83
CA ASP E 114 31.86 0.84 -46.11
C ASP E 114 30.49 1.44 -46.27
N LEU E 115 30.43 2.62 -46.88
CA LEU E 115 29.17 3.31 -47.11
C LEU E 115 28.40 2.78 -48.32
N LYS E 116 28.99 1.85 -49.07
CA LYS E 116 28.38 1.42 -50.33
C LYS E 116 27.14 0.57 -50.13
N ASN E 117 26.85 0.14 -48.91
CA ASN E 117 25.64 -0.59 -48.61
C ASN E 117 24.48 0.30 -48.17
N VAL E 118 24.72 1.61 -48.07
CA VAL E 118 23.68 2.53 -47.60
C VAL E 118 22.70 2.78 -48.74
N PHE E 119 21.41 2.60 -48.45
CA PHE E 119 20.36 2.76 -49.45
C PHE E 119 19.14 3.43 -48.82
N PRO E 120 18.55 4.43 -49.49
CA PRO E 120 17.32 5.01 -48.98
C PRO E 120 16.15 4.07 -49.19
N PRO E 121 15.12 4.17 -48.37
CA PRO E 121 13.96 3.28 -48.53
C PRO E 121 13.08 3.69 -49.71
N GLU E 122 12.29 2.73 -50.16
CA GLU E 122 11.25 2.97 -51.14
C GLU E 122 9.90 2.75 -50.47
N VAL E 123 9.01 3.74 -50.59
CA VAL E 123 7.78 3.79 -49.80
C VAL E 123 6.60 3.72 -50.75
N ALA E 124 5.59 2.91 -50.40
CA ALA E 124 4.36 2.81 -51.14
C ALA E 124 3.20 2.65 -50.17
N VAL E 125 2.08 3.29 -50.47
CA VAL E 125 0.88 3.23 -49.64
C VAL E 125 -0.16 2.37 -50.35
N PHE E 126 -0.88 1.56 -49.57
CA PHE E 126 -1.83 0.59 -50.09
C PHE E 126 -3.22 0.93 -49.58
N GLU E 127 -4.15 1.16 -50.51
CA GLU E 127 -5.47 1.64 -50.16
C GLU E 127 -6.30 0.53 -49.53
N PRO E 128 -7.27 0.89 -48.67
CA PRO E 128 -8.03 -0.14 -47.95
C PRO E 128 -8.84 -1.03 -48.88
N SER E 129 -9.06 -2.26 -48.42
CA SER E 129 -9.87 -3.22 -49.17
C SER E 129 -11.34 -2.91 -49.02
N GLU E 130 -12.08 -2.99 -50.14
CA GLU E 130 -13.53 -2.83 -50.07
C GLU E 130 -14.17 -3.91 -49.21
N ALA E 131 -13.56 -5.10 -49.17
CA ALA E 131 -14.09 -6.16 -48.32
C ALA E 131 -14.05 -5.77 -46.85
N GLU E 132 -12.98 -5.11 -46.42
CA GLU E 132 -12.88 -4.67 -45.04
C GLU E 132 -13.95 -3.63 -44.72
N ILE E 133 -14.18 -2.70 -45.65
CA ILE E 133 -15.17 -1.66 -45.43
C ILE E 133 -16.55 -2.26 -45.31
N SER E 134 -16.89 -3.22 -46.17
CA SER E 134 -18.21 -3.85 -46.10
C SER E 134 -18.37 -4.65 -44.82
N HIS E 135 -17.33 -5.39 -44.43
CA HIS E 135 -17.45 -6.33 -43.32
C HIS E 135 -17.40 -5.63 -41.96
N THR E 136 -16.49 -4.66 -41.80
CA THR E 136 -16.24 -4.05 -40.50
C THR E 136 -16.53 -2.56 -40.43
N GLN E 137 -16.80 -1.91 -41.56
CA GLN E 137 -17.07 -0.46 -41.61
C GLN E 137 -15.91 0.35 -41.05
N LYS E 138 -14.69 -0.13 -41.32
CA LYS E 138 -13.46 0.57 -40.98
C LYS E 138 -12.47 0.37 -42.11
N ALA E 139 -11.63 1.38 -42.34
CA ALA E 139 -10.66 1.37 -43.42
C ALA E 139 -9.25 1.37 -42.85
N THR E 140 -8.40 0.48 -43.36
CA THR E 140 -7.02 0.34 -42.90
C THR E 140 -6.07 0.63 -44.05
N LEU E 141 -5.04 1.43 -43.78
CA LEU E 141 -4.00 1.74 -44.75
C LEU E 141 -2.69 1.13 -44.31
N VAL E 142 -1.96 0.54 -45.25
CA VAL E 142 -0.68 -0.11 -44.98
C VAL E 142 0.39 0.62 -45.75
N CYS E 143 1.48 0.97 -45.08
CA CYS E 143 2.62 1.65 -45.68
C CYS E 143 3.85 0.77 -45.53
N LEU E 144 4.53 0.50 -46.64
CA LEU E 144 5.72 -0.34 -46.64
C LEU E 144 6.94 0.49 -47.02
N ALA E 145 7.98 0.41 -46.20
CA ALA E 145 9.28 0.98 -46.50
C ALA E 145 10.27 -0.17 -46.63
N THR E 146 10.82 -0.35 -47.83
CA THR E 146 11.62 -1.52 -48.14
C THR E 146 12.97 -1.10 -48.71
N GLY E 147 13.96 -1.98 -48.55
CA GLY E 147 15.26 -1.79 -49.14
C GLY E 147 16.07 -0.63 -48.59
N PHE E 148 16.08 -0.47 -47.27
CA PHE E 148 16.87 0.58 -46.63
C PHE E 148 17.90 -0.04 -45.70
N TYR E 149 19.06 0.61 -45.61
CA TYR E 149 20.17 0.17 -44.78
C TYR E 149 21.02 1.42 -44.55
N PRO E 150 21.38 1.74 -43.30
CA PRO E 150 21.10 1.01 -42.05
C PRO E 150 19.66 1.12 -41.56
N ASP E 151 19.39 0.78 -40.29
CA ASP E 151 18.03 0.56 -39.82
C ASP E 151 17.36 1.80 -39.25
N HIS E 152 18.09 2.85 -38.89
CA HIS E 152 17.43 3.99 -38.25
C HIS E 152 16.65 4.76 -39.31
N VAL E 153 15.34 4.48 -39.37
CA VAL E 153 14.36 5.25 -40.11
C VAL E 153 13.27 5.65 -39.13
N GLU E 154 12.45 6.60 -39.55
CA GLU E 154 11.37 7.11 -38.71
C GLU E 154 10.12 7.29 -39.56
N LEU E 155 9.11 6.47 -39.31
CA LEU E 155 7.90 6.47 -40.11
C LEU E 155 6.81 7.23 -39.38
N SER E 156 6.10 8.09 -40.11
CA SER E 156 5.01 8.87 -39.55
C SER E 156 3.89 8.98 -40.59
N TRP E 157 2.67 9.18 -40.09
CA TRP E 157 1.49 9.32 -40.94
C TRP E 157 1.02 10.77 -40.91
N TRP E 158 0.67 11.30 -42.09
CA TRP E 158 0.28 12.70 -42.24
C TRP E 158 -1.07 12.77 -42.94
N VAL E 159 -2.11 13.11 -42.18
CA VAL E 159 -3.46 13.21 -42.70
C VAL E 159 -3.78 14.69 -42.88
N ASN E 160 -3.95 15.12 -44.14
CA ASN E 160 -4.30 16.49 -44.47
C ASN E 160 -3.30 17.49 -43.89
N GLY E 161 -2.02 17.13 -43.91
CA GLY E 161 -0.98 18.01 -43.45
C GLY E 161 -0.68 17.94 -41.96
N LYS E 162 -1.52 17.27 -41.18
CA LYS E 162 -1.31 17.09 -39.76
C LYS E 162 -0.82 15.67 -39.48
N GLU E 163 0.20 15.55 -38.64
CA GLU E 163 0.65 14.23 -38.21
C GLU E 163 -0.37 13.65 -37.24
N VAL E 164 -0.74 12.39 -37.46
CA VAL E 164 -1.74 11.72 -36.64
C VAL E 164 -1.06 10.67 -35.77
N HIS E 165 -1.70 10.37 -34.64
CA HIS E 165 -1.20 9.35 -33.72
C HIS E 165 -2.25 8.33 -33.32
N SER E 166 -3.52 8.54 -33.63
CA SER E 166 -4.56 7.57 -33.34
C SER E 166 -4.73 6.60 -34.49
N GLY E 167 -5.03 5.35 -34.17
CA GLY E 167 -5.13 4.33 -35.19
C GLY E 167 -3.84 4.08 -35.94
N VAL E 168 -2.71 4.48 -35.38
CA VAL E 168 -1.41 4.35 -36.03
C VAL E 168 -0.55 3.39 -35.21
N CYS E 169 0.15 2.49 -35.89
CA CYS E 169 1.04 1.55 -35.23
C CYS E 169 2.07 1.06 -36.24
N THR E 170 3.34 1.05 -35.81
CA THR E 170 4.44 0.66 -36.68
C THR E 170 5.17 -0.53 -36.06
N ASP E 171 5.69 -1.39 -36.93
CA ASP E 171 6.40 -2.57 -36.47
C ASP E 171 7.56 -2.16 -35.55
N PRO E 172 7.72 -2.82 -34.40
CA PRO E 172 8.81 -2.42 -33.50
C PRO E 172 10.19 -2.63 -34.09
N GLN E 173 10.36 -3.65 -34.93
CA GLN E 173 11.67 -3.99 -35.47
C GLN E 173 11.58 -4.14 -36.99
N PRO E 174 12.48 -3.52 -37.74
CA PRO E 174 12.56 -3.82 -39.17
C PRO E 174 12.97 -5.27 -39.39
N LEU E 175 12.43 -5.87 -40.43
CA LEU E 175 12.74 -7.26 -40.77
C LEU E 175 13.65 -7.31 -41.99
N LYS E 176 14.54 -8.29 -42.00
CA LYS E 176 15.52 -8.41 -43.08
C LYS E 176 14.89 -9.00 -44.33
N GLU E 177 15.23 -8.43 -45.49
CA GLU E 177 14.76 -8.95 -46.77
C GLU E 177 15.51 -10.22 -47.15
N GLN E 178 16.82 -10.26 -46.90
CA GLN E 178 17.64 -11.45 -47.10
C GLN E 178 18.40 -11.69 -45.81
N PRO E 179 17.81 -12.40 -44.84
CA PRO E 179 18.45 -12.54 -43.53
C PRO E 179 19.77 -13.29 -43.56
N ALA E 180 20.02 -14.06 -44.62
CA ALA E 180 21.28 -14.79 -44.71
C ALA E 180 22.46 -13.83 -44.90
N LEU E 181 22.27 -12.78 -45.67
CA LEU E 181 23.37 -11.89 -46.04
C LEU E 181 23.68 -10.91 -44.93
N ASN E 182 24.98 -10.67 -44.71
CA ASN E 182 25.39 -9.53 -43.91
C ASN E 182 25.15 -8.24 -44.69
N ASP E 183 24.94 -7.15 -43.95
CA ASP E 183 24.54 -5.87 -44.55
C ASP E 183 23.26 -6.03 -45.37
N SER E 184 22.32 -6.81 -44.85
CA SER E 184 21.05 -7.03 -45.55
C SER E 184 20.18 -5.78 -45.46
N ARG E 185 19.45 -5.50 -46.53
CA ARG E 185 18.56 -4.36 -46.57
C ARG E 185 17.25 -4.70 -45.87
N TYR E 186 16.74 -3.74 -45.10
CA TYR E 186 15.65 -3.98 -44.17
C TYR E 186 14.32 -3.53 -44.77
N ALA E 187 13.23 -3.86 -44.06
CA ALA E 187 11.88 -3.49 -44.47
C ALA E 187 11.07 -3.16 -43.22
N LEU E 188 10.13 -2.24 -43.38
CA LEU E 188 9.28 -1.79 -42.27
C LEU E 188 7.87 -1.53 -42.78
N SER E 189 6.90 -1.77 -41.91
CA SER E 189 5.50 -1.57 -42.24
C SER E 189 4.79 -0.82 -41.13
N SER E 190 3.68 -0.17 -41.49
CA SER E 190 2.88 0.57 -40.53
C SER E 190 1.42 0.54 -40.96
N ARG E 191 0.54 0.74 -39.99
CA ARG E 191 -0.90 0.66 -40.20
C ARG E 191 -1.56 1.97 -39.77
N LEU E 192 -2.66 2.32 -40.46
CA LEU E 192 -3.47 3.47 -40.10
C LEU E 192 -4.93 3.13 -40.37
N ARG E 193 -5.76 3.12 -39.34
CA ARG E 193 -7.18 2.82 -39.46
C ARG E 193 -8.01 4.06 -39.15
N VAL E 194 -8.98 4.33 -40.03
CA VAL E 194 -9.95 5.40 -39.83
C VAL E 194 -11.32 4.87 -40.23
N SER E 195 -12.35 5.65 -39.90
CA SER E 195 -13.72 5.23 -40.19
C SER E 195 -13.94 5.13 -41.69
N ALA E 196 -14.80 4.19 -42.07
CA ALA E 196 -15.09 3.99 -43.50
C ALA E 196 -15.68 5.25 -44.13
N THR E 197 -16.46 6.01 -43.36
CA THR E 197 -16.98 7.27 -43.87
C THR E 197 -15.85 8.27 -44.12
N PHE E 198 -14.81 8.23 -43.29
CA PHE E 198 -13.67 9.14 -43.46
C PHE E 198 -12.90 8.83 -44.73
N TRP E 199 -12.70 7.54 -45.02
CA TRP E 199 -11.94 7.15 -46.21
C TRP E 199 -12.71 7.46 -47.49
N GLN E 200 -14.04 7.37 -47.47
CA GLN E 200 -14.83 7.58 -48.67
C GLN E 200 -14.84 9.06 -49.09
N ASN E 201 -14.44 9.96 -48.20
CA ASN E 201 -14.38 11.37 -48.53
C ASN E 201 -13.14 11.67 -49.38
N PRO E 202 -13.30 12.09 -50.64
CA PRO E 202 -12.12 12.34 -51.49
C PRO E 202 -11.35 13.58 -51.09
N ARG E 203 -11.90 14.45 -50.24
CA ARG E 203 -11.21 15.66 -49.85
C ARG E 203 -10.17 15.43 -48.76
N ASN E 204 -10.02 14.19 -48.28
CA ASN E 204 -9.03 13.86 -47.27
C ASN E 204 -7.79 13.27 -47.93
N HIS E 205 -6.62 13.76 -47.53
CA HIS E 205 -5.35 13.39 -48.12
C HIS E 205 -4.51 12.61 -47.12
N PHE E 206 -4.07 11.43 -47.53
CA PHE E 206 -3.30 10.52 -46.66
C PHE E 206 -1.90 10.37 -47.23
N ARG E 207 -0.89 10.69 -46.41
CA ARG E 207 0.50 10.59 -46.82
C ARG E 207 1.29 9.84 -45.77
N CYS E 208 2.09 8.87 -46.22
CA CYS E 208 3.02 8.16 -45.36
C CYS E 208 4.43 8.69 -45.59
N GLN E 209 5.07 9.15 -44.53
CA GLN E 209 6.39 9.77 -44.59
C GLN E 209 7.39 8.90 -43.83
N VAL E 210 8.53 8.64 -44.47
CA VAL E 210 9.61 7.87 -43.87
C VAL E 210 10.87 8.71 -43.87
N GLN E 211 11.36 9.04 -42.68
CA GLN E 211 12.61 9.78 -42.53
C GLN E 211 13.77 8.81 -42.50
N PHE E 212 14.64 8.89 -43.50
CA PHE E 212 15.83 8.06 -43.57
C PHE E 212 17.04 8.87 -43.11
N TYR E 213 17.80 8.30 -42.18
CA TYR E 213 19.02 8.93 -41.68
C TYR E 213 20.21 8.19 -42.31
N GLY E 214 20.96 8.89 -43.15
CA GLY E 214 22.08 8.27 -43.83
C GLY E 214 23.31 9.15 -43.86
N LEU E 215 23.78 9.47 -45.06
CA LEU E 215 25.01 10.23 -45.21
C LEU E 215 24.77 11.72 -44.99
N SER E 216 25.79 12.41 -44.47
CA SER E 216 25.72 13.84 -44.25
C SER E 216 26.41 14.56 -45.41
N GLU E 217 26.34 15.90 -45.38
CA GLU E 217 26.98 16.69 -46.43
C GLU E 217 28.49 16.49 -46.44
N ASN E 218 29.11 16.44 -45.27
CA ASN E 218 30.56 16.33 -45.20
C ASN E 218 31.06 14.94 -45.58
N ASP E 219 30.20 13.93 -45.53
CA ASP E 219 30.60 12.60 -45.99
C ASP E 219 30.91 12.63 -47.49
N GLU E 220 31.86 11.80 -47.90
CA GLU E 220 32.35 11.79 -49.27
C GLU E 220 31.76 10.59 -50.02
N TRP E 221 31.09 10.87 -51.13
CA TRP E 221 30.49 9.85 -51.98
C TRP E 221 31.33 9.70 -53.25
N THR E 222 31.58 8.45 -53.63
CA THR E 222 32.36 8.15 -54.83
C THR E 222 31.66 7.20 -55.80
N GLN E 223 30.54 6.59 -55.42
CA GLN E 223 29.82 5.70 -56.32
C GLN E 223 29.14 6.49 -57.43
N ASP E 224 28.47 5.77 -58.33
CA ASP E 224 27.72 6.39 -59.41
C ASP E 224 26.22 6.44 -59.13
N ARG E 225 25.81 6.14 -57.90
CA ARG E 225 24.42 6.29 -57.51
C ARG E 225 24.17 7.68 -56.94
N ALA E 226 22.94 7.94 -56.54
CA ALA E 226 22.65 9.12 -55.75
C ALA E 226 23.23 8.94 -54.36
N LYS E 227 23.83 10.00 -53.83
CA LYS E 227 24.38 9.98 -52.48
C LYS E 227 23.23 9.76 -51.50
N PRO E 228 23.17 8.59 -50.84
CA PRO E 228 22.04 8.32 -49.93
C PRO E 228 22.08 9.19 -48.68
N VAL E 229 21.81 10.48 -48.85
CA VAL E 229 21.86 11.40 -47.73
C VAL E 229 20.66 11.18 -46.83
N THR E 230 20.76 11.72 -45.61
CA THR E 230 19.60 11.80 -44.73
C THR E 230 18.50 12.56 -45.46
N GLN E 231 17.39 11.88 -45.77
CA GLN E 231 16.35 12.47 -46.60
C GLN E 231 15.00 11.95 -46.16
N ILE E 232 13.97 12.37 -46.88
CA ILE E 232 12.58 12.00 -46.61
C ILE E 232 12.02 11.37 -47.88
N VAL E 233 11.39 10.20 -47.73
CA VAL E 233 10.74 9.51 -48.83
C VAL E 233 9.30 9.29 -48.45
N SER E 234 8.37 9.76 -49.30
CA SER E 234 6.96 9.74 -48.99
C SER E 234 6.17 9.00 -50.06
N ALA E 235 5.00 8.54 -49.68
CA ALA E 235 4.02 7.98 -50.59
C ALA E 235 2.64 8.44 -50.14
N GLU E 236 1.80 8.80 -51.10
CA GLU E 236 0.52 9.44 -50.81
C GLU E 236 -0.62 8.62 -51.42
N ALA E 237 -1.81 8.80 -50.84
CA ALA E 237 -3.01 8.16 -51.32
C ALA E 237 -4.20 9.03 -50.96
N TRP E 238 -5.16 9.15 -51.87
CA TRP E 238 -6.31 10.01 -51.70
C TRP E 238 -7.55 9.18 -51.39
N GLY E 239 -8.45 9.76 -50.61
CA GLY E 239 -9.71 9.08 -50.33
C GLY E 239 -10.55 8.95 -51.58
N ARG E 240 -11.35 7.88 -51.63
CA ARG E 240 -12.16 7.59 -52.81
C ARG E 240 -13.46 6.95 -52.37
N ALA E 241 -14.56 7.36 -53.00
CA ALA E 241 -15.86 6.77 -52.71
C ALA E 241 -16.03 5.44 -53.43
N ASP E 242 -15.48 5.33 -54.65
CA ASP E 242 -15.54 4.12 -55.46
C ASP E 242 -16.98 3.63 -55.66
N GLY F 1 -22.44 -10.69 24.13
CA GLY F 1 -21.98 -11.86 24.85
C GLY F 1 -21.42 -12.93 23.95
N SER F 2 -20.64 -13.84 24.53
CA SER F 2 -20.04 -14.93 23.77
C SER F 2 -21.12 -15.86 23.22
N HIS F 3 -21.00 -16.19 21.94
CA HIS F 3 -21.93 -17.08 21.27
C HIS F 3 -21.17 -18.25 20.66
N SER F 4 -21.92 -19.31 20.33
CA SER F 4 -21.30 -20.55 19.87
C SER F 4 -22.14 -21.18 18.76
N MET F 5 -21.45 -21.96 17.93
CA MET F 5 -22.06 -22.80 16.91
C MET F 5 -21.47 -24.19 17.02
N ARG F 6 -22.32 -25.21 16.94
CA ARG F 6 -21.84 -26.59 17.05
C ARG F 6 -22.71 -27.51 16.22
N TYR F 7 -22.07 -28.47 15.58
CA TYR F 7 -22.73 -29.49 14.78
C TYR F 7 -22.55 -30.84 15.47
N PHE F 8 -23.62 -31.64 15.48
CA PHE F 8 -23.60 -32.96 16.11
C PHE F 8 -23.94 -34.01 15.08
N TYR F 9 -23.12 -35.06 15.01
CA TYR F 9 -23.28 -36.15 14.07
C TYR F 9 -23.47 -37.45 14.82
N THR F 10 -24.33 -38.32 14.30
CA THR F 10 -24.57 -39.63 14.88
C THR F 10 -24.79 -40.65 13.77
N SER F 11 -23.93 -41.66 13.72
CA SER F 11 -24.01 -42.73 12.72
C SER F 11 -24.11 -44.06 13.45
N VAL F 12 -25.26 -44.71 13.35
CA VAL F 12 -25.53 -45.99 13.99
C VAL F 12 -25.55 -47.07 12.92
N SER F 13 -24.63 -48.02 13.01
CA SER F 13 -24.56 -49.11 12.04
C SER F 13 -25.72 -50.07 12.25
N ARG F 14 -26.26 -50.58 11.14
CA ARG F 14 -27.37 -51.53 11.15
C ARG F 14 -26.99 -52.70 10.25
N PRO F 15 -26.24 -53.66 10.78
CA PRO F 15 -25.80 -54.80 9.95
C PRO F 15 -27.00 -55.64 9.52
N GLY F 16 -27.23 -55.69 8.22
CA GLY F 16 -28.31 -56.45 7.63
C GLY F 16 -29.52 -55.64 7.24
N ARG F 17 -29.64 -54.41 7.74
CA ARG F 17 -30.76 -53.52 7.42
C ARG F 17 -30.17 -52.22 6.88
N GLY F 18 -29.91 -52.18 5.58
CA GLY F 18 -29.41 -51.00 4.90
C GLY F 18 -28.06 -50.54 5.40
N GLU F 19 -27.81 -49.25 5.21
CA GLU F 19 -26.59 -48.58 5.63
C GLU F 19 -26.77 -47.91 6.98
N PRO F 20 -25.69 -47.54 7.65
CA PRO F 20 -25.81 -46.84 8.93
C PRO F 20 -26.70 -45.60 8.83
N ARG F 21 -27.49 -45.37 9.87
CA ARG F 21 -28.35 -44.21 9.93
C ARG F 21 -27.55 -42.98 10.37
N PHE F 22 -27.63 -41.92 9.58
CA PHE F 22 -26.88 -40.69 9.83
C PHE F 22 -27.85 -39.58 10.23
N ILE F 23 -27.67 -39.06 11.44
CA ILE F 23 -28.46 -37.94 11.95
C ILE F 23 -27.51 -36.78 12.24
N ALA F 24 -27.84 -35.61 11.70
CA ALA F 24 -26.99 -34.43 11.84
C ALA F 24 -27.85 -33.26 12.30
N VAL F 25 -27.38 -32.54 13.32
CA VAL F 25 -28.09 -31.37 13.83
C VAL F 25 -27.08 -30.25 14.04
N GLY F 26 -27.48 -29.03 13.68
CA GLY F 26 -26.64 -27.87 13.91
C GLY F 26 -27.26 -26.91 14.91
N TYR F 27 -26.48 -26.49 15.91
CA TYR F 27 -26.98 -25.63 16.97
C TYR F 27 -26.19 -24.32 16.97
N VAL F 28 -26.90 -23.20 16.89
CA VAL F 28 -26.33 -21.89 17.21
C VAL F 28 -26.73 -21.58 18.63
N ASP F 29 -25.73 -21.41 19.50
CA ASP F 29 -25.95 -21.28 20.94
C ASP F 29 -26.75 -22.47 21.46
N ASP F 30 -28.01 -22.24 21.84
CA ASP F 30 -28.88 -23.30 22.33
C ASP F 30 -30.09 -23.50 21.42
N THR F 31 -30.01 -23.07 20.16
CA THR F 31 -31.12 -23.14 19.23
C THR F 31 -30.71 -23.95 18.01
N GLN F 32 -31.52 -24.96 17.68
CA GLN F 32 -31.30 -25.76 16.48
C GLN F 32 -31.75 -25.00 15.25
N PHE F 33 -31.00 -25.15 14.15
CA PHE F 33 -31.35 -24.49 12.90
C PHE F 33 -31.25 -25.36 11.66
N VAL F 34 -30.53 -26.49 11.70
CA VAL F 34 -30.45 -27.39 10.55
C VAL F 34 -30.63 -28.83 11.02
N ARG F 35 -30.98 -29.68 10.07
CA ARG F 35 -31.27 -31.08 10.36
C ARG F 35 -31.03 -31.92 9.12
N PHE F 36 -30.53 -33.14 9.33
CA PHE F 36 -30.42 -34.11 8.25
C PHE F 36 -30.58 -35.51 8.83
N ASP F 37 -31.47 -36.30 8.24
CA ASP F 37 -31.69 -37.68 8.61
C ASP F 37 -31.51 -38.55 7.37
N SER F 38 -30.63 -39.55 7.48
CA SER F 38 -30.38 -40.42 6.34
C SER F 38 -31.58 -41.31 6.03
N ASP F 39 -32.40 -41.61 7.03
CA ASP F 39 -33.59 -42.43 6.84
C ASP F 39 -34.84 -41.60 6.53
N ALA F 40 -34.68 -40.32 6.19
CA ALA F 40 -35.81 -39.48 5.85
C ALA F 40 -36.18 -39.64 4.38
N ALA F 41 -37.29 -39.03 3.99
CA ALA F 41 -37.71 -39.04 2.59
C ALA F 41 -37.17 -37.85 1.80
N SER F 42 -36.97 -36.72 2.46
CA SER F 42 -36.46 -35.54 1.75
C SER F 42 -35.03 -35.76 1.26
N GLN F 43 -34.21 -36.47 2.06
CA GLN F 43 -32.79 -36.64 1.77
C GLN F 43 -32.12 -35.31 1.50
N ARG F 44 -32.45 -34.32 2.32
CA ARG F 44 -31.97 -32.96 2.12
C ARG F 44 -31.84 -32.28 3.47
N MET F 45 -30.92 -31.33 3.56
CA MET F 45 -30.75 -30.55 4.77
C MET F 45 -32.00 -29.70 5.02
N GLU F 46 -32.69 -29.98 6.12
CA GLU F 46 -33.93 -29.25 6.29
C GLU F 46 -33.76 -28.13 7.31
N PRO F 47 -34.42 -26.99 7.08
CA PRO F 47 -34.38 -25.92 8.07
C PRO F 47 -35.12 -26.30 9.34
N ARG F 48 -34.62 -25.79 10.46
CA ARG F 48 -35.28 -26.03 11.75
C ARG F 48 -35.34 -24.75 12.58
N ALA F 49 -35.29 -23.59 11.94
CA ALA F 49 -35.34 -22.30 12.62
C ALA F 49 -35.91 -21.29 11.66
N PRO F 50 -36.52 -20.21 12.17
CA PRO F 50 -37.12 -19.22 11.26
C PRO F 50 -36.10 -18.33 10.56
N TRP F 51 -34.95 -18.09 11.18
CA TRP F 51 -33.97 -17.18 10.62
C TRP F 51 -33.04 -17.84 9.61
N ILE F 52 -33.08 -19.16 9.48
CA ILE F 52 -32.23 -19.85 8.51
C ILE F 52 -32.91 -20.04 7.17
N GLU F 53 -34.23 -19.84 7.08
CA GLU F 53 -34.91 -19.94 5.80
C GLU F 53 -34.56 -18.81 4.85
N GLN F 54 -33.88 -17.76 5.35
CA GLN F 54 -33.47 -16.66 4.50
C GLN F 54 -32.49 -17.12 3.42
N GLU F 55 -31.69 -18.13 3.71
CA GLU F 55 -30.69 -18.60 2.76
C GLU F 55 -31.36 -19.25 1.55
N GLY F 56 -30.80 -18.98 0.37
CA GLY F 56 -31.41 -19.41 -0.87
C GLY F 56 -31.15 -20.87 -1.16
N PRO F 57 -31.61 -21.31 -2.34
CA PRO F 57 -31.44 -22.71 -2.72
C PRO F 57 -29.98 -23.14 -2.81
N GLU F 58 -29.06 -22.22 -3.08
CA GLU F 58 -27.64 -22.58 -3.14
C GLU F 58 -27.14 -23.07 -1.78
N TYR F 59 -27.55 -22.39 -0.71
CA TYR F 59 -27.13 -22.79 0.63
C TYR F 59 -27.65 -24.18 0.97
N TRP F 60 -28.91 -24.45 0.67
CA TRP F 60 -29.52 -25.74 0.99
C TRP F 60 -29.07 -26.85 0.05
N ASP F 61 -28.45 -26.51 -1.08
CA ASP F 61 -27.89 -27.53 -1.97
C ASP F 61 -26.49 -27.97 -1.54
N GLN F 62 -25.63 -27.02 -1.16
CA GLN F 62 -24.27 -27.38 -0.77
C GLN F 62 -24.24 -28.01 0.60
N GLU F 63 -25.01 -27.48 1.56
CA GLU F 63 -25.10 -28.12 2.87
C GLU F 63 -25.69 -29.52 2.76
N THR F 64 -26.62 -29.74 1.84
CA THR F 64 -27.11 -31.09 1.59
C THR F 64 -25.98 -31.98 1.10
N ARG F 65 -25.22 -31.51 0.10
CA ARG F 65 -24.13 -32.30 -0.44
C ARG F 65 -23.03 -32.54 0.59
N ASN F 66 -22.63 -31.48 1.30
CA ASN F 66 -21.52 -31.61 2.24
C ASN F 66 -21.87 -32.54 3.39
N VAL F 67 -23.10 -32.46 3.90
CA VAL F 67 -23.46 -33.32 5.02
C VAL F 67 -23.66 -34.77 4.56
N LYS F 68 -24.10 -34.97 3.31
CA LYS F 68 -24.16 -36.33 2.78
C LYS F 68 -22.78 -36.91 2.59
N ALA F 69 -21.77 -36.05 2.41
CA ALA F 69 -20.40 -36.53 2.32
C ALA F 69 -19.95 -37.18 3.63
N GLN F 70 -20.31 -36.56 4.76
CA GLN F 70 -19.94 -37.12 6.05
C GLN F 70 -20.61 -38.47 6.29
N SER F 71 -21.81 -38.67 5.75
CA SER F 71 -22.45 -39.98 5.86
C SER F 71 -21.64 -41.04 5.15
N GLN F 72 -21.14 -40.73 3.95
CA GLN F 72 -20.27 -41.67 3.24
C GLN F 72 -18.98 -41.92 4.01
N THR F 73 -18.38 -40.87 4.56
CA THR F 73 -17.14 -41.04 5.33
C THR F 73 -17.39 -41.92 6.55
N ASP F 74 -18.48 -41.66 7.27
CA ASP F 74 -18.76 -42.43 8.48
C ASP F 74 -19.10 -43.88 8.16
N ARG F 75 -19.72 -44.14 7.00
CA ARG F 75 -20.07 -45.51 6.63
C ARG F 75 -18.83 -46.40 6.63
N VAL F 76 -17.77 -45.98 5.94
CA VAL F 76 -16.55 -46.78 5.90
C VAL F 76 -15.81 -46.72 7.23
N ASP F 77 -16.04 -45.69 8.04
CA ASP F 77 -15.36 -45.60 9.34
C ASP F 77 -15.93 -46.60 10.33
N LEU F 78 -17.23 -46.92 10.22
CA LEU F 78 -17.80 -47.95 11.08
C LEU F 78 -17.11 -49.29 10.87
N GLY F 79 -16.83 -49.64 9.61
CA GLY F 79 -16.12 -50.88 9.33
C GLY F 79 -14.67 -50.82 9.77
N THR F 80 -14.01 -49.68 9.55
CA THR F 80 -12.61 -49.54 9.95
C THR F 80 -12.46 -49.66 11.46
N LEU F 81 -13.35 -49.00 12.22
CA LEU F 81 -13.26 -49.08 13.67
C LEU F 81 -13.67 -50.45 14.19
N ARG F 82 -14.56 -51.15 13.47
CA ARG F 82 -14.92 -52.50 13.86
C ARG F 82 -13.72 -53.44 13.79
N GLY F 83 -12.94 -53.35 12.71
CA GLY F 83 -11.74 -54.16 12.60
C GLY F 83 -10.69 -53.77 13.61
N TYR F 84 -10.60 -52.47 13.92
CA TYR F 84 -9.65 -52.01 14.93
C TYR F 84 -9.91 -52.67 16.28
N TYR F 85 -11.18 -52.78 16.66
CA TYR F 85 -11.56 -53.32 17.96
C TYR F 85 -11.87 -54.81 17.94
N ASN F 86 -11.76 -55.44 16.77
CA ASN F 86 -12.05 -56.86 16.61
C ASN F 86 -13.45 -57.20 17.12
N GLN F 87 -14.43 -56.53 16.54
CA GLN F 87 -15.83 -56.65 16.93
C GLN F 87 -16.60 -57.48 15.92
N SER F 88 -17.74 -58.01 16.36
CA SER F 88 -18.54 -58.88 15.51
C SER F 88 -19.11 -58.12 14.32
N GLU F 89 -19.18 -58.81 13.18
CA GLU F 89 -19.66 -58.21 11.94
C GLU F 89 -21.17 -57.99 11.94
N ASP F 90 -21.89 -58.53 12.92
CA ASP F 90 -23.34 -58.42 13.00
C ASP F 90 -23.81 -57.46 14.09
N GLY F 91 -22.88 -56.87 14.85
CA GLY F 91 -23.26 -55.99 15.95
C GLY F 91 -23.37 -54.55 15.51
N SER F 92 -24.32 -53.83 16.10
CA SER F 92 -24.53 -52.43 15.80
C SER F 92 -23.63 -51.56 16.67
N HIS F 93 -23.01 -50.56 16.06
CA HIS F 93 -22.10 -49.66 16.75
C HIS F 93 -22.36 -48.24 16.28
N THR F 94 -21.88 -47.26 17.05
CA THR F 94 -22.22 -45.87 16.81
C THR F 94 -20.98 -44.98 16.85
N ILE F 95 -20.94 -44.02 15.92
CA ILE F 95 -19.87 -43.02 15.84
C ILE F 95 -20.51 -41.65 15.96
N GLN F 96 -19.99 -40.84 16.88
CA GLN F 96 -20.51 -39.51 17.14
C GLN F 96 -19.41 -38.47 16.94
N ILE F 97 -19.77 -37.34 16.35
CA ILE F 97 -18.84 -36.26 16.07
C ILE F 97 -19.47 -34.95 16.55
N MET F 98 -18.67 -34.12 17.21
CA MET F 98 -19.08 -32.77 17.58
C MET F 98 -17.94 -31.82 17.26
N TYR F 99 -18.24 -30.79 16.47
CA TYR F 99 -17.28 -29.75 16.15
C TYR F 99 -17.98 -28.41 16.11
N GLY F 100 -17.21 -27.34 16.30
CA GLY F 100 -17.78 -26.03 16.28
C GLY F 100 -16.77 -24.97 16.67
N CYS F 101 -17.22 -23.72 16.60
CA CYS F 101 -16.40 -22.56 16.89
C CYS F 101 -17.11 -21.67 17.91
N ASP F 102 -16.32 -20.90 18.65
CA ASP F 102 -16.83 -19.97 19.65
C ASP F 102 -16.26 -18.59 19.38
N VAL F 103 -17.13 -17.60 19.28
CA VAL F 103 -16.71 -16.21 19.15
C VAL F 103 -16.96 -15.50 20.47
N GLY F 104 -16.39 -14.31 20.60
CA GLY F 104 -16.67 -13.45 21.72
C GLY F 104 -17.65 -12.38 21.34
N PRO F 105 -17.90 -11.43 22.25
CA PRO F 105 -18.72 -10.27 21.87
C PRO F 105 -18.11 -9.47 20.74
N ASP F 106 -16.79 -9.52 20.59
CA ASP F 106 -16.13 -8.81 19.49
C ASP F 106 -16.46 -9.41 18.13
N GLY F 107 -16.93 -10.65 18.09
CA GLY F 107 -17.16 -11.35 16.84
C GLY F 107 -15.94 -12.06 16.30
N ARG F 108 -14.87 -12.19 17.08
CA ARG F 108 -13.63 -12.81 16.65
C ARG F 108 -13.52 -14.22 17.22
N PHE F 109 -12.64 -15.01 16.60
CA PHE F 109 -12.43 -16.39 17.02
C PHE F 109 -11.90 -16.46 18.45
N LEU F 110 -12.49 -17.36 19.23
CA LEU F 110 -12.06 -17.60 20.61
C LEU F 110 -11.62 -19.03 20.83
N ARG F 111 -12.41 -20.02 20.40
CA ARG F 111 -12.06 -21.41 20.60
C ARG F 111 -12.65 -22.24 19.47
N GLY F 112 -12.04 -23.40 19.25
CA GLY F 112 -12.54 -24.35 18.28
C GLY F 112 -12.49 -25.75 18.84
N TYR F 113 -13.44 -26.57 18.41
CA TYR F 113 -13.59 -27.92 18.93
C TYR F 113 -13.79 -28.92 17.79
N ARG F 114 -13.25 -30.13 18.01
CA ARG F 114 -13.50 -31.26 17.13
C ARG F 114 -13.27 -32.51 17.95
N GLN F 115 -14.32 -33.29 18.17
CA GLN F 115 -14.27 -34.45 19.04
C GLN F 115 -15.05 -35.58 18.42
N ASP F 116 -14.44 -36.76 18.34
CA ASP F 116 -15.10 -37.94 17.80
C ASP F 116 -15.13 -39.03 18.86
N ALA F 117 -16.15 -39.89 18.78
CA ALA F 117 -16.38 -40.94 19.77
C ALA F 117 -16.87 -42.20 19.08
N TYR F 118 -16.58 -43.34 19.72
CA TYR F 118 -17.01 -44.64 19.24
C TYR F 118 -17.67 -45.39 20.39
N ASP F 119 -18.92 -45.82 20.18
CA ASP F 119 -19.69 -46.56 21.18
C ASP F 119 -19.80 -45.77 22.49
N GLY F 120 -20.00 -44.46 22.39
CA GLY F 120 -20.20 -43.65 23.56
C GLY F 120 -18.97 -43.41 24.40
N LYS F 121 -17.78 -43.59 23.84
CA LYS F 121 -16.53 -43.31 24.53
C LYS F 121 -15.64 -42.48 23.63
N ASP F 122 -14.83 -41.63 24.25
CA ASP F 122 -13.90 -40.79 23.50
C ASP F 122 -13.00 -41.64 22.62
N TYR F 123 -12.83 -41.23 21.37
CA TYR F 123 -11.93 -41.90 20.44
C TYR F 123 -10.74 -41.01 20.09
N ILE F 124 -10.99 -39.87 19.44
CA ILE F 124 -9.94 -38.90 19.12
C ILE F 124 -10.52 -37.52 19.33
N ALA F 125 -9.63 -36.55 19.53
CA ALA F 125 -10.07 -35.18 19.80
C ALA F 125 -9.00 -34.20 19.36
N LEU F 126 -9.43 -33.15 18.65
CA LEU F 126 -8.55 -32.04 18.33
C LEU F 126 -8.24 -31.25 19.59
N ASN F 127 -6.96 -31.03 19.86
CA ASN F 127 -6.56 -30.25 21.02
C ASN F 127 -6.88 -28.77 20.80
N GLU F 128 -6.79 -28.00 21.89
CA GLU F 128 -7.14 -26.59 21.80
C GLU F 128 -6.18 -25.81 20.91
N ASP F 129 -4.95 -26.30 20.70
CA ASP F 129 -4.03 -25.62 19.80
C ASP F 129 -4.50 -25.70 18.36
N LEU F 130 -5.45 -26.59 18.05
CA LEU F 130 -5.94 -26.82 16.69
C LEU F 130 -4.82 -27.30 15.77
N ARG F 131 -3.81 -27.96 16.35
CA ARG F 131 -2.66 -28.43 15.60
C ARG F 131 -2.25 -29.87 15.92
N SER F 132 -2.88 -30.50 16.92
CA SER F 132 -2.50 -31.85 17.31
C SER F 132 -3.72 -32.57 17.86
N TRP F 133 -3.65 -33.90 17.86
CA TRP F 133 -4.77 -34.75 18.27
C TRP F 133 -4.43 -35.51 19.55
N THR F 134 -5.48 -35.88 20.28
CA THR F 134 -5.35 -36.69 21.49
C THR F 134 -6.13 -37.98 21.30
N ALA F 135 -5.41 -39.10 21.30
CA ALA F 135 -6.04 -40.40 21.16
C ALA F 135 -6.38 -40.98 22.53
N ALA F 136 -7.46 -41.76 22.58
CA ALA F 136 -7.94 -42.33 23.83
C ALA F 136 -7.34 -43.72 24.07
N ASP F 137 -7.59 -44.65 23.14
CA ASP F 137 -7.07 -46.01 23.23
C ASP F 137 -5.95 -46.20 22.21
N MET F 138 -5.49 -47.45 22.10
CA MET F 138 -4.41 -47.74 21.16
C MET F 138 -4.89 -47.75 19.72
N ALA F 139 -6.13 -48.20 19.48
CA ALA F 139 -6.69 -48.19 18.14
C ALA F 139 -6.89 -46.77 17.62
N ALA F 140 -7.04 -45.79 18.52
CA ALA F 140 -7.21 -44.42 18.09
C ALA F 140 -5.91 -43.84 17.54
N GLN F 141 -4.76 -44.36 17.98
CA GLN F 141 -3.49 -43.87 17.46
C GLN F 141 -3.30 -44.25 16.00
N ILE F 142 -3.91 -45.36 15.56
CA ILE F 142 -3.94 -45.68 14.15
C ILE F 142 -4.61 -44.56 13.37
N THR F 143 -5.73 -44.06 13.89
CA THR F 143 -6.38 -42.89 13.28
C THR F 143 -5.51 -41.64 13.41
N LYS F 144 -4.88 -41.46 14.57
CA LYS F 144 -4.03 -40.29 14.77
C LYS F 144 -2.86 -40.28 13.78
N ARG F 145 -2.21 -41.43 13.58
CA ARG F 145 -1.06 -41.47 12.69
C ARG F 145 -1.47 -41.19 11.26
N LYS F 146 -2.63 -41.70 10.83
CA LYS F 146 -3.14 -41.37 9.50
C LYS F 146 -3.50 -39.90 9.40
N TRP F 147 -4.20 -39.38 10.40
CA TRP F 147 -4.62 -37.98 10.38
C TRP F 147 -3.44 -37.03 10.53
N GLU F 148 -2.33 -37.48 11.12
CA GLU F 148 -1.14 -36.63 11.19
C GLU F 148 -0.45 -36.56 9.85
N ALA F 149 -0.40 -37.67 9.11
CA ALA F 149 0.21 -37.68 7.80
C ALA F 149 -0.66 -37.00 6.76
N ALA F 150 -1.96 -36.86 7.01
CA ALA F 150 -2.86 -36.19 6.09
C ALA F 150 -3.06 -34.72 6.42
N HIS F 151 -2.37 -34.22 7.45
CA HIS F 151 -2.49 -32.82 7.88
C HIS F 151 -3.95 -32.46 8.14
N ALA F 152 -4.68 -33.37 8.78
CA ALA F 152 -6.08 -33.11 9.09
C ALA F 152 -6.25 -31.97 10.07
N ALA F 153 -5.27 -31.78 10.97
CA ALA F 153 -5.37 -30.67 11.93
C ALA F 153 -5.38 -29.32 11.21
N GLU F 154 -4.52 -29.16 10.21
CA GLU F 154 -4.51 -27.91 9.45
C GLU F 154 -5.83 -27.72 8.72
N GLN F 155 -6.36 -28.78 8.11
CA GLN F 155 -7.61 -28.67 7.36
C GLN F 155 -8.77 -28.31 8.28
N GLN F 156 -8.83 -28.93 9.45
CA GLN F 156 -9.91 -28.60 10.39
C GLN F 156 -9.73 -27.21 10.96
N ARG F 157 -8.48 -26.79 11.20
CA ARG F 157 -8.23 -25.44 11.69
C ARG F 157 -8.69 -24.40 10.67
N ALA F 158 -8.49 -24.68 9.38
CA ALA F 158 -8.91 -23.74 8.35
C ALA F 158 -10.40 -23.48 8.39
N TYR F 159 -11.20 -24.52 8.68
CA TYR F 159 -12.63 -24.33 8.84
C TYR F 159 -12.95 -23.61 10.15
N LEU F 160 -12.38 -24.09 11.26
CA LEU F 160 -12.73 -23.56 12.57
C LEU F 160 -12.35 -22.09 12.70
N GLU F 161 -11.13 -21.74 12.28
CA GLU F 161 -10.69 -20.34 12.32
C GLU F 161 -11.23 -19.53 11.16
N GLY F 162 -11.73 -20.16 10.10
CA GLY F 162 -12.24 -19.44 8.95
C GLY F 162 -13.74 -19.56 8.75
N ARG F 163 -14.15 -20.50 7.89
CA ARG F 163 -15.54 -20.56 7.46
C ARG F 163 -16.51 -20.68 8.62
N CYS F 164 -16.08 -21.22 9.76
CA CYS F 164 -16.97 -21.39 10.90
C CYS F 164 -17.39 -20.06 11.49
N VAL F 165 -16.41 -19.26 11.92
CA VAL F 165 -16.72 -18.00 12.59
C VAL F 165 -17.41 -17.03 11.64
N GLU F 166 -17.07 -17.08 10.35
CA GLU F 166 -17.68 -16.17 9.38
C GLU F 166 -19.18 -16.42 9.29
N TRP F 167 -19.59 -17.68 9.19
CA TRP F 167 -21.01 -17.98 9.07
C TRP F 167 -21.76 -17.85 10.39
N LEU F 168 -21.07 -18.07 11.52
CA LEU F 168 -21.71 -17.83 12.81
C LEU F 168 -22.04 -16.35 13.00
N ARG F 169 -21.15 -15.47 12.55
CA ARG F 169 -21.48 -14.04 12.57
C ARG F 169 -22.68 -13.75 11.67
N ARG F 170 -22.73 -14.40 10.51
CA ARG F 170 -23.86 -14.20 9.60
C ARG F 170 -25.15 -14.71 10.21
N TYR F 171 -25.11 -15.90 10.83
CA TYR F 171 -26.31 -16.45 11.46
C TYR F 171 -26.78 -15.56 12.61
N LEU F 172 -25.85 -15.08 13.44
CA LEU F 172 -26.21 -14.25 14.58
C LEU F 172 -26.92 -12.97 14.15
N GLU F 173 -26.42 -12.33 13.09
CA GLU F 173 -27.04 -11.11 12.62
C GLU F 173 -28.34 -11.40 11.86
N ASN F 174 -28.43 -12.54 11.19
CA ASN F 174 -29.66 -12.89 10.51
C ASN F 174 -30.80 -13.17 11.48
N GLY F 175 -30.48 -13.56 12.70
CA GLY F 175 -31.51 -13.84 13.70
C GLY F 175 -31.25 -13.11 15.00
N LYS F 176 -30.96 -11.80 14.93
CA LYS F 176 -30.66 -11.03 16.13
C LYS F 176 -31.79 -11.12 17.16
N GLU F 177 -33.04 -11.08 16.68
CA GLU F 177 -34.17 -11.06 17.60
C GLU F 177 -34.29 -12.36 18.37
N THR F 178 -34.06 -13.50 17.71
CA THR F 178 -34.29 -14.79 18.33
C THR F 178 -33.03 -15.41 18.93
N LEU F 179 -31.84 -14.93 18.58
CA LEU F 179 -30.60 -15.53 19.05
C LEU F 179 -29.90 -14.68 20.10
N GLN F 180 -29.77 -13.38 19.87
CA GLN F 180 -29.14 -12.48 20.82
C GLN F 180 -30.09 -12.01 21.92
N ARG F 181 -31.29 -12.59 21.98
CA ARG F 181 -32.26 -12.27 23.01
C ARG F 181 -31.81 -12.85 24.36
N THR F 182 -32.60 -12.57 25.39
CA THR F 182 -32.38 -13.17 26.70
C THR F 182 -33.72 -13.13 27.46
N ASP F 183 -34.39 -14.29 27.53
CA ASP F 183 -35.68 -14.38 28.20
C ASP F 183 -35.45 -14.73 29.67
N PRO F 184 -35.83 -13.86 30.60
CA PRO F 184 -35.56 -14.12 32.02
C PRO F 184 -36.51 -15.18 32.54
N PRO F 185 -36.15 -15.85 33.63
CA PRO F 185 -37.01 -16.92 34.16
C PRO F 185 -38.31 -16.36 34.74
N LYS F 186 -39.34 -17.21 34.72
CA LYS F 186 -40.62 -16.89 35.32
C LYS F 186 -40.72 -17.63 36.65
N THR F 187 -40.16 -17.01 37.69
CA THR F 187 -40.04 -17.67 38.98
C THR F 187 -41.37 -17.70 39.71
N HIS F 188 -41.65 -18.84 40.34
CA HIS F 188 -42.82 -19.01 41.19
C HIS F 188 -42.55 -20.18 42.13
N MET F 189 -43.33 -20.26 43.20
CA MET F 189 -43.10 -21.25 44.24
C MET F 189 -44.40 -21.97 44.57
N THR F 190 -44.27 -23.25 44.94
CA THR F 190 -45.40 -24.07 45.32
C THR F 190 -45.07 -24.81 46.62
N HIS F 191 -46.12 -25.27 47.30
CA HIS F 191 -45.98 -25.84 48.64
C HIS F 191 -46.88 -27.07 48.75
N HIS F 192 -46.30 -28.21 49.10
CA HIS F 192 -47.01 -29.49 49.11
C HIS F 192 -46.74 -30.23 50.41
N PRO F 193 -47.70 -30.23 51.34
CA PRO F 193 -47.54 -31.04 52.56
C PRO F 193 -47.45 -32.52 52.23
N ILE F 194 -46.41 -33.16 52.76
CA ILE F 194 -46.29 -34.61 52.64
C ILE F 194 -46.96 -35.32 53.81
N SER F 195 -47.07 -34.67 54.95
CA SER F 195 -47.73 -35.23 56.12
C SER F 195 -48.34 -34.08 56.91
N ASP F 196 -48.69 -34.34 58.16
CA ASP F 196 -49.20 -33.28 59.03
C ASP F 196 -48.08 -32.46 59.68
N HIS F 197 -46.83 -32.91 59.55
CA HIS F 197 -45.70 -32.26 60.21
C HIS F 197 -44.61 -31.82 59.26
N GLU F 198 -44.73 -32.10 57.96
CA GLU F 198 -43.68 -31.75 57.02
C GLU F 198 -44.30 -31.34 55.69
N ALA F 199 -43.52 -30.63 54.89
CA ALA F 199 -43.98 -30.12 53.60
C ALA F 199 -42.82 -30.08 52.63
N THR F 200 -43.15 -29.90 51.35
CA THR F 200 -42.17 -29.87 50.26
C THR F 200 -42.27 -28.53 49.56
N LEU F 201 -41.49 -27.57 50.02
CA LEU F 201 -41.38 -26.28 49.35
C LEU F 201 -40.60 -26.46 48.05
N ARG F 202 -41.20 -26.06 46.92
CA ARG F 202 -40.62 -26.33 45.61
C ARG F 202 -40.49 -25.03 44.81
N CYS F 203 -39.25 -24.62 44.58
CA CYS F 203 -38.95 -23.46 43.75
C CYS F 203 -39.04 -23.83 42.28
N TRP F 204 -39.54 -22.90 41.46
CA TRP F 204 -39.74 -23.15 40.05
C TRP F 204 -39.06 -22.06 39.22
N ALA F 205 -38.77 -22.38 37.96
CA ALA F 205 -38.23 -21.43 37.00
C ALA F 205 -38.68 -21.87 35.62
N LEU F 206 -39.45 -21.01 34.94
CA LEU F 206 -40.07 -21.36 33.68
C LEU F 206 -39.68 -20.36 32.60
N GLY F 207 -39.61 -20.86 31.36
CA GLY F 207 -39.44 -20.03 30.19
C GLY F 207 -38.22 -19.14 30.17
N PHE F 208 -37.02 -19.72 30.24
CA PHE F 208 -35.79 -18.96 30.20
C PHE F 208 -34.90 -19.46 29.07
N TYR F 209 -34.13 -18.53 28.50
CA TYR F 209 -33.19 -18.77 27.41
C TYR F 209 -32.01 -17.84 27.62
N PRO F 210 -30.77 -18.35 27.63
CA PRO F 210 -30.35 -19.74 27.41
C PRO F 210 -30.63 -20.63 28.62
N ALA F 211 -30.18 -21.88 28.58
CA ALA F 211 -30.47 -22.84 29.64
C ALA F 211 -29.57 -22.68 30.86
N GLU F 212 -28.55 -21.84 30.81
CA GLU F 212 -27.63 -21.67 31.92
C GLU F 212 -28.34 -20.97 33.07
N ILE F 213 -28.73 -21.74 34.09
CA ILE F 213 -29.40 -21.22 35.27
C ILE F 213 -28.89 -22.00 36.48
N THR F 214 -29.05 -21.40 37.66
CA THR F 214 -28.61 -22.02 38.91
C THR F 214 -29.62 -21.67 39.99
N LEU F 215 -30.34 -22.69 40.48
CA LEU F 215 -31.31 -22.52 41.56
C LEU F 215 -30.75 -23.18 42.82
N THR F 216 -30.65 -22.41 43.90
CA THR F 216 -30.10 -22.89 45.15
C THR F 216 -31.07 -22.60 46.29
N TRP F 217 -31.10 -23.51 47.27
CA TRP F 217 -31.90 -23.34 48.47
C TRP F 217 -30.99 -23.03 49.65
N GLN F 218 -31.44 -22.13 50.52
CA GLN F 218 -30.65 -21.71 51.67
C GLN F 218 -31.53 -21.60 52.90
N ARG F 219 -31.03 -22.11 54.01
CA ARG F 219 -31.71 -22.07 55.30
C ARG F 219 -31.02 -21.03 56.19
N ASP F 220 -31.51 -19.80 56.13
CA ASP F 220 -30.94 -18.67 56.87
C ASP F 220 -29.46 -18.49 56.55
N GLY F 221 -29.11 -18.61 55.27
CA GLY F 221 -27.75 -18.50 54.79
C GLY F 221 -27.04 -19.82 54.62
N GLU F 222 -27.40 -20.82 55.43
CA GLU F 222 -26.78 -22.14 55.33
C GLU F 222 -27.28 -22.84 54.07
N ASP F 223 -26.36 -23.13 53.14
CA ASP F 223 -26.73 -23.75 51.88
C ASP F 223 -27.30 -25.15 52.07
N GLN F 224 -28.58 -25.32 51.76
CA GLN F 224 -29.23 -26.63 51.85
C GLN F 224 -29.08 -27.37 50.52
N THR F 225 -27.86 -27.84 50.28
CA THR F 225 -27.52 -28.57 49.07
C THR F 225 -27.48 -30.08 49.29
N GLN F 226 -27.97 -30.55 50.45
CA GLN F 226 -27.98 -31.98 50.78
C GLN F 226 -29.37 -32.59 50.70
N ASP F 227 -30.38 -31.90 51.23
CA ASP F 227 -31.77 -32.34 51.12
C ASP F 227 -32.45 -31.78 49.88
N THR F 228 -31.74 -31.00 49.08
CA THR F 228 -32.32 -30.39 47.89
C THR F 228 -32.52 -31.44 46.80
N GLU F 229 -33.42 -31.13 45.86
CA GLU F 229 -33.74 -32.02 44.75
C GLU F 229 -33.79 -31.18 43.48
N LEU F 230 -32.64 -31.01 42.85
CA LEU F 230 -32.55 -30.30 41.58
C LEU F 230 -32.77 -31.28 40.43
N VAL F 231 -33.51 -30.83 39.42
CA VAL F 231 -33.81 -31.66 38.26
C VAL F 231 -33.02 -31.13 37.06
N GLU F 232 -32.93 -31.96 36.03
CA GLU F 232 -32.23 -31.57 34.82
C GLU F 232 -33.02 -30.49 34.09
N THR F 233 -32.30 -29.51 33.54
CA THR F 233 -32.92 -28.45 32.76
C THR F 233 -33.64 -29.05 31.55
N ARG F 234 -34.97 -28.98 31.56
CA ARG F 234 -35.77 -29.64 30.55
C ARG F 234 -36.28 -28.65 29.51
N PRO F 235 -36.22 -29.01 28.23
CA PRO F 235 -36.75 -28.13 27.18
C PRO F 235 -38.27 -28.13 27.22
N ALA F 236 -38.85 -26.93 27.17
CA ALA F 236 -40.30 -26.81 27.17
C ALA F 236 -40.89 -27.21 25.82
N GLY F 237 -40.20 -26.89 24.74
CA GLY F 237 -40.69 -27.13 23.40
C GLY F 237 -40.96 -25.86 22.61
N ASP F 238 -40.94 -24.70 23.27
CA ASP F 238 -41.10 -23.41 22.60
C ASP F 238 -39.78 -22.71 22.38
N GLY F 239 -38.66 -23.37 22.66
CA GLY F 239 -37.35 -22.77 22.60
C GLY F 239 -36.79 -22.36 23.94
N THR F 240 -37.63 -22.26 24.96
CA THR F 240 -37.21 -21.96 26.31
C THR F 240 -37.10 -23.24 27.13
N PHE F 241 -36.59 -23.10 28.35
CA PHE F 241 -36.29 -24.25 29.19
C PHE F 241 -36.90 -24.05 30.58
N GLN F 242 -37.01 -25.16 31.31
CA GLN F 242 -37.57 -25.17 32.66
C GLN F 242 -36.61 -25.87 33.61
N LYS F 243 -36.75 -25.54 34.89
CA LYS F 243 -35.99 -26.17 35.96
C LYS F 243 -36.65 -25.87 37.30
N TRP F 244 -36.82 -26.87 38.15
CA TRP F 244 -37.39 -26.66 39.48
C TRP F 244 -36.54 -27.37 40.52
N ALA F 245 -36.51 -26.81 41.72
CA ALA F 245 -35.77 -27.36 42.84
C ALA F 245 -36.66 -27.33 44.08
N ALA F 246 -36.65 -28.42 44.85
CA ALA F 246 -37.50 -28.55 46.01
C ALA F 246 -36.68 -28.96 47.22
N VAL F 247 -37.15 -28.55 48.39
CA VAL F 247 -36.56 -28.94 49.67
C VAL F 247 -37.70 -29.29 50.63
N VAL F 248 -37.50 -30.34 51.44
CA VAL F 248 -38.56 -30.74 52.41
C VAL F 248 -38.41 -29.85 53.65
N VAL F 249 -39.49 -29.22 54.09
CA VAL F 249 -39.38 -28.25 55.23
C VAL F 249 -40.35 -28.67 56.34
N PRO F 250 -40.03 -28.36 57.63
CA PRO F 250 -40.94 -28.65 58.72
C PRO F 250 -42.26 -27.92 58.54
N SER F 251 -43.34 -28.49 59.08
CA SER F 251 -44.69 -27.88 58.91
C SER F 251 -44.65 -26.36 59.06
N GLY F 252 -43.93 -25.85 60.06
CA GLY F 252 -43.94 -24.40 60.30
C GLY F 252 -42.54 -23.83 60.39
N GLU F 253 -41.85 -23.75 59.25
CA GLU F 253 -40.47 -23.21 59.22
C GLU F 253 -40.24 -22.63 57.82
N GLU F 254 -41.12 -22.93 56.89
CA GLU F 254 -40.98 -22.46 55.49
C GLU F 254 -40.33 -21.09 55.43
N GLN F 255 -40.83 -20.13 56.19
CA GLN F 255 -40.33 -18.73 56.10
C GLN F 255 -38.84 -18.46 56.36
N ARG F 256 -38.08 -19.51 56.69
CA ARG F 256 -36.62 -19.40 56.90
C ARG F 256 -35.90 -20.16 55.78
N TYR F 257 -36.60 -20.45 54.70
CA TYR F 257 -36.03 -21.24 53.58
C TYR F 257 -36.16 -20.30 52.40
N THR F 258 -35.08 -20.11 51.63
CA THR F 258 -35.10 -19.15 50.53
C THR F 258 -34.52 -19.78 49.27
N CYS F 259 -35.16 -19.48 48.14
CA CYS F 259 -34.66 -19.85 46.83
C CYS F 259 -33.82 -18.71 46.25
N HIS F 260 -32.83 -19.07 45.45
CA HIS F 260 -31.97 -18.09 44.79
C HIS F 260 -31.79 -18.50 43.34
N VAL F 261 -32.26 -17.66 42.43
CA VAL F 261 -32.21 -17.92 40.99
C VAL F 261 -31.17 -16.99 40.37
N GLN F 262 -30.25 -17.58 39.61
CA GLN F 262 -29.20 -16.84 38.91
C GLN F 262 -29.33 -17.13 37.42
N HIS F 263 -29.72 -16.12 36.65
CA HIS F 263 -29.82 -16.23 35.21
C HIS F 263 -29.25 -14.97 34.58
N GLU F 264 -28.79 -15.09 33.32
CA GLU F 264 -28.18 -13.96 32.65
C GLU F 264 -29.21 -12.86 32.36
N GLY F 265 -30.44 -13.26 32.03
CA GLY F 265 -31.49 -12.28 31.78
C GLY F 265 -31.94 -11.53 33.01
N LEU F 266 -31.65 -12.05 34.20
CA LEU F 266 -32.02 -11.37 35.43
C LEU F 266 -31.06 -10.22 35.69
N PRO F 267 -31.53 -8.98 35.76
CA PRO F 267 -30.61 -7.86 36.03
C PRO F 267 -29.88 -8.00 37.36
N LYS F 268 -30.54 -8.56 38.36
CA LYS F 268 -29.93 -8.88 39.65
C LYS F 268 -30.45 -10.24 40.10
N PRO F 269 -29.69 -10.95 40.92
CA PRO F 269 -30.14 -12.27 41.38
C PRO F 269 -31.47 -12.18 42.11
N LEU F 270 -32.32 -13.17 41.88
CA LEU F 270 -33.66 -13.23 42.46
C LEU F 270 -33.66 -14.10 43.69
N THR F 271 -34.28 -13.61 44.76
CA THR F 271 -34.47 -14.38 46.00
C THR F 271 -35.96 -14.58 46.20
N LEU F 272 -36.36 -15.83 46.43
CA LEU F 272 -37.76 -16.21 46.56
C LEU F 272 -38.01 -16.78 47.95
N ARG F 273 -39.18 -16.49 48.51
CA ARG F 273 -39.53 -16.99 49.83
C ARG F 273 -41.02 -17.23 49.90
N TRP F 274 -41.42 -18.19 50.73
CA TRP F 274 -42.83 -18.53 50.90
C TRP F 274 -43.56 -17.46 51.71
N MET G 1 -18.21 -50.66 25.13
CA MET G 1 -19.62 -50.40 24.90
C MET G 1 -20.31 -49.96 26.19
N ILE G 2 -20.02 -48.74 26.65
CA ILE G 2 -20.71 -48.21 27.82
C ILE G 2 -22.17 -47.98 27.48
N GLN G 3 -23.06 -48.53 28.30
CA GLN G 3 -24.50 -48.41 28.10
C GLN G 3 -25.08 -47.65 29.29
N ARG G 4 -25.89 -46.64 29.00
CA ARG G 4 -26.44 -45.75 30.02
C ARG G 4 -27.96 -45.79 30.00
N THR G 5 -28.57 -45.83 31.19
CA THR G 5 -30.01 -45.97 31.33
C THR G 5 -30.69 -44.62 31.11
N PRO G 6 -31.75 -44.56 30.30
CA PRO G 6 -32.42 -43.28 30.05
C PRO G 6 -33.04 -42.71 31.31
N LYS G 7 -33.05 -41.38 31.39
CA LYS G 7 -33.68 -40.64 32.47
C LYS G 7 -34.94 -39.99 31.93
N ILE G 8 -36.10 -40.38 32.46
CA ILE G 8 -37.39 -39.93 31.96
C ILE G 8 -37.91 -38.79 32.82
N GLN G 9 -38.50 -37.79 32.17
CA GLN G 9 -39.11 -36.66 32.85
C GLN G 9 -40.36 -36.27 32.09
N VAL G 10 -41.53 -36.39 32.73
CA VAL G 10 -42.82 -36.09 32.11
C VAL G 10 -43.35 -34.80 32.74
N TYR G 11 -43.73 -33.85 31.89
CA TYR G 11 -44.18 -32.55 32.37
C TYR G 11 -45.05 -31.91 31.29
N SER G 12 -45.44 -30.65 31.53
CA SER G 12 -46.25 -29.88 30.60
C SER G 12 -45.49 -28.61 30.22
N ARG G 13 -45.75 -28.13 29.00
CA ARG G 13 -45.08 -26.95 28.49
C ARG G 13 -45.35 -25.73 29.36
N HIS G 14 -46.61 -25.28 29.38
CA HIS G 14 -47.06 -24.19 30.21
C HIS G 14 -47.69 -24.72 31.48
N PRO G 15 -47.84 -23.88 32.51
CA PRO G 15 -48.50 -24.34 33.75
C PRO G 15 -49.84 -25.00 33.49
N ALA G 16 -50.07 -26.12 34.15
CA ALA G 16 -51.24 -26.95 33.87
C ALA G 16 -52.51 -26.28 34.38
N GLU G 17 -53.46 -26.06 33.47
CA GLU G 17 -54.78 -25.55 33.81
C GLU G 17 -55.82 -26.44 33.17
N ASN G 18 -56.73 -26.97 33.97
CA ASN G 18 -57.73 -27.90 33.48
C ASN G 18 -58.62 -27.24 32.43
N GLY G 19 -58.73 -27.90 31.27
CA GLY G 19 -59.55 -27.40 30.17
C GLY G 19 -58.79 -26.57 29.15
N LYS G 20 -57.61 -26.06 29.49
CA LYS G 20 -56.82 -25.24 28.59
C LYS G 20 -55.77 -26.10 27.90
N SER G 21 -55.71 -26.01 26.57
CA SER G 21 -54.80 -26.86 25.80
C SER G 21 -53.35 -26.57 26.16
N ASN G 22 -52.58 -27.65 26.34
CA ASN G 22 -51.18 -27.57 26.71
C ASN G 22 -50.41 -28.58 25.87
N PHE G 23 -49.17 -28.87 26.29
CA PHE G 23 -48.32 -29.83 25.61
C PHE G 23 -47.80 -30.82 26.64
N LEU G 24 -47.88 -32.11 26.30
CA LEU G 24 -47.33 -33.18 27.12
C LEU G 24 -45.96 -33.55 26.60
N ASN G 25 -44.93 -33.35 27.42
CA ASN G 25 -43.54 -33.58 27.02
C ASN G 25 -42.97 -34.76 27.79
N CYS G 26 -42.14 -35.55 27.11
CA CYS G 26 -41.40 -36.66 27.71
C CYS G 26 -39.94 -36.49 27.32
N TYR G 27 -39.12 -36.00 28.24
CA TYR G 27 -37.72 -35.69 27.99
C TYR G 27 -36.87 -36.86 28.48
N VAL G 28 -36.38 -37.67 27.56
CA VAL G 28 -35.46 -38.77 27.86
C VAL G 28 -34.04 -38.31 27.56
N SER G 29 -33.13 -38.53 28.49
CA SER G 29 -31.77 -38.03 28.37
C SER G 29 -30.80 -38.99 29.04
N GLY G 30 -29.53 -38.82 28.72
CA GLY G 30 -28.48 -39.61 29.35
C GLY G 30 -28.50 -41.08 29.01
N PHE G 31 -28.96 -41.44 27.80
CA PHE G 31 -29.09 -42.83 27.40
C PHE G 31 -28.17 -43.15 26.23
N HIS G 32 -27.68 -44.40 26.22
CA HIS G 32 -26.80 -44.90 25.19
C HIS G 32 -27.01 -46.40 25.10
N PRO G 33 -27.17 -46.97 23.90
CA PRO G 33 -27.09 -46.34 22.56
C PRO G 33 -28.34 -45.54 22.18
N SER G 34 -28.42 -45.15 20.91
CA SER G 34 -29.47 -44.24 20.46
C SER G 34 -30.82 -44.93 20.28
N ASP G 35 -30.84 -46.25 20.09
CA ASP G 35 -32.08 -46.98 19.82
C ASP G 35 -32.95 -46.99 21.07
N ILE G 36 -34.03 -46.21 21.05
CA ILE G 36 -34.95 -46.10 22.17
C ILE G 36 -36.38 -46.16 21.65
N GLU G 37 -37.30 -46.55 22.54
CA GLU G 37 -38.71 -46.70 22.21
C GLU G 37 -39.52 -45.94 23.26
N VAL G 38 -40.05 -44.77 22.90
CA VAL G 38 -40.77 -43.91 23.81
C VAL G 38 -42.19 -43.74 23.30
N ASP G 39 -43.18 -44.00 24.16
CA ASP G 39 -44.58 -43.86 23.83
C ASP G 39 -45.28 -43.03 24.91
N LEU G 40 -46.12 -42.09 24.49
CA LEU G 40 -46.89 -41.28 25.41
C LEU G 40 -48.27 -41.92 25.59
N LEU G 41 -48.61 -42.25 26.84
CA LEU G 41 -49.81 -43.01 27.14
C LEU G 41 -50.85 -42.14 27.82
N LYS G 42 -52.11 -42.36 27.46
CA LYS G 42 -53.26 -41.71 28.09
C LYS G 42 -54.17 -42.80 28.63
N ASN G 43 -54.15 -42.99 29.95
CA ASN G 43 -54.92 -44.04 30.62
C ASN G 43 -54.59 -45.42 30.04
N GLY G 44 -53.31 -45.66 29.79
CA GLY G 44 -52.86 -46.91 29.22
C GLY G 44 -53.00 -47.02 27.72
N GLU G 45 -53.50 -46.00 27.05
CA GLU G 45 -53.68 -46.00 25.61
C GLU G 45 -52.60 -45.14 24.97
N ARG G 46 -51.86 -45.71 24.02
CA ARG G 46 -50.79 -44.98 23.35
C ARG G 46 -51.36 -43.92 22.43
N ILE G 47 -51.00 -42.67 22.69
CA ILE G 47 -51.40 -41.57 21.81
C ILE G 47 -50.74 -41.78 20.44
N GLU G 48 -51.55 -41.79 19.39
CA GLU G 48 -51.03 -42.12 18.07
C GLU G 48 -50.25 -40.97 17.45
N LYS G 49 -50.60 -39.73 17.73
CA LYS G 49 -49.92 -38.56 17.17
C LYS G 49 -48.93 -38.09 18.23
N VAL G 50 -47.69 -38.58 18.12
CA VAL G 50 -46.61 -38.18 19.01
C VAL G 50 -45.41 -37.79 18.16
N GLU G 51 -45.03 -36.53 18.22
CA GLU G 51 -43.86 -36.04 17.51
C GLU G 51 -42.65 -36.03 18.42
N HIS G 52 -41.48 -36.20 17.84
CA HIS G 52 -40.24 -36.31 18.58
C HIS G 52 -39.22 -35.33 18.02
N SER G 53 -38.29 -34.93 18.88
CA SER G 53 -37.23 -34.00 18.48
C SER G 53 -36.20 -34.74 17.64
N ASP G 54 -35.12 -34.04 17.29
CA ASP G 54 -34.06 -34.59 16.46
C ASP G 54 -32.91 -35.02 17.36
N LEU G 55 -32.47 -36.26 17.18
CA LEU G 55 -31.50 -36.87 18.10
C LEU G 55 -30.23 -36.04 18.19
N SER G 56 -29.92 -35.60 19.41
CA SER G 56 -28.68 -34.91 19.72
C SER G 56 -28.05 -35.59 20.93
N PHE G 57 -26.90 -35.07 21.36
CA PHE G 57 -26.21 -35.66 22.50
C PHE G 57 -25.44 -34.56 23.24
N SER G 58 -25.07 -34.88 24.49
CA SER G 58 -24.44 -33.93 25.39
C SER G 58 -22.93 -34.18 25.45
N LYS G 59 -22.26 -33.51 26.38
CA LYS G 59 -20.81 -33.57 26.47
C LYS G 59 -20.29 -34.95 26.86
N ASP G 60 -21.13 -35.78 27.49
CA ASP G 60 -20.73 -37.13 27.86
C ASP G 60 -21.09 -38.16 26.81
N TRP G 61 -21.43 -37.72 25.59
CA TRP G 61 -21.86 -38.55 24.46
C TRP G 61 -23.20 -39.23 24.71
N SER G 62 -23.82 -38.99 25.87
CA SER G 62 -25.16 -39.51 26.10
C SER G 62 -26.19 -38.73 25.29
N PHE G 63 -27.14 -39.45 24.72
CA PHE G 63 -28.13 -38.83 23.85
C PHE G 63 -29.22 -38.14 24.68
N TYR G 64 -30.02 -37.32 24.01
CA TYR G 64 -31.20 -36.73 24.64
C TYR G 64 -32.26 -36.48 23.58
N LEU G 65 -33.50 -36.85 23.91
CA LEU G 65 -34.63 -36.75 22.99
C LEU G 65 -35.84 -36.23 23.75
N LEU G 66 -36.73 -35.55 23.01
CA LEU G 66 -37.95 -35.01 23.58
C LEU G 66 -39.14 -35.48 22.74
N TYR G 67 -40.06 -36.19 23.38
CA TYR G 67 -41.30 -36.63 22.75
C TYR G 67 -42.44 -35.78 23.29
N TYR G 68 -43.16 -35.11 22.39
CA TYR G 68 -44.21 -34.18 22.77
C TYR G 68 -45.47 -34.41 21.94
N THR G 69 -46.61 -34.08 22.54
CA THR G 69 -47.89 -34.12 21.85
C THR G 69 -48.81 -33.07 22.46
N GLU G 70 -49.83 -32.69 21.70
CA GLU G 70 -50.80 -31.69 22.15
C GLU G 70 -51.93 -32.39 22.89
N PHE G 71 -52.19 -31.95 24.12
CA PHE G 71 -53.23 -32.54 24.94
C PHE G 71 -53.97 -31.43 25.69
N THR G 72 -55.25 -31.70 25.99
CA THR G 72 -56.06 -30.80 26.80
C THR G 72 -56.28 -31.45 28.15
N PRO G 73 -55.60 -30.99 29.21
CA PRO G 73 -55.64 -31.69 30.49
C PRO G 73 -57.04 -31.66 31.10
N THR G 74 -57.50 -32.84 31.55
CA THR G 74 -58.70 -32.96 32.36
C THR G 74 -58.29 -33.58 33.70
N GLU G 75 -58.97 -33.16 34.77
CA GLU G 75 -58.61 -33.65 36.10
C GLU G 75 -58.91 -35.12 36.27
N LYS G 76 -59.73 -35.72 35.40
CA LYS G 76 -60.11 -37.12 35.51
C LYS G 76 -59.26 -38.05 34.65
N ASP G 77 -58.44 -37.51 33.74
CA ASP G 77 -57.67 -38.32 32.82
C ASP G 77 -56.23 -38.46 33.30
N GLU G 78 -55.65 -39.63 33.07
CA GLU G 78 -54.29 -39.95 33.49
C GLU G 78 -53.37 -40.00 32.27
N TYR G 79 -52.15 -39.49 32.43
CA TYR G 79 -51.17 -39.44 31.36
C TYR G 79 -49.83 -39.96 31.88
N ALA G 80 -49.13 -40.70 31.03
CA ALA G 80 -47.88 -41.33 31.41
C ALA G 80 -46.97 -41.46 30.20
N CYS G 81 -45.79 -42.04 30.41
CA CYS G 81 -44.79 -42.21 29.36
C CYS G 81 -44.11 -43.55 29.53
N ARG G 82 -44.16 -44.38 28.50
CA ARG G 82 -43.53 -45.70 28.52
C ARG G 82 -42.25 -45.64 27.68
N VAL G 83 -41.13 -45.98 28.31
CA VAL G 83 -39.82 -45.94 27.67
C VAL G 83 -39.20 -47.32 27.77
N ASN G 84 -38.77 -47.87 26.63
CA ASN G 84 -38.10 -49.15 26.58
C ASN G 84 -36.72 -48.98 25.95
N HIS G 85 -35.72 -49.61 26.57
CA HIS G 85 -34.33 -49.49 26.17
C HIS G 85 -33.63 -50.82 26.35
N VAL G 86 -32.40 -50.91 25.83
CA VAL G 86 -31.60 -52.10 26.03
C VAL G 86 -31.26 -52.27 27.51
N THR G 87 -30.97 -51.16 28.19
CA THR G 87 -30.67 -51.22 29.62
C THR G 87 -31.91 -51.46 30.47
N LEU G 88 -33.09 -51.25 29.91
CA LEU G 88 -34.33 -51.40 30.66
C LEU G 88 -34.88 -52.81 30.41
N SER G 89 -34.76 -53.69 31.42
CA SER G 89 -35.22 -55.06 31.27
C SER G 89 -36.72 -55.11 31.01
N GLN G 90 -37.50 -54.27 31.72
CA GLN G 90 -38.93 -54.12 31.50
C GLN G 90 -39.25 -52.67 31.19
N PRO G 91 -40.25 -52.41 30.35
CA PRO G 91 -40.62 -51.03 30.04
C PRO G 91 -40.93 -50.23 31.30
N LYS G 92 -40.42 -49.01 31.35
CA LYS G 92 -40.60 -48.12 32.49
C LYS G 92 -41.68 -47.09 32.16
N ILE G 93 -42.67 -46.98 33.05
CA ILE G 93 -43.77 -46.03 32.90
C ILE G 93 -43.65 -44.97 33.98
N VAL G 94 -43.65 -43.71 33.57
CA VAL G 94 -43.55 -42.57 34.47
C VAL G 94 -44.82 -41.74 34.31
N LYS G 95 -45.52 -41.51 35.42
CA LYS G 95 -46.80 -40.81 35.38
C LYS G 95 -46.58 -39.31 35.47
N TRP G 96 -47.52 -38.56 34.88
CA TRP G 96 -47.46 -37.11 34.88
C TRP G 96 -48.08 -36.56 36.16
N ASP G 97 -47.26 -35.89 36.96
CA ASP G 97 -47.73 -35.19 38.15
C ASP G 97 -47.78 -33.70 37.84
N ARG G 98 -48.96 -33.10 38.01
CA ARG G 98 -49.17 -31.72 37.57
C ARG G 98 -48.30 -30.73 38.34
N ASP G 99 -47.85 -31.08 39.54
CA ASP G 99 -46.98 -30.23 40.33
C ASP G 99 -45.52 -30.68 40.29
N MET G 100 -45.18 -31.59 39.38
CA MET G 100 -43.81 -32.11 39.31
C MET G 100 -43.33 -32.18 37.85
N VAL H 1 -22.46 -23.54 8.65
CA VAL H 1 -22.16 -24.45 7.55
C VAL H 1 -21.45 -25.69 8.06
N VAL H 2 -21.42 -26.73 7.25
CA VAL H 2 -20.78 -27.99 7.60
C VAL H 2 -19.30 -27.90 7.23
N GLY H 3 -18.43 -28.33 8.14
CA GLY H 3 -17.01 -28.26 7.87
C GLY H 3 -16.19 -29.41 8.44
N ALA H 4 -16.81 -30.57 8.61
CA ALA H 4 -16.14 -31.74 9.17
C ALA H 4 -15.20 -32.33 8.13
N VAL H 5 -13.92 -32.43 8.47
CA VAL H 5 -12.90 -32.97 7.56
C VAL H 5 -12.88 -34.48 7.72
N GLY H 6 -13.34 -35.19 6.69
CA GLY H 6 -13.37 -36.64 6.73
C GLY H 6 -12.14 -37.26 6.10
N VAL H 7 -11.27 -37.85 6.93
CA VAL H 7 -9.99 -38.38 6.45
C VAL H 7 -9.80 -39.84 6.84
N GLY H 8 -10.90 -40.58 6.98
CA GLY H 8 -10.84 -42.03 6.95
C GLY H 8 -10.86 -42.71 8.31
N LYS H 9 -10.38 -42.05 9.36
CA LYS H 9 -10.27 -42.70 10.68
C LYS H 9 -9.58 -44.06 10.63
N GLN I 1 -17.04 -19.42 -16.22
CA GLN I 1 -16.26 -18.20 -16.11
C GLN I 1 -15.02 -18.43 -15.25
N GLN I 2 -13.92 -17.75 -15.60
CA GLN I 2 -12.65 -17.94 -14.92
C GLN I 2 -12.62 -17.10 -13.65
N LYS I 3 -12.75 -17.76 -12.50
CA LYS I 3 -12.72 -17.08 -11.21
C LYS I 3 -11.32 -16.94 -10.65
N VAL I 4 -10.40 -17.83 -11.02
CA VAL I 4 -9.01 -17.74 -10.64
C VAL I 4 -8.22 -17.18 -11.81
N GLN I 5 -7.59 -16.04 -11.61
CA GLN I 5 -6.81 -15.35 -12.64
C GLN I 5 -5.34 -15.40 -12.25
N GLN I 6 -4.52 -15.93 -13.14
CA GLN I 6 -3.10 -16.14 -12.88
C GLN I 6 -2.28 -15.25 -13.80
N SER I 7 -1.25 -14.62 -13.24
CA SER I 7 -0.29 -13.85 -14.01
C SER I 7 1.08 -14.04 -13.41
N PRO I 8 2.13 -14.03 -14.21
CA PRO I 8 2.13 -13.83 -15.67
C PRO I 8 1.74 -15.09 -16.44
N GLU I 9 1.58 -14.98 -17.75
CA GLU I 9 1.28 -16.15 -18.56
C GLU I 9 2.54 -16.92 -18.92
N SER I 10 3.65 -16.22 -19.16
CA SER I 10 4.91 -16.85 -19.49
C SER I 10 6.03 -16.16 -18.69
N LEU I 11 7.07 -16.92 -18.37
CA LEU I 11 8.20 -16.40 -17.61
C LEU I 11 9.48 -17.04 -18.10
N ILE I 12 10.37 -16.24 -18.68
CA ILE I 12 11.72 -16.67 -19.00
C ILE I 12 12.64 -16.12 -17.93
N VAL I 13 13.10 -16.98 -17.02
CA VAL I 13 13.89 -16.58 -15.87
C VAL I 13 15.29 -17.19 -16.02
N PRO I 14 16.36 -16.43 -15.78
CA PRO I 14 17.70 -17.01 -15.90
C PRO I 14 17.95 -18.02 -14.79
N GLU I 15 18.84 -18.97 -15.09
CA GLU I 15 19.19 -19.99 -14.11
C GLU I 15 19.82 -19.34 -12.89
N GLY I 16 19.18 -19.52 -11.74
CA GLY I 16 19.64 -18.95 -10.49
C GLY I 16 18.85 -17.74 -10.02
N GLY I 17 18.06 -17.14 -10.90
CA GLY I 17 17.27 -15.98 -10.52
C GLY I 17 15.99 -16.35 -9.80
N MET I 18 15.31 -15.33 -9.32
CA MET I 18 14.06 -15.51 -8.60
C MET I 18 12.89 -15.44 -9.58
N ALA I 19 11.92 -16.34 -9.40
CA ALA I 19 10.71 -16.37 -10.20
C ALA I 19 9.52 -16.15 -9.29
N SER I 20 8.81 -15.04 -9.52
CA SER I 20 7.64 -14.68 -8.71
C SER I 20 6.39 -14.84 -9.55
N LEU I 21 5.49 -15.73 -9.12
CA LEU I 21 4.22 -15.98 -9.78
C LEU I 21 3.08 -15.47 -8.91
N ASN I 22 2.04 -14.93 -9.55
CA ASN I 22 0.91 -14.35 -8.84
C ASN I 22 -0.39 -15.01 -9.28
N CYS I 23 -1.36 -14.99 -8.38
CA CYS I 23 -2.67 -15.57 -8.65
C CYS I 23 -3.71 -14.86 -7.79
N THR I 24 -4.82 -14.47 -8.41
CA THR I 24 -5.89 -13.74 -7.74
C THR I 24 -7.22 -14.43 -8.00
N SER I 25 -8.08 -14.47 -6.99
CA SER I 25 -9.40 -15.07 -7.09
C SER I 25 -10.47 -14.00 -7.14
N SER I 26 -11.52 -14.25 -7.92
CA SER I 26 -12.67 -13.37 -7.98
C SER I 26 -13.80 -13.81 -7.04
N ASP I 27 -13.79 -15.06 -6.59
CA ASP I 27 -14.78 -15.55 -5.64
C ASP I 27 -14.33 -15.21 -4.22
N ARG I 28 -15.10 -14.36 -3.54
CA ARG I 28 -14.72 -13.95 -2.19
C ARG I 28 -14.83 -15.12 -1.21
N ASN I 29 -15.73 -16.07 -1.46
CA ASN I 29 -15.92 -17.22 -0.58
C ASN I 29 -14.85 -18.28 -0.89
N VAL I 30 -13.62 -17.95 -0.53
CA VAL I 30 -12.48 -18.83 -0.72
C VAL I 30 -11.66 -18.84 0.57
N ASP I 31 -11.42 -20.03 1.13
CA ASP I 31 -10.67 -20.14 2.38
C ASP I 31 -9.30 -20.79 2.21
N TYR I 32 -9.03 -21.45 1.09
CA TYR I 32 -7.80 -22.17 0.91
C TYR I 32 -7.24 -21.90 -0.48
N PHE I 33 -5.92 -21.88 -0.59
CA PHE I 33 -5.22 -21.68 -1.85
C PHE I 33 -4.16 -22.76 -2.02
N TRP I 34 -3.90 -23.13 -3.28
CA TRP I 34 -2.95 -24.19 -3.59
C TRP I 34 -2.11 -23.78 -4.79
N TRP I 35 -0.88 -24.27 -4.81
CA TRP I 35 0.03 -24.10 -5.94
C TRP I 35 0.44 -25.48 -6.41
N TYR I 36 0.02 -25.85 -7.62
CA TYR I 36 0.33 -27.14 -8.22
C TYR I 36 1.32 -26.96 -9.37
N ARG I 37 2.26 -27.90 -9.48
CA ARG I 37 3.26 -27.90 -10.53
C ARG I 37 3.04 -29.07 -11.47
N GLN I 38 3.01 -28.81 -12.77
CA GLN I 38 2.82 -29.84 -13.79
C GLN I 38 3.99 -29.80 -14.75
N HIS I 39 4.86 -30.81 -14.68
CA HIS I 39 5.91 -30.94 -15.67
C HIS I 39 5.30 -31.34 -17.02
N SER I 40 6.05 -31.08 -18.09
CA SER I 40 5.53 -31.28 -19.43
C SER I 40 5.09 -32.72 -19.63
N GLY I 41 3.83 -32.89 -20.05
CA GLY I 41 3.29 -34.23 -20.26
C GLY I 41 3.28 -35.09 -19.02
N LYS I 42 3.00 -34.51 -17.86
CA LYS I 42 2.99 -35.24 -16.61
C LYS I 42 1.78 -34.79 -15.80
N SER I 43 1.61 -35.40 -14.61
CA SER I 43 0.45 -35.05 -13.82
C SER I 43 0.75 -33.88 -12.89
N PRO I 44 -0.27 -33.08 -12.55
CA PRO I 44 -0.08 -32.01 -11.58
C PRO I 44 0.23 -32.58 -10.20
N LYS I 45 1.13 -31.91 -9.49
CA LYS I 45 1.47 -32.28 -8.13
C LYS I 45 1.51 -31.03 -7.27
N MET I 46 0.97 -31.12 -6.06
CA MET I 46 0.93 -29.97 -5.17
C MET I 46 2.34 -29.60 -4.72
N LEU I 47 2.68 -28.31 -4.83
CA LEU I 47 3.92 -27.77 -4.31
C LEU I 47 3.73 -27.11 -2.96
N MET I 48 2.86 -26.11 -2.88
CA MET I 48 2.64 -25.37 -1.66
C MET I 48 1.15 -25.25 -1.40
N SER I 49 0.81 -24.94 -0.16
CA SER I 49 -0.56 -24.71 0.25
C SER I 49 -0.58 -23.58 1.27
N ILE I 50 -1.62 -22.76 1.24
CA ILE I 50 -1.74 -21.67 2.20
C ILE I 50 -3.22 -21.37 2.42
N PHE I 51 -3.58 -21.13 3.67
CA PHE I 51 -4.92 -20.71 4.04
C PHE I 51 -4.92 -19.61 5.08
N SER I 52 -3.79 -19.33 5.73
CA SER I 52 -3.69 -18.30 6.74
C SER I 52 -2.89 -17.12 6.20
N ASN I 53 -3.29 -15.92 6.61
CA ASN I 53 -2.61 -14.71 6.16
C ASN I 53 -1.14 -14.75 6.54
N GLY I 54 -0.27 -14.40 5.59
CA GLY I 54 1.15 -14.37 5.87
C GLY I 54 2.01 -15.07 4.84
N GLU I 55 3.16 -15.57 5.28
CA GLU I 55 4.15 -16.19 4.40
C GLU I 55 4.50 -17.58 4.91
N LYS I 56 5.06 -18.40 4.02
CA LYS I 56 5.39 -19.78 4.35
C LYS I 56 6.57 -20.20 3.48
N GLU I 57 7.69 -20.54 4.12
CA GLU I 57 8.92 -20.91 3.42
C GLU I 57 9.16 -22.41 3.56
N GLU I 58 9.46 -23.06 2.44
CA GLU I 58 9.81 -24.48 2.44
C GLU I 58 10.82 -24.69 1.32
N GLY I 59 12.10 -24.73 1.68
CA GLY I 59 13.14 -24.88 0.67
C GLY I 59 13.31 -23.60 -0.12
N ARG I 60 13.48 -23.74 -1.43
CA ARG I 60 13.58 -22.60 -2.33
C ARG I 60 12.24 -21.97 -2.63
N PHE I 61 11.16 -22.41 -1.99
CA PHE I 61 9.81 -21.99 -2.31
C PHE I 61 9.23 -21.19 -1.16
N THR I 62 8.72 -19.99 -1.48
CA THR I 62 8.03 -19.14 -0.52
C THR I 62 6.66 -18.80 -1.07
N VAL I 63 5.62 -19.01 -0.28
CA VAL I 63 4.24 -18.73 -0.70
C VAL I 63 3.68 -17.67 0.24
N HIS I 64 3.03 -16.67 -0.34
CA HIS I 64 2.45 -15.55 0.40
C HIS I 64 0.95 -15.47 0.11
N LEU I 65 0.19 -15.07 1.13
CA LEU I 65 -1.26 -14.96 1.01
C LEU I 65 -1.74 -13.69 1.69
N ASN I 66 -2.64 -12.98 1.00
CA ASN I 66 -3.34 -11.82 1.57
C ASN I 66 -4.83 -12.06 1.32
N LYS I 67 -5.55 -12.52 2.34
CA LYS I 67 -6.94 -12.88 2.18
C LYS I 67 -7.82 -11.67 1.86
N ALA I 68 -7.37 -10.46 2.22
CA ALA I 68 -8.15 -9.27 1.90
C ALA I 68 -8.26 -9.07 0.40
N SER I 69 -7.15 -9.20 -0.32
CA SER I 69 -7.13 -9.07 -1.76
C SER I 69 -7.20 -10.40 -2.49
N LEU I 70 -7.29 -11.52 -1.76
CA LEU I 70 -7.35 -12.85 -2.34
C LEU I 70 -6.19 -13.08 -3.32
N HIS I 71 -4.98 -12.86 -2.81
CA HIS I 71 -3.77 -12.90 -3.62
C HIS I 71 -2.80 -13.94 -3.07
N THR I 72 -2.31 -14.82 -3.93
CA THR I 72 -1.31 -15.80 -3.57
C THR I 72 -0.10 -15.62 -4.47
N SER I 73 1.09 -15.77 -3.90
CA SER I 73 2.34 -15.59 -4.63
C SER I 73 3.23 -16.80 -4.43
N LEU I 74 3.88 -17.23 -5.49
CA LEU I 74 4.89 -18.29 -5.44
C LEU I 74 6.22 -17.69 -5.85
N HIS I 75 7.24 -17.86 -5.01
CA HIS I 75 8.56 -17.29 -5.23
C HIS I 75 9.60 -18.39 -5.19
N ILE I 76 10.10 -18.76 -6.37
CA ILE I 76 11.09 -19.82 -6.52
C ILE I 76 12.46 -19.16 -6.57
N ARG I 77 13.24 -19.30 -5.51
CA ARG I 77 14.58 -18.77 -5.44
C ARG I 77 15.60 -19.80 -5.92
N ASP I 78 16.75 -19.31 -6.38
CA ASP I 78 17.82 -20.15 -6.90
C ASP I 78 17.28 -21.11 -7.97
N SER I 79 16.72 -20.51 -9.02
CA SER I 79 16.03 -21.28 -10.05
C SER I 79 16.94 -22.31 -10.68
N GLN I 80 16.46 -23.54 -10.77
CA GLN I 80 17.15 -24.66 -11.39
C GLN I 80 16.36 -25.13 -12.60
N PRO I 81 17.02 -25.70 -13.62
CA PRO I 81 16.29 -26.12 -14.83
C PRO I 81 15.17 -27.11 -14.56
N SER I 82 15.19 -27.78 -13.41
CA SER I 82 14.13 -28.73 -13.08
C SER I 82 12.80 -28.05 -12.80
N ASP I 83 12.80 -26.75 -12.46
CA ASP I 83 11.56 -26.05 -12.12
C ASP I 83 10.79 -25.56 -13.34
N SER I 84 11.32 -25.74 -14.55
CA SER I 84 10.61 -25.36 -15.75
C SER I 84 9.35 -26.22 -15.89
N ALA I 85 8.19 -25.61 -15.66
CA ALA I 85 6.93 -26.35 -15.67
C ALA I 85 5.78 -25.36 -15.71
N LEU I 86 4.58 -25.89 -15.89
CA LEU I 86 3.35 -25.11 -15.76
C LEU I 86 2.93 -25.10 -14.29
N TYR I 87 2.67 -23.90 -13.77
CA TYR I 87 2.29 -23.73 -12.38
C TYR I 87 0.83 -23.31 -12.32
N LEU I 88 0.02 -24.09 -11.61
CA LEU I 88 -1.42 -23.86 -11.54
C LEU I 88 -1.82 -23.41 -10.14
N CYS I 89 -2.80 -22.52 -10.09
CA CYS I 89 -3.32 -21.98 -8.84
C CYS I 89 -4.70 -22.57 -8.58
N ALA I 90 -4.96 -22.91 -7.31
CA ALA I 90 -6.21 -23.54 -6.93
C ALA I 90 -6.79 -22.85 -5.71
N ALA I 91 -8.12 -22.85 -5.61
CA ALA I 91 -8.82 -22.23 -4.50
C ALA I 91 -10.06 -23.03 -4.17
N ARG I 92 -10.32 -23.21 -2.87
CA ARG I 92 -11.48 -23.97 -2.42
C ARG I 92 -12.75 -23.14 -2.60
N ASP I 93 -13.80 -23.77 -3.13
CA ASP I 93 -15.04 -23.09 -3.48
C ASP I 93 -15.87 -22.81 -2.25
N SER I 94 -17.06 -22.24 -2.48
CA SER I 94 -18.11 -22.23 -1.45
C SER I 94 -18.55 -23.65 -1.14
N ASN I 95 -18.49 -24.53 -2.14
CA ASN I 95 -18.50 -25.96 -1.94
C ASN I 95 -17.14 -26.35 -1.37
N TYR I 96 -16.69 -27.57 -1.62
CA TYR I 96 -15.33 -27.94 -1.24
C TYR I 96 -14.56 -28.44 -2.43
N GLN I 97 -14.84 -27.87 -3.60
CA GLN I 97 -14.16 -28.22 -4.84
C GLN I 97 -13.16 -27.13 -5.21
N LEU I 98 -12.14 -27.53 -5.97
CA LEU I 98 -11.04 -26.63 -6.31
C LEU I 98 -11.33 -25.88 -7.60
N ILE I 99 -11.13 -24.57 -7.58
CA ILE I 99 -11.21 -23.74 -8.77
C ILE I 99 -9.79 -23.53 -9.30
N TRP I 100 -9.58 -23.84 -10.57
CA TRP I 100 -8.24 -23.84 -11.15
C TRP I 100 -8.01 -22.61 -12.02
N GLY I 101 -6.74 -22.24 -12.17
CA GLY I 101 -6.34 -21.15 -13.03
C GLY I 101 -5.83 -21.63 -14.38
N SER I 102 -5.58 -20.67 -15.26
CA SER I 102 -5.11 -21.00 -16.61
C SER I 102 -3.70 -21.57 -16.58
N GLY I 103 -2.88 -21.10 -15.66
CA GLY I 103 -1.53 -21.62 -15.50
C GLY I 103 -0.48 -20.61 -15.91
N THR I 104 0.73 -20.83 -15.39
CA THR I 104 1.89 -20.00 -15.70
C THR I 104 3.03 -20.91 -16.15
N LYS I 105 3.65 -20.57 -17.28
CA LYS I 105 4.73 -21.34 -17.85
C LYS I 105 6.06 -20.75 -17.44
N LEU I 106 6.84 -21.50 -16.66
CA LEU I 106 8.19 -21.11 -16.28
C LEU I 106 9.19 -21.71 -17.26
N ILE I 107 9.97 -20.86 -17.90
CA ILE I 107 11.02 -21.28 -18.84
C ILE I 107 12.33 -20.79 -18.27
N ILE I 108 13.05 -21.67 -17.58
CA ILE I 108 14.31 -21.31 -16.94
C ILE I 108 15.43 -21.55 -17.94
N LYS I 109 16.02 -20.46 -18.43
CA LYS I 109 17.06 -20.55 -19.45
C LYS I 109 18.31 -21.18 -18.87
N PRO I 110 18.89 -22.17 -19.53
CA PRO I 110 20.06 -22.85 -18.97
C PRO I 110 21.28 -21.94 -18.94
N ASP I 111 22.34 -22.46 -18.31
CA ASP I 111 23.62 -21.76 -18.21
C ASP I 111 24.67 -22.61 -18.91
N ILE I 112 24.82 -22.40 -20.22
CA ILE I 112 25.87 -23.07 -20.97
C ILE I 112 27.21 -22.49 -20.53
N GLN I 113 28.04 -23.31 -19.89
CA GLN I 113 29.25 -22.81 -19.27
C GLN I 113 30.33 -22.47 -20.30
N ASN I 114 30.74 -23.46 -21.10
CA ASN I 114 31.77 -23.29 -22.12
C ASN I 114 31.17 -23.61 -23.49
N PRO I 115 30.69 -22.60 -24.22
CA PRO I 115 30.08 -22.86 -25.52
C PRO I 115 31.11 -23.05 -26.61
N ASP I 116 30.78 -23.94 -27.55
CA ASP I 116 31.58 -24.16 -28.76
C ASP I 116 30.65 -24.27 -29.94
N PRO I 117 30.01 -23.17 -30.35
CA PRO I 117 29.01 -23.25 -31.43
C PRO I 117 29.60 -23.82 -32.70
N ALA I 118 28.81 -24.64 -33.38
CA ALA I 118 29.23 -25.31 -34.61
C ALA I 118 28.01 -25.95 -35.25
N VAL I 119 28.05 -26.09 -36.57
CA VAL I 119 27.02 -26.77 -37.34
C VAL I 119 27.66 -27.99 -38.01
N TYR I 120 27.05 -29.16 -37.81
CA TYR I 120 27.59 -30.41 -38.30
C TYR I 120 26.60 -31.06 -39.26
N GLN I 121 27.13 -31.95 -40.11
CA GLN I 121 26.34 -32.61 -41.14
C GLN I 121 26.33 -34.11 -40.88
N LEU I 122 25.14 -34.71 -40.94
CA LEU I 122 24.94 -36.10 -40.55
C LEU I 122 24.28 -36.86 -41.70
N ARG I 123 24.54 -38.16 -41.75
CA ARG I 123 24.04 -39.04 -42.80
C ARG I 123 23.65 -40.38 -42.20
N ASP I 124 22.57 -40.98 -42.70
CA ASP I 124 22.19 -42.32 -42.25
C ASP I 124 22.71 -43.37 -43.22
N SER I 125 22.28 -44.63 -43.01
CA SER I 125 22.66 -45.74 -43.88
C SER I 125 22.18 -45.49 -45.30
N LYS I 126 21.01 -46.04 -45.63
CA LYS I 126 20.40 -45.83 -46.95
C LYS I 126 19.01 -45.23 -46.88
N SER I 127 18.31 -45.33 -45.75
CA SER I 127 16.87 -45.12 -45.71
C SER I 127 16.53 -43.65 -45.86
N SER I 128 15.66 -43.34 -46.84
CA SER I 128 15.13 -42.01 -47.09
C SER I 128 16.22 -41.01 -47.49
N ASP I 129 15.83 -39.81 -47.92
CA ASP I 129 16.79 -38.79 -48.28
C ASP I 129 17.54 -38.32 -47.05
N LYS I 130 18.87 -38.42 -47.11
CA LYS I 130 19.71 -38.16 -45.95
C LYS I 130 19.88 -36.65 -45.75
N SER I 131 21.07 -36.28 -45.28
CA SER I 131 21.53 -34.90 -45.16
C SER I 131 20.70 -34.13 -44.14
N VAL I 132 20.93 -34.40 -42.86
CA VAL I 132 20.39 -33.59 -41.78
C VAL I 132 21.55 -32.80 -41.18
N CYS I 133 21.24 -31.61 -40.65
CA CYS I 133 22.25 -30.74 -40.06
C CYS I 133 21.93 -30.49 -38.60
N LEU I 134 22.98 -30.33 -37.79
CA LEU I 134 22.85 -30.22 -36.35
C LEU I 134 23.63 -29.02 -35.85
N PHE I 135 22.92 -28.03 -35.31
CA PHE I 135 23.53 -26.90 -34.63
C PHE I 135 23.61 -27.19 -33.15
N THR I 136 24.82 -27.24 -32.60
CA THR I 136 25.02 -27.70 -31.23
C THR I 136 26.06 -26.85 -30.52
N ASP I 137 26.09 -26.99 -29.19
CA ASP I 137 27.05 -26.33 -28.31
C ASP I 137 26.98 -24.80 -28.42
N PHE I 138 25.79 -24.25 -28.67
CA PHE I 138 25.63 -22.80 -28.69
C PHE I 138 25.08 -22.31 -27.36
N ASP I 139 25.37 -21.04 -27.08
CA ASP I 139 24.97 -20.42 -25.82
C ASP I 139 23.44 -20.25 -25.75
N SER I 140 22.97 -19.90 -24.55
CA SER I 140 21.53 -19.84 -24.32
C SER I 140 20.89 -18.62 -24.99
N GLN I 141 21.60 -17.50 -25.07
CA GLN I 141 21.03 -16.30 -25.67
C GLN I 141 20.90 -16.40 -27.19
N THR I 142 21.52 -17.40 -27.82
CA THR I 142 21.33 -17.65 -29.24
C THR I 142 20.03 -18.42 -29.44
N ASN I 143 19.07 -17.81 -30.13
CA ASN I 143 17.75 -18.39 -30.34
C ASN I 143 17.62 -18.84 -31.79
N VAL I 144 17.15 -20.06 -31.98
CA VAL I 144 16.98 -20.64 -33.31
C VAL I 144 15.60 -20.27 -33.84
N SER I 145 15.57 -19.74 -35.06
CA SER I 145 14.31 -19.33 -35.69
C SER I 145 13.75 -20.49 -36.51
N GLN I 146 12.70 -20.23 -37.27
CA GLN I 146 12.06 -21.25 -38.10
C GLN I 146 12.80 -21.36 -39.43
N SER I 147 12.21 -22.05 -40.39
CA SER I 147 12.83 -22.30 -41.68
C SER I 147 12.18 -21.45 -42.76
N LYS I 148 12.93 -21.22 -43.84
CA LYS I 148 12.43 -20.48 -44.99
C LYS I 148 11.84 -21.42 -46.04
N ASP I 149 12.69 -22.22 -46.69
CA ASP I 149 12.20 -23.12 -47.73
C ASP I 149 11.19 -24.10 -47.14
N SER I 150 10.13 -24.38 -47.91
CA SER I 150 9.07 -25.25 -47.42
C SER I 150 9.57 -26.67 -47.17
N ASP I 151 10.61 -27.10 -47.89
CA ASP I 151 11.12 -28.45 -47.72
C ASP I 151 11.97 -28.59 -46.46
N VAL I 152 12.76 -27.56 -46.12
CA VAL I 152 13.63 -27.65 -44.96
C VAL I 152 12.81 -27.44 -43.70
N TYR I 153 13.00 -28.33 -42.72
CA TYR I 153 12.32 -28.27 -41.44
C TYR I 153 13.37 -28.06 -40.36
N ILE I 154 13.13 -27.08 -39.49
CA ILE I 154 14.07 -26.72 -38.44
C ILE I 154 13.38 -26.87 -37.10
N THR I 155 14.08 -27.51 -36.15
CA THR I 155 13.52 -27.72 -34.80
C THR I 155 13.88 -26.53 -33.94
N ASP I 156 13.72 -26.67 -32.62
CA ASP I 156 14.01 -25.53 -31.71
C ASP I 156 15.10 -25.94 -30.72
N LYS I 157 15.49 -25.02 -29.86
CA LYS I 157 16.59 -25.29 -28.90
C LYS I 157 16.22 -26.51 -28.05
N CYS I 158 17.19 -27.37 -27.78
CA CYS I 158 16.96 -28.58 -26.95
C CYS I 158 18.22 -28.79 -26.11
N VAL I 159 18.09 -28.87 -24.79
CA VAL I 159 19.30 -28.97 -23.94
C VAL I 159 19.54 -30.44 -23.56
N LEU I 160 20.73 -30.95 -23.90
CA LEU I 160 21.07 -32.34 -23.52
C LEU I 160 21.71 -32.32 -22.12
N ASP I 161 21.84 -33.49 -21.50
CA ASP I 161 22.42 -33.59 -20.16
C ASP I 161 23.20 -34.90 -20.06
N MET I 162 24.52 -34.80 -20.20
CA MET I 162 25.41 -35.92 -19.91
C MET I 162 25.79 -35.86 -18.44
N ARG I 163 24.88 -36.37 -17.61
CA ARG I 163 25.06 -36.28 -16.16
C ARG I 163 26.32 -36.98 -15.67
N SER I 164 26.88 -37.90 -16.47
CA SER I 164 28.11 -38.56 -16.07
C SER I 164 29.28 -37.57 -16.09
N MET I 165 29.32 -36.67 -17.06
CA MET I 165 30.37 -35.66 -17.15
C MET I 165 29.90 -34.27 -16.73
N ASP I 166 28.63 -34.10 -16.39
CA ASP I 166 28.05 -32.80 -16.03
C ASP I 166 28.26 -31.79 -17.15
N PHE I 167 27.76 -32.15 -18.33
CA PHE I 167 27.89 -31.34 -19.54
C PHE I 167 26.51 -31.14 -20.14
N LYS I 168 26.16 -29.87 -20.39
CA LYS I 168 24.89 -29.53 -21.02
C LYS I 168 25.16 -28.94 -22.40
N SER I 169 24.28 -29.27 -23.35
CA SER I 169 24.51 -28.95 -24.75
C SER I 169 23.19 -28.50 -25.38
N ASN I 170 23.13 -27.23 -25.77
CA ASN I 170 22.03 -26.76 -26.62
C ASN I 170 22.14 -27.40 -27.99
N SER I 171 20.99 -27.65 -28.62
CA SER I 171 20.98 -28.39 -29.87
C SER I 171 19.75 -28.04 -30.69
N ALA I 172 19.90 -28.17 -32.01
CA ALA I 172 18.82 -27.96 -32.96
C ALA I 172 19.14 -28.72 -34.23
N VAL I 173 18.10 -29.14 -34.94
CA VAL I 173 18.23 -30.03 -36.09
C VAL I 173 17.49 -29.44 -37.29
N ALA I 174 18.11 -29.52 -38.46
CA ALA I 174 17.50 -29.12 -39.71
C ALA I 174 17.63 -30.26 -40.72
N TRP I 175 16.57 -30.50 -41.49
CA TRP I 175 16.58 -31.55 -42.49
C TRP I 175 15.68 -31.17 -43.66
N SER I 176 16.01 -31.70 -44.84
CA SER I 176 15.23 -31.46 -46.04
C SER I 176 15.42 -32.64 -46.99
N ASN I 177 14.42 -32.83 -47.85
CA ASN I 177 14.44 -33.91 -48.84
C ASN I 177 14.98 -33.46 -50.19
N LYS I 178 15.61 -32.30 -50.26
CA LYS I 178 16.20 -31.79 -51.48
C LYS I 178 17.72 -31.93 -51.43
N SER I 179 18.34 -31.88 -52.60
CA SER I 179 19.79 -31.91 -52.70
C SER I 179 20.42 -30.53 -52.65
N ASP I 180 19.62 -29.47 -52.83
CA ASP I 180 20.13 -28.11 -52.68
C ASP I 180 20.43 -27.79 -51.22
N PHE I 181 19.70 -28.43 -50.29
CA PHE I 181 19.88 -28.19 -48.87
C PHE I 181 21.33 -28.43 -48.45
N ALA I 182 21.98 -27.36 -48.00
CA ALA I 182 23.37 -27.43 -47.54
C ALA I 182 23.44 -27.00 -46.08
N CYS I 183 24.46 -27.48 -45.38
CA CYS I 183 24.61 -27.15 -43.97
C CYS I 183 24.89 -25.66 -43.77
N ALA I 184 25.61 -25.06 -44.72
CA ALA I 184 25.85 -23.61 -44.64
C ALA I 184 24.55 -22.83 -44.85
N ASN I 185 23.70 -23.30 -45.75
CA ASN I 185 22.44 -22.62 -46.01
C ASN I 185 21.46 -22.77 -44.84
N ALA I 186 21.57 -23.85 -44.08
CA ALA I 186 20.72 -24.03 -42.92
C ALA I 186 21.15 -23.10 -41.79
N PHE I 187 20.19 -22.77 -40.93
CA PHE I 187 20.42 -21.85 -39.81
C PHE I 187 20.91 -20.48 -40.26
N ASN I 188 20.55 -20.08 -41.49
CA ASN I 188 20.89 -18.76 -41.98
C ASN I 188 19.88 -17.70 -41.56
N ASN I 189 18.63 -18.10 -41.35
CA ASN I 189 17.60 -17.20 -40.84
C ASN I 189 17.72 -16.98 -39.33
N SER I 190 18.62 -17.68 -38.66
CA SER I 190 18.87 -17.51 -37.24
C SER I 190 20.18 -16.75 -37.02
N ILE I 191 20.33 -16.22 -35.82
CA ILE I 191 21.50 -15.38 -35.49
C ILE I 191 22.58 -16.32 -34.98
N ILE I 192 23.27 -16.95 -35.92
CA ILE I 192 24.42 -17.80 -35.56
C ILE I 192 25.61 -16.90 -35.27
N PRO I 193 26.31 -17.11 -34.16
CA PRO I 193 27.52 -16.32 -33.88
C PRO I 193 28.59 -16.54 -34.94
N GLU I 194 29.60 -15.68 -34.94
CA GLU I 194 30.67 -15.80 -35.91
C GLU I 194 31.62 -16.96 -35.59
N ASP I 195 31.52 -17.52 -34.39
CA ASP I 195 32.47 -18.55 -33.95
C ASP I 195 32.08 -19.93 -34.50
N THR I 196 30.83 -20.09 -34.94
CA THR I 196 30.33 -21.40 -35.36
C THR I 196 31.24 -22.07 -36.38
N PHE I 197 31.76 -23.24 -36.00
CA PHE I 197 32.60 -24.04 -36.87
C PHE I 197 31.74 -24.65 -37.97
N PHE I 198 32.08 -24.35 -39.23
CA PHE I 198 31.45 -24.95 -40.39
C PHE I 198 32.44 -25.87 -41.09
N PRO I 199 32.08 -27.13 -41.36
CA PRO I 199 32.98 -28.10 -42.02
C PRO I 199 33.23 -27.77 -43.48
N GLU J 1 1.42 -44.13 -0.42
CA GLU J 1 1.09 -42.76 -0.78
C GLU J 1 0.11 -42.71 -1.95
N ALA J 2 0.33 -41.76 -2.87
CA ALA J 2 -0.57 -41.60 -4.01
C ALA J 2 -0.54 -42.84 -4.89
N ALA J 3 -1.73 -43.36 -5.21
CA ALA J 3 -1.85 -44.61 -5.96
C ALA J 3 -2.99 -44.51 -6.97
N VAL J 4 -2.99 -43.44 -7.75
CA VAL J 4 -4.03 -43.21 -8.76
C VAL J 4 -3.50 -43.66 -10.11
N THR J 5 -4.25 -44.53 -10.78
CA THR J 5 -3.88 -45.05 -12.08
C THR J 5 -5.04 -44.83 -13.06
N GLN J 6 -4.71 -44.81 -14.34
CA GLN J 6 -5.68 -44.54 -15.39
C GLN J 6 -5.47 -45.49 -16.55
N SER J 7 -6.57 -45.84 -17.22
CA SER J 7 -6.54 -46.72 -18.38
C SER J 7 -7.79 -46.51 -19.22
N PRO J 8 -7.66 -46.34 -20.54
CA PRO J 8 -6.43 -46.36 -21.34
C PRO J 8 -5.56 -45.14 -21.10
N ARG J 9 -4.33 -45.14 -21.60
CA ARG J 9 -3.44 -43.98 -21.46
C ARG J 9 -3.33 -43.19 -22.75
N ASN J 10 -3.58 -43.81 -23.90
CA ASN J 10 -3.63 -43.15 -25.18
C ASN J 10 -4.71 -43.81 -26.02
N LYS J 11 -5.52 -43.01 -26.71
CA LYS J 11 -6.65 -43.57 -27.45
C LYS J 11 -7.01 -42.66 -28.61
N VAL J 12 -7.18 -43.26 -29.80
CA VAL J 12 -7.66 -42.57 -30.99
C VAL J 12 -9.08 -43.06 -31.26
N ALA J 13 -10.00 -42.13 -31.51
CA ALA J 13 -11.41 -42.46 -31.64
C ALA J 13 -12.01 -41.74 -32.83
N VAL J 14 -13.25 -42.09 -33.14
CA VAL J 14 -14.01 -41.54 -34.26
C VAL J 14 -15.20 -40.80 -33.71
N THR J 15 -15.63 -39.77 -34.43
CA THR J 15 -16.86 -39.06 -34.07
C THR J 15 -18.03 -40.04 -34.06
N GLY J 16 -18.72 -40.11 -32.92
CA GLY J 16 -19.83 -41.02 -32.75
C GLY J 16 -19.50 -42.29 -32.00
N GLY J 17 -18.22 -42.57 -31.74
CA GLY J 17 -17.85 -43.76 -31.02
C GLY J 17 -18.02 -43.60 -29.52
N LYS J 18 -17.84 -44.72 -28.82
CA LYS J 18 -17.95 -44.76 -27.35
C LYS J 18 -16.57 -45.00 -26.76
N VAL J 19 -16.13 -44.07 -25.91
CA VAL J 19 -14.84 -44.16 -25.23
C VAL J 19 -15.09 -44.17 -23.74
N THR J 20 -14.55 -45.17 -23.05
CA THR J 20 -14.76 -45.34 -21.61
C THR J 20 -13.40 -45.28 -20.92
N LEU J 21 -13.04 -44.09 -20.43
CA LEU J 21 -11.84 -43.93 -19.64
C LEU J 21 -12.10 -44.35 -18.19
N SER J 22 -11.16 -45.09 -17.62
CA SER J 22 -11.32 -45.63 -16.28
C SER J 22 -10.20 -45.13 -15.38
N CYS J 23 -10.49 -45.11 -14.07
CA CYS J 23 -9.56 -44.61 -13.07
C CYS J 23 -9.67 -45.49 -11.83
N ASN J 24 -8.57 -45.60 -11.09
CA ASN J 24 -8.53 -46.52 -9.96
C ASN J 24 -7.63 -45.97 -8.86
N GLN J 25 -8.19 -45.88 -7.65
CA GLN J 25 -7.44 -45.50 -6.47
C GLN J 25 -7.49 -46.63 -5.44
N THR J 26 -6.43 -46.73 -4.64
CA THR J 26 -6.38 -47.69 -3.54
C THR J 26 -6.01 -47.00 -2.24
N ASN J 27 -6.31 -45.70 -2.13
CA ASN J 27 -5.96 -44.90 -0.97
C ASN J 27 -7.11 -44.76 0.02
N ASN J 28 -8.23 -45.43 -0.23
CA ASN J 28 -9.45 -45.30 0.58
C ASN J 28 -9.95 -43.86 0.59
N HIS J 29 -9.88 -43.20 -0.57
CA HIS J 29 -10.39 -41.85 -0.75
C HIS J 29 -11.81 -41.92 -1.30
N ASN J 30 -12.77 -41.36 -0.55
CA ASN J 30 -14.15 -41.40 -1.00
C ASN J 30 -14.43 -40.44 -2.15
N ASN J 31 -13.61 -39.41 -2.32
CA ASN J 31 -13.85 -38.38 -3.31
C ASN J 31 -12.97 -38.59 -4.53
N MET J 32 -13.61 -38.60 -5.71
CA MET J 32 -12.94 -38.84 -6.99
C MET J 32 -13.43 -37.82 -8.01
N TYR J 33 -12.50 -37.28 -8.78
CA TYR J 33 -12.79 -36.19 -9.71
C TYR J 33 -12.26 -36.54 -11.11
N TRP J 34 -12.96 -36.05 -12.13
CA TRP J 34 -12.57 -36.24 -13.53
C TRP J 34 -12.39 -34.87 -14.16
N TYR J 35 -11.12 -34.52 -14.42
CA TYR J 35 -10.77 -33.20 -14.95
C TYR J 35 -10.48 -33.28 -16.45
N ARG J 36 -10.32 -32.11 -17.06
CA ARG J 36 -10.01 -32.00 -18.47
C ARG J 36 -9.10 -30.80 -18.67
N GLN J 37 -7.84 -31.04 -19.03
CA GLN J 37 -6.86 -29.97 -19.18
C GLN J 37 -6.83 -29.51 -20.63
N ASP J 38 -7.39 -28.34 -20.89
CA ASP J 38 -7.35 -27.72 -22.21
C ASP J 38 -6.51 -26.45 -22.14
N THR J 39 -5.70 -26.23 -23.17
CA THR J 39 -4.83 -25.05 -23.19
C THR J 39 -5.67 -23.78 -23.21
N GLY J 40 -5.40 -22.89 -22.26
CA GLY J 40 -6.11 -21.65 -22.12
C GLY J 40 -7.18 -21.65 -21.06
N HIS J 41 -7.65 -22.82 -20.63
CA HIS J 41 -8.66 -22.92 -19.59
C HIS J 41 -8.16 -23.57 -18.31
N GLY J 42 -7.00 -24.23 -18.35
CA GLY J 42 -6.55 -24.96 -17.17
C GLY J 42 -7.38 -26.24 -16.98
N LEU J 43 -7.31 -26.75 -15.75
CA LEU J 43 -8.07 -27.94 -15.41
C LEU J 43 -9.54 -27.59 -15.19
N ARG J 44 -10.44 -28.33 -15.82
CA ARG J 44 -11.87 -28.08 -15.75
C ARG J 44 -12.59 -29.35 -15.33
N LEU J 45 -13.42 -29.24 -14.29
CA LEU J 45 -14.07 -30.40 -13.71
C LEU J 45 -15.27 -30.81 -14.55
N ILE J 46 -15.35 -32.09 -14.88
CA ILE J 46 -16.44 -32.64 -15.68
C ILE J 46 -17.45 -33.30 -14.76
N HIS J 47 -17.03 -34.36 -14.06
CA HIS J 47 -17.87 -35.10 -13.15
C HIS J 47 -17.05 -35.45 -11.91
N TYR J 48 -17.74 -35.65 -10.80
CA TYR J 48 -17.08 -36.03 -9.56
C TYR J 48 -18.01 -36.88 -8.73
N SER J 49 -17.44 -37.55 -7.73
CA SER J 49 -18.20 -38.46 -6.88
C SER J 49 -17.79 -38.24 -5.44
N TYR J 50 -18.78 -38.13 -4.56
CA TYR J 50 -18.56 -37.98 -3.12
C TYR J 50 -18.50 -39.33 -2.40
N GLY J 51 -18.74 -40.42 -3.11
CA GLY J 51 -18.74 -41.74 -2.50
C GLY J 51 -19.16 -42.77 -3.52
N ALA J 52 -19.03 -44.03 -3.12
CA ALA J 52 -19.40 -45.13 -4.01
C ALA J 52 -20.89 -45.08 -4.33
N GLY J 53 -21.22 -45.23 -5.61
CA GLY J 53 -22.59 -45.26 -6.06
C GLY J 53 -23.13 -43.92 -6.52
N SER J 54 -22.60 -42.82 -6.02
CA SER J 54 -23.09 -41.49 -6.36
C SER J 54 -22.18 -40.86 -7.42
N THR J 55 -22.80 -40.08 -8.31
CA THR J 55 -22.07 -39.37 -9.36
C THR J 55 -22.78 -38.05 -9.62
N GLU J 56 -22.09 -36.95 -9.37
CA GLU J 56 -22.66 -35.62 -9.53
C GLU J 56 -21.94 -34.87 -10.64
N LYS J 57 -22.64 -33.90 -11.21
CA LYS J 57 -22.11 -33.16 -12.34
C LYS J 57 -21.18 -32.04 -11.87
N GLY J 58 -20.31 -31.61 -12.77
CA GLY J 58 -19.34 -30.58 -12.47
C GLY J 58 -19.62 -29.27 -13.19
N ASP J 59 -18.57 -28.65 -13.75
CA ASP J 59 -18.72 -27.38 -14.44
C ASP J 59 -18.89 -27.54 -15.95
N ILE J 60 -18.40 -28.63 -16.53
CA ILE J 60 -18.58 -28.89 -17.95
C ILE J 60 -19.10 -30.32 -18.15
N PRO J 61 -20.27 -30.67 -17.61
CA PRO J 61 -20.73 -32.07 -17.66
C PRO J 61 -21.45 -32.47 -18.93
N ASP J 62 -21.52 -31.60 -19.94
CA ASP J 62 -22.23 -31.91 -21.17
C ASP J 62 -21.31 -32.67 -22.12
N GLY J 63 -21.82 -33.76 -22.69
CA GLY J 63 -21.04 -34.62 -23.55
C GLY J 63 -20.30 -35.73 -22.84
N TYR J 64 -20.42 -35.82 -21.51
CA TYR J 64 -19.73 -36.83 -20.72
C TYR J 64 -20.68 -37.39 -19.69
N LYS J 65 -20.75 -38.72 -19.61
CA LYS J 65 -21.45 -39.44 -18.55
C LYS J 65 -20.42 -40.13 -17.66
N ALA J 66 -20.81 -40.40 -16.42
CA ALA J 66 -19.90 -41.01 -15.47
C ALA J 66 -20.64 -41.95 -14.52
N SER J 67 -19.89 -42.88 -13.94
CA SER J 67 -20.45 -43.85 -13.00
C SER J 67 -19.37 -44.28 -12.01
N ARG J 68 -19.78 -44.48 -10.76
CA ARG J 68 -18.89 -44.91 -9.67
C ARG J 68 -19.36 -46.27 -9.17
N PRO J 69 -18.80 -47.37 -9.69
CA PRO J 69 -19.22 -48.70 -9.22
C PRO J 69 -18.82 -48.96 -7.78
N SER J 70 -17.57 -48.69 -7.42
CA SER J 70 -17.07 -48.92 -6.07
C SER J 70 -16.28 -47.71 -5.61
N GLN J 71 -15.82 -47.76 -4.35
CA GLN J 71 -14.99 -46.68 -3.83
C GLN J 71 -13.65 -46.57 -4.53
N GLU J 72 -13.26 -47.60 -5.29
CA GLU J 72 -11.95 -47.65 -5.91
C GLU J 72 -11.98 -47.40 -7.41
N ASN J 73 -13.15 -47.27 -8.03
CA ASN J 73 -13.25 -47.14 -9.48
C ASN J 73 -14.19 -45.99 -9.84
N PHE J 74 -13.76 -45.18 -10.80
CA PHE J 74 -14.56 -44.07 -11.32
C PHE J 74 -14.31 -43.98 -12.82
N SER J 75 -15.37 -44.12 -13.60
CA SER J 75 -15.26 -44.23 -15.05
C SER J 75 -15.98 -43.07 -15.74
N LEU J 76 -15.32 -42.50 -16.74
CA LEU J 76 -15.88 -41.45 -17.57
C LEU J 76 -16.27 -42.05 -18.92
N ILE J 77 -17.54 -41.94 -19.28
CA ILE J 77 -18.07 -42.56 -20.48
C ILE J 77 -18.43 -41.48 -21.49
N LEU J 78 -17.88 -41.60 -22.69
CA LEU J 78 -18.15 -40.68 -23.80
C LEU J 78 -18.98 -41.45 -24.84
N GLU J 79 -20.31 -41.38 -24.68
CA GLU J 79 -21.19 -42.18 -25.53
C GLU J 79 -21.15 -41.73 -26.99
N LEU J 80 -21.12 -40.42 -27.22
CA LEU J 80 -21.07 -39.85 -28.57
C LEU J 80 -19.82 -38.97 -28.65
N ALA J 81 -18.72 -39.56 -29.13
CA ALA J 81 -17.47 -38.83 -29.22
C ALA J 81 -17.57 -37.72 -30.27
N THR J 82 -17.00 -36.57 -29.95
CA THR J 82 -16.95 -35.42 -30.84
C THR J 82 -15.52 -34.91 -30.93
N PRO J 83 -15.14 -34.27 -32.04
CA PRO J 83 -13.78 -33.70 -32.12
C PRO J 83 -13.50 -32.66 -31.04
N SER J 84 -14.53 -31.96 -30.56
CA SER J 84 -14.35 -31.01 -29.47
C SER J 84 -13.99 -31.70 -28.16
N GLN J 85 -14.21 -33.01 -28.05
CA GLN J 85 -13.85 -33.76 -26.86
C GLN J 85 -12.41 -34.30 -26.91
N THR J 86 -11.55 -33.66 -27.71
CA THR J 86 -10.15 -34.05 -27.80
C THR J 86 -9.35 -33.27 -26.76
N SER J 87 -8.75 -33.98 -25.81
CA SER J 87 -8.06 -33.33 -24.70
C SER J 87 -7.20 -34.36 -23.99
N VAL J 88 -6.56 -33.92 -22.91
CA VAL J 88 -5.91 -34.80 -21.94
C VAL J 88 -6.80 -34.85 -20.70
N TYR J 89 -7.28 -36.04 -20.38
CA TYR J 89 -8.21 -36.23 -19.28
C TYR J 89 -7.46 -36.72 -18.05
N PHE J 90 -7.61 -36.02 -16.95
CA PHE J 90 -6.97 -36.36 -15.68
C PHE J 90 -7.99 -36.81 -14.66
N CYS J 91 -7.59 -37.76 -13.83
CA CYS J 91 -8.41 -38.25 -12.72
C CYS J 91 -7.68 -37.98 -11.41
N ALA J 92 -8.43 -37.56 -10.40
CA ALA J 92 -7.86 -37.25 -9.11
C ALA J 92 -8.72 -37.86 -8.01
N SER J 93 -8.05 -38.26 -6.93
CA SER J 93 -8.73 -38.73 -5.73
C SER J 93 -8.27 -37.89 -4.54
N GLY J 94 -9.09 -37.88 -3.50
CA GLY J 94 -8.76 -37.12 -2.32
C GLY J 94 -9.85 -37.26 -1.28
N ASP J 95 -9.63 -36.57 -0.16
CA ASP J 95 -10.59 -36.55 0.93
C ASP J 95 -11.34 -35.22 0.91
N PHE J 96 -12.28 -35.06 1.85
CA PHE J 96 -13.13 -33.87 1.88
C PHE J 96 -12.35 -32.66 2.36
N GLY J 97 -11.59 -32.07 1.42
CA GLY J 97 -10.78 -30.88 1.66
C GLY J 97 -10.07 -30.86 3.00
N GLY J 98 -9.00 -31.62 3.13
CA GLY J 98 -8.39 -32.33 2.03
C GLY J 98 -7.12 -31.60 1.63
N TYR J 99 -6.00 -32.05 2.19
CA TYR J 99 -4.74 -31.34 2.00
C TYR J 99 -4.28 -31.36 0.55
N GLU J 100 -4.72 -32.34 -0.24
CA GLU J 100 -4.18 -32.53 -1.58
C GLU J 100 -5.12 -33.39 -2.39
N GLN J 101 -5.26 -33.06 -3.67
CA GLN J 101 -5.92 -33.93 -4.65
C GLN J 101 -4.83 -34.68 -5.40
N TYR J 102 -4.85 -36.00 -5.32
CA TYR J 102 -3.82 -36.83 -5.91
C TYR J 102 -4.21 -37.16 -7.35
N PHE J 103 -3.44 -36.64 -8.31
CA PHE J 103 -3.75 -36.75 -9.72
C PHE J 103 -3.22 -38.05 -10.31
N GLY J 104 -3.86 -38.47 -11.40
CA GLY J 104 -3.45 -39.67 -12.10
C GLY J 104 -2.58 -39.36 -13.30
N PRO J 105 -2.13 -40.41 -13.99
CA PRO J 105 -1.20 -40.18 -15.12
C PRO J 105 -1.80 -39.38 -16.26
N GLY J 106 -3.10 -39.53 -16.51
CA GLY J 106 -3.74 -38.77 -17.57
C GLY J 106 -3.90 -39.55 -18.85
N THR J 107 -5.03 -39.37 -19.52
CA THR J 107 -5.34 -40.04 -20.78
C THR J 107 -5.41 -39.03 -21.91
N ARG J 108 -4.63 -39.28 -22.96
CA ARG J 108 -4.66 -38.44 -24.15
C ARG J 108 -5.64 -39.05 -25.15
N LEU J 109 -6.78 -38.38 -25.32
CA LEU J 109 -7.82 -38.84 -26.24
C LEU J 109 -7.90 -37.91 -27.44
N THR J 110 -8.01 -38.50 -28.63
CA THR J 110 -8.07 -37.76 -29.89
C THR J 110 -9.22 -38.30 -30.73
N VAL J 111 -10.27 -37.50 -30.89
CA VAL J 111 -11.36 -37.83 -31.81
C VAL J 111 -11.02 -37.21 -33.16
N LEU J 112 -11.14 -38.00 -34.23
CA LEU J 112 -10.58 -37.63 -35.52
C LEU J 112 -11.59 -37.54 -36.65
N GLU J 113 -12.86 -37.84 -36.41
CA GLU J 113 -13.92 -37.79 -37.43
C GLU J 113 -13.70 -38.86 -38.50
N ASP J 114 -12.63 -38.73 -39.29
CA ASP J 114 -12.29 -39.72 -40.31
C ASP J 114 -10.92 -40.31 -40.01
N LEU J 115 -10.81 -41.63 -40.10
CA LEU J 115 -9.55 -42.33 -39.85
C LEU J 115 -8.69 -42.46 -41.09
N LYS J 116 -9.18 -42.01 -42.25
CA LYS J 116 -8.46 -42.20 -43.51
C LYS J 116 -7.22 -41.33 -43.63
N ASN J 117 -6.86 -40.60 -42.57
CA ASN J 117 -5.65 -39.80 -42.52
C ASN J 117 -4.68 -40.27 -41.44
N VAL J 118 -5.03 -41.29 -40.68
CA VAL J 118 -4.12 -41.83 -39.66
C VAL J 118 -2.96 -42.52 -40.36
N PHE J 119 -1.74 -42.23 -39.90
CA PHE J 119 -0.55 -42.72 -40.57
C PHE J 119 0.51 -43.10 -39.54
N PRO J 120 1.12 -44.28 -39.67
CA PRO J 120 2.21 -44.65 -38.76
C PRO J 120 3.46 -43.87 -39.10
N PRO J 121 4.35 -43.68 -38.14
CA PRO J 121 5.56 -42.88 -38.38
C PRO J 121 6.61 -43.66 -39.16
N GLU J 122 7.48 -42.91 -39.81
CA GLU J 122 8.62 -43.45 -40.53
C GLU J 122 9.88 -43.00 -39.80
N VAL J 123 10.60 -43.95 -39.20
CA VAL J 123 11.71 -43.65 -38.31
C VAL J 123 13.02 -43.93 -39.03
N ALA J 124 13.98 -43.01 -38.89
CA ALA J 124 15.31 -43.17 -39.44
C ALA J 124 16.32 -42.54 -38.49
N VAL J 125 17.51 -43.14 -38.39
CA VAL J 125 18.55 -42.70 -37.48
C VAL J 125 19.76 -42.26 -38.29
N PHE J 126 20.29 -41.08 -37.96
CA PHE J 126 21.42 -40.49 -38.66
C PHE J 126 22.66 -40.54 -37.77
N GLU J 127 23.77 -41.02 -38.33
CA GLU J 127 24.99 -41.32 -37.59
C GLU J 127 25.83 -40.05 -37.37
N PRO J 128 26.62 -40.00 -36.31
CA PRO J 128 27.34 -38.77 -35.95
C PRO J 128 28.31 -38.33 -37.03
N SER J 129 28.54 -37.02 -37.08
CA SER J 129 29.53 -36.44 -37.97
C SER J 129 30.94 -36.64 -37.39
N GLU J 130 31.87 -37.03 -38.25
CA GLU J 130 33.24 -37.24 -37.80
C GLU J 130 33.91 -35.92 -37.42
N ALA J 131 33.46 -34.81 -38.02
CA ALA J 131 34.01 -33.51 -37.66
C ALA J 131 33.70 -33.17 -36.20
N GLU J 132 32.50 -33.52 -35.74
CA GLU J 132 32.15 -33.30 -34.34
C GLU J 132 33.03 -34.14 -33.42
N ILE J 133 33.36 -35.36 -33.84
CA ILE J 133 34.18 -36.25 -33.01
C ILE J 133 35.58 -35.68 -32.84
N SER J 134 36.15 -35.13 -33.92
CA SER J 134 37.51 -34.60 -33.90
C SER J 134 37.57 -33.18 -33.33
N HIS J 135 36.44 -32.57 -33.01
CA HIS J 135 36.41 -31.21 -32.48
C HIS J 135 35.92 -31.13 -31.05
N THR J 136 34.87 -31.88 -30.71
CA THR J 136 34.29 -31.85 -29.38
C THR J 136 34.54 -33.11 -28.57
N GLN J 137 35.10 -34.15 -29.19
CA GLN J 137 35.31 -35.46 -28.54
C GLN J 137 34.00 -36.06 -28.05
N LYS J 138 32.91 -35.78 -28.77
CA LYS J 138 31.59 -36.29 -28.45
C LYS J 138 30.86 -36.61 -29.75
N ALA J 139 29.87 -37.48 -29.66
CA ALA J 139 29.12 -37.93 -30.83
C ALA J 139 27.62 -37.77 -30.58
N THR J 140 26.92 -37.18 -31.55
CA THR J 140 25.49 -36.95 -31.46
C THR J 140 24.78 -37.78 -32.52
N LEU J 141 23.82 -38.59 -32.10
CA LEU J 141 22.97 -39.35 -33.01
C LEU J 141 21.59 -38.71 -33.03
N VAL J 142 21.06 -38.49 -34.24
CA VAL J 142 19.78 -37.83 -34.43
C VAL J 142 18.80 -38.85 -34.99
N CYS J 143 17.69 -39.05 -34.28
CA CYS J 143 16.60 -39.89 -34.75
C CYS J 143 15.46 -39.00 -35.24
N LEU J 144 14.80 -39.42 -36.31
CA LEU J 144 13.81 -38.58 -36.98
C LEU J 144 12.58 -39.42 -37.33
N ALA J 145 11.50 -39.21 -36.58
CA ALA J 145 10.21 -39.81 -36.91
C ALA J 145 9.41 -38.82 -37.74
N THR J 146 9.02 -39.23 -38.95
CA THR J 146 8.39 -38.34 -39.90
C THR J 146 7.08 -38.93 -40.41
N GLY J 147 6.10 -38.06 -40.63
CA GLY J 147 4.85 -38.44 -41.25
C GLY J 147 3.95 -39.33 -40.43
N PHE J 148 3.43 -38.81 -39.32
CA PHE J 148 2.48 -39.54 -38.49
C PHE J 148 1.32 -38.65 -38.13
N TYR J 149 0.16 -39.27 -37.91
CA TYR J 149 -1.06 -38.57 -37.53
C TYR J 149 -1.92 -39.53 -36.70
N PRO J 150 -2.35 -39.14 -35.50
CA PRO J 150 -2.11 -37.85 -34.82
C PRO J 150 -0.74 -37.78 -34.15
N ASP J 151 -0.56 -36.89 -33.17
CA ASP J 151 0.72 -36.72 -32.49
C ASP J 151 0.90 -37.70 -31.35
N HIS J 152 0.19 -38.84 -31.37
CA HIS J 152 0.29 -39.84 -30.31
C HIS J 152 1.53 -40.69 -30.57
N VAL J 153 2.70 -40.13 -30.23
CA VAL J 153 3.98 -40.81 -30.40
C VAL J 153 4.74 -40.77 -29.08
N GLU J 154 5.71 -41.67 -28.97
CA GLU J 154 6.56 -41.75 -27.79
C GLU J 154 7.93 -42.23 -28.25
N LEU J 155 8.88 -41.32 -28.35
CA LEU J 155 10.23 -41.64 -28.80
C LEU J 155 11.09 -42.05 -27.61
N SER J 156 11.84 -43.14 -27.77
CA SER J 156 12.73 -43.63 -26.74
C SER J 156 14.04 -44.08 -27.40
N TRP J 157 15.14 -43.89 -26.68
CA TRP J 157 16.46 -44.27 -27.13
C TRP J 157 16.88 -45.54 -26.39
N TRP J 158 17.23 -46.58 -27.16
CA TRP J 158 17.60 -47.87 -26.60
C TRP J 158 19.03 -48.20 -27.01
N VAL J 159 19.93 -48.27 -26.03
CA VAL J 159 21.34 -48.54 -26.27
C VAL J 159 21.67 -49.90 -25.67
N ASN J 160 22.09 -50.83 -26.53
CA ASN J 160 22.46 -52.19 -26.12
C ASN J 160 21.33 -52.88 -25.37
N GLY J 161 20.10 -52.64 -25.81
CA GLY J 161 18.94 -53.25 -25.22
C GLY J 161 18.40 -52.58 -23.97
N LYS J 162 19.05 -51.53 -23.48
CA LYS J 162 18.63 -50.82 -22.28
C LYS J 162 18.22 -49.41 -22.67
N GLU J 163 17.07 -48.97 -22.16
CA GLU J 163 16.65 -47.59 -22.39
C GLU J 163 17.62 -46.63 -21.72
N VAL J 164 18.09 -45.65 -22.48
CA VAL J 164 18.99 -44.61 -21.98
C VAL J 164 18.21 -43.30 -21.92
N HIS J 165 18.39 -42.57 -20.82
CA HIS J 165 17.78 -41.26 -20.67
C HIS J 165 18.80 -40.14 -20.58
N SER J 166 20.07 -40.48 -20.37
CA SER J 166 21.14 -39.44 -20.35
C SER J 166 21.38 -38.91 -21.77
N GLY J 167 21.66 -37.60 -21.89
CA GLY J 167 21.89 -36.99 -23.21
C GLY J 167 20.90 -37.50 -24.22
N VAL J 168 19.61 -37.21 -24.03
CA VAL J 168 18.59 -37.83 -24.93
C VAL J 168 17.56 -36.80 -25.38
N CYS J 169 17.75 -35.52 -25.05
CA CYS J 169 16.74 -34.47 -25.37
C CYS J 169 15.88 -34.82 -26.60
N THR J 170 14.57 -34.81 -26.43
CA THR J 170 13.64 -35.07 -27.55
C THR J 170 12.78 -33.84 -27.71
N ASP J 171 12.42 -33.48 -28.93
CA ASP J 171 11.69 -32.23 -29.11
C ASP J 171 10.43 -32.24 -28.24
N PRO J 172 10.09 -31.12 -27.61
CA PRO J 172 8.89 -31.10 -26.78
C PRO J 172 7.60 -31.12 -27.58
N GLN J 173 7.56 -30.48 -28.74
CA GLN J 173 6.34 -30.35 -29.51
C GLN J 173 6.56 -30.84 -30.94
N PRO J 174 5.69 -31.71 -31.46
CA PRO J 174 5.80 -32.11 -32.87
C PRO J 174 5.57 -30.92 -33.79
N LEU J 175 6.30 -30.90 -34.91
CA LEU J 175 6.17 -29.84 -35.90
C LEU J 175 5.42 -30.37 -37.11
N LYS J 176 4.51 -29.55 -37.64
CA LYS J 176 3.71 -29.94 -38.79
C LYS J 176 4.54 -29.85 -40.06
N GLU J 177 4.58 -30.95 -40.82
CA GLU J 177 5.35 -30.95 -42.07
C GLU J 177 4.72 -30.03 -43.10
N GLN J 178 3.38 -30.02 -43.20
CA GLN J 178 2.65 -29.11 -44.07
C GLN J 178 1.75 -28.25 -43.18
N PRO J 179 2.28 -27.15 -42.63
CA PRO J 179 1.44 -26.29 -41.78
C PRO J 179 0.24 -25.71 -42.50
N ALA J 180 0.31 -25.57 -43.83
CA ALA J 180 -0.80 -25.01 -44.58
C ALA J 180 -2.02 -25.91 -44.53
N LEU J 181 -1.84 -27.18 -44.83
CA LEU J 181 -2.96 -28.13 -44.86
C LEU J 181 -3.34 -28.55 -43.45
N ASN J 182 -4.64 -28.59 -43.19
CA ASN J 182 -5.13 -29.22 -41.97
C ASN J 182 -5.07 -30.74 -42.11
N ASP J 183 -5.15 -31.43 -40.97
CA ASP J 183 -4.93 -32.87 -40.90
C ASP J 183 -3.57 -33.25 -41.50
N SER J 184 -2.56 -32.44 -41.17
CA SER J 184 -1.21 -32.64 -41.68
C SER J 184 -0.42 -33.56 -40.77
N ARG J 185 0.48 -34.33 -41.37
CA ARG J 185 1.28 -35.29 -40.64
C ARG J 185 2.45 -34.60 -39.96
N TYR J 186 2.70 -34.95 -38.70
CA TYR J 186 3.71 -34.30 -37.89
C TYR J 186 5.07 -34.96 -38.06
N ALA J 187 6.06 -34.43 -37.34
CA ALA J 187 7.41 -34.95 -37.35
C ALA J 187 8.07 -34.64 -36.01
N LEU J 188 8.96 -35.53 -35.58
CA LEU J 188 9.62 -35.40 -34.29
C LEU J 188 11.09 -35.75 -34.45
N SER J 189 11.93 -35.14 -33.61
CA SER J 189 13.37 -35.38 -33.65
C SER J 189 13.90 -35.53 -32.24
N SER J 190 14.85 -36.46 -32.08
CA SER J 190 15.55 -36.63 -30.81
C SER J 190 17.03 -36.79 -31.10
N ARG J 191 17.84 -36.55 -30.08
CA ARG J 191 19.29 -36.56 -30.22
C ARG J 191 19.87 -37.38 -29.08
N LEU J 192 20.87 -38.21 -29.36
CA LEU J 192 21.54 -38.97 -28.32
C LEU J 192 23.02 -38.64 -28.36
N ARG J 193 23.52 -38.00 -27.30
CA ARG J 193 24.90 -37.58 -27.23
C ARG J 193 25.67 -38.56 -26.35
N VAL J 194 26.66 -39.23 -26.94
CA VAL J 194 27.51 -40.17 -26.23
C VAL J 194 28.96 -39.74 -26.44
N SER J 195 29.84 -40.27 -25.59
CA SER J 195 31.26 -40.02 -25.75
C SER J 195 31.76 -40.58 -27.07
N ALA J 196 32.81 -39.96 -27.60
CA ALA J 196 33.37 -40.43 -28.87
C ALA J 196 33.85 -41.87 -28.76
N THR J 197 34.51 -42.21 -27.66
CA THR J 197 35.01 -43.57 -27.48
C THR J 197 33.89 -44.60 -27.50
N PHE J 198 32.70 -44.22 -27.00
CA PHE J 198 31.56 -45.13 -27.04
C PHE J 198 31.12 -45.40 -28.47
N TRP J 199 31.15 -44.39 -29.33
CA TRP J 199 30.74 -44.58 -30.72
C TRP J 199 31.78 -45.37 -31.51
N GLN J 200 33.07 -45.20 -31.21
CA GLN J 200 34.11 -45.94 -31.91
C GLN J 200 34.07 -47.44 -31.64
N ASN J 201 33.53 -47.86 -30.50
CA ASN J 201 33.39 -49.28 -30.22
C ASN J 201 32.31 -49.88 -31.11
N PRO J 202 32.62 -50.83 -31.99
CA PRO J 202 31.62 -51.34 -32.93
C PRO J 202 30.66 -52.36 -32.33
N ARG J 203 30.75 -52.66 -31.04
CA ARG J 203 29.87 -53.61 -30.39
C ARG J 203 28.77 -52.92 -29.58
N ASN J 204 28.52 -51.65 -29.84
CA ASN J 204 27.48 -50.89 -29.16
C ASN J 204 26.33 -50.65 -30.12
N HIS J 205 25.12 -51.05 -29.72
CA HIS J 205 23.93 -50.92 -30.54
C HIS J 205 23.14 -49.68 -30.12
N PHE J 206 22.82 -48.84 -31.11
CA PHE J 206 21.99 -47.66 -30.89
C PHE J 206 20.72 -47.81 -31.72
N ARG J 207 19.59 -47.99 -31.04
CA ARG J 207 18.30 -48.08 -31.70
C ARG J 207 17.36 -47.02 -31.14
N CYS J 208 16.64 -46.36 -32.05
CA CYS J 208 15.63 -45.39 -31.69
C CYS J 208 14.25 -45.99 -31.94
N GLN J 209 13.40 -45.95 -30.91
CA GLN J 209 12.10 -46.60 -30.96
C GLN J 209 11.00 -45.57 -30.75
N VAL J 210 10.04 -45.54 -31.67
CA VAL J 210 8.90 -44.64 -31.61
C VAL J 210 7.64 -45.48 -31.52
N GLN J 211 6.85 -45.26 -30.46
CA GLN J 211 5.61 -45.98 -30.26
C GLN J 211 4.45 -45.13 -30.75
N PHE J 212 3.75 -45.62 -31.78
CA PHE J 212 2.61 -44.94 -32.37
C PHE J 212 1.33 -45.50 -31.78
N TYR J 213 0.52 -44.64 -31.17
CA TYR J 213 -0.78 -45.02 -30.64
C TYR J 213 -1.82 -44.70 -31.70
N GLY J 214 -2.40 -45.73 -32.31
CA GLY J 214 -3.35 -45.53 -33.39
C GLY J 214 -4.61 -46.36 -33.27
N LEU J 215 -4.93 -47.10 -34.34
CA LEU J 215 -6.17 -47.86 -34.39
C LEU J 215 -6.05 -49.15 -33.58
N SER J 216 -7.19 -49.64 -33.14
CA SER J 216 -7.28 -50.86 -32.33
C SER J 216 -7.79 -52.02 -33.19
N GLU J 217 -7.94 -53.18 -32.54
CA GLU J 217 -8.42 -54.36 -33.25
C GLU J 217 -9.91 -54.27 -33.55
N ASN J 218 -10.69 -53.63 -32.68
CA ASN J 218 -12.12 -53.48 -32.89
C ASN J 218 -12.45 -52.39 -33.90
N ASP J 219 -11.48 -51.59 -34.31
CA ASP J 219 -11.72 -50.56 -35.31
C ASP J 219 -11.85 -51.19 -36.70
N GLU J 220 -12.34 -50.39 -37.64
CA GLU J 220 -12.62 -50.86 -38.99
C GLU J 220 -11.76 -50.09 -39.99
N TRP J 221 -11.11 -50.83 -40.90
CA TRP J 221 -10.31 -50.27 -41.97
C TRP J 221 -10.93 -50.64 -43.31
N THR J 222 -11.18 -49.63 -44.14
CA THR J 222 -11.81 -49.84 -45.43
C THR J 222 -10.87 -49.68 -46.61
N GLN J 223 -9.74 -48.99 -46.44
CA GLN J 223 -8.82 -48.76 -47.54
C GLN J 223 -7.95 -49.99 -47.80
N ASP J 224 -7.30 -49.99 -48.96
CA ASP J 224 -6.36 -51.05 -49.29
C ASP J 224 -5.04 -50.91 -48.53
N ARG J 225 -4.82 -49.78 -47.87
CA ARG J 225 -3.61 -49.54 -47.11
C ARG J 225 -3.55 -50.47 -45.89
N ALA J 226 -2.35 -50.58 -45.32
CA ALA J 226 -2.20 -51.30 -44.07
C ALA J 226 -2.91 -50.54 -42.95
N LYS J 227 -3.51 -51.28 -42.02
CA LYS J 227 -4.21 -50.66 -40.91
C LYS J 227 -3.22 -49.90 -40.03
N PRO J 228 -3.43 -48.60 -39.80
CA PRO J 228 -2.53 -47.83 -38.92
C PRO J 228 -2.75 -48.16 -37.45
N VAL J 229 -2.40 -49.38 -37.08
CA VAL J 229 -2.63 -49.87 -35.72
C VAL J 229 -1.52 -49.39 -34.80
N THR J 230 -1.75 -49.50 -33.50
CA THR J 230 -0.72 -49.20 -32.52
C THR J 230 0.49 -50.09 -32.73
N GLN J 231 1.64 -49.49 -33.04
CA GLN J 231 2.81 -50.25 -33.42
C GLN J 231 4.06 -49.50 -32.99
N ILE J 232 5.18 -50.23 -32.97
CA ILE J 232 6.49 -49.66 -32.71
C ILE J 232 7.28 -49.67 -34.01
N VAL J 233 7.72 -48.50 -34.45
CA VAL J 233 8.56 -48.36 -35.63
C VAL J 233 9.95 -47.96 -35.16
N SER J 234 10.96 -48.71 -35.61
CA SER J 234 12.32 -48.56 -35.10
C SER J 234 13.30 -48.29 -36.23
N ALA J 235 14.47 -47.82 -35.83
CA ALA J 235 15.60 -47.63 -36.74
C ALA J 235 16.87 -47.71 -35.90
N GLU J 236 17.88 -48.41 -36.42
CA GLU J 236 19.08 -48.71 -35.64
C GLU J 236 20.32 -48.20 -36.34
N ALA J 237 21.42 -48.21 -35.59
CA ALA J 237 22.73 -47.83 -36.10
C ALA J 237 23.78 -48.43 -35.17
N TRP J 238 24.81 -49.03 -35.77
CA TRP J 238 25.87 -49.70 -35.03
C TRP J 238 27.09 -48.78 -34.91
N GLY J 239 27.89 -49.04 -33.87
CA GLY J 239 29.08 -48.24 -33.65
C GLY J 239 30.11 -48.42 -34.75
N ARG J 240 30.87 -47.35 -34.99
CA ARG J 240 31.85 -47.33 -36.06
C ARG J 240 33.12 -46.66 -35.57
N ALA J 241 34.27 -47.27 -35.89
CA ALA J 241 35.56 -46.65 -35.62
C ALA J 241 36.09 -45.89 -36.82
N ASP J 242 35.72 -46.31 -38.03
CA ASP J 242 36.11 -45.64 -39.27
C ASP J 242 37.62 -45.44 -39.38
N GLY K 1 24.22 -91.16 -14.15
CA GLY K 1 24.76 -89.84 -13.89
C GLY K 1 23.75 -88.88 -13.27
N SER K 2 24.16 -87.64 -13.07
CA SER K 2 23.27 -86.64 -12.49
C SER K 2 22.15 -86.29 -13.46
N HIS K 3 20.93 -86.19 -12.95
CA HIS K 3 19.77 -85.84 -13.73
C HIS K 3 19.07 -84.62 -13.13
N SER K 4 18.22 -83.99 -13.93
CA SER K 4 17.64 -82.71 -13.53
C SER K 4 16.17 -82.66 -13.94
N MET K 5 15.40 -81.94 -13.12
CA MET K 5 14.03 -81.54 -13.44
C MET K 5 13.94 -80.03 -13.41
N ARG K 6 13.22 -79.47 -14.38
CA ARG K 6 13.12 -78.02 -14.48
C ARG K 6 11.77 -77.65 -15.05
N TYR K 7 11.08 -76.71 -14.41
CA TYR K 7 9.83 -76.17 -14.90
C TYR K 7 10.06 -74.71 -15.25
N PHE K 8 9.54 -74.29 -16.41
CA PHE K 8 9.72 -72.92 -16.87
C PHE K 8 8.36 -72.26 -17.06
N TYR K 9 8.19 -71.09 -16.46
CA TYR K 9 6.94 -70.33 -16.50
C TYR K 9 7.18 -69.01 -17.18
N THR K 10 6.29 -68.64 -18.09
CA THR K 10 6.34 -67.35 -18.77
C THR K 10 4.95 -66.74 -18.77
N SER K 11 4.83 -65.53 -18.22
CA SER K 11 3.56 -64.82 -18.14
C SER K 11 3.75 -63.43 -18.73
N VAL K 12 3.05 -63.15 -19.83
CA VAL K 12 3.14 -61.87 -20.52
C VAL K 12 1.80 -61.16 -20.43
N SER K 13 1.81 -59.92 -19.97
CA SER K 13 0.58 -59.15 -19.84
C SER K 13 0.12 -58.67 -21.21
N ARG K 14 -1.20 -58.53 -21.35
CA ARG K 14 -1.84 -58.06 -22.58
C ARG K 14 -2.81 -56.95 -22.20
N PRO K 15 -2.29 -55.75 -21.89
CA PRO K 15 -3.17 -54.66 -21.43
C PRO K 15 -4.24 -54.30 -22.43
N GLY K 16 -5.50 -54.58 -22.10
CA GLY K 16 -6.61 -54.34 -22.98
C GLY K 16 -6.76 -55.37 -24.09
N ARG K 17 -5.71 -56.09 -24.44
CA ARG K 17 -5.75 -57.12 -25.47
C ARG K 17 -6.03 -58.50 -24.90
N GLY K 18 -6.69 -58.57 -23.75
CA GLY K 18 -7.05 -59.84 -23.14
C GLY K 18 -6.53 -59.99 -21.73
N GLU K 19 -6.23 -61.22 -21.34
CA GLU K 19 -5.66 -61.57 -20.04
C GLU K 19 -4.20 -61.95 -20.21
N PRO K 20 -3.41 -61.95 -19.13
CA PRO K 20 -2.03 -62.41 -19.23
C PRO K 20 -1.94 -63.80 -19.82
N ARG K 21 -0.99 -64.01 -20.72
CA ARG K 21 -0.77 -65.32 -21.34
C ARG K 21 0.23 -66.11 -20.51
N PHE K 22 -0.13 -67.34 -20.17
CA PHE K 22 0.69 -68.20 -19.32
C PHE K 22 1.13 -69.41 -20.14
N ILE K 23 2.44 -69.62 -20.23
CA ILE K 23 3.02 -70.78 -20.90
C ILE K 23 3.93 -71.48 -19.90
N ALA K 24 3.72 -72.80 -19.75
CA ALA K 24 4.50 -73.61 -18.83
C ALA K 24 5.07 -74.80 -19.59
N VAL K 25 6.36 -75.06 -19.38
CA VAL K 25 7.03 -76.21 -19.99
C VAL K 25 7.82 -76.94 -18.91
N GLY K 26 7.60 -78.25 -18.80
CA GLY K 26 8.35 -79.08 -17.89
C GLY K 26 9.40 -79.88 -18.66
N TYR K 27 10.63 -79.88 -18.14
CA TYR K 27 11.74 -80.54 -18.78
C TYR K 27 12.37 -81.52 -17.80
N VAL K 28 12.75 -82.69 -18.29
CA VAL K 28 13.59 -83.64 -17.56
C VAL K 28 14.89 -83.76 -18.32
N ASP K 29 15.99 -83.35 -17.68
CA ASP K 29 17.28 -83.23 -18.34
C ASP K 29 17.17 -82.32 -19.56
N ASP K 30 16.98 -82.91 -20.74
CA ASP K 30 16.84 -82.15 -21.98
C ASP K 30 15.60 -82.57 -22.75
N THR K 31 14.65 -83.24 -22.12
CA THR K 31 13.47 -83.75 -22.79
C THR K 31 12.22 -83.14 -22.17
N GLN K 32 11.45 -82.43 -22.97
CA GLN K 32 10.19 -81.86 -22.52
C GLN K 32 9.17 -82.98 -22.29
N PHE K 33 8.36 -82.82 -21.24
CA PHE K 33 7.36 -83.86 -20.94
C PHE K 33 5.96 -83.31 -20.71
N VAL K 34 5.83 -82.06 -20.27
CA VAL K 34 4.52 -81.44 -20.09
C VAL K 34 4.54 -80.05 -20.71
N ARG K 35 3.34 -79.55 -21.00
CA ARG K 35 3.18 -78.23 -21.59
C ARG K 35 1.77 -77.73 -21.30
N PHE K 36 1.65 -76.43 -21.03
CA PHE K 36 0.37 -75.78 -20.84
C PHE K 36 0.42 -74.39 -21.44
N ASP K 37 -0.57 -74.05 -22.27
CA ASP K 37 -0.68 -72.74 -22.87
C ASP K 37 -2.05 -72.16 -22.52
N SER K 38 -2.06 -70.90 -22.07
CA SER K 38 -3.30 -70.27 -21.64
C SER K 38 -4.21 -69.95 -22.82
N ASP K 39 -3.63 -69.73 -24.01
CA ASP K 39 -4.41 -69.40 -25.20
C ASP K 39 -4.75 -70.62 -26.05
N ALA K 40 -4.72 -71.82 -25.45
CA ALA K 40 -5.08 -73.03 -26.16
C ALA K 40 -6.57 -73.33 -25.97
N ALA K 41 -7.02 -74.43 -26.55
CA ALA K 41 -8.42 -74.84 -26.40
C ALA K 41 -8.61 -75.93 -25.36
N SER K 42 -7.62 -76.80 -25.18
CA SER K 42 -7.75 -77.89 -24.21
C SER K 42 -7.82 -77.35 -22.79
N GLN K 43 -7.09 -76.27 -22.52
CA GLN K 43 -6.97 -75.71 -21.17
C GLN K 43 -6.59 -76.81 -20.17
N ARG K 44 -5.59 -77.60 -20.55
CA ARG K 44 -5.20 -78.77 -19.79
C ARG K 44 -3.70 -79.01 -19.98
N MET K 45 -3.07 -79.60 -18.97
CA MET K 45 -1.68 -80.00 -19.10
C MET K 45 -1.57 -81.08 -20.17
N GLU K 46 -0.81 -80.81 -21.22
CA GLU K 46 -0.79 -81.78 -22.30
C GLU K 46 0.54 -82.54 -22.32
N PRO K 47 0.52 -83.84 -22.61
CA PRO K 47 1.78 -84.59 -22.68
C PRO K 47 2.57 -84.21 -23.92
N ARG K 48 3.89 -84.06 -23.75
CA ARG K 48 4.79 -83.77 -24.85
C ARG K 48 5.95 -84.77 -24.88
N ALA K 49 5.71 -85.97 -24.35
CA ALA K 49 6.70 -87.04 -24.31
C ALA K 49 5.96 -88.36 -24.31
N PRO K 50 6.61 -89.44 -24.75
CA PRO K 50 5.92 -90.75 -24.75
C PRO K 50 5.85 -91.40 -23.37
N TRP K 51 6.87 -91.20 -22.55
CA TRP K 51 6.95 -91.87 -21.25
C TRP K 51 6.11 -91.18 -20.18
N ILE K 52 5.32 -90.17 -20.54
CA ILE K 52 4.45 -89.50 -19.58
C ILE K 52 2.98 -89.78 -19.86
N GLU K 53 2.64 -90.37 -21.00
CA GLU K 53 1.26 -90.73 -21.29
C GLU K 53 0.77 -91.87 -20.41
N GLN K 54 1.68 -92.64 -19.81
CA GLN K 54 1.28 -93.76 -18.97
C GLN K 54 0.54 -93.30 -17.72
N GLU K 55 0.80 -92.07 -17.27
CA GLU K 55 0.15 -91.58 -16.07
C GLU K 55 -1.35 -91.44 -16.29
N GLY K 56 -2.11 -91.72 -15.23
CA GLY K 56 -3.56 -91.76 -15.33
C GLY K 56 -4.18 -90.39 -15.46
N PRO K 57 -5.49 -90.35 -15.70
CA PRO K 57 -6.19 -89.06 -15.80
C PRO K 57 -6.13 -88.23 -14.54
N GLU K 58 -5.88 -88.87 -13.39
CA GLU K 58 -5.74 -88.12 -12.14
C GLU K 58 -4.52 -87.21 -12.20
N TYR K 59 -3.40 -87.72 -12.73
CA TYR K 59 -2.22 -86.89 -12.90
C TYR K 59 -2.50 -85.71 -13.82
N TRP K 60 -3.16 -85.97 -14.95
CA TRP K 60 -3.46 -84.92 -15.90
C TRP K 60 -4.59 -84.02 -15.44
N ASP K 61 -5.21 -84.31 -14.29
CA ASP K 61 -6.18 -83.43 -13.68
C ASP K 61 -5.54 -82.53 -12.63
N GLN K 62 -4.74 -83.12 -11.73
CA GLN K 62 -4.11 -82.33 -10.68
C GLN K 62 -3.08 -81.37 -11.27
N GLU K 63 -2.32 -81.81 -12.27
CA GLU K 63 -1.34 -80.93 -12.90
C GLU K 63 -2.03 -79.78 -13.63
N THR K 64 -3.19 -80.04 -14.22
CA THR K 64 -3.95 -78.97 -14.85
C THR K 64 -4.42 -77.97 -13.80
N ARG K 65 -4.94 -78.46 -12.68
CA ARG K 65 -5.41 -77.57 -11.62
C ARG K 65 -4.26 -76.76 -11.01
N ASN K 66 -3.15 -77.43 -10.72
CA ASN K 66 -2.04 -76.76 -10.03
C ASN K 66 -1.38 -75.71 -10.92
N VAL K 67 -1.20 -76.04 -12.21
CA VAL K 67 -0.55 -75.08 -13.10
C VAL K 67 -1.48 -73.91 -13.40
N LYS K 68 -2.80 -74.14 -13.36
CA LYS K 68 -3.74 -73.04 -13.55
C LYS K 68 -3.72 -72.08 -12.37
N ALA K 69 -3.37 -72.58 -11.18
CA ALA K 69 -3.26 -71.71 -10.02
C ALA K 69 -2.11 -70.72 -10.17
N GLN K 70 -0.98 -71.16 -10.74
CA GLN K 70 0.13 -70.26 -10.98
C GLN K 70 -0.21 -69.23 -12.05
N SER K 71 -1.11 -69.57 -12.98
CA SER K 71 -1.62 -68.57 -13.91
C SER K 71 -2.34 -67.45 -13.16
N GLN K 72 -3.21 -67.83 -12.21
CA GLN K 72 -3.92 -66.84 -11.41
C GLN K 72 -2.98 -66.05 -10.53
N THR K 73 -1.98 -66.71 -9.93
CA THR K 73 -1.03 -66.01 -9.08
C THR K 73 -0.24 -64.98 -9.86
N ASP K 74 0.20 -65.33 -11.07
CA ASP K 74 0.99 -64.38 -11.84
C ASP K 74 0.14 -63.20 -12.31
N ARG K 75 -1.14 -63.43 -12.64
CA ARG K 75 -2.04 -62.34 -13.01
C ARG K 75 -1.91 -61.17 -12.04
N VAL K 76 -2.09 -61.44 -10.75
CA VAL K 76 -2.04 -60.37 -9.77
C VAL K 76 -0.61 -59.88 -9.57
N ASP K 77 0.38 -60.76 -9.76
CA ASP K 77 1.77 -60.34 -9.59
C ASP K 77 2.22 -59.40 -10.71
N LEU K 78 1.66 -59.55 -11.92
CA LEU K 78 1.97 -58.62 -13.00
C LEU K 78 1.58 -57.20 -12.62
N GLY K 79 0.37 -57.01 -12.11
CA GLY K 79 -0.06 -55.69 -11.69
C GLY K 79 0.68 -55.18 -10.48
N THR K 80 0.95 -56.08 -9.51
CA THR K 80 1.70 -55.68 -8.32
C THR K 80 3.10 -55.21 -8.70
N LEU K 81 3.76 -55.90 -9.63
CA LEU K 81 5.10 -55.49 -10.03
C LEU K 81 5.07 -54.19 -10.83
N ARG K 82 4.00 -53.96 -11.59
CA ARG K 82 3.88 -52.72 -12.34
C ARG K 82 3.95 -51.51 -11.40
N GLY K 83 3.14 -51.54 -10.33
CA GLY K 83 3.14 -50.44 -9.39
C GLY K 83 4.48 -50.28 -8.68
N TYR K 84 5.13 -51.40 -8.36
CA TYR K 84 6.45 -51.34 -7.74
C TYR K 84 7.41 -50.54 -8.58
N TYR K 85 7.37 -50.71 -9.90
CA TYR K 85 8.27 -50.05 -10.83
C TYR K 85 7.71 -48.76 -11.37
N ASN K 86 6.46 -48.43 -11.07
CA ASN K 86 5.76 -47.27 -11.62
C ASN K 86 5.80 -47.30 -13.15
N GLN K 87 5.17 -48.33 -13.70
CA GLN K 87 5.12 -48.55 -15.14
C GLN K 87 3.74 -48.21 -15.68
N SER K 88 3.67 -48.01 -16.99
CA SER K 88 2.43 -47.63 -17.65
C SER K 88 1.40 -48.74 -17.56
N GLU K 89 0.12 -48.35 -17.58
CA GLU K 89 -0.99 -49.28 -17.47
C GLU K 89 -1.39 -49.90 -18.80
N ASP K 90 -0.79 -49.47 -19.90
CA ASP K 90 -1.11 -49.99 -21.23
C ASP K 90 0.12 -50.59 -21.90
N GLY K 91 1.08 -51.05 -21.10
CA GLY K 91 2.31 -51.65 -21.61
C GLY K 91 2.46 -53.09 -21.13
N SER K 92 2.92 -53.96 -22.02
CA SER K 92 3.06 -55.37 -21.74
C SER K 92 4.39 -55.65 -21.05
N HIS K 93 4.35 -56.50 -20.02
CA HIS K 93 5.54 -56.88 -19.26
C HIS K 93 5.50 -58.38 -19.04
N THR K 94 6.67 -58.96 -18.75
CA THR K 94 6.81 -60.40 -18.64
C THR K 94 7.34 -60.80 -17.26
N ILE K 95 6.78 -61.88 -16.72
CA ILE K 95 7.23 -62.50 -15.48
C ILE K 95 7.66 -63.93 -15.81
N GLN K 96 8.89 -64.28 -15.44
CA GLN K 96 9.43 -65.60 -15.73
C GLN K 96 9.86 -66.29 -14.44
N ILE K 97 9.57 -67.58 -14.34
CA ILE K 97 9.89 -68.38 -13.16
C ILE K 97 10.54 -69.67 -13.61
N MET K 98 11.68 -70.00 -13.01
CA MET K 98 12.34 -71.30 -13.21
C MET K 98 12.59 -71.94 -11.86
N TYR K 99 12.10 -73.16 -11.69
CA TYR K 99 12.33 -73.92 -10.46
C TYR K 99 12.50 -75.38 -10.82
N GLY K 100 13.21 -76.10 -9.95
CA GLY K 100 13.47 -77.50 -10.19
C GLY K 100 14.44 -78.06 -9.17
N CYS K 101 14.72 -79.35 -9.33
CA CYS K 101 15.56 -80.10 -8.40
C CYS K 101 16.60 -80.87 -9.19
N ASP K 102 17.73 -81.12 -8.55
CA ASP K 102 18.82 -81.91 -9.12
C ASP K 102 19.07 -83.13 -8.24
N VAL K 103 19.04 -84.31 -8.85
CA VAL K 103 19.39 -85.54 -8.16
C VAL K 103 20.73 -86.02 -8.69
N GLY K 104 21.39 -86.86 -7.90
CA GLY K 104 22.64 -87.46 -8.32
C GLY K 104 22.43 -88.82 -8.93
N PRO K 105 23.51 -89.56 -9.15
CA PRO K 105 23.36 -90.95 -9.62
C PRO K 105 22.58 -91.81 -8.66
N ASP K 106 22.78 -91.59 -7.35
CA ASP K 106 22.08 -92.37 -6.34
C ASP K 106 20.57 -92.11 -6.36
N GLY K 107 20.16 -90.91 -6.75
CA GLY K 107 18.79 -90.47 -6.62
C GLY K 107 18.55 -89.52 -5.48
N ARG K 108 19.61 -89.05 -4.81
CA ARG K 108 19.49 -88.19 -3.66
C ARG K 108 19.50 -86.73 -4.09
N PHE K 109 18.76 -85.90 -3.33
CA PHE K 109 18.73 -84.47 -3.56
C PHE K 109 20.13 -83.87 -3.57
N LEU K 110 20.56 -83.41 -4.74
CA LEU K 110 21.86 -82.75 -4.87
C LEU K 110 21.73 -81.25 -4.69
N ARG K 111 20.80 -80.62 -5.41
CA ARG K 111 20.54 -79.20 -5.28
C ARG K 111 19.13 -78.90 -5.76
N GLY K 112 18.60 -77.77 -5.29
CA GLY K 112 17.31 -77.30 -5.73
C GLY K 112 17.35 -75.80 -5.92
N TYR K 113 16.50 -75.31 -6.83
CA TYR K 113 16.57 -73.91 -7.20
C TYR K 113 15.18 -73.36 -7.50
N ARG K 114 15.02 -72.07 -7.24
CA ARG K 114 13.83 -71.31 -7.61
C ARG K 114 14.28 -69.91 -7.95
N GLN K 115 13.98 -69.46 -9.16
CA GLN K 115 14.45 -68.17 -9.64
C GLN K 115 13.31 -67.46 -10.37
N ASP K 116 13.08 -66.20 -10.02
CA ASP K 116 12.04 -65.39 -10.63
C ASP K 116 12.68 -64.21 -11.36
N ALA K 117 11.96 -63.69 -12.35
CA ALA K 117 12.46 -62.61 -13.18
C ALA K 117 11.32 -61.71 -13.61
N TYR K 118 11.66 -60.46 -13.92
CA TYR K 118 10.71 -59.48 -14.45
C TYR K 118 11.34 -58.76 -15.61
N ASP K 119 10.68 -58.80 -16.77
CA ASP K 119 11.13 -58.06 -17.96
C ASP K 119 12.54 -58.47 -18.35
N GLY K 120 12.85 -59.76 -18.24
CA GLY K 120 14.13 -60.27 -18.66
C GLY K 120 15.29 -59.95 -17.74
N LYS K 121 15.00 -59.48 -16.53
CA LYS K 121 16.03 -59.18 -15.55
C LYS K 121 15.73 -59.92 -14.26
N ASP K 122 16.79 -60.33 -13.56
CA ASP K 122 16.64 -61.03 -12.30
C ASP K 122 15.84 -60.17 -11.31
N TYR K 123 14.87 -60.80 -10.65
CA TYR K 123 14.05 -60.13 -9.66
C TYR K 123 14.32 -60.68 -8.27
N ILE K 124 13.94 -61.93 -8.00
CA ILE K 124 14.19 -62.57 -6.72
C ILE K 124 14.60 -64.01 -6.99
N ALA K 125 15.39 -64.58 -6.08
CA ALA K 125 15.88 -65.94 -6.28
C ALA K 125 16.16 -66.60 -4.94
N LEU K 126 15.77 -67.87 -4.82
CA LEU K 126 16.08 -68.66 -3.64
C LEU K 126 17.53 -69.10 -3.69
N ASN K 127 18.24 -68.93 -2.57
CA ASN K 127 19.65 -69.24 -2.53
C ASN K 127 19.88 -70.74 -2.37
N GLU K 128 21.16 -71.13 -2.37
CA GLU K 128 21.52 -72.55 -2.26
C GLU K 128 21.05 -73.15 -0.95
N ASP K 129 21.06 -72.37 0.14
CA ASP K 129 20.61 -72.88 1.42
C ASP K 129 19.11 -73.14 1.45
N LEU K 130 18.37 -72.76 0.41
CA LEU K 130 16.92 -72.96 0.33
C LEU K 130 16.21 -72.39 1.55
N ARG K 131 16.80 -71.34 2.12
CA ARG K 131 16.33 -70.74 3.36
C ARG K 131 16.34 -69.22 3.33
N SER K 132 16.96 -68.61 2.33
CA SER K 132 17.09 -67.16 2.24
C SER K 132 16.92 -66.74 0.79
N TRP K 133 16.33 -65.57 0.59
CA TRP K 133 16.06 -65.03 -0.74
C TRP K 133 17.09 -63.95 -1.06
N THR K 134 17.38 -63.80 -2.36
CA THR K 134 18.24 -62.73 -2.86
C THR K 134 17.44 -61.81 -3.77
N ALA K 135 17.45 -60.52 -3.46
CA ALA K 135 16.73 -59.51 -4.24
C ALA K 135 17.71 -58.71 -5.08
N ALA K 136 17.29 -58.36 -6.29
CA ALA K 136 18.16 -57.63 -7.20
C ALA K 136 17.95 -56.12 -7.11
N ASP K 137 16.68 -55.73 -7.06
CA ASP K 137 16.33 -54.29 -6.99
C ASP K 137 15.57 -54.02 -5.69
N MET K 138 15.31 -52.76 -5.40
CA MET K 138 14.57 -52.41 -4.20
C MET K 138 13.12 -52.84 -4.28
N ALA K 139 12.58 -53.06 -5.48
CA ALA K 139 11.23 -53.57 -5.60
C ALA K 139 11.14 -55.02 -5.18
N ALA K 140 12.20 -55.79 -5.40
CA ALA K 140 12.22 -57.17 -4.93
C ALA K 140 12.47 -57.25 -3.43
N GLN K 141 12.96 -56.16 -2.82
CA GLN K 141 13.05 -56.12 -1.37
C GLN K 141 11.66 -56.05 -0.74
N ILE K 142 10.70 -55.44 -1.44
CA ILE K 142 9.31 -55.52 -1.01
C ILE K 142 8.82 -56.96 -1.08
N THR K 143 9.13 -57.64 -2.19
CA THR K 143 8.75 -59.04 -2.32
C THR K 143 9.50 -59.90 -1.31
N LYS K 144 10.78 -59.63 -1.10
CA LYS K 144 11.56 -60.40 -0.13
C LYS K 144 10.96 -60.30 1.27
N ARG K 145 10.52 -59.09 1.66
CA ARG K 145 9.92 -58.91 2.98
C ARG K 145 8.65 -59.74 3.11
N LYS K 146 7.74 -59.59 2.14
CA LYS K 146 6.48 -60.32 2.19
C LYS K 146 6.70 -61.83 2.19
N TRP K 147 7.70 -62.30 1.43
CA TRP K 147 7.97 -63.72 1.32
C TRP K 147 8.74 -64.25 2.52
N GLU K 148 9.38 -63.38 3.30
CA GLU K 148 10.05 -63.80 4.52
C GLU K 148 9.11 -63.79 5.72
N ALA K 149 7.98 -63.10 5.63
CA ALA K 149 6.95 -63.16 6.66
C ALA K 149 5.90 -64.23 6.37
N ALA K 150 5.86 -64.75 5.14
CA ALA K 150 4.99 -65.86 4.79
C ALA K 150 5.72 -67.19 4.82
N HIS K 151 6.99 -67.21 5.24
CA HIS K 151 7.80 -68.43 5.29
C HIS K 151 7.79 -69.16 3.95
N ALA K 152 7.92 -68.39 2.87
CA ALA K 152 7.87 -68.99 1.53
C ALA K 152 9.07 -69.89 1.27
N ALA K 153 10.23 -69.56 1.85
CA ALA K 153 11.41 -70.39 1.65
C ALA K 153 11.19 -71.80 2.20
N GLU K 154 10.50 -71.91 3.34
CA GLU K 154 10.19 -73.23 3.90
C GLU K 154 9.31 -74.03 2.96
N GLN K 155 8.26 -73.39 2.43
CA GLN K 155 7.31 -74.11 1.59
C GLN K 155 7.94 -74.56 0.28
N GLN K 156 8.78 -73.72 -0.33
CA GLN K 156 9.41 -74.11 -1.58
C GLN K 156 10.45 -75.20 -1.36
N ARG K 157 11.12 -75.18 -0.21
CA ARG K 157 12.02 -76.26 0.15
C ARG K 157 11.27 -77.58 0.27
N ALA K 158 10.06 -77.54 0.82
CA ALA K 158 9.27 -78.77 0.98
C ALA K 158 8.98 -79.43 -0.35
N TYR K 159 8.84 -78.65 -1.43
CA TYR K 159 8.66 -79.24 -2.74
C TYR K 159 9.99 -79.70 -3.33
N LEU K 160 11.00 -78.83 -3.30
CA LEU K 160 12.28 -79.15 -3.93
C LEU K 160 12.92 -80.36 -3.28
N GLU K 161 12.95 -80.39 -1.94
CA GLU K 161 13.53 -81.51 -1.22
C GLU K 161 12.61 -82.71 -1.12
N GLY K 162 11.33 -82.56 -1.46
CA GLY K 162 10.39 -83.66 -1.34
C GLY K 162 9.76 -84.08 -2.65
N ARG K 163 8.58 -83.52 -2.95
CA ARG K 163 7.80 -83.97 -4.09
C ARG K 163 8.55 -83.83 -5.42
N CYS K 164 9.53 -82.93 -5.49
CA CYS K 164 10.31 -82.78 -6.71
C CYS K 164 11.16 -84.01 -6.99
N VAL K 165 12.08 -84.33 -6.06
CA VAL K 165 12.98 -85.45 -6.28
C VAL K 165 12.20 -86.77 -6.33
N GLU K 166 11.07 -86.85 -5.63
CA GLU K 166 10.29 -88.07 -5.64
C GLU K 166 9.76 -88.36 -7.05
N TRP K 167 9.16 -87.36 -7.67
CA TRP K 167 8.60 -87.56 -9.01
C TRP K 167 9.67 -87.50 -10.09
N LEU K 168 10.82 -86.88 -9.81
CA LEU K 168 11.93 -86.96 -10.74
C LEU K 168 12.39 -88.39 -10.90
N ARG K 169 12.60 -89.09 -9.78
CA ARG K 169 13.02 -90.48 -9.83
C ARG K 169 11.96 -91.36 -10.47
N ARG K 170 10.68 -91.04 -10.24
CA ARG K 170 9.60 -91.80 -10.89
C ARG K 170 9.63 -91.60 -12.39
N TYR K 171 9.79 -90.36 -12.85
CA TYR K 171 9.82 -90.10 -14.29
C TYR K 171 11.02 -90.77 -14.95
N LEU K 172 12.19 -90.74 -14.30
CA LEU K 172 13.38 -91.34 -14.90
C LEU K 172 13.18 -92.83 -15.15
N GLU K 173 12.62 -93.53 -14.17
CA GLU K 173 12.41 -94.97 -14.32
C GLU K 173 11.34 -95.27 -15.36
N ASN K 174 10.27 -94.45 -15.39
CA ASN K 174 9.22 -94.66 -16.38
C ASN K 174 9.72 -94.46 -17.80
N GLY K 175 10.85 -93.78 -17.98
CA GLY K 175 11.40 -93.62 -19.31
C GLY K 175 12.89 -93.82 -19.36
N LYS K 176 13.37 -94.91 -18.75
CA LYS K 176 14.80 -95.24 -18.79
C LYS K 176 15.31 -95.28 -20.22
N GLU K 177 14.50 -95.84 -21.13
CA GLU K 177 14.94 -96.05 -22.51
C GLU K 177 15.05 -94.77 -23.31
N THR K 178 14.59 -93.63 -22.76
CA THR K 178 14.61 -92.37 -23.48
C THR K 178 15.34 -91.26 -22.73
N LEU K 179 15.70 -91.47 -21.47
CA LEU K 179 16.31 -90.44 -20.64
C LEU K 179 17.70 -90.81 -20.15
N GLN K 180 17.92 -92.08 -19.84
CA GLN K 180 19.22 -92.56 -19.37
C GLN K 180 20.02 -93.20 -20.49
N ARG K 181 19.56 -93.09 -21.72
CA ARG K 181 20.32 -93.47 -22.90
C ARG K 181 21.11 -92.26 -23.41
N THR K 182 22.23 -92.53 -24.06
CA THR K 182 23.03 -91.49 -24.69
C THR K 182 23.23 -91.83 -26.15
N ASP K 183 23.01 -90.84 -27.02
CA ASP K 183 23.19 -91.03 -28.45
C ASP K 183 24.49 -90.37 -28.88
N PRO K 184 25.49 -91.13 -29.31
CA PRO K 184 26.75 -90.51 -29.72
C PRO K 184 26.55 -89.75 -31.02
N PRO K 185 27.36 -88.73 -31.27
CA PRO K 185 27.17 -87.91 -32.47
C PRO K 185 27.57 -88.66 -33.74
N LYS K 186 26.83 -88.39 -34.81
CA LYS K 186 27.15 -88.91 -36.14
C LYS K 186 28.05 -87.88 -36.82
N THR K 187 29.36 -88.09 -36.73
CA THR K 187 30.34 -87.09 -37.14
C THR K 187 30.80 -87.31 -38.57
N HIS K 188 30.91 -86.21 -39.32
CA HIS K 188 31.50 -86.23 -40.65
C HIS K 188 32.05 -84.83 -40.94
N MET K 189 32.89 -84.75 -41.96
CA MET K 189 33.58 -83.51 -42.29
C MET K 189 33.32 -83.14 -43.74
N THR K 190 33.31 -81.84 -44.01
CA THR K 190 33.00 -81.32 -45.33
C THR K 190 34.02 -80.24 -45.72
N HIS K 191 34.12 -79.98 -47.02
CA HIS K 191 35.17 -79.14 -47.58
C HIS K 191 34.57 -78.24 -48.64
N HIS K 192 34.62 -76.93 -48.42
CA HIS K 192 34.13 -75.94 -49.39
C HIS K 192 35.22 -74.93 -49.68
N PRO K 193 35.80 -74.93 -50.87
CA PRO K 193 36.74 -73.87 -51.24
C PRO K 193 36.04 -72.53 -51.35
N ILE K 194 36.62 -71.52 -50.68
CA ILE K 194 36.13 -70.15 -50.81
C ILE K 194 36.80 -69.43 -51.97
N SER K 195 38.04 -69.79 -52.29
CA SER K 195 38.76 -69.24 -53.43
C SER K 195 39.72 -70.30 -53.94
N ASP K 196 40.51 -69.94 -54.94
CA ASP K 196 41.58 -70.82 -55.38
C ASP K 196 42.76 -70.84 -54.41
N HIS K 197 42.76 -69.95 -53.42
CA HIS K 197 43.87 -69.82 -52.49
C HIS K 197 43.46 -70.08 -51.04
N GLU K 198 42.24 -70.58 -50.81
CA GLU K 198 41.76 -70.83 -49.46
C GLU K 198 40.56 -71.76 -49.53
N ALA K 199 40.21 -72.36 -48.39
CA ALA K 199 39.07 -73.27 -48.31
C ALA K 199 38.53 -73.27 -46.89
N THR K 200 37.25 -73.66 -46.77
CA THR K 200 36.57 -73.74 -45.49
C THR K 200 36.36 -75.21 -45.11
N LEU K 201 36.57 -75.52 -43.83
CA LEU K 201 36.53 -76.90 -43.35
C LEU K 201 35.58 -76.97 -42.16
N ARG K 202 34.48 -77.70 -42.31
CA ARG K 202 33.44 -77.78 -41.28
C ARG K 202 33.33 -79.18 -40.73
N CYS K 203 33.30 -79.28 -39.41
CA CYS K 203 33.21 -80.54 -38.69
C CYS K 203 31.82 -80.66 -38.08
N TRP K 204 31.12 -81.75 -38.39
CA TRP K 204 29.71 -81.88 -38.08
C TRP K 204 29.48 -82.84 -36.92
N ALA K 205 28.39 -82.60 -36.19
CA ALA K 205 27.93 -83.50 -35.13
C ALA K 205 26.42 -83.56 -35.21
N LEU K 206 25.89 -84.68 -35.67
CA LEU K 206 24.47 -84.82 -36.01
C LEU K 206 23.80 -85.83 -35.09
N GLY K 207 22.57 -85.52 -34.71
CA GLY K 207 21.72 -86.47 -34.00
C GLY K 207 22.25 -86.99 -32.69
N PHE K 208 22.86 -86.11 -31.88
CA PHE K 208 23.43 -86.49 -30.59
C PHE K 208 22.55 -86.00 -29.45
N TYR K 209 22.71 -86.67 -28.31
CA TYR K 209 21.95 -86.40 -27.09
C TYR K 209 22.80 -86.87 -25.92
N PRO K 210 22.85 -86.11 -24.82
CA PRO K 210 22.18 -84.82 -24.56
C PRO K 210 22.86 -83.64 -25.25
N ALA K 211 22.60 -82.43 -24.76
CA ALA K 211 23.09 -81.24 -25.45
C ALA K 211 24.58 -81.03 -25.26
N GLU K 212 25.12 -81.42 -24.12
CA GLU K 212 26.51 -81.13 -23.77
C GLU K 212 27.47 -81.76 -24.77
N ILE K 213 28.15 -80.93 -25.55
CA ILE K 213 29.10 -81.39 -26.56
C ILE K 213 30.19 -80.34 -26.70
N THR K 214 31.41 -80.80 -26.99
CA THR K 214 32.56 -79.91 -27.12
C THR K 214 33.30 -80.26 -28.40
N LEU K 215 33.40 -79.30 -29.32
CA LEU K 215 34.10 -79.46 -30.58
C LEU K 215 35.25 -78.48 -30.63
N THR K 216 36.45 -78.99 -30.91
CA THR K 216 37.66 -78.18 -30.89
C THR K 216 38.54 -78.53 -32.08
N TRP K 217 39.03 -77.50 -32.78
CA TRP K 217 39.97 -77.65 -33.88
C TRP K 217 41.40 -77.56 -33.35
N GLN K 218 42.35 -78.11 -34.11
CA GLN K 218 43.73 -78.12 -33.67
C GLN K 218 44.67 -78.13 -34.86
N ARG K 219 45.60 -77.17 -34.88
CA ARG K 219 46.61 -77.02 -35.93
C ARG K 219 47.89 -77.74 -35.47
N ASP K 220 48.06 -78.99 -35.90
CA ASP K 220 49.18 -79.83 -35.46
C ASP K 220 49.24 -79.92 -33.92
N GLY K 221 48.08 -79.86 -33.28
CA GLY K 221 48.03 -79.86 -31.83
C GLY K 221 48.11 -78.47 -31.24
N GLU K 222 47.47 -77.51 -31.90
CA GLU K 222 47.40 -76.13 -31.42
C GLU K 222 45.99 -75.61 -31.68
N ASP K 223 45.24 -75.33 -30.62
CA ASP K 223 43.87 -74.88 -30.78
C ASP K 223 43.82 -73.54 -31.50
N GLN K 224 42.77 -73.35 -32.31
CA GLN K 224 42.59 -72.15 -33.11
C GLN K 224 41.31 -71.42 -32.73
N THR K 225 40.87 -71.55 -31.48
CA THR K 225 39.57 -71.04 -31.03
C THR K 225 39.30 -69.60 -31.46
N GLN K 226 40.34 -68.82 -31.70
CA GLN K 226 40.16 -67.45 -32.19
C GLN K 226 39.86 -67.38 -33.68
N ASP K 227 40.21 -68.42 -34.45
CA ASP K 227 40.03 -68.42 -35.90
C ASP K 227 39.00 -69.44 -36.36
N THR K 228 38.28 -70.09 -35.44
CA THR K 228 37.23 -71.03 -35.80
C THR K 228 35.85 -70.41 -35.63
N GLU K 229 34.94 -70.76 -36.53
CA GLU K 229 33.54 -70.41 -36.40
C GLU K 229 32.80 -71.56 -35.74
N LEU K 230 31.84 -71.22 -34.88
CA LEU K 230 31.17 -72.23 -34.06
C LEU K 230 29.73 -71.78 -33.83
N VAL K 231 28.77 -72.51 -34.39
CA VAL K 231 27.37 -72.18 -34.18
C VAL K 231 26.89 -72.77 -32.86
N GLU K 232 25.83 -72.16 -32.30
CA GLU K 232 25.26 -72.65 -31.07
C GLU K 232 24.59 -73.99 -31.30
N THR K 233 24.66 -74.85 -30.28
CA THR K 233 24.02 -76.16 -30.37
C THR K 233 22.53 -75.99 -30.67
N ARG K 234 22.06 -76.67 -31.70
CA ARG K 234 20.70 -76.47 -32.20
C ARG K 234 19.93 -77.77 -32.24
N PRO K 235 18.62 -77.72 -32.06
CA PRO K 235 17.82 -78.95 -32.05
C PRO K 235 17.49 -79.41 -33.47
N ALA K 236 17.54 -80.73 -33.66
CA ALA K 236 17.10 -81.32 -34.91
C ALA K 236 15.59 -81.39 -35.01
N GLY K 237 14.89 -81.33 -33.87
CA GLY K 237 13.45 -81.45 -33.84
C GLY K 237 12.93 -82.83 -33.48
N ASP K 238 13.79 -83.85 -33.50
CA ASP K 238 13.42 -85.21 -33.16
C ASP K 238 13.98 -85.64 -31.81
N GLY K 239 14.25 -84.69 -30.92
CA GLY K 239 14.84 -84.98 -29.64
C GLY K 239 16.35 -84.97 -29.61
N THR K 240 17.00 -84.98 -30.76
CA THR K 240 18.46 -84.94 -30.86
C THR K 240 18.91 -83.55 -31.30
N PHE K 241 20.21 -83.30 -31.17
CA PHE K 241 20.78 -81.97 -31.35
C PHE K 241 21.89 -82.01 -32.39
N GLN K 242 22.28 -80.82 -32.86
CA GLN K 242 23.24 -80.66 -33.94
C GLN K 242 24.22 -79.54 -33.59
N LYS K 243 25.41 -79.62 -34.16
CA LYS K 243 26.44 -78.61 -33.94
C LYS K 243 27.57 -78.84 -34.93
N TRP K 244 27.91 -77.79 -35.68
CA TRP K 244 29.00 -77.83 -36.63
C TRP K 244 29.96 -76.68 -36.35
N ALA K 245 31.23 -76.87 -36.70
CA ALA K 245 32.30 -75.95 -36.40
C ALA K 245 33.18 -75.78 -37.64
N ALA K 246 33.50 -74.54 -37.99
CA ALA K 246 34.24 -74.23 -39.20
C ALA K 246 35.60 -73.62 -38.89
N VAL K 247 36.52 -73.77 -39.83
CA VAL K 247 37.82 -73.11 -39.77
C VAL K 247 38.33 -72.95 -41.20
N VAL K 248 39.01 -71.83 -41.47
CA VAL K 248 39.52 -71.53 -42.80
C VAL K 248 40.95 -72.07 -42.91
N VAL K 249 41.22 -72.82 -43.97
CA VAL K 249 42.48 -73.53 -44.12
C VAL K 249 43.11 -73.13 -45.45
N PRO K 250 44.43 -73.30 -45.59
CA PRO K 250 45.09 -73.08 -46.89
C PRO K 250 44.63 -74.10 -47.92
N SER K 251 45.05 -73.87 -49.17
CA SER K 251 44.58 -74.70 -50.27
C SER K 251 45.23 -76.08 -50.30
N GLY K 252 46.33 -76.27 -49.59
CA GLY K 252 47.04 -77.53 -49.66
C GLY K 252 47.38 -78.12 -48.32
N GLU K 253 46.98 -77.44 -47.25
CA GLU K 253 47.27 -77.86 -45.88
C GLU K 253 46.02 -78.30 -45.14
N GLU K 254 45.05 -78.87 -45.86
CA GLU K 254 43.80 -79.31 -45.26
C GLU K 254 43.97 -80.55 -44.40
N GLN K 255 45.11 -81.23 -44.49
CA GLN K 255 45.40 -82.42 -43.71
C GLN K 255 46.15 -82.11 -42.43
N ARG K 256 46.40 -80.83 -42.15
CA ARG K 256 47.17 -80.41 -40.99
C ARG K 256 46.27 -79.97 -39.85
N TYR K 257 44.96 -80.13 -40.00
CA TYR K 257 43.98 -79.66 -39.04
C TYR K 257 43.14 -80.84 -38.57
N THR K 258 42.81 -80.87 -37.28
CA THR K 258 42.12 -82.01 -36.68
C THR K 258 40.94 -81.54 -35.83
N CYS K 259 39.78 -82.15 -36.05
CA CYS K 259 38.59 -81.89 -35.26
C CYS K 259 38.51 -82.90 -34.12
N HIS K 260 38.22 -82.41 -32.92
CA HIS K 260 38.05 -83.26 -31.74
C HIS K 260 36.62 -83.18 -31.26
N VAL K 261 35.97 -84.33 -31.11
CA VAL K 261 34.58 -84.42 -30.66
C VAL K 261 34.59 -84.99 -29.25
N GLN K 262 34.15 -84.18 -28.29
CA GLN K 262 34.02 -84.61 -26.90
C GLN K 262 32.54 -84.66 -26.55
N HIS K 263 32.05 -85.86 -26.23
CA HIS K 263 30.66 -86.06 -25.86
C HIS K 263 30.58 -87.24 -24.92
N GLU K 264 29.65 -87.17 -23.96
CA GLU K 264 29.56 -88.22 -22.95
C GLU K 264 29.04 -89.54 -23.53
N GLY K 265 28.44 -89.51 -24.72
CA GLY K 265 28.03 -90.72 -25.40
C GLY K 265 29.13 -91.44 -26.15
N LEU K 266 30.29 -90.81 -26.28
CA LEU K 266 31.44 -91.43 -26.93
C LEU K 266 32.38 -91.98 -25.88
N PRO K 267 32.71 -93.28 -25.92
CA PRO K 267 33.62 -93.81 -24.89
C PRO K 267 34.99 -93.17 -24.94
N LYS K 268 35.48 -92.86 -26.13
CA LYS K 268 36.73 -92.14 -26.32
C LYS K 268 36.51 -90.96 -27.25
N PRO K 269 37.14 -89.82 -26.97
CA PRO K 269 36.97 -88.66 -27.85
C PRO K 269 37.43 -88.97 -29.27
N LEU K 270 36.66 -88.49 -30.25
CA LEU K 270 36.96 -88.73 -31.64
C LEU K 270 37.96 -87.69 -32.16
N THR K 271 38.67 -88.08 -33.21
CA THR K 271 39.59 -87.19 -33.91
C THR K 271 39.29 -87.29 -35.40
N LEU K 272 38.79 -86.21 -35.98
CA LEU K 272 38.42 -86.17 -37.39
C LEU K 272 39.47 -85.38 -38.16
N ARG K 273 40.05 -86.01 -39.18
CA ARG K 273 41.01 -85.38 -40.07
C ARG K 273 40.57 -85.56 -41.51
N TRP K 274 40.79 -84.53 -42.32
CA TRP K 274 40.35 -84.56 -43.71
C TRP K 274 41.25 -85.44 -44.57
N MET L 1 13.02 -52.96 -18.50
CA MET L 1 13.05 -53.71 -19.75
C MET L 1 14.46 -53.81 -20.32
N ILE L 2 14.91 -55.05 -20.55
CA ILE L 2 16.06 -55.33 -21.41
C ILE L 2 15.54 -56.09 -22.62
N GLN L 3 15.83 -55.56 -23.81
CA GLN L 3 15.37 -56.16 -25.06
C GLN L 3 16.57 -56.73 -25.81
N ARG L 4 16.42 -57.94 -26.33
CA ARG L 4 17.53 -58.68 -26.92
C ARG L 4 17.21 -59.05 -28.36
N THR L 5 18.22 -58.91 -29.23
CA THR L 5 18.07 -59.22 -30.64
C THR L 5 18.15 -60.73 -30.86
N PRO L 6 17.20 -61.31 -31.58
CA PRO L 6 17.21 -62.77 -31.76
C PRO L 6 18.38 -63.26 -32.60
N LYS L 7 18.85 -64.46 -32.27
CA LYS L 7 19.84 -65.17 -33.06
C LYS L 7 19.13 -66.22 -33.89
N ILE L 8 19.40 -66.23 -35.20
CA ILE L 8 18.64 -67.03 -36.16
C ILE L 8 19.59 -67.99 -36.85
N GLN L 9 19.23 -69.27 -36.87
CA GLN L 9 19.90 -70.28 -37.68
C GLN L 9 18.86 -71.03 -38.49
N VAL L 10 19.14 -71.23 -39.77
CA VAL L 10 18.26 -71.97 -40.67
C VAL L 10 19.03 -73.18 -41.17
N TYR L 11 18.38 -74.35 -41.09
CA TYR L 11 19.06 -75.60 -41.38
C TYR L 11 18.00 -76.68 -41.59
N SER L 12 18.46 -77.89 -41.87
CA SER L 12 17.60 -79.05 -42.09
C SER L 12 17.89 -80.10 -41.03
N ARG L 13 16.87 -80.90 -40.71
CA ARG L 13 17.01 -81.92 -39.68
C ARG L 13 18.06 -82.95 -40.08
N HIS L 14 17.95 -83.50 -41.28
CA HIS L 14 18.90 -84.46 -41.82
C HIS L 14 19.68 -83.84 -42.98
N PRO L 15 20.86 -84.36 -43.29
CA PRO L 15 21.63 -83.83 -44.43
C PRO L 15 20.80 -83.84 -45.71
N ALA L 16 20.94 -82.76 -46.48
CA ALA L 16 20.07 -82.50 -47.61
C ALA L 16 20.44 -83.40 -48.79
N GLU L 17 19.50 -84.21 -49.23
CA GLU L 17 19.61 -84.96 -50.48
C GLU L 17 18.33 -84.74 -51.27
N ASN L 18 18.47 -84.25 -52.50
CA ASN L 18 17.33 -83.77 -53.27
C ASN L 18 16.35 -84.91 -53.57
N GLY L 19 15.06 -84.58 -53.57
CA GLY L 19 14.02 -85.55 -53.82
C GLY L 19 13.66 -86.42 -52.63
N LYS L 20 14.30 -86.23 -51.49
CA LYS L 20 14.07 -87.04 -50.30
C LYS L 20 13.47 -86.18 -49.20
N SER L 21 12.52 -86.75 -48.46
CA SER L 21 11.80 -86.00 -47.44
C SER L 21 12.73 -85.57 -46.32
N ASN L 22 12.53 -84.34 -45.83
CA ASN L 22 13.36 -83.79 -44.77
C ASN L 22 12.58 -82.65 -44.13
N PHE L 23 13.10 -82.14 -43.02
CA PHE L 23 12.46 -81.05 -42.29
C PHE L 23 13.31 -79.78 -42.37
N LEU L 24 12.64 -78.64 -42.48
CA LEU L 24 13.29 -77.33 -42.49
C LEU L 24 13.13 -76.70 -41.12
N ASN L 25 14.25 -76.40 -40.46
CA ASN L 25 14.24 -75.85 -39.11
C ASN L 25 14.76 -74.43 -39.11
N CYS L 26 13.96 -73.51 -38.56
CA CYS L 26 14.39 -72.15 -38.25
C CYS L 26 14.40 -72.01 -36.73
N TYR L 27 15.58 -71.81 -36.16
CA TYR L 27 15.77 -71.83 -34.72
C TYR L 27 16.10 -70.41 -34.25
N VAL L 28 15.13 -69.76 -33.63
CA VAL L 28 15.27 -68.40 -33.13
C VAL L 28 15.53 -68.49 -31.63
N SER L 29 16.68 -67.96 -31.19
CA SER L 29 17.10 -68.11 -29.81
C SER L 29 17.70 -66.80 -29.31
N GLY L 30 17.74 -66.67 -27.98
CA GLY L 30 18.37 -65.54 -27.33
C GLY L 30 17.70 -64.20 -27.55
N PHE L 31 16.37 -64.17 -27.51
CA PHE L 31 15.62 -62.95 -27.79
C PHE L 31 14.68 -62.65 -26.63
N HIS L 32 14.35 -61.35 -26.48
CA HIS L 32 13.44 -60.92 -25.45
C HIS L 32 12.89 -59.57 -25.86
N PRO L 33 11.57 -59.31 -25.69
CA PRO L 33 10.55 -60.16 -25.06
C PRO L 33 10.05 -61.31 -25.92
N SER L 34 8.97 -61.97 -25.49
CA SER L 34 8.52 -63.20 -26.12
C SER L 34 7.79 -62.95 -27.42
N ASP L 35 7.14 -61.80 -27.59
CA ASP L 35 6.37 -61.51 -28.79
C ASP L 35 7.27 -61.52 -30.02
N ILE L 36 7.09 -62.51 -30.90
CA ILE L 36 7.90 -62.62 -32.11
C ILE L 36 7.04 -63.25 -33.19
N GLU L 37 7.29 -62.83 -34.44
CA GLU L 37 6.60 -63.36 -35.61
C GLU L 37 7.66 -63.93 -36.55
N VAL L 38 7.52 -65.21 -36.89
CA VAL L 38 8.47 -65.90 -37.74
C VAL L 38 7.70 -66.68 -38.80
N ASP L 39 8.16 -66.57 -40.05
CA ASP L 39 7.56 -67.28 -41.18
C ASP L 39 8.65 -68.00 -41.96
N LEU L 40 8.29 -69.13 -42.55
CA LEU L 40 9.19 -69.89 -43.40
C LEU L 40 8.87 -69.58 -44.87
N LEU L 41 9.91 -69.29 -45.65
CA LEU L 41 9.75 -68.78 -47.00
C LEU L 41 10.25 -69.81 -48.01
N LYS L 42 9.36 -70.19 -48.93
CA LYS L 42 9.68 -71.06 -50.05
C LYS L 42 9.65 -70.22 -51.32
N ASN L 43 10.83 -69.99 -51.92
CA ASN L 43 10.96 -69.19 -53.13
C ASN L 43 10.38 -67.79 -52.94
N GLY L 44 10.52 -67.26 -51.73
CA GLY L 44 10.05 -65.92 -51.43
C GLY L 44 8.61 -65.80 -51.01
N GLU L 45 7.92 -66.92 -50.78
CA GLU L 45 6.53 -66.89 -50.37
C GLU L 45 6.35 -67.66 -49.06
N ARG L 46 5.36 -67.23 -48.28
CA ARG L 46 5.09 -67.83 -46.99
C ARG L 46 4.60 -69.27 -47.13
N ILE L 47 5.14 -70.14 -46.27
CA ILE L 47 4.68 -71.53 -46.19
C ILE L 47 3.51 -71.59 -45.21
N GLU L 48 2.42 -72.24 -45.63
CA GLU L 48 1.18 -72.17 -44.86
C GLU L 48 1.27 -73.02 -43.59
N LYS L 49 1.42 -74.33 -43.74
CA LYS L 49 1.41 -75.25 -42.60
C LYS L 49 2.80 -75.31 -41.97
N VAL L 50 3.01 -74.52 -40.92
CA VAL L 50 4.27 -74.51 -40.18
C VAL L 50 3.96 -74.66 -38.70
N GLU L 51 4.41 -75.76 -38.11
CA GLU L 51 4.30 -75.97 -36.67
C GLU L 51 5.49 -75.33 -35.96
N HIS L 52 5.30 -75.05 -34.67
CA HIS L 52 6.33 -74.41 -33.87
C HIS L 52 6.40 -75.07 -32.50
N SER L 53 7.57 -74.94 -31.87
CA SER L 53 7.79 -75.56 -30.58
C SER L 53 7.09 -74.77 -29.48
N ASP L 54 7.30 -75.21 -28.24
CA ASP L 54 6.68 -74.59 -27.07
C ASP L 54 7.66 -73.59 -26.46
N LEU L 55 7.13 -72.43 -26.10
CA LEU L 55 7.99 -71.34 -25.64
C LEU L 55 8.74 -71.73 -24.38
N SER L 56 10.05 -71.51 -24.39
CA SER L 56 10.90 -71.71 -23.22
C SER L 56 12.00 -70.66 -23.26
N PHE L 57 12.84 -70.65 -22.23
CA PHE L 57 13.89 -69.65 -22.14
C PHE L 57 15.14 -70.26 -21.51
N SER L 58 16.26 -69.58 -21.72
CA SER L 58 17.57 -70.06 -21.33
C SER L 58 17.88 -69.62 -19.90
N LYS L 59 19.15 -69.77 -19.50
CA LYS L 59 19.54 -69.41 -18.14
C LYS L 59 19.56 -67.89 -17.95
N ASP L 60 19.84 -67.13 -19.00
CA ASP L 60 19.86 -65.67 -18.92
C ASP L 60 18.49 -65.05 -19.22
N TRP L 61 17.41 -65.84 -19.12
CA TRP L 61 16.02 -65.44 -19.30
C TRP L 61 15.64 -65.18 -20.75
N SER L 62 16.56 -65.36 -21.69
CA SER L 62 16.25 -65.13 -23.09
C SER L 62 15.50 -66.33 -23.68
N PHE L 63 14.47 -66.04 -24.46
CA PHE L 63 13.61 -67.08 -25.01
C PHE L 63 14.30 -67.80 -26.16
N TYR L 64 13.72 -68.95 -26.54
CA TYR L 64 14.16 -69.66 -27.74
C TYR L 64 13.01 -70.50 -28.27
N LEU L 65 12.87 -70.53 -29.59
CA LEU L 65 11.80 -71.27 -30.26
C LEU L 65 12.37 -72.00 -31.46
N LEU L 66 11.58 -72.92 -31.99
CA LEU L 66 11.94 -73.65 -33.20
C LEU L 66 10.70 -73.80 -34.06
N TYR L 67 10.74 -73.23 -35.26
CA TYR L 67 9.67 -73.42 -36.24
C TYR L 67 10.15 -74.37 -37.31
N TYR L 68 9.29 -75.31 -37.69
CA TYR L 68 9.66 -76.39 -38.59
C TYR L 68 8.48 -76.76 -39.48
N THR L 69 8.80 -77.36 -40.63
CA THR L 69 7.80 -77.89 -41.53
C THR L 69 8.45 -78.95 -42.40
N GLU L 70 7.62 -79.89 -42.87
CA GLU L 70 8.10 -80.95 -43.74
C GLU L 70 8.22 -80.42 -45.16
N PHE L 71 9.33 -80.76 -45.83
CA PHE L 71 9.59 -80.24 -47.16
C PHE L 71 10.53 -81.19 -47.89
N THR L 72 10.52 -81.10 -49.21
CA THR L 72 11.38 -81.92 -50.07
C THR L 72 12.34 -81.00 -50.81
N PRO L 73 13.62 -80.97 -50.43
CA PRO L 73 14.55 -80.03 -51.06
C PRO L 73 14.81 -80.39 -52.51
N THR L 74 15.07 -79.36 -53.31
CA THR L 74 15.43 -79.51 -54.71
C THR L 74 16.69 -78.71 -55.00
N GLU L 75 17.23 -78.92 -56.20
CA GLU L 75 18.39 -78.16 -56.63
C GLU L 75 18.02 -76.70 -56.90
N LYS L 76 16.79 -76.44 -57.30
CA LYS L 76 16.35 -75.11 -57.71
C LYS L 76 15.75 -74.30 -56.57
N ASP L 77 14.91 -74.92 -55.75
CA ASP L 77 14.16 -74.17 -54.74
C ASP L 77 15.10 -73.50 -53.74
N GLU L 78 14.77 -72.27 -53.40
CA GLU L 78 15.47 -71.51 -52.36
C GLU L 78 14.55 -71.38 -51.15
N TYR L 79 15.08 -71.64 -49.97
CA TYR L 79 14.33 -71.55 -48.73
C TYR L 79 14.99 -70.54 -47.81
N ALA L 80 14.15 -69.84 -47.03
CA ALA L 80 14.65 -68.83 -46.12
C ALA L 80 13.66 -68.67 -44.97
N CYS L 81 14.10 -67.96 -43.94
CA CYS L 81 13.31 -67.73 -42.74
C CYS L 81 13.18 -66.23 -42.51
N ARG L 82 11.95 -65.77 -42.28
CA ARG L 82 11.66 -64.36 -42.05
C ARG L 82 11.30 -64.16 -40.58
N VAL L 83 12.06 -63.30 -39.90
CA VAL L 83 11.89 -63.05 -38.47
C VAL L 83 11.69 -61.56 -38.27
N ASN L 84 10.59 -61.20 -37.62
CA ASN L 84 10.30 -59.81 -37.28
C ASN L 84 10.16 -59.71 -35.76
N HIS L 85 10.88 -58.75 -35.17
CA HIS L 85 10.93 -58.61 -33.72
C HIS L 85 11.02 -57.12 -33.38
N VAL L 86 10.70 -56.81 -32.12
CA VAL L 86 10.65 -55.41 -31.69
C VAL L 86 12.03 -54.77 -31.75
N THR L 87 13.09 -55.56 -31.56
CA THR L 87 14.46 -55.03 -31.63
C THR L 87 14.95 -54.89 -33.06
N LEU L 88 14.20 -55.39 -34.04
CA LEU L 88 14.61 -55.34 -35.45
C LEU L 88 13.85 -54.20 -36.13
N SER L 89 14.60 -53.24 -36.67
CA SER L 89 13.98 -52.12 -37.37
C SER L 89 13.17 -52.60 -38.57
N GLN L 90 13.71 -53.56 -39.31
CA GLN L 90 13.05 -54.19 -40.45
C GLN L 90 13.20 -55.70 -40.37
N PRO L 91 12.26 -56.46 -40.93
CA PRO L 91 12.33 -57.92 -40.83
C PRO L 91 13.65 -58.44 -41.40
N LYS L 92 14.19 -59.46 -40.73
CA LYS L 92 15.47 -60.05 -41.11
C LYS L 92 15.23 -61.36 -41.85
N ILE L 93 15.91 -61.53 -42.97
CA ILE L 93 15.81 -62.73 -43.79
C ILE L 93 17.13 -63.49 -43.68
N VAL L 94 17.04 -64.79 -43.42
CA VAL L 94 18.20 -65.67 -43.38
C VAL L 94 17.94 -66.79 -44.38
N LYS L 95 18.75 -66.84 -45.44
CA LYS L 95 18.60 -67.85 -46.47
C LYS L 95 19.13 -69.19 -45.98
N TRP L 96 18.43 -70.26 -46.35
CA TRP L 96 18.85 -71.61 -45.99
C TRP L 96 20.06 -72.01 -46.81
N ASP L 97 21.25 -71.92 -46.22
CA ASP L 97 22.47 -72.38 -46.87
C ASP L 97 22.66 -73.85 -46.53
N ARG L 98 22.34 -74.71 -47.48
CA ARG L 98 22.71 -76.11 -47.35
C ARG L 98 24.22 -76.22 -47.25
N ASP L 99 24.68 -77.11 -46.36
CA ASP L 99 26.05 -77.38 -45.89
C ASP L 99 26.48 -76.35 -44.85
N MET L 100 25.54 -75.54 -44.36
CA MET L 100 25.77 -74.67 -43.21
C MET L 100 24.93 -75.12 -42.03
N VAL M 1 5.94 -83.03 -11.47
CA VAL M 1 4.77 -82.34 -10.93
C VAL M 1 5.08 -80.87 -10.69
N VAL M 2 4.04 -80.05 -10.64
CA VAL M 2 4.18 -78.61 -10.48
C VAL M 2 4.28 -78.30 -9.00
N GLY M 3 5.17 -77.37 -8.63
CA GLY M 3 5.32 -77.09 -7.21
C GLY M 3 5.79 -75.70 -6.83
N ALA M 4 5.40 -74.70 -7.62
CA ALA M 4 5.80 -73.32 -7.40
C ALA M 4 4.87 -72.67 -6.37
N VAL M 5 5.44 -72.22 -5.26
CA VAL M 5 4.68 -71.59 -4.18
C VAL M 5 4.37 -70.15 -4.59
N GLY M 6 3.09 -69.85 -4.82
CA GLY M 6 2.68 -68.51 -5.17
C GLY M 6 2.23 -67.70 -3.96
N VAL M 7 3.02 -66.71 -3.54
CA VAL M 7 2.79 -66.01 -2.29
C VAL M 7 2.75 -64.49 -2.48
N GLY M 8 2.29 -64.03 -3.66
CA GLY M 8 1.92 -62.63 -3.80
C GLY M 8 2.88 -61.73 -4.53
N LYS M 9 4.18 -61.92 -4.35
CA LYS M 9 5.20 -61.08 -4.99
C LYS M 9 4.95 -59.60 -4.74
N GLN N 2 -12.36 -91.71 6.79
CA GLN N 2 -11.62 -90.64 6.13
C GLN N 2 -10.15 -91.00 5.97
N LYS N 3 -9.36 -90.05 5.48
CA LYS N 3 -7.94 -90.29 5.24
C LYS N 3 -7.07 -90.00 6.46
N VAL N 4 -7.33 -88.90 7.15
CA VAL N 4 -6.56 -88.53 8.34
C VAL N 4 -7.29 -89.04 9.58
N GLN N 5 -6.57 -89.75 10.44
CA GLN N 5 -7.14 -90.37 11.63
C GLN N 5 -6.35 -89.89 12.85
N GLN N 6 -6.99 -89.10 13.71
CA GLN N 6 -6.35 -88.64 14.93
C GLN N 6 -6.73 -89.55 16.10
N SER N 7 -5.86 -89.57 17.11
CA SER N 7 -6.09 -90.37 18.31
C SER N 7 -5.26 -89.74 19.40
N PRO N 8 -5.83 -89.53 20.59
CA PRO N 8 -7.17 -89.93 21.03
C PRO N 8 -8.30 -89.09 20.48
N GLU N 9 -9.54 -89.48 20.80
CA GLU N 9 -10.71 -88.65 20.56
C GLU N 9 -10.96 -87.70 21.71
N SER N 10 -10.71 -88.14 22.94
CA SER N 10 -10.84 -87.31 24.13
C SER N 10 -9.67 -87.60 25.06
N LEU N 11 -9.29 -86.60 25.84
CA LEU N 11 -8.13 -86.72 26.71
C LEU N 11 -8.31 -85.80 27.92
N ILE N 12 -8.26 -86.39 29.10
CA ILE N 12 -8.34 -85.65 30.36
C ILE N 12 -6.94 -85.64 30.96
N VAL N 13 -6.29 -84.48 30.98
CA VAL N 13 -4.92 -84.34 31.42
C VAL N 13 -4.89 -83.43 32.65
N PRO N 14 -4.16 -83.79 33.70
CA PRO N 14 -4.07 -82.90 34.86
C PRO N 14 -3.27 -81.65 34.54
N GLU N 15 -3.61 -80.57 35.23
CA GLU N 15 -2.88 -79.32 35.04
C GLU N 15 -1.42 -79.49 35.47
N GLY N 16 -0.51 -79.32 34.52
CA GLY N 16 0.91 -79.50 34.76
C GLY N 16 1.50 -80.73 34.10
N GLY N 17 0.67 -81.58 33.51
CA GLY N 17 1.11 -82.81 32.90
C GLY N 17 1.45 -82.66 31.44
N MET N 18 1.51 -83.80 30.74
CA MET N 18 1.87 -83.85 29.35
C MET N 18 0.69 -84.39 28.56
N ALA N 19 0.36 -83.74 27.44
CA ALA N 19 -0.73 -84.16 26.57
C ALA N 19 -0.14 -84.58 25.23
N SER N 20 -0.17 -85.87 24.93
CA SER N 20 0.35 -86.41 23.68
C SER N 20 -0.81 -86.76 22.77
N LEU N 21 -0.94 -86.04 21.65
CA LEU N 21 -1.94 -86.33 20.64
C LEU N 21 -1.25 -86.83 19.38
N ASN N 22 -1.91 -87.76 18.67
CA ASN N 22 -1.33 -88.36 17.48
C ASN N 22 -2.29 -88.23 16.30
N CYS N 23 -1.72 -88.40 15.10
CA CYS N 23 -2.48 -88.32 13.87
C CYS N 23 -1.73 -89.07 12.79
N THR N 24 -2.48 -89.75 11.92
CA THR N 24 -1.91 -90.60 10.89
C THR N 24 -2.78 -90.51 9.64
N SER N 25 -2.12 -90.37 8.48
CA SER N 25 -2.83 -90.31 7.21
C SER N 25 -2.79 -91.65 6.50
N SER N 26 -3.86 -91.93 5.77
CA SER N 26 -3.95 -93.12 4.92
C SER N 26 -3.51 -92.85 3.50
N ASP N 27 -3.31 -91.59 3.12
CA ASP N 27 -2.81 -91.22 1.80
C ASP N 27 -1.29 -91.13 1.86
N ARG N 28 -0.61 -91.89 0.98
CA ARG N 28 0.84 -91.88 0.97
C ARG N 28 1.41 -90.62 0.34
N ASN N 29 0.67 -89.98 -0.56
CA ASN N 29 1.14 -88.76 -1.22
C ASN N 29 0.81 -87.55 -0.35
N VAL N 30 1.48 -87.49 0.80
CA VAL N 30 1.35 -86.36 1.72
C VAL N 30 2.76 -85.86 2.03
N ASP N 31 2.99 -84.56 1.82
CA ASP N 31 4.30 -83.97 2.02
C ASP N 31 4.36 -82.99 3.17
N TYR N 32 3.24 -82.68 3.80
CA TYR N 32 3.20 -81.64 4.82
C TYR N 32 2.10 -81.97 5.82
N PHE N 33 2.39 -81.79 7.10
CA PHE N 33 1.44 -82.01 8.18
C PHE N 33 1.28 -80.74 8.99
N TRP N 34 0.08 -80.57 9.57
CA TRP N 34 -0.24 -79.37 10.32
C TRP N 34 -1.01 -79.73 11.58
N TRP N 35 -0.95 -78.85 12.57
CA TRP N 35 -1.72 -78.99 13.80
C TRP N 35 -2.43 -77.67 14.08
N TYR N 36 -3.76 -77.70 14.12
CA TYR N 36 -4.56 -76.49 14.33
C TYR N 36 -5.31 -76.60 15.65
N ARG N 37 -5.42 -75.47 16.35
CA ARG N 37 -6.10 -75.40 17.64
C ARG N 37 -7.38 -74.60 17.51
N GLN N 38 -8.49 -75.15 17.99
CA GLN N 38 -9.77 -74.47 18.00
C GLN N 38 -10.32 -74.45 19.42
N HIS N 39 -10.30 -73.28 20.06
CA HIS N 39 -10.97 -73.13 21.34
C HIS N 39 -12.48 -73.19 21.15
N SER N 40 -13.18 -73.55 22.21
CA SER N 40 -14.62 -73.76 22.14
C SER N 40 -15.34 -72.51 21.65
N GLY N 41 -15.97 -72.61 20.49
CA GLY N 41 -16.67 -71.48 19.92
C GLY N 41 -15.76 -70.43 19.30
N LYS N 42 -14.64 -70.85 18.70
CA LYS N 42 -13.73 -69.94 18.06
C LYS N 42 -13.31 -70.45 16.68
N SER N 43 -12.33 -69.82 16.08
CA SER N 43 -11.88 -70.27 14.77
C SER N 43 -10.61 -71.11 14.91
N PRO N 44 -10.42 -72.08 14.01
CA PRO N 44 -9.16 -72.83 14.01
C PRO N 44 -7.99 -71.91 13.71
N LYS N 45 -6.90 -72.08 14.46
CA LYS N 45 -5.69 -71.30 14.28
C LYS N 45 -4.51 -72.26 14.30
N MET N 46 -3.57 -72.07 13.38
CA MET N 46 -2.43 -72.97 13.29
C MET N 46 -1.57 -72.89 14.55
N LEU N 47 -1.18 -74.06 15.06
CA LEU N 47 -0.23 -74.15 16.16
C LEU N 47 1.18 -74.48 15.68
N MET N 48 1.35 -75.65 15.05
CA MET N 48 2.64 -76.11 14.58
C MET N 48 2.53 -76.58 13.14
N SER N 49 3.68 -76.83 12.53
CA SER N 49 3.76 -77.34 11.17
C SER N 49 5.01 -78.22 11.08
N ILE N 50 4.95 -79.23 10.22
CA ILE N 50 6.11 -80.09 10.02
C ILE N 50 6.02 -80.77 8.67
N PHE N 51 7.13 -80.78 7.93
CA PHE N 51 7.22 -81.45 6.65
C PHE N 51 8.48 -82.30 6.52
N SER N 52 9.36 -82.27 7.53
CA SER N 52 10.61 -83.01 7.52
C SER N 52 10.67 -83.92 8.74
N ASN N 53 11.28 -85.09 8.56
CA ASN N 53 11.40 -86.04 9.66
C ASN N 53 12.23 -85.46 10.79
N GLY N 54 11.69 -85.49 12.00
CA GLY N 54 12.41 -85.03 13.17
C GLY N 54 11.46 -84.43 14.20
N GLU N 55 12.01 -83.56 15.02
CA GLU N 55 11.29 -82.90 16.10
C GLU N 55 11.38 -81.39 15.92
N LYS N 56 10.39 -80.67 16.45
CA LYS N 56 10.40 -79.21 16.40
C LYS N 56 9.80 -78.69 17.70
N GLU N 57 10.65 -78.14 18.57
CA GLU N 57 10.24 -77.61 19.86
C GLU N 57 10.05 -76.10 19.75
N GLU N 58 8.85 -75.61 20.07
CA GLU N 58 8.55 -74.18 20.11
C GLU N 58 7.84 -73.92 21.43
N GLY N 59 8.62 -73.68 22.49
CA GLY N 59 8.06 -73.42 23.80
C GLY N 59 7.63 -74.69 24.49
N ARG N 60 6.34 -74.80 24.78
CA ARG N 60 5.79 -75.98 25.44
C ARG N 60 5.28 -77.03 24.45
N PHE N 61 5.40 -76.78 23.16
CA PHE N 61 4.83 -77.65 22.13
C PHE N 61 5.95 -78.27 21.32
N THR N 62 6.03 -79.59 21.33
CA THR N 62 6.96 -80.34 20.49
C THR N 62 6.17 -81.14 19.46
N VAL N 63 6.50 -80.98 18.19
CA VAL N 63 5.86 -81.74 17.13
C VAL N 63 6.90 -82.65 16.49
N HIS N 64 6.44 -83.82 16.05
CA HIS N 64 7.32 -84.84 15.50
C HIS N 64 6.68 -85.43 14.25
N LEU N 65 7.52 -85.91 13.33
CA LEU N 65 7.03 -86.48 12.08
C LEU N 65 7.90 -87.64 11.66
N ASN N 66 7.25 -88.72 11.21
CA ASN N 66 7.91 -89.85 10.57
C ASN N 66 7.19 -90.09 9.24
N LYS N 67 7.76 -89.56 8.15
CA LYS N 67 7.13 -89.71 6.84
C LYS N 67 7.07 -91.16 6.39
N ALA N 68 7.90 -92.04 6.96
CA ALA N 68 7.82 -93.46 6.62
C ALA N 68 6.46 -94.03 7.03
N SER N 69 5.98 -93.67 8.21
CA SER N 69 4.70 -94.16 8.71
C SER N 69 3.58 -93.12 8.62
N LEU N 70 3.88 -91.91 8.12
CA LEU N 70 2.91 -90.83 7.98
C LEU N 70 2.24 -90.52 9.32
N HIS N 71 3.08 -90.32 10.33
CA HIS N 71 2.61 -90.12 11.69
C HIS N 71 3.20 -88.83 12.24
N THR N 72 2.33 -87.91 12.66
CA THR N 72 2.73 -86.70 13.36
C THR N 72 2.19 -86.75 14.78
N SER N 73 2.85 -86.05 15.70
CA SER N 73 2.47 -86.09 17.10
C SER N 73 2.77 -84.74 17.75
N LEU N 74 1.76 -84.18 18.40
CA LEU N 74 1.91 -82.96 19.20
C LEU N 74 2.04 -83.33 20.66
N HIS N 75 3.01 -82.72 21.35
CA HIS N 75 3.26 -83.00 22.76
C HIS N 75 3.25 -81.67 23.53
N ILE N 76 2.15 -81.39 24.20
CA ILE N 76 2.02 -80.20 25.03
C ILE N 76 2.49 -80.53 26.43
N ARG N 77 3.57 -79.89 26.86
CA ARG N 77 4.14 -80.03 28.19
C ARG N 77 3.67 -78.88 29.08
N ASP N 78 3.71 -79.10 30.39
CA ASP N 78 3.23 -78.14 31.38
C ASP N 78 1.83 -77.65 31.02
N SER N 79 0.89 -78.59 31.05
CA SER N 79 -0.48 -78.30 30.63
C SER N 79 -1.10 -77.21 31.50
N GLN N 80 -1.72 -76.23 30.84
CA GLN N 80 -2.43 -75.14 31.50
C GLN N 80 -3.89 -75.14 31.02
N PRO N 81 -4.82 -74.67 31.87
CA PRO N 81 -6.24 -74.72 31.49
C PRO N 81 -6.55 -74.07 30.16
N SER N 82 -5.71 -73.15 29.68
CA SER N 82 -5.96 -72.49 28.41
C SER N 82 -5.82 -73.44 27.22
N ASP N 83 -5.06 -74.53 27.36
CA ASP N 83 -4.83 -75.44 26.25
C ASP N 83 -6.02 -76.36 25.99
N SER N 84 -7.04 -76.35 26.83
CA SER N 84 -8.23 -77.14 26.59
C SER N 84 -8.92 -76.65 25.32
N ALA N 85 -8.89 -77.44 24.26
CA ALA N 85 -9.46 -77.06 22.98
C ALA N 85 -9.56 -78.32 22.11
N LEU N 86 -10.07 -78.14 20.90
CA LEU N 86 -10.10 -79.19 19.90
C LEU N 86 -8.90 -79.02 18.99
N TYR N 87 -8.05 -80.04 18.92
CA TYR N 87 -6.83 -80.01 18.12
C TYR N 87 -7.07 -80.80 16.84
N LEU N 88 -6.90 -80.14 15.70
CA LEU N 88 -7.17 -80.73 14.39
C LEU N 88 -5.87 -80.95 13.64
N CYS N 89 -5.74 -82.13 13.03
CA CYS N 89 -4.57 -82.49 12.24
C CYS N 89 -4.89 -82.32 10.76
N ALA N 90 -3.94 -81.75 10.02
CA ALA N 90 -4.13 -81.48 8.60
C ALA N 90 -2.97 -82.06 7.81
N ALA N 91 -3.24 -82.40 6.55
CA ALA N 91 -2.23 -83.00 5.68
C ALA N 91 -2.44 -82.52 4.26
N ARG N 92 -1.35 -82.22 3.56
CA ARG N 92 -1.43 -81.71 2.19
C ARG N 92 -1.63 -82.87 1.22
N ASP N 93 -2.60 -82.70 0.32
CA ASP N 93 -3.01 -83.75 -0.60
C ASP N 93 -1.98 -83.93 -1.72
N SER N 94 -2.30 -84.83 -2.66
CA SER N 94 -1.59 -84.84 -3.94
C SER N 94 -1.81 -83.54 -4.67
N ASN N 95 -2.99 -82.94 -4.49
CA ASN N 95 -3.23 -81.55 -4.84
C ASN N 95 -2.54 -80.69 -3.79
N TYR N 96 -2.92 -79.44 -3.67
CA TYR N 96 -2.38 -78.62 -2.60
C TYR N 96 -3.50 -78.16 -1.69
N GLN N 97 -4.42 -79.09 -1.42
CA GLN N 97 -5.53 -78.91 -0.50
C GLN N 97 -5.25 -79.68 0.79
N LEU N 98 -5.92 -79.25 1.86
CA LEU N 98 -5.70 -79.82 3.19
C LEU N 98 -6.73 -80.89 3.50
N ILE N 99 -6.27 -82.03 4.01
CA ILE N 99 -7.14 -83.09 4.48
C ILE N 99 -7.22 -82.97 5.99
N TRP N 100 -8.42 -82.73 6.51
CA TRP N 100 -8.59 -82.52 7.94
C TRP N 100 -8.97 -83.81 8.66
N GLY N 101 -8.79 -83.81 9.98
CA GLY N 101 -9.15 -84.93 10.82
C GLY N 101 -10.35 -84.63 11.69
N SER N 102 -10.85 -85.68 12.34
CA SER N 102 -12.06 -85.55 13.16
C SER N 102 -11.84 -84.59 14.32
N GLY N 103 -10.70 -84.73 15.01
CA GLY N 103 -10.37 -83.82 16.08
C GLY N 103 -10.13 -84.52 17.40
N THR N 104 -9.20 -83.98 18.19
CA THR N 104 -8.90 -84.52 19.51
C THR N 104 -9.28 -83.47 20.56
N LYS N 105 -10.14 -83.85 21.49
CA LYS N 105 -10.58 -82.95 22.54
C LYS N 105 -9.65 -83.06 23.74
N LEU N 106 -9.13 -81.93 24.20
CA LEU N 106 -8.28 -81.85 25.38
C LEU N 106 -9.08 -81.21 26.52
N ILE N 107 -9.17 -81.91 27.64
CA ILE N 107 -9.87 -81.43 28.82
C ILE N 107 -8.86 -81.41 29.96
N ILE N 108 -8.37 -80.22 30.30
CA ILE N 108 -7.35 -80.05 31.33
C ILE N 108 -8.05 -79.71 32.63
N LYS N 109 -8.04 -80.66 33.56
CA LYS N 109 -8.71 -80.50 34.84
C LYS N 109 -7.88 -79.59 35.73
N PRO N 110 -8.44 -78.48 36.23
CA PRO N 110 -7.64 -77.53 37.00
C PRO N 110 -7.35 -78.04 38.41
N ASP N 111 -6.35 -77.41 39.04
CA ASP N 111 -6.00 -77.69 40.42
C ASP N 111 -6.71 -76.70 41.32
N ILE N 112 -7.70 -77.17 42.07
CA ILE N 112 -8.41 -76.34 43.04
C ILE N 112 -7.57 -76.29 44.31
N GLN N 113 -7.02 -75.11 44.61
CA GLN N 113 -6.03 -75.00 45.68
C GLN N 113 -6.67 -75.19 47.05
N ASN N 114 -7.78 -74.48 47.31
CA ASN N 114 -8.42 -74.48 48.62
C ASN N 114 -9.90 -74.79 48.46
N PRO N 115 -10.28 -76.07 48.38
CA PRO N 115 -11.69 -76.42 48.21
C PRO N 115 -12.48 -76.22 49.49
N ASP N 116 -13.61 -75.53 49.39
CA ASP N 116 -14.54 -75.32 50.50
C ASP N 116 -15.96 -75.55 49.98
N PRO N 117 -16.30 -76.80 49.66
CA PRO N 117 -17.58 -77.04 48.97
C PRO N 117 -18.77 -76.71 49.85
N ALA N 118 -19.86 -76.30 49.21
CA ALA N 118 -21.08 -75.89 49.90
C ALA N 118 -22.20 -75.79 48.88
N VAL N 119 -23.43 -75.67 49.40
CA VAL N 119 -24.63 -75.51 48.60
C VAL N 119 -25.44 -74.35 49.19
N TYR N 120 -26.01 -73.52 48.32
CA TYR N 120 -26.71 -72.32 48.76
C TYR N 120 -28.02 -72.15 48.01
N GLN N 121 -28.95 -71.43 48.63
CA GLN N 121 -30.23 -71.08 48.02
C GLN N 121 -30.22 -69.62 47.58
N LEU N 122 -30.64 -69.38 46.35
CA LEU N 122 -30.72 -68.03 45.80
C LEU N 122 -32.18 -67.73 45.45
N ARG N 123 -32.65 -66.56 45.87
CA ARG N 123 -34.07 -66.25 45.78
C ARG N 123 -34.51 -66.08 44.33
N ASP N 124 -35.63 -66.70 43.99
CA ASP N 124 -36.23 -66.46 42.68
C ASP N 124 -36.63 -65.00 42.55
N SER N 125 -36.20 -64.35 41.48
CA SER N 125 -36.67 -63.01 41.19
C SER N 125 -38.19 -63.05 41.06
N LYS N 126 -38.84 -61.96 41.48
CA LYS N 126 -40.30 -61.89 41.55
C LYS N 126 -40.96 -62.42 40.28
N SER N 127 -40.31 -62.22 39.14
CA SER N 127 -40.85 -62.70 37.87
C SER N 127 -40.90 -64.23 37.83
N SER N 128 -39.79 -64.88 38.19
CA SER N 128 -39.67 -66.33 38.11
C SER N 128 -40.13 -66.99 39.41
N ASP N 129 -40.28 -68.31 39.36
CA ASP N 129 -40.73 -69.08 40.50
C ASP N 129 -39.78 -70.21 40.89
N LYS N 130 -38.64 -70.34 40.21
CA LYS N 130 -37.73 -71.46 40.43
C LYS N 130 -36.58 -71.00 41.32
N SER N 131 -36.66 -71.33 42.61
CA SER N 131 -35.51 -71.14 43.49
C SER N 131 -34.40 -72.11 43.10
N VAL N 132 -33.16 -71.63 43.13
CA VAL N 132 -32.03 -72.38 42.59
C VAL N 132 -31.09 -72.81 43.70
N CYS N 133 -30.39 -73.92 43.44
CA CYS N 133 -29.34 -74.41 44.31
C CYS N 133 -27.99 -74.25 43.61
N LEU N 134 -26.98 -73.86 44.37
CA LEU N 134 -25.65 -73.60 43.82
C LEU N 134 -24.62 -74.45 44.54
N PHE N 135 -24.00 -75.37 43.82
CA PHE N 135 -22.91 -76.19 44.34
C PHE N 135 -21.60 -75.60 43.84
N THR N 136 -20.85 -74.97 44.75
CA THR N 136 -19.66 -74.22 44.37
C THR N 136 -18.50 -74.59 45.29
N ASP N 137 -17.30 -74.17 44.86
CA ASP N 137 -16.07 -74.29 45.64
C ASP N 137 -15.69 -75.75 45.89
N PHE N 138 -15.93 -76.61 44.91
CA PHE N 138 -15.55 -78.01 45.00
C PHE N 138 -14.39 -78.30 44.06
N ASP N 139 -13.62 -79.33 44.39
CA ASP N 139 -12.42 -79.66 43.66
C ASP N 139 -12.76 -80.29 42.30
N SER N 140 -11.72 -80.54 41.51
CA SER N 140 -11.90 -81.15 40.20
C SER N 140 -12.21 -82.65 40.29
N GLN N 141 -11.93 -83.28 41.42
CA GLN N 141 -12.20 -84.71 41.56
C GLN N 141 -13.69 -84.99 41.63
N THR N 142 -14.46 -84.07 42.19
CA THR N 142 -15.91 -84.25 42.26
C THR N 142 -16.51 -84.14 40.86
N ASN N 143 -17.31 -85.13 40.48
CA ASN N 143 -17.96 -85.16 39.17
C ASN N 143 -19.46 -84.95 39.35
N VAL N 144 -19.99 -83.97 38.62
CA VAL N 144 -21.42 -83.63 38.71
C VAL N 144 -22.20 -84.62 37.86
N SER N 145 -23.04 -85.42 38.51
CA SER N 145 -23.91 -86.35 37.81
C SER N 145 -25.21 -85.65 37.41
N GLN N 146 -25.77 -86.11 36.29
CA GLN N 146 -26.97 -85.48 35.74
C GLN N 146 -28.14 -85.58 36.72
N SER N 147 -29.01 -84.58 36.67
CA SER N 147 -30.22 -84.60 37.48
C SER N 147 -31.08 -85.80 37.13
N LYS N 148 -31.67 -86.42 38.14
CA LYS N 148 -32.55 -87.58 37.94
C LYS N 148 -34.02 -87.16 37.89
N ASP N 149 -34.52 -86.55 38.97
CA ASP N 149 -35.91 -86.11 39.02
C ASP N 149 -36.23 -85.23 37.82
N SER N 150 -37.22 -85.64 37.04
CA SER N 150 -37.52 -84.99 35.76
C SER N 150 -37.98 -83.55 35.93
N ASP N 151 -38.41 -83.16 37.13
CA ASP N 151 -38.87 -81.80 37.37
C ASP N 151 -37.76 -80.82 37.72
N VAL N 152 -36.55 -81.31 37.97
CA VAL N 152 -35.41 -80.47 38.32
C VAL N 152 -34.31 -80.70 37.31
N TYR N 153 -33.61 -79.63 36.95
CA TYR N 153 -32.51 -79.67 35.98
C TYR N 153 -31.22 -79.23 36.65
N ILE N 154 -30.17 -80.03 36.50
CA ILE N 154 -28.86 -79.73 37.04
C ILE N 154 -27.93 -79.38 35.89
N THR N 155 -27.27 -78.24 35.98
CA THR N 155 -26.33 -77.83 34.95
C THR N 155 -25.01 -78.55 35.11
N ASP N 156 -24.24 -78.57 34.02
CA ASP N 156 -22.96 -79.24 34.03
C ASP N 156 -21.95 -78.46 34.87
N LYS N 157 -20.84 -79.11 35.20
CA LYS N 157 -19.78 -78.48 35.97
C LYS N 157 -19.14 -77.34 35.16
N CYS N 158 -18.80 -76.26 35.86
CA CYS N 158 -18.16 -75.10 35.24
C CYS N 158 -17.04 -74.61 36.15
N VAL N 159 -16.10 -73.87 35.56
CA VAL N 159 -14.96 -73.33 36.29
C VAL N 159 -14.94 -71.83 36.09
N LEU N 160 -15.02 -71.09 37.19
CA LEU N 160 -14.92 -69.63 37.18
C LEU N 160 -13.47 -69.20 37.35
N ASP N 161 -13.20 -67.93 37.04
CA ASP N 161 -11.85 -67.40 37.19
C ASP N 161 -11.94 -65.90 37.49
N MET N 162 -11.90 -65.57 38.78
CA MET N 162 -11.73 -64.18 39.23
C MET N 162 -10.24 -63.84 39.16
N ARG N 163 -9.83 -63.30 38.02
CA ARG N 163 -8.42 -62.94 37.85
C ARG N 163 -8.00 -61.78 38.75
N SER N 164 -8.97 -60.99 39.24
CA SER N 164 -8.63 -59.87 40.11
C SER N 164 -7.95 -60.35 41.38
N MET N 165 -8.49 -61.37 42.02
CA MET N 165 -7.92 -61.93 43.24
C MET N 165 -7.16 -63.23 42.99
N ASP N 166 -6.96 -63.59 41.74
CA ASP N 166 -6.26 -64.82 41.36
C ASP N 166 -6.89 -66.04 42.04
N PHE N 167 -8.16 -66.26 41.73
CA PHE N 167 -8.96 -67.28 42.39
C PHE N 167 -9.85 -67.97 41.36
N LYS N 168 -9.90 -69.29 41.41
CA LYS N 168 -10.77 -70.08 40.56
C LYS N 168 -11.67 -70.95 41.42
N SER N 169 -12.89 -71.20 40.92
CA SER N 169 -13.87 -71.96 41.68
C SER N 169 -14.81 -72.68 40.72
N ASN N 170 -15.10 -73.94 41.04
CA ASN N 170 -16.08 -74.67 40.26
C ASN N 170 -17.49 -74.32 40.72
N SER N 171 -18.47 -74.63 39.87
CA SER N 171 -19.85 -74.28 40.18
C SER N 171 -20.80 -75.17 39.39
N ALA N 172 -21.98 -75.40 39.98
CA ALA N 172 -23.05 -76.15 39.34
C ALA N 172 -24.37 -75.66 39.89
N VAL N 173 -25.40 -75.64 39.04
CA VAL N 173 -26.68 -75.02 39.34
C VAL N 173 -27.81 -76.00 39.09
N ALA N 174 -28.81 -75.99 39.98
CA ALA N 174 -30.03 -76.77 39.82
C ALA N 174 -31.23 -75.90 40.13
N TRP N 175 -32.31 -76.09 39.37
CA TRP N 175 -33.55 -75.36 39.60
C TRP N 175 -34.74 -76.27 39.32
N SER N 176 -35.84 -76.01 40.01
CA SER N 176 -37.06 -76.76 39.83
C SER N 176 -38.26 -75.84 39.98
N ASN N 177 -39.28 -76.07 39.15
CA ASN N 177 -40.47 -75.23 39.20
C ASN N 177 -41.36 -75.60 40.37
N LYS N 178 -41.31 -76.85 40.81
CA LYS N 178 -42.16 -77.29 41.91
C LYS N 178 -41.68 -76.73 43.24
N SER N 179 -42.63 -76.57 44.17
CA SER N 179 -42.32 -75.94 45.45
C SER N 179 -41.59 -76.90 46.39
N ASP N 180 -41.86 -78.21 46.31
CA ASP N 180 -41.23 -79.19 47.17
C ASP N 180 -39.80 -79.44 46.67
N PHE N 181 -38.96 -78.42 46.86
CA PHE N 181 -37.60 -78.42 46.34
C PHE N 181 -36.69 -77.71 47.34
N ALA N 182 -35.71 -78.44 47.87
CA ALA N 182 -34.76 -77.88 48.82
C ALA N 182 -33.35 -78.31 48.43
N CYS N 183 -32.38 -77.50 48.84
CA CYS N 183 -30.98 -77.78 48.50
C CYS N 183 -30.45 -79.01 49.23
N ALA N 184 -30.98 -79.29 50.42
CA ALA N 184 -30.58 -80.51 51.12
C ALA N 184 -31.01 -81.75 50.35
N ASN N 185 -32.20 -81.72 49.74
CA ASN N 185 -32.70 -82.81 48.93
C ASN N 185 -32.31 -82.68 47.47
N ALA N 186 -31.45 -81.72 47.12
CA ALA N 186 -30.92 -81.58 45.78
C ALA N 186 -29.52 -82.13 45.69
N PHE N 187 -29.07 -82.38 44.46
CA PHE N 187 -27.73 -82.88 44.14
C PHE N 187 -27.47 -84.28 44.69
N ASN N 188 -28.49 -85.00 45.15
CA ASN N 188 -28.29 -86.32 45.71
C ASN N 188 -27.86 -87.34 44.65
N ASN N 189 -28.11 -87.06 43.38
CA ASN N 189 -27.72 -87.98 42.31
C ASN N 189 -26.22 -87.98 42.06
N SER N 190 -25.49 -87.01 42.61
CA SER N 190 -24.05 -86.88 42.41
C SER N 190 -23.31 -87.31 43.66
N ILE N 191 -21.99 -87.47 43.52
CA ILE N 191 -21.13 -87.93 44.61
C ILE N 191 -20.70 -86.69 45.38
N ILE N 192 -21.51 -86.30 46.34
CA ILE N 192 -21.23 -85.09 47.13
C ILE N 192 -20.16 -85.42 48.16
N PRO N 193 -19.10 -84.62 48.28
CA PRO N 193 -18.14 -84.82 49.37
C PRO N 193 -18.79 -84.54 50.71
N GLU N 194 -18.30 -85.23 51.73
CA GLU N 194 -18.92 -85.14 53.06
C GLU N 194 -18.60 -83.84 53.78
N ASP N 195 -17.67 -83.04 53.27
CA ASP N 195 -17.28 -81.80 53.92
C ASP N 195 -18.09 -80.59 53.46
N THR N 196 -19.14 -80.81 52.67
CA THR N 196 -19.92 -79.70 52.16
C THR N 196 -20.71 -79.01 53.27
N PHE N 197 -20.94 -77.71 53.09
CA PHE N 197 -21.71 -76.92 54.03
C PHE N 197 -23.18 -76.91 53.64
N PHE N 198 -24.04 -76.76 54.65
CA PHE N 198 -25.47 -76.66 54.43
C PHE N 198 -26.05 -75.64 55.40
N PRO N 199 -26.72 -74.59 54.91
CA PRO N 199 -27.32 -73.55 55.76
C PRO N 199 -28.43 -74.07 56.66
N GLU O 1 -1.58 -60.29 10.92
CA GLU O 1 -2.16 -59.13 10.23
C GLU O 1 -3.26 -59.56 9.26
N ALA O 2 -3.27 -60.84 8.91
CA ALA O 2 -4.26 -61.37 7.98
C ALA O 2 -5.57 -61.61 8.72
N ALA O 3 -6.65 -60.99 8.25
CA ALA O 3 -7.95 -61.08 8.89
C ALA O 3 -9.03 -61.39 7.86
N VAL O 4 -9.96 -62.26 8.25
CA VAL O 4 -11.08 -62.68 7.41
C VAL O 4 -12.38 -62.40 8.16
N THR O 5 -13.40 -61.94 7.44
CA THR O 5 -14.69 -61.63 8.02
C THR O 5 -15.77 -62.50 7.40
N GLN O 6 -16.89 -62.64 8.11
CA GLN O 6 -17.97 -63.53 7.70
C GLN O 6 -19.30 -62.90 8.07
N SER O 7 -20.18 -62.74 7.08
CA SER O 7 -21.50 -62.16 7.31
C SER O 7 -22.54 -63.01 6.59
N PRO O 8 -23.60 -63.44 7.28
CA PRO O 8 -23.94 -63.18 8.69
C PRO O 8 -23.16 -64.06 9.65
N ARG O 9 -23.42 -63.93 10.95
CA ARG O 9 -22.78 -64.75 11.97
C ARG O 9 -23.73 -65.72 12.64
N ASN O 10 -25.02 -65.40 12.67
CA ASN O 10 -26.05 -66.27 13.22
C ASN O 10 -27.31 -66.08 12.39
N LYS O 11 -27.94 -67.17 11.98
CA LYS O 11 -29.12 -67.08 11.13
C LYS O 11 -30.00 -68.31 11.32
N VAL O 12 -31.28 -68.08 11.59
CA VAL O 12 -32.28 -69.13 11.66
C VAL O 12 -33.10 -69.08 10.37
N ALA O 13 -33.15 -70.20 9.66
CA ALA O 13 -33.75 -70.26 8.33
C ALA O 13 -34.88 -71.28 8.29
N VAL O 14 -35.51 -71.37 7.12
CA VAL O 14 -36.64 -72.27 6.88
C VAL O 14 -36.24 -73.25 5.80
N THR O 15 -36.73 -74.48 5.91
CA THR O 15 -36.55 -75.46 4.84
C THR O 15 -37.19 -74.94 3.57
N GLY O 16 -36.37 -74.71 2.54
CA GLY O 16 -36.82 -74.12 1.30
C GLY O 16 -36.42 -72.68 1.10
N GLY O 17 -35.72 -72.07 2.06
CA GLY O 17 -35.29 -70.70 1.94
C GLY O 17 -33.90 -70.58 1.32
N LYS O 18 -33.48 -69.34 1.13
CA LYS O 18 -32.20 -69.02 0.51
C LYS O 18 -31.32 -68.30 1.52
N VAL O 19 -30.21 -68.92 1.89
CA VAL O 19 -29.25 -68.35 2.83
C VAL O 19 -27.93 -68.14 2.07
N THR O 20 -27.47 -66.90 2.02
CA THR O 20 -26.26 -66.52 1.29
C THR O 20 -25.18 -66.09 2.29
N LEU O 21 -24.38 -67.05 2.72
CA LEU O 21 -23.25 -66.72 3.62
C LEU O 21 -22.19 -65.99 2.78
N SER O 22 -21.47 -65.05 3.37
CA SER O 22 -20.50 -64.24 2.67
C SER O 22 -19.19 -64.18 3.44
N CYS O 23 -18.10 -64.03 2.69
CA CYS O 23 -16.75 -64.02 3.25
C CYS O 23 -15.95 -62.93 2.56
N ASN O 24 -15.04 -62.30 3.33
CA ASN O 24 -14.28 -61.17 2.83
C ASN O 24 -12.87 -61.22 3.39
N GLN O 25 -11.88 -61.30 2.50
CA GLN O 25 -10.47 -61.19 2.85
C GLN O 25 -9.89 -59.91 2.28
N THR O 26 -8.87 -59.39 2.94
CA THR O 26 -8.14 -58.21 2.49
C THR O 26 -6.64 -58.45 2.55
N ASN O 27 -6.20 -59.67 2.27
CA ASN O 27 -4.80 -60.05 2.40
C ASN O 27 -4.18 -60.50 1.09
N ASN O 28 -4.83 -60.20 -0.04
CA ASN O 28 -4.33 -60.57 -1.37
C ASN O 28 -4.10 -62.08 -1.49
N HIS O 29 -4.99 -62.85 -0.88
CA HIS O 29 -4.95 -64.31 -0.95
C HIS O 29 -5.84 -64.76 -2.10
N ASN O 30 -5.24 -65.29 -3.16
CA ASN O 30 -6.04 -65.72 -4.30
C ASN O 30 -6.83 -67.00 -4.01
N ASN O 31 -6.41 -67.78 -3.02
CA ASN O 31 -7.07 -69.05 -2.69
C ASN O 31 -7.99 -68.84 -1.51
N MET O 32 -9.28 -69.10 -1.69
CA MET O 32 -10.24 -68.93 -0.62
C MET O 32 -11.14 -70.15 -0.59
N TYR O 33 -11.46 -70.62 0.62
CA TYR O 33 -12.17 -71.88 0.79
C TYR O 33 -13.42 -71.67 1.63
N TRP O 34 -14.36 -72.60 1.51
CA TRP O 34 -15.61 -72.60 2.29
C TRP O 34 -15.76 -73.97 2.92
N TYR O 35 -15.51 -74.06 4.22
CA TYR O 35 -15.54 -75.34 4.93
C TYR O 35 -16.88 -75.53 5.64
N ARG O 36 -16.97 -76.61 6.40
CA ARG O 36 -18.16 -76.93 7.20
C ARG O 36 -17.73 -77.85 8.32
N GLN O 37 -17.91 -77.41 9.57
CA GLN O 37 -17.54 -78.20 10.74
C GLN O 37 -18.78 -78.82 11.36
N ASP O 38 -18.83 -80.15 11.35
CA ASP O 38 -19.88 -80.91 12.02
C ASP O 38 -19.24 -81.90 12.98
N THR O 39 -19.97 -82.22 14.04
CA THR O 39 -19.42 -83.09 15.09
C THR O 39 -19.07 -84.47 14.53
N GLY O 40 -17.87 -84.95 14.88
CA GLY O 40 -17.43 -86.23 14.39
C GLY O 40 -17.04 -86.26 12.94
N HIS O 41 -16.82 -85.10 12.33
CA HIS O 41 -16.46 -85.02 10.92
C HIS O 41 -15.24 -84.13 10.73
N GLY O 42 -15.07 -83.15 11.60
CA GLY O 42 -14.03 -82.17 11.37
C GLY O 42 -14.47 -81.19 10.29
N LEU O 43 -13.50 -80.46 9.77
CA LEU O 43 -13.76 -79.48 8.72
C LEU O 43 -13.81 -80.20 7.37
N ARG O 44 -14.95 -80.06 6.67
CA ARG O 44 -15.15 -80.68 5.36
C ARG O 44 -15.35 -79.58 4.33
N LEU O 45 -14.58 -79.66 3.23
CA LEU O 45 -14.59 -78.61 2.23
C LEU O 45 -15.84 -78.72 1.36
N ILE O 46 -16.61 -77.63 1.28
CA ILE O 46 -17.79 -77.57 0.44
C ILE O 46 -17.39 -77.10 -0.96
N HIS O 47 -16.93 -75.86 -1.06
CA HIS O 47 -16.46 -75.30 -2.31
C HIS O 47 -15.18 -74.53 -2.04
N TYR O 48 -14.42 -74.29 -3.09
CA TYR O 48 -13.19 -73.50 -2.98
C TYR O 48 -12.92 -72.82 -4.31
N SER O 49 -12.01 -71.84 -4.28
CA SER O 49 -11.74 -71.02 -5.44
C SER O 49 -10.25 -70.70 -5.50
N TYR O 50 -9.68 -70.78 -6.70
CA TYR O 50 -8.27 -70.51 -6.93
C TYR O 50 -8.01 -69.08 -7.36
N GLY O 51 -9.05 -68.26 -7.45
CA GLY O 51 -8.90 -66.89 -7.88
C GLY O 51 -10.25 -66.30 -8.22
N ALA O 52 -10.21 -65.03 -8.66
CA ALA O 52 -11.44 -64.33 -9.01
C ALA O 52 -12.09 -64.95 -10.24
N GLY O 53 -13.36 -65.33 -10.12
CA GLY O 53 -14.13 -65.88 -11.21
C GLY O 53 -14.30 -67.39 -11.16
N SER O 54 -13.32 -68.11 -10.63
CA SER O 54 -13.37 -69.56 -10.58
C SER O 54 -14.06 -70.03 -9.31
N THR O 55 -14.86 -71.10 -9.42
CA THR O 55 -15.52 -71.76 -8.29
C THR O 55 -15.44 -73.26 -8.53
N GLU O 56 -14.43 -73.90 -7.93
CA GLU O 56 -14.29 -75.35 -8.01
C GLU O 56 -15.00 -76.01 -6.84
N LYS O 57 -15.50 -77.22 -7.07
CA LYS O 57 -16.25 -77.96 -6.06
C LYS O 57 -15.29 -78.74 -5.16
N GLY O 58 -15.82 -79.18 -4.01
CA GLY O 58 -15.03 -79.88 -3.03
C GLY O 58 -15.52 -81.27 -2.70
N ASP O 59 -15.37 -81.68 -1.43
CA ASP O 59 -15.77 -83.04 -1.04
C ASP O 59 -17.28 -83.16 -0.89
N ILE O 60 -17.94 -82.13 -0.35
CA ILE O 60 -19.38 -82.19 -0.09
C ILE O 60 -20.10 -81.05 -0.80
N PRO O 61 -20.00 -80.93 -2.13
CA PRO O 61 -20.55 -79.76 -2.83
C PRO O 61 -22.03 -79.87 -3.16
N ASP O 62 -22.71 -80.96 -2.82
CA ASP O 62 -24.10 -81.13 -3.17
C ASP O 62 -24.99 -80.38 -2.19
N GLY O 63 -25.97 -79.64 -2.72
CA GLY O 63 -26.83 -78.81 -1.92
C GLY O 63 -26.33 -77.39 -1.72
N TYR O 64 -25.07 -77.11 -2.05
CA TYR O 64 -24.49 -75.79 -1.88
C TYR O 64 -23.99 -75.28 -3.23
N LYS O 65 -24.06 -73.97 -3.41
CA LYS O 65 -23.53 -73.30 -4.58
C LYS O 65 -22.58 -72.19 -4.11
N ALA O 66 -21.74 -71.70 -5.02
CA ALA O 66 -20.73 -70.72 -4.62
C ALA O 66 -20.44 -69.77 -5.77
N SER O 67 -19.89 -68.61 -5.43
CA SER O 67 -19.56 -67.58 -6.40
C SER O 67 -18.41 -66.73 -5.87
N ARG O 68 -17.45 -66.42 -6.75
CA ARG O 68 -16.30 -65.57 -6.41
C ARG O 68 -16.34 -64.34 -7.30
N PRO O 69 -17.03 -63.27 -6.86
CA PRO O 69 -17.07 -62.05 -7.68
C PRO O 69 -15.71 -61.39 -7.84
N SER O 70 -14.95 -61.27 -6.76
CA SER O 70 -13.63 -60.66 -6.80
C SER O 70 -12.68 -61.48 -5.94
N GLN O 71 -11.40 -61.08 -5.94
CA GLN O 71 -10.41 -61.77 -5.12
C GLN O 71 -10.71 -61.65 -3.64
N GLU O 72 -11.51 -60.66 -3.24
CA GLU O 72 -11.77 -60.38 -1.85
C GLU O 72 -13.07 -60.96 -1.33
N ASN O 73 -13.92 -61.51 -2.21
CA ASN O 73 -15.25 -61.95 -1.80
C ASN O 73 -15.56 -63.35 -2.33
N PHE O 74 -16.14 -64.17 -1.49
CA PHE O 74 -16.52 -65.54 -1.81
C PHE O 74 -17.77 -65.87 -1.01
N SER O 75 -18.86 -66.19 -1.70
CA SER O 75 -20.15 -66.40 -1.06
C SER O 75 -20.61 -67.84 -1.25
N LEU O 76 -21.30 -68.35 -0.24
CA LEU O 76 -21.86 -69.71 -0.27
C LEU O 76 -23.38 -69.59 -0.29
N ILE O 77 -23.98 -69.86 -1.45
CA ILE O 77 -25.43 -69.72 -1.63
C ILE O 77 -26.09 -71.06 -1.34
N LEU O 78 -27.17 -71.02 -0.58
CA LEU O 78 -28.00 -72.18 -0.25
C LEU O 78 -29.37 -71.94 -0.87
N GLU O 79 -29.49 -72.23 -2.18
CA GLU O 79 -30.72 -71.91 -2.91
C GLU O 79 -31.93 -72.57 -2.28
N LEU O 80 -31.85 -73.88 -2.03
CA LEU O 80 -32.91 -74.62 -1.35
C LEU O 80 -32.33 -75.15 -0.04
N ALA O 81 -32.83 -74.64 1.07
CA ALA O 81 -32.32 -75.03 2.38
C ALA O 81 -32.96 -76.32 2.85
N THR O 82 -32.17 -77.16 3.52
CA THR O 82 -32.61 -78.40 4.11
C THR O 82 -32.13 -78.46 5.55
N PRO O 83 -32.85 -79.16 6.43
CA PRO O 83 -32.40 -79.26 7.83
C PRO O 83 -31.04 -79.93 7.97
N SER O 84 -30.65 -80.76 7.02
CA SER O 84 -29.34 -81.39 7.06
C SER O 84 -28.21 -80.39 6.95
N GLN O 85 -28.48 -79.19 6.41
CA GLN O 85 -27.48 -78.15 6.25
C GLN O 85 -27.35 -77.26 7.48
N THR O 86 -27.71 -77.78 8.66
CA THR O 86 -27.55 -77.05 9.91
C THR O 86 -26.15 -77.35 10.46
N SER O 87 -25.26 -76.37 10.38
CA SER O 87 -23.88 -76.57 10.79
C SER O 87 -23.24 -75.21 11.05
N VAL O 88 -21.99 -75.23 11.50
CA VAL O 88 -21.17 -74.04 11.65
C VAL O 88 -20.22 -73.97 10.47
N TYR O 89 -20.30 -72.89 9.69
CA TYR O 89 -19.55 -72.75 8.45
C TYR O 89 -18.36 -71.83 8.67
N PHE O 90 -17.19 -72.23 8.16
CA PHE O 90 -15.96 -71.47 8.28
C PHE O 90 -15.41 -71.18 6.88
N CYS O 91 -14.87 -69.98 6.70
CA CYS O 91 -14.23 -69.60 5.45
C CYS O 91 -12.76 -69.31 5.71
N ALA O 92 -11.89 -69.75 4.80
CA ALA O 92 -10.46 -69.60 4.96
C ALA O 92 -9.84 -68.99 3.72
N SER O 93 -8.66 -68.40 3.90
CA SER O 93 -7.92 -67.78 2.80
C SER O 93 -6.46 -68.14 2.95
N GLY O 94 -5.85 -68.59 1.84
CA GLY O 94 -4.47 -69.01 1.84
C GLY O 94 -3.85 -68.70 0.50
N ASP O 95 -2.62 -69.19 0.32
CA ASP O 95 -1.78 -68.89 -0.85
C ASP O 95 -1.06 -70.16 -1.30
N PHE O 96 -1.78 -71.00 -2.04
CA PHE O 96 -1.27 -72.24 -2.64
C PHE O 96 -0.13 -72.90 -1.88
N GLY O 97 -0.40 -73.38 -0.66
CA GLY O 97 0.58 -74.06 0.15
C GLY O 97 1.93 -73.38 0.22
N GLY O 98 2.02 -72.30 1.01
CA GLY O 98 0.95 -71.87 1.87
C GLY O 98 1.20 -72.28 3.29
N TYR O 99 1.78 -71.36 4.08
CA TYR O 99 2.17 -71.70 5.44
C TYR O 99 0.96 -71.91 6.35
N GLU O 100 -0.16 -71.26 6.04
CA GLU O 100 -1.30 -71.25 6.96
C GLU O 100 -2.56 -70.92 6.20
N GLN O 101 -3.67 -71.55 6.59
CA GLN O 101 -4.99 -71.18 6.10
C GLN O 101 -5.64 -70.30 7.15
N TYR O 102 -5.84 -69.02 6.83
CA TYR O 102 -6.38 -68.07 7.78
C TYR O 102 -7.90 -68.21 7.83
N PHE O 103 -8.42 -68.65 8.97
CA PHE O 103 -9.83 -68.96 9.13
C PHE O 103 -10.61 -67.75 9.62
N GLY O 104 -11.88 -67.67 9.20
CA GLY O 104 -12.75 -66.60 9.61
C GLY O 104 -13.48 -66.90 10.90
N PRO O 105 -14.31 -65.95 11.35
CA PRO O 105 -14.99 -66.14 12.65
C PRO O 105 -15.89 -67.36 12.70
N GLY O 106 -16.73 -67.56 11.70
CA GLY O 106 -17.65 -68.68 11.67
C GLY O 106 -19.09 -68.24 11.66
N THR O 107 -19.96 -69.08 11.08
CA THR O 107 -21.38 -68.72 11.00
C THR O 107 -22.24 -69.86 11.47
N ARG O 108 -23.06 -69.62 12.49
CA ARG O 108 -23.99 -70.62 13.00
C ARG O 108 -25.30 -70.52 12.21
N LEU O 109 -25.64 -71.60 11.52
CA LEU O 109 -26.88 -71.67 10.73
C LEU O 109 -27.77 -72.76 11.31
N THR O 110 -29.04 -72.44 11.51
CA THR O 110 -30.03 -73.39 12.03
C THR O 110 -31.22 -73.42 11.07
N VAL O 111 -31.26 -74.41 10.20
CA VAL O 111 -32.38 -74.58 9.29
C VAL O 111 -33.48 -75.37 9.99
N LEU O 112 -34.69 -74.82 9.99
CA LEU O 112 -35.83 -75.44 10.64
C LEU O 112 -36.93 -75.68 9.62
N GLU O 113 -37.78 -76.68 9.90
CA GLU O 113 -38.88 -76.97 8.99
C GLU O 113 -40.09 -76.07 9.23
N ASP O 114 -40.32 -75.66 10.47
CA ASP O 114 -41.41 -74.74 10.80
C ASP O 114 -40.93 -73.74 11.83
N LEU O 115 -41.16 -72.46 11.55
CA LEU O 115 -40.74 -71.40 12.47
C LEU O 115 -41.68 -71.22 13.65
N LYS O 116 -42.71 -72.05 13.76
CA LYS O 116 -43.68 -71.92 14.85
C LYS O 116 -43.18 -72.51 16.16
N ASN O 117 -41.97 -73.06 16.19
CA ASN O 117 -41.36 -73.55 17.41
C ASN O 117 -40.30 -72.60 17.95
N VAL O 118 -40.07 -71.46 17.29
CA VAL O 118 -39.06 -70.51 17.73
C VAL O 118 -39.64 -69.67 18.85
N PHE O 119 -38.94 -69.65 20.00
CA PHE O 119 -39.40 -68.92 21.17
C PHE O 119 -38.24 -68.12 21.76
N PRO O 120 -38.46 -66.85 22.09
CA PRO O 120 -37.41 -66.09 22.75
C PRO O 120 -37.21 -66.58 24.18
N PRO O 121 -36.02 -66.42 24.74
CA PRO O 121 -35.78 -66.90 26.10
C PRO O 121 -36.41 -65.97 27.13
N GLU O 122 -36.66 -66.54 28.31
CA GLU O 122 -37.09 -65.77 29.47
C GLU O 122 -35.96 -65.77 30.50
N VAL O 123 -35.55 -64.57 30.92
CA VAL O 123 -34.32 -64.38 31.68
C VAL O 123 -34.68 -63.86 33.06
N ALA O 124 -34.06 -64.45 34.08
CA ALA O 124 -34.24 -64.02 35.46
C ALA O 124 -32.91 -64.10 36.18
N VAL O 125 -32.65 -63.12 37.05
CA VAL O 125 -31.41 -63.03 37.83
C VAL O 125 -31.74 -63.32 39.29
N PHE O 126 -30.86 -64.07 39.95
CA PHE O 126 -31.07 -64.54 41.31
C PHE O 126 -30.00 -63.97 42.22
N GLU O 127 -30.42 -63.30 43.28
CA GLU O 127 -29.49 -62.60 44.14
C GLU O 127 -28.72 -63.59 45.02
N PRO O 128 -27.49 -63.24 45.41
CA PRO O 128 -26.65 -64.19 46.15
C PRO O 128 -27.24 -64.57 47.50
N SER O 129 -26.89 -65.77 47.95
CA SER O 129 -27.31 -66.23 49.26
C SER O 129 -26.50 -65.53 50.35
N GLU O 130 -27.19 -65.14 51.43
CA GLU O 130 -26.49 -64.56 52.57
C GLU O 130 -25.61 -65.60 53.26
N ALA O 131 -26.05 -66.86 53.29
CA ALA O 131 -25.23 -67.91 53.87
C ALA O 131 -23.90 -68.04 53.14
N GLU O 132 -23.90 -67.80 51.82
CA GLU O 132 -22.64 -67.80 51.07
C GLU O 132 -21.76 -66.63 51.47
N ILE O 133 -22.37 -65.44 51.66
CA ILE O 133 -21.59 -64.27 52.06
C ILE O 133 -21.00 -64.46 53.45
N SER O 134 -21.78 -65.03 54.37
CA SER O 134 -21.27 -65.23 55.73
C SER O 134 -20.16 -66.27 55.74
N HIS O 135 -20.32 -67.37 55.00
CA HIS O 135 -19.38 -68.48 55.07
C HIS O 135 -18.09 -68.19 54.31
N THR O 136 -18.19 -67.56 53.14
CA THR O 136 -17.04 -67.40 52.26
C THR O 136 -16.69 -65.96 51.92
N GLN O 137 -17.52 -64.98 52.33
CA GLN O 137 -17.29 -63.58 52.02
C GLN O 137 -17.16 -63.33 50.52
N LYS O 138 -17.96 -64.07 49.74
CA LYS O 138 -18.06 -63.88 48.31
C LYS O 138 -19.52 -64.06 47.89
N ALA O 139 -19.92 -63.34 46.85
CA ALA O 139 -21.31 -63.31 46.41
C ALA O 139 -21.39 -63.82 44.98
N THR O 140 -22.29 -64.78 44.74
CA THR O 140 -22.48 -65.39 43.44
C THR O 140 -23.87 -65.08 42.91
N LEU O 141 -23.94 -64.62 41.67
CA LEU O 141 -25.20 -64.37 40.99
C LEU O 141 -25.42 -65.43 39.92
N VAL O 142 -26.67 -65.84 39.74
CA VAL O 142 -27.03 -66.87 38.79
C VAL O 142 -28.09 -66.31 37.84
N CYS O 143 -27.90 -66.53 36.55
CA CYS O 143 -28.81 -66.07 35.52
C CYS O 143 -29.34 -67.27 34.75
N LEU O 144 -30.67 -67.38 34.65
CA LEU O 144 -31.30 -68.48 33.93
C LEU O 144 -32.05 -67.93 32.72
N ALA O 145 -31.69 -68.43 31.54
CA ALA O 145 -32.42 -68.16 30.30
C ALA O 145 -33.12 -69.44 29.90
N THR O 146 -34.46 -69.43 29.94
CA THR O 146 -35.25 -70.63 29.81
C THR O 146 -36.24 -70.51 28.67
N GLY O 147 -36.49 -71.64 28.00
CA GLY O 147 -37.53 -71.72 26.99
C GLY O 147 -37.18 -71.18 25.63
N PHE O 148 -35.90 -71.11 25.28
CA PHE O 148 -35.48 -70.60 23.99
C PHE O 148 -35.24 -71.74 23.02
N TYR O 149 -35.61 -71.52 21.75
CA TYR O 149 -35.39 -72.46 20.69
C TYR O 149 -35.21 -71.62 19.42
N PRO O 150 -34.13 -71.83 18.65
CA PRO O 150 -33.12 -72.88 18.79
C PRO O 150 -31.95 -72.56 19.74
N ASP O 151 -30.80 -73.18 19.49
CA ASP O 151 -29.61 -73.05 20.33
C ASP O 151 -28.98 -71.65 20.26
N HIS O 152 -29.48 -70.78 19.39
CA HIS O 152 -28.85 -69.49 19.13
C HIS O 152 -29.06 -68.54 20.30
N VAL O 153 -28.07 -68.45 21.18
CA VAL O 153 -28.09 -67.49 22.28
C VAL O 153 -26.69 -66.97 22.52
N GLU O 154 -26.61 -65.84 23.23
CA GLU O 154 -25.33 -65.23 23.61
C GLU O 154 -25.56 -64.50 24.92
N LEU O 155 -25.03 -65.05 26.01
CA LEU O 155 -25.25 -64.52 27.35
C LEU O 155 -24.04 -63.71 27.78
N SER O 156 -24.29 -62.49 28.26
CA SER O 156 -23.25 -61.61 28.75
C SER O 156 -23.71 -60.96 30.05
N TRP O 157 -22.74 -60.58 30.88
CA TRP O 157 -22.99 -59.92 32.15
C TRP O 157 -22.55 -58.47 32.04
N TRP O 158 -23.36 -57.56 32.58
CA TRP O 158 -23.11 -56.13 32.49
C TRP O 158 -23.17 -55.52 33.88
N VAL O 159 -22.02 -55.07 34.38
CA VAL O 159 -21.91 -54.48 35.70
C VAL O 159 -21.70 -52.99 35.53
N ASN O 160 -22.69 -52.20 35.96
CA ASN O 160 -22.63 -50.74 35.92
C ASN O 160 -22.36 -50.21 34.52
N GLY O 161 -22.83 -50.93 33.50
CA GLY O 161 -22.70 -50.52 32.12
C GLY O 161 -21.54 -51.14 31.38
N LYS O 162 -20.55 -51.70 32.10
CA LYS O 162 -19.42 -52.36 31.49
C LYS O 162 -19.67 -53.86 31.46
N GLU O 163 -19.32 -54.49 30.34
CA GLU O 163 -19.34 -55.95 30.28
C GLU O 163 -18.13 -56.49 31.04
N VAL O 164 -18.37 -57.50 31.89
CA VAL O 164 -17.35 -58.08 32.73
C VAL O 164 -16.99 -59.46 32.22
N HIS O 165 -15.72 -59.82 32.34
CA HIS O 165 -15.24 -61.14 31.96
C HIS O 165 -14.64 -61.92 33.11
N SER O 166 -14.37 -61.28 34.24
CA SER O 166 -13.81 -61.96 35.41
C SER O 166 -14.93 -62.49 36.29
N GLY O 167 -14.66 -63.64 36.92
CA GLY O 167 -15.65 -64.28 37.76
C GLY O 167 -16.91 -64.69 37.05
N VAL O 168 -16.84 -64.92 35.74
CA VAL O 168 -18.00 -65.25 34.92
C VAL O 168 -17.70 -66.53 34.16
N CYS O 169 -18.65 -67.47 34.19
CA CYS O 169 -18.60 -68.60 33.28
C CYS O 169 -20.02 -69.02 32.96
N THR O 170 -20.23 -69.46 31.73
CA THR O 170 -21.53 -69.91 31.24
C THR O 170 -21.44 -71.38 30.87
N ASP O 171 -22.56 -72.08 30.97
CA ASP O 171 -22.59 -73.49 30.65
C ASP O 171 -22.13 -73.72 29.21
N PRO O 172 -21.31 -74.74 28.96
CA PRO O 172 -20.83 -74.96 27.58
C PRO O 172 -21.94 -75.33 26.61
N GLN O 173 -22.90 -76.15 27.04
CA GLN O 173 -23.94 -76.65 26.17
C GLN O 173 -25.30 -76.34 26.79
N PRO O 174 -26.23 -75.75 26.02
CA PRO O 174 -27.60 -75.61 26.52
C PRO O 174 -28.22 -76.98 26.75
N LEU O 175 -29.03 -77.08 27.80
CA LEU O 175 -29.70 -78.34 28.16
C LEU O 175 -31.18 -78.26 27.83
N LYS O 176 -31.74 -79.39 27.44
CA LYS O 176 -33.12 -79.44 26.97
C LYS O 176 -34.08 -79.47 28.15
N GLU O 177 -35.13 -78.65 28.08
CA GLU O 177 -36.17 -78.66 29.10
C GLU O 177 -36.96 -79.98 29.07
N GLN O 178 -37.25 -80.48 27.87
CA GLN O 178 -37.93 -81.76 27.69
C GLN O 178 -37.12 -82.57 26.68
N PRO O 179 -36.17 -83.38 27.14
CA PRO O 179 -35.27 -84.06 26.20
C PRO O 179 -35.96 -85.06 25.30
N ALA O 180 -37.15 -85.54 25.67
CA ALA O 180 -37.83 -86.55 24.86
C ALA O 180 -38.36 -85.95 23.56
N LEU O 181 -38.86 -84.71 23.62
CA LEU O 181 -39.54 -84.11 22.48
C LEU O 181 -38.55 -83.57 21.45
N ASN O 182 -38.88 -83.75 20.18
CA ASN O 182 -38.19 -83.03 19.12
C ASN O 182 -38.59 -81.56 19.17
N ASP O 183 -37.70 -80.70 18.69
CA ASP O 183 -37.89 -79.25 18.76
C ASP O 183 -38.11 -78.80 20.19
N SER O 184 -37.39 -79.41 21.13
CA SER O 184 -37.51 -79.05 22.53
C SER O 184 -36.88 -77.68 22.79
N ARG O 185 -37.46 -76.97 23.74
CA ARG O 185 -36.98 -75.65 24.13
C ARG O 185 -35.86 -75.79 25.15
N TYR O 186 -34.85 -74.93 25.04
CA TYR O 186 -33.60 -75.09 25.75
C TYR O 186 -33.52 -74.15 26.95
N ALA O 187 -32.56 -74.43 27.84
CA ALA O 187 -32.31 -73.62 29.00
C ALA O 187 -30.81 -73.46 29.20
N LEU O 188 -30.40 -72.28 29.65
CA LEU O 188 -28.98 -71.97 29.84
C LEU O 188 -28.80 -71.18 31.14
N SER O 189 -27.67 -71.42 31.80
CA SER O 189 -27.35 -70.76 33.06
C SER O 189 -25.97 -70.15 32.99
N SER O 190 -25.73 -69.16 33.86
CA SER O 190 -24.43 -68.51 33.96
C SER O 190 -24.22 -68.04 35.38
N ARG O 191 -22.94 -67.82 35.71
CA ARG O 191 -22.54 -67.45 37.06
C ARG O 191 -21.73 -66.16 37.03
N LEU O 192 -21.82 -65.40 38.12
CA LEU O 192 -20.99 -64.21 38.30
C LEU O 192 -20.69 -64.07 39.78
N ARG O 193 -19.41 -64.14 40.14
CA ARG O 193 -18.96 -63.97 41.51
C ARG O 193 -18.21 -62.66 41.65
N VAL O 194 -18.48 -61.96 42.76
CA VAL O 194 -17.76 -60.75 43.13
C VAL O 194 -17.57 -60.77 44.64
N SER O 195 -16.77 -59.83 45.15
CA SER O 195 -16.52 -59.75 46.58
C SER O 195 -17.80 -59.39 47.32
N ALA O 196 -17.88 -59.84 48.57
CA ALA O 196 -19.07 -59.56 49.38
C ALA O 196 -19.26 -58.07 49.59
N THR O 197 -18.16 -57.34 49.78
CA THR O 197 -18.27 -55.89 49.96
C THR O 197 -18.76 -55.20 48.69
N PHE O 198 -18.49 -55.79 47.52
CA PHE O 198 -18.98 -55.21 46.27
C PHE O 198 -20.48 -55.39 46.13
N TRP O 199 -21.00 -56.57 46.48
CA TRP O 199 -22.44 -56.81 46.39
C TRP O 199 -23.21 -55.93 47.37
N GLN O 200 -22.65 -55.69 48.55
CA GLN O 200 -23.34 -54.93 49.58
C GLN O 200 -23.44 -53.45 49.22
N ASN O 201 -22.71 -53.00 48.20
CA ASN O 201 -22.81 -51.62 47.76
C ASN O 201 -24.06 -51.41 46.90
N PRO O 202 -25.03 -50.63 47.36
CA PRO O 202 -26.28 -50.47 46.58
C PRO O 202 -26.12 -49.62 45.34
N ARG O 203 -24.96 -48.98 45.15
CA ARG O 203 -24.74 -48.14 43.99
C ARG O 203 -24.23 -48.92 42.77
N ASN O 204 -23.99 -50.22 42.93
CA ASN O 204 -23.54 -51.08 41.84
C ASN O 204 -24.73 -51.79 41.21
N HIS O 205 -24.86 -51.68 39.89
CA HIS O 205 -25.96 -52.25 39.15
C HIS O 205 -25.50 -53.47 38.35
N PHE O 206 -26.21 -54.58 38.49
CA PHE O 206 -25.89 -55.82 37.82
C PHE O 206 -27.00 -56.17 36.83
N ARG O 207 -26.60 -56.63 35.64
CA ARG O 207 -27.57 -56.95 34.59
C ARG O 207 -27.06 -58.13 33.77
N CYS O 208 -27.93 -59.12 33.58
CA CYS O 208 -27.63 -60.27 32.73
C CYS O 208 -28.33 -60.07 31.38
N GLN O 209 -27.54 -60.08 30.31
CA GLN O 209 -28.03 -59.84 28.96
C GLN O 209 -27.91 -61.09 28.13
N VAL O 210 -29.01 -61.51 27.52
CA VAL O 210 -29.05 -62.68 26.65
C VAL O 210 -29.44 -62.21 25.25
N GLN O 211 -28.47 -62.23 24.33
CA GLN O 211 -28.75 -61.94 22.93
C GLN O 211 -29.34 -63.19 22.27
N PHE O 212 -30.59 -63.11 21.85
CA PHE O 212 -31.25 -64.21 21.16
C PHE O 212 -31.25 -63.93 19.66
N TYR O 213 -30.74 -64.87 18.89
CA TYR O 213 -30.75 -64.77 17.43
C TYR O 213 -31.89 -65.63 16.92
N GLY O 214 -32.89 -64.98 16.31
CA GLY O 214 -34.05 -65.68 15.80
C GLY O 214 -34.43 -65.28 14.39
N LEU O 215 -35.65 -64.78 14.22
CA LEU O 215 -36.15 -64.41 12.90
C LEU O 215 -35.66 -63.01 12.53
N SER O 216 -35.37 -62.82 11.24
CA SER O 216 -34.94 -61.53 10.76
C SER O 216 -36.15 -60.67 10.39
N GLU O 217 -35.89 -59.45 9.95
CA GLU O 217 -36.97 -58.57 9.51
C GLU O 217 -37.67 -59.14 8.28
N ASN O 218 -36.90 -59.70 7.35
CA ASN O 218 -37.45 -60.16 6.08
C ASN O 218 -38.27 -61.44 6.23
N ASP O 219 -38.14 -62.15 7.35
CA ASP O 219 -38.92 -63.36 7.56
C ASP O 219 -40.40 -63.03 7.72
N GLU O 220 -41.25 -64.00 7.35
CA GLU O 220 -42.69 -63.83 7.39
C GLU O 220 -43.26 -64.56 8.59
N TRP O 221 -44.02 -63.83 9.41
CA TRP O 221 -44.62 -64.37 10.63
C TRP O 221 -46.13 -64.47 10.45
N THR O 222 -46.70 -65.61 10.86
CA THR O 222 -48.12 -65.87 10.71
C THR O 222 -48.83 -66.21 12.01
N GLN O 223 -48.10 -66.45 13.09
CA GLN O 223 -48.71 -66.88 14.35
C GLN O 223 -49.35 -65.70 15.08
N ASP O 224 -49.89 -65.98 16.25
CA ASP O 224 -50.56 -64.98 17.09
C ASP O 224 -49.70 -64.53 18.26
N ARG O 225 -48.41 -64.83 18.26
CA ARG O 225 -47.49 -64.37 19.28
C ARG O 225 -46.70 -63.17 18.75
N ALA O 226 -45.78 -62.68 19.58
CA ALA O 226 -44.78 -61.74 19.09
C ALA O 226 -43.84 -62.47 18.14
N LYS O 227 -43.44 -61.79 17.08
CA LYS O 227 -42.47 -62.36 16.15
C LYS O 227 -41.15 -62.59 16.87
N PRO O 228 -40.75 -63.84 17.07
CA PRO O 228 -39.49 -64.10 17.80
C PRO O 228 -38.28 -63.64 17.01
N VAL O 229 -38.13 -62.32 16.86
CA VAL O 229 -37.04 -61.74 16.10
C VAL O 229 -35.75 -61.86 16.89
N THR O 230 -34.62 -61.55 16.25
CA THR O 230 -33.37 -61.39 16.98
C THR O 230 -33.56 -60.28 18.00
N GLN O 231 -33.68 -60.65 19.28
CA GLN O 231 -34.03 -59.70 20.32
C GLN O 231 -33.15 -59.94 21.54
N ILE O 232 -33.05 -58.90 22.37
CA ILE O 232 -32.28 -58.96 23.60
C ILE O 232 -33.26 -59.02 24.76
N VAL O 233 -33.26 -60.14 25.48
CA VAL O 233 -34.03 -60.30 26.70
C VAL O 233 -33.08 -60.16 27.88
N SER O 234 -33.42 -59.29 28.83
CA SER O 234 -32.52 -58.94 29.91
C SER O 234 -33.23 -59.01 31.25
N ALA O 235 -32.43 -59.18 32.30
CA ALA O 235 -32.90 -59.09 33.67
C ALA O 235 -31.81 -58.42 34.50
N GLU O 236 -32.21 -57.77 35.59
CA GLU O 236 -31.29 -56.95 36.36
C GLU O 236 -31.49 -57.17 37.85
N ALA O 237 -30.48 -56.78 38.62
CA ALA O 237 -30.52 -56.83 40.06
C ALA O 237 -29.63 -55.74 40.62
N TRP O 238 -29.97 -55.25 41.81
CA TRP O 238 -29.23 -54.19 42.46
C TRP O 238 -28.60 -54.69 43.75
N GLY O 239 -27.47 -54.12 44.12
CA GLY O 239 -26.82 -54.49 45.36
C GLY O 239 -27.61 -54.07 46.58
N ARG O 240 -27.50 -54.88 47.63
CA ARG O 240 -28.26 -54.65 48.85
C ARG O 240 -27.41 -55.03 50.06
N ALA O 241 -27.35 -54.12 51.04
CA ALA O 241 -26.63 -54.43 52.28
C ALA O 241 -27.37 -55.49 53.08
N ASP O 242 -28.70 -55.42 53.12
CA ASP O 242 -29.55 -56.37 53.83
C ASP O 242 -29.14 -56.54 55.29
N GLY P 1 -5.26 56.14 -52.15
CA GLY P 1 -5.92 55.91 -50.88
C GLY P 1 -5.00 55.41 -49.79
N SER P 2 -5.38 54.30 -49.16
CA SER P 2 -4.57 53.72 -48.09
C SER P 2 -3.34 53.04 -48.67
N HIS P 3 -2.20 53.25 -48.02
CA HIS P 3 -0.93 52.62 -48.40
C HIS P 3 -0.37 51.88 -47.20
N SER P 4 0.53 50.94 -47.48
CA SER P 4 0.98 50.02 -46.44
C SER P 4 2.48 49.75 -46.57
N MET P 5 3.09 49.44 -45.43
CA MET P 5 4.47 48.95 -45.37
C MET P 5 4.48 47.62 -44.63
N ARG P 6 5.24 46.66 -45.15
CA ARG P 6 5.25 45.32 -44.59
C ARG P 6 6.65 44.74 -44.71
N TYR P 7 7.16 44.19 -43.62
CA TYR P 7 8.43 43.46 -43.62
C TYR P 7 8.14 42.01 -43.25
N PHE P 8 8.66 41.08 -44.04
CA PHE P 8 8.46 39.66 -43.83
C PHE P 8 9.78 38.98 -43.48
N TYR P 9 9.78 38.20 -42.41
CA TYR P 9 10.97 37.52 -41.92
C TYR P 9 10.74 36.01 -41.97
N THR P 10 11.77 35.27 -42.38
CA THR P 10 11.73 33.81 -42.40
C THR P 10 13.07 33.28 -41.95
N SER P 11 13.08 32.52 -40.86
CA SER P 11 14.31 31.91 -40.33
C SER P 11 14.05 30.42 -40.14
N VAL P 12 14.84 29.60 -40.83
CA VAL P 12 14.68 28.15 -40.83
C VAL P 12 15.94 27.52 -40.23
N SER P 13 15.76 26.63 -39.27
CA SER P 13 16.88 25.96 -38.64
C SER P 13 17.47 24.90 -39.55
N ARG P 14 18.79 24.78 -39.52
CA ARG P 14 19.52 23.76 -40.28
C ARG P 14 20.40 22.98 -39.32
N PRO P 15 19.81 22.13 -38.47
CA PRO P 15 20.61 21.42 -37.46
C PRO P 15 21.71 20.57 -38.07
N GLY P 16 22.96 20.96 -37.84
CA GLY P 16 24.11 20.27 -38.40
C GLY P 16 24.59 20.84 -39.72
N ARG P 17 23.71 21.49 -40.48
CA ARG P 17 24.07 22.09 -41.76
C ARG P 17 24.48 23.55 -41.63
N GLY P 18 24.78 24.01 -40.42
CA GLY P 18 25.18 25.39 -40.19
C GLY P 18 24.25 26.14 -39.28
N GLU P 19 24.27 27.47 -39.35
CA GLU P 19 23.40 28.33 -38.58
C GLU P 19 22.12 28.61 -39.34
N PRO P 20 21.05 29.00 -38.64
CA PRO P 20 19.75 29.19 -39.31
C PRO P 20 19.84 30.16 -40.48
N ARG P 21 19.06 29.87 -41.53
CA ARG P 21 18.97 30.72 -42.70
C ARG P 21 17.93 31.80 -42.49
N PHE P 22 18.32 33.06 -42.69
CA PHE P 22 17.44 34.21 -42.46
C PHE P 22 17.19 34.92 -43.78
N ILE P 23 15.93 34.98 -44.19
CA ILE P 23 15.51 35.71 -45.38
C ILE P 23 14.57 36.82 -44.93
N ALA P 24 14.85 38.05 -45.34
CA ALA P 24 14.07 39.21 -44.95
C ALA P 24 13.75 40.04 -46.19
N VAL P 25 12.48 40.30 -46.42
CA VAL P 25 12.04 41.13 -47.54
C VAL P 25 11.13 42.23 -47.04
N GLY P 26 11.18 43.37 -47.70
CA GLY P 26 10.32 44.50 -47.38
C GLY P 26 9.46 44.93 -48.55
N TYR P 27 8.16 45.12 -48.31
CA TYR P 27 7.21 45.47 -49.35
C TYR P 27 6.52 46.77 -48.98
N VAL P 28 6.49 47.73 -49.90
CA VAL P 28 5.61 48.88 -49.79
C VAL P 28 4.41 48.60 -50.69
N ASP P 29 3.23 48.48 -50.08
CA ASP P 29 2.02 48.04 -50.78
C ASP P 29 2.23 46.69 -51.42
N ASP P 30 2.60 46.66 -52.71
CA ASP P 30 2.84 45.42 -53.42
C ASP P 30 4.18 45.42 -54.16
N THR P 31 5.07 46.36 -53.87
CA THR P 31 6.35 46.47 -54.54
C THR P 31 7.47 46.19 -53.54
N GLN P 32 8.28 45.17 -53.82
CA GLN P 32 9.42 44.86 -52.97
C GLN P 32 10.54 45.88 -53.18
N PHE P 33 11.14 46.33 -52.07
CA PHE P 33 12.20 47.33 -52.15
C PHE P 33 13.48 46.97 -51.39
N VAL P 34 13.45 46.01 -50.48
CA VAL P 34 14.66 45.59 -49.77
C VAL P 34 14.67 44.07 -49.68
N ARG P 35 15.87 43.52 -49.45
CA ARG P 35 16.05 42.07 -49.41
C ARG P 35 17.34 41.76 -48.66
N PHE P 36 17.28 40.72 -47.83
CA PHE P 36 18.45 40.23 -47.13
C PHE P 36 18.40 38.70 -47.07
N ASP P 37 19.52 38.06 -47.37
CA ASP P 37 19.64 36.60 -47.30
C ASP P 37 20.92 36.27 -46.55
N SER P 38 20.79 35.42 -45.52
CA SER P 38 21.96 35.05 -44.72
C SER P 38 22.92 34.14 -45.48
N ASP P 39 22.43 33.44 -46.51
CA ASP P 39 23.28 32.60 -47.33
C ASP P 39 23.79 33.32 -48.58
N ALA P 40 23.64 34.64 -48.64
CA ALA P 40 24.15 35.40 -49.76
C ALA P 40 25.63 35.71 -49.56
N ALA P 41 26.25 36.32 -50.58
CA ALA P 41 27.64 36.72 -50.50
C ALA P 41 27.80 38.16 -50.06
N SER P 42 26.83 39.02 -50.37
CA SER P 42 26.93 40.43 -49.98
C SER P 42 26.88 40.57 -48.47
N GLN P 43 26.06 39.77 -47.79
CA GLN P 43 25.81 39.91 -46.36
C GLN P 43 25.40 41.34 -46.02
N ARG P 44 24.58 41.92 -46.88
CA ARG P 44 24.18 43.32 -46.77
C ARG P 44 22.76 43.46 -47.30
N MET P 45 22.04 44.45 -46.77
CA MET P 45 20.72 44.75 -47.29
C MET P 45 20.83 45.25 -48.72
N GLU P 46 20.05 44.67 -49.62
CA GLU P 46 20.18 45.00 -51.03
C GLU P 46 18.90 45.62 -51.56
N PRO P 47 18.99 46.60 -52.45
CA PRO P 47 17.79 47.19 -53.05
C PRO P 47 17.16 46.25 -54.06
N ARG P 48 15.82 46.29 -54.13
CA ARG P 48 15.06 45.52 -55.11
C ARG P 48 14.02 46.38 -55.82
N ALA P 49 14.18 47.71 -55.76
CA ALA P 49 13.29 48.65 -56.41
C ALA P 49 14.10 49.90 -56.77
N PRO P 50 13.71 50.64 -57.81
CA PRO P 50 14.51 51.81 -58.22
C PRO P 50 14.42 53.00 -57.29
N TRP P 51 13.32 53.17 -56.55
CA TRP P 51 13.12 54.38 -55.74
C TRP P 51 13.76 54.28 -54.36
N ILE P 52 14.52 53.22 -54.10
CA ILE P 52 15.22 53.08 -52.82
C ILE P 52 16.72 53.24 -52.97
N GLU P 53 17.25 53.20 -54.20
CA GLU P 53 18.68 53.38 -54.41
C GLU P 53 19.12 54.80 -54.10
N GLN P 54 18.17 55.74 -54.02
CA GLN P 54 18.52 57.13 -53.71
C GLN P 54 19.14 57.25 -52.32
N GLU P 55 18.70 56.44 -51.39
CA GLU P 55 19.15 56.55 -50.00
C GLU P 55 20.65 56.30 -49.92
N GLY P 56 21.33 57.09 -49.08
CA GLY P 56 22.76 57.09 -49.04
C GLY P 56 23.32 55.83 -48.41
N PRO P 57 24.66 55.75 -48.37
CA PRO P 57 25.30 54.57 -47.75
C PRO P 57 24.95 54.38 -46.29
N GLU P 58 24.59 55.45 -45.59
CA GLU P 58 24.19 55.34 -44.19
C GLU P 58 22.95 54.48 -44.03
N TYR P 59 21.98 54.65 -44.94
CA TYR P 59 20.75 53.86 -44.89
C TYR P 59 21.04 52.38 -45.04
N TRP P 60 21.96 52.02 -45.95
CA TRP P 60 22.21 50.62 -46.21
C TRP P 60 23.02 49.97 -45.09
N ASP P 61 23.97 50.71 -44.51
CA ASP P 61 24.67 50.20 -43.33
C ASP P 61 23.71 50.07 -42.15
N GLN P 62 22.81 51.04 -41.99
CA GLN P 62 21.85 51.00 -40.89
C GLN P 62 20.96 49.77 -41.00
N GLU P 63 20.35 49.57 -42.18
CA GLU P 63 19.43 48.46 -42.35
C GLU P 63 20.15 47.12 -42.27
N THR P 64 21.38 47.04 -42.78
CA THR P 64 22.15 45.80 -42.69
C THR P 64 22.40 45.43 -41.23
N ARG P 65 22.82 46.40 -40.41
CA ARG P 65 23.05 46.14 -39.00
C ARG P 65 21.76 45.72 -38.30
N ASN P 66 20.68 46.49 -38.50
CA ASN P 66 19.44 46.23 -37.79
C ASN P 66 18.83 44.90 -38.21
N VAL P 67 18.88 44.57 -39.51
CA VAL P 67 18.28 43.31 -39.95
C VAL P 67 19.14 42.14 -39.51
N LYS P 68 20.47 42.32 -39.43
CA LYS P 68 21.33 41.28 -38.91
C LYS P 68 21.11 41.05 -37.42
N ALA P 69 20.55 42.03 -36.72
CA ALA P 69 20.22 41.84 -35.30
C ALA P 69 19.08 40.84 -35.15
N GLN P 70 18.09 40.88 -36.05
CA GLN P 70 17.00 39.92 -35.99
C GLN P 70 17.47 38.51 -36.33
N SER P 71 18.54 38.39 -37.12
CA SER P 71 19.09 37.06 -37.38
C SER P 71 19.61 36.43 -36.10
N GLN P 72 20.28 37.23 -35.26
CA GLN P 72 20.76 36.72 -33.98
C GLN P 72 19.61 36.48 -33.01
N THR P 73 18.58 37.32 -33.07
CA THR P 73 17.41 37.14 -32.21
C THR P 73 16.69 35.84 -32.53
N ASP P 74 16.43 35.59 -33.82
CA ASP P 74 15.72 34.38 -34.21
C ASP P 74 16.58 33.13 -34.04
N ARG P 75 17.90 33.27 -34.10
CA ARG P 75 18.77 32.13 -33.86
C ARG P 75 18.53 31.53 -32.49
N VAL P 76 18.51 32.36 -31.46
CA VAL P 76 18.32 31.86 -30.10
C VAL P 76 16.86 31.50 -29.86
N ASP P 77 15.93 32.21 -30.50
CA ASP P 77 14.51 31.88 -30.36
C ASP P 77 14.20 30.52 -30.97
N LEU P 78 14.96 30.13 -32.01
CA LEU P 78 14.75 28.85 -32.65
C LEU P 78 15.00 27.70 -31.69
N GLY P 79 16.06 27.79 -30.88
CA GLY P 79 16.29 26.77 -29.87
C GLY P 79 15.32 26.87 -28.72
N THR P 80 14.97 28.09 -28.31
CA THR P 80 14.02 28.27 -27.23
C THR P 80 12.68 27.65 -27.57
N LEU P 81 12.20 27.85 -28.80
CA LEU P 81 10.92 27.29 -29.19
C LEU P 81 10.95 25.77 -29.32
N ARG P 82 12.11 25.21 -29.66
CA ARG P 82 12.25 23.76 -29.71
C ARG P 82 11.99 23.14 -28.33
N GLY P 83 12.66 23.67 -27.30
CA GLY P 83 12.46 23.15 -25.96
C GLY P 83 11.06 23.35 -25.45
N TYR P 84 10.45 24.49 -25.78
CA TYR P 84 9.06 24.74 -25.40
C TYR P 84 8.16 23.62 -25.92
N TYR P 85 8.38 23.20 -27.15
CA TYR P 85 7.56 22.19 -27.81
C TYR P 85 8.09 20.78 -27.62
N ASN P 86 9.27 20.63 -27.02
CA ASN P 86 9.94 19.34 -26.85
C ASN P 86 10.06 18.62 -28.18
N GLN P 87 10.80 19.23 -29.09
CA GLN P 87 11.06 18.67 -30.40
C GLN P 87 12.47 18.10 -30.46
N SER P 88 12.77 17.41 -31.56
CA SER P 88 14.08 16.81 -31.73
C SER P 88 15.13 17.87 -31.97
N GLU P 89 16.39 17.49 -31.73
CA GLU P 89 17.52 18.41 -31.84
C GLU P 89 18.20 18.36 -33.20
N ASP P 90 17.64 17.61 -34.16
CA ASP P 90 18.22 17.49 -35.49
C ASP P 90 17.17 17.68 -36.58
N GLY P 91 16.03 18.27 -36.25
CA GLY P 91 14.98 18.54 -37.22
C GLY P 91 14.86 20.02 -37.49
N SER P 92 14.48 20.36 -38.71
CA SER P 92 14.40 21.75 -39.14
C SER P 92 13.05 22.36 -38.78
N HIS P 93 13.09 23.59 -38.28
CA HIS P 93 11.88 24.32 -37.89
C HIS P 93 12.02 25.77 -38.33
N THR P 94 10.87 26.43 -38.54
CA THR P 94 10.84 27.76 -39.12
C THR P 94 10.11 28.74 -38.21
N ILE P 95 10.69 29.94 -38.07
CA ILE P 95 10.05 31.06 -37.37
C ILE P 95 9.80 32.16 -38.38
N GLN P 96 8.55 32.61 -38.46
CA GLN P 96 8.15 33.65 -39.40
C GLN P 96 7.62 34.85 -38.63
N ILE P 97 7.98 36.04 -39.09
CA ILE P 97 7.57 37.30 -38.46
C ILE P 97 7.10 38.24 -39.54
N MET P 98 5.93 38.86 -39.32
CA MET P 98 5.41 39.89 -40.21
C MET P 98 5.03 41.09 -39.38
N TYR P 99 5.50 42.27 -39.77
CA TYR P 99 5.15 43.51 -39.07
C TYR P 99 5.12 44.65 -40.07
N GLY P 100 4.43 45.71 -39.69
CA GLY P 100 4.32 46.87 -40.56
C GLY P 100 3.21 47.79 -40.08
N CYS P 101 3.00 48.85 -40.86
CA CYS P 101 2.04 49.88 -40.53
C CYS P 101 1.19 50.22 -41.75
N ASP P 102 0.05 50.85 -41.49
CA ASP P 102 -0.87 51.28 -42.53
C ASP P 102 -1.09 52.79 -42.39
N VAL P 103 -1.04 53.51 -43.50
CA VAL P 103 -1.38 54.92 -43.53
C VAL P 103 -2.65 55.08 -44.36
N GLY P 104 -3.18 56.30 -44.37
CA GLY P 104 -4.34 56.61 -45.17
C GLY P 104 -4.01 57.63 -46.25
N PRO P 105 -5.04 58.16 -46.90
CA PRO P 105 -4.80 59.21 -47.91
C PRO P 105 -4.13 60.43 -47.30
N ASP P 106 -4.48 60.76 -46.05
CA ASP P 106 -3.88 61.92 -45.38
C ASP P 106 -2.40 61.71 -45.09
N GLY P 107 -1.98 60.46 -44.94
CA GLY P 107 -0.65 60.16 -44.44
C GLY P 107 -0.61 59.88 -42.95
N ARG P 108 -1.77 59.76 -42.29
CA ARG P 108 -1.84 59.56 -40.86
C ARG P 108 -1.87 58.06 -40.55
N PHE P 109 -1.36 57.72 -39.36
CA PHE P 109 -1.34 56.33 -38.91
C PHE P 109 -2.76 55.77 -38.84
N LEU P 110 -2.97 54.66 -39.54
CA LEU P 110 -4.26 53.97 -39.53
C LEU P 110 -4.25 52.77 -38.60
N ARG P 111 -3.32 51.84 -38.81
CA ARG P 111 -3.22 50.65 -37.99
C ARG P 111 -1.79 50.12 -38.04
N GLY P 112 -1.44 49.36 -37.01
CA GLY P 112 -0.15 48.70 -36.96
C GLY P 112 -0.32 47.25 -36.57
N TYR P 113 0.61 46.42 -37.01
CA TYR P 113 0.49 44.99 -36.77
C TYR P 113 1.86 44.36 -36.59
N ARG P 114 1.88 43.28 -35.79
CA ARG P 114 3.06 42.47 -35.56
C ARG P 114 2.59 41.07 -35.23
N GLN P 115 2.85 40.12 -36.13
CA GLN P 115 2.39 38.75 -35.96
C GLN P 115 3.56 37.80 -36.18
N ASP P 116 3.73 36.84 -35.28
CA ASP P 116 4.77 35.83 -35.38
C ASP P 116 4.14 34.45 -35.52
N ALA P 117 4.94 33.49 -35.99
CA ALA P 117 4.46 32.14 -36.23
C ALA P 117 5.59 31.14 -36.09
N TYR P 118 5.22 29.88 -35.88
CA TYR P 118 6.17 28.78 -35.70
C TYR P 118 5.65 27.57 -36.46
N ASP P 119 6.47 27.05 -37.37
CA ASP P 119 6.14 25.87 -38.18
C ASP P 119 4.80 26.05 -38.90
N GLY P 120 4.58 27.25 -39.44
CA GLY P 120 3.40 27.53 -40.21
C GLY P 120 2.12 27.66 -39.42
N LYS P 121 2.21 27.81 -38.10
CA LYS P 121 1.04 27.99 -37.26
C LYS P 121 1.23 29.25 -36.43
N ASP P 122 0.14 29.98 -36.21
CA ASP P 122 0.19 31.20 -35.42
C ASP P 122 0.76 30.92 -34.03
N TYR P 123 1.72 31.74 -33.62
CA TYR P 123 2.34 31.64 -32.31
C TYR P 123 1.94 32.78 -31.40
N ILE P 124 2.37 34.01 -31.71
CA ILE P 124 1.99 35.18 -30.93
C ILE P 124 1.70 36.32 -31.88
N ALA P 125 0.89 37.28 -31.44
CA ALA P 125 0.49 38.37 -32.31
C ALA P 125 0.08 39.58 -31.48
N LEU P 126 0.53 40.76 -31.89
CA LEU P 126 0.11 42.01 -31.26
C LEU P 126 -1.29 42.36 -31.73
N ASN P 127 -2.16 42.71 -30.78
CA ASN P 127 -3.54 43.01 -31.10
C ASN P 127 -3.67 44.43 -31.64
N GLU P 128 -4.90 44.80 -32.04
CA GLU P 128 -5.13 46.12 -32.62
C GLU P 128 -4.74 47.23 -31.66
N ASP P 129 -4.97 47.02 -30.36
CA ASP P 129 -4.64 48.04 -29.37
C ASP P 129 -3.15 48.33 -29.27
N LEU P 130 -2.29 47.51 -29.89
CA LEU P 130 -0.84 47.67 -29.82
C LEU P 130 -0.37 47.74 -28.36
N ARG P 131 -1.11 47.10 -27.47
CA ARG P 131 -0.84 47.13 -26.04
C ARG P 131 -0.94 45.77 -25.38
N SER P 132 -1.49 44.77 -26.07
CA SER P 132 -1.68 43.44 -25.52
C SER P 132 -1.35 42.39 -26.57
N TRP P 133 -0.91 41.23 -26.11
CA TRP P 133 -0.54 40.11 -26.98
C TRP P 133 -1.60 39.03 -26.89
N THR P 134 -1.75 38.28 -27.99
CA THR P 134 -2.64 37.12 -28.03
C THR P 134 -1.81 35.87 -28.31
N ALA P 135 -1.83 34.92 -27.38
CA ALA P 135 -1.14 33.66 -27.55
C ALA P 135 -2.08 32.62 -28.14
N ALA P 136 -1.51 31.67 -28.89
CA ALA P 136 -2.29 30.62 -29.52
C ALA P 136 -2.09 29.25 -28.89
N ASP P 137 -0.97 29.09 -28.17
CA ASP P 137 -0.64 27.80 -27.51
C ASP P 137 0.02 28.07 -26.16
N MET P 138 0.10 27.06 -25.31
CA MET P 138 0.65 27.26 -23.97
C MET P 138 2.11 27.70 -24.03
N ALA P 139 2.84 27.28 -25.07
CA ALA P 139 4.21 27.73 -25.24
C ALA P 139 4.26 29.23 -25.53
N ALA P 140 3.27 29.74 -26.26
CA ALA P 140 3.21 31.18 -26.51
C ALA P 140 2.82 31.95 -25.27
N GLN P 141 2.22 31.29 -24.27
CA GLN P 141 1.95 31.97 -23.00
C GLN P 141 3.23 32.23 -22.23
N ILE P 142 4.22 31.35 -22.36
CA ILE P 142 5.54 31.63 -21.79
C ILE P 142 6.15 32.85 -22.46
N THR P 143 6.04 32.92 -23.79
CA THR P 143 6.55 34.08 -24.52
C THR P 143 5.75 35.33 -24.18
N LYS P 144 4.42 35.19 -24.06
CA LYS P 144 3.58 36.33 -23.70
C LYS P 144 4.00 36.91 -22.36
N ARG P 145 4.17 36.06 -21.34
CA ARG P 145 4.52 36.56 -20.02
C ARG P 145 5.89 37.23 -20.01
N LYS P 146 6.84 36.67 -20.75
CA LYS P 146 8.16 37.29 -20.84
C LYS P 146 8.07 38.62 -21.57
N TRP P 147 7.25 38.70 -22.62
CA TRP P 147 7.14 39.92 -23.41
C TRP P 147 6.26 40.96 -22.73
N GLU P 148 5.45 40.56 -21.76
CA GLU P 148 4.63 41.50 -21.00
C GLU P 148 5.40 42.14 -19.86
N ALA P 149 6.46 41.48 -19.38
CA ALA P 149 7.33 42.06 -18.37
C ALA P 149 8.51 42.82 -18.98
N ALA P 150 8.77 42.64 -20.25
CA ALA P 150 9.77 43.43 -20.97
C ALA P 150 9.16 44.63 -21.66
N HIS P 151 7.85 44.84 -21.51
CA HIS P 151 7.13 45.94 -22.14
C HIS P 151 7.39 45.99 -23.64
N ALA P 152 7.32 44.81 -24.28
CA ALA P 152 7.58 44.73 -25.71
C ALA P 152 6.51 45.47 -26.50
N ALA P 153 5.26 45.45 -26.04
CA ALA P 153 4.19 46.15 -26.75
C ALA P 153 4.48 47.65 -26.85
N GLU P 154 4.97 48.25 -25.76
CA GLU P 154 5.35 49.65 -25.79
C GLU P 154 6.40 49.90 -26.86
N GLN P 155 7.47 49.10 -26.86
CA GLN P 155 8.56 49.30 -27.81
C GLN P 155 8.11 49.08 -29.24
N GLN P 156 7.30 48.05 -29.47
CA GLN P 156 6.81 47.80 -30.83
C GLN P 156 5.86 48.91 -31.28
N ARG P 157 5.05 49.43 -30.35
CA ARG P 157 4.17 50.55 -30.68
C ARG P 157 4.98 51.78 -31.08
N ALA P 158 6.11 52.02 -30.40
CA ALA P 158 6.92 53.18 -30.71
C ALA P 158 7.43 53.15 -32.14
N TYR P 159 7.75 51.95 -32.64
CA TYR P 159 8.15 51.84 -34.05
C TYR P 159 6.95 51.97 -34.96
N LEU P 160 5.88 51.22 -34.68
CA LEU P 160 4.72 51.21 -35.57
C LEU P 160 4.08 52.59 -35.67
N GLU P 161 4.01 53.30 -34.55
CA GLU P 161 3.42 54.63 -34.52
C GLU P 161 4.40 55.73 -34.87
N GLY P 162 5.70 55.43 -34.93
CA GLY P 162 6.69 56.44 -35.23
C GLY P 162 7.50 56.16 -36.48
N ARG P 163 8.64 55.48 -36.30
CA ARG P 163 9.57 55.29 -37.40
C ARG P 163 8.93 54.60 -38.59
N CYS P 164 7.95 53.74 -38.34
CA CYS P 164 7.27 53.02 -39.43
C CYS P 164 6.58 53.99 -40.38
N VAL P 165 5.61 54.76 -39.86
CA VAL P 165 4.84 55.65 -40.72
C VAL P 165 5.70 56.77 -41.27
N GLU P 166 6.70 57.23 -40.50
CA GLU P 166 7.55 58.31 -40.96
C GLU P 166 8.30 57.93 -42.24
N TRP P 167 8.85 56.72 -42.28
CA TRP P 167 9.62 56.31 -43.44
C TRP P 167 8.74 55.83 -44.58
N LEU P 168 7.52 55.36 -44.29
CA LEU P 168 6.60 54.97 -45.35
C LEU P 168 6.17 56.18 -46.16
N ARG P 169 5.91 57.31 -45.51
CA ARG P 169 5.62 58.53 -46.23
C ARG P 169 6.81 58.98 -47.06
N ARG P 170 8.02 58.80 -46.53
CA ARG P 170 9.23 59.13 -47.28
C ARG P 170 9.36 58.25 -48.51
N TYR P 171 9.12 56.94 -48.36
CA TYR P 171 9.17 56.03 -49.49
C TYR P 171 8.11 56.38 -50.52
N LEU P 172 6.90 56.69 -50.05
CA LEU P 172 5.80 56.97 -50.97
C LEU P 172 6.06 58.21 -51.81
N GLU P 173 6.78 59.18 -51.26
CA GLU P 173 7.10 60.39 -52.02
C GLU P 173 8.28 60.16 -52.97
N ASN P 174 9.31 59.46 -52.50
CA ASN P 174 10.47 59.17 -53.34
C ASN P 174 10.11 58.30 -54.53
N GLY P 175 9.03 57.53 -54.45
CA GLY P 175 8.60 56.71 -55.55
C GLY P 175 7.16 56.99 -55.94
N LYS P 176 6.78 58.27 -55.97
CA LYS P 176 5.42 58.65 -56.32
C LYS P 176 5.02 58.08 -57.68
N GLU P 177 5.90 58.21 -58.67
CA GLU P 177 5.57 57.83 -60.03
C GLU P 177 5.45 56.32 -60.19
N THR P 178 5.97 55.54 -59.25
CA THR P 178 5.96 54.09 -59.35
C THR P 178 5.07 53.42 -58.32
N LEU P 179 4.61 54.13 -57.30
CA LEU P 179 3.82 53.55 -56.22
C LEU P 179 2.39 54.05 -56.17
N GLN P 180 2.18 55.35 -56.34
CA GLN P 180 0.85 55.93 -56.30
C GLN P 180 0.17 55.92 -57.66
N ARG P 181 0.78 55.29 -58.66
CA ARG P 181 0.21 55.12 -59.98
C ARG P 181 -0.46 53.76 -60.08
N THR P 182 -1.58 53.71 -60.81
CA THR P 182 -2.33 52.47 -61.02
C THR P 182 -2.25 52.09 -62.50
N ASP P 183 -1.96 50.82 -62.77
CA ASP P 183 -1.96 50.29 -64.12
C ASP P 183 -3.25 49.52 -64.36
N PRO P 184 -4.13 49.99 -65.26
CA PRO P 184 -5.35 49.24 -65.51
C PRO P 184 -5.05 47.96 -66.28
N PRO P 185 -5.90 46.94 -66.14
CA PRO P 185 -5.61 45.66 -66.80
C PRO P 185 -5.82 45.74 -68.30
N LYS P 186 -4.96 45.03 -69.04
CA LYS P 186 -5.08 44.91 -70.50
C LYS P 186 -5.91 43.66 -70.77
N THR P 187 -7.22 43.85 -70.94
CA THR P 187 -8.16 42.74 -70.99
C THR P 187 -8.43 42.30 -72.43
N HIS P 188 -8.57 40.99 -72.61
CA HIS P 188 -8.98 40.41 -73.87
C HIS P 188 -9.60 39.04 -73.57
N MET P 189 -10.28 38.49 -74.57
CA MET P 189 -11.00 37.23 -74.41
C MET P 189 -10.57 36.25 -75.49
N THR P 190 -10.57 34.96 -75.14
CA THR P 190 -10.18 33.90 -76.06
C THR P 190 -11.14 32.73 -75.93
N HIS P 191 -11.24 31.95 -77.01
CA HIS P 191 -12.26 30.93 -77.16
C HIS P 191 -11.59 29.61 -77.56
N HIS P 192 -11.81 28.57 -76.78
CA HIS P 192 -11.16 27.27 -76.98
C HIS P 192 -12.20 26.16 -77.04
N PRO P 193 -12.47 25.59 -78.21
CA PRO P 193 -13.37 24.43 -78.26
C PRO P 193 -12.76 23.23 -77.55
N ILE P 194 -13.53 22.65 -76.64
CA ILE P 194 -13.12 21.39 -76.01
C ILE P 194 -13.65 20.20 -76.79
N SER P 195 -14.80 20.34 -77.44
CA SER P 195 -15.38 19.29 -78.27
C SER P 195 -16.16 19.95 -79.40
N ASP P 196 -16.86 19.13 -80.19
CA ASP P 196 -17.73 19.67 -81.23
C ASP P 196 -19.01 20.26 -80.68
N HIS P 197 -19.31 20.02 -79.40
CA HIS P 197 -20.57 20.45 -78.79
C HIS P 197 -20.37 21.42 -77.63
N GLU P 198 -19.13 21.82 -77.35
CA GLU P 198 -18.84 22.65 -76.19
C GLU P 198 -17.61 23.51 -76.49
N ALA P 199 -17.38 24.51 -75.63
CA ALA P 199 -16.24 25.40 -75.78
C ALA P 199 -15.93 26.03 -74.42
N THR P 200 -14.74 26.63 -74.33
CA THR P 200 -14.28 27.26 -73.10
C THR P 200 -13.85 28.69 -73.41
N LEU P 201 -14.45 29.65 -72.72
CA LEU P 201 -14.17 31.06 -72.91
C LEU P 201 -13.33 31.58 -71.74
N ARG P 202 -12.16 32.14 -72.05
CA ARG P 202 -11.27 32.69 -71.04
C ARG P 202 -11.22 34.21 -71.13
N CYS P 203 -11.24 34.86 -69.98
CA CYS P 203 -11.27 36.31 -69.85
C CYS P 203 -9.99 36.74 -69.14
N TRP P 204 -9.13 37.45 -69.85
CA TRP P 204 -7.77 37.73 -69.39
C TRP P 204 -7.65 39.12 -68.78
N ALA P 205 -6.70 39.25 -67.86
CA ALA P 205 -6.32 40.53 -67.27
C ALA P 205 -4.80 40.55 -67.18
N LEU P 206 -4.17 41.33 -68.06
CA LEU P 206 -2.72 41.32 -68.21
C LEU P 206 -2.11 42.63 -67.74
N GLY P 207 -0.99 42.52 -67.03
CA GLY P 207 -0.17 43.66 -66.66
C GLY P 207 -0.88 44.74 -65.86
N PHE P 208 -1.62 44.34 -64.83
CA PHE P 208 -2.33 45.29 -63.98
C PHE P 208 -1.64 45.43 -62.63
N TYR P 209 -1.93 46.54 -61.95
CA TYR P 209 -1.36 46.87 -60.66
C TYR P 209 -2.32 47.82 -59.96
N PRO P 210 -2.60 47.65 -58.66
CA PRO P 210 -2.06 46.64 -57.74
C PRO P 210 -2.69 45.25 -57.91
N ALA P 211 -2.52 44.39 -56.91
CA ALA P 211 -2.98 43.01 -57.03
C ALA P 211 -4.50 42.91 -56.99
N GLU P 212 -5.16 43.78 -56.23
CA GLU P 212 -6.60 43.64 -56.03
C GLU P 212 -7.35 43.75 -57.35
N ILE P 213 -8.11 42.70 -57.67
CA ILE P 213 -8.86 42.65 -58.91
C ILE P 213 -10.00 41.66 -58.69
N THR P 214 -11.13 41.90 -59.37
CA THR P 214 -12.31 41.06 -59.25
C THR P 214 -12.83 40.76 -60.64
N LEU P 215 -12.86 39.48 -61.00
CA LEU P 215 -13.32 39.03 -62.31
C LEU P 215 -14.52 38.11 -62.11
N THR P 216 -15.62 38.41 -62.80
CA THR P 216 -16.88 37.70 -62.58
C THR P 216 -17.57 37.47 -63.92
N TRP P 217 -18.08 36.26 -64.10
CA TRP P 217 -18.92 35.93 -65.24
C TRP P 217 -20.40 36.15 -64.91
N GLN P 218 -21.20 36.34 -65.95
CA GLN P 218 -22.62 36.60 -65.77
C GLN P 218 -23.38 36.02 -66.97
N ARG P 219 -24.13 34.95 -66.72
CA ARG P 219 -25.05 34.41 -67.72
C ARG P 219 -26.31 35.27 -67.69
N ASP P 220 -26.38 36.25 -68.59
CA ASP P 220 -27.53 37.17 -68.69
C ASP P 220 -27.88 37.76 -67.32
N GLY P 221 -26.87 38.15 -66.56
CA GLY P 221 -27.05 38.78 -65.27
C GLY P 221 -26.84 37.86 -64.08
N GLU P 222 -26.98 36.55 -64.25
CA GLU P 222 -26.82 35.60 -63.15
C GLU P 222 -25.36 35.17 -63.05
N ASP P 223 -24.81 35.29 -61.85
CA ASP P 223 -23.41 34.94 -61.63
C ASP P 223 -23.19 33.44 -61.83
N GLN P 224 -22.04 33.08 -62.37
CA GLN P 224 -21.66 31.70 -62.64
C GLN P 224 -20.49 31.26 -61.76
N THR P 225 -20.52 31.65 -60.48
CA THR P 225 -19.39 31.39 -59.60
C THR P 225 -19.14 29.90 -59.39
N GLN P 226 -20.21 29.10 -59.41
CA GLN P 226 -20.05 27.66 -59.19
C GLN P 226 -19.55 26.94 -60.43
N ASP P 227 -19.70 27.53 -61.62
CA ASP P 227 -19.31 26.91 -62.87
C ASP P 227 -18.10 27.60 -63.50
N THR P 228 -17.25 28.20 -62.68
CA THR P 228 -16.18 29.06 -63.12
C THR P 228 -14.84 28.57 -62.59
N GLU P 229 -13.82 28.59 -63.44
CA GLU P 229 -12.45 28.31 -63.03
C GLU P 229 -11.72 29.64 -62.79
N LEU P 230 -11.20 29.81 -61.58
CA LEU P 230 -10.55 31.03 -61.15
C LEU P 230 -9.15 30.69 -60.67
N VAL P 231 -8.14 31.25 -61.32
CA VAL P 231 -6.76 31.00 -60.93
C VAL P 231 -6.31 32.10 -59.99
N GLU P 232 -5.34 31.77 -59.14
CA GLU P 232 -4.75 32.76 -58.24
C GLU P 232 -4.08 33.86 -59.04
N THR P 233 -4.24 35.09 -58.57
CA THR P 233 -3.56 36.23 -59.19
C THR P 233 -2.05 36.02 -59.12
N ARG P 234 -1.38 36.14 -60.26
CA ARG P 234 0.01 35.74 -60.38
C ARG P 234 0.86 36.89 -60.91
N PRO P 235 2.12 36.95 -60.49
CA PRO P 235 3.00 38.01 -60.97
C PRO P 235 3.54 37.71 -62.36
N ALA P 236 3.80 38.78 -63.11
CA ALA P 236 4.43 38.66 -64.42
C ALA P 236 5.94 38.80 -64.36
N GLY P 237 6.50 39.20 -63.21
CA GLY P 237 7.92 39.41 -63.07
C GLY P 237 8.39 40.81 -63.37
N ASP P 238 7.52 41.67 -63.90
CA ASP P 238 7.86 43.05 -64.21
C ASP P 238 7.23 44.04 -63.24
N GLY P 239 6.66 43.56 -62.14
CA GLY P 239 5.96 44.40 -61.19
C GLY P 239 4.46 44.40 -61.36
N THR P 240 3.95 43.95 -62.51
CA THR P 240 2.52 43.86 -62.76
C THR P 240 2.06 42.41 -62.59
N PHE P 241 0.74 42.24 -62.56
CA PHE P 241 0.12 40.97 -62.19
C PHE P 241 -0.82 40.49 -63.29
N GLN P 242 -1.20 39.22 -63.21
CA GLN P 242 -2.03 38.56 -64.21
C GLN P 242 -3.12 37.75 -63.52
N LYS P 243 -4.23 37.55 -64.25
CA LYS P 243 -5.33 36.74 -63.75
C LYS P 243 -6.29 36.49 -64.91
N TRP P 244 -6.60 35.23 -65.16
CA TRP P 244 -7.57 34.86 -66.18
C TRP P 244 -8.66 33.99 -65.56
N ALA P 245 -9.84 34.02 -66.17
CA ALA P 245 -11.04 33.38 -65.65
C ALA P 245 -11.76 32.68 -66.78
N ALA P 246 -12.16 31.43 -66.56
CA ALA P 246 -12.75 30.61 -67.60
C ALA P 246 -14.16 30.16 -67.21
N VAL P 247 -14.95 29.85 -68.24
CA VAL P 247 -16.27 29.25 -68.07
C VAL P 247 -16.55 28.38 -69.29
N VAL P 248 -17.20 27.24 -69.06
CA VAL P 248 -17.51 26.30 -70.12
C VAL P 248 -18.87 26.68 -70.71
N VAL P 249 -18.92 26.84 -72.02
CA VAL P 249 -20.12 27.32 -72.70
C VAL P 249 -20.54 26.32 -73.78
N PRO P 250 -21.82 26.22 -74.11
CA PRO P 250 -22.24 25.39 -75.25
C PRO P 250 -21.91 26.08 -76.56
N SER P 251 -21.46 25.30 -77.53
CA SER P 251 -21.14 25.82 -78.85
C SER P 251 -22.39 26.42 -79.49
N GLY P 252 -22.35 27.73 -79.76
CA GLY P 252 -23.49 28.35 -80.40
C GLY P 252 -24.01 29.58 -79.68
N GLU P 253 -24.09 29.52 -78.35
CA GLU P 253 -24.59 30.63 -77.54
C GLU P 253 -23.46 31.30 -76.76
N GLU P 254 -22.30 31.47 -77.40
CA GLU P 254 -21.16 32.12 -76.77
C GLU P 254 -21.39 33.61 -76.52
N GLN P 255 -22.40 34.21 -77.13
CA GLN P 255 -22.71 35.61 -76.96
C GLN P 255 -23.62 35.87 -75.77
N ARG P 256 -23.91 34.84 -74.97
CA ARG P 256 -24.81 34.95 -73.84
C ARG P 256 -24.07 35.13 -72.52
N TYR P 257 -22.74 35.06 -72.53
CA TYR P 257 -21.94 35.11 -71.31
C TYR P 257 -21.08 36.37 -71.33
N THR P 258 -21.02 37.05 -70.18
CA THR P 258 -20.33 38.33 -70.08
C THR P 258 -19.33 38.30 -68.93
N CYS P 259 -18.12 38.77 -69.19
CA CYS P 259 -17.07 38.89 -68.19
C CYS P 259 -17.02 40.33 -67.70
N HIS P 260 -16.90 40.50 -66.39
CA HIS P 260 -16.85 41.81 -65.77
C HIS P 260 -15.53 41.99 -65.04
N VAL P 261 -14.85 43.09 -65.30
CA VAL P 261 -13.55 43.39 -64.71
C VAL P 261 -13.71 44.56 -63.75
N GLN P 262 -13.35 44.33 -62.48
CA GLN P 262 -13.36 45.37 -61.46
C GLN P 262 -11.93 45.59 -60.98
N HIS P 263 -11.46 46.84 -61.10
CA HIS P 263 -10.10 47.18 -60.71
C HIS P 263 -10.05 48.69 -60.47
N GLU P 264 -9.28 49.10 -59.46
CA GLU P 264 -9.29 50.51 -59.07
C GLU P 264 -8.58 51.39 -60.10
N GLY P 265 -7.74 50.82 -60.96
CA GLY P 265 -7.16 51.58 -62.05
C GLY P 265 -8.09 51.86 -63.19
N LEU P 266 -9.23 51.18 -63.25
CA LEU P 266 -10.23 51.42 -64.27
C LEU P 266 -11.27 52.40 -63.75
N PRO P 267 -11.51 53.53 -64.43
CA PRO P 267 -12.52 54.47 -63.92
C PRO P 267 -13.92 53.88 -63.86
N LYS P 268 -14.25 53.00 -64.81
CA LYS P 268 -15.52 52.30 -64.80
C LYS P 268 -15.28 50.82 -65.09
N PRO P 269 -16.03 49.93 -64.45
CA PRO P 269 -15.83 48.49 -64.68
C PRO P 269 -16.09 48.11 -66.13
N LEU P 270 -15.30 47.17 -66.62
CA LEU P 270 -15.41 46.71 -68.00
C LEU P 270 -16.41 45.56 -68.09
N THR P 271 -16.94 45.37 -69.30
CA THR P 271 -17.84 44.26 -69.61
C THR P 271 -17.37 43.65 -70.93
N LEU P 272 -16.76 42.48 -70.85
CA LEU P 272 -16.22 41.79 -72.01
C LEU P 272 -17.23 40.77 -72.51
N ARG P 273 -17.54 40.83 -73.81
CA ARG P 273 -18.42 39.87 -74.46
C ARG P 273 -17.76 39.37 -75.73
N TRP P 274 -18.03 38.12 -76.08
CA TRP P 274 -17.45 37.51 -77.26
C TRP P 274 -18.26 37.84 -78.51
N MET Q 1 3.39 20.63 -37.16
CA MET Q 1 3.69 21.35 -38.39
C MET Q 1 2.67 21.09 -39.48
N ILE Q 2 1.78 22.04 -39.71
CA ILE Q 2 0.88 21.94 -40.87
C ILE Q 2 1.72 22.11 -42.13
N GLN Q 3 1.97 21.03 -42.85
CA GLN Q 3 2.71 21.07 -44.11
C GLN Q 3 1.73 21.18 -45.26
N ARG Q 4 2.04 22.07 -46.21
CA ARG Q 4 1.10 22.46 -47.25
C ARG Q 4 1.66 22.12 -48.63
N THR Q 5 0.85 21.47 -49.45
CA THR Q 5 1.27 21.08 -50.79
C THR Q 5 1.30 22.31 -51.70
N PRO Q 6 2.37 22.53 -52.45
CA PRO Q 6 2.45 23.73 -53.28
C PRO Q 6 1.45 23.75 -54.42
N LYS Q 7 1.01 24.96 -54.77
CA LYS Q 7 0.22 25.20 -55.97
C LYS Q 7 1.15 25.73 -57.06
N ILE Q 8 0.98 25.21 -58.28
CA ILE Q 8 1.89 25.50 -59.39
C ILE Q 8 1.09 26.05 -60.55
N GLN Q 9 1.53 27.19 -61.09
CA GLN Q 9 1.02 27.72 -62.34
C GLN Q 9 2.21 28.03 -63.25
N VAL Q 10 2.14 27.54 -64.49
CA VAL Q 10 3.17 27.78 -65.49
C VAL Q 10 2.56 28.65 -66.57
N TYR Q 11 3.28 29.71 -66.94
CA TYR Q 11 2.75 30.70 -67.87
C TYR Q 11 3.91 31.55 -68.37
N SER Q 12 3.58 32.54 -69.20
CA SER Q 12 4.55 33.47 -69.76
C SER Q 12 4.17 34.89 -69.39
N ARG Q 13 5.19 35.76 -69.29
CA ARG Q 13 4.95 37.14 -68.90
C ARG Q 13 4.04 37.84 -69.90
N HIS Q 14 4.37 37.73 -71.18
CA HIS Q 14 3.58 38.32 -72.26
C HIS Q 14 2.92 37.21 -73.08
N PRO Q 15 1.82 37.50 -73.76
CA PRO Q 15 1.22 36.51 -74.67
C PRO Q 15 2.25 35.99 -75.67
N ALA Q 16 2.20 34.67 -75.89
CA ALA Q 16 3.26 33.99 -76.62
C ALA Q 16 3.08 34.18 -78.12
N GLU Q 17 4.04 34.84 -78.75
CA GLU Q 17 4.16 34.91 -80.20
C GLU Q 17 5.49 34.29 -80.61
N ASN Q 18 5.43 33.33 -81.52
CA ASN Q 18 6.61 32.54 -81.86
C ASN Q 18 7.70 33.40 -82.49
N GLY Q 19 8.94 33.12 -82.11
CA GLY Q 19 10.09 33.85 -82.60
C GLY Q 19 10.36 35.16 -81.90
N LYS Q 20 9.59 35.52 -80.89
CA LYS Q 20 9.73 36.79 -80.18
C LYS Q 20 10.10 36.53 -78.72
N SER Q 21 11.03 37.35 -78.22
CA SER Q 21 11.55 37.15 -76.87
C SER Q 21 10.45 37.31 -75.82
N ASN Q 22 10.50 36.46 -74.79
CA ASN Q 22 9.52 36.47 -73.73
C ASN Q 22 10.14 35.80 -72.51
N PHE Q 23 9.41 35.83 -71.40
CA PHE Q 23 9.86 35.19 -70.16
C PHE Q 23 8.94 34.04 -69.81
N LEU Q 24 9.52 32.97 -69.28
CA LEU Q 24 8.78 31.80 -68.82
C LEU Q 24 8.71 31.83 -67.30
N ASN Q 25 7.50 31.85 -66.76
CA ASN Q 25 7.29 31.96 -65.32
C ASN Q 25 6.73 30.66 -64.77
N CYS Q 26 7.30 30.19 -63.66
CA CYS Q 26 6.74 29.11 -62.86
C CYS Q 26 6.51 29.66 -61.46
N TYR Q 27 5.24 29.83 -61.10
CA TYR Q 27 4.83 30.48 -59.85
C TYR Q 27 4.34 29.41 -58.89
N VAL Q 28 5.10 29.19 -57.82
CA VAL Q 28 4.79 28.19 -56.81
C VAL Q 28 4.36 28.91 -55.55
N SER Q 29 3.15 28.61 -55.07
CA SER Q 29 2.55 29.35 -53.98
C SER Q 29 1.82 28.41 -53.03
N GLY Q 30 1.57 28.91 -51.82
CA GLY Q 30 0.74 28.19 -50.87
C GLY Q 30 1.36 26.91 -50.34
N PHE Q 31 2.66 26.94 -50.03
CA PHE Q 31 3.37 25.75 -49.59
C PHE Q 31 4.13 26.03 -48.31
N HIS Q 32 4.37 24.96 -47.54
CA HIS Q 32 5.09 25.03 -46.27
C HIS Q 32 5.61 23.64 -45.96
N PRO Q 33 6.87 23.49 -45.51
CA PRO Q 33 7.85 24.53 -45.18
C PRO Q 33 8.53 25.18 -46.39
N SER Q 34 9.52 26.02 -46.14
CA SER Q 34 10.10 26.85 -47.20
C SER Q 34 10.96 26.03 -48.16
N ASP Q 35 11.51 24.92 -47.71
CA ASP Q 35 12.41 24.13 -48.54
C ASP Q 35 11.68 23.61 -49.77
N ILE Q 36 12.22 23.93 -50.96
CA ILE Q 36 11.59 23.50 -52.20
C ILE Q 36 12.66 23.50 -53.29
N GLU Q 37 12.50 22.59 -54.26
CA GLU Q 37 13.38 22.48 -55.41
C GLU Q 37 12.51 22.57 -56.66
N VAL Q 38 12.76 23.58 -57.49
CA VAL Q 38 11.98 23.83 -58.68
C VAL Q 38 12.92 24.06 -59.85
N ASP Q 39 12.69 23.35 -60.96
CA ASP Q 39 13.47 23.47 -62.17
C ASP Q 39 12.56 23.73 -63.36
N LEU Q 40 13.08 24.47 -64.34
CA LEU Q 40 12.37 24.74 -65.58
C LEU Q 40 12.87 23.79 -66.66
N LEU Q 41 11.95 23.13 -67.33
CA LEU Q 41 12.27 22.07 -68.28
C LEU Q 41 11.97 22.52 -69.70
N LYS Q 42 12.98 22.41 -70.57
CA LYS Q 42 12.82 22.63 -72.01
C LYS Q 42 12.94 21.29 -72.71
N ASN Q 43 11.82 20.82 -73.26
CA ASN Q 43 11.76 19.50 -73.91
C ASN Q 43 12.17 18.38 -72.96
N GLY Q 44 11.89 18.55 -71.68
CA GLY Q 44 12.21 17.55 -70.69
C GLY Q 44 13.59 17.64 -70.08
N GLU Q 45 14.34 18.71 -70.35
CA GLU Q 45 15.67 18.88 -69.80
C GLU Q 45 15.77 20.21 -69.05
N ARG Q 46 16.61 20.22 -68.01
CA ARG Q 46 16.75 21.37 -67.15
C ARG Q 46 17.34 22.56 -67.89
N ILE Q 47 16.91 23.76 -67.50
CA ILE Q 47 17.45 25.01 -68.02
C ILE Q 47 18.48 25.52 -67.02
N GLU Q 48 19.66 25.90 -67.52
CA GLU Q 48 20.77 26.20 -66.62
C GLU Q 48 20.57 27.53 -65.90
N LYS Q 49 20.51 28.62 -66.64
CA LYS Q 49 20.43 29.96 -66.05
C LYS Q 49 18.96 30.29 -65.77
N VAL Q 50 18.52 30.00 -64.55
CA VAL Q 50 17.16 30.28 -64.11
C VAL Q 50 17.24 31.11 -62.83
N GLU Q 51 16.75 32.34 -62.89
CA GLU Q 51 16.69 33.19 -61.71
C GLU Q 51 15.37 32.96 -60.98
N HIS Q 52 15.37 33.34 -59.70
CA HIS Q 52 14.22 33.12 -58.83
C HIS Q 52 14.00 34.34 -57.94
N SER Q 53 12.77 34.51 -57.50
CA SER Q 53 12.40 35.66 -56.70
C SER Q 53 12.90 35.47 -55.26
N ASP Q 54 12.53 36.40 -54.39
CA ASP Q 54 12.92 36.38 -52.99
C ASP Q 54 11.80 35.77 -52.16
N LEU Q 55 12.18 34.95 -51.17
CA LEU Q 55 11.20 34.20 -50.41
C LEU Q 55 10.28 35.14 -49.62
N SER Q 56 8.98 34.89 -49.74
CA SER Q 56 7.98 35.62 -48.98
C SER Q 56 6.81 34.67 -48.73
N PHE Q 57 5.89 35.10 -47.87
CA PHE Q 57 4.77 34.25 -47.48
C PHE Q 57 3.49 35.08 -47.46
N SER Q 58 2.37 34.36 -47.54
CA SER Q 58 1.05 34.96 -47.64
C SER Q 58 0.47 35.17 -46.24
N LYS Q 59 -0.83 35.48 -46.18
CA LYS Q 59 -1.47 35.78 -44.89
C LYS Q 59 -1.58 34.54 -44.02
N ASP Q 60 -1.73 33.36 -44.63
CA ASP Q 60 -1.84 32.11 -43.89
C ASP Q 60 -0.49 31.46 -43.60
N TRP Q 61 0.60 32.22 -43.71
CA TRP Q 61 1.97 31.79 -43.47
C TRP Q 61 2.51 30.86 -44.55
N SER Q 62 1.76 30.60 -45.61
CA SER Q 62 2.24 29.76 -46.70
C SER Q 62 3.13 30.57 -47.64
N PHE Q 63 4.25 29.97 -48.04
CA PHE Q 63 5.25 30.65 -48.84
C PHE Q 63 4.81 30.76 -50.30
N TYR Q 64 5.54 31.59 -51.05
CA TYR Q 64 5.34 31.68 -52.50
C TYR Q 64 6.63 32.17 -53.14
N LEU Q 65 6.93 31.60 -54.32
CA LEU Q 65 8.11 31.97 -55.08
C LEU Q 65 7.76 32.04 -56.56
N LEU Q 66 8.63 32.70 -57.32
CA LEU Q 66 8.49 32.79 -58.77
C LEU Q 66 9.84 32.55 -59.41
N TYR Q 67 9.94 31.47 -60.18
CA TYR Q 67 11.15 31.18 -60.95
C TYR Q 67 10.89 31.55 -62.39
N TYR Q 68 11.84 32.28 -62.99
CA TYR Q 68 11.66 32.79 -64.35
C TYR Q 68 12.98 32.68 -65.11
N THR Q 69 12.86 32.61 -66.43
CA THR Q 69 14.02 32.68 -67.32
C THR Q 69 13.55 33.22 -68.66
N GLU Q 70 14.47 33.83 -69.39
CA GLU Q 70 14.17 34.36 -70.71
C GLU Q 70 14.22 33.24 -71.73
N PHE Q 71 13.25 33.24 -72.65
CA PHE Q 71 13.15 32.17 -73.63
C PHE Q 71 12.40 32.68 -74.85
N THR Q 72 12.62 32.01 -75.97
CA THR Q 72 11.93 32.35 -77.22
C THR Q 72 11.02 31.19 -77.60
N PRO Q 73 9.70 31.33 -77.50
CA PRO Q 73 8.82 30.19 -77.75
C PRO Q 73 8.77 29.83 -79.22
N THR Q 74 8.56 28.55 -79.47
CA THR Q 74 8.39 28.02 -80.82
C THR Q 74 7.15 27.14 -80.87
N GLU Q 75 6.74 26.79 -82.08
CA GLU Q 75 5.59 25.92 -82.24
C GLU Q 75 5.90 24.49 -81.82
N LYS Q 76 7.16 24.08 -81.93
CA LYS Q 76 7.57 22.71 -81.65
C LYS Q 76 7.88 22.48 -80.17
N ASP Q 77 8.67 23.36 -79.58
CA ASP Q 77 9.21 23.11 -78.24
C ASP Q 77 8.11 23.01 -77.20
N GLU Q 78 8.30 22.10 -76.25
CA GLU Q 78 7.43 21.98 -75.09
C GLU Q 78 8.21 22.40 -73.84
N TYR Q 79 7.59 23.26 -73.03
CA TYR Q 79 8.19 23.72 -71.79
C TYR Q 79 7.35 23.24 -70.61
N ALA Q 80 8.01 22.97 -69.50
CA ALA Q 80 7.34 22.49 -68.30
C ALA Q 80 8.13 22.88 -67.07
N CYS Q 81 7.49 22.76 -65.92
CA CYS Q 81 8.08 23.11 -64.64
C CYS Q 81 8.07 21.88 -63.74
N ARG Q 82 9.21 21.58 -63.13
CA ARG Q 82 9.38 20.43 -62.25
C ARG Q 82 9.52 20.92 -60.82
N VAL Q 83 8.59 20.53 -59.95
CA VAL Q 83 8.56 20.95 -58.57
C VAL Q 83 8.67 19.72 -57.68
N ASN Q 84 9.66 19.70 -56.79
CA ASN Q 84 9.83 18.63 -55.82
C ASN Q 84 9.75 19.24 -54.43
N HIS Q 85 8.94 18.64 -53.56
CA HIS Q 85 8.68 19.19 -52.24
C HIS Q 85 8.41 18.04 -51.28
N VAL Q 86 8.55 18.33 -49.98
CA VAL Q 86 8.40 17.29 -48.96
C VAL Q 86 6.98 16.72 -48.96
N THR Q 87 5.99 17.53 -49.35
CA THR Q 87 4.62 17.05 -49.42
C THR Q 87 4.32 16.28 -50.69
N LEU Q 88 5.25 16.23 -51.64
CA LEU Q 88 5.05 15.55 -52.91
C LEU Q 88 5.76 14.21 -52.86
N SER Q 89 4.98 13.13 -52.97
CA SER Q 89 5.56 11.79 -52.96
C SER Q 89 6.54 11.60 -54.12
N GLN Q 90 6.18 12.10 -55.29
CA GLN Q 90 7.05 12.11 -56.46
C GLN Q 90 7.01 13.49 -57.10
N PRO Q 91 8.09 13.92 -57.76
CA PRO Q 91 8.12 15.26 -58.35
C PRO Q 91 6.96 15.50 -59.30
N LYS Q 92 6.41 16.72 -59.22
CA LYS Q 92 5.23 17.09 -59.99
C LYS Q 92 5.65 17.88 -61.23
N ILE Q 93 5.13 17.47 -62.39
CA ILE Q 93 5.39 18.13 -63.66
C ILE Q 93 4.12 18.82 -64.11
N VAL Q 94 4.24 20.10 -64.45
CA VAL Q 94 3.16 20.87 -65.06
C VAL Q 94 3.68 21.44 -66.37
N LYS Q 95 3.08 21.02 -67.48
CA LYS Q 95 3.50 21.51 -68.78
C LYS Q 95 3.03 22.95 -68.98
N TRP Q 96 3.75 23.68 -69.83
CA TRP Q 96 3.37 25.05 -70.16
C TRP Q 96 2.32 25.01 -71.25
N ASP Q 97 1.07 25.24 -70.88
CA ASP Q 97 -0.03 25.34 -71.83
C ASP Q 97 -0.18 26.80 -72.21
N ARG Q 98 0.19 27.13 -73.45
CA ARG Q 98 -0.09 28.45 -73.98
C ARG Q 98 -1.59 28.70 -73.94
N ASP Q 99 -1.97 29.90 -73.50
CA ASP Q 99 -3.33 30.40 -73.23
C ASP Q 99 -3.89 29.88 -71.92
N MET Q 100 -3.07 29.29 -71.05
CA MET Q 100 -3.53 28.87 -69.74
C MET Q 100 -2.58 29.33 -68.65
N VAL R 1 11.90 51.09 -43.06
CA VAL R 1 12.99 50.70 -42.18
C VAL R 1 12.60 49.48 -41.35
N VAL R 2 13.59 48.85 -40.73
CA VAL R 2 13.38 47.65 -39.94
C VAL R 2 13.09 48.06 -38.50
N GLY R 3 12.10 47.42 -37.88
CA GLY R 3 11.76 47.81 -36.52
C GLY R 3 11.17 46.72 -35.65
N ALA R 4 11.61 45.48 -35.87
CA ALA R 4 11.12 44.34 -35.12
C ALA R 4 11.80 44.28 -33.75
N VAL R 5 11.02 44.46 -32.68
CA VAL R 5 11.54 44.42 -31.32
C VAL R 5 11.85 42.97 -30.95
N GLY R 6 13.14 42.64 -30.83
CA GLY R 6 13.51 41.30 -30.40
C GLY R 6 13.69 41.21 -28.90
N VAL R 7 12.92 40.34 -28.24
CA VAL R 7 12.94 40.27 -26.78
C VAL R 7 12.99 38.84 -26.25
N GLY R 8 13.34 37.88 -27.12
CA GLY R 8 13.81 36.58 -26.69
C GLY R 8 12.84 35.42 -26.90
N LYS R 9 11.56 35.70 -27.10
CA LYS R 9 10.56 34.65 -27.32
C LYS R 9 10.60 33.57 -26.25
N GLN S 2 28.48 66.94 -28.63
CA GLN S 2 27.63 65.75 -28.55
C GLN S 2 26.25 66.02 -29.11
N LYS S 3 25.50 64.97 -29.39
CA LYS S 3 24.13 65.13 -29.89
C LYS S 3 23.17 65.44 -28.76
N VAL S 4 23.19 64.64 -27.70
CA VAL S 4 22.35 64.88 -26.52
C VAL S 4 23.01 65.97 -25.67
N GLN S 5 22.28 67.07 -25.47
CA GLN S 5 22.79 68.22 -24.70
C GLN S 5 21.93 68.36 -23.45
N GLN S 6 22.53 68.11 -22.29
CA GLN S 6 21.83 68.12 -21.02
C GLN S 6 22.09 69.43 -20.30
N SER S 7 21.02 70.07 -19.82
CA SER S 7 21.14 71.28 -19.03
C SER S 7 20.02 71.26 -17.99
N PRO S 8 20.28 71.74 -16.77
CA PRO S 8 21.51 72.35 -16.25
C PRO S 8 22.66 71.36 -16.08
N GLU S 9 23.85 71.85 -15.75
CA GLU S 9 24.97 70.99 -15.44
C GLU S 9 25.03 70.65 -13.95
N SER S 10 24.75 71.63 -13.09
CA SER S 10 24.65 71.44 -11.65
C SER S 10 23.40 72.14 -11.15
N LEU S 11 22.83 71.61 -10.06
CA LEU S 11 21.58 72.15 -9.52
C LEU S 11 21.53 71.87 -8.04
N ILE S 12 21.51 72.91 -7.23
CA ILE S 12 21.35 72.79 -5.78
C ILE S 12 19.90 73.15 -5.45
N VAL S 13 19.13 72.14 -5.03
CA VAL S 13 17.71 72.36 -4.74
C VAL S 13 17.46 72.01 -3.28
N PRO S 14 16.67 72.79 -2.56
CA PRO S 14 16.39 72.48 -1.15
C PRO S 14 15.45 71.29 -1.03
N GLU S 15 15.42 70.71 0.17
CA GLU S 15 14.50 69.62 0.46
C GLU S 15 13.07 70.08 0.29
N GLY S 16 12.27 69.27 -0.43
CA GLY S 16 10.90 69.62 -0.73
C GLY S 16 10.69 70.38 -2.02
N GLY S 17 11.76 70.94 -2.60
CA GLY S 17 11.61 71.73 -3.80
C GLY S 17 11.56 70.91 -5.06
N MET S 18 11.10 71.54 -6.13
CA MET S 18 11.00 70.90 -7.43
C MET S 18 12.33 71.03 -8.17
N ALA S 19 12.77 69.93 -8.80
CA ALA S 19 14.01 69.91 -9.57
C ALA S 19 13.65 69.63 -11.02
N SER S 20 13.73 70.65 -11.86
CA SER S 20 13.40 70.54 -13.27
C SER S 20 14.69 70.45 -14.09
N LEU S 21 14.93 69.29 -14.69
CA LEU S 21 16.09 69.03 -15.52
C LEU S 21 15.65 68.90 -16.97
N ASN S 22 16.49 69.36 -17.89
CA ASN S 22 16.14 69.34 -19.30
C ASN S 22 17.20 68.59 -20.10
N CYS S 23 16.82 68.21 -21.32
CA CYS S 23 17.70 67.47 -22.22
C CYS S 23 17.19 67.66 -23.64
N THR S 24 18.14 67.79 -24.58
CA THR S 24 17.81 68.06 -25.98
C THR S 24 18.84 67.36 -26.86
N SER S 25 18.36 66.66 -27.88
CA SER S 25 19.24 66.01 -28.84
C SER S 25 19.36 66.82 -30.11
N SER S 26 20.50 66.68 -30.78
CA SER S 26 20.71 67.30 -32.08
C SER S 26 20.41 66.35 -33.23
N ASP S 27 20.40 65.04 -32.98
CA ASP S 27 19.99 64.06 -34.00
C ASP S 27 18.48 64.16 -34.18
N ARG S 28 18.05 64.61 -35.36
CA ARG S 28 16.62 64.74 -35.60
C ARG S 28 15.92 63.39 -35.64
N ASN S 29 16.63 62.34 -36.04
CA ASN S 29 16.03 61.01 -36.18
C ASN S 29 16.14 60.23 -34.87
N VAL S 30 15.46 60.73 -33.85
CA VAL S 30 15.38 60.09 -32.54
C VAL S 30 13.91 59.87 -32.21
N ASP S 31 13.58 58.66 -31.73
CA ASP S 31 12.20 58.29 -31.43
C ASP S 31 11.94 58.01 -29.96
N TYR S 32 12.96 57.77 -29.16
CA TYR S 32 12.76 57.32 -27.78
C TYR S 32 13.76 58.02 -26.87
N PHE S 33 13.29 58.47 -25.72
CA PHE S 33 14.11 59.19 -24.76
C PHE S 33 14.09 58.48 -23.41
N TRP S 34 15.20 58.58 -22.68
CA TRP S 34 15.36 57.87 -21.42
C TRP S 34 16.00 58.78 -20.38
N TRP S 35 15.66 58.54 -19.12
CA TRP S 35 16.28 59.24 -18.00
C TRP S 35 16.82 58.19 -17.04
N TYR S 36 18.13 58.23 -16.78
CA TYR S 36 18.79 57.28 -15.91
C TYR S 36 19.33 57.98 -14.68
N ARG S 37 19.29 57.29 -13.54
CA ARG S 37 19.81 57.80 -12.28
C ARG S 37 21.04 57.02 -11.87
N GLN S 38 22.14 57.73 -11.60
CA GLN S 38 23.38 57.12 -11.11
C GLN S 38 23.74 57.72 -9.78
N HIS S 39 23.57 56.97 -8.70
CA HIS S 39 24.08 57.39 -7.41
C HIS S 39 25.59 57.27 -7.39
N SER S 40 26.24 58.10 -6.57
CA SER S 40 27.69 58.17 -6.56
C SER S 40 28.29 56.81 -6.20
N GLY S 41 29.14 56.30 -7.09
CA GLY S 41 29.75 55.00 -6.90
C GLY S 41 28.89 53.82 -7.30
N LYS S 42 27.71 54.06 -7.84
CA LYS S 42 26.78 53.00 -8.22
C LYS S 42 26.67 52.93 -9.75
N SER S 43 25.80 52.04 -10.21
CA SER S 43 25.60 51.87 -11.63
C SER S 43 24.40 52.68 -12.11
N PRO S 44 24.42 53.15 -13.36
CA PRO S 44 23.25 53.81 -13.91
C PRO S 44 22.05 52.87 -13.93
N LYS S 45 20.90 53.39 -13.53
CA LYS S 45 19.66 52.61 -13.50
C LYS S 45 18.55 53.49 -14.06
N MET S 46 17.67 52.89 -14.87
CA MET S 46 16.62 53.67 -15.52
C MET S 46 15.61 54.17 -14.49
N LEU S 47 15.23 55.45 -14.63
CA LEU S 47 14.14 56.02 -13.85
C LEU S 47 12.84 56.06 -14.63
N MET S 48 12.81 56.79 -15.75
CA MET S 48 11.61 56.95 -16.55
C MET S 48 11.95 56.77 -18.02
N SER S 49 10.89 56.71 -18.83
CA SER S 49 11.02 56.56 -20.27
C SER S 49 9.82 57.24 -20.93
N ILE S 50 10.06 57.82 -22.11
CA ILE S 50 9.01 58.47 -22.86
C ILE S 50 9.34 58.38 -24.34
N PHE S 51 8.31 58.11 -25.15
CA PHE S 51 8.45 58.12 -26.60
C PHE S 51 7.32 58.85 -27.31
N SER S 52 6.28 59.27 -26.60
CA SER S 52 5.15 59.97 -27.16
C SER S 52 5.08 61.39 -26.61
N ASN S 53 4.62 62.32 -27.44
CA ASN S 53 4.48 63.71 -27.02
C ASN S 53 3.43 63.82 -25.90
N GLY S 54 3.85 64.30 -24.75
CA GLY S 54 2.95 64.48 -23.63
C GLY S 54 3.69 64.37 -22.32
N GLU S 55 2.93 64.08 -21.26
CA GLU S 55 3.45 64.00 -19.91
C GLU S 55 3.23 62.58 -19.37
N LYS S 56 4.03 62.22 -18.36
CA LYS S 56 3.95 60.87 -17.79
C LYS S 56 4.37 60.97 -16.32
N GLU S 57 3.41 60.86 -15.42
CA GLU S 57 3.64 60.96 -13.98
C GLU S 57 3.78 59.56 -13.38
N GLU S 58 4.79 59.39 -12.52
CA GLU S 58 4.98 58.13 -11.79
C GLU S 58 5.58 58.50 -10.43
N GLY S 59 4.70 58.67 -9.44
CA GLY S 59 5.13 59.05 -8.11
C GLY S 59 5.47 60.53 -8.04
N ARG S 60 6.69 60.84 -7.62
CA ARG S 60 7.18 62.21 -7.57
C ARG S 60 7.91 62.61 -8.84
N PHE S 61 7.86 61.80 -9.88
CA PHE S 61 8.62 62.02 -11.10
C PHE S 61 7.68 62.24 -12.28
N THR S 62 8.00 63.23 -13.11
CA THR S 62 7.21 63.54 -14.29
C THR S 62 8.15 63.76 -15.46
N VAL S 63 7.92 63.05 -16.56
CA VAL S 63 8.68 63.24 -17.79
C VAL S 63 7.77 63.90 -18.83
N HIS S 64 8.39 64.72 -19.67
CA HIS S 64 7.68 65.47 -20.69
C HIS S 64 8.47 65.36 -21.99
N LEU S 65 7.75 65.41 -23.11
CA LEU S 65 8.39 65.22 -24.41
C LEU S 65 7.69 66.08 -25.46
N ASN S 66 8.50 66.79 -26.25
CA ASN S 66 8.03 67.49 -27.44
C ASN S 66 8.94 67.07 -28.60
N LYS S 67 8.50 66.08 -29.37
CA LYS S 67 9.32 65.58 -30.47
C LYS S 67 9.59 66.64 -31.52
N ALA S 68 8.78 67.70 -31.57
CA ALA S 68 9.05 68.80 -32.49
C ALA S 68 10.37 69.47 -32.16
N SER S 69 10.65 69.68 -30.88
CA SER S 69 11.89 70.30 -30.43
C SER S 69 12.88 69.31 -29.83
N LEU S 70 12.53 68.02 -29.79
CA LEU S 70 13.40 66.97 -29.25
C LEU S 70 13.85 67.30 -27.83
N HIS S 71 12.87 67.58 -26.97
CA HIS S 71 13.12 68.06 -25.62
C HIS S 71 12.46 67.14 -24.61
N THR S 72 13.25 66.66 -23.63
CA THR S 72 12.74 65.88 -22.53
C THR S 72 13.00 66.64 -21.23
N SER S 73 12.09 66.47 -20.27
CA SER S 73 12.17 67.21 -19.02
C SER S 73 11.76 66.31 -17.87
N LEU S 74 12.68 66.14 -16.91
CA LEU S 74 12.41 65.40 -15.68
C LEU S 74 12.08 66.38 -14.57
N HIS S 75 11.02 66.10 -13.82
CA HIS S 75 10.58 66.96 -12.72
C HIS S 75 10.42 66.12 -11.46
N ILE S 76 11.36 66.28 -10.52
CA ILE S 76 11.31 65.59 -9.24
C ILE S 76 10.69 66.53 -8.22
N ARG S 77 9.45 66.24 -7.83
CA ARG S 77 8.76 67.02 -6.82
C ARG S 77 9.01 66.43 -5.44
N ASP S 78 8.81 67.24 -4.40
CA ASP S 78 9.04 66.83 -3.02
C ASP S 78 10.41 66.20 -2.85
N SER S 79 11.44 66.99 -3.13
CA SER S 79 12.81 66.48 -3.17
C SER S 79 13.22 65.93 -1.81
N GLN S 80 13.75 64.72 -1.82
CA GLN S 80 14.32 64.08 -0.65
C GLN S 80 15.82 63.88 -0.87
N PRO S 81 16.61 63.78 0.21
CA PRO S 81 18.06 63.62 0.04
C PRO S 81 18.47 62.34 -0.64
N SER S 82 17.55 61.41 -0.87
CA SER S 82 17.82 60.19 -1.62
C SER S 82 17.77 60.42 -3.14
N ASP S 83 17.49 61.64 -3.59
CA ASP S 83 17.47 61.96 -5.01
C ASP S 83 18.75 62.61 -5.50
N SER S 84 19.70 62.87 -4.61
CA SER S 84 20.98 63.45 -4.99
C SER S 84 21.77 62.42 -5.81
N ALA S 85 21.89 62.64 -7.11
CA ALA S 85 22.61 61.72 -7.98
C ALA S 85 22.90 62.41 -9.29
N LEU S 86 23.57 61.70 -10.19
CA LEU S 86 23.75 62.13 -11.56
C LEU S 86 22.61 61.58 -12.41
N TYR S 87 21.94 62.47 -13.14
CA TYR S 87 20.82 62.10 -14.00
C TYR S 87 21.28 62.15 -15.45
N LEU S 88 21.20 61.02 -16.13
CA LEU S 88 21.68 60.89 -17.50
C LEU S 88 20.52 60.78 -18.47
N CYS S 89 20.63 61.45 -19.61
CA CYS S 89 19.62 61.44 -20.65
C CYS S 89 20.12 60.64 -21.84
N ALA S 90 19.24 59.79 -22.39
CA ALA S 90 19.62 58.93 -23.49
C ALA S 90 18.59 59.01 -24.60
N ALA S 91 19.03 58.73 -25.82
CA ALA S 91 18.19 58.86 -27.00
C ALA S 91 18.53 57.76 -27.99
N ARG S 92 17.50 57.15 -28.59
CA ARG S 92 17.72 56.08 -29.54
C ARG S 92 18.12 56.65 -30.90
N ASP S 93 19.28 56.23 -31.39
CA ASP S 93 19.79 56.69 -32.68
C ASP S 93 19.01 56.04 -33.82
N SER S 94 19.39 56.39 -35.05
CA SER S 94 18.88 55.68 -36.22
C SER S 94 19.16 54.19 -36.10
N ASN S 95 20.40 53.84 -35.80
CA ASN S 95 20.70 52.53 -35.26
C ASN S 95 20.18 52.46 -33.83
N TYR S 96 19.40 51.43 -33.51
CA TYR S 96 18.75 51.33 -32.20
C TYR S 96 19.83 51.23 -31.11
N GLN S 97 20.41 52.37 -30.78
CA GLN S 97 21.50 52.47 -29.82
C GLN S 97 21.39 53.82 -29.10
N LEU S 98 21.77 53.83 -27.84
CA LEU S 98 21.55 55.01 -27.00
C LEU S 98 22.65 56.04 -27.18
N ILE S 99 22.25 57.30 -27.37
CA ILE S 99 23.15 58.43 -27.34
C ILE S 99 23.09 59.03 -25.94
N TRP S 100 24.20 59.02 -25.22
CA TRP S 100 24.22 59.45 -23.83
C TRP S 100 24.63 60.90 -23.71
N GLY S 101 24.16 61.55 -22.64
CA GLY S 101 24.50 62.94 -22.36
C GLY S 101 25.54 63.06 -21.25
N SER S 102 26.08 64.28 -21.12
CA SER S 102 27.14 64.52 -20.14
C SER S 102 26.64 64.27 -18.72
N GLY S 103 25.45 64.78 -18.39
CA GLY S 103 24.86 64.53 -17.09
C GLY S 103 24.54 65.77 -16.28
N THR S 104 23.59 65.66 -15.36
CA THR S 104 23.20 66.76 -14.49
C THR S 104 23.31 66.31 -13.05
N LYS S 105 24.04 67.07 -12.24
CA LYS S 105 24.28 66.72 -10.84
C LYS S 105 23.21 67.38 -9.96
N LEU S 106 22.45 66.56 -9.26
CA LEU S 106 21.43 67.04 -8.31
C LEU S 106 22.01 67.01 -6.90
N ILE S 107 21.86 68.11 -6.18
CA ILE S 107 22.33 68.23 -4.80
C ILE S 107 21.17 68.72 -3.97
N ILE S 108 20.65 67.85 -3.09
CA ILE S 108 19.50 68.16 -2.26
C ILE S 108 20.07 68.60 -0.91
N LYS S 109 20.11 69.91 -0.66
CA LYS S 109 20.57 70.41 0.63
C LYS S 109 19.59 70.00 1.72
N PRO S 110 20.02 69.28 2.76
CA PRO S 110 19.08 68.80 3.77
C PRO S 110 18.62 69.90 4.71
N ASP S 111 17.52 69.60 5.41
CA ASP S 111 16.97 70.49 6.43
C ASP S 111 17.51 70.05 7.79
N ILE S 112 18.41 70.84 8.36
CA ILE S 112 18.92 70.58 9.70
C ILE S 112 17.93 71.17 10.70
N GLN S 113 17.25 70.30 11.44
CA GLN S 113 16.12 70.76 12.25
C GLN S 113 16.57 71.52 13.49
N ASN S 114 17.59 71.02 14.19
CA ASN S 114 18.06 71.62 15.44
C ASN S 114 19.57 71.81 15.36
N PRO S 115 20.03 72.87 14.70
CA PRO S 115 21.48 73.09 14.57
C PRO S 115 22.10 73.51 15.90
N ASP S 116 23.16 72.81 16.28
CA ASP S 116 23.93 73.12 17.50
C ASP S 116 25.41 73.07 17.16
N PRO S 117 25.89 74.00 16.33
CA PRO S 117 27.26 73.90 15.82
C PRO S 117 28.28 74.07 16.92
N ALA S 118 29.43 73.41 16.72
CA ALA S 118 30.51 73.41 17.71
C ALA S 118 31.76 72.85 17.04
N VAL S 119 32.88 72.97 17.75
CA VAL S 119 34.17 72.45 17.32
C VAL S 119 34.80 71.71 18.48
N TYR S 120 35.40 70.55 18.21
CA TYR S 120 35.95 69.70 19.25
C TYR S 120 37.33 69.19 18.86
N GLN S 121 38.12 68.87 19.88
CA GLN S 121 39.40 68.18 19.72
C GLN S 121 39.21 66.70 20.03
N LEU S 122 39.72 65.84 19.16
CA LEU S 122 39.54 64.40 19.32
C LEU S 122 40.85 63.74 19.73
N ARG S 123 40.80 62.96 20.80
CA ARG S 123 41.99 62.35 21.36
C ARG S 123 42.44 61.16 20.51
N ASP S 124 43.66 61.25 19.99
CA ASP S 124 44.24 60.14 19.25
C ASP S 124 44.59 59.00 20.19
N SER S 125 44.12 57.80 19.86
CA SER S 125 44.36 56.61 20.66
C SER S 125 45.60 55.84 20.23
N LYS S 126 46.40 56.39 19.32
CA LYS S 126 47.60 55.69 18.85
C LYS S 126 48.70 56.67 18.48
N SER S 127 49.32 56.47 17.32
CA SER S 127 50.39 57.36 16.90
C SER S 127 49.81 58.50 16.07
N SER S 128 50.68 59.43 15.67
CA SER S 128 50.30 60.57 14.84
C SER S 128 49.11 61.32 15.46
N ASP S 129 49.41 61.98 16.58
CA ASP S 129 48.38 62.66 17.37
C ASP S 129 47.51 63.54 16.49
N LYS S 130 48.09 64.59 15.92
CA LYS S 130 47.43 65.47 14.95
C LYS S 130 45.98 65.72 15.32
N SER S 131 45.76 66.15 16.57
CA SER S 131 44.43 66.26 17.16
C SER S 131 43.46 66.93 16.21
N VAL S 132 42.51 66.16 15.69
CA VAL S 132 41.64 66.61 14.61
C VAL S 132 40.58 67.54 15.17
N CYS S 133 40.29 68.60 14.41
CA CYS S 133 39.20 69.50 14.72
C CYS S 133 37.95 69.04 13.99
N LEU S 134 36.85 68.89 14.71
CA LEU S 134 35.60 68.43 14.14
C LEU S 134 34.56 69.54 14.25
N PHE S 135 34.11 70.03 13.09
CA PHE S 135 33.02 71.01 13.02
C PHE S 135 31.76 70.27 12.62
N THR S 136 30.83 70.13 13.58
CA THR S 136 29.65 69.31 13.39
C THR S 136 28.41 70.06 13.85
N ASP S 137 27.25 69.48 13.53
CA ASP S 137 25.95 69.97 14.00
C ASP S 137 25.63 71.37 13.49
N PHE S 138 26.12 71.73 12.31
CA PHE S 138 25.82 73.01 11.71
C PHE S 138 24.80 72.84 10.58
N ASP S 139 24.04 73.90 10.31
CA ASP S 139 23.00 73.84 9.32
C ASP S 139 23.58 73.77 7.91
N SER S 140 22.69 73.56 6.93
CA SER S 140 23.13 73.44 5.55
C SER S 140 23.52 74.77 4.94
N GLN S 141 23.13 75.89 5.56
CA GLN S 141 23.48 77.20 5.01
C GLN S 141 24.97 77.47 5.12
N THR S 142 25.60 77.00 6.21
CA THR S 142 27.03 77.18 6.38
C THR S 142 27.79 76.42 5.30
N ASN S 143 28.74 77.10 4.67
CA ASN S 143 29.56 76.52 3.61
C ASN S 143 31.01 76.41 4.10
N VAL S 144 31.57 75.21 4.02
CA VAL S 144 32.92 74.95 4.51
C VAL S 144 33.91 75.39 3.44
N SER S 145 34.66 76.46 3.73
CA SER S 145 35.68 76.92 2.80
C SER S 145 36.94 76.08 2.94
N GLN S 146 37.68 75.97 1.84
CA GLN S 146 38.89 75.14 1.81
C GLN S 146 39.92 75.69 2.79
N SER S 147 40.73 74.77 3.33
CA SER S 147 41.81 75.16 4.23
C SER S 147 42.80 76.04 3.51
N LYS S 148 43.25 77.10 4.19
CA LYS S 148 44.26 77.99 3.63
C LYS S 148 45.66 77.53 4.03
N ASP S 149 45.97 77.56 5.32
CA ASP S 149 47.29 77.16 5.80
C ASP S 149 47.69 75.81 5.22
N SER S 150 48.77 75.81 4.43
CA SER S 150 49.14 74.63 3.67
C SER S 150 49.49 73.43 4.54
N ASP S 151 49.80 73.66 5.82
CA ASP S 151 50.15 72.56 6.71
C ASP S 151 48.94 71.86 7.32
N VAL S 152 47.74 72.41 7.15
CA VAL S 152 46.51 71.82 7.66
C VAL S 152 45.55 71.58 6.50
N TYR S 153 44.83 70.46 6.57
CA TYR S 153 43.87 70.08 5.54
C TYR S 153 42.48 70.04 6.15
N ILE S 154 41.51 70.62 5.45
CA ILE S 154 40.12 70.64 5.88
C ILE S 154 39.29 69.83 4.91
N THR S 155 38.55 68.85 5.44
CA THR S 155 37.70 68.01 4.61
C THR S 155 36.44 68.76 4.23
N ASP S 156 35.81 68.28 3.15
CA ASP S 156 34.59 68.92 2.66
C ASP S 156 33.42 68.59 3.58
N LYS S 157 32.32 69.31 3.37
CA LYS S 157 31.11 69.09 4.16
C LYS S 157 30.53 67.71 3.87
N CYS S 158 30.05 67.06 4.93
CA CYS S 158 29.42 65.75 4.81
C CYS S 158 28.16 65.74 5.68
N VAL S 159 27.22 64.88 5.32
CA VAL S 159 25.92 64.81 5.98
C VAL S 159 25.76 63.44 6.61
N LEU S 160 25.48 63.41 7.92
CA LEU S 160 25.21 62.18 8.65
C LEU S 160 23.70 62.01 8.84
N ASP S 161 23.31 60.81 9.25
CA ASP S 161 21.90 60.51 9.46
C ASP S 161 21.80 59.37 10.46
N MET S 162 21.41 59.69 11.70
CA MET S 162 21.12 58.69 12.72
C MET S 162 19.61 58.43 12.68
N ARG S 163 19.22 57.27 12.17
CA ARG S 163 17.82 57.05 11.79
C ARG S 163 16.91 56.90 12.99
N SER S 164 17.37 56.22 14.05
CA SER S 164 16.52 55.97 15.21
C SER S 164 16.13 57.24 15.94
N MET S 165 16.88 58.33 15.77
CA MET S 165 16.60 59.59 16.45
C MET S 165 16.04 60.66 15.52
N ASP S 166 15.89 60.36 14.23
CA ASP S 166 15.46 61.35 13.23
C ASP S 166 16.35 62.58 13.26
N PHE S 167 17.65 62.35 13.44
CA PHE S 167 18.64 63.42 13.58
C PHE S 167 19.60 63.38 12.40
N LYS S 168 19.76 64.53 11.75
CA LYS S 168 20.70 64.69 10.65
C LYS S 168 21.73 65.74 11.06
N SER S 169 23.01 65.40 10.95
CA SER S 169 24.08 66.28 11.36
C SER S 169 25.13 66.40 10.26
N ASN S 170 25.58 67.61 10.01
CA ASN S 170 26.69 67.84 9.10
C ASN S 170 28.00 67.72 9.86
N SER S 171 29.09 67.55 9.12
CA SER S 171 30.38 67.34 9.75
C SER S 171 31.50 67.70 8.79
N ALA S 172 32.58 68.24 9.35
CA ALA S 172 33.81 68.52 8.62
C ALA S 172 34.98 68.35 9.57
N VAL S 173 36.15 68.02 9.02
CA VAL S 173 37.32 67.63 9.80
C VAL S 173 38.53 68.39 9.31
N ALA S 174 39.39 68.80 10.24
CA ALA S 174 40.68 69.41 9.93
C ALA S 174 41.77 68.76 10.78
N TRP S 175 42.94 68.56 10.19
CA TRP S 175 44.07 68.00 10.90
C TRP S 175 45.36 68.63 10.38
N SER S 176 46.31 68.79 11.29
CA SER S 176 47.63 69.32 10.96
C SER S 176 48.69 68.52 11.70
N ASN S 177 49.85 68.36 11.06
CA ASN S 177 50.95 67.63 11.66
C ASN S 177 51.79 68.50 12.61
N LYS S 178 51.62 69.81 12.58
CA LYS S 178 52.38 70.70 13.43
C LYS S 178 51.70 70.88 14.78
N SER S 179 52.51 71.09 15.82
CA SER S 179 51.99 71.18 17.18
C SER S 179 51.31 72.53 17.45
N ASP S 180 51.65 73.58 16.71
CA ASP S 180 51.03 74.89 16.89
C ASP S 180 49.70 74.96 16.14
N PHE S 181 48.81 74.05 16.51
CA PHE S 181 47.51 73.93 15.85
C PHE S 181 46.44 73.76 16.92
N ALA S 182 45.44 74.64 16.90
CA ALA S 182 44.35 74.61 17.85
C ALA S 182 43.02 74.78 17.12
N CYS S 183 41.96 74.21 17.71
CA CYS S 183 40.65 74.28 17.07
C CYS S 183 40.08 75.69 17.11
N ALA S 184 40.47 76.50 18.10
CA ALA S 184 40.06 77.90 18.09
C ALA S 184 40.66 78.64 16.90
N ASN S 185 41.92 78.35 16.57
CA ASN S 185 42.60 78.97 15.45
C ASN S 185 42.42 78.21 14.14
N ALA S 186 41.60 77.16 14.14
CA ALA S 186 41.26 76.45 12.92
C ALA S 186 39.90 76.92 12.41
N PHE S 187 39.61 76.59 11.16
CA PHE S 187 38.35 76.88 10.48
C PHE S 187 38.11 78.38 10.28
N ASN S 188 39.10 79.23 10.55
CA ASN S 188 38.91 80.66 10.38
C ASN S 188 38.71 81.05 8.92
N ASN S 189 39.17 80.21 7.98
CA ASN S 189 39.00 80.51 6.56
C ASN S 189 37.56 80.37 6.08
N SER S 190 36.67 79.81 6.91
CA SER S 190 35.28 79.59 6.56
C SER S 190 34.38 80.57 7.31
N ILE S 191 33.09 80.55 6.96
CA ILE S 191 32.11 81.45 7.54
C ILE S 191 31.55 80.74 8.77
N ILE S 192 32.22 80.91 9.90
CA ILE S 192 31.79 80.28 11.15
C ILE S 192 30.61 81.07 11.71
N PRO S 193 29.48 80.44 11.99
CA PRO S 193 28.40 81.14 12.69
C PRO S 193 28.80 81.48 14.12
N GLU S 194 28.20 82.54 14.64
CA GLU S 194 28.59 83.07 15.94
C GLU S 194 28.05 82.28 17.12
N ASP S 195 27.20 81.29 16.88
CA ASP S 195 26.62 80.50 17.96
C ASP S 195 27.36 79.19 18.20
N THR S 196 28.55 79.04 17.62
CA THR S 196 29.31 77.81 17.79
C THR S 196 29.92 77.74 19.19
N PHE S 197 30.11 76.51 19.67
CA PHE S 197 30.71 76.25 20.97
C PHE S 197 32.21 76.03 20.84
N PHE S 198 32.94 76.31 21.93
CA PHE S 198 34.37 76.07 21.99
C PHE S 198 34.70 75.58 23.40
N PRO S 199 35.46 74.48 23.53
CA PRO S 199 35.86 73.94 24.83
C PRO S 199 36.84 74.85 25.58
N GLU T 1 16.80 38.60 -12.11
CA GLU T 1 16.37 39.79 -12.85
C GLU T 1 17.48 40.83 -12.92
N ALA T 2 17.86 41.19 -14.15
CA ALA T 2 18.88 42.22 -14.39
C ALA T 2 20.19 41.88 -13.71
N ALA T 3 20.65 40.64 -13.90
CA ALA T 3 21.83 40.13 -13.19
C ALA T 3 23.05 40.24 -14.11
N VAL T 4 23.67 41.42 -14.10
CA VAL T 4 24.91 41.65 -14.83
C VAL T 4 26.04 41.81 -13.83
N THR T 5 27.12 41.06 -14.04
CA THR T 5 28.27 41.07 -13.15
C THR T 5 29.52 41.47 -13.90
N GLN T 6 30.51 41.98 -13.17
CA GLN T 6 31.76 42.46 -13.75
C GLN T 6 32.93 41.99 -12.90
N SER T 7 34.02 41.60 -13.56
CA SER T 7 35.19 41.11 -12.86
C SER T 7 36.38 41.30 -13.79
N PRO T 8 37.43 41.99 -13.35
CA PRO T 8 37.67 42.53 -12.00
C PRO T 8 36.81 43.74 -11.69
N ARG T 9 36.83 44.21 -10.44
CA ARG T 9 36.08 45.37 -10.01
C ARG T 9 36.95 46.55 -9.63
N ASN T 10 38.24 46.31 -9.38
CA ASN T 10 39.21 47.35 -9.07
C ASN T 10 40.57 46.84 -9.49
N LYS T 11 41.30 47.62 -10.27
CA LYS T 11 42.56 47.14 -10.85
C LYS T 11 43.54 48.30 -10.99
N VAL T 12 44.81 48.02 -10.70
CA VAL T 12 45.91 48.96 -10.89
C VAL T 12 46.90 48.30 -11.85
N ALA T 13 47.31 49.05 -12.88
CA ALA T 13 48.14 48.49 -13.95
C ALA T 13 49.26 49.46 -14.29
N VAL T 14 50.14 49.02 -15.18
CA VAL T 14 51.29 49.81 -15.65
C VAL T 14 51.07 50.11 -17.12
N THR T 15 51.66 51.22 -17.58
CA THR T 15 51.68 51.50 -19.00
C THR T 15 52.42 50.37 -19.74
N GLY T 16 51.72 49.70 -20.65
CA GLY T 16 52.27 48.60 -21.41
C GLY T 16 51.74 47.24 -21.05
N GLY T 17 50.97 47.12 -19.96
CA GLY T 17 50.43 45.86 -19.53
C GLY T 17 49.12 45.52 -20.21
N LYS T 18 48.61 44.33 -19.90
CA LYS T 18 47.35 43.85 -20.45
C LYS T 18 46.32 43.75 -19.33
N VAL T 19 45.16 44.37 -19.54
CA VAL T 19 44.04 44.31 -18.59
C VAL T 19 42.84 43.75 -19.33
N THR T 20 42.30 42.64 -18.83
CA THR T 20 41.14 41.99 -19.40
C THR T 20 39.98 42.13 -18.43
N LEU T 21 38.97 42.91 -18.81
CA LEU T 21 37.79 43.12 -17.99
C LEU T 21 36.66 42.26 -18.54
N SER T 22 36.03 41.48 -17.67
CA SER T 22 35.03 40.50 -18.10
C SER T 22 33.65 40.88 -17.59
N CYS T 23 32.64 40.56 -18.39
CA CYS T 23 31.26 40.83 -18.08
C CYS T 23 30.44 39.57 -18.33
N ASN T 24 29.47 39.30 -17.45
CA ASN T 24 28.69 38.08 -17.53
C ASN T 24 27.23 38.39 -17.25
N GLN T 25 26.38 38.17 -18.25
CA GLN T 25 24.94 38.29 -18.09
C GLN T 25 24.31 36.91 -18.05
N THR T 26 23.13 36.82 -17.43
CA THR T 26 22.38 35.58 -17.34
C THR T 26 20.91 35.78 -17.68
N ASN T 27 20.59 36.88 -18.37
CA ASN T 27 19.20 37.23 -18.67
C ASN T 27 18.83 36.97 -20.13
N ASN T 28 19.66 36.21 -20.86
CA ASN T 28 19.42 35.92 -22.27
C ASN T 28 19.29 37.21 -23.09
N HIS T 29 20.22 38.12 -22.89
CA HIS T 29 20.26 39.38 -23.62
C HIS T 29 21.30 39.23 -24.73
N ASN T 30 20.84 39.22 -25.99
CA ASN T 30 21.76 39.03 -27.11
C ASN T 30 22.67 40.24 -27.32
N ASN T 31 22.26 41.43 -26.91
CA ASN T 31 23.06 42.64 -27.09
C ASN T 31 23.75 43.01 -25.79
N MET T 32 25.08 43.09 -25.84
CA MET T 32 25.89 43.50 -24.70
C MET T 32 26.79 44.66 -25.11
N TYR T 33 26.99 45.60 -24.18
CA TYR T 33 27.69 46.84 -24.47
C TYR T 33 28.81 47.04 -23.45
N TRP T 34 29.84 47.78 -23.86
CA TRP T 34 30.97 48.13 -22.99
C TRP T 34 31.16 49.64 -23.04
N TYR T 35 30.95 50.31 -21.92
CA TYR T 35 31.03 51.76 -21.82
C TYR T 35 32.22 52.17 -20.95
N ARG T 36 32.51 53.47 -20.97
CA ARG T 36 33.41 54.06 -19.98
C ARG T 36 32.86 55.42 -19.57
N GLN T 37 32.94 55.71 -18.27
CA GLN T 37 32.37 56.93 -17.69
C GLN T 37 33.51 57.82 -17.22
N ASP T 38 33.77 58.89 -17.97
CA ASP T 38 34.74 59.90 -17.58
C ASP T 38 34.02 61.21 -17.30
N THR T 39 34.52 61.95 -16.31
CA THR T 39 33.88 63.21 -15.92
C THR T 39 33.92 64.20 -17.07
N GLY T 40 32.76 64.70 -17.46
CA GLY T 40 32.63 65.63 -18.56
C GLY T 40 32.19 65.02 -19.88
N HIS T 41 32.09 63.69 -19.95
CA HIS T 41 31.69 63.00 -21.17
C HIS T 41 30.49 62.08 -20.99
N GLY T 42 30.13 61.73 -19.77
CA GLY T 42 29.07 60.75 -19.58
C GLY T 42 29.53 59.36 -19.98
N LEU T 43 28.60 58.55 -20.44
CA LEU T 43 28.91 57.21 -20.89
C LEU T 43 29.24 57.24 -22.39
N ARG T 44 30.30 56.53 -22.77
CA ARG T 44 30.78 56.53 -24.14
C ARG T 44 31.03 55.09 -24.57
N LEU T 45 30.37 54.66 -25.65
CA LEU T 45 30.47 53.29 -26.11
C LEU T 45 31.87 52.99 -26.64
N ILE T 46 32.48 51.91 -26.15
CA ILE T 46 33.79 51.50 -26.60
C ILE T 46 33.62 50.42 -27.66
N HIS T 47 32.99 49.31 -27.27
CA HIS T 47 32.67 48.23 -28.19
C HIS T 47 31.31 47.68 -27.80
N TYR T 48 30.70 46.92 -28.71
CA TYR T 48 29.43 46.27 -28.42
C TYR T 48 29.30 45.02 -29.29
N SER T 49 28.28 44.22 -28.98
CA SER T 49 28.09 42.95 -29.66
C SER T 49 26.61 42.65 -29.76
N TYR T 50 26.18 42.18 -30.92
CA TYR T 50 24.79 41.82 -31.18
C TYR T 50 24.51 40.35 -30.89
N GLY T 51 25.51 39.59 -30.49
CA GLY T 51 25.34 38.17 -30.25
C GLY T 51 26.69 37.50 -30.13
N ALA T 52 26.65 36.19 -29.90
CA ALA T 52 27.87 35.41 -29.75
C ALA T 52 28.66 35.40 -31.05
N GLY T 53 29.98 35.63 -30.94
CA GLY T 53 30.85 35.58 -32.09
C GLY T 53 31.17 36.96 -32.66
N SER T 54 30.20 37.86 -32.64
CA SER T 54 30.39 39.19 -33.20
C SER T 54 30.97 40.13 -32.15
N THR T 55 31.78 41.08 -32.63
CA THR T 55 32.32 42.14 -31.77
C THR T 55 32.50 43.40 -32.64
N GLU T 56 31.46 44.23 -32.66
CA GLU T 56 31.45 45.44 -33.46
C GLU T 56 32.06 46.61 -32.70
N LYS T 57 32.62 47.54 -33.45
CA LYS T 57 33.31 48.68 -32.87
C LYS T 57 32.32 49.76 -32.46
N GLY T 58 32.75 50.64 -31.56
CA GLY T 58 31.90 51.67 -31.04
C GLY T 58 32.37 53.09 -31.36
N ASP T 59 32.07 54.04 -30.46
CA ASP T 59 32.43 55.43 -30.70
C ASP T 59 33.92 55.68 -30.46
N ILE T 60 34.49 55.07 -29.42
CA ILE T 60 35.89 55.26 -29.09
C ILE T 60 36.59 53.91 -28.97
N PRO T 61 36.68 53.13 -30.05
CA PRO T 61 37.24 51.78 -29.93
C PRO T 61 38.76 51.71 -29.98
N ASP T 62 39.44 52.85 -30.20
CA ASP T 62 40.89 52.83 -30.31
C ASP T 62 41.53 52.60 -28.94
N GLY T 63 42.57 51.76 -28.93
CA GLY T 63 43.23 51.39 -27.70
C GLY T 63 42.61 50.21 -26.99
N TYR T 64 41.42 49.76 -27.41
CA TYR T 64 40.73 48.66 -26.77
C TYR T 64 40.47 47.56 -27.79
N LYS T 65 40.28 46.35 -27.27
CA LYS T 65 39.86 45.21 -28.09
C LYS T 65 38.79 44.45 -27.32
N ALA T 66 37.94 43.73 -28.05
CA ALA T 66 36.78 43.10 -27.43
C ALA T 66 36.56 41.72 -28.03
N SER T 67 35.84 40.88 -27.29
CA SER T 67 35.54 39.52 -27.71
C SER T 67 34.30 39.03 -26.99
N ARG T 68 33.42 38.36 -27.73
CA ARG T 68 32.19 37.77 -27.20
C ARG T 68 32.20 36.27 -27.48
N PRO T 69 32.69 35.45 -26.54
CA PRO T 69 32.74 34.01 -26.79
C PRO T 69 31.39 33.33 -26.67
N SER T 70 30.52 33.85 -25.80
CA SER T 70 29.20 33.28 -25.59
C SER T 70 28.19 34.41 -25.44
N GLN T 71 26.90 34.02 -25.50
CA GLN T 71 25.84 34.99 -25.26
C GLN T 71 25.94 35.60 -23.86
N GLU T 72 26.54 34.87 -22.93
CA GLU T 72 26.58 35.25 -21.52
C GLU T 72 27.92 35.88 -21.11
N ASN T 73 28.80 36.19 -22.05
CA ASN T 73 30.10 36.70 -21.69
C ASN T 73 30.63 37.66 -22.75
N PHE T 74 31.18 38.77 -22.28
CA PHE T 74 31.73 39.82 -23.13
C PHE T 74 32.93 40.42 -22.42
N SER T 75 34.07 40.48 -23.11
CA SER T 75 35.32 40.90 -22.50
C SER T 75 35.90 42.12 -23.21
N LEU T 76 36.58 42.96 -22.43
CA LEU T 76 37.29 44.13 -22.94
C LEU T 76 38.77 43.93 -22.67
N ILE T 77 39.56 43.74 -23.72
CA ILE T 77 40.98 43.45 -23.61
C ILE T 77 41.77 44.71 -23.95
N LEU T 78 42.67 45.10 -23.04
CA LEU T 78 43.51 46.28 -23.20
C LEU T 78 44.94 45.79 -23.45
N GLU T 79 45.28 45.58 -24.73
CA GLU T 79 46.57 44.99 -25.08
C GLU T 79 47.72 45.82 -24.53
N LEU T 80 47.72 47.12 -24.79
CA LEU T 80 48.78 48.02 -24.32
C LEU T 80 48.11 49.14 -23.53
N ALA T 81 48.21 49.06 -22.20
CA ALA T 81 47.55 50.03 -21.35
C ALA T 81 48.28 51.38 -21.42
N THR T 82 47.50 52.45 -21.40
CA THR T 82 48.00 53.81 -21.34
C THR T 82 47.32 54.52 -20.18
N PRO T 83 47.94 55.56 -19.62
CA PRO T 83 47.27 56.33 -18.57
C PRO T 83 45.98 56.98 -19.03
N SER T 84 45.77 57.12 -20.34
CA SER T 84 44.53 57.67 -20.86
C SER T 84 43.35 56.73 -20.63
N GLN T 85 43.60 55.45 -20.37
CA GLN T 85 42.55 54.47 -20.15
C GLN T 85 42.24 54.28 -18.67
N THR T 86 42.48 55.31 -17.86
CA THR T 86 42.12 55.30 -16.44
C THR T 86 40.71 55.87 -16.31
N SER T 87 39.75 55.01 -16.01
CA SER T 87 38.35 55.41 -15.92
C SER T 87 37.57 54.31 -15.20
N VAL T 88 36.25 54.50 -15.15
CA VAL T 88 35.32 53.49 -14.65
C VAL T 88 34.59 52.91 -15.85
N TYR T 89 34.59 51.59 -15.96
CA TYR T 89 34.02 50.88 -17.10
C TYR T 89 32.73 50.20 -16.69
N PHE T 90 31.68 50.40 -17.48
CA PHE T 90 30.36 49.84 -17.20
C PHE T 90 29.95 48.97 -18.38
N CYS T 91 29.63 47.70 -18.10
CA CYS T 91 29.09 46.81 -19.10
C CYS T 91 27.58 46.72 -18.92
N ALA T 92 26.85 46.71 -20.04
CA ALA T 92 25.41 46.69 -20.01
C ALA T 92 24.89 45.57 -20.91
N SER T 93 23.72 45.06 -20.56
CA SER T 93 23.05 44.05 -21.38
C SER T 93 21.62 44.49 -21.63
N GLY T 94 21.12 44.19 -22.82
CA GLY T 94 19.76 44.53 -23.16
C GLY T 94 19.36 43.86 -24.44
N ASP T 95 18.15 44.16 -24.88
CA ASP T 95 17.60 43.62 -26.12
C ASP T 95 17.47 44.74 -27.15
N PHE T 96 17.15 44.35 -28.38
CA PHE T 96 17.12 45.32 -29.47
C PHE T 96 15.95 46.30 -29.31
N GLY T 97 16.16 47.35 -28.53
CA GLY T 97 15.18 48.40 -28.29
C GLY T 97 13.78 47.92 -27.97
N GLY T 98 13.56 47.45 -26.74
CA GLY T 98 14.55 47.50 -25.68
C GLY T 98 14.16 48.54 -24.65
N TYR T 99 13.44 48.09 -23.60
CA TYR T 99 12.91 49.03 -22.62
C TYR T 99 14.01 49.59 -21.73
N GLU T 100 15.07 48.84 -21.49
CA GLU T 100 16.08 49.25 -20.53
C GLU T 100 17.39 48.55 -20.84
N GLN T 101 18.50 49.29 -20.74
CA GLN T 101 19.83 48.70 -20.73
C GLN T 101 20.22 48.43 -19.29
N TYR T 102 20.43 47.17 -18.95
CA TYR T 102 20.75 46.78 -17.58
C TYR T 102 22.25 46.86 -17.37
N PHE T 103 22.67 47.73 -16.46
CA PHE T 103 24.08 48.03 -16.28
C PHE T 103 24.71 47.16 -15.19
N GLY T 104 26.03 46.99 -15.28
CA GLY T 104 26.78 46.22 -14.33
C GLY T 104 27.40 47.07 -13.24
N PRO T 105 28.06 46.43 -12.27
CA PRO T 105 28.55 47.18 -11.10
C PRO T 105 29.55 48.28 -11.44
N GLY T 106 30.53 47.99 -12.29
CA GLY T 106 31.51 48.99 -12.66
C GLY T 106 32.90 48.64 -12.19
N THR T 107 33.90 48.86 -13.04
CA THR T 107 35.28 48.52 -12.74
C THR T 107 36.13 49.78 -12.73
N ARG T 108 36.90 49.96 -11.66
CA ARG T 108 37.78 51.12 -11.49
C ARG T 108 39.20 50.72 -11.87
N LEU T 109 39.64 51.18 -13.05
CA LEU T 109 40.98 50.89 -13.55
C LEU T 109 41.83 52.14 -13.45
N THR T 110 43.03 52.00 -12.87
CA THR T 110 43.96 53.11 -12.68
C THR T 110 45.31 52.70 -13.28
N VAL T 111 45.53 53.07 -14.54
CA VAL T 111 46.79 52.80 -15.21
C VAL T 111 47.81 53.86 -14.82
N LEU T 112 48.94 53.43 -14.31
CA LEU T 112 50.04 54.31 -13.95
C LEU T 112 51.20 54.11 -14.91
N GLU T 113 52.22 54.96 -14.78
CA GLU T 113 53.43 54.82 -15.57
C GLU T 113 54.49 53.98 -14.84
N ASP T 114 54.60 54.16 -13.53
CA ASP T 114 55.52 53.39 -12.71
C ASP T 114 54.81 53.02 -11.41
N LEU T 115 54.92 51.76 -11.00
CA LEU T 115 54.33 51.31 -9.75
C LEU T 115 55.06 51.81 -8.53
N LYS T 116 56.16 52.55 -8.70
CA LYS T 116 56.98 52.99 -7.57
C LYS T 116 56.34 54.12 -6.77
N ASN T 117 55.19 54.62 -7.19
CA ASN T 117 54.46 55.64 -6.46
C ASN T 117 53.31 55.09 -5.64
N VAL T 118 53.07 53.79 -5.71
CA VAL T 118 51.94 53.17 -5.02
C VAL T 118 52.32 53.00 -3.55
N PHE T 119 51.49 53.53 -2.66
CA PHE T 119 51.72 53.45 -1.22
C PHE T 119 50.41 53.09 -0.52
N PRO T 120 50.44 52.12 0.40
CA PRO T 120 49.22 51.82 1.16
C PRO T 120 48.94 52.93 2.16
N PRO T 121 47.68 53.08 2.56
CA PRO T 121 47.34 54.13 3.52
C PRO T 121 47.73 53.74 4.95
N GLU T 122 47.85 54.76 5.79
CA GLU T 122 48.00 54.59 7.23
C GLU T 122 46.74 55.11 7.91
N VAL T 123 46.14 54.27 8.76
CA VAL T 123 44.82 54.51 9.31
C VAL T 123 44.95 54.73 10.81
N ALA T 124 44.27 55.74 11.32
CA ALA T 124 44.24 56.04 12.74
C ALA T 124 42.84 56.46 13.15
N VAL T 125 42.36 55.92 14.26
CA VAL T 125 41.04 56.23 14.80
C VAL T 125 41.22 57.20 15.96
N PHE T 126 40.39 58.24 16.00
CA PHE T 126 40.48 59.29 17.00
C PHE T 126 39.22 59.27 17.87
N GLU T 127 39.42 59.12 19.17
CA GLU T 127 38.31 58.89 20.09
C GLU T 127 37.51 60.17 20.30
N PRO T 128 36.22 60.05 20.65
CA PRO T 128 35.37 61.23 20.76
C PRO T 128 35.81 62.17 21.88
N SER T 129 35.51 63.45 21.69
CA SER T 129 35.82 64.47 22.69
C SER T 129 34.84 64.40 23.85
N GLU T 130 35.37 64.58 25.07
CA GLU T 130 34.50 64.66 26.23
C GLU T 130 33.64 65.91 26.20
N ALA T 131 34.13 66.98 25.57
CA ALA T 131 33.33 68.20 25.43
C ALA T 131 32.08 67.93 24.60
N GLU T 132 32.20 67.14 23.53
CA GLU T 132 31.05 66.82 22.71
C GLU T 132 30.04 65.99 23.49
N ILE T 133 30.53 65.03 24.28
CA ILE T 133 29.63 64.19 25.07
C ILE T 133 28.91 65.03 26.12
N SER T 134 29.61 65.98 26.74
CA SER T 134 28.98 66.84 27.73
C SER T 134 27.95 67.76 27.08
N HIS T 135 28.30 68.37 25.95
CA HIS T 135 27.44 69.38 25.34
C HIS T 135 26.24 68.75 24.63
N THR T 136 26.44 67.66 23.90
CA THR T 136 25.41 67.10 23.03
C THR T 136 24.98 65.69 23.36
N GLN T 137 25.63 65.02 24.32
CA GLN T 137 25.30 63.65 24.71
C GLN T 137 25.39 62.69 23.52
N LYS T 138 26.36 62.95 22.64
CA LYS T 138 26.64 62.07 21.50
C LYS T 138 28.15 61.99 21.33
N ALA T 139 28.61 60.90 20.73
CA ALA T 139 30.03 60.64 20.54
C ALA T 139 30.31 60.44 19.06
N THR T 140 31.29 61.16 18.54
CA THR T 140 31.67 61.09 17.14
C THR T 140 33.09 60.54 17.02
N LEU T 141 33.27 59.57 16.12
CA LEU T 141 34.57 58.99 15.84
C LEU T 141 35.06 59.47 14.48
N VAL T 142 36.35 59.79 14.39
CA VAL T 142 36.97 60.24 13.16
C VAL T 142 38.06 59.24 12.79
N CYS T 143 38.06 58.80 11.54
CA CYS T 143 39.06 57.88 11.01
C CYS T 143 39.76 58.57 9.85
N LEU T 144 41.09 58.64 9.93
CA LEU T 144 41.91 59.24 8.88
C LEU T 144 42.76 58.17 8.22
N ALA T 145 42.65 58.06 6.90
CA ALA T 145 43.56 57.27 6.08
C ALA T 145 44.39 58.23 5.25
N THR T 146 45.71 58.20 5.45
CA THR T 146 46.60 59.20 4.88
C THR T 146 47.72 58.53 4.09
N GLY T 147 48.22 59.25 3.10
CA GLY T 147 49.39 58.81 2.34
C GLY T 147 49.17 57.59 1.46
N PHE T 148 48.06 57.55 0.74
CA PHE T 148 47.80 56.44 -0.17
C PHE T 148 47.72 56.94 -1.60
N TYR T 149 48.11 56.07 -2.53
CA TYR T 149 48.09 56.36 -3.95
C TYR T 149 48.07 55.04 -4.72
N PRO T 150 47.17 54.87 -5.70
CA PRO T 150 46.16 55.80 -6.22
C PRO T 150 44.98 56.08 -5.29
N ASP T 151 43.90 56.63 -5.84
CA ASP T 151 42.81 57.15 -5.02
C ASP T 151 41.88 56.06 -4.50
N HIS T 152 41.60 55.05 -5.33
CA HIS T 152 40.47 54.16 -5.05
C HIS T 152 40.79 53.26 -3.86
N VAL T 153 40.22 53.63 -2.71
CA VAL T 153 40.18 52.80 -1.52
C VAL T 153 38.76 52.82 -1.00
N GLU T 154 38.41 51.81 -0.20
CA GLU T 154 37.07 51.68 0.35
C GLU T 154 37.17 51.67 1.87
N LEU T 155 36.49 52.62 2.51
CA LEU T 155 36.51 52.77 3.97
C LEU T 155 35.21 52.22 4.54
N SER T 156 35.33 51.37 5.55
CA SER T 156 34.16 50.76 6.18
C SER T 156 34.35 50.78 7.69
N TRP T 157 33.26 51.04 8.41
CA TRP T 157 33.27 51.08 9.86
C TRP T 157 32.73 49.75 10.37
N TRP T 158 33.53 49.06 11.19
CA TRP T 158 33.18 47.72 11.67
C TRP T 158 33.07 47.75 13.19
N VAL T 159 31.84 47.71 13.71
CA VAL T 159 31.58 47.79 15.13
C VAL T 159 31.23 46.39 15.65
N ASN T 160 32.04 45.88 16.56
CA ASN T 160 31.83 44.57 17.18
C ASN T 160 31.77 43.46 16.13
N GLY T 161 32.55 43.62 15.07
CA GLY T 161 32.67 42.62 14.04
C GLY T 161 31.68 42.73 12.90
N LYS T 162 30.74 43.68 12.97
CA LYS T 162 29.71 43.86 11.95
C LYS T 162 29.85 45.24 11.33
N GLU T 163 29.57 45.32 10.03
CA GLU T 163 29.65 46.59 9.32
C GLU T 163 28.41 47.43 9.60
N VAL T 164 28.61 48.63 10.14
CA VAL T 164 27.51 49.55 10.43
C VAL T 164 27.36 50.51 9.26
N HIS T 165 26.14 51.00 9.07
CA HIS T 165 25.85 52.00 8.05
C HIS T 165 25.15 53.24 8.57
N SER T 166 24.65 53.21 9.81
CA SER T 166 23.99 54.38 10.39
C SER T 166 25.03 55.29 11.06
N GLY T 167 24.74 56.59 11.03
CA GLY T 167 25.64 57.57 11.60
C GLY T 167 27.02 57.61 10.97
N VAL T 168 27.17 57.07 9.77
CA VAL T 168 28.45 56.98 9.08
C VAL T 168 28.36 57.75 7.77
N CYS T 169 29.34 58.59 7.51
CA CYS T 169 29.51 59.16 6.18
C CYS T 169 30.98 59.38 5.93
N THR T 170 31.40 59.16 4.68
CA THR T 170 32.78 59.31 4.27
C THR T 170 32.86 60.43 3.25
N ASP T 171 34.01 61.10 3.21
CA ASP T 171 34.19 62.20 2.26
C ASP T 171 33.95 61.70 0.84
N PRO T 172 33.20 62.44 0.01
CA PRO T 172 32.96 61.99 -1.36
C PRO T 172 34.23 61.90 -2.19
N GLN T 173 35.19 62.79 -1.96
CA GLN T 173 36.41 62.86 -2.76
C GLN T 173 37.63 62.85 -1.85
N PRO T 174 38.60 61.98 -2.10
CA PRO T 174 39.89 62.10 -1.39
C PRO T 174 40.58 63.41 -1.76
N LEU T 175 41.28 63.98 -0.78
CA LEU T 175 41.99 65.23 -0.97
C LEU T 175 43.49 64.96 -1.05
N LYS T 176 44.19 65.81 -1.81
CA LYS T 176 45.62 65.63 -2.04
C LYS T 176 46.43 66.22 -0.89
N GLU T 177 47.37 65.42 -0.37
CA GLU T 177 48.27 65.92 0.66
C GLU T 177 49.18 67.01 0.12
N GLN T 178 49.68 66.82 -1.10
CA GLN T 178 50.54 67.81 -1.77
C GLN T 178 49.96 68.04 -3.15
N PRO T 179 49.01 68.98 -3.28
CA PRO T 179 48.31 69.15 -4.56
C PRO T 179 49.20 69.60 -5.70
N ALA T 180 50.36 70.20 -5.41
CA ALA T 180 51.23 70.67 -6.47
C ALA T 180 51.86 69.51 -7.23
N LEU T 181 52.27 68.46 -6.52
CA LEU T 181 53.03 67.38 -7.13
C LEU T 181 52.13 66.47 -7.97
N ASN T 182 52.68 65.99 -9.09
CA ASN T 182 52.07 64.86 -9.77
C ASN T 182 52.36 63.58 -9.00
N ASP T 183 51.45 62.62 -9.12
CA ASP T 183 51.52 61.37 -8.36
C ASP T 183 51.58 61.66 -6.86
N SER T 184 50.76 62.61 -6.42
CA SER T 184 50.70 62.96 -5.01
C SER T 184 49.93 61.92 -4.22
N ARG T 185 50.27 61.79 -2.93
CA ARG T 185 49.63 60.83 -2.05
C ARG T 185 48.39 61.46 -1.41
N TYR T 186 47.32 60.69 -1.34
CA TYR T 186 46.00 61.20 -0.99
C TYR T 186 45.68 60.95 0.47
N ALA T 187 44.60 61.57 0.93
CA ALA T 187 44.09 61.40 2.28
C ALA T 187 42.57 61.36 2.26
N LEU T 188 41.99 60.69 3.25
CA LEU T 188 40.54 60.53 3.32
C LEU T 188 40.11 60.48 4.78
N SER T 189 38.86 60.84 5.03
CA SER T 189 38.31 60.88 6.38
C SER T 189 36.90 60.32 6.38
N SER T 190 36.46 59.87 7.56
CA SER T 190 35.11 59.37 7.74
C SER T 190 34.67 59.61 9.17
N ARG T 191 33.36 59.65 9.36
CA ARG T 191 32.76 59.95 10.65
C ARG T 191 31.80 58.84 11.07
N LEU T 192 31.68 58.63 12.38
CA LEU T 192 30.72 57.70 12.94
C LEU T 192 30.23 58.26 14.27
N ARG T 193 28.94 58.57 14.34
CA ARG T 193 28.33 59.08 15.56
C ARG T 193 27.46 58.01 16.19
N VAL T 194 27.73 57.71 17.46
CA VAL T 194 26.93 56.78 18.23
C VAL T 194 26.38 57.54 19.44
N SER T 195 25.33 56.97 20.04
CA SER T 195 24.87 57.49 21.32
C SER T 195 26.01 57.47 22.32
N ALA T 196 26.06 58.49 23.18
CA ALA T 196 27.08 58.52 24.22
C ALA T 196 27.10 57.21 24.99
N THR T 197 25.93 56.72 25.38
CA THR T 197 25.82 55.47 26.14
C THR T 197 26.54 54.32 25.44
N PHE T 198 26.45 54.25 24.11
CA PHE T 198 27.15 53.19 23.39
C PHE T 198 28.65 53.30 23.54
N TRP T 199 29.19 54.52 23.38
CA TRP T 199 30.63 54.70 23.51
C TRP T 199 31.10 54.40 24.93
N GLN T 200 30.29 54.74 25.94
CA GLN T 200 30.70 54.54 27.32
C GLN T 200 30.94 53.06 27.60
N ASN T 201 30.08 52.19 27.06
CA ASN T 201 30.20 50.77 27.32
C ASN T 201 31.56 50.22 26.87
N PRO T 202 32.40 49.75 27.79
CA PRO T 202 33.75 49.33 27.40
C PRO T 202 33.78 48.01 26.64
N ARG T 203 32.64 47.33 26.52
CA ARG T 203 32.59 46.07 25.78
C ARG T 203 32.41 46.30 24.28
N ASN T 204 31.98 47.50 23.88
CA ASN T 204 31.80 47.81 22.46
C ASN T 204 33.15 48.07 21.81
N HIS T 205 33.40 47.38 20.71
CA HIS T 205 34.66 47.48 19.97
C HIS T 205 34.44 48.20 18.66
N PHE T 206 35.22 49.25 18.42
CA PHE T 206 35.12 50.07 17.21
C PHE T 206 36.37 49.88 16.37
N ARG T 207 36.19 49.61 15.09
CA ARG T 207 37.31 49.40 14.18
C ARG T 207 37.02 50.09 12.84
N CYS T 208 38.01 50.81 12.34
CA CYS T 208 37.92 51.46 11.04
C CYS T 208 38.76 50.68 10.03
N GLN T 209 38.13 50.20 8.97
CA GLN T 209 38.75 49.35 7.97
C GLN T 209 38.86 50.09 6.65
N VAL T 210 40.04 50.03 6.03
CA VAL T 210 40.28 50.71 4.75
C VAL T 210 40.85 49.68 3.78
N GLN T 211 40.03 49.25 2.83
CA GLN T 211 40.47 48.34 1.78
C GLN T 211 41.24 49.13 0.73
N PHE T 212 42.53 48.84 0.60
CA PHE T 212 43.39 49.47 -0.40
C PHE T 212 43.55 48.52 -1.57
N TYR T 213 43.15 48.96 -2.76
CA TYR T 213 43.32 48.19 -3.98
C TYR T 213 44.57 48.67 -4.69
N GLY T 214 45.63 47.87 -4.61
CA GLY T 214 46.90 48.23 -5.22
C GLY T 214 47.41 47.21 -6.20
N LEU T 215 48.54 46.57 -5.86
CA LEU T 215 49.14 45.60 -6.76
C LEU T 215 48.52 44.21 -6.52
N SER T 216 48.71 43.34 -7.50
CA SER T 216 48.21 41.98 -7.44
C SER T 216 49.37 41.01 -7.26
N GLU T 217 49.04 39.72 -7.16
CA GLU T 217 50.07 38.69 -7.00
C GLU T 217 50.98 38.64 -8.22
N ASN T 218 50.39 38.72 -9.41
CA ASN T 218 51.17 38.54 -10.64
C ASN T 218 52.02 39.76 -10.97
N ASP T 219 51.76 40.91 -10.35
CA ASP T 219 52.59 42.08 -10.57
C ASP T 219 53.98 41.86 -10.01
N GLU T 220 54.95 42.55 -10.62
CA GLU T 220 56.36 42.41 -10.26
C GLU T 220 56.80 43.62 -9.45
N TRP T 221 57.47 43.36 -8.33
CA TRP T 221 57.96 44.40 -7.44
C TRP T 221 59.49 44.38 -7.44
N THR T 222 60.10 45.57 -7.55
CA THR T 222 61.55 45.69 -7.57
C THR T 222 62.09 46.66 -6.52
N GLN T 223 61.22 47.31 -5.74
CA GLN T 223 61.67 48.30 -4.77
C GLN T 223 62.13 47.61 -3.48
N ASP T 224 62.56 48.44 -2.53
CA ASP T 224 63.02 47.97 -1.23
C ASP T 224 62.00 48.15 -0.12
N ARG T 225 60.72 48.26 -0.47
CA ARG T 225 59.63 48.35 0.48
C ARG T 225 58.83 47.06 0.45
N ALA T 226 57.76 47.02 1.24
CA ALA T 226 56.77 45.97 1.09
C ALA T 226 55.97 46.21 -0.19
N LYS T 227 55.57 45.12 -0.83
CA LYS T 227 54.80 45.21 -2.06
C LYS T 227 53.41 45.77 -1.75
N PRO T 228 53.06 46.97 -2.24
CA PRO T 228 51.73 47.51 -1.94
C PRO T 228 50.61 46.74 -2.62
N VAL T 229 50.31 45.56 -2.11
CA VAL T 229 49.30 44.69 -2.71
C VAL T 229 47.92 45.16 -2.28
N THR T 230 46.89 44.63 -2.93
CA THR T 230 45.52 44.81 -2.45
C THR T 230 45.41 44.26 -1.04
N GLN T 231 45.27 45.14 -0.05
CA GLN T 231 45.32 44.74 1.34
C GLN T 231 44.32 45.57 2.15
N ILE T 232 44.30 45.31 3.44
CA ILE T 232 43.41 45.98 4.38
C ILE T 232 44.28 46.59 5.48
N VAL T 233 44.06 47.87 5.75
CA VAL T 233 44.73 48.57 6.85
C VAL T 233 43.65 49.05 7.80
N SER T 234 43.76 48.68 9.07
CA SER T 234 42.73 48.97 10.06
C SER T 234 43.32 49.69 11.25
N ALA T 235 42.44 50.41 11.95
CA ALA T 235 42.75 50.99 13.24
C ALA T 235 41.53 50.82 14.14
N GLU T 236 41.78 50.65 15.43
CA GLU T 236 40.71 50.32 16.36
C GLU T 236 40.74 51.24 17.57
N ALA T 237 39.60 51.31 18.25
CA ALA T 237 39.46 52.05 19.49
C ALA T 237 38.39 51.38 20.32
N TRP T 238 38.52 51.48 21.65
CA TRP T 238 37.63 50.82 22.57
C TRP T 238 36.84 51.84 23.38
N GLY T 239 35.63 51.47 23.77
CA GLY T 239 34.82 52.34 24.59
C GLY T 239 35.41 52.55 25.97
N ARG T 240 35.16 53.73 26.54
CA ARG T 240 35.73 54.09 27.82
C ARG T 240 34.77 55.00 28.57
N ALA T 241 34.57 54.71 29.85
CA ALA T 241 33.76 55.58 30.69
C ALA T 241 34.51 56.86 31.08
N ASP T 242 35.84 56.77 31.21
CA ASP T 242 36.70 57.91 31.51
C ASP T 242 36.25 58.66 32.78
N GLY U 1 -53.32 5.69 64.63
CA GLY U 1 -52.53 4.48 64.54
C GLY U 1 -53.17 3.41 63.67
N SER U 2 -52.47 2.29 63.51
CA SER U 2 -52.99 1.19 62.69
C SER U 2 -54.23 0.60 63.34
N HIS U 3 -55.35 0.68 62.61
CA HIS U 3 -56.62 0.12 63.06
C HIS U 3 -56.91 -1.17 62.31
N SER U 4 -57.87 -1.94 62.84
CA SER U 4 -58.14 -3.26 62.30
C SER U 4 -59.62 -3.59 62.41
N MET U 5 -60.06 -4.51 61.57
CA MET U 5 -61.40 -5.09 61.62
C MET U 5 -61.27 -6.59 61.45
N ARG U 6 -61.94 -7.36 62.31
CA ARG U 6 -61.81 -8.81 62.26
C ARG U 6 -63.15 -9.45 62.57
N TYR U 7 -63.57 -10.36 61.70
CA TYR U 7 -64.78 -11.13 61.90
C TYR U 7 -64.38 -12.55 62.32
N PHE U 8 -65.02 -13.08 63.35
CA PHE U 8 -64.73 -14.41 63.86
C PHE U 8 -65.94 -15.31 63.67
N TYR U 9 -65.69 -16.53 63.16
CA TYR U 9 -66.75 -17.48 62.86
C TYR U 9 -66.52 -18.77 63.66
N THR U 10 -67.59 -19.32 64.22
CA THR U 10 -67.52 -20.60 64.91
C THR U 10 -68.76 -21.41 64.54
N SER U 11 -68.53 -22.62 64.01
CA SER U 11 -69.61 -23.53 63.61
C SER U 11 -69.38 -24.87 64.29
N VAL U 12 -70.27 -25.23 65.20
CA VAL U 12 -70.17 -26.48 65.94
C VAL U 12 -71.21 -27.45 65.40
N SER U 13 -70.76 -28.57 64.84
CA SER U 13 -71.67 -29.62 64.43
C SER U 13 -72.28 -30.30 65.65
N ARG U 14 -73.58 -30.55 65.58
CA ARG U 14 -74.32 -31.17 66.69
C ARG U 14 -75.03 -32.40 66.17
N PRO U 15 -74.30 -33.50 65.96
CA PRO U 15 -74.94 -34.72 65.43
C PRO U 15 -75.90 -35.32 66.46
N GLY U 16 -77.12 -35.58 66.02
CA GLY U 16 -78.17 -36.05 66.91
C GLY U 16 -78.85 -34.96 67.69
N ARG U 17 -78.41 -33.71 67.58
CA ARG U 17 -79.04 -32.58 68.24
C ARG U 17 -79.66 -31.59 67.26
N GLY U 18 -79.42 -31.75 65.97
CA GLY U 18 -79.98 -30.85 64.98
C GLY U 18 -78.94 -30.31 64.02
N GLU U 19 -79.12 -29.07 63.59
CA GLU U 19 -78.22 -28.42 62.66
C GLU U 19 -77.05 -27.79 63.39
N PRO U 20 -75.92 -27.57 62.69
CA PRO U 20 -74.76 -26.95 63.34
C PRO U 20 -75.08 -25.55 63.86
N ARG U 21 -74.43 -25.19 64.97
CA ARG U 21 -74.62 -23.89 65.59
C ARG U 21 -73.58 -22.91 65.05
N PHE U 22 -74.03 -21.72 64.66
CA PHE U 22 -73.18 -20.72 64.02
C PHE U 22 -73.19 -19.44 64.86
N ILE U 23 -72.07 -19.13 65.48
CA ILE U 23 -71.87 -17.87 66.18
C ILE U 23 -70.87 -17.04 65.40
N ALA U 24 -71.15 -15.75 65.25
CA ALA U 24 -70.33 -14.86 64.43
C ALA U 24 -70.20 -13.51 65.14
N VAL U 25 -68.99 -13.18 65.56
CA VAL U 25 -68.72 -11.90 66.20
C VAL U 25 -67.82 -11.07 65.28
N GLY U 26 -67.94 -9.75 65.40
CA GLY U 26 -67.11 -8.84 64.63
C GLY U 26 -66.49 -7.79 65.52
N TYR U 27 -65.19 -7.55 65.31
CA TYR U 27 -64.42 -6.67 66.19
C TYR U 27 -63.71 -5.63 65.34
N VAL U 28 -64.01 -4.35 65.58
CA VAL U 28 -63.19 -3.26 65.07
C VAL U 28 -62.21 -2.88 66.17
N ASP U 29 -60.92 -3.02 65.90
CA ASP U 29 -59.85 -2.90 66.90
C ASP U 29 -60.14 -3.94 67.97
N ASP U 30 -60.35 -3.56 69.24
CA ASP U 30 -60.70 -4.50 70.29
C ASP U 30 -62.12 -4.26 70.79
N THR U 31 -63.02 -3.82 69.91
CA THR U 31 -64.38 -3.44 70.29
C THR U 31 -65.37 -4.19 69.41
N GLN U 32 -66.18 -5.04 70.02
CA GLN U 32 -67.19 -5.79 69.29
C GLN U 32 -68.28 -4.86 68.77
N PHE U 33 -68.83 -5.19 67.60
CA PHE U 33 -69.90 -4.37 67.04
C PHE U 33 -71.01 -5.15 66.36
N VAL U 34 -70.82 -6.43 66.00
CA VAL U 34 -71.90 -7.24 65.42
C VAL U 34 -71.86 -8.63 66.05
N ARG U 35 -72.99 -9.33 65.93
CA ARG U 35 -73.15 -10.65 66.53
C ARG U 35 -74.33 -11.35 65.86
N PHE U 36 -74.19 -12.67 65.70
CA PHE U 36 -75.25 -13.51 65.15
C PHE U 36 -75.14 -14.89 65.76
N ASP U 37 -76.26 -15.42 66.27
CA ASP U 37 -76.34 -16.77 66.83
C ASP U 37 -77.42 -17.55 66.10
N SER U 38 -77.07 -18.75 65.65
CA SER U 38 -78.06 -19.59 64.96
C SER U 38 -79.08 -20.17 65.92
N ASP U 39 -78.70 -20.34 67.19
CA ASP U 39 -79.62 -20.82 68.22
C ASP U 39 -80.26 -19.68 69.00
N ALA U 40 -80.47 -18.54 68.35
CA ALA U 40 -81.14 -17.40 68.94
C ALA U 40 -82.56 -17.29 68.41
N ALA U 41 -83.28 -16.28 68.87
CA ALA U 41 -84.65 -16.04 68.44
C ALA U 41 -84.77 -14.99 67.36
N SER U 42 -83.92 -13.97 67.40
CA SER U 42 -83.98 -12.89 66.42
C SER U 42 -83.69 -13.40 65.02
N GLN U 43 -82.73 -14.32 64.89
CA GLN U 43 -82.24 -14.81 63.60
C GLN U 43 -81.91 -13.63 62.68
N ARG U 44 -81.20 -12.66 63.26
CA ARG U 44 -80.86 -11.43 62.57
C ARG U 44 -79.56 -10.90 63.17
N MET U 45 -78.80 -10.17 62.36
CA MET U 45 -77.57 -9.57 62.86
C MET U 45 -77.91 -8.52 63.92
N GLU U 46 -77.34 -8.68 65.12
CA GLU U 46 -77.69 -7.82 66.24
C GLU U 46 -76.57 -6.83 66.53
N PRO U 47 -76.88 -5.54 66.67
CA PRO U 47 -75.84 -4.57 67.04
C PRO U 47 -75.28 -4.86 68.43
N ARG U 48 -73.99 -4.58 68.59
CA ARG U 48 -73.33 -4.74 69.88
C ARG U 48 -72.43 -3.55 70.21
N ALA U 49 -72.64 -2.41 69.57
CA ALA U 49 -71.83 -1.22 69.77
C ALA U 49 -72.71 0.00 69.51
N PRO U 50 -72.43 1.12 70.18
CA PRO U 50 -73.29 2.30 70.02
C PRO U 50 -73.18 2.98 68.66
N TRP U 51 -72.10 2.78 67.92
CA TRP U 51 -71.91 3.48 66.66
C TRP U 51 -72.46 2.70 65.46
N ILE U 52 -72.83 1.45 65.64
CA ILE U 52 -73.37 0.64 64.55
C ILE U 52 -74.89 0.71 64.47
N GLU U 53 -75.55 1.22 65.51
CA GLU U 53 -76.99 1.39 65.47
C GLU U 53 -77.40 2.45 64.45
N GLN U 54 -76.51 3.40 64.16
CA GLN U 54 -76.79 4.45 63.20
C GLN U 54 -77.17 3.88 61.84
N GLU U 55 -76.59 2.74 61.47
CA GLU U 55 -76.84 2.16 60.16
C GLU U 55 -78.30 1.74 60.03
N GLY U 56 -78.87 1.99 58.85
CA GLY U 56 -80.27 1.78 58.64
C GLY U 56 -80.66 0.32 58.56
N PRO U 57 -81.95 0.06 58.38
CA PRO U 57 -82.42 -1.33 58.30
C PRO U 57 -81.83 -2.10 57.15
N GLU U 58 -81.47 -1.42 56.06
CA GLU U 58 -80.87 -2.09 54.91
C GLU U 58 -79.55 -2.75 55.29
N TYR U 59 -78.73 -2.06 56.09
CA TYR U 59 -77.47 -2.64 56.54
C TYR U 59 -77.71 -3.92 57.32
N TRP U 60 -78.69 -3.91 58.23
CA TRP U 60 -78.93 -5.09 59.04
C TRP U 60 -79.59 -6.21 58.26
N ASP U 61 -80.36 -5.87 57.21
CA ASP U 61 -80.94 -6.90 56.37
C ASP U 61 -79.86 -7.62 55.57
N GLN U 62 -78.95 -6.87 54.96
CA GLN U 62 -77.92 -7.49 54.14
C GLN U 62 -76.92 -8.27 54.99
N GLU U 63 -76.57 -7.76 56.17
CA GLU U 63 -75.64 -8.46 57.04
C GLU U 63 -76.24 -9.77 57.55
N THR U 64 -77.56 -9.76 57.81
CA THR U 64 -78.25 -10.99 58.18
C THR U 64 -78.21 -12.00 57.04
N ARG U 65 -78.52 -11.55 55.81
CA ARG U 65 -78.51 -12.43 54.66
C ARG U 65 -77.12 -13.02 54.43
N ASN U 66 -76.11 -12.17 54.40
CA ASN U 66 -74.77 -12.63 54.06
C ASN U 66 -74.19 -13.54 55.12
N VAL U 67 -74.42 -13.23 56.41
CA VAL U 67 -73.90 -14.09 57.46
C VAL U 67 -74.65 -15.42 57.50
N LYS U 68 -75.92 -15.42 57.09
CA LYS U 68 -76.65 -16.67 56.97
C LYS U 68 -76.13 -17.53 55.83
N ALA U 69 -75.50 -16.93 54.83
CA ALA U 69 -74.94 -17.69 53.73
C ALA U 69 -73.73 -18.50 54.18
N GLN U 70 -72.91 -17.93 55.06
CA GLN U 70 -71.76 -18.67 55.57
C GLN U 70 -72.19 -19.83 56.47
N SER U 71 -73.32 -19.68 57.17
CA SER U 71 -73.84 -20.79 57.96
C SER U 71 -74.19 -21.98 57.08
N GLN U 72 -74.82 -21.71 55.93
CA GLN U 72 -75.14 -22.79 54.99
C GLN U 72 -73.88 -23.35 54.36
N THR U 73 -72.90 -22.50 54.05
CA THR U 73 -71.66 -22.96 53.46
C THR U 73 -70.92 -23.89 54.41
N ASP U 74 -70.78 -23.49 55.67
CA ASP U 74 -70.09 -24.33 56.64
C ASP U 74 -70.83 -25.64 56.88
N ARG U 75 -72.17 -25.61 56.85
CA ARG U 75 -72.97 -26.82 57.10
C ARG U 75 -72.49 -27.99 56.26
N VAL U 76 -72.34 -27.79 54.95
CA VAL U 76 -71.89 -28.86 54.08
C VAL U 76 -70.39 -29.09 54.23
N ASP U 77 -69.64 -28.05 54.63
CA ASP U 77 -68.20 -28.20 54.78
C ASP U 77 -67.85 -29.05 56.00
N LEU U 78 -68.71 -29.06 57.03
CA LEU U 78 -68.49 -29.95 58.16
C LEU U 78 -68.46 -31.41 57.73
N GLY U 79 -69.42 -31.82 56.89
CA GLY U 79 -69.43 -33.19 56.40
C GLY U 79 -68.28 -33.48 55.45
N THR U 80 -67.93 -32.50 54.61
CA THR U 80 -66.81 -32.67 53.70
C THR U 80 -65.51 -32.91 54.47
N LEU U 81 -65.26 -32.10 55.50
CA LEU U 81 -64.06 -32.29 56.31
C LEU U 81 -64.14 -33.58 57.11
N ARG U 82 -65.34 -33.94 57.56
CA ARG U 82 -65.52 -35.20 58.27
C ARG U 82 -65.06 -36.38 57.43
N GLY U 83 -65.50 -36.42 56.16
CA GLY U 83 -65.10 -37.52 55.30
C GLY U 83 -63.62 -37.47 54.95
N TYR U 84 -63.05 -36.28 54.83
CA TYR U 84 -61.63 -36.14 54.53
C TYR U 84 -60.79 -36.87 55.56
N TYR U 85 -61.16 -36.76 56.84
CA TYR U 85 -60.43 -37.38 57.93
C TYR U 85 -61.00 -38.73 58.33
N ASN U 86 -62.05 -39.19 57.65
CA ASN U 86 -62.73 -40.45 57.94
C ASN U 86 -63.20 -40.50 59.39
N GLN U 87 -64.00 -39.51 59.77
CA GLN U 87 -64.62 -39.46 61.08
C GLN U 87 -66.06 -39.94 60.99
N SER U 88 -66.66 -40.18 62.15
CA SER U 88 -68.01 -40.73 62.22
C SER U 88 -69.05 -39.62 62.29
N GLU U 89 -70.31 -40.01 62.08
CA GLU U 89 -71.43 -39.07 62.04
C GLU U 89 -72.13 -38.95 63.39
N ASP U 90 -71.37 -39.02 64.49
CA ASP U 90 -71.93 -38.84 65.82
C ASP U 90 -71.17 -37.87 66.70
N GLY U 91 -69.89 -37.59 66.41
CA GLY U 91 -69.11 -36.68 67.23
C GLY U 91 -69.19 -35.25 66.75
N SER U 92 -69.12 -34.32 67.70
CA SER U 92 -69.17 -32.90 67.38
C SER U 92 -67.83 -32.41 66.86
N HIS U 93 -67.87 -31.54 65.86
CA HIS U 93 -66.66 -31.01 65.24
C HIS U 93 -66.85 -29.51 65.00
N THR U 94 -65.74 -28.78 64.92
CA THR U 94 -65.76 -27.32 64.86
C THR U 94 -64.97 -26.81 63.67
N ILE U 95 -65.56 -25.84 62.96
CA ILE U 95 -64.89 -25.11 61.88
C ILE U 95 -64.82 -23.64 62.29
N GLN U 96 -63.61 -23.11 62.35
CA GLN U 96 -63.38 -21.75 62.82
C GLN U 96 -62.71 -20.94 61.72
N ILE U 97 -63.22 -19.72 61.50
CA ILE U 97 -62.76 -18.84 60.43
C ILE U 97 -62.45 -17.48 61.02
N MET U 98 -61.29 -16.93 60.65
CA MET U 98 -60.92 -15.57 61.02
C MET U 98 -60.45 -14.84 59.77
N TYR U 99 -61.02 -13.67 59.51
CA TYR U 99 -60.64 -12.87 58.36
C TYR U 99 -60.84 -11.40 58.69
N GLY U 100 -60.06 -10.55 58.02
CA GLY U 100 -60.17 -9.13 58.23
C GLY U 100 -59.06 -8.38 57.53
N CYS U 101 -59.16 -7.05 57.57
CA CYS U 101 -58.22 -6.16 56.94
C CYS U 101 -57.52 -5.30 57.99
N ASP U 102 -56.46 -4.63 57.58
CA ASP U 102 -55.69 -3.75 58.45
C ASP U 102 -55.39 -2.45 57.71
N VAL U 103 -55.91 -1.34 58.21
CA VAL U 103 -55.58 -0.03 57.70
C VAL U 103 -54.55 0.61 58.61
N GLY U 104 -53.97 1.73 58.17
CA GLY U 104 -52.97 2.41 58.93
C GLY U 104 -53.41 3.80 59.33
N PRO U 105 -52.46 4.62 59.78
CA PRO U 105 -52.79 6.01 60.11
C PRO U 105 -53.29 6.80 58.92
N ASP U 106 -52.94 6.38 57.71
CA ASP U 106 -53.38 7.03 56.48
C ASP U 106 -54.75 6.57 56.00
N GLY U 107 -55.36 5.60 56.67
CA GLY U 107 -56.60 5.03 56.17
C GLY U 107 -56.41 4.23 54.89
N ARG U 108 -55.28 3.54 54.78
CA ARG U 108 -54.90 2.82 53.57
C ARG U 108 -54.66 1.35 53.91
N PHE U 109 -54.93 0.48 52.95
CA PHE U 109 -54.75 -0.95 53.16
C PHE U 109 -53.29 -1.26 53.48
N LEU U 110 -53.07 -2.09 54.49
CA LEU U 110 -51.74 -2.56 54.86
C LEU U 110 -51.57 -4.06 54.64
N ARG U 111 -52.53 -4.87 55.09
CA ARG U 111 -52.35 -6.32 55.09
C ARG U 111 -53.69 -6.98 55.37
N GLY U 112 -53.92 -8.11 54.73
CA GLY U 112 -55.17 -8.84 54.85
C GLY U 112 -54.96 -10.23 55.40
N TYR U 113 -56.01 -10.78 56.01
CA TYR U 113 -55.95 -12.07 56.67
C TYR U 113 -57.12 -12.94 56.25
N ARG U 114 -56.85 -14.25 56.25
CA ARG U 114 -57.91 -15.25 56.10
C ARG U 114 -57.32 -16.57 56.57
N GLN U 115 -57.83 -17.09 57.68
CA GLN U 115 -57.32 -18.32 58.28
C GLN U 115 -58.49 -19.20 58.67
N ASP U 116 -58.44 -20.47 58.29
CA ASP U 116 -59.49 -21.43 58.58
C ASP U 116 -58.92 -22.57 59.42
N ALA U 117 -59.78 -23.18 60.23
CA ALA U 117 -59.33 -24.18 61.18
C ALA U 117 -60.37 -25.29 61.32
N TYR U 118 -59.92 -26.43 61.83
CA TYR U 118 -60.77 -27.59 62.08
C TYR U 118 -60.37 -28.22 63.40
N ASP U 119 -61.28 -28.20 64.38
CA ASP U 119 -61.04 -28.79 65.71
C ASP U 119 -59.82 -28.19 66.38
N GLY U 120 -59.77 -26.85 66.41
CA GLY U 120 -58.67 -26.15 67.07
C GLY U 120 -57.33 -26.33 66.42
N LYS U 121 -57.29 -26.66 65.13
CA LYS U 121 -56.05 -26.91 64.41
C LYS U 121 -56.13 -26.19 63.07
N ASP U 122 -55.01 -25.61 62.65
CA ASP U 122 -54.98 -24.90 61.36
C ASP U 122 -55.36 -25.86 60.23
N TYR U 123 -56.17 -25.35 59.30
CA TYR U 123 -56.57 -26.10 58.12
C TYR U 123 -56.01 -25.45 56.85
N ILE U 124 -56.44 -24.25 56.51
CA ILE U 124 -55.93 -23.52 55.36
C ILE U 124 -55.77 -22.06 55.75
N ALA U 125 -54.94 -21.34 55.00
CA ALA U 125 -54.63 -19.95 55.33
C ALA U 125 -54.22 -19.18 54.09
N LEU U 126 -54.87 -18.05 53.86
CA LEU U 126 -54.44 -17.13 52.80
C LEU U 126 -53.14 -16.46 53.21
N ASN U 127 -52.13 -16.54 52.34
CA ASN U 127 -50.84 -15.95 52.63
C ASN U 127 -50.90 -14.43 52.47
N GLU U 128 -49.84 -13.77 52.93
CA GLU U 128 -49.81 -12.31 52.91
C GLU U 128 -49.94 -11.75 51.50
N ASP U 129 -49.46 -12.49 50.50
CA ASP U 129 -49.59 -12.03 49.12
C ASP U 129 -51.03 -12.00 48.64
N LEU U 130 -51.98 -12.54 49.42
CA LEU U 130 -53.40 -12.57 49.07
C LEU U 130 -53.62 -13.22 47.71
N ARG U 131 -52.72 -14.13 47.33
CA ARG U 131 -52.74 -14.77 46.04
C ARG U 131 -52.47 -16.27 46.10
N SER U 132 -52.04 -16.79 47.25
CA SER U 132 -51.68 -18.19 47.39
C SER U 132 -52.14 -18.68 48.77
N TRP U 133 -52.42 -19.98 48.85
CA TRP U 133 -52.91 -20.60 50.07
C TRP U 133 -51.82 -21.49 50.68
N THR U 134 -51.95 -21.73 51.99
CA THR U 134 -51.03 -22.61 52.71
C THR U 134 -51.84 -23.68 53.41
N ALA U 135 -51.55 -24.94 53.12
CA ALA U 135 -52.24 -26.07 53.73
C ALA U 135 -51.40 -26.65 54.86
N ALA U 136 -52.09 -27.12 55.90
CA ALA U 136 -51.41 -27.71 57.04
C ALA U 136 -51.21 -29.21 56.90
N ASP U 137 -52.26 -29.88 56.41
CA ASP U 137 -52.20 -31.36 56.23
C ASP U 137 -52.43 -31.69 54.76
N MET U 138 -52.55 -32.98 54.45
CA MET U 138 -52.81 -33.41 53.08
C MET U 138 -54.27 -33.23 52.69
N ALA U 139 -55.19 -33.37 53.66
CA ALA U 139 -56.60 -33.14 53.38
C ALA U 139 -56.88 -31.67 53.07
N ALA U 140 -56.08 -30.77 53.63
CA ALA U 140 -56.22 -29.36 53.30
C ALA U 140 -55.76 -29.05 51.89
N GLN U 141 -54.87 -29.88 51.33
CA GLN U 141 -54.46 -29.70 49.94
C GLN U 141 -55.63 -29.96 48.99
N ILE U 142 -56.53 -30.87 49.36
CA ILE U 142 -57.75 -31.07 48.59
C ILE U 142 -58.55 -29.79 48.53
N THR U 143 -58.71 -29.12 49.69
CA THR U 143 -59.38 -27.83 49.72
C THR U 143 -58.59 -26.78 48.95
N LYS U 144 -57.26 -26.80 49.07
CA LYS U 144 -56.42 -25.85 48.36
C LYS U 144 -56.60 -25.99 46.86
N ARG U 145 -56.54 -27.22 46.35
CA ARG U 145 -56.66 -27.42 44.90
C ARG U 145 -58.03 -27.01 44.40
N LYS U 146 -59.08 -27.31 45.17
CA LYS U 146 -60.42 -26.84 44.82
C LYS U 146 -60.48 -25.32 44.82
N TRP U 147 -59.90 -24.69 45.84
CA TRP U 147 -59.98 -23.24 45.98
C TRP U 147 -59.08 -22.53 44.98
N GLU U 148 -57.95 -23.15 44.62
CA GLU U 148 -57.06 -22.55 43.64
C GLU U 148 -57.70 -22.50 42.26
N ALA U 149 -58.47 -23.54 41.91
CA ALA U 149 -59.15 -23.58 40.63
C ALA U 149 -60.44 -22.75 40.64
N ALA U 150 -60.99 -22.47 41.82
CA ALA U 150 -62.17 -21.62 41.94
C ALA U 150 -61.82 -20.14 42.02
N HIS U 151 -60.53 -19.80 41.92
CA HIS U 151 -60.06 -18.42 42.06
C HIS U 151 -60.56 -17.79 43.36
N ALA U 152 -60.45 -18.56 44.45
CA ALA U 152 -60.89 -18.05 45.75
C ALA U 152 -60.00 -16.90 46.22
N ALA U 153 -58.69 -16.99 45.94
CA ALA U 153 -57.77 -15.95 46.38
C ALA U 153 -58.13 -14.60 45.79
N GLU U 154 -58.38 -14.54 44.47
CA GLU U 154 -58.77 -13.28 43.85
C GLU U 154 -60.04 -12.74 44.48
N GLN U 155 -61.02 -13.60 44.77
CA GLN U 155 -62.28 -13.15 45.33
C GLN U 155 -62.09 -12.61 46.74
N GLN U 156 -61.31 -13.32 47.56
CA GLN U 156 -61.07 -12.84 48.92
C GLN U 156 -60.23 -11.58 48.92
N ARG U 157 -59.27 -11.49 48.00
CA ARG U 157 -58.46 -10.27 47.89
C ARG U 157 -59.33 -9.08 47.53
N ALA U 158 -60.34 -9.30 46.68
CA ALA U 158 -61.21 -8.20 46.28
C ALA U 158 -61.97 -7.62 47.47
N TYR U 159 -62.38 -8.49 48.41
CA TYR U 159 -63.04 -7.99 49.61
C TYR U 159 -62.04 -7.32 50.54
N LEU U 160 -60.92 -8.01 50.82
CA LEU U 160 -59.97 -7.52 51.81
C LEU U 160 -59.35 -6.19 51.39
N GLU U 161 -59.10 -6.00 50.09
CA GLU U 161 -58.54 -4.76 49.59
C GLU U 161 -59.59 -3.71 49.26
N GLY U 162 -60.85 -4.11 49.15
CA GLY U 162 -61.90 -3.15 48.83
C GLY U 162 -62.90 -2.97 49.95
N ARG U 163 -64.03 -3.69 49.89
CA ARG U 163 -65.14 -3.46 50.80
C ARG U 163 -64.70 -3.51 52.26
N CYS U 164 -63.66 -4.29 52.58
CA CYS U 164 -63.19 -4.38 53.95
C CYS U 164 -62.68 -3.03 54.46
N VAL U 165 -61.69 -2.47 53.76
CA VAL U 165 -61.09 -1.21 54.23
C VAL U 165 -62.07 -0.06 54.11
N GLU U 166 -62.96 -0.09 53.10
CA GLU U 166 -63.93 0.98 52.94
C GLU U 166 -64.86 1.07 54.13
N TRP U 167 -65.36 -0.07 54.61
CA TRP U 167 -66.30 -0.06 55.72
C TRP U 167 -65.59 0.07 57.06
N LEU U 168 -64.32 -0.35 57.14
CA LEU U 168 -63.54 -0.07 58.34
C LEU U 168 -63.41 1.42 58.56
N ARG U 169 -63.11 2.16 57.49
CA ARG U 169 -63.01 3.61 57.59
C ARG U 169 -64.35 4.22 57.97
N ARG U 170 -65.43 3.71 57.39
CA ARG U 170 -66.77 4.20 57.73
C ARG U 170 -67.09 3.97 59.20
N TYR U 171 -66.80 2.77 59.71
CA TYR U 171 -67.06 2.49 61.11
C TYR U 171 -66.23 3.39 62.03
N LEU U 172 -64.98 3.66 61.64
CA LEU U 172 -64.12 4.49 62.47
C LEU U 172 -64.67 5.91 62.60
N GLU U 173 -65.12 6.48 61.48
CA GLU U 173 -65.69 7.83 61.53
C GLU U 173 -67.03 7.86 62.25
N ASN U 174 -67.80 6.77 62.17
CA ASN U 174 -69.05 6.73 62.91
C ASN U 174 -68.83 6.63 64.41
N GLY U 175 -67.69 6.09 64.83
CA GLY U 175 -67.42 5.96 66.25
C GLY U 175 -66.08 6.53 66.64
N LYS U 176 -65.78 7.76 66.19
CA LYS U 176 -64.54 8.43 66.55
C LYS U 176 -64.36 8.46 68.07
N GLU U 177 -65.40 8.91 68.79
CA GLU U 177 -65.28 9.13 70.22
C GLU U 177 -65.06 7.84 71.01
N THR U 178 -65.42 6.70 70.45
CA THR U 178 -65.31 5.43 71.17
C THR U 178 -64.22 4.52 70.65
N LEU U 179 -63.67 4.78 69.46
CA LEU U 179 -62.70 3.90 68.83
C LEU U 179 -61.32 4.52 68.70
N GLN U 180 -61.23 5.78 68.29
CA GLN U 180 -59.95 6.45 68.12
C GLN U 180 -59.46 7.12 69.39
N ARG U 181 -59.89 6.62 70.56
CA ARG U 181 -59.43 7.11 71.85
C ARG U 181 -58.59 6.04 72.55
N THR U 182 -57.65 6.49 73.37
CA THR U 182 -56.83 5.61 74.18
C THR U 182 -57.05 5.93 75.65
N ASP U 183 -57.34 4.91 76.45
CA ASP U 183 -57.55 5.09 77.88
C ASP U 183 -56.32 4.63 78.63
N PRO U 184 -55.56 5.52 79.27
CA PRO U 184 -54.35 5.08 79.97
C PRO U 184 -54.70 4.27 81.19
N PRO U 185 -53.83 3.36 81.62
CA PRO U 185 -54.16 2.52 82.77
C PRO U 185 -54.12 3.28 84.08
N LYS U 186 -55.08 2.96 84.95
CA LYS U 186 -55.08 3.47 86.32
C LYS U 186 -54.23 2.52 87.16
N THR U 187 -53.04 2.97 87.55
CA THR U 187 -52.03 2.11 88.15
C THR U 187 -51.94 2.35 89.65
N HIS U 188 -51.86 1.25 90.41
CA HIS U 188 -51.59 1.30 91.84
C HIS U 188 -50.89 0.00 92.23
N MET U 189 -50.25 0.03 93.40
CA MET U 189 -49.48 -1.10 93.89
C MET U 189 -50.04 -1.53 95.25
N THR U 190 -50.01 -2.84 95.51
CA THR U 190 -50.55 -3.40 96.73
C THR U 190 -49.55 -4.37 97.36
N HIS U 191 -49.67 -4.53 98.68
CA HIS U 191 -48.71 -5.28 99.47
C HIS U 191 -49.42 -6.44 100.17
N HIS U 192 -48.81 -7.63 100.10
CA HIS U 192 -49.39 -8.84 100.72
C HIS U 192 -48.26 -9.72 101.24
N PRO U 193 -48.07 -9.78 102.55
CA PRO U 193 -47.10 -10.73 103.11
C PRO U 193 -47.52 -12.18 102.82
N ILE U 194 -46.52 -13.05 102.64
CA ILE U 194 -46.74 -14.50 102.54
C ILE U 194 -46.44 -15.11 103.90
N SER U 195 -45.52 -14.50 104.63
CA SER U 195 -45.29 -14.82 106.02
C SER U 195 -44.64 -13.60 106.68
N ASP U 196 -44.14 -13.78 107.89
CA ASP U 196 -43.33 -12.74 108.51
C ASP U 196 -41.92 -12.69 107.93
N HIS U 197 -41.60 -13.54 106.96
CA HIS U 197 -40.31 -13.57 106.29
C HIS U 197 -40.36 -12.98 104.88
N GLU U 198 -41.42 -13.22 104.13
CA GLU U 198 -41.52 -12.76 102.75
C GLU U 198 -42.89 -12.15 102.50
N ALA U 199 -42.99 -11.38 101.42
CA ALA U 199 -44.21 -10.67 101.07
C ALA U 199 -44.40 -10.68 99.56
N THR U 200 -45.67 -10.58 99.14
CA THR U 200 -46.03 -10.49 97.73
C THR U 200 -46.36 -9.05 97.38
N LEU U 201 -45.74 -8.55 96.32
CA LEU U 201 -45.97 -7.20 95.82
C LEU U 201 -46.63 -7.30 94.45
N ARG U 202 -47.80 -6.69 94.31
CA ARG U 202 -48.55 -6.75 93.06
C ARG U 202 -48.68 -5.37 92.43
N CYS U 203 -48.63 -5.36 91.10
CA CYS U 203 -48.69 -4.15 90.29
C CYS U 203 -49.92 -4.22 89.40
N TRP U 204 -50.78 -3.20 89.48
CA TRP U 204 -52.09 -3.25 88.86
C TRP U 204 -52.20 -2.26 87.70
N ALA U 205 -52.98 -2.66 86.70
CA ALA U 205 -53.31 -1.79 85.56
C ALA U 205 -54.80 -1.95 85.29
N LEU U 206 -55.58 -0.93 85.63
CA LEU U 206 -57.04 -1.01 85.61
C LEU U 206 -57.63 -0.08 84.56
N GLY U 207 -58.71 -0.54 83.92
CA GLY U 207 -59.50 0.29 83.04
C GLY U 207 -58.76 0.95 81.90
N PHE U 208 -57.88 0.21 81.23
CA PHE U 208 -57.13 0.74 80.11
C PHE U 208 -57.64 0.18 78.79
N TYR U 209 -57.26 0.85 77.70
CA TYR U 209 -57.68 0.51 76.34
C TYR U 209 -56.67 1.09 75.38
N PRO U 210 -56.25 0.35 74.35
CA PRO U 210 -56.62 -1.03 74.02
C PRO U 210 -55.91 -2.08 74.87
N ALA U 211 -55.89 -3.34 74.41
CA ALA U 211 -55.36 -4.44 75.22
C ALA U 211 -53.83 -4.44 75.30
N GLU U 212 -53.16 -3.90 74.29
CA GLU U 212 -51.70 -3.95 74.25
C GLU U 212 -51.08 -3.23 75.43
N ILE U 213 -50.48 -3.98 76.35
CA ILE U 213 -49.84 -3.40 77.53
C ILE U 213 -48.68 -4.32 77.94
N THR U 214 -47.63 -3.71 78.49
CA THR U 214 -46.45 -4.43 78.93
C THR U 214 -46.17 -4.06 80.38
N LEU U 215 -46.02 -5.08 81.23
CA LEU U 215 -45.74 -4.88 82.64
C LEU U 215 -44.52 -5.70 83.02
N THR U 216 -43.51 -5.04 83.59
CA THR U 216 -42.25 -5.69 83.90
C THR U 216 -41.72 -5.21 85.23
N TRP U 217 -41.22 -6.15 86.04
CA TRP U 217 -40.55 -5.82 87.29
C TRP U 217 -39.05 -5.67 87.06
N GLN U 218 -38.42 -4.87 87.91
CA GLN U 218 -36.97 -4.70 87.89
C GLN U 218 -36.42 -4.74 89.31
N ARG U 219 -35.31 -5.45 89.48
CA ARG U 219 -34.58 -5.50 90.74
C ARG U 219 -33.28 -4.74 90.56
N ASP U 220 -33.27 -3.48 91.00
CA ASP U 220 -32.12 -2.59 90.83
C ASP U 220 -31.74 -2.47 89.36
N GLY U 221 -32.75 -2.40 88.49
CA GLY U 221 -32.54 -2.35 87.07
C GLY U 221 -32.47 -3.69 86.37
N GLU U 222 -32.48 -4.79 87.12
CA GLU U 222 -32.42 -6.14 86.57
C GLU U 222 -33.83 -6.72 86.53
N ASP U 223 -34.24 -7.18 85.35
CA ASP U 223 -35.58 -7.74 85.19
C ASP U 223 -35.73 -9.01 86.02
N GLN U 224 -36.94 -9.21 86.54
CA GLN U 224 -37.29 -10.39 87.33
C GLN U 224 -38.32 -11.24 86.61
N THR U 225 -38.13 -11.43 85.30
CA THR U 225 -39.11 -12.15 84.50
C THR U 225 -39.23 -13.62 84.89
N GLN U 226 -38.24 -14.16 85.60
CA GLN U 226 -38.28 -15.56 86.01
C GLN U 226 -38.95 -15.77 87.37
N ASP U 227 -38.99 -14.74 88.21
CA ASP U 227 -39.59 -14.83 89.54
C ASP U 227 -40.93 -14.13 89.62
N THR U 228 -41.61 -13.96 88.48
CA THR U 228 -42.76 -13.09 88.35
C THR U 228 -44.01 -13.91 88.01
N GLU U 229 -45.14 -13.53 88.59
CA GLU U 229 -46.43 -14.10 88.24
C GLU U 229 -47.17 -13.12 87.35
N LEU U 230 -47.59 -13.58 86.17
CA LEU U 230 -48.24 -12.77 85.15
C LEU U 230 -49.57 -13.41 84.81
N VAL U 231 -50.65 -12.61 84.81
CA VAL U 231 -51.96 -13.10 84.45
C VAL U 231 -52.34 -12.55 83.09
N GLU U 232 -53.17 -13.31 82.36
CA GLU U 232 -53.63 -12.88 81.06
C GLU U 232 -54.46 -11.61 81.17
N THR U 233 -54.28 -10.70 80.21
CA THR U 233 -55.10 -9.50 80.18
C THR U 233 -56.57 -9.87 80.05
N ARG U 234 -57.39 -9.28 80.92
CA ARG U 234 -58.77 -9.69 81.06
C ARG U 234 -59.71 -8.51 80.84
N PRO U 235 -60.91 -8.75 80.31
CA PRO U 235 -61.85 -7.67 80.06
C PRO U 235 -62.59 -7.26 81.34
N ALA U 236 -62.74 -5.95 81.51
CA ALA U 236 -63.51 -5.44 82.63
C ALA U 236 -65.01 -5.50 82.41
N GLY U 237 -65.46 -5.78 81.19
CA GLY U 237 -66.86 -5.82 80.87
C GLY U 237 -67.46 -4.51 80.39
N ASP U 238 -66.70 -3.41 80.49
CA ASP U 238 -67.16 -2.11 80.03
C ASP U 238 -66.38 -1.61 78.82
N GLY U 239 -65.65 -2.49 78.15
CA GLY U 239 -64.80 -2.11 77.04
C GLY U 239 -63.35 -1.90 77.41
N THR U 240 -63.05 -1.63 78.67
CA THR U 240 -61.68 -1.50 79.14
C THR U 240 -61.17 -2.83 79.67
N PHE U 241 -59.86 -2.89 79.91
CA PHE U 241 -59.17 -4.14 80.20
C PHE U 241 -58.36 -4.00 81.48
N GLN U 242 -57.92 -5.13 82.01
CA GLN U 242 -57.23 -5.19 83.30
C GLN U 242 -56.05 -6.14 83.20
N LYS U 243 -55.05 -5.93 84.05
CA LYS U 243 -53.88 -6.77 84.10
C LYS U 243 -53.10 -6.46 85.36
N TRP U 244 -52.68 -7.50 86.09
CA TRP U 244 -51.90 -7.33 87.30
C TRP U 244 -50.72 -8.30 87.27
N ALA U 245 -49.66 -7.93 87.99
CA ALA U 245 -48.38 -8.63 87.97
C ALA U 245 -47.82 -8.70 89.37
N ALA U 246 -47.30 -9.87 89.75
CA ALA U 246 -46.84 -10.12 91.11
C ALA U 246 -45.38 -10.53 91.14
N VAL U 247 -44.76 -10.30 92.30
CA VAL U 247 -43.39 -10.74 92.59
C VAL U 247 -43.26 -10.88 94.10
N VAL U 248 -42.48 -11.87 94.53
CA VAL U 248 -42.28 -12.14 95.95
C VAL U 248 -41.03 -11.39 96.40
N VAL U 249 -41.13 -10.77 97.57
CA VAL U 249 -40.11 -9.83 98.04
C VAL U 249 -39.63 -10.30 99.40
N PRO U 250 -38.40 -9.94 99.77
CA PRO U 250 -37.98 -10.07 101.17
C PRO U 250 -38.71 -9.07 102.05
N SER U 251 -38.62 -9.29 103.36
CA SER U 251 -39.39 -8.48 104.31
C SER U 251 -39.00 -7.00 104.24
N GLY U 252 -37.72 -6.70 104.12
CA GLY U 252 -37.28 -5.32 104.16
C GLY U 252 -36.64 -4.83 102.88
N GLU U 253 -37.13 -5.30 101.72
CA GLU U 253 -36.49 -4.93 100.43
C GLU U 253 -37.53 -4.46 99.42
N GLU U 254 -38.72 -4.07 99.88
CA GLU U 254 -39.79 -3.70 98.95
C GLU U 254 -39.36 -2.56 98.04
N GLN U 255 -38.55 -1.63 98.56
CA GLN U 255 -38.12 -0.49 97.78
C GLN U 255 -37.11 -0.86 96.69
N ARG U 256 -36.60 -2.10 96.69
CA ARG U 256 -35.64 -2.52 95.68
C ARG U 256 -36.30 -2.93 94.37
N TYR U 257 -37.60 -3.17 94.35
CA TYR U 257 -38.31 -3.63 93.16
C TYR U 257 -39.18 -2.50 92.61
N THR U 258 -39.20 -2.37 91.28
CA THR U 258 -39.99 -1.35 90.61
C THR U 258 -40.78 -1.98 89.47
N CYS U 259 -42.06 -1.61 89.39
CA CYS U 259 -42.92 -2.02 88.28
C CYS U 259 -42.89 -0.96 87.20
N HIS U 260 -42.84 -1.40 85.95
CA HIS U 260 -42.84 -0.51 84.79
C HIS U 260 -44.03 -0.83 83.90
N VAL U 261 -44.81 0.19 83.57
CA VAL U 261 -46.02 0.06 82.78
C VAL U 261 -45.77 0.68 81.41
N GLN U 262 -45.99 -0.10 80.35
CA GLN U 262 -45.87 0.38 78.99
C GLN U 262 -47.20 0.21 78.28
N HIS U 263 -47.77 1.31 77.81
CA HIS U 263 -49.05 1.32 77.13
C HIS U 263 -49.08 2.52 76.20
N GLU U 264 -49.78 2.37 75.07
CA GLU U 264 -49.74 3.42 74.06
C GLU U 264 -50.57 4.65 74.45
N GLY U 265 -51.36 4.58 75.52
CA GLY U 265 -52.05 5.76 76.02
C GLY U 265 -51.21 6.61 76.95
N LEU U 266 -50.08 6.09 77.42
CA LEU U 266 -49.20 6.84 78.32
C LEU U 266 -48.14 7.57 77.51
N PRO U 267 -48.04 8.90 77.61
CA PRO U 267 -46.99 9.60 76.84
C PRO U 267 -45.59 9.17 77.25
N LYS U 268 -45.38 8.87 78.53
CA LYS U 268 -44.12 8.35 79.02
C LYS U 268 -44.39 7.11 79.88
N PRO U 269 -43.55 6.08 79.77
CA PRO U 269 -43.77 4.88 80.58
C PRO U 269 -43.69 5.18 82.06
N LEU U 270 -44.54 4.51 82.83
CA LEU U 270 -44.63 4.74 84.26
C LEU U 270 -43.65 3.84 85.02
N THR U 271 -43.32 4.26 86.25
CA THR U 271 -42.45 3.50 87.14
C THR U 271 -43.07 3.52 88.52
N LEU U 272 -43.62 2.39 88.95
CA LEU U 272 -44.26 2.28 90.25
C LEU U 272 -43.29 1.69 91.26
N ARG U 273 -43.23 2.31 92.44
CA ARG U 273 -42.38 1.85 93.53
C ARG U 273 -43.17 1.87 94.83
N TRP U 274 -42.87 0.92 95.70
CA TRP U 274 -43.54 0.82 96.99
C TRP U 274 -42.87 1.72 98.02
N ILE V 2 -57.27 -32.53 69.78
CA ILE V 2 -56.76 -31.62 70.80
C ILE V 2 -57.91 -31.00 71.59
N GLN V 3 -57.83 -31.11 72.91
CA GLN V 3 -58.78 -30.48 73.81
C GLN V 3 -58.01 -29.69 74.86
N ARG V 4 -58.48 -28.48 75.16
CA ARG V 4 -57.75 -27.52 75.95
C ARG V 4 -58.49 -27.23 77.25
N THR V 5 -57.78 -27.33 78.37
CA THR V 5 -58.38 -27.07 79.68
C THR V 5 -58.64 -25.57 79.83
N PRO V 6 -59.83 -25.17 80.28
CA PRO V 6 -60.12 -23.74 80.41
C PRO V 6 -59.30 -23.08 81.50
N LYS V 7 -58.90 -21.84 81.24
CA LYS V 7 -58.27 -20.98 82.24
C LYS V 7 -59.34 -20.06 82.82
N ILE V 8 -59.39 -19.98 84.14
CA ILE V 8 -60.47 -19.30 84.84
C ILE V 8 -59.89 -18.19 85.70
N GLN V 9 -60.46 -16.99 85.59
CA GLN V 9 -60.13 -15.87 86.46
C GLN V 9 -61.41 -15.22 86.95
N VAL V 10 -61.49 -14.98 88.26
CA VAL V 10 -62.65 -14.36 88.89
C VAL V 10 -62.20 -13.04 89.50
N TYR V 11 -62.96 -11.97 89.23
CA TYR V 11 -62.56 -10.64 89.63
C TYR V 11 -63.76 -9.72 89.52
N SER V 12 -63.57 -8.46 89.90
CA SER V 12 -64.61 -7.45 89.86
C SER V 12 -64.23 -6.36 88.87
N ARG V 13 -65.25 -5.76 88.26
CA ARG V 13 -65.02 -4.70 87.28
C ARG V 13 -64.30 -3.51 87.91
N HIS V 14 -64.77 -3.07 89.07
CA HIS V 14 -64.18 -1.97 89.83
C HIS V 14 -63.61 -2.49 91.14
N PRO V 15 -62.67 -1.78 91.74
CA PRO V 15 -62.15 -2.20 93.05
C PRO V 15 -63.27 -2.36 94.07
N ALA V 16 -63.15 -3.41 94.88
CA ALA V 16 -64.23 -3.83 95.77
C ALA V 16 -64.31 -2.89 96.96
N GLU V 17 -65.42 -2.15 97.06
CA GLU V 17 -65.77 -1.38 98.24
C GLU V 17 -67.16 -1.80 98.68
N ASN V 18 -67.28 -2.23 99.94
CA ASN V 18 -68.51 -2.82 100.42
C ASN V 18 -69.66 -1.81 100.41
N GLY V 19 -70.85 -2.29 100.03
CA GLY V 19 -72.02 -1.46 99.98
C GLY V 19 -72.18 -0.63 98.72
N LYS V 20 -71.29 -0.79 97.74
CA LYS V 20 -71.34 -0.04 96.50
C LYS V 20 -71.51 -0.99 95.31
N SER V 21 -72.29 -0.56 94.33
CA SER V 21 -72.62 -1.43 93.20
C SER V 21 -71.38 -1.76 92.39
N ASN V 22 -71.29 -3.00 91.93
CA ASN V 22 -70.15 -3.48 91.18
C ASN V 22 -70.59 -4.70 90.38
N PHE V 23 -69.73 -5.16 89.47
CA PHE V 23 -70.01 -6.32 88.65
C PHE V 23 -69.05 -7.45 89.00
N LEU V 24 -69.56 -8.67 88.97
CA LEU V 24 -68.76 -9.87 89.24
C LEU V 24 -68.43 -10.56 87.91
N ASN V 25 -67.14 -10.72 87.63
CA ASN V 25 -66.69 -11.25 86.35
C ASN V 25 -66.02 -12.60 86.55
N CYS V 26 -66.37 -13.55 85.70
CA CYS V 26 -65.67 -14.83 85.59
C CYS V 26 -65.25 -15.00 84.13
N TYR V 27 -63.94 -14.89 83.89
CA TYR V 27 -63.39 -14.86 82.54
C TYR V 27 -62.74 -16.22 82.26
N VAL V 28 -63.39 -17.01 81.40
CA VAL V 28 -62.91 -18.33 81.02
C VAL V 28 -62.32 -18.23 79.62
N SER V 29 -61.07 -18.63 79.47
CA SER V 29 -60.34 -18.46 78.22
C SER V 29 -59.43 -19.65 77.98
N GLY V 30 -59.01 -19.79 76.72
CA GLY V 30 -58.04 -20.81 76.35
C GLY V 30 -58.58 -22.23 76.32
N PHE V 31 -59.88 -22.41 76.12
CA PHE V 31 -60.50 -23.72 76.16
C PHE V 31 -61.00 -24.13 74.78
N HIS V 32 -61.14 -25.44 74.60
CA HIS V 32 -61.61 -26.05 73.36
C HIS V 32 -62.03 -27.48 73.66
N PRO V 33 -63.20 -27.93 73.19
CA PRO V 33 -64.15 -27.25 72.29
C PRO V 33 -65.01 -26.18 72.98
N SER V 34 -66.01 -25.68 72.26
CA SER V 34 -66.75 -24.51 72.72
C SER V 34 -67.76 -24.82 73.81
N ASP V 35 -68.31 -26.04 73.82
CA ASP V 35 -69.33 -26.41 74.81
C ASP V 35 -68.80 -26.29 76.23
N ILE V 36 -69.35 -25.34 76.99
CA ILE V 36 -68.93 -25.11 78.37
C ILE V 36 -70.14 -24.68 79.18
N GLU V 37 -70.15 -25.07 80.45
CA GLU V 37 -71.19 -24.70 81.39
C GLU V 37 -70.53 -24.00 82.57
N VAL V 38 -70.90 -22.75 82.81
CA VAL V 38 -70.30 -21.92 83.84
C VAL V 38 -71.40 -21.21 84.60
N ASP V 39 -71.38 -21.31 85.92
CA ASP V 39 -72.35 -20.67 86.80
C ASP V 39 -71.64 -19.85 87.85
N LEU V 40 -72.18 -18.68 88.16
CA LEU V 40 -71.66 -17.82 89.22
C LEU V 40 -72.34 -18.18 90.54
N LEU V 41 -71.53 -18.38 91.57
CA LEU V 41 -72.02 -18.84 92.87
C LEU V 41 -71.99 -17.70 93.88
N LYS V 42 -73.10 -17.51 94.58
CA LYS V 42 -73.18 -16.59 95.71
C LYS V 42 -73.40 -17.44 96.97
N ASN V 43 -72.36 -17.53 97.80
CA ASN V 43 -72.40 -18.31 99.04
C ASN V 43 -72.77 -19.76 98.77
N GLY V 44 -72.22 -20.33 97.70
CA GLY V 44 -72.44 -21.72 97.37
C GLY V 44 -73.68 -22.01 96.57
N GLU V 45 -74.49 -21.00 96.24
CA GLU V 45 -75.70 -21.20 95.47
C GLU V 45 -75.63 -20.42 94.16
N ARG V 46 -76.27 -20.97 93.13
CA ARG V 46 -76.23 -20.37 91.80
C ARG V 46 -76.90 -19.01 91.78
N ILE V 47 -76.40 -18.13 90.93
CA ILE V 47 -76.99 -16.82 90.69
C ILE V 47 -77.89 -16.92 89.46
N GLU V 48 -79.14 -16.45 89.59
CA GLU V 48 -80.13 -16.69 88.55
C GLU V 48 -79.87 -15.85 87.30
N LYS V 49 -79.85 -14.54 87.44
CA LYS V 49 -79.68 -13.63 86.30
C LYS V 49 -78.19 -13.39 86.09
N VAL V 50 -77.59 -14.14 85.17
CA VAL V 50 -76.19 -13.97 84.79
C VAL V 50 -76.12 -13.85 83.27
N GLU V 51 -75.69 -12.69 82.79
CA GLU V 51 -75.48 -12.50 81.37
C GLU V 51 -74.06 -12.92 80.99
N HIS V 52 -73.89 -13.25 79.71
CA HIS V 52 -72.63 -13.77 79.20
C HIS V 52 -72.25 -13.06 77.92
N SER V 53 -70.94 -13.01 77.66
CA SER V 53 -70.43 -12.35 76.47
C SER V 53 -70.69 -13.22 75.25
N ASP V 54 -70.11 -12.82 74.11
CA ASP V 54 -70.34 -13.50 72.84
C ASP V 54 -69.12 -14.34 72.48
N LEU V 55 -69.37 -15.55 71.99
CA LEU V 55 -68.28 -16.50 71.80
C LEU V 55 -67.26 -15.99 70.79
N SER V 56 -65.99 -16.06 71.18
CA SER V 56 -64.88 -15.70 70.31
C SER V 56 -63.69 -16.56 70.67
N PHE V 57 -62.68 -16.53 69.80
CA PHE V 57 -61.49 -17.36 69.99
C PHE V 57 -60.25 -16.52 69.72
N SER V 58 -59.13 -16.94 70.32
CA SER V 58 -57.87 -16.22 70.23
C SER V 58 -57.10 -16.65 68.99
N LYS V 59 -55.82 -16.28 68.92
CA LYS V 59 -55.01 -16.61 67.76
C LYS V 59 -54.78 -18.11 67.64
N ASP V 60 -54.58 -18.79 68.77
CA ASP V 60 -54.35 -20.23 68.79
C ASP V 60 -55.63 -21.05 68.67
N TRP V 61 -56.74 -20.42 68.26
CA TRP V 61 -58.05 -21.03 68.03
C TRP V 61 -58.76 -21.41 69.33
N SER V 62 -58.18 -21.16 70.49
CA SER V 62 -58.85 -21.47 71.75
C SER V 62 -59.87 -20.37 72.08
N PHE V 63 -60.99 -20.78 72.66
CA PHE V 63 -62.11 -19.88 72.90
C PHE V 63 -61.89 -19.04 74.16
N TYR V 64 -62.72 -18.02 74.32
CA TYR V 64 -62.76 -17.24 75.54
C TYR V 64 -64.15 -16.65 75.73
N LEU V 65 -64.64 -16.69 76.97
CA LEU V 65 -65.96 -16.17 77.31
C LEU V 65 -65.87 -15.40 78.63
N LEU V 66 -66.80 -14.47 78.80
CA LEU V 66 -66.88 -13.65 80.01
C LEU V 66 -68.31 -13.67 80.53
N TYR V 67 -68.51 -14.24 81.71
CA TYR V 67 -69.80 -14.23 82.37
C TYR V 67 -69.79 -13.19 83.48
N TYR V 68 -70.82 -12.35 83.54
CA TYR V 68 -70.87 -11.24 84.46
C TYR V 68 -72.27 -11.07 85.03
N THR V 69 -72.34 -10.46 86.20
CA THR V 69 -73.59 -10.11 86.83
C THR V 69 -73.36 -8.93 87.76
N GLU V 70 -74.42 -8.20 88.05
CA GLU V 70 -74.36 -7.06 88.96
C GLU V 70 -74.59 -7.53 90.39
N PHE V 71 -73.79 -7.01 91.32
CA PHE V 71 -73.84 -7.46 92.70
C PHE V 71 -73.29 -6.36 93.61
N THR V 72 -73.61 -6.47 94.89
CA THR V 72 -73.09 -5.56 95.90
C THR V 72 -72.24 -6.34 96.89
N PRO V 73 -70.92 -6.17 96.90
CA PRO V 73 -70.08 -6.99 97.77
C PRO V 73 -70.26 -6.62 99.23
N THR V 74 -70.09 -7.61 100.09
CA THR V 74 -70.14 -7.44 101.53
C THR V 74 -68.94 -8.13 102.16
N GLU V 75 -68.74 -7.89 103.46
CA GLU V 75 -67.63 -8.52 104.17
C GLU V 75 -67.90 -10.00 104.40
N LYS V 76 -69.15 -10.37 104.62
CA LYS V 76 -69.49 -11.76 104.93
C LYS V 76 -69.58 -12.62 103.68
N ASP V 77 -70.23 -12.12 102.64
CA ASP V 77 -70.55 -12.94 101.47
C ASP V 77 -69.29 -13.41 100.75
N GLU V 78 -69.29 -14.67 100.35
CA GLU V 78 -68.22 -15.26 99.55
C GLU V 78 -68.76 -15.57 98.17
N TYR V 79 -68.02 -15.18 97.13
CA TYR V 79 -68.40 -15.42 95.76
C TYR V 79 -67.39 -16.33 95.09
N ALA V 80 -67.86 -17.12 94.13
CA ALA V 80 -67.00 -18.06 93.42
C ALA V 80 -67.62 -18.36 92.06
N CYS V 81 -66.82 -18.97 91.20
CA CYS V 81 -67.24 -19.33 89.85
C CYS V 81 -67.10 -20.84 89.67
N ARG V 82 -68.17 -21.46 89.20
CA ARG V 82 -68.22 -22.91 88.95
C ARG V 82 -68.16 -23.15 87.46
N VAL V 83 -67.13 -23.88 87.02
CA VAL V 83 -66.91 -24.15 85.60
C VAL V 83 -66.87 -25.66 85.42
N ASN V 84 -67.72 -26.16 84.52
CA ASN V 84 -67.70 -27.56 84.12
C ASN V 84 -67.38 -27.63 82.63
N HIS V 85 -66.49 -28.55 82.27
CA HIS V 85 -66.04 -28.67 80.88
C HIS V 85 -65.73 -30.12 80.60
N VAL V 86 -65.68 -30.46 79.31
CA VAL V 86 -65.41 -31.83 78.90
C VAL V 86 -64.01 -32.26 79.35
N THR V 87 -63.10 -31.30 79.48
CA THR V 87 -61.74 -31.60 79.93
C THR V 87 -61.61 -31.67 81.44
N LEU V 88 -62.70 -31.41 82.18
CA LEU V 88 -62.69 -31.44 83.64
C LEU V 88 -63.46 -32.66 84.11
N SER V 89 -62.78 -33.53 84.87
CA SER V 89 -63.44 -34.72 85.41
C SER V 89 -64.55 -34.33 86.38
N GLN V 90 -64.29 -33.34 87.22
CA GLN V 90 -65.28 -32.78 88.14
C GLN V 90 -65.29 -31.26 87.99
N PRO V 91 -66.42 -30.62 88.24
CA PRO V 91 -66.49 -29.16 88.12
C PRO V 91 -65.47 -28.48 89.01
N LYS V 92 -64.85 -27.43 88.47
CA LYS V 92 -63.80 -26.70 89.16
C LYS V 92 -64.36 -25.43 89.77
N ILE V 93 -63.96 -25.14 91.01
CA ILE V 93 -64.44 -24.00 91.77
C ILE V 93 -63.28 -23.03 91.98
N VAL V 94 -63.51 -21.77 91.65
CA VAL V 94 -62.52 -20.70 91.87
C VAL V 94 -63.18 -19.63 92.73
N LYS V 95 -62.66 -19.46 93.94
CA LYS V 95 -63.19 -18.47 94.86
C LYS V 95 -62.71 -17.08 94.47
N TRP V 96 -63.63 -16.11 94.54
CA TRP V 96 -63.30 -14.73 94.21
C TRP V 96 -62.43 -14.13 95.31
N ASP V 97 -61.12 -14.11 95.08
CA ASP V 97 -60.19 -13.50 96.01
C ASP V 97 -60.10 -12.01 95.68
N ARG V 98 -60.64 -11.18 96.56
CA ARG V 98 -60.49 -9.73 96.42
C ARG V 98 -59.00 -9.38 96.45
N ASP V 99 -58.63 -8.40 95.63
CA ASP V 99 -57.25 -7.98 95.32
C ASP V 99 -56.46 -9.04 94.55
N MET V 100 -57.14 -10.03 93.98
CA MET V 100 -56.52 -11.00 93.08
C MET V 100 -57.31 -11.12 91.78
N VAL W 1 -68.43 -5.07 57.39
CA VAL W 1 -69.33 -5.92 56.63
C VAL W 1 -68.78 -7.33 56.51
N VAL W 2 -69.63 -8.27 56.13
CA VAL W 2 -69.25 -9.67 55.97
C VAL W 2 -68.77 -9.92 54.56
N GLY W 3 -67.63 -10.60 54.43
CA GLY W 3 -67.08 -10.82 53.09
C GLY W 3 -66.26 -12.07 52.91
N ALA W 4 -66.58 -13.13 53.65
CA ALA W 4 -65.87 -14.39 53.56
C ALA W 4 -66.36 -15.18 52.35
N VAL W 5 -65.44 -15.54 51.46
CA VAL W 5 -65.76 -16.26 50.23
C VAL W 5 -65.85 -17.75 50.55
N GLY W 6 -67.06 -18.30 50.49
CA GLY W 6 -67.25 -19.72 50.73
C GLY W 6 -67.28 -20.53 49.45
N VAL W 7 -66.26 -21.37 49.24
CA VAL W 7 -66.11 -22.05 47.95
C VAL W 7 -65.91 -23.55 48.12
N GLY W 8 -66.59 -24.16 49.10
CA GLY W 8 -66.75 -25.60 49.16
C GLY W 8 -65.88 -26.29 50.19
N LYS W 9 -64.66 -25.81 50.41
CA LYS W 9 -63.72 -26.44 51.34
C LYS W 9 -63.54 -27.94 51.06
N GLN X 2 -81.95 1.45 34.71
CA GLN X 2 -81.91 0.78 36.00
C GLN X 2 -80.65 1.15 36.78
N LYS X 3 -79.91 0.14 37.21
CA LYS X 3 -78.63 0.34 37.90
C LYS X 3 -77.45 0.22 36.95
N VAL X 4 -77.34 -0.90 36.25
CA VAL X 4 -76.29 -1.12 35.27
C VAL X 4 -76.78 -0.63 33.91
N GLN X 5 -76.00 0.26 33.29
CA GLN X 5 -76.36 0.86 32.01
C GLN X 5 -75.23 0.61 31.02
N GLN X 6 -75.44 -0.32 30.09
CA GLN X 6 -74.47 -0.61 29.06
C GLN X 6 -74.68 0.30 27.86
N SER X 7 -73.58 0.80 27.30
CA SER X 7 -73.62 1.61 26.10
C SER X 7 -72.40 1.20 25.29
N PRO X 8 -72.55 0.98 23.98
CA PRO X 8 -73.76 1.13 23.17
C PRO X 8 -74.75 -0.02 23.32
N GLU X 9 -75.90 0.09 22.65
CA GLU X 9 -76.90 -0.95 22.62
C GLU X 9 -76.76 -1.84 21.39
N SER X 10 -76.39 -1.25 20.26
CA SER X 10 -76.14 -1.98 19.02
C SER X 10 -74.80 -1.57 18.46
N LEU X 11 -74.11 -2.53 17.84
CA LEU X 11 -72.78 -2.27 17.27
C LEU X 11 -72.63 -3.08 15.98
N ILE X 12 -72.53 -2.38 14.85
CA ILE X 12 -72.11 -2.99 13.60
C ILE X 12 -70.65 -2.63 13.40
N VAL X 13 -69.77 -3.62 13.57
CA VAL X 13 -68.33 -3.42 13.49
C VAL X 13 -67.79 -4.27 12.35
N PRO X 14 -67.00 -3.71 11.43
CA PRO X 14 -66.47 -4.49 10.31
C PRO X 14 -65.52 -5.58 10.77
N GLU X 15 -65.36 -6.60 9.92
CA GLU X 15 -64.45 -7.69 10.20
C GLU X 15 -63.03 -7.18 10.35
N GLY X 16 -62.32 -7.72 11.34
CA GLY X 16 -60.97 -7.27 11.65
C GLY X 16 -60.88 -5.96 12.39
N GLY X 17 -62.02 -5.35 12.74
CA GLY X 17 -62.03 -4.11 13.47
C GLY X 17 -61.93 -4.32 14.96
N MET X 18 -62.18 -3.25 15.71
CA MET X 18 -62.12 -3.26 17.17
C MET X 18 -63.49 -2.88 17.71
N ALA X 19 -64.03 -3.70 18.61
CA ALA X 19 -65.33 -3.48 19.21
C ALA X 19 -65.12 -3.04 20.65
N SER X 20 -65.52 -1.82 20.97
CA SER X 20 -65.37 -1.26 22.31
C SER X 20 -66.75 -1.12 22.95
N LEU X 21 -66.96 -1.83 24.04
CA LEU X 21 -68.23 -1.85 24.75
C LEU X 21 -68.03 -1.23 26.12
N ASN X 22 -68.99 -0.39 26.55
CA ASN X 22 -68.90 0.24 27.86
C ASN X 22 -70.10 -0.13 28.72
N CYS X 23 -69.92 -0.03 30.03
CA CYS X 23 -70.97 -0.34 31.00
C CYS X 23 -70.70 0.47 32.25
N THR X 24 -71.76 1.06 32.81
CA THR X 24 -71.64 1.96 33.95
C THR X 24 -72.75 1.67 34.93
N SER X 25 -72.38 1.32 36.16
CA SER X 25 -73.35 1.08 37.23
C SER X 25 -73.62 2.37 38.00
N SER X 26 -74.82 2.46 38.57
CA SER X 26 -75.19 3.60 39.40
C SER X 26 -75.07 3.31 40.88
N ASP X 27 -75.21 2.06 41.29
CA ASP X 27 -75.00 1.68 42.68
C ASP X 27 -73.53 1.88 43.04
N ARG X 28 -73.25 2.74 44.00
CA ARG X 28 -71.88 3.10 44.31
C ARG X 28 -71.18 2.06 45.18
N ASN X 29 -71.90 1.08 45.71
CA ASN X 29 -71.29 0.01 46.50
C ASN X 29 -71.10 -1.24 45.64
N VAL X 30 -70.40 -1.06 44.52
CA VAL X 30 -70.12 -2.13 43.57
C VAL X 30 -68.61 -2.36 43.57
N ASP X 31 -68.19 -3.59 43.85
CA ASP X 31 -66.78 -3.92 43.96
C ASP X 31 -66.29 -4.83 42.84
N TYR X 32 -67.17 -5.43 42.07
CA TYR X 32 -66.77 -6.38 41.04
C TYR X 32 -67.61 -6.14 39.79
N PHE X 33 -66.99 -6.35 38.63
CA PHE X 33 -67.64 -6.19 37.35
C PHE X 33 -67.36 -7.40 36.48
N TRP X 34 -68.32 -7.75 35.63
CA TRP X 34 -68.23 -8.96 34.82
C TRP X 34 -68.72 -8.68 33.41
N TRP X 35 -68.18 -9.41 32.45
CA TRP X 35 -68.64 -9.38 31.07
C TRP X 35 -69.00 -10.79 30.64
N TYR X 36 -70.23 -10.97 30.15
CA TYR X 36 -70.75 -12.28 29.77
C TYR X 36 -71.13 -12.26 28.29
N ARG X 37 -70.81 -13.35 27.59
CA ARG X 37 -71.12 -13.50 26.17
C ARG X 37 -72.22 -14.55 26.02
N GLN X 38 -73.34 -14.16 25.39
CA GLN X 38 -74.43 -15.09 25.09
C GLN X 38 -74.60 -15.13 23.57
N HIS X 39 -74.18 -16.24 22.96
CA HIS X 39 -74.45 -16.43 21.54
C HIS X 39 -75.94 -16.72 21.33
N SER X 40 -76.46 -16.25 20.21
CA SER X 40 -77.90 -16.31 19.94
C SER X 40 -78.45 -17.71 20.17
N GLY X 41 -79.42 -17.82 21.05
CA GLY X 41 -80.03 -19.10 21.36
C GLY X 41 -79.11 -20.05 22.10
N LYS X 42 -78.29 -19.53 23.00
CA LYS X 42 -77.40 -20.35 23.81
C LYS X 42 -77.39 -19.79 25.23
N SER X 43 -76.45 -20.27 26.03
CA SER X 43 -76.37 -19.89 27.43
C SER X 43 -75.33 -18.80 27.65
N PRO X 44 -75.60 -17.84 28.53
CA PRO X 44 -74.60 -16.83 28.86
C PRO X 44 -73.37 -17.48 29.48
N LYS X 45 -72.20 -16.97 29.11
CA LYS X 45 -70.94 -17.52 29.59
C LYS X 45 -69.97 -16.38 29.87
N MET X 46 -69.28 -16.45 31.00
CA MET X 46 -68.37 -15.38 31.38
C MET X 46 -67.22 -15.27 30.38
N LEU X 47 -66.92 -14.03 29.99
CA LEU X 47 -65.73 -13.73 29.19
C LEU X 47 -64.58 -13.24 30.03
N MET X 48 -64.78 -12.13 30.75
CA MET X 48 -63.72 -11.50 31.53
C MET X 48 -64.29 -11.05 32.87
N SER X 49 -63.38 -10.74 33.80
CA SER X 49 -63.73 -10.23 35.11
C SER X 49 -62.71 -9.16 35.52
N ILE X 50 -63.16 -8.21 36.32
CA ILE X 50 -62.27 -7.14 36.79
C ILE X 50 -62.82 -6.60 38.12
N PHE X 51 -61.92 -6.48 39.09
CA PHE X 51 -62.27 -5.90 40.39
C PHE X 51 -61.30 -4.82 40.85
N SER X 52 -60.11 -4.72 40.26
CA SER X 52 -59.14 -3.71 40.59
C SER X 52 -58.99 -2.73 39.43
N ASN X 53 -58.68 -1.48 39.76
CA ASN X 53 -58.51 -0.46 38.74
C ASN X 53 -57.32 -0.80 37.85
N GLY X 54 -57.50 -0.64 36.55
CA GLY X 54 -56.44 -0.92 35.60
C GLY X 54 -56.93 -1.59 34.33
N GLU X 55 -56.07 -2.41 33.72
CA GLU X 55 -56.39 -3.07 32.47
C GLU X 55 -55.92 -4.52 32.54
N LYS X 56 -56.73 -5.43 32.02
CA LYS X 56 -56.44 -6.85 32.04
C LYS X 56 -56.65 -7.43 30.64
N GLU X 57 -55.62 -8.08 30.11
CA GLU X 57 -55.60 -8.55 28.73
C GLU X 57 -55.59 -10.07 28.69
N GLU X 58 -56.41 -10.64 27.81
CA GLU X 58 -56.41 -12.09 27.57
C GLU X 58 -56.74 -12.30 26.10
N GLY X 59 -55.73 -12.66 25.31
CA GLY X 59 -55.91 -12.90 23.90
C GLY X 59 -56.33 -11.66 23.13
N ARG X 60 -57.54 -11.68 22.57
CA ARG X 60 -58.06 -10.55 21.82
C ARG X 60 -58.95 -9.65 22.66
N PHE X 61 -59.15 -9.96 23.94
CA PHE X 61 -60.07 -9.23 24.79
C PHE X 61 -59.32 -8.45 25.86
N THR X 62 -59.73 -7.20 26.05
CA THR X 62 -59.14 -6.32 27.05
C THR X 62 -60.25 -5.72 27.89
N VAL X 63 -60.08 -5.75 29.21
CA VAL X 63 -61.01 -5.11 30.13
C VAL X 63 -60.31 -3.96 30.84
N HIS X 64 -61.12 -2.98 31.23
CA HIS X 64 -60.64 -1.78 31.90
C HIS X 64 -61.65 -1.39 32.96
N LEU X 65 -61.17 -0.78 34.04
CA LEU X 65 -62.02 -0.41 35.16
C LEU X 65 -61.56 0.91 35.74
N ASN X 66 -62.52 1.79 36.01
CA ASN X 66 -62.30 3.03 36.76
C ASN X 66 -63.33 3.05 37.87
N LYS X 67 -62.95 2.53 39.04
CA LYS X 67 -63.89 2.42 40.15
C LYS X 67 -64.42 3.79 40.57
N ALA X 68 -63.66 4.86 40.34
CA ALA X 68 -64.13 6.19 40.70
C ALA X 68 -65.40 6.55 39.94
N SER X 69 -65.43 6.26 38.64
CA SER X 69 -66.61 6.49 37.83
C SER X 69 -67.45 5.25 37.62
N LEU X 70 -67.01 4.10 38.15
CA LEU X 70 -67.70 2.82 38.01
C LEU X 70 -68.00 2.51 36.55
N HIS X 71 -66.94 2.52 35.75
CA HIS X 71 -67.05 2.31 34.31
C HIS X 71 -66.16 1.14 33.90
N THR X 72 -66.73 0.20 33.16
CA THR X 72 -66.01 -0.96 32.64
C THR X 72 -66.06 -0.91 31.11
N SER X 73 -65.02 -1.43 30.48
CA SER X 73 -64.98 -1.46 29.03
C SER X 73 -64.42 -2.80 28.55
N LEU X 74 -65.06 -3.35 27.53
CA LEU X 74 -64.61 -4.57 26.86
C LEU X 74 -64.14 -4.21 25.46
N HIS X 75 -62.91 -4.59 25.12
CA HIS X 75 -62.32 -4.26 23.83
C HIS X 75 -61.94 -5.56 23.12
N ILE X 76 -62.67 -5.87 22.05
CA ILE X 76 -62.42 -7.06 21.24
C ILE X 76 -61.64 -6.63 20.01
N ARG X 77 -60.38 -7.05 19.93
CA ARG X 77 -59.53 -6.76 18.79
C ARG X 77 -59.58 -7.91 17.79
N ASP X 78 -59.27 -7.58 16.53
CA ASP X 78 -59.35 -8.53 15.42
C ASP X 78 -60.72 -9.21 15.39
N SER X 79 -61.75 -8.38 15.23
CA SER X 79 -63.13 -8.85 15.29
C SER X 79 -63.38 -9.93 14.25
N GLN X 80 -63.93 -11.05 14.69
CA GLN X 80 -64.28 -12.19 13.85
C GLN X 80 -65.78 -12.42 13.90
N PRO X 81 -66.35 -13.07 12.89
CA PRO X 81 -67.79 -13.37 12.92
C PRO X 81 -68.21 -14.25 14.08
N SER X 82 -67.27 -14.96 14.71
CA SER X 82 -67.54 -15.76 15.89
C SER X 82 -67.75 -14.93 17.14
N ASP X 83 -67.69 -13.60 17.03
CA ASP X 83 -67.93 -12.71 18.16
C ASP X 83 -69.28 -12.01 18.08
N SER X 84 -70.06 -12.24 17.02
CA SER X 84 -71.41 -11.69 16.92
C SER X 84 -72.29 -12.33 17.98
N ALA X 85 -72.59 -11.59 19.03
CA ALA X 85 -73.41 -12.12 20.13
C ALA X 85 -73.90 -10.96 20.97
N LEU X 86 -74.62 -11.29 22.04
CA LEU X 86 -75.07 -10.33 23.02
C LEU X 86 -74.09 -10.32 24.19
N TYR X 87 -73.65 -9.14 24.58
CA TYR X 87 -72.64 -8.99 25.63
C TYR X 87 -73.28 -8.32 26.83
N LEU X 88 -73.24 -8.99 27.98
CA LEU X 88 -73.92 -8.54 29.19
C LEU X 88 -72.91 -8.11 30.24
N CYS X 89 -73.31 -7.12 31.04
CA CYS X 89 -72.48 -6.57 32.10
C CYS X 89 -73.12 -6.89 33.44
N ALA X 90 -72.30 -7.35 34.38
CA ALA X 90 -72.77 -7.68 35.73
C ALA X 90 -71.97 -6.89 36.75
N ALA X 91 -72.52 -6.78 37.96
CA ALA X 91 -71.89 -6.01 39.03
C ALA X 91 -72.32 -6.56 40.37
N ARG X 92 -71.36 -6.88 41.23
CA ARG X 92 -71.67 -7.35 42.57
C ARG X 92 -72.29 -6.22 43.40
N ASP X 93 -73.37 -6.54 44.10
CA ASP X 93 -74.18 -5.54 44.79
C ASP X 93 -73.61 -5.22 46.17
N SER X 94 -74.35 -4.45 46.96
CA SER X 94 -74.06 -4.34 48.39
C SER X 94 -74.31 -5.70 49.03
N ASN X 95 -75.32 -6.42 48.53
CA ASN X 95 -75.44 -7.86 48.77
C ASN X 95 -74.36 -8.54 47.96
N TYR X 96 -74.53 -9.80 47.59
CA TYR X 96 -73.51 -10.47 46.81
C TYR X 96 -74.14 -11.08 45.57
N GLN X 97 -75.21 -10.47 45.09
CA GLN X 97 -75.88 -10.89 43.86
C GLN X 97 -75.50 -9.94 42.72
N LEU X 98 -75.59 -10.44 41.49
CA LEU X 98 -75.13 -9.72 40.32
C LEU X 98 -76.28 -8.89 39.74
N ILE X 99 -76.01 -7.61 39.50
CA ILE X 99 -76.94 -6.72 38.81
C ILE X 99 -76.65 -6.82 37.32
N TRP X 100 -77.59 -7.36 36.56
CA TRP X 100 -77.40 -7.55 35.13
C TRP X 100 -77.94 -6.35 34.35
N GLY X 101 -77.36 -6.13 33.17
CA GLY X 101 -77.75 -5.03 32.32
C GLY X 101 -78.54 -5.48 31.11
N SER X 102 -78.92 -4.50 30.29
CA SER X 102 -79.67 -4.77 29.08
C SER X 102 -78.88 -5.66 28.12
N GLY X 103 -77.69 -5.19 27.73
CA GLY X 103 -76.83 -5.95 26.85
C GLY X 103 -76.49 -5.21 25.58
N THR X 104 -75.40 -5.60 24.92
CA THR X 104 -74.98 -4.97 23.67
C THR X 104 -74.98 -6.02 22.56
N LYS X 105 -75.60 -5.68 21.43
CA LYS X 105 -75.68 -6.58 20.28
C LYS X 105 -74.52 -6.26 19.34
N LEU X 106 -73.60 -7.22 19.21
CA LEU X 106 -72.47 -7.08 18.31
C LEU X 106 -72.80 -7.75 16.97
N ILE X 107 -72.63 -7.00 15.89
CA ILE X 107 -72.93 -7.49 14.54
C ILE X 107 -71.65 -7.30 13.71
N ILE X 108 -70.87 -8.36 13.57
CA ILE X 108 -69.63 -8.34 12.79
C ILE X 108 -70.03 -8.46 11.32
N LYS X 109 -70.08 -7.34 10.61
CA LYS X 109 -70.39 -7.37 9.17
C LYS X 109 -69.21 -7.97 8.42
N PRO X 110 -69.39 -9.06 7.69
CA PRO X 110 -68.26 -9.75 7.07
C PRO X 110 -67.75 -9.00 5.84
N ASP X 111 -66.60 -9.45 5.35
CA ASP X 111 -66.00 -8.92 4.14
C ASP X 111 -66.29 -9.88 3.00
N ILE X 112 -67.10 -9.44 2.04
CA ILE X 112 -67.42 -10.22 0.85
C ILE X 112 -66.30 -9.99 -0.16
N GLN X 113 -65.51 -11.03 -0.42
CA GLN X 113 -64.29 -10.86 -1.20
C GLN X 113 -64.61 -10.64 -2.68
N ASN X 114 -65.52 -11.43 -3.25
CA ASN X 114 -65.84 -11.38 -4.67
C ASN X 114 -67.34 -11.24 -4.83
N PRO X 115 -67.86 -10.01 -4.87
CA PRO X 115 -69.32 -9.81 -4.95
C PRO X 115 -69.83 -10.05 -6.37
N ASP X 116 -70.79 -10.98 -6.48
CA ASP X 116 -71.44 -11.29 -7.76
C ASP X 116 -72.93 -11.51 -7.50
N PRO X 117 -73.66 -10.44 -7.21
CA PRO X 117 -75.07 -10.60 -6.82
C PRO X 117 -75.93 -11.07 -7.98
N ALA X 118 -77.03 -11.74 -7.64
CA ALA X 118 -77.94 -12.31 -8.62
C ALA X 118 -79.24 -12.71 -7.94
N VAL X 119 -80.27 -12.90 -8.75
CA VAL X 119 -81.59 -13.34 -8.20
C VAL X 119 -81.99 -14.59 -8.98
N TYR X 120 -82.31 -15.67 -8.29
CA TYR X 120 -82.62 -16.94 -9.00
C TYR X 120 -84.03 -17.39 -8.61
N GLN X 121 -84.56 -18.39 -9.34
CA GLN X 121 -85.91 -18.91 -9.06
C GLN X 121 -85.84 -20.44 -9.04
N LEU X 122 -86.39 -21.08 -8.01
CA LEU X 122 -86.32 -22.57 -7.91
C LEU X 122 -87.71 -23.11 -7.54
N ARG X 123 -87.98 -24.39 -7.84
CA ARG X 123 -89.33 -24.94 -7.60
C ARG X 123 -89.26 -26.10 -6.60
N ASP X 124 -90.41 -26.40 -5.99
CA ASP X 124 -90.43 -27.40 -4.90
C ASP X 124 -90.23 -28.82 -5.44
N SER X 125 -89.18 -29.49 -4.98
CA SER X 125 -89.00 -30.91 -5.36
C SER X 125 -90.12 -31.67 -4.65
N LYS X 126 -90.41 -32.91 -5.06
CA LYS X 126 -91.57 -33.62 -4.46
C LYS X 126 -92.73 -32.62 -4.39
N SER X 127 -93.13 -32.05 -5.53
CA SER X 127 -94.23 -31.06 -5.58
C SER X 127 -95.11 -31.10 -4.32
N SER X 128 -94.87 -30.19 -3.37
CA SER X 128 -95.66 -30.12 -2.12
C SER X 128 -95.75 -28.66 -1.66
N ASP X 129 -95.37 -27.71 -2.51
CA ASP X 129 -95.34 -26.28 -2.10
C ASP X 129 -95.46 -25.37 -3.32
N LYS X 130 -94.90 -24.15 -3.23
CA LYS X 130 -95.00 -23.17 -4.34
C LYS X 130 -93.61 -22.86 -4.89
N SER X 131 -93.33 -21.57 -5.14
CA SER X 131 -92.02 -21.16 -5.72
C SER X 131 -91.31 -20.18 -4.78
N VAL X 132 -89.98 -20.14 -4.83
CA VAL X 132 -89.21 -19.25 -3.89
C VAL X 132 -88.19 -18.46 -4.72
N CYS X 133 -87.99 -17.18 -4.37
CA CYS X 133 -86.94 -16.39 -5.07
C CYS X 133 -85.73 -16.30 -4.14
N LEU X 134 -84.52 -16.12 -4.68
CA LEU X 134 -83.31 -16.12 -3.88
C LEU X 134 -82.39 -14.99 -4.33
N PHE X 135 -81.99 -14.15 -3.38
CA PHE X 135 -81.01 -13.08 -3.63
C PHE X 135 -79.75 -13.43 -2.85
N THR X 136 -78.70 -13.81 -3.57
CA THR X 136 -77.48 -14.31 -2.95
C THR X 136 -76.26 -13.67 -3.59
N ASP X 137 -75.10 -13.96 -2.99
CA ASP X 137 -73.80 -13.53 -3.50
C ASP X 137 -73.68 -12.02 -3.59
N PHE X 138 -74.35 -11.30 -2.69
CA PHE X 138 -74.28 -9.84 -2.64
C PHE X 138 -73.44 -9.41 -1.43
N ASP X 139 -72.82 -8.24 -1.55
CA ASP X 139 -71.90 -7.76 -0.53
C ASP X 139 -72.66 -7.29 0.71
N SER X 140 -71.89 -7.05 1.78
CA SER X 140 -72.48 -6.63 3.04
C SER X 140 -73.04 -5.21 2.98
N GLN X 141 -72.66 -4.43 1.97
CA GLN X 141 -73.17 -3.06 1.86
C GLN X 141 -74.63 -3.04 1.45
N THR X 142 -75.04 -3.99 0.62
CA THR X 142 -76.44 -4.06 0.20
C THR X 142 -77.33 -4.39 1.39
N ASN X 143 -78.42 -3.64 1.55
CA ASN X 143 -79.32 -3.78 2.68
C ASN X 143 -80.65 -4.31 2.20
N VAL X 144 -81.11 -5.39 2.84
CA VAL X 144 -82.35 -6.07 2.44
C VAL X 144 -83.53 -5.35 3.09
N SER X 145 -84.27 -4.58 2.29
CA SER X 145 -85.45 -3.90 2.79
C SER X 145 -86.61 -4.88 2.95
N GLN X 146 -87.49 -4.57 3.89
CA GLN X 146 -88.64 -5.44 4.15
C GLN X 146 -89.57 -5.47 2.95
N SER X 147 -90.29 -6.58 2.80
CA SER X 147 -91.23 -6.73 1.69
C SER X 147 -92.37 -5.74 1.82
N LYS X 148 -92.75 -5.15 0.69
CA LYS X 148 -93.87 -4.21 0.65
C LYS X 148 -95.17 -4.92 0.30
N ASP X 149 -95.19 -5.63 -0.83
CA ASP X 149 -96.38 -6.37 -1.24
C ASP X 149 -96.76 -7.39 -0.15
N SER X 150 -97.98 -7.24 0.39
CA SER X 150 -98.38 -8.00 1.55
C SER X 150 -98.53 -9.50 1.27
N ASP X 151 -98.72 -9.88 0.00
CA ASP X 151 -98.89 -11.29 -0.32
C ASP X 151 -97.56 -12.06 -0.29
N VAL X 152 -96.46 -11.38 -0.54
CA VAL X 152 -95.13 -12.00 -0.56
C VAL X 152 -94.40 -11.65 0.73
N TYR X 153 -93.56 -12.56 1.19
CA TYR X 153 -92.81 -12.41 2.43
C TYR X 153 -91.32 -12.57 2.15
N ILE X 154 -90.54 -11.56 2.52
CA ILE X 154 -89.09 -11.56 2.31
C ILE X 154 -88.40 -11.87 3.63
N THR X 155 -87.49 -12.83 3.62
CA THR X 155 -86.73 -13.16 4.80
C THR X 155 -85.59 -12.16 5.02
N ASP X 156 -85.07 -12.15 6.24
CA ASP X 156 -84.00 -11.23 6.58
C ASP X 156 -82.69 -11.66 5.93
N LYS X 157 -81.71 -10.75 5.97
CA LYS X 157 -80.39 -11.03 5.43
C LYS X 157 -79.68 -12.08 6.29
N CYS X 158 -78.98 -13.00 5.63
CA CYS X 158 -78.25 -14.05 6.30
C CYS X 158 -76.88 -14.18 5.65
N VAL X 159 -75.91 -14.67 6.42
CA VAL X 159 -74.52 -14.78 5.96
C VAL X 159 -74.11 -16.24 5.97
N LEU X 160 -73.63 -16.71 4.82
CA LEU X 160 -73.16 -18.08 4.64
C LEU X 160 -71.63 -18.13 4.65
N ASP X 161 -71.10 -19.33 4.85
CA ASP X 161 -69.65 -19.52 4.90
C ASP X 161 -69.32 -20.94 4.48
N MET X 162 -68.76 -21.08 3.28
CA MET X 162 -68.22 -22.36 2.82
C MET X 162 -66.75 -22.41 3.22
N ARG X 163 -66.46 -23.19 4.27
CA ARG X 163 -65.14 -23.15 4.88
C ARG X 163 -64.07 -23.76 3.98
N SER X 164 -64.43 -24.78 3.21
CA SER X 164 -63.44 -25.46 2.38
C SER X 164 -62.93 -24.58 1.26
N MET X 165 -63.73 -23.62 0.80
CA MET X 165 -63.36 -22.75 -0.31
C MET X 165 -62.95 -21.36 0.13
N ASP X 166 -62.99 -21.06 1.43
CA ASP X 166 -62.73 -19.72 1.94
C ASP X 166 -63.63 -18.69 1.29
N PHE X 167 -64.90 -19.05 1.11
CA PHE X 167 -65.89 -18.20 0.47
C PHE X 167 -66.98 -17.85 1.47
N LYS X 168 -67.38 -16.57 1.46
CA LYS X 168 -68.48 -16.10 2.29
C LYS X 168 -69.50 -15.42 1.40
N SER X 169 -70.78 -15.74 1.61
CA SER X 169 -71.86 -15.21 0.79
C SER X 169 -73.03 -14.84 1.67
N ASN X 170 -73.88 -13.96 1.15
CA ASN X 170 -75.10 -13.55 1.80
C ASN X 170 -76.29 -14.11 1.04
N SER X 171 -77.47 -14.06 1.68
CA SER X 171 -78.65 -14.63 1.06
C SER X 171 -79.90 -13.98 1.62
N ALA X 172 -80.97 -14.02 0.83
CA ALA X 172 -82.29 -13.54 1.22
C ALA X 172 -83.32 -14.25 0.36
N VAL X 173 -84.45 -14.64 0.97
CA VAL X 173 -85.43 -15.50 0.34
C VAL X 173 -86.80 -14.83 0.39
N ALA X 174 -87.57 -14.96 -0.70
CA ALA X 174 -88.94 -14.48 -0.75
C ALA X 174 -89.81 -15.53 -1.42
N TRP X 175 -91.07 -15.62 -0.97
CA TRP X 175 -92.02 -16.54 -1.56
C TRP X 175 -93.41 -15.92 -1.52
N SER X 176 -94.25 -16.32 -2.47
CA SER X 176 -95.62 -15.85 -2.55
C SER X 176 -96.50 -16.99 -3.03
N ASN X 177 -97.80 -16.85 -2.77
CA ASN X 177 -98.78 -17.85 -3.17
C ASN X 177 -99.47 -17.51 -4.48
N LYS X 178 -99.47 -16.24 -4.89
CA LYS X 178 -100.11 -15.83 -6.13
C LYS X 178 -99.25 -16.19 -7.33
N SER X 179 -99.92 -16.44 -8.45
CA SER X 179 -99.21 -16.90 -9.65
C SER X 179 -98.47 -15.76 -10.34
N ASP X 180 -99.00 -14.54 -10.25
CA ASP X 180 -98.35 -13.37 -10.88
C ASP X 180 -97.16 -12.91 -10.04
N PHE X 181 -96.18 -13.81 -9.91
CA PHE X 181 -95.01 -13.60 -9.07
C PHE X 181 -93.76 -14.00 -9.84
N ALA X 182 -92.88 -13.03 -10.07
CA ALA X 182 -91.63 -13.26 -10.78
C ALA X 182 -90.48 -12.65 -9.99
N CYS X 183 -89.31 -13.28 -10.11
CA CYS X 183 -88.13 -12.78 -9.41
C CYS X 183 -87.69 -11.42 -9.94
N ALA X 184 -87.94 -11.15 -11.22
CA ALA X 184 -87.64 -9.83 -11.76
C ALA X 184 -88.48 -8.75 -11.09
N ASN X 185 -89.76 -9.06 -10.83
CA ASN X 185 -90.66 -8.15 -10.15
C ASN X 185 -90.66 -8.34 -8.64
N ALA X 186 -89.76 -9.16 -8.12
CA ALA X 186 -89.56 -9.28 -6.68
C ALA X 186 -88.35 -8.47 -6.25
N PHE X 187 -88.24 -8.23 -4.94
CA PHE X 187 -87.14 -7.50 -4.33
C PHE X 187 -87.04 -6.06 -4.79
N ASN X 188 -88.07 -5.52 -5.44
CA ASN X 188 -88.02 -4.14 -5.92
C ASN X 188 -88.03 -3.12 -4.80
N ASN X 189 -88.36 -3.53 -3.57
CA ASN X 189 -88.46 -2.61 -2.44
C ASN X 189 -87.12 -2.36 -1.76
N SER X 190 -86.05 -2.97 -2.23
CA SER X 190 -84.72 -2.83 -1.65
C SER X 190 -83.81 -2.06 -2.60
N ILE X 191 -82.55 -1.93 -2.20
CA ILE X 191 -81.54 -1.23 -2.99
C ILE X 191 -80.77 -2.29 -3.75
N ILE X 192 -81.25 -2.60 -4.96
CA ILE X 192 -80.64 -3.63 -5.79
C ILE X 192 -79.41 -3.05 -6.50
N PRO X 193 -78.23 -3.65 -6.34
CA PRO X 193 -77.09 -3.22 -7.16
C PRO X 193 -77.34 -3.51 -8.63
N GLU X 194 -76.76 -2.67 -9.49
CA GLU X 194 -77.00 -2.77 -10.91
C GLU X 194 -76.31 -3.96 -11.56
N ASP X 195 -75.42 -4.65 -10.85
CA ASP X 195 -74.67 -5.77 -11.39
C ASP X 195 -75.29 -7.12 -11.05
N THR X 196 -76.59 -7.15 -10.77
CA THR X 196 -77.26 -8.40 -10.44
C THR X 196 -77.64 -9.16 -11.70
N PHE X 197 -77.36 -10.46 -11.71
CA PHE X 197 -77.69 -11.33 -12.83
C PHE X 197 -79.18 -11.67 -12.82
N PHE X 198 -79.74 -11.91 -14.00
CA PHE X 198 -81.14 -12.27 -14.15
C PHE X 198 -81.27 -13.29 -15.29
N PRO X 199 -81.91 -14.44 -15.06
CA PRO X 199 -82.11 -15.47 -16.08
C PRO X 199 -83.04 -15.02 -17.21
N ALA Y 2 -69.00 -32.24 34.68
CA ALA Y 2 -69.97 -31.68 35.62
C ALA Y 2 -70.38 -30.28 35.20
N ALA Y 3 -71.69 -30.07 35.04
CA ALA Y 3 -72.22 -28.77 34.63
C ALA Y 3 -73.63 -28.63 35.19
N VAL Y 4 -74.37 -27.66 34.65
CA VAL Y 4 -75.73 -27.36 35.08
C VAL Y 4 -76.69 -27.85 34.01
N THR Y 5 -77.74 -28.56 34.42
CA THR Y 5 -78.75 -29.10 33.51
C THR Y 5 -80.11 -28.52 33.86
N GLN Y 6 -80.98 -28.45 32.86
CA GLN Y 6 -82.34 -27.92 33.03
C GLN Y 6 -83.33 -28.87 32.39
N SER Y 7 -84.50 -29.03 33.04
CA SER Y 7 -85.51 -29.96 32.57
C SER Y 7 -86.87 -29.49 33.08
N PRO Y 8 -87.86 -29.32 32.20
CA PRO Y 8 -87.82 -29.55 30.75
C PRO Y 8 -87.01 -28.50 30.01
N ARG Y 9 -86.73 -28.72 28.72
CA ARG Y 9 -85.99 -27.77 27.92
C ARG Y 9 -86.86 -27.02 26.93
N ASN Y 10 -88.06 -27.53 26.65
CA ASN Y 10 -89.04 -26.87 25.79
C ASN Y 10 -90.42 -27.31 26.27
N LYS Y 11 -91.27 -26.35 26.62
CA LYS Y 11 -92.56 -26.67 27.21
C LYS Y 11 -93.63 -25.74 26.68
N VAL Y 12 -94.75 -26.31 26.26
CA VAL Y 12 -95.94 -25.57 25.85
C VAL Y 12 -97.01 -25.79 26.91
N ALA Y 13 -97.41 -24.72 27.58
CA ALA Y 13 -98.37 -24.79 28.67
C ALA Y 13 -99.65 -24.05 28.30
N VAL Y 14 -100.60 -24.04 29.24
CA VAL Y 14 -101.89 -23.40 29.06
C VAL Y 14 -102.19 -22.55 30.28
N THR Y 15 -102.83 -21.40 30.06
CA THR Y 15 -103.17 -20.50 31.15
C THR Y 15 -104.02 -21.21 32.20
N GLY Y 16 -103.58 -21.16 33.45
CA GLY Y 16 -104.26 -21.84 34.53
C GLY Y 16 -103.67 -23.18 34.92
N GLY Y 17 -102.51 -23.54 34.39
CA GLY Y 17 -101.86 -24.79 34.70
C GLY Y 17 -100.67 -24.62 35.62
N LYS Y 18 -100.03 -25.75 35.92
CA LYS Y 18 -98.87 -25.79 36.80
C LYS Y 18 -97.67 -26.33 36.04
N VAL Y 19 -96.67 -25.47 35.83
CA VAL Y 19 -95.44 -25.84 35.13
C VAL Y 19 -94.32 -25.78 36.15
N THR Y 20 -93.61 -26.90 36.30
CA THR Y 20 -92.51 -27.00 37.26
C THR Y 20 -91.22 -27.26 36.48
N LEU Y 21 -90.47 -26.20 36.20
CA LEU Y 21 -89.15 -26.33 35.61
C LEU Y 21 -88.13 -26.64 36.70
N SER Y 22 -87.26 -27.60 36.44
CA SER Y 22 -86.30 -28.08 37.42
C SER Y 22 -84.87 -27.92 36.92
N CYS Y 23 -83.95 -27.74 37.86
CA CYS Y 23 -82.54 -27.53 37.56
C CYS Y 23 -81.70 -28.44 38.44
N ASN Y 24 -80.58 -28.92 37.89
CA ASN Y 24 -79.72 -29.86 38.58
C ASN Y 24 -78.26 -29.48 38.33
N GLN Y 25 -77.51 -29.29 39.40
CA GLN Y 25 -76.08 -28.98 39.32
C GLN Y 25 -75.26 -30.12 39.91
N THR Y 26 -74.04 -30.27 39.40
CA THR Y 26 -73.08 -31.24 39.90
C THR Y 26 -71.75 -30.55 40.18
N ASN Y 27 -71.75 -29.22 40.26
CA ASN Y 27 -70.55 -28.43 40.47
C ASN Y 27 -70.22 -28.23 41.95
N ASN Y 28 -70.93 -28.93 42.84
CA ASN Y 28 -70.73 -28.86 44.29
C ASN Y 28 -70.98 -27.46 44.86
N HIS Y 29 -71.77 -26.66 44.15
CA HIS Y 29 -72.03 -25.28 44.57
C HIS Y 29 -73.13 -25.24 45.62
N ASN Y 30 -73.14 -24.16 46.40
CA ASN Y 30 -74.17 -23.95 47.41
C ASN Y 30 -75.24 -22.97 46.96
N ASN Y 31 -74.90 -22.03 46.07
CA ASN Y 31 -75.82 -21.00 45.63
C ASN Y 31 -76.45 -21.40 44.31
N MET Y 32 -77.76 -21.21 44.19
CA MET Y 32 -78.49 -21.52 42.96
C MET Y 32 -79.52 -20.43 42.69
N TYR Y 33 -79.69 -20.11 41.41
CA TYR Y 33 -80.50 -18.97 41.00
C TYR Y 33 -81.41 -19.38 39.85
N TRP Y 34 -82.47 -18.60 39.66
CA TRP Y 34 -83.41 -18.78 38.55
C TRP Y 34 -83.65 -17.43 37.90
N TYR Y 35 -83.28 -17.30 36.63
CA TYR Y 35 -83.35 -16.04 35.91
C TYR Y 35 -84.40 -16.11 34.80
N ARG Y 36 -84.81 -14.94 34.32
CA ARG Y 36 -85.73 -14.82 33.20
C ARG Y 36 -85.20 -13.76 32.24
N GLN Y 37 -85.09 -14.13 30.96
CA GLN Y 37 -84.52 -13.24 29.95
C GLN Y 37 -85.62 -12.83 28.98
N ASP Y 38 -85.92 -11.53 28.96
CA ASP Y 38 -86.83 -10.95 27.98
C ASP Y 38 -86.06 -9.95 27.13
N THR Y 39 -86.68 -9.55 26.01
CA THR Y 39 -86.04 -8.58 25.13
C THR Y 39 -86.03 -7.20 25.79
N GLY Y 40 -84.85 -6.59 25.87
CA GLY Y 40 -84.71 -5.30 26.49
C GLY Y 40 -84.82 -5.30 28.00
N HIS Y 41 -84.47 -6.43 28.64
CA HIS Y 41 -84.61 -6.56 30.09
C HIS Y 41 -83.37 -7.18 30.71
N GLY Y 42 -82.67 -8.03 29.94
CA GLY Y 42 -81.56 -8.76 30.48
C GLY Y 42 -82.03 -9.89 31.37
N LEU Y 43 -81.08 -10.49 32.08
CA LEU Y 43 -81.40 -11.56 33.01
C LEU Y 43 -81.94 -10.95 34.31
N ARG Y 44 -83.09 -11.45 34.76
CA ARG Y 44 -83.77 -10.90 35.93
C ARG Y 44 -84.01 -12.03 36.93
N LEU Y 45 -83.51 -11.85 38.15
CA LEU Y 45 -83.62 -12.89 39.16
C LEU Y 45 -85.06 -13.03 39.63
N ILE Y 46 -85.56 -14.27 39.63
CA ILE Y 46 -86.89 -14.58 40.15
C ILE Y 46 -86.82 -15.09 41.57
N HIS Y 47 -86.01 -16.13 41.80
CA HIS Y 47 -85.83 -16.71 43.11
C HIS Y 47 -84.42 -17.25 43.19
N TYR Y 48 -83.91 -17.42 44.41
CA TYR Y 48 -82.56 -17.93 44.59
C TYR Y 48 -82.46 -18.59 45.96
N SER Y 49 -81.37 -19.32 46.16
CA SER Y 49 -81.21 -20.12 47.38
C SER Y 49 -79.74 -20.18 47.76
N TYR Y 50 -79.46 -19.97 49.05
CA TYR Y 50 -78.10 -20.06 49.56
C TYR Y 50 -77.69 -21.49 49.91
N GLY Y 51 -78.65 -22.40 50.02
CA GLY Y 51 -78.35 -23.78 50.38
C GLY Y 51 -79.61 -24.59 50.41
N ALA Y 52 -79.45 -25.87 50.74
CA ALA Y 52 -80.57 -26.79 50.77
C ALA Y 52 -81.56 -26.43 51.87
N GLY Y 53 -82.82 -26.25 51.50
CA GLY Y 53 -83.85 -25.89 52.45
C GLY Y 53 -84.27 -24.43 52.35
N SER Y 54 -83.30 -23.55 52.17
CA SER Y 54 -83.58 -22.12 52.06
C SER Y 54 -83.98 -21.75 50.64
N THR Y 55 -85.02 -20.92 50.54
CA THR Y 55 -85.46 -20.35 49.25
C THR Y 55 -85.90 -18.92 49.53
N GLU Y 56 -85.05 -17.95 49.21
CA GLU Y 56 -85.38 -16.55 49.37
C GLU Y 56 -85.80 -15.94 48.03
N LYS Y 57 -86.57 -14.86 48.11
CA LYS Y 57 -87.13 -14.24 46.92
C LYS Y 57 -86.10 -13.38 46.21
N GLY Y 58 -86.42 -13.04 44.95
CA GLY Y 58 -85.53 -12.21 44.15
C GLY Y 58 -86.12 -10.86 43.80
N ASP Y 59 -85.98 -10.43 42.55
CA ASP Y 59 -86.49 -9.13 42.12
C ASP Y 59 -87.86 -9.21 41.46
N ILE Y 60 -88.22 -10.35 40.87
CA ILE Y 60 -89.53 -10.52 40.27
C ILE Y 60 -90.14 -11.84 40.77
N PRO Y 61 -90.45 -11.95 42.05
CA PRO Y 61 -90.94 -13.22 42.62
C PRO Y 61 -92.44 -13.42 42.52
N ASP Y 62 -93.18 -12.47 41.97
CA ASP Y 62 -94.63 -12.56 41.92
C ASP Y 62 -95.07 -13.50 40.81
N GLY Y 63 -95.94 -14.45 41.13
CA GLY Y 63 -96.38 -15.46 40.19
C GLY Y 63 -95.54 -16.71 40.17
N TYR Y 64 -94.42 -16.74 40.88
CA TYR Y 64 -93.52 -17.87 40.89
C TYR Y 64 -93.28 -18.33 42.33
N LYS Y 65 -93.07 -19.63 42.49
CA LYS Y 65 -92.64 -20.22 43.75
C LYS Y 65 -91.37 -21.02 43.49
N ALA Y 66 -90.69 -21.40 44.57
CA ALA Y 66 -89.42 -22.11 44.43
C ALA Y 66 -89.24 -23.08 45.57
N SER Y 67 -88.46 -24.14 45.31
CA SER Y 67 -88.17 -25.16 46.31
C SER Y 67 -86.78 -25.70 46.08
N ARG Y 68 -86.03 -25.88 47.17
CA ARG Y 68 -84.67 -26.41 47.13
C ARG Y 68 -84.59 -27.66 47.99
N PRO Y 69 -84.87 -28.84 47.43
CA PRO Y 69 -84.81 -30.07 48.24
C PRO Y 69 -83.40 -30.43 48.65
N SER Y 70 -82.48 -30.48 47.69
CA SER Y 70 -81.09 -30.82 47.94
C SER Y 70 -80.18 -29.70 47.44
N GLN Y 71 -78.89 -29.84 47.75
CA GLN Y 71 -77.91 -28.89 47.23
C GLN Y 71 -77.79 -28.95 45.72
N GLU Y 72 -78.23 -30.05 45.11
CA GLU Y 72 -78.07 -30.28 43.69
C GLU Y 72 -79.33 -29.96 42.87
N ASN Y 73 -80.47 -29.71 43.50
CA ASN Y 73 -81.72 -29.51 42.79
C ASN Y 73 -82.41 -28.24 43.25
N PHE Y 74 -83.08 -27.57 42.30
CA PHE Y 74 -83.75 -26.29 42.56
C PHE Y 74 -84.85 -26.13 41.53
N SER Y 75 -86.10 -26.10 41.97
CA SER Y 75 -87.25 -26.10 41.07
C SER Y 75 -88.01 -24.78 41.16
N LEU Y 76 -88.45 -24.28 40.01
CA LEU Y 76 -89.27 -23.08 39.91
C LEU Y 76 -90.68 -23.50 39.55
N ILE Y 77 -91.62 -23.27 40.47
CA ILE Y 77 -93.00 -23.73 40.33
C ILE Y 77 -93.86 -22.57 39.89
N LEU Y 78 -94.53 -22.73 38.75
CA LEU Y 78 -95.48 -21.75 38.22
C LEU Y 78 -96.88 -22.30 38.50
N GLU Y 79 -97.31 -22.15 39.75
CA GLU Y 79 -98.55 -22.80 40.20
C GLU Y 79 -99.74 -22.43 39.32
N LEU Y 80 -99.88 -21.16 38.98
CA LEU Y 80 -100.92 -20.70 38.07
C LEU Y 80 -100.26 -19.97 36.91
N ALA Y 81 -100.28 -20.58 35.73
CA ALA Y 81 -99.58 -20.03 34.58
C ALA Y 81 -100.38 -18.90 33.96
N THR Y 82 -99.68 -17.84 33.56
CA THR Y 82 -100.24 -16.70 32.84
C THR Y 82 -99.44 -16.48 31.57
N PRO Y 83 -100.08 -15.96 30.51
CA PRO Y 83 -99.35 -15.76 29.25
C PRO Y 83 -98.19 -14.78 29.37
N SER Y 84 -98.13 -13.98 30.43
CA SER Y 84 -97.00 -13.07 30.61
C SER Y 84 -95.71 -13.84 30.88
N GLN Y 85 -95.81 -15.03 31.48
CA GLN Y 85 -94.64 -15.83 31.83
C GLN Y 85 -94.08 -16.62 30.65
N THR Y 86 -94.44 -16.24 29.42
CA THR Y 86 -93.82 -16.80 28.22
C THR Y 86 -92.43 -16.20 28.08
N SER Y 87 -91.39 -16.97 28.45
CA SER Y 87 -90.03 -16.46 28.44
C SER Y 87 -89.06 -17.62 28.46
N VAL Y 88 -87.78 -17.31 28.22
CA VAL Y 88 -86.71 -18.28 28.32
C VAL Y 88 -86.13 -18.19 29.73
N TYR Y 89 -86.14 -19.31 30.45
CA TYR Y 89 -85.71 -19.35 31.83
C TYR Y 89 -84.34 -20.02 31.94
N PHE Y 90 -83.45 -19.41 32.73
CA PHE Y 90 -82.10 -19.89 32.93
C PHE Y 90 -81.86 -20.16 34.39
N CYS Y 91 -81.06 -21.18 34.70
CA CYS Y 91 -80.69 -21.51 36.07
C CYS Y 91 -79.18 -21.41 36.20
N ALA Y 92 -78.72 -20.80 37.30
CA ALA Y 92 -77.31 -20.57 37.51
C ALA Y 92 -76.90 -21.07 38.89
N SER Y 93 -75.63 -21.47 39.00
CA SER Y 93 -75.05 -21.94 40.25
C SER Y 93 -73.73 -21.21 40.49
N GLY Y 94 -73.47 -20.92 41.76
CA GLY Y 94 -72.19 -20.27 42.09
C GLY Y 94 -71.86 -20.47 43.55
N ASP Y 95 -70.75 -19.88 43.99
CA ASP Y 95 -70.39 -19.95 45.42
C ASP Y 95 -70.35 -18.50 45.91
N PHE Y 96 -70.74 -18.26 47.17
CA PHE Y 96 -70.82 -16.87 47.66
C PHE Y 96 -69.56 -16.14 47.32
N GLY Y 97 -69.69 -14.98 46.68
CA GLY Y 97 -68.50 -14.16 46.36
C GLY Y 97 -67.64 -14.86 45.33
N GLY Y 98 -68.25 -15.31 44.24
CA GLY Y 98 -67.64 -16.34 43.40
C GLY Y 98 -67.11 -15.73 42.13
N TYR Y 99 -66.29 -16.46 41.40
CA TYR Y 99 -65.66 -15.89 40.18
C TYR Y 99 -66.62 -15.98 39.03
N GLU Y 100 -67.64 -16.83 39.13
CA GLU Y 100 -68.46 -17.03 37.95
C GLU Y 100 -69.79 -17.66 38.34
N GLN Y 101 -70.85 -17.20 37.70
CA GLN Y 101 -72.16 -17.84 37.81
C GLN Y 101 -72.31 -18.76 36.60
N TYR Y 102 -72.30 -20.07 36.85
CA TYR Y 102 -72.36 -21.06 35.78
C TYR Y 102 -73.81 -21.24 35.35
N PHE Y 103 -74.10 -20.87 34.10
CA PHE Y 103 -75.47 -20.85 33.60
C PHE Y 103 -75.81 -22.18 32.93
N GLY Y 104 -77.10 -22.53 32.96
CA GLY Y 104 -77.58 -23.75 32.36
C GLY Y 104 -78.02 -23.56 30.93
N PRO Y 105 -78.52 -24.64 30.30
CA PRO Y 105 -78.88 -24.58 28.87
C PRO Y 105 -80.00 -23.63 28.54
N GLY Y 106 -81.10 -23.69 29.28
CA GLY Y 106 -82.24 -22.82 29.05
C GLY Y 106 -83.55 -23.55 28.80
N THR Y 107 -84.66 -22.91 29.14
CA THR Y 107 -85.98 -23.54 29.05
C THR Y 107 -86.94 -22.58 28.36
N ARG Y 108 -87.42 -22.97 27.18
CA ARG Y 108 -88.32 -22.12 26.39
C ARG Y 108 -89.75 -22.47 26.78
N LEU Y 109 -90.35 -21.63 27.63
CA LEU Y 109 -91.74 -21.79 28.05
C LEU Y 109 -92.63 -20.87 27.24
N THR Y 110 -93.74 -21.41 26.72
CA THR Y 110 -94.71 -20.65 25.93
C THR Y 110 -96.09 -20.94 26.50
N VAL Y 111 -96.55 -20.08 27.41
CA VAL Y 111 -97.87 -20.23 28.02
C VAL Y 111 -98.91 -19.76 27.00
N LEU Y 112 -99.70 -20.69 26.49
CA LEU Y 112 -100.79 -20.39 25.57
C LEU Y 112 -102.11 -20.31 26.33
N GLU Y 113 -103.16 -19.92 25.62
CA GLU Y 113 -104.50 -19.94 26.18
C GLU Y 113 -105.30 -21.15 25.73
N ASP Y 114 -104.87 -21.83 24.67
CA ASP Y 114 -105.53 -23.01 24.15
C ASP Y 114 -104.54 -23.78 23.30
N LEU Y 115 -104.52 -25.11 23.45
CA LEU Y 115 -103.61 -25.95 22.68
C LEU Y 115 -104.10 -26.18 21.26
N LYS Y 116 -105.28 -25.68 20.89
CA LYS Y 116 -105.83 -25.97 19.58
C LYS Y 116 -105.09 -25.25 18.46
N ASN Y 117 -104.29 -24.24 18.80
CA ASN Y 117 -103.50 -23.50 17.82
C ASN Y 117 -102.14 -24.12 17.56
N VAL Y 118 -101.82 -25.24 18.21
CA VAL Y 118 -100.51 -25.86 18.07
C VAL Y 118 -100.50 -26.70 16.79
N PHE Y 119 -99.50 -26.47 15.94
CA PHE Y 119 -99.37 -27.16 14.67
C PHE Y 119 -97.92 -27.52 14.41
N PRO Y 120 -97.65 -28.70 13.86
CA PRO Y 120 -96.29 -29.05 13.46
C PRO Y 120 -95.92 -28.36 12.16
N PRO Y 121 -94.63 -28.27 11.85
CA PRO Y 121 -94.23 -27.60 10.61
C PRO Y 121 -94.30 -28.52 9.41
N GLU Y 122 -94.48 -27.90 8.24
CA GLU Y 122 -94.41 -28.60 6.96
C GLU Y 122 -93.14 -28.15 6.25
N VAL Y 123 -92.27 -29.09 5.91
CA VAL Y 123 -90.93 -28.82 5.41
C VAL Y 123 -90.86 -29.27 3.96
N ALA Y 124 -90.34 -28.40 3.10
CA ALA Y 124 -90.08 -28.71 1.70
C ALA Y 124 -88.73 -28.16 1.31
N VAL Y 125 -87.97 -28.93 0.54
CA VAL Y 125 -86.62 -28.57 0.12
C VAL Y 125 -86.66 -28.23 -1.36
N PHE Y 126 -86.02 -27.13 -1.73
CA PHE Y 126 -86.05 -26.62 -3.10
C PHE Y 126 -84.68 -26.79 -3.73
N GLU Y 127 -84.65 -27.41 -4.92
CA GLU Y 127 -83.41 -27.73 -5.60
C GLU Y 127 -82.80 -26.47 -6.24
N PRO Y 128 -81.48 -26.44 -6.37
CA PRO Y 128 -80.83 -25.22 -6.87
C PRO Y 128 -81.21 -24.90 -8.31
N SER Y 129 -81.17 -23.61 -8.63
CA SER Y 129 -81.41 -23.17 -10.00
C SER Y 129 -80.19 -23.45 -10.86
N GLU Y 130 -80.43 -23.87 -12.10
CA GLU Y 130 -79.34 -24.09 -13.04
C GLU Y 130 -78.65 -22.79 -13.41
N ALA Y 131 -79.33 -21.64 -13.28
CA ALA Y 131 -78.69 -20.36 -13.59
C ALA Y 131 -77.57 -20.07 -12.62
N GLU Y 132 -77.73 -20.45 -11.34
CA GLU Y 132 -76.68 -20.21 -10.35
C GLU Y 132 -75.47 -21.09 -10.61
N ILE Y 133 -75.70 -22.33 -11.03
CA ILE Y 133 -74.58 -23.24 -11.30
C ILE Y 133 -73.78 -22.76 -12.50
N SER Y 134 -74.47 -22.30 -13.55
CA SER Y 134 -73.76 -21.81 -14.74
C SER Y 134 -73.01 -20.52 -14.44
N HIS Y 135 -73.63 -19.62 -13.67
CA HIS Y 135 -73.05 -18.30 -13.43
C HIS Y 135 -71.93 -18.35 -12.39
N THR Y 136 -72.09 -19.14 -11.34
CA THR Y 136 -71.20 -19.08 -10.19
C THR Y 136 -70.49 -20.39 -9.87
N GLN Y 137 -70.84 -21.49 -10.54
CA GLN Y 137 -70.28 -22.82 -10.24
C GLN Y 137 -70.55 -23.23 -8.79
N LYS Y 138 -71.69 -22.79 -8.25
CA LYS Y 138 -72.11 -23.13 -6.90
C LYS Y 138 -73.61 -23.38 -6.90
N ALA Y 139 -74.07 -24.18 -5.94
CA ALA Y 139 -75.47 -24.57 -5.85
C ALA Y 139 -76.01 -24.22 -4.46
N THR Y 140 -77.16 -23.57 -4.43
CA THR Y 140 -77.81 -23.16 -3.19
C THR Y 140 -79.14 -23.87 -3.03
N LEU Y 141 -79.34 -24.52 -1.89
CA LEU Y 141 -80.58 -25.19 -1.55
C LEU Y 141 -81.31 -24.37 -0.49
N VAL Y 142 -82.63 -24.25 -0.63
CA VAL Y 142 -83.46 -23.48 0.28
C VAL Y 142 -84.46 -24.41 0.93
N CYS Y 143 -84.57 -24.33 2.25
CA CYS Y 143 -85.49 -25.14 3.03
C CYS Y 143 -86.47 -24.23 3.75
N LEU Y 144 -87.77 -24.51 3.59
CA LEU Y 144 -88.82 -23.73 4.22
C LEU Y 144 -89.61 -24.61 5.18
N ALA Y 145 -89.65 -24.22 6.45
CA ALA Y 145 -90.53 -24.79 7.45
C ALA Y 145 -91.64 -23.78 7.73
N THR Y 146 -92.88 -24.12 7.36
CA THR Y 146 -93.98 -23.18 7.43
C THR Y 146 -95.11 -23.75 8.28
N GLY Y 147 -95.93 -22.84 8.79
CA GLY Y 147 -97.13 -23.23 9.51
C GLY Y 147 -96.89 -23.98 10.81
N PHE Y 148 -95.89 -23.56 11.58
CA PHE Y 148 -95.63 -24.14 12.89
C PHE Y 148 -95.89 -23.13 13.98
N TYR Y 149 -96.25 -23.63 15.16
CA TYR Y 149 -96.60 -22.79 16.30
C TYR Y 149 -96.56 -23.67 17.56
N PRO Y 150 -95.86 -23.25 18.62
CA PRO Y 150 -95.11 -22.00 18.83
C PRO Y 150 -93.84 -21.86 17.99
N ASP Y 151 -93.02 -20.86 18.33
CA ASP Y 151 -91.90 -20.45 17.49
C ASP Y 151 -90.66 -21.33 17.64
N HIS Y 152 -90.58 -22.18 18.66
CA HIS Y 152 -89.35 -22.89 18.96
C HIS Y 152 -89.22 -24.15 18.10
N VAL Y 153 -88.41 -24.04 17.05
CA VAL Y 153 -87.99 -25.17 16.22
C VAL Y 153 -86.48 -25.06 16.03
N GLU Y 154 -85.83 -26.20 15.80
CA GLU Y 154 -84.39 -26.25 15.59
C GLU Y 154 -84.12 -26.91 14.25
N LEU Y 155 -83.72 -26.10 13.26
CA LEU Y 155 -83.45 -26.59 11.92
C LEU Y 155 -82.01 -27.03 11.80
N SER Y 156 -81.78 -28.06 10.98
CA SER Y 156 -80.45 -28.55 10.71
C SER Y 156 -80.41 -29.14 9.31
N TRP Y 157 -79.20 -29.21 8.74
CA TRP Y 157 -78.97 -29.77 7.42
C TRP Y 157 -78.17 -31.04 7.56
N TRP Y 158 -78.61 -32.11 6.90
CA TRP Y 158 -77.97 -33.42 6.98
C TRP Y 158 -77.59 -33.89 5.58
N VAL Y 159 -76.32 -34.22 5.39
CA VAL Y 159 -75.79 -34.65 4.11
C VAL Y 159 -75.15 -36.02 4.28
N ASN Y 160 -75.69 -37.02 3.60
CA ASN Y 160 -75.11 -38.37 3.57
C ASN Y 160 -75.01 -38.97 4.96
N GLY Y 161 -76.00 -38.69 5.81
CA GLY Y 161 -76.02 -39.21 7.16
C GLY Y 161 -75.20 -38.43 8.17
N LYS Y 162 -74.61 -37.31 7.77
CA LYS Y 162 -73.81 -36.48 8.67
C LYS Y 162 -74.35 -35.06 8.66
N GLU Y 163 -74.48 -34.46 9.84
CA GLU Y 163 -74.90 -33.08 9.93
C GLU Y 163 -73.78 -32.16 9.49
N VAL Y 164 -74.13 -31.13 8.72
CA VAL Y 164 -73.17 -30.19 8.15
C VAL Y 164 -73.39 -28.82 8.76
N HIS Y 165 -72.30 -28.24 9.28
CA HIS Y 165 -72.32 -26.87 9.79
C HIS Y 165 -71.69 -25.89 8.81
N SER Y 166 -71.21 -26.38 7.66
CA SER Y 166 -70.49 -25.55 6.69
C SER Y 166 -71.43 -25.17 5.54
N GLY Y 167 -71.34 -23.91 5.12
CA GLY Y 167 -72.23 -23.41 4.09
C GLY Y 167 -73.68 -23.33 4.51
N VAL Y 168 -73.94 -23.28 5.81
CA VAL Y 168 -75.30 -23.34 6.35
C VAL Y 168 -75.55 -22.10 7.18
N CYS Y 169 -76.72 -21.48 6.99
CA CYS Y 169 -77.17 -20.45 7.90
C CYS Y 169 -78.69 -20.47 7.93
N THR Y 170 -79.25 -20.11 9.08
CA THR Y 170 -80.68 -20.11 9.28
C THR Y 170 -81.12 -18.71 9.72
N ASP Y 171 -82.34 -18.34 9.36
CA ASP Y 171 -82.87 -17.05 9.76
C ASP Y 171 -82.85 -16.91 11.27
N PRO Y 172 -82.39 -15.78 11.82
CA PRO Y 172 -82.35 -15.64 13.27
C PRO Y 172 -83.72 -15.67 13.92
N GLN Y 173 -84.75 -15.15 13.25
CA GLN Y 173 -86.08 -15.05 13.82
C GLN Y 173 -87.11 -15.63 12.86
N PRO Y 174 -88.05 -16.45 13.36
CA PRO Y 174 -89.17 -16.88 12.51
C PRO Y 174 -90.10 -15.71 12.22
N LEU Y 175 -90.54 -15.61 10.96
CA LEU Y 175 -91.42 -14.54 10.53
C LEU Y 175 -92.87 -15.00 10.53
N LYS Y 176 -93.77 -14.08 10.87
CA LYS Y 176 -95.18 -14.42 10.97
C LYS Y 176 -95.81 -14.55 9.58
N GLU Y 177 -96.56 -15.63 9.37
CA GLU Y 177 -97.29 -15.78 8.11
C GLU Y 177 -98.41 -14.75 8.00
N GLN Y 178 -99.13 -14.51 9.09
CA GLN Y 178 -100.17 -13.49 9.16
C GLN Y 178 -99.89 -12.64 10.40
N PRO Y 179 -99.04 -11.62 10.27
CA PRO Y 179 -98.61 -10.88 11.46
C PRO Y 179 -99.73 -10.12 12.16
N ALA Y 180 -100.83 -9.83 11.48
CA ALA Y 180 -101.93 -9.12 12.11
C ALA Y 180 -102.65 -9.98 13.14
N LEU Y 181 -102.83 -11.27 12.84
CA LEU Y 181 -103.57 -12.16 13.72
C LEU Y 181 -102.75 -12.51 14.96
N ASN Y 182 -103.42 -12.54 16.10
CA ASN Y 182 -102.82 -13.12 17.30
C ASN Y 182 -102.77 -14.64 17.15
N ASP Y 183 -101.81 -15.25 17.85
CA ASP Y 183 -101.54 -16.68 17.71
C ASP Y 183 -101.22 -17.05 16.26
N SER Y 184 -100.51 -16.15 15.59
CA SER Y 184 -100.17 -16.36 14.18
C SER Y 184 -99.20 -17.51 14.03
N ARG Y 185 -99.38 -18.28 12.96
CA ARG Y 185 -98.47 -19.38 12.65
C ARG Y 185 -97.24 -18.86 11.93
N TYR Y 186 -96.10 -19.45 12.22
CA TYR Y 186 -94.80 -18.89 11.85
C TYR Y 186 -94.18 -19.66 10.69
N ALA Y 187 -93.06 -19.13 10.21
CA ALA Y 187 -92.28 -19.75 9.15
C ALA Y 187 -90.81 -19.48 9.38
N LEU Y 188 -89.97 -20.35 8.82
CA LEU Y 188 -88.52 -20.25 8.99
C LEU Y 188 -87.85 -20.80 7.75
N SER Y 189 -86.72 -20.20 7.37
CA SER Y 189 -85.99 -20.59 6.18
C SER Y 189 -84.51 -20.78 6.51
N SER Y 190 -83.84 -21.54 5.64
CA SER Y 190 -82.42 -21.81 5.80
C SER Y 190 -81.81 -22.05 4.44
N ARG Y 191 -80.48 -21.88 4.37
CA ARG Y 191 -79.74 -21.98 3.13
C ARG Y 191 -78.55 -22.92 3.31
N LEU Y 192 -78.32 -23.77 2.31
CA LEU Y 192 -77.14 -24.62 2.26
C LEU Y 192 -76.53 -24.51 0.86
N ARG Y 193 -75.23 -24.20 0.80
CA ARG Y 193 -74.51 -24.08 -0.45
C ARG Y 193 -73.37 -25.08 -0.50
N VAL Y 194 -73.24 -25.75 -1.64
CA VAL Y 194 -72.11 -26.61 -1.94
C VAL Y 194 -71.67 -26.36 -3.37
N SER Y 195 -70.51 -26.90 -3.72
CA SER Y 195 -69.96 -26.70 -5.05
C SER Y 195 -70.88 -27.31 -6.10
N ALA Y 196 -70.76 -26.81 -7.33
CA ALA Y 196 -71.58 -27.32 -8.42
C ALA Y 196 -71.29 -28.80 -8.68
N THR Y 197 -70.01 -29.19 -8.57
CA THR Y 197 -69.66 -30.60 -8.79
C THR Y 197 -70.27 -31.49 -7.73
N PHE Y 198 -70.42 -30.98 -6.52
CA PHE Y 198 -71.10 -31.77 -5.47
C PHE Y 198 -72.54 -32.00 -5.90
N TRP Y 199 -73.27 -30.92 -6.17
CA TRP Y 199 -74.71 -31.06 -6.51
C TRP Y 199 -74.85 -32.07 -7.64
N GLN Y 200 -74.06 -31.90 -8.70
CA GLN Y 200 -74.21 -32.78 -9.88
C GLN Y 200 -74.26 -34.25 -9.43
N ASN Y 201 -73.22 -34.72 -8.73
CA ASN Y 201 -73.16 -36.15 -8.30
C ASN Y 201 -74.56 -36.60 -7.94
N PRO Y 202 -75.19 -37.48 -8.73
CA PRO Y 202 -76.56 -37.88 -8.47
C PRO Y 202 -76.72 -38.58 -7.13
N ARG Y 203 -75.67 -39.24 -6.66
CA ARG Y 203 -75.77 -40.02 -5.40
C ARG Y 203 -75.84 -39.07 -4.19
N ASN Y 204 -75.30 -37.86 -4.32
CA ASN Y 204 -75.26 -36.93 -3.16
C ASN Y 204 -76.69 -36.72 -2.64
N HIS Y 205 -76.91 -37.00 -1.35
CA HIS Y 205 -78.27 -36.86 -0.75
C HIS Y 205 -78.30 -35.62 0.14
N PHE Y 206 -79.39 -34.86 0.07
CA PHE Y 206 -79.52 -33.64 0.90
C PHE Y 206 -80.79 -33.75 1.72
N ARG Y 207 -80.70 -33.58 3.03
CA ARG Y 207 -81.88 -33.62 3.87
C ARG Y 207 -81.92 -32.41 4.79
N CYS Y 208 -83.10 -31.82 4.94
CA CYS Y 208 -83.34 -30.71 5.85
C CYS Y 208 -84.22 -31.21 6.99
N GLN Y 209 -83.72 -31.12 8.22
CA GLN Y 209 -84.40 -31.66 9.38
C GLN Y 209 -84.82 -30.54 10.32
N VAL Y 210 -86.09 -30.55 10.71
CA VAL Y 210 -86.64 -29.56 11.64
C VAL Y 210 -87.16 -30.30 12.86
N GLN Y 211 -86.61 -29.96 14.03
CA GLN Y 211 -87.07 -30.52 15.30
C GLN Y 211 -88.17 -29.62 15.86
N PHE Y 212 -89.41 -30.09 15.82
CA PHE Y 212 -90.52 -29.35 16.39
C PHE Y 212 -90.74 -29.77 17.83
N TYR Y 213 -90.77 -28.80 18.73
CA TYR Y 213 -91.03 -29.03 20.14
C TYR Y 213 -92.49 -28.68 20.40
N GLY Y 214 -93.29 -29.68 20.73
CA GLY Y 214 -94.72 -29.50 20.87
C GLY Y 214 -95.23 -30.10 22.16
N LEU Y 215 -96.41 -30.69 22.07
CA LEU Y 215 -97.08 -31.27 23.23
C LEU Y 215 -96.30 -32.47 23.76
N SER Y 216 -96.39 -32.67 25.08
CA SER Y 216 -95.71 -33.77 25.73
C SER Y 216 -96.62 -34.99 25.79
N GLU Y 217 -96.10 -36.07 26.38
CA GLU Y 217 -96.85 -37.31 26.45
C GLU Y 217 -98.06 -37.20 27.37
N ASN Y 218 -97.99 -36.31 28.37
CA ASN Y 218 -99.05 -36.19 29.36
C ASN Y 218 -100.10 -35.15 29.00
N ASP Y 219 -99.91 -34.40 27.92
CA ASP Y 219 -100.90 -33.40 27.54
C ASP Y 219 -102.14 -34.06 26.95
N GLU Y 220 -103.30 -33.48 27.25
CA GLU Y 220 -104.58 -33.99 26.78
C GLU Y 220 -104.94 -33.36 25.44
N TRP Y 221 -105.29 -34.19 24.47
CA TRP Y 221 -105.68 -33.73 23.14
C TRP Y 221 -107.17 -34.02 22.92
N THR Y 222 -107.88 -33.02 22.41
CA THR Y 222 -109.32 -33.13 22.19
C THR Y 222 -109.75 -32.88 20.75
N GLN Y 223 -108.86 -32.41 19.89
CA GLN Y 223 -109.23 -32.03 18.54
C GLN Y 223 -109.21 -33.22 17.58
N ASP Y 224 -109.86 -33.04 16.42
CA ASP Y 224 -109.99 -34.08 15.41
C ASP Y 224 -108.78 -34.20 14.49
N ARG Y 225 -107.69 -33.49 14.79
CA ARG Y 225 -106.45 -33.62 14.05
C ARG Y 225 -105.59 -34.71 14.68
N ALA Y 226 -104.38 -34.88 14.16
CA ALA Y 226 -103.38 -35.66 14.86
C ALA Y 226 -102.87 -34.86 16.07
N LYS Y 227 -102.20 -35.55 16.97
CA LYS Y 227 -101.70 -34.90 18.18
C LYS Y 227 -100.36 -34.22 17.88
N PRO Y 228 -100.27 -32.89 17.97
CA PRO Y 228 -99.01 -32.21 17.66
C PRO Y 228 -97.97 -32.39 18.75
N VAL Y 229 -97.37 -33.58 18.81
CA VAL Y 229 -96.37 -33.89 19.83
C VAL Y 229 -95.02 -33.36 19.37
N THR Y 230 -94.05 -33.35 20.29
CA THR Y 230 -92.67 -33.09 19.91
C THR Y 230 -92.21 -34.16 18.93
N GLN Y 231 -91.78 -33.74 17.74
CA GLN Y 231 -91.49 -34.67 16.67
C GLN Y 231 -90.47 -34.06 15.72
N ILE Y 232 -90.18 -34.78 14.64
CA ILE Y 232 -89.21 -34.36 13.64
C ILE Y 232 -89.89 -34.39 12.27
N VAL Y 233 -89.80 -33.29 11.55
CA VAL Y 233 -90.33 -33.18 10.19
C VAL Y 233 -89.15 -32.94 9.26
N SER Y 234 -89.00 -33.80 8.25
CA SER Y 234 -87.88 -33.74 7.35
C SER Y 234 -88.34 -33.73 5.90
N ALA Y 235 -87.57 -33.04 5.07
CA ALA Y 235 -87.74 -33.05 3.62
C ALA Y 235 -86.38 -33.24 2.99
N GLU Y 236 -86.34 -33.98 1.87
CA GLU Y 236 -85.09 -34.39 1.27
C GLU Y 236 -85.07 -34.05 -0.21
N ALA Y 237 -83.89 -33.74 -0.72
CA ALA Y 237 -83.66 -33.52 -2.14
C ALA Y 237 -82.46 -34.33 -2.57
N TRP Y 238 -82.38 -34.60 -3.87
CA TRP Y 238 -81.39 -35.52 -4.41
C TRP Y 238 -80.51 -34.83 -5.44
N GLY Y 239 -79.21 -35.11 -5.36
CA GLY Y 239 -78.29 -34.57 -6.35
C GLY Y 239 -78.62 -35.06 -7.74
N ARG Y 240 -78.46 -34.18 -8.73
CA ARG Y 240 -78.81 -34.50 -10.10
C ARG Y 240 -77.84 -33.84 -11.05
N ALA Y 241 -77.28 -34.62 -11.98
CA ALA Y 241 -76.41 -34.05 -13.00
C ALA Y 241 -77.20 -33.19 -13.97
N ASP Y 242 -78.42 -33.62 -14.29
CA ASP Y 242 -79.33 -32.86 -15.17
C ASP Y 242 -78.69 -32.55 -16.53
N GLY Z 1 55.78 8.20 72.63
CA GLY Z 1 55.01 9.30 72.09
C GLY Z 1 55.69 9.96 70.90
N SER Z 2 55.06 11.00 70.37
CA SER Z 2 55.62 11.73 69.25
C SER Z 2 56.84 12.53 69.70
N HIS Z 3 57.99 12.23 69.12
CA HIS Z 3 59.24 12.94 69.40
C HIS Z 3 59.64 13.77 68.19
N SER Z 4 60.67 14.59 68.37
CA SER Z 4 61.05 15.50 67.30
C SER Z 4 62.51 15.88 67.45
N MET Z 5 63.16 16.11 66.30
CA MET Z 5 64.48 16.72 66.22
C MET Z 5 64.35 18.01 65.42
N ARG Z 6 65.03 19.06 65.86
CA ARG Z 6 64.89 20.35 65.20
C ARG Z 6 66.18 21.13 65.34
N TYR Z 7 66.72 21.58 64.21
CA TYR Z 7 67.93 22.38 64.15
C TYR Z 7 67.54 23.80 63.79
N PHE Z 8 68.00 24.77 64.58
CA PHE Z 8 67.70 26.19 64.35
C PHE Z 8 68.98 26.92 63.94
N TYR Z 9 68.88 27.73 62.90
CA TYR Z 9 70.02 28.47 62.36
C TYR Z 9 69.73 29.97 62.41
N THR Z 10 70.78 30.76 62.65
CA THR Z 10 70.65 32.21 62.64
C THR Z 10 71.95 32.80 62.10
N SER Z 11 71.86 33.54 61.00
CA SER Z 11 73.00 34.20 60.39
C SER Z 11 72.67 35.68 60.27
N VAL Z 12 73.43 36.52 61.00
CA VAL Z 12 73.23 37.97 61.00
C VAL Z 12 74.42 38.60 60.30
N SER Z 13 74.14 39.47 59.33
CA SER Z 13 75.18 40.15 58.58
C SER Z 13 75.73 41.32 59.38
N ARG Z 14 77.05 41.44 59.42
CA ARG Z 14 77.76 42.51 60.11
C ARG Z 14 78.52 43.33 59.08
N PRO Z 15 77.91 44.40 58.54
CA PRO Z 15 78.56 45.19 57.49
C PRO Z 15 79.83 45.89 57.98
N GLY Z 16 80.98 45.47 57.46
CA GLY Z 16 82.26 46.05 57.82
C GLY Z 16 82.81 45.63 59.16
N ARG Z 17 81.97 45.10 60.05
CA ARG Z 17 82.39 44.63 61.37
C ARG Z 17 82.86 43.19 61.37
N GLY Z 18 82.97 42.57 60.20
CA GLY Z 18 83.47 41.22 60.06
C GLY Z 18 82.59 40.41 59.15
N GLU Z 19 82.62 39.09 59.35
CA GLU Z 19 81.81 38.16 58.60
C GLU Z 19 80.47 37.93 59.29
N PRO Z 20 79.45 37.48 58.54
CA PRO Z 20 78.17 37.15 59.16
C PRO Z 20 78.32 36.14 60.29
N ARG Z 21 77.64 36.40 61.40
CA ARG Z 21 77.73 35.56 62.58
C ARG Z 21 76.75 34.41 62.47
N PHE Z 22 77.25 33.18 62.57
CA PHE Z 22 76.44 31.98 62.47
C PHE Z 22 76.29 31.35 63.84
N ILE Z 23 75.05 31.25 64.31
CA ILE Z 23 74.71 30.56 65.55
C ILE Z 23 73.77 29.42 65.21
N ALA Z 24 74.08 28.22 65.70
CA ALA Z 24 73.30 27.02 65.41
C ALA Z 24 73.03 26.26 66.70
N VAL Z 25 71.79 25.80 66.87
CA VAL Z 25 71.38 25.03 68.04
C VAL Z 25 70.57 23.83 67.56
N GLY Z 26 70.72 22.70 68.26
CA GLY Z 26 69.97 21.51 67.94
C GLY Z 26 69.17 21.02 69.13
N TYR Z 27 67.89 20.74 68.92
CA TYR Z 27 66.98 20.38 70.00
C TYR Z 27 66.36 19.03 69.68
N VAL Z 28 66.47 18.10 70.62
CA VAL Z 28 65.65 16.89 70.61
C VAL Z 28 64.52 17.10 71.60
N ASP Z 29 63.28 16.99 71.13
CA ASP Z 29 62.11 17.39 71.91
C ASP Z 29 62.28 18.82 72.40
N ASP Z 30 62.47 19.01 73.70
CA ASP Z 30 62.71 20.33 74.28
C ASP Z 30 64.08 20.42 74.94
N THR Z 31 64.98 19.48 74.63
CA THR Z 31 66.30 19.43 75.23
C THR Z 31 67.35 19.71 74.17
N GLN Z 32 68.06 20.81 74.29
CA GLN Z 32 69.16 21.14 73.39
C GLN Z 32 70.30 20.14 73.58
N PHE Z 33 71.00 19.81 72.49
CA PHE Z 33 72.10 18.86 72.55
C PHE Z 33 73.35 19.24 71.77
N VAL Z 34 73.27 20.18 70.82
CA VAL Z 34 74.45 20.63 70.09
C VAL Z 34 74.35 22.15 69.88
N ARG Z 35 75.50 22.74 69.55
CA ARG Z 35 75.59 24.19 69.39
C ARG Z 35 76.86 24.52 68.63
N PHE Z 36 76.81 25.65 67.92
CA PHE Z 36 77.97 26.14 67.18
C PHE Z 36 77.84 27.65 67.03
N ASP Z 37 78.87 28.38 67.45
CA ASP Z 37 78.93 29.82 67.29
C ASP Z 37 80.16 30.17 66.46
N SER Z 38 79.96 31.03 65.46
CA SER Z 38 81.04 31.38 64.55
C SER Z 38 81.99 32.41 65.13
N ASP Z 39 81.57 33.13 66.17
CA ASP Z 39 82.43 34.10 66.85
C ASP Z 39 83.10 33.50 68.08
N ALA Z 40 83.12 32.18 68.20
CA ALA Z 40 83.74 31.51 69.34
C ALA Z 40 85.19 31.17 69.02
N ALA Z 41 85.84 30.47 69.96
CA ALA Z 41 87.23 30.09 69.82
C ALA Z 41 87.41 28.67 69.31
N SER Z 42 86.62 27.72 69.83
CA SER Z 42 86.76 26.33 69.42
C SER Z 42 86.47 26.16 67.94
N GLN Z 43 85.54 26.95 67.40
CA GLN Z 43 85.08 26.81 66.02
C GLN Z 43 84.71 25.36 65.72
N ARG Z 44 83.93 24.78 66.63
CA ARG Z 44 83.58 23.37 66.57
C ARG Z 44 82.17 23.18 67.09
N MET Z 45 81.56 22.06 66.72
CA MET Z 45 80.27 21.69 67.28
C MET Z 45 80.46 21.24 68.72
N GLU Z 46 79.78 21.90 69.65
CA GLU Z 46 80.02 21.59 71.05
C GLU Z 46 78.80 20.93 71.69
N PRO Z 47 79.02 19.89 72.51
CA PRO Z 47 77.89 19.26 73.18
C PRO Z 47 77.25 20.16 74.21
N ARG Z 48 75.94 20.06 74.36
CA ARG Z 48 75.19 20.78 75.39
C ARG Z 48 74.23 19.85 76.14
N ALA Z 49 74.46 18.55 76.10
CA ALA Z 49 73.63 17.57 76.76
C ALA Z 49 74.47 16.35 77.10
N PRO Z 50 74.19 15.68 78.20
CA PRO Z 50 75.05 14.55 78.62
C PRO Z 50 74.92 13.31 77.75
N TRP Z 51 73.86 13.17 76.95
CA TRP Z 51 73.67 11.95 76.17
C TRP Z 51 74.25 12.06 74.77
N ILE Z 52 74.84 13.20 74.39
CA ILE Z 52 75.46 13.34 73.09
C ILE Z 52 76.97 13.24 73.17
N GLU Z 53 77.55 13.27 74.38
CA GLU Z 53 79.00 13.18 74.53
C GLU Z 53 79.52 11.79 74.27
N GLN Z 54 78.64 10.78 74.29
CA GLN Z 54 79.07 9.41 74.01
C GLN Z 54 79.64 9.28 72.61
N GLU Z 55 79.09 10.04 71.66
CA GLU Z 55 79.50 9.92 70.27
C GLU Z 55 80.96 10.30 70.11
N GLY Z 56 81.67 9.56 69.26
CA GLY Z 56 83.09 9.68 69.15
C GLY Z 56 83.52 10.97 68.48
N PRO Z 57 84.84 11.18 68.40
CA PRO Z 57 85.35 12.38 67.74
C PRO Z 57 84.99 12.48 66.27
N GLU Z 58 84.75 11.34 65.62
CA GLU Z 58 84.34 11.36 64.22
C GLU Z 58 83.03 12.09 64.05
N TYR Z 59 82.08 11.86 64.96
CA TYR Z 59 80.82 12.60 64.94
C TYR Z 59 81.06 14.09 65.13
N TRP Z 60 81.97 14.45 66.03
CA TRP Z 60 82.18 15.86 66.34
C TRP Z 60 83.00 16.57 65.26
N ASP Z 61 83.86 15.85 64.54
CA ASP Z 61 84.50 16.45 63.38
C ASP Z 61 83.50 16.58 62.23
N GLN Z 62 82.69 15.55 62.01
CA GLN Z 62 81.74 15.57 60.90
C GLN Z 62 80.73 16.70 61.08
N GLU Z 63 80.13 16.82 62.27
CA GLU Z 63 79.13 17.85 62.51
C GLU Z 63 79.74 19.24 62.41
N THR Z 64 81.03 19.37 62.72
CA THR Z 64 81.68 20.68 62.65
C THR Z 64 81.81 21.15 61.21
N ARG Z 65 82.32 20.28 60.33
CA ARG Z 65 82.46 20.67 58.92
C ARG Z 65 81.09 20.90 58.27
N ASN Z 66 80.12 20.04 58.57
CA ASN Z 66 78.82 20.17 57.92
C ASN Z 66 78.11 21.46 58.34
N VAL Z 67 78.20 21.83 59.61
CA VAL Z 67 77.54 23.05 60.06
C VAL Z 67 78.31 24.28 59.61
N LYS Z 68 79.64 24.17 59.43
CA LYS Z 68 80.40 25.28 58.86
C LYS Z 68 80.02 25.52 57.41
N ALA Z 69 79.58 24.49 56.70
CA ALA Z 69 79.18 24.65 55.30
C ALA Z 69 77.97 25.56 55.20
N GLN Z 70 76.99 25.40 56.07
CA GLN Z 70 75.82 26.27 56.03
C GLN Z 70 76.17 27.71 56.38
N SER Z 71 77.23 27.92 57.16
CA SER Z 71 77.67 29.28 57.43
C SER Z 71 78.18 29.96 56.17
N GLN Z 72 78.95 29.23 55.36
CA GLN Z 72 79.43 29.79 54.09
C GLN Z 72 78.30 29.94 53.09
N THR Z 73 77.37 28.97 53.06
CA THR Z 73 76.24 29.06 52.14
C THR Z 73 75.39 30.29 52.46
N ASP Z 74 75.09 30.52 53.73
CA ASP Z 74 74.30 31.69 54.09
C ASP Z 74 75.04 32.99 53.80
N ARG Z 75 76.37 32.98 53.91
CA ARG Z 75 77.17 34.18 53.63
C ARG Z 75 76.79 34.80 52.30
N VAL Z 76 76.78 33.98 51.24
CA VAL Z 76 76.44 34.50 49.92
C VAL Z 76 74.94 34.75 49.81
N ASP Z 77 74.13 33.98 50.53
CA ASP Z 77 72.68 34.16 50.46
C ASP Z 77 72.24 35.46 51.12
N LEU Z 78 72.98 35.93 52.13
CA LEU Z 78 72.69 37.24 52.71
C LEU Z 78 72.81 38.33 51.64
N GLY Z 79 73.89 38.32 50.86
CA GLY Z 79 74.04 39.31 49.81
C GLY Z 79 73.03 39.15 48.70
N THR Z 80 72.74 37.91 48.32
CA THR Z 80 71.76 37.66 47.26
C THR Z 80 70.40 38.22 47.63
N LEU Z 81 69.95 37.94 48.86
CA LEU Z 81 68.65 38.44 49.30
C LEU Z 81 68.64 39.96 49.43
N ARG Z 82 69.79 40.55 49.76
CA ARG Z 82 69.86 42.01 49.89
C ARG Z 82 69.55 42.68 48.55
N GLY Z 83 70.12 42.16 47.46
CA GLY Z 83 69.84 42.70 46.15
C GLY Z 83 68.43 42.40 45.68
N TYR Z 84 67.92 41.22 46.04
CA TYR Z 84 66.54 40.85 45.70
C TYR Z 84 65.57 41.92 46.18
N TYR Z 85 65.73 42.36 47.44
CA TYR Z 85 64.85 43.35 48.05
C TYR Z 85 65.30 44.78 47.79
N ASN Z 86 66.38 44.96 47.03
CA ASN Z 86 66.98 46.26 46.76
C ASN Z 86 67.29 46.99 48.08
N GLN Z 87 68.21 46.40 48.83
CA GLN Z 87 68.57 46.89 50.16
C GLN Z 87 69.99 47.46 50.15
N SER Z 88 70.32 48.17 51.21
CA SER Z 88 71.62 48.83 51.31
C SER Z 88 72.67 47.85 51.83
N GLU Z 89 73.94 48.22 51.64
CA GLU Z 89 75.06 47.41 52.08
C GLU Z 89 75.53 47.77 53.48
N ASP Z 90 75.02 48.85 54.06
CA ASP Z 90 75.42 49.29 55.39
C ASP Z 90 74.39 48.94 56.46
N GLY Z 91 73.53 47.96 56.20
CA GLY Z 91 72.53 47.55 57.16
C GLY Z 91 72.61 46.06 57.45
N SER Z 92 72.26 45.72 58.68
CA SER Z 92 72.32 44.33 59.13
C SER Z 92 71.01 43.60 58.80
N HIS Z 93 71.14 42.35 58.36
CA HIS Z 93 70.00 41.53 58.00
C HIS Z 93 70.24 40.11 58.50
N THR Z 94 69.16 39.41 58.81
CA THR Z 94 69.24 38.09 59.43
C THR Z 94 68.52 37.03 58.59
N ILE Z 95 69.15 35.87 58.46
CA ILE Z 95 68.56 34.71 57.80
C ILE Z 95 68.42 33.60 58.83
N GLN Z 96 67.21 33.08 58.99
CA GLN Z 96 66.93 32.05 59.98
C GLN Z 96 66.35 30.83 59.28
N ILE Z 97 66.88 29.65 59.62
CA ILE Z 97 66.47 28.39 59.02
C ILE Z 97 66.08 27.42 60.14
N MET Z 98 64.90 26.82 60.03
CA MET Z 98 64.44 25.79 60.95
C MET Z 98 64.05 24.56 60.15
N TYR Z 99 64.61 23.41 60.51
CA TYR Z 99 64.33 22.16 59.80
C TYR Z 99 64.46 21.01 60.79
N GLY Z 100 63.73 19.94 60.52
CA GLY Z 100 63.78 18.77 61.39
C GLY Z 100 62.72 17.76 61.00
N CYS Z 101 62.71 16.67 61.77
CA CYS Z 101 61.82 15.54 61.52
C CYS Z 101 61.03 15.21 62.77
N ASP Z 102 59.93 14.49 62.57
CA ASP Z 102 59.05 14.07 63.65
C ASP Z 102 58.80 12.57 63.53
N VAL Z 103 59.19 11.82 64.55
CA VAL Z 103 58.90 10.40 64.61
C VAL Z 103 57.69 10.18 65.50
N GLY Z 104 57.09 9.01 65.38
CA GLY Z 104 55.95 8.66 66.21
C GLY Z 104 56.36 7.77 67.36
N PRO Z 105 55.38 7.27 68.11
CA PRO Z 105 55.70 6.29 69.17
C PRO Z 105 56.40 5.06 68.63
N ASP Z 106 56.04 4.65 67.41
CA ASP Z 106 56.69 3.50 66.77
C ASP Z 106 58.14 3.77 66.40
N GLY Z 107 58.53 5.04 66.28
CA GLY Z 107 59.83 5.38 65.75
C GLY Z 107 59.84 5.57 64.25
N ARG Z 108 58.67 5.75 63.62
CA ARG Z 108 58.55 5.85 62.19
C ARG Z 108 58.30 7.29 61.78
N PHE Z 109 58.74 7.64 60.57
CA PHE Z 109 58.60 9.00 60.06
C PHE Z 109 57.13 9.44 60.08
N LEU Z 110 56.89 10.61 60.64
CA LEU Z 110 55.56 11.19 60.71
C LEU Z 110 55.43 12.46 59.89
N ARG Z 111 56.35 13.40 60.08
CA ARG Z 111 56.30 14.68 59.39
C ARG Z 111 57.71 15.25 59.27
N GLY Z 112 57.92 16.07 58.25
CA GLY Z 112 59.18 16.77 58.08
C GLY Z 112 58.93 18.24 57.86
N TYR Z 113 59.90 19.06 58.29
CA TYR Z 113 59.77 20.50 58.25
C TYR Z 113 61.03 21.13 57.67
N ARG Z 114 60.84 22.27 57.00
CA ARG Z 114 61.93 23.12 56.55
C ARG Z 114 61.36 24.49 56.24
N GLN Z 115 61.77 25.50 56.99
CA GLN Z 115 61.25 26.86 56.84
C GLN Z 115 62.39 27.84 56.95
N ASP Z 116 62.49 28.75 55.98
CA ASP Z 116 63.53 29.77 55.95
C ASP Z 116 62.87 31.15 56.01
N ALA Z 117 63.59 32.11 56.61
CA ALA Z 117 63.05 33.43 56.86
C ALA Z 117 64.13 34.49 56.68
N TYR Z 118 63.67 35.70 56.37
CA TYR Z 118 64.54 36.86 56.17
C TYR Z 118 64.02 38.02 57.02
N ASP Z 119 64.86 38.52 57.93
CA ASP Z 119 64.50 39.65 58.79
C ASP Z 119 63.23 39.37 59.58
N GLY Z 120 63.13 38.16 60.13
CA GLY Z 120 61.99 37.80 60.95
C GLY Z 120 60.68 37.66 60.20
N LYS Z 121 60.74 37.53 58.87
CA LYS Z 121 59.57 37.37 58.04
C LYS Z 121 59.72 36.10 57.20
N ASP Z 122 58.62 35.37 57.03
CA ASP Z 122 58.67 34.14 56.25
C ASP Z 122 59.15 34.43 54.84
N TYR Z 123 60.06 33.59 54.34
CA TYR Z 123 60.61 33.71 53.00
C TYR Z 123 60.23 32.53 52.12
N ILE Z 124 60.76 31.34 52.42
CA ILE Z 124 60.40 30.13 51.69
C ILE Z 124 60.19 29.01 52.70
N ALA Z 125 59.40 28.00 52.29
CA ALA Z 125 59.07 26.90 53.19
C ALA Z 125 58.76 25.65 52.38
N LEU Z 126 59.37 24.53 52.79
CA LEU Z 126 59.03 23.23 52.20
C LEU Z 126 57.64 22.81 52.68
N ASN Z 127 56.80 22.39 51.74
CA ASN Z 127 55.45 21.97 52.08
C ASN Z 127 55.44 20.56 52.65
N GLU Z 128 54.31 20.17 53.22
CA GLU Z 128 54.20 18.87 53.88
C GLU Z 128 54.46 17.72 52.92
N ASP Z 129 54.21 17.92 51.63
CA ASP Z 129 54.48 16.86 50.67
C ASP Z 129 55.98 16.57 50.53
N LEU Z 130 56.85 17.45 51.07
CA LEU Z 130 58.30 17.33 50.92
C LEU Z 130 58.69 17.24 49.45
N ARG Z 131 57.88 17.85 48.59
CA ARG Z 131 58.04 17.75 47.15
C ARG Z 131 57.80 19.09 46.46
N SER Z 132 57.40 20.12 47.18
CA SER Z 132 57.04 21.41 46.61
C SER Z 132 57.27 22.50 47.64
N TRP Z 133 57.60 23.70 47.16
CA TRP Z 133 57.93 24.82 48.02
C TRP Z 133 56.81 25.85 48.00
N THR Z 134 56.79 26.71 49.02
CA THR Z 134 55.84 27.81 49.10
C THR Z 134 56.59 29.11 49.34
N ALA Z 135 56.30 30.11 48.51
CA ALA Z 135 56.97 31.40 48.57
C ALA Z 135 56.06 32.45 49.21
N ALA Z 136 56.69 33.40 49.90
CA ALA Z 136 55.94 34.47 50.56
C ALA Z 136 55.79 35.69 49.67
N ASP Z 137 56.88 36.20 49.12
CA ASP Z 137 56.86 37.33 48.20
C ASP Z 137 57.32 36.88 46.81
N MET Z 138 57.43 37.85 45.91
CA MET Z 138 57.94 37.57 44.57
C MET Z 138 59.45 37.40 44.56
N ALA Z 139 60.16 37.86 45.60
CA ALA Z 139 61.58 37.60 45.70
C ALA Z 139 61.85 36.16 46.08
N ALA Z 140 60.97 35.55 46.88
CA ALA Z 140 61.11 34.14 47.20
C ALA Z 140 60.81 33.26 46.00
N GLN Z 141 60.04 33.75 45.03
CA GLN Z 141 59.80 32.98 43.82
C GLN Z 141 61.09 32.74 43.05
N ILE Z 142 61.98 33.73 43.05
CA ILE Z 142 63.30 33.56 42.45
C ILE Z 142 64.02 32.39 43.11
N THR Z 143 63.96 32.32 44.44
CA THR Z 143 64.54 31.21 45.16
C THR Z 143 63.80 29.91 44.84
N LYS Z 144 62.47 29.97 44.78
CA LYS Z 144 61.68 28.79 44.48
C LYS Z 144 62.04 28.22 43.10
N ARG Z 145 62.12 29.09 42.09
CA ARG Z 145 62.44 28.64 40.75
C ARG Z 145 63.82 28.00 40.69
N LYS Z 146 64.81 28.66 41.31
CA LYS Z 146 66.15 28.11 41.36
C LYS Z 146 66.16 26.76 42.08
N TRP Z 147 65.49 26.69 43.23
CA TRP Z 147 65.49 25.46 44.03
C TRP Z 147 64.69 24.35 43.36
N GLU Z 148 63.69 24.72 42.55
CA GLU Z 148 62.91 23.72 41.85
C GLU Z 148 63.74 23.03 40.78
N ALA Z 149 64.56 23.80 40.06
CA ALA Z 149 65.42 23.23 39.03
C ALA Z 149 66.67 22.58 39.61
N ALA Z 150 67.01 22.85 40.87
CA ALA Z 150 68.12 22.18 41.53
C ALA Z 150 67.69 20.91 42.25
N HIS Z 151 66.40 20.55 42.16
CA HIS Z 151 65.87 19.36 42.82
C HIS Z 151 66.12 19.39 44.32
N ALA Z 152 66.00 20.57 44.91
CA ALA Z 152 66.27 20.73 46.34
C ALA Z 152 65.24 19.98 47.19
N ALA Z 153 63.99 19.94 46.74
CA ALA Z 153 62.96 19.22 47.49
C ALA Z 153 63.32 17.76 47.66
N GLU Z 154 63.73 17.10 46.57
CA GLU Z 154 64.14 15.70 46.67
C GLU Z 154 65.29 15.52 47.64
N GLN Z 155 66.27 16.42 47.59
CA GLN Z 155 67.43 16.28 48.47
C GLN Z 155 67.04 16.47 49.93
N GLN Z 156 66.21 17.47 50.22
CA GLN Z 156 65.79 17.69 51.59
C GLN Z 156 64.90 16.55 52.08
N ARG Z 157 64.06 16.00 51.19
CA ARG Z 157 63.27 14.84 51.55
C ARG Z 157 64.16 13.63 51.84
N ALA Z 158 65.30 13.54 51.17
CA ALA Z 158 66.19 12.40 51.40
C ALA Z 158 66.81 12.45 52.79
N TYR Z 159 66.90 13.65 53.38
CA TYR Z 159 67.41 13.78 54.74
C TYR Z 159 66.28 13.66 55.77
N LEU Z 160 65.19 14.39 55.55
CA LEU Z 160 64.08 14.40 56.50
C LEU Z 160 63.48 13.00 56.65
N GLU Z 161 63.40 12.25 55.56
CA GLU Z 161 62.90 10.89 55.59
C GLU Z 161 64.00 9.85 55.83
N GLY Z 162 65.27 10.28 55.86
CA GLY Z 162 66.37 9.34 56.00
C GLY Z 162 67.21 9.57 57.23
N ARG Z 163 68.33 10.28 57.06
CA ARG Z 163 69.29 10.44 58.15
C ARG Z 163 68.67 11.09 59.38
N CYS Z 164 67.68 11.99 59.17
CA CYS Z 164 67.05 12.68 60.29
C CYS Z 164 66.40 11.70 61.26
N VAL Z 165 65.44 10.91 60.78
CA VAL Z 165 64.71 10.01 61.66
C VAL Z 165 65.63 8.92 62.20
N GLU Z 166 66.64 8.50 61.42
CA GLU Z 166 67.55 7.48 61.89
C GLU Z 166 68.32 7.94 63.11
N TRP Z 167 68.84 9.17 63.06
CA TRP Z 167 69.64 9.68 64.18
C TRP Z 167 68.77 10.16 65.32
N LEU Z 168 67.55 10.59 65.04
CA LEU Z 168 66.61 10.89 66.11
C LEU Z 168 66.34 9.65 66.94
N ARG Z 169 66.15 8.50 66.27
CA ARG Z 169 65.96 7.25 66.99
C ARG Z 169 67.18 6.90 67.81
N ARG Z 170 68.36 7.05 67.24
CA ARG Z 170 69.60 6.80 67.98
C ARG Z 170 69.71 7.72 69.18
N TYR Z 171 69.39 9.00 69.01
CA TYR Z 171 69.49 9.94 70.13
C TYR Z 171 68.51 9.58 71.23
N LEU Z 172 67.28 9.20 70.88
CA LEU Z 172 66.30 8.88 71.91
C LEU Z 172 66.73 7.69 72.74
N GLU Z 173 67.33 6.68 72.10
CA GLU Z 173 67.80 5.52 72.83
C GLU Z 173 69.01 5.87 73.69
N ASN Z 174 69.94 6.66 73.14
CA ASN Z 174 71.13 7.05 73.90
C ASN Z 174 70.77 7.90 75.11
N GLY Z 175 69.66 8.62 75.06
CA GLY Z 175 69.25 9.42 76.19
C GLY Z 175 67.87 9.04 76.68
N LYS Z 176 67.64 7.73 76.84
CA LYS Z 176 66.33 7.25 77.29
C LYS Z 176 65.92 7.91 78.60
N GLU Z 177 66.81 7.86 79.59
CA GLU Z 177 66.49 8.37 80.92
C GLU Z 177 66.30 9.88 80.94
N THR Z 178 66.85 10.59 79.96
CA THR Z 178 66.83 12.05 79.96
C THR Z 178 65.90 12.63 78.90
N LEU Z 179 65.22 11.81 78.11
CA LEU Z 179 64.36 12.35 77.06
C LEU Z 179 62.95 11.80 77.09
N GLN Z 180 62.79 10.49 77.32
CA GLN Z 180 61.47 9.87 77.29
C GLN Z 180 60.74 10.00 78.62
N ARG Z 181 61.37 10.56 79.63
CA ARG Z 181 60.73 10.73 80.93
C ARG Z 181 59.86 11.98 80.92
N THR Z 182 58.84 11.99 81.77
CA THR Z 182 57.98 13.15 81.96
C THR Z 182 58.06 13.58 83.41
N ASP Z 183 58.30 14.87 83.64
CA ASP Z 183 58.35 15.40 84.99
C ASP Z 183 57.05 16.14 85.28
N PRO Z 184 56.17 15.61 86.13
CA PRO Z 184 54.91 16.29 86.39
C PRO Z 184 55.15 17.58 87.15
N PRO Z 185 54.27 18.57 86.98
CA PRO Z 185 54.50 19.87 87.62
C PRO Z 185 54.30 19.79 89.13
N LYS Z 186 55.14 20.52 89.85
CA LYS Z 186 54.99 20.71 91.30
C LYS Z 186 54.10 21.92 91.50
N THR Z 187 52.86 21.69 91.92
CA THR Z 187 51.84 22.72 91.94
C THR Z 187 51.55 23.19 93.36
N HIS Z 188 51.41 24.51 93.51
CA HIS Z 188 51.01 25.12 94.76
C HIS Z 188 50.35 26.45 94.45
N MET Z 189 49.67 27.01 95.45
CA MET Z 189 48.93 28.26 95.28
C MET Z 189 49.37 29.27 96.33
N THR Z 190 49.32 30.54 95.97
CA THR Z 190 49.74 31.62 96.85
C THR Z 190 48.71 32.75 96.82
N HIS Z 191 48.73 33.57 97.87
CA HIS Z 191 47.71 34.58 98.12
C HIS Z 191 48.40 35.89 98.49
N HIS Z 192 48.16 36.93 97.70
CA HIS Z 192 48.74 38.25 97.95
C HIS Z 192 47.64 39.31 97.99
N PRO Z 193 47.32 39.84 99.16
CA PRO Z 193 46.36 40.95 99.24
C PRO Z 193 46.85 42.19 98.51
N ILE Z 194 45.99 42.74 97.67
CA ILE Z 194 46.26 44.02 97.03
C ILE Z 194 45.84 45.17 97.94
N SER Z 195 44.65 45.06 98.52
CA SER Z 195 44.10 46.05 99.43
C SER Z 195 43.31 45.32 100.50
N ASP Z 196 42.52 46.07 101.27
CA ASP Z 196 41.63 45.45 102.24
C ASP Z 196 40.40 44.83 101.60
N HIS Z 197 40.15 45.11 100.32
CA HIS Z 197 38.98 44.62 99.61
C HIS Z 197 39.32 43.75 98.41
N GLU Z 198 40.60 43.48 98.15
CA GLU Z 198 41.01 42.72 96.98
C GLU Z 198 42.25 41.91 97.30
N ALA Z 199 42.47 40.86 96.52
CA ALA Z 199 43.63 40.00 96.69
C ALA Z 199 43.94 39.30 95.37
N THR Z 200 45.16 38.77 95.27
CA THR Z 200 45.62 38.08 94.07
C THR Z 200 45.91 36.63 94.40
N LEU Z 201 45.19 35.72 93.75
CA LEU Z 201 45.42 34.29 93.89
C LEU Z 201 46.26 33.83 92.70
N ARG Z 202 47.49 33.40 92.97
CA ARG Z 202 48.37 32.90 91.92
C ARG Z 202 48.54 31.38 92.00
N CYS Z 203 48.53 30.75 90.85
CA CYS Z 203 48.61 29.30 90.72
C CYS Z 203 49.93 28.95 90.02
N TRP Z 204 50.72 28.08 90.64
CA TRP Z 204 52.08 27.82 90.20
C TRP Z 204 52.23 26.41 89.65
N ALA Z 205 53.11 26.28 88.65
CA ALA Z 205 53.52 24.99 88.11
C ALA Z 205 55.04 25.04 87.95
N LEU Z 206 55.74 24.25 88.75
CA LEU Z 206 57.20 24.34 88.86
C LEU Z 206 57.85 23.03 88.45
N GLY Z 207 59.01 23.14 87.82
CA GLY Z 207 59.87 22.00 87.55
C GLY Z 207 59.25 20.91 86.71
N PHE Z 208 58.48 21.27 85.69
CA PHE Z 208 57.80 20.31 84.84
C PHE Z 208 58.48 20.21 83.48
N TYR Z 209 58.23 19.08 82.81
CA TYR Z 209 58.80 18.76 81.51
C TYR Z 209 57.88 17.75 80.83
N PRO Z 210 57.58 17.93 79.55
CA PRO Z 210 58.01 18.99 78.63
C PRO Z 210 57.28 20.32 78.83
N ALA Z 211 57.35 21.22 77.85
CA ALA Z 211 56.78 22.56 77.99
C ALA Z 211 55.26 22.58 77.89
N GLU Z 212 54.67 21.61 77.18
CA GLU Z 212 53.23 21.61 76.95
C GLU Z 212 52.46 21.54 78.27
N ILE Z 213 51.80 22.63 78.64
CA ILE Z 213 51.05 22.70 79.89
C ILE Z 213 49.90 23.68 79.72
N THR Z 214 48.78 23.39 80.39
CA THR Z 214 47.59 24.22 80.32
C THR Z 214 47.15 24.56 81.74
N LEU Z 215 47.00 25.86 82.01
CA LEU Z 215 46.56 26.34 83.32
C LEU Z 215 45.35 27.24 83.13
N THR Z 216 44.26 26.91 83.79
CA THR Z 216 43.00 27.61 83.60
C THR Z 216 42.30 27.82 84.93
N TRP Z 217 41.75 29.01 85.14
CA TRP Z 217 40.93 29.30 86.30
C TRP Z 217 39.46 29.05 85.99
N GLN Z 218 38.70 28.76 87.05
CA GLN Z 218 37.26 28.57 86.94
C GLN Z 218 36.56 29.26 88.10
N ARG Z 219 35.42 29.86 87.81
CA ARG Z 219 34.56 30.49 88.81
C ARG Z 219 33.25 29.71 88.84
N ASP Z 220 33.13 28.80 89.81
CA ASP Z 220 31.97 27.91 89.93
C ASP Z 220 31.76 27.09 88.65
N GLY Z 221 32.87 26.69 88.04
CA GLY Z 221 32.83 25.97 86.78
C GLY Z 221 32.89 26.84 85.54
N GLU Z 222 32.79 28.15 85.69
CA GLU Z 222 32.86 29.07 84.56
C GLU Z 222 34.28 29.57 84.38
N ASP Z 223 34.82 29.42 83.17
CA ASP Z 223 36.19 29.81 82.90
C ASP Z 223 36.36 31.32 83.03
N GLN Z 224 37.49 31.74 83.60
CA GLN Z 224 37.80 33.15 83.81
C GLN Z 224 38.98 33.59 82.93
N THR Z 225 39.00 33.14 81.68
CA THR Z 225 40.11 33.44 80.79
C THR Z 225 40.22 34.92 80.46
N GLN Z 226 39.13 35.68 80.61
CA GLN Z 226 39.17 37.11 80.30
C GLN Z 226 39.71 37.94 81.47
N ASP Z 227 39.60 37.45 82.70
CA ASP Z 227 40.07 38.15 83.89
C ASP Z 227 41.37 37.57 84.42
N THR Z 228 42.17 36.95 83.55
CA THR Z 228 43.30 36.14 83.95
C THR Z 228 44.60 36.74 83.44
N GLU Z 229 45.64 36.70 84.29
CA GLU Z 229 47.00 37.04 83.89
C GLU Z 229 47.77 35.74 83.64
N LEU Z 230 48.25 35.57 82.42
CA LEU Z 230 48.97 34.38 82.00
C LEU Z 230 50.35 34.80 81.50
N VAL Z 231 51.40 34.22 82.08
CA VAL Z 231 52.77 34.53 81.66
C VAL Z 231 53.27 33.39 80.77
N GLU Z 232 54.19 33.74 79.87
CA GLU Z 232 54.77 32.75 78.98
C GLU Z 232 55.54 31.70 79.78
N THR Z 233 55.39 30.44 79.37
CA THR Z 233 56.15 29.36 79.99
C THR Z 233 57.64 29.64 79.89
N ARG Z 234 58.34 29.54 81.02
CA ARG Z 234 59.72 29.98 81.10
C ARG Z 234 60.61 28.83 81.57
N PRO Z 235 61.86 28.82 81.11
CA PRO Z 235 62.80 27.78 81.55
C PRO Z 235 63.41 28.09 82.89
N ALA Z 236 63.60 27.05 83.70
CA ALA Z 236 64.28 27.19 84.99
C ALA Z 236 65.80 27.12 84.87
N GLY Z 237 66.32 26.68 83.73
CA GLY Z 237 67.74 26.55 83.54
C GLY Z 237 68.28 25.15 83.74
N ASP Z 238 67.51 24.26 84.38
CA ASP Z 238 67.93 22.90 84.64
C ASP Z 238 67.21 21.88 83.77
N GLY Z 239 66.64 22.32 82.65
CA GLY Z 239 65.89 21.45 81.78
C GLY Z 239 64.39 21.43 82.04
N THR Z 240 63.96 21.87 83.22
CA THR Z 240 62.54 21.94 83.55
C THR Z 240 62.04 23.36 83.34
N PHE Z 241 60.71 23.49 83.35
CA PHE Z 241 60.04 24.72 82.96
C PHE Z 241 59.12 25.20 84.07
N GLN Z 242 58.69 26.46 83.96
CA GLN Z 242 57.85 27.10 84.97
C GLN Z 242 56.71 27.84 84.31
N LYS Z 243 55.62 28.00 85.06
CA LYS Z 243 54.48 28.79 84.60
C LYS Z 243 53.54 29.10 85.77
N TRP Z 244 53.18 30.37 85.95
CA TRP Z 244 52.27 30.77 87.01
C TRP Z 244 51.14 31.60 86.42
N ALA Z 245 49.99 31.54 87.08
CA ALA Z 245 48.76 32.15 86.59
C ALA Z 245 48.07 32.86 87.74
N ALA Z 246 47.65 34.11 87.51
CA ALA Z 246 47.06 34.94 88.56
C ALA Z 246 45.63 35.32 88.21
N VAL Z 247 44.86 35.62 89.25
CA VAL Z 247 43.50 36.11 89.11
C VAL Z 247 43.19 36.97 90.33
N VAL Z 248 42.44 38.06 90.11
CA VAL Z 248 42.07 38.97 91.18
C VAL Z 248 40.75 38.49 91.79
N VAL Z 249 40.69 38.47 93.11
CA VAL Z 249 39.56 37.87 93.82
C VAL Z 249 38.93 38.87 94.77
N PRO Z 250 37.64 38.72 95.11
CA PRO Z 250 37.09 39.47 96.24
C PRO Z 250 37.66 38.96 97.55
N SER Z 251 37.43 39.74 98.61
CA SER Z 251 38.06 39.44 99.90
C SER Z 251 37.60 38.09 100.46
N GLY Z 252 36.32 37.75 100.27
CA GLY Z 252 35.80 36.56 100.89
C GLY Z 252 35.30 35.47 99.97
N GLU Z 253 35.79 35.43 98.73
CA GLU Z 253 35.36 34.45 97.75
C GLU Z 253 36.58 33.77 97.12
N GLU Z 254 37.57 33.45 97.96
CA GLU Z 254 38.74 32.73 97.47
C GLU Z 254 38.33 31.30 97.13
N GLN Z 255 37.40 30.74 97.90
CA GLN Z 255 36.98 29.36 97.70
C GLN Z 255 36.15 29.17 96.44
N ARG Z 256 35.70 30.26 95.81
CA ARG Z 256 34.91 30.16 94.59
C ARG Z 256 35.75 29.92 93.34
N TYR Z 257 37.06 30.07 93.42
CA TYR Z 257 37.95 29.95 92.26
C TYR Z 257 38.83 28.73 92.41
N THR Z 258 39.02 28.01 91.30
CA THR Z 258 39.89 26.84 91.26
C THR Z 258 40.81 26.91 90.05
N CYS Z 259 41.98 26.31 90.20
CA CYS Z 259 43.00 26.26 89.17
C CYS Z 259 43.18 24.83 88.69
N HIS Z 260 43.10 24.63 87.38
CA HIS Z 260 43.20 23.31 86.77
C HIS Z 260 44.50 23.19 85.99
N VAL Z 261 45.32 22.22 86.37
CA VAL Z 261 46.62 21.98 85.74
C VAL Z 261 46.48 20.80 84.80
N GLN Z 262 46.82 21.02 83.53
CA GLN Z 262 46.81 19.96 82.52
C GLN Z 262 48.23 19.77 82.00
N HIS Z 263 48.69 18.52 81.98
CA HIS Z 263 50.05 18.19 81.58
C HIS Z 263 50.13 16.69 81.38
N GLU Z 264 50.91 16.26 80.37
CA GLU Z 264 50.96 14.84 80.03
C GLU Z 264 51.67 14.01 81.10
N GLY Z 265 52.53 14.62 81.90
CA GLY Z 265 53.14 13.93 83.02
C GLY Z 265 52.21 13.65 84.17
N LEU Z 266 51.04 14.29 84.20
CA LEU Z 266 50.05 14.05 85.23
C LEU Z 266 49.06 13.00 84.76
N PRO Z 267 48.89 11.89 85.48
CA PRO Z 267 47.90 10.89 85.03
C PRO Z 267 46.49 11.43 85.02
N LYS Z 268 46.15 12.31 85.96
CA LYS Z 268 44.85 12.95 86.03
C LYS Z 268 45.04 14.46 86.20
N PRO Z 269 44.20 15.27 85.57
CA PRO Z 269 44.33 16.72 85.72
C PRO Z 269 44.13 17.14 87.16
N LEU Z 270 44.93 18.11 87.60
CA LEU Z 270 44.89 18.59 88.97
C LEU Z 270 43.86 19.70 89.12
N THR Z 271 43.46 19.94 90.37
CA THR Z 271 42.53 21.01 90.71
C THR Z 271 42.98 21.62 92.02
N LEU Z 272 43.47 22.86 91.95
CA LEU Z 272 43.98 23.57 93.12
C LEU Z 272 42.90 24.52 93.64
N ARG Z 273 42.65 24.49 94.94
CA ARG Z 273 41.72 25.40 95.59
C ARG Z 273 42.35 25.98 96.83
N TRP Z 274 42.00 27.23 97.12
CA TRP Z 274 42.56 27.92 98.27
C TRP Z 274 41.75 27.66 99.53
N ILE AA 2 60.41 45.00 60.39
CA ILE AA 2 59.76 44.54 61.61
C ILE AA 2 60.78 44.35 62.73
N GLN AA 3 60.55 45.04 63.84
CA GLN AA 3 61.35 44.90 65.05
C GLN AA 3 60.44 44.66 66.23
N ARG AA 4 60.85 43.77 67.13
CA ARG AA 4 60.00 43.28 68.21
C ARG AA 4 60.61 43.64 69.56
N THR AA 5 59.80 44.25 70.42
CA THR AA 5 60.26 44.64 71.75
C THR AA 5 60.41 43.41 72.63
N PRO AA 6 61.52 43.25 73.34
CA PRO AA 6 61.71 42.04 74.15
C PRO AA 6 60.73 41.97 75.31
N LYS AA 7 60.29 40.75 75.61
CA LYS AA 7 59.50 40.46 76.79
C LYS AA 7 60.44 39.91 77.87
N ILE AA 8 60.41 40.52 79.04
CA ILE AA 8 61.40 40.25 80.08
C ILE AA 8 60.70 39.67 81.30
N GLN AA 9 61.23 38.56 81.81
CA GLN AA 9 60.76 37.96 83.05
C GLN AA 9 61.98 37.67 83.92
N VAL AA 10 61.90 38.07 85.18
CA VAL AA 10 62.96 37.83 86.16
C VAL AA 10 62.39 36.96 87.26
N TYR AA 11 63.13 35.91 87.62
CA TYR AA 11 62.63 34.90 88.54
C TYR AA 11 63.81 34.06 89.01
N SER AA 12 63.54 33.13 89.92
CA SER AA 12 64.54 32.23 90.45
C SER AA 12 64.20 30.79 90.07
N ARG AA 13 65.24 29.97 89.94
CA ARG AA 13 65.06 28.59 89.52
C ARG AA 13 64.20 27.82 90.52
N HIS AA 14 64.55 27.89 91.79
CA HIS AA 14 63.78 27.29 92.87
C HIS AA 14 63.10 28.37 93.70
N PRO AA 15 62.08 28.00 94.48
CA PRO AA 15 61.48 28.99 95.39
C PRO AA 15 62.53 29.61 96.30
N ALA AA 16 62.44 30.92 96.46
CA ALA AA 16 63.48 31.69 97.14
C ALA AA 16 63.41 31.48 98.64
N GLU AA 17 64.46 30.90 99.22
CA GLU AA 17 64.63 30.81 100.66
C GLU AA 17 65.97 31.43 101.03
N ASN AA 18 65.94 32.32 102.02
CA ASN AA 18 67.12 33.13 102.35
C ASN AA 18 68.24 32.26 102.92
N GLY AA 19 69.47 32.56 102.51
CA GLY AA 19 70.63 31.83 102.97
C GLY AA 19 70.89 30.52 102.27
N LYS AA 20 70.12 30.17 101.24
CA LYS AA 20 70.25 28.92 100.53
C LYS AA 20 70.55 29.19 99.05
N SER AA 21 71.43 28.38 98.47
CA SER AA 21 71.89 28.62 97.12
C SER AA 21 70.75 28.46 96.12
N ASN AA 22 70.72 29.36 95.13
CA ASN AA 22 69.70 29.36 94.10
C ASN AA 22 70.24 30.14 92.91
N PHE AA 23 69.53 30.05 91.79
CA PHE AA 23 69.94 30.73 90.57
C PHE AA 23 68.98 31.87 90.24
N LEU AA 24 69.52 32.95 89.70
CA LEU AA 24 68.74 34.10 89.28
C LEU AA 24 68.61 34.08 87.77
N ASN AA 25 67.39 34.00 87.27
CA ASN AA 25 67.12 33.87 85.85
C ASN AA 25 66.50 35.17 85.31
N CYS AA 26 67.00 35.62 84.16
CA CYS AA 26 66.38 36.69 83.38
C CYS AA 26 66.12 36.14 81.99
N TYR AA 27 64.85 35.90 81.69
CA TYR AA 27 64.44 35.25 80.44
C TYR AA 27 63.91 36.31 79.48
N VAL AA 28 64.66 36.59 78.43
CA VAL AA 28 64.31 37.59 77.43
C VAL AA 28 63.85 36.85 76.18
N SER AA 29 62.60 37.10 75.76
CA SER AA 29 62.00 36.36 74.67
C SER AA 29 61.20 37.30 73.77
N GLY AA 30 60.90 36.83 72.57
CA GLY AA 30 60.03 37.54 71.66
C GLY AA 30 60.61 38.81 71.07
N PHE AA 31 61.93 38.88 70.93
CA PHE AA 31 62.61 40.08 70.45
C PHE AA 31 63.28 39.82 69.11
N HIS AA 32 63.45 40.89 68.33
CA HIS AA 32 64.06 40.83 67.01
C HIS AA 32 64.53 42.23 66.65
N PRO AA 33 65.75 42.39 66.13
CA PRO AA 33 66.74 41.36 65.78
C PRO AA 33 67.47 40.74 66.97
N SER AA 34 68.49 39.94 66.70
CA SER AA 34 69.13 39.15 67.75
C SER AA 34 70.02 40.00 68.64
N ASP AA 35 70.53 41.12 68.14
CA ASP AA 35 71.47 41.94 68.89
C ASP AA 35 70.82 42.53 70.13
N ILE AA 36 71.28 42.11 71.31
CA ILE AA 36 70.72 42.56 72.57
C ILE AA 36 71.81 42.59 73.62
N GLU AA 37 71.67 43.51 74.58
CA GLU AA 37 72.57 43.62 75.72
C GLU AA 37 71.74 43.49 76.98
N VAL AA 38 72.06 42.51 77.81
CA VAL AA 38 71.31 42.22 79.03
C VAL AA 38 72.30 41.97 80.17
N ASP AA 39 72.06 42.61 81.31
CA ASP AA 39 72.90 42.46 82.48
C ASP AA 39 72.05 42.16 83.72
N LEU AA 40 72.62 41.40 84.63
CA LEU AA 40 71.99 41.10 85.91
C LEU AA 40 72.53 42.06 86.98
N LEU AA 41 71.62 42.70 87.70
CA LEU AA 41 71.97 43.74 88.65
C LEU AA 41 71.78 43.25 90.07
N LYS AA 42 72.78 43.49 90.92
CA LYS AA 42 72.72 43.25 92.35
C LYS AA 42 72.90 44.57 93.07
N ASN AA 43 71.83 45.06 93.71
CA ASN AA 43 71.84 46.35 94.40
C ASN AA 43 72.21 47.48 93.44
N GLY AA 44 71.75 47.38 92.19
CA GLY AA 44 72.00 48.38 91.19
C GLY AA 44 73.33 48.27 90.47
N GLU AA 45 74.14 47.25 90.79
CA GLU AA 45 75.44 47.07 90.17
C GLU AA 45 75.47 45.77 89.39
N ARG AA 46 76.27 45.77 88.31
CA ARG AA 46 76.37 44.62 87.44
C ARG AA 46 76.99 43.42 88.16
N ILE AA 47 76.52 42.23 87.82
CA ILE AA 47 77.10 40.99 88.31
C ILE AA 47 78.11 40.50 87.29
N GLU AA 48 79.32 40.19 87.75
CA GLU AA 48 80.43 39.93 86.83
C GLU AA 48 80.25 38.62 86.09
N LYS AA 49 80.23 37.50 86.80
CA LYS AA 49 80.14 36.18 86.19
C LYS AA 49 78.67 35.86 85.93
N VAL AA 50 78.23 36.05 84.69
CA VAL AA 50 76.87 35.69 84.25
C VAL AA 50 77.00 34.92 82.94
N GLU AA 51 76.55 33.67 82.97
CA GLU AA 51 76.50 32.86 81.76
C GLU AA 51 75.16 33.07 81.06
N HIS AA 52 75.13 32.76 79.76
CA HIS AA 52 73.95 32.95 78.95
C HIS AA 52 73.69 31.72 78.10
N SER AA 53 72.41 31.45 77.84
CA SER AA 53 72.03 30.33 77.01
C SER AA 53 72.38 30.61 75.55
N ASP AA 54 72.20 29.59 74.71
CA ASP AA 54 72.47 29.70 73.29
C ASP AA 54 71.27 30.29 72.55
N LEU AA 55 71.58 31.08 71.51
CA LEU AA 55 70.54 31.78 70.78
C LEU AA 55 69.63 30.81 70.05
N SER AA 56 68.32 31.02 70.18
CA SER AA 56 67.32 30.27 69.45
C SER AA 56 66.13 31.18 69.20
N PHE AA 57 65.14 30.68 68.48
CA PHE AA 57 63.97 31.46 68.12
C PHE AA 57 62.73 30.58 68.17
N SER AA 58 61.58 31.24 68.23
CA SER AA 58 60.28 30.58 68.34
C SER AA 58 59.66 30.40 66.97
N LYS AA 59 58.38 30.02 66.94
CA LYS AA 59 57.70 29.75 65.67
C LYS AA 59 57.55 31.03 64.87
N ASP AA 60 57.28 32.15 65.53
CA ASP AA 60 57.13 33.45 64.86
C ASP AA 60 58.46 34.12 64.57
N TRP AA 61 59.56 33.37 64.55
CA TRP AA 61 60.91 33.82 64.23
C TRP AA 61 61.48 34.77 65.27
N SER AA 62 60.79 35.01 66.37
CA SER AA 62 61.32 35.89 67.41
C SER AA 62 62.28 35.11 68.31
N PHE AA 63 63.35 35.80 68.74
CA PHE AA 63 64.41 35.16 69.50
C PHE AA 63 64.03 35.02 70.97
N TYR AA 64 64.80 34.20 71.69
CA TYR AA 64 64.65 34.08 73.13
C TYR AA 64 65.98 33.65 73.74
N LEU AA 65 66.30 34.21 74.90
CA LEU AA 65 67.54 33.93 75.60
C LEU AA 65 67.29 33.91 77.10
N LEU AA 66 68.13 33.16 77.82
CA LEU AA 66 68.03 33.02 79.26
C LEU AA 66 69.40 33.29 79.88
N TYR AA 67 69.50 34.38 80.64
CA TYR AA 67 70.72 34.70 81.36
C TYR AA 67 70.55 34.30 82.82
N TYR AA 68 71.56 33.63 83.37
CA TYR AA 68 71.48 33.08 84.72
C TYR AA 68 72.81 33.22 85.42
N THR AA 69 72.75 33.24 86.75
CA THR AA 69 73.94 33.24 87.59
C THR AA 69 73.59 32.64 88.94
N GLU AA 70 74.61 32.19 89.65
CA GLU AA 70 74.43 31.60 90.97
C GLU AA 70 74.53 32.67 92.04
N PHE AA 71 73.62 32.63 93.01
CA PHE AA 71 73.52 33.66 94.02
C PHE AA 71 72.83 33.09 95.25
N THR AA 72 72.94 33.82 96.35
CA THR AA 72 72.27 33.46 97.59
C THR AA 72 71.34 34.59 98.01
N PRO AA 73 70.03 34.40 97.95
CA PRO AA 73 69.11 35.50 98.26
C PRO AA 73 69.14 35.86 99.73
N THR AA 74 68.93 37.14 100.00
CA THR AA 74 68.84 37.65 101.37
C THR AA 74 67.59 38.50 101.49
N GLU AA 75 67.27 38.87 102.74
CA GLU AA 75 66.12 39.73 102.98
C GLU AA 75 66.38 41.17 102.54
N LYS AA 76 67.65 41.59 102.48
CA LYS AA 76 67.99 42.97 102.17
C LYS AA 76 68.28 43.19 100.69
N ASP AA 77 69.04 42.29 100.07
CA ASP AA 77 69.53 42.52 98.71
C ASP AA 77 68.38 42.56 97.71
N GLU AA 78 68.45 43.52 96.79
CA GLU AA 78 67.52 43.66 95.70
C GLU AA 78 68.22 43.30 94.40
N TYR AA 79 67.56 42.47 93.58
CA TYR AA 79 68.11 42.02 92.31
C TYR AA 79 67.20 42.48 91.17
N ALA AA 80 67.82 42.77 90.03
CA ALA AA 80 67.07 43.23 88.87
C ALA AA 80 67.83 42.85 87.60
N CYS AA 81 67.14 42.98 86.47
CA CYS AA 81 67.70 42.66 85.16
C CYS AA 81 67.63 43.90 84.28
N ARG AA 82 68.76 44.24 83.66
CA ARG AA 82 68.87 45.41 82.81
C ARG AA 82 68.98 44.94 81.36
N VAL AA 83 68.00 45.32 80.54
CA VAL AA 83 67.94 44.89 79.15
C VAL AA 83 67.95 46.14 78.28
N ASN AA 84 68.90 46.20 77.34
CA ASN AA 84 68.97 47.27 76.36
C ASN AA 84 68.84 46.66 74.97
N HIS AA 85 68.02 47.27 74.13
CA HIS AA 85 67.72 46.72 72.81
C HIS AA 85 67.51 47.88 71.84
N VAL AA 86 67.56 47.57 70.54
CA VAL AA 86 67.37 48.59 69.53
C VAL AA 86 65.94 49.12 69.54
N THR AA 87 64.99 48.33 70.03
CA THR AA 87 63.61 48.77 70.14
C THR AA 87 63.34 49.58 71.41
N LEU AA 88 64.34 49.73 72.28
CA LEU AA 88 64.18 50.43 73.54
C LEU AA 88 64.91 51.77 73.46
N SER AA 89 64.17 52.86 73.69
CA SER AA 89 64.79 54.18 73.71
C SER AA 89 65.79 54.30 74.84
N GLN AA 90 65.46 53.76 76.01
CA GLN AA 90 66.32 53.72 77.18
C GLN AA 90 66.29 52.31 77.76
N PRO AA 91 67.36 51.89 78.43
CA PRO AA 91 67.39 50.54 79.01
C PRO AA 91 66.22 50.33 79.98
N LYS AA 92 65.66 49.13 79.94
CA LYS AA 92 64.51 48.77 80.76
C LYS AA 92 64.98 47.94 81.95
N ILE AA 93 64.51 48.32 83.14
CA ILE AA 93 64.86 47.64 84.39
C ILE AA 93 63.64 46.87 84.87
N VAL AA 94 63.84 45.60 85.23
CA VAL AA 94 62.79 44.77 85.80
C VAL AA 94 63.33 44.24 87.12
N LYS AA 95 62.76 44.70 88.23
CA LYS AA 95 63.15 44.21 89.54
C LYS AA 95 62.69 42.78 89.74
N TRP AA 96 63.48 42.00 90.48
CA TRP AA 96 63.11 40.63 90.79
C TRP AA 96 62.10 40.64 91.93
N ASP AA 97 60.83 40.46 91.59
CA ASP AA 97 59.77 40.36 92.57
C ASP AA 97 59.63 38.90 92.99
N ARG AA 98 60.03 38.60 94.22
CA ARG AA 98 59.81 37.26 94.76
C ARG AA 98 58.32 36.98 94.83
N ASP AA 99 57.94 35.76 94.43
CA ASP AA 99 56.59 35.22 94.21
C ASP AA 99 55.96 35.73 92.91
N MET AA 100 56.76 36.32 92.02
CA MET AA 100 56.28 36.73 90.69
C MET AA 100 57.24 36.25 89.61
N VAL BA 1 71.80 14.89 63.49
CA VAL BA 1 72.80 15.30 62.50
C VAL BA 1 72.30 16.49 61.70
N VAL BA 2 73.20 17.13 60.97
CA VAL BA 2 72.91 18.32 60.19
C VAL BA 2 72.65 17.94 58.74
N GLY BA 3 71.63 18.55 58.13
CA GLY BA 3 71.31 18.16 56.77
C GLY BA 3 70.57 19.19 55.94
N ALA BA 4 70.78 20.48 56.23
CA ALA BA 4 70.13 21.56 55.51
C ALA BA 4 70.76 21.73 54.14
N VAL BA 5 70.00 21.43 53.09
CA VAL BA 5 70.47 21.57 51.72
C VAL BA 5 70.55 23.06 51.38
N GLY BA 6 71.78 23.55 51.14
CA GLY BA 6 71.96 24.94 50.78
C GLY BA 6 72.23 25.10 49.29
N VAL BA 7 71.29 25.72 48.56
CA VAL BA 7 71.36 25.72 47.10
C VAL BA 7 71.16 27.12 46.52
N GLY BA 8 71.65 28.15 47.22
CA GLY BA 8 71.87 29.46 46.64
C GLY BA 8 70.90 30.54 47.08
N LYS BA 9 69.64 30.19 47.31
CA LYS BA 9 68.61 31.18 47.65
C LYS BA 9 68.56 32.34 46.67
N GLN CA 2 87.43 -1.42 48.42
CA GLN CA 2 87.56 -0.21 49.24
C GLN CA 2 86.28 0.01 50.03
N LYS CA 3 85.61 1.14 49.77
CA LYS CA 3 84.33 1.45 50.38
C LYS CA 3 83.18 1.37 49.39
N VAL CA 4 83.47 1.32 48.10
CA VAL CA 4 82.48 1.12 47.05
C VAL CA 4 82.99 0.01 46.14
N GLN CA 5 82.23 -1.07 46.02
CA GLN CA 5 82.61 -2.24 45.25
C GLN CA 5 81.70 -2.34 44.03
N GLN CA 6 82.26 -2.07 42.86
CA GLN CA 6 81.52 -2.17 41.60
C GLN CA 6 81.80 -3.52 40.96
N SER CA 7 80.74 -4.18 40.48
CA SER CA 7 80.85 -5.45 39.77
C SER CA 7 79.87 -5.39 38.62
N PRO CA 8 80.28 -5.76 37.41
CA PRO CA 8 81.59 -6.29 37.03
C PRO CA 8 82.65 -5.22 36.84
N GLU CA 9 83.87 -5.64 36.50
CA GLU CA 9 84.93 -4.72 36.12
C GLU CA 9 84.98 -4.49 34.61
N SER CA 10 84.77 -5.56 33.83
CA SER CA 10 84.65 -5.47 32.39
C SER CA 10 83.42 -6.24 31.95
N LEU CA 11 82.75 -5.75 30.92
CA LEU CA 11 81.52 -6.36 30.45
C LEU CA 11 81.43 -6.18 28.94
N ILE CA 12 81.45 -7.28 28.20
CA ILE CA 12 81.25 -7.26 26.75
C ILE CA 12 79.81 -7.66 26.48
N VAL CA 13 79.02 -6.73 25.97
CA VAL CA 13 77.58 -6.92 25.79
C VAL CA 13 77.26 -6.85 24.29
N PRO CA 14 76.54 -7.82 23.74
CA PRO CA 14 76.17 -7.74 22.32
C PRO CA 14 75.29 -6.53 22.05
N GLU CA 15 75.35 -6.05 20.81
CA GLU CA 15 74.49 -4.94 20.40
C GLU CA 15 73.02 -5.36 20.47
N GLY CA 16 72.20 -4.50 21.07
CA GLY CA 16 70.81 -4.83 21.32
C GLY CA 16 70.57 -5.61 22.60
N GLY CA 17 71.62 -6.01 23.30
CA GLY CA 17 71.47 -6.74 24.54
C GLY CA 17 71.20 -5.83 25.73
N MET CA 18 71.12 -6.45 26.90
CA MET CA 18 70.88 -5.73 28.15
C MET CA 18 72.13 -5.78 29.01
N ALA CA 19 72.56 -4.62 29.50
CA ALA CA 19 73.74 -4.51 30.33
C ALA CA 19 73.32 -4.23 31.76
N SER CA 20 73.67 -5.13 32.67
CA SER CA 20 73.31 -5.00 34.07
C SER CA 20 74.59 -4.75 34.88
N LEU CA 21 74.67 -3.60 35.52
CA LEU CA 21 75.86 -3.23 36.28
C LEU CA 21 75.46 -3.06 37.73
N ASN CA 22 76.31 -3.55 38.65
CA ASN CA 22 76.01 -3.49 40.07
C ASN CA 22 77.09 -2.72 40.81
N CYS CA 23 76.73 -2.25 42.02
CA CYS CA 23 77.66 -1.53 42.88
C CYS CA 23 77.16 -1.62 44.31
N THR CA 24 78.04 -1.99 45.23
CA THR CA 24 77.74 -2.14 46.63
C THR CA 24 78.62 -1.20 47.44
N SER CA 25 78.23 -0.95 48.68
CA SER CA 25 78.96 -0.05 49.56
C SER CA 25 79.24 -0.73 50.90
N SER CA 26 80.46 -0.56 51.39
CA SER CA 26 80.81 -1.08 52.71
C SER CA 26 80.30 -0.17 53.81
N ASP CA 27 80.28 1.14 53.57
CA ASP CA 27 79.77 2.09 54.55
C ASP CA 27 78.27 1.90 54.72
N ARG CA 28 77.84 1.61 55.95
CA ARG CA 28 76.41 1.47 56.22
C ARG CA 28 75.70 2.81 56.21
N ASN CA 29 76.40 3.89 56.58
CA ASN CA 29 75.81 5.23 56.61
C ASN CA 29 75.95 5.89 55.24
N VAL CA 30 75.15 5.38 54.29
CA VAL CA 30 75.06 5.94 52.95
C VAL CA 30 73.58 6.11 52.62
N ASP CA 31 73.17 7.35 52.31
CA ASP CA 31 71.77 7.64 52.09
C ASP CA 31 71.42 7.92 50.63
N TYR CA 32 72.41 8.00 49.74
CA TYR CA 32 72.18 8.38 48.36
C TYR CA 32 73.20 7.68 47.48
N PHE CA 33 72.74 7.19 46.32
CA PHE CA 33 73.61 6.54 45.35
C PHE CA 33 73.48 7.25 44.00
N TRP CA 34 74.56 7.18 43.21
CA TRP CA 34 74.64 7.87 41.94
C TRP CA 34 75.30 6.96 40.90
N TRP CA 35 74.94 7.16 39.63
CA TRP CA 35 75.56 6.45 38.53
C TRP CA 35 76.03 7.48 37.51
N TYR CA 36 77.33 7.44 37.16
CA TYR CA 36 77.94 8.40 36.28
C TYR CA 36 78.51 7.71 35.05
N ARG CA 37 78.51 8.41 33.91
CA ARG CA 37 79.02 7.89 32.66
C ARG CA 37 80.19 8.73 32.19
N GLN CA 38 81.34 8.09 32.00
CA GLN CA 38 82.53 8.76 31.47
C GLN CA 38 82.92 8.10 30.14
N HIS CA 39 82.60 8.75 29.04
CA HIS CA 39 83.07 8.27 27.75
C HIS CA 39 84.58 8.45 27.65
N SER CA 40 85.21 7.61 26.84
CA SER CA 40 86.67 7.56 26.78
C SER CA 40 87.27 8.93 26.47
N GLY CA 41 88.14 9.40 27.35
CA GLY CA 41 88.80 10.68 27.15
C GLY CA 41 87.91 11.89 27.36
N LYS CA 42 86.81 11.75 28.10
CA LYS CA 42 85.90 12.86 28.35
C LYS CA 42 85.72 13.08 29.84
N SER CA 43 84.71 13.89 30.22
CA SER CA 43 84.46 14.15 31.64
C SER CA 43 83.31 13.29 32.15
N PRO CA 44 83.36 12.91 33.43
CA PRO CA 44 82.23 12.16 34.01
C PRO CA 44 80.96 13.00 34.03
N LYS CA 45 79.85 12.40 33.65
CA LYS CA 45 78.55 13.06 33.62
C LYS CA 45 77.51 12.16 34.27
N MET CA 46 76.61 12.77 35.04
CA MET CA 46 75.62 12.00 35.78
C MET CA 46 74.63 11.33 34.83
N LEU CA 47 74.20 10.13 35.20
CA LEU CA 47 73.17 9.40 34.48
C LEU CA 47 71.91 9.21 35.31
N MET CA 48 72.03 8.57 36.47
CA MET CA 48 70.87 8.26 37.31
C MET CA 48 71.17 8.57 38.76
N SER CA 49 70.11 8.70 39.55
CA SER CA 49 70.20 8.93 40.98
C SER CA 49 69.09 8.17 41.68
N ILE CA 50 69.35 7.75 42.91
CA ILE CA 50 68.35 7.03 43.68
C ILE CA 50 68.63 7.15 45.17
N PHE CA 51 67.60 7.49 45.95
CA PHE CA 51 67.71 7.56 47.40
C PHE CA 51 66.61 6.80 48.12
N SER CA 52 65.58 6.34 47.40
CA SER CA 52 64.50 5.55 47.99
C SER CA 52 64.56 4.14 47.40
N ASN CA 53 64.25 3.15 48.24
CA ASN CA 53 64.20 1.77 47.76
C ASN CA 53 63.16 1.64 46.65
N GLY CA 54 63.55 0.94 45.58
CA GLY CA 54 62.65 0.77 44.46
C GLY CA 54 63.36 0.81 43.12
N GLU CA 55 62.68 1.34 42.10
CA GLU CA 55 63.21 1.37 40.75
C GLU CA 55 62.80 2.67 40.07
N LYS CA 56 63.71 3.25 39.30
CA LYS CA 56 63.45 4.46 38.53
C LYS CA 56 63.82 4.20 37.08
N GLU CA 57 62.90 4.49 36.16
CA GLU CA 57 63.05 4.18 34.75
C GLU CA 57 63.04 5.47 33.95
N GLU CA 58 64.16 5.78 33.29
CA GLU CA 58 64.24 6.90 32.36
C GLU CA 58 64.89 6.40 31.08
N GLY CA 59 64.12 6.40 29.99
CA GLY CA 59 64.65 5.94 28.72
C GLY CA 59 64.95 4.45 28.76
N ARG CA 60 66.10 4.07 28.22
CA ARG CA 60 66.56 2.69 28.28
C ARG CA 60 67.26 2.35 29.57
N PHE CA 61 67.39 3.31 30.49
CA PHE CA 61 68.13 3.13 31.72
C PHE CA 61 67.18 2.91 32.89
N THR CA 62 67.51 1.95 33.74
CA THR CA 62 66.71 1.64 34.92
C THR CA 62 67.65 1.41 36.10
N VAL CA 63 67.43 2.16 37.17
CA VAL CA 63 68.25 2.06 38.37
C VAL CA 63 67.41 1.45 39.49
N HIS CA 64 68.07 0.66 40.33
CA HIS CA 64 67.41 -0.04 41.43
C HIS CA 64 68.21 0.20 42.71
N LEU CA 65 67.54 0.09 43.85
CA LEU CA 65 68.19 0.30 45.13
C LEU CA 65 67.52 -0.55 46.20
N ASN CA 66 68.34 -1.23 47.01
CA ASN CA 66 67.91 -1.93 48.22
C ASN CA 66 68.83 -1.43 49.33
N LYS CA 67 68.38 -0.39 50.06
CA LYS CA 67 69.20 0.18 51.12
C LYS CA 67 69.55 -0.83 52.21
N ALA CA 68 68.76 -1.89 52.34
CA ALA CA 68 69.08 -2.92 53.32
C ALA CA 68 70.42 -3.59 53.03
N SER CA 69 70.71 -3.82 51.76
CA SER CA 69 71.97 -4.40 51.34
C SER CA 69 72.92 -3.40 50.71
N LEU CA 70 72.53 -2.12 50.63
CA LEU CA 70 73.33 -1.06 50.03
C LEU CA 70 73.81 -1.46 48.63
N HIS CA 71 72.86 -1.90 47.82
CA HIS CA 71 73.14 -2.38 46.47
C HIS CA 71 72.32 -1.58 45.46
N THR CA 72 73.00 -1.02 44.47
CA THR CA 72 72.36 -0.31 43.38
C THR CA 72 72.77 -0.95 42.07
N SER CA 73 71.84 -0.99 41.11
CA SER CA 73 72.09 -1.68 39.85
C SER CA 73 71.60 -0.83 38.68
N LEU CA 74 72.44 -0.70 37.66
CA LEU CA 74 72.09 0.02 36.44
C LEU CA 74 71.79 -0.99 35.32
N HIS CA 75 70.68 -0.78 34.63
CA HIS CA 75 70.23 -1.70 33.58
C HIS CA 75 70.03 -0.91 32.28
N ILE CA 76 70.96 -1.08 31.34
CA ILE CA 76 70.90 -0.43 30.05
C ILE CA 76 70.28 -1.41 29.05
N ARG CA 77 69.10 -1.09 28.55
CA ARG CA 77 68.44 -1.91 27.56
C ARG CA 77 68.77 -1.42 26.15
N ASP CA 78 68.60 -2.31 25.18
CA ASP CA 78 68.88 -2.01 23.76
C ASP CA 78 70.25 -1.36 23.62
N SER CA 79 71.27 -2.08 24.07
CA SER CA 79 72.65 -1.59 24.10
C SER CA 79 73.11 -1.16 22.71
N GLN CA 80 73.25 0.14 22.50
CA GLN CA 80 73.80 0.70 21.28
C GLN CA 80 75.23 1.15 21.50
N PRO CA 81 76.09 1.07 20.47
CA PRO CA 81 77.52 1.33 20.69
C PRO CA 81 77.84 2.68 21.31
N SER CA 82 76.90 3.62 21.31
CA SER CA 82 77.09 4.91 21.95
C SER CA 82 77.02 4.83 23.48
N ASP CA 83 77.02 3.62 24.05
CA ASP CA 83 77.00 3.44 25.49
C ASP CA 83 78.30 2.88 26.04
N SER CA 84 79.25 2.52 25.19
CA SER CA 84 80.53 1.99 25.62
C SER CA 84 81.30 3.07 26.35
N ALA CA 85 81.39 2.97 27.68
CA ALA CA 85 82.03 4.00 28.48
C ALA CA 85 82.42 3.40 29.82
N LEU CA 86 82.95 4.26 30.70
CA LEU CA 86 83.25 3.89 32.08
C LEU CA 86 82.10 4.36 32.95
N TYR CA 87 81.48 3.44 33.66
CA TYR CA 87 80.32 3.74 34.51
C TYR CA 87 80.78 3.74 35.97
N LEU CA 88 80.61 4.87 36.64
CA LEU CA 88 81.10 5.08 38.00
C LEU CA 88 79.93 5.17 38.96
N CYS CA 89 80.06 4.49 40.10
CA CYS CA 89 79.03 4.48 41.12
C CYS CA 89 79.49 5.32 42.31
N ALA CA 90 78.65 6.25 42.75
CA ALA CA 90 78.98 7.16 43.82
C ALA CA 90 78.05 6.94 45.02
N ALA CA 91 78.52 7.31 46.20
CA ALA CA 91 77.75 7.12 47.42
C ALA CA 91 77.99 8.29 48.37
N ARG CA 92 76.91 8.92 48.82
CA ARG CA 92 77.03 10.05 49.73
C ARG CA 92 77.50 9.58 51.10
N ASP CA 93 78.58 10.19 51.60
CA ASP CA 93 79.13 9.84 52.90
C ASP CA 93 78.29 10.44 54.02
N SER CA 94 78.70 10.19 55.26
CA SER CA 94 78.14 10.91 56.39
C SER CA 94 78.60 12.36 56.39
N ASN CA 95 79.67 12.67 55.66
CA ASN CA 95 80.14 14.04 55.48
C ASN CA 95 79.59 14.67 54.22
N TYR CA 96 78.59 14.04 53.59
CA TYR CA 96 77.95 14.55 52.37
C TYR CA 96 78.96 14.74 51.25
N GLN CA 97 79.88 13.77 51.12
CA GLN CA 97 80.86 13.73 50.05
C GLN CA 97 80.73 12.41 49.31
N LEU CA 98 81.01 12.44 48.01
CA LEU CA 98 80.81 11.27 47.15
C LEU CA 98 82.01 10.34 47.25
N ILE CA 99 81.77 9.11 47.66
CA ILE CA 99 82.77 8.05 47.60
C ILE CA 99 82.65 7.36 46.24
N TRP CA 100 83.70 7.42 45.44
CA TRP CA 100 83.66 6.88 44.08
C TRP CA 100 84.22 5.47 44.06
N GLY CA 101 83.77 4.69 43.06
CA GLY CA 101 84.23 3.33 42.89
C GLY CA 101 85.24 3.22 41.75
N SER CA 102 85.75 1.98 41.58
CA SER CA 102 86.75 1.73 40.55
C SER CA 102 86.21 2.07 39.16
N GLY CA 103 85.03 1.55 38.83
CA GLY CA 103 84.42 1.83 37.55
C GLY CA 103 84.29 0.59 36.68
N THR CA 104 83.15 0.44 36.03
CA THR CA 104 82.92 -0.68 35.14
C THR CA 104 83.10 -0.24 33.69
N LYS CA 105 83.85 -1.03 32.92
CA LYS CA 105 84.14 -0.74 31.53
C LYS CA 105 83.15 -1.50 30.66
N LEU CA 106 82.28 -0.76 29.97
CA LEU CA 106 81.28 -1.34 29.08
C LEU CA 106 81.82 -1.37 27.66
N ILE CA 107 81.81 -2.55 27.05
CA ILE CA 107 82.28 -2.75 25.68
C ILE CA 107 81.14 -3.40 24.91
N ILE CA 108 80.52 -2.65 24.00
CA ILE CA 108 79.39 -3.14 23.23
C ILE CA 108 79.91 -3.60 21.87
N LYS CA 109 79.99 -4.90 21.70
CA LYS CA 109 80.45 -5.50 20.46
C LYS CA 109 79.40 -5.28 19.38
N PRO CA 110 79.74 -4.64 18.26
CA PRO CA 110 78.75 -4.37 17.23
C PRO CA 110 78.40 -5.61 16.44
N ASP CA 111 77.28 -5.52 15.72
CA ASP CA 111 76.80 -6.59 14.85
C ASP CA 111 77.26 -6.28 13.43
N ILE CA 112 78.23 -7.05 12.94
CA ILE CA 112 78.72 -6.87 11.57
C ILE CA 112 77.75 -7.55 10.62
N GLN CA 113 77.13 -6.74 9.74
CA GLN CA 113 76.05 -7.24 8.90
C GLN CA 113 76.58 -8.11 7.76
N ASN CA 114 77.54 -7.60 6.99
CA ASN CA 114 78.09 -8.29 5.83
C ASN CA 114 79.60 -8.40 5.98
N PRO CA 115 80.10 -9.48 6.61
CA PRO CA 115 81.54 -9.62 6.84
C PRO CA 115 82.26 -10.03 5.56
N ASP CA 116 83.26 -9.25 5.16
CA ASP CA 116 84.07 -9.52 3.97
C ASP CA 116 85.54 -9.29 4.31
N PRO CA 117 86.11 -10.11 5.18
CA PRO CA 117 87.47 -9.82 5.67
C PRO CA 117 88.52 -9.94 4.58
N ALA CA 118 89.60 -9.20 4.75
CA ALA CA 118 90.68 -9.15 3.77
C ALA CA 118 91.88 -8.44 4.37
N VAL CA 119 93.01 -8.49 3.65
CA VAL CA 119 94.25 -7.84 4.04
C VAL CA 119 94.81 -7.11 2.83
N TYR CA 120 95.34 -5.91 3.04
CA TYR CA 120 95.79 -5.06 1.94
C TYR CA 120 97.10 -4.38 2.30
N GLN CA 121 97.83 -3.97 1.26
CA GLN CA 121 99.07 -3.21 1.38
C GLN CA 121 98.83 -1.74 1.06
N LEU CA 122 99.49 -0.85 1.81
CA LEU CA 122 99.41 0.58 1.59
C LEU CA 122 100.80 1.16 1.61
N ARG CA 123 101.16 1.90 0.56
CA ARG CA 123 102.41 2.62 0.50
C ARG CA 123 102.19 4.09 0.86
N ASP CA 124 103.26 4.74 1.31
CA ASP CA 124 103.17 6.13 1.74
C ASP CA 124 102.77 7.02 0.56
N SER CA 125 101.98 8.05 0.86
CA SER CA 125 101.60 9.02 -0.16
C SER CA 125 102.84 9.76 -0.69
N LYS CA 126 103.79 10.06 0.20
CA LYS CA 126 105.06 10.65 -0.19
C LYS CA 126 106.06 9.53 -0.49
N SER CA 127 106.73 9.06 0.56
CA SER CA 127 107.65 7.93 0.54
C SER CA 127 108.22 7.74 1.94
N SER CA 128 108.20 6.50 2.45
CA SER CA 128 108.61 6.26 3.82
C SER CA 128 108.94 4.79 3.98
N ASP CA 129 109.40 4.43 5.17
CA ASP CA 129 109.95 3.11 5.44
C ASP CA 129 108.94 2.15 6.07
N LYS CA 130 107.69 2.55 6.19
CA LYS CA 130 106.66 1.65 6.73
C LYS CA 130 105.56 1.49 5.68
N SER CA 131 105.66 0.42 4.88
CA SER CA 131 104.51 -0.05 4.12
C SER CA 131 103.67 -0.93 5.05
N VAL CA 132 102.39 -0.62 5.15
CA VAL CA 132 101.55 -1.15 6.22
C VAL CA 132 100.56 -2.17 5.67
N CYS CA 133 100.15 -3.09 6.55
CA CYS CA 133 99.12 -4.07 6.26
C CYS CA 133 97.83 -3.67 6.99
N LEU CA 134 96.69 -3.92 6.36
CA LEU CA 134 95.40 -3.52 6.89
C LEU CA 134 94.46 -4.72 6.87
N PHE CA 135 94.05 -5.17 8.05
CA PHE CA 135 93.04 -6.22 8.18
C PHE CA 135 91.71 -5.57 8.52
N THR CA 136 90.80 -5.55 7.54
CA THR CA 136 89.55 -4.81 7.67
C THR CA 136 88.39 -5.70 7.25
N ASP CA 137 87.18 -5.18 7.50
CA ASP CA 137 85.92 -5.81 7.09
C ASP CA 137 85.73 -7.19 7.73
N PHE CA 138 86.30 -7.40 8.90
CA PHE CA 138 86.13 -8.67 9.63
C PHE CA 138 85.11 -8.49 10.75
N ASP CA 139 84.45 -9.59 11.09
CA ASP CA 139 83.37 -9.56 12.06
C ASP CA 139 83.90 -9.33 13.47
N SER CA 140 82.97 -9.22 14.43
CA SER CA 140 83.33 -8.99 15.82
C SER CA 140 83.82 -10.27 16.51
N GLN CA 141 83.53 -11.44 15.94
CA GLN CA 141 83.99 -12.68 16.55
C GLN CA 141 85.49 -12.87 16.41
N THR CA 142 86.07 -12.39 15.30
CA THR CA 142 87.51 -12.47 15.11
C THR CA 142 88.23 -11.61 16.16
N ASN CA 143 89.22 -12.19 16.81
CA ASN CA 143 89.98 -11.51 17.85
C ASN CA 143 91.41 -11.29 17.36
N VAL CA 144 91.84 -10.03 17.37
CA VAL CA 144 93.16 -9.66 16.86
C VAL CA 144 94.19 -9.94 17.95
N SER CA 145 95.00 -10.98 17.76
CA SER CA 145 96.04 -11.31 18.72
C SER CA 145 97.23 -10.37 18.57
N GLN CA 146 97.97 -10.17 19.65
CA GLN CA 146 99.10 -9.25 19.64
C GLN CA 146 100.21 -9.78 18.73
N SER CA 147 100.97 -8.85 18.17
CA SER CA 147 102.07 -9.20 17.28
C SER CA 147 103.14 -9.99 18.02
N LYS CA 148 103.68 -11.00 17.35
CA LYS CA 148 104.75 -11.82 17.94
C LYS CA 148 106.12 -11.31 17.53
N ASP CA 149 106.38 -11.23 16.22
CA ASP CA 149 107.67 -10.75 15.74
C ASP CA 149 107.94 -9.34 16.26
N SER CA 150 109.09 -9.18 16.91
CA SER CA 150 109.39 -7.92 17.60
C SER CA 150 109.67 -6.77 16.64
N ASP CA 151 109.96 -7.06 15.36
CA ASP CA 151 110.22 -5.99 14.40
C ASP CA 151 108.96 -5.33 13.88
N VAL CA 152 107.81 -6.00 14.02
CA VAL CA 152 106.54 -5.51 13.49
C VAL CA 152 105.59 -5.24 14.66
N TYR CA 153 104.76 -4.21 14.50
CA TYR CA 153 103.81 -3.79 15.53
C TYR CA 153 102.40 -3.88 14.97
N ILE CA 154 101.52 -4.59 15.67
CA ILE CA 154 100.12 -4.75 15.28
C ILE CA 154 99.25 -3.95 16.24
N THR CA 155 98.40 -3.09 15.70
CA THR CA 155 97.51 -2.28 16.52
C THR CA 155 96.31 -3.10 16.99
N ASP CA 156 95.58 -2.53 17.93
CA ASP CA 156 94.41 -3.19 18.50
C ASP CA 156 93.23 -3.14 17.52
N LYS CA 157 92.22 -3.95 17.81
CA LYS CA 157 91.00 -3.94 17.03
C LYS CA 157 90.25 -2.62 17.23
N CYS CA 158 89.66 -2.12 16.14
CA CYS CA 158 88.91 -0.88 16.17
C CYS CA 158 87.67 -1.04 15.31
N VAL CA 159 86.65 -0.23 15.57
CA VAL CA 159 85.36 -0.34 14.93
C VAL CA 159 85.04 0.97 14.21
N LEU CA 160 84.70 0.88 12.93
CA LEU CA 160 84.36 2.02 12.09
C LEU CA 160 82.87 2.02 11.81
N ASP CA 161 82.36 3.18 11.40
CA ASP CA 161 80.94 3.34 11.11
C ASP CA 161 80.75 4.43 10.06
N MET CA 162 80.40 4.03 8.85
CA MET CA 162 80.02 4.96 7.78
C MET CA 162 78.51 5.14 7.86
N ARG CA 163 78.07 6.27 8.42
CA ARG CA 163 76.66 6.44 8.77
C ARG CA 163 75.79 6.53 7.52
N SER CA 164 76.29 7.17 6.46
CA SER CA 164 75.48 7.36 5.25
C SER CA 164 75.18 6.05 4.54
N MET CA 165 75.98 5.01 4.76
CA MET CA 165 75.75 3.71 4.15
C MET CA 165 75.21 2.68 5.14
N ASP CA 166 75.07 3.03 6.41
CA ASP CA 166 74.67 2.09 7.46
C ASP CA 166 75.59 0.87 7.48
N PHE CA 167 76.88 1.11 7.27
CA PHE CA 167 77.88 0.05 7.23
C PHE CA 167 78.84 0.22 8.41
N LYS CA 168 79.07 -0.87 9.14
CA LYS CA 168 80.02 -0.90 10.24
C LYS CA 168 81.11 -1.91 9.92
N SER CA 169 82.34 -1.55 10.21
CA SER CA 169 83.49 -2.40 9.88
C SER CA 169 84.51 -2.34 11.00
N ASN CA 170 85.37 -3.36 11.03
CA ASN CA 170 86.47 -3.44 11.97
C ASN CA 170 87.79 -3.32 11.20
N SER CA 171 88.84 -2.91 11.92
CA SER CA 171 90.13 -2.68 11.27
C SER CA 171 91.27 -2.96 12.23
N ALA CA 172 92.39 -3.40 11.66
CA ALA CA 172 93.63 -3.63 12.40
C ALA CA 172 94.79 -3.35 11.45
N VAL CA 173 95.86 -2.77 12.00
CA VAL CA 173 96.96 -2.25 11.20
C VAL CA 173 98.28 -2.79 11.74
N ALA CA 174 99.20 -3.13 10.83
CA ALA CA 174 100.55 -3.55 11.18
C ALA CA 174 101.55 -2.86 10.27
N TRP CA 175 102.75 -2.61 10.80
CA TRP CA 175 103.82 -2.01 10.03
C TRP CA 175 105.15 -2.50 10.55
N SER CA 176 106.14 -2.56 9.66
CA SER CA 176 107.49 -2.99 10.01
C SER CA 176 108.49 -2.17 9.23
N ASN CA 177 109.73 -2.14 9.75
CA ASN CA 177 110.81 -1.41 9.10
C ASN CA 177 111.67 -2.28 8.20
N LYS CA 178 111.66 -3.60 8.41
CA LYS CA 178 112.46 -4.50 7.59
C LYS CA 178 111.76 -4.77 6.25
N SER CA 179 112.58 -4.99 5.22
CA SER CA 179 112.04 -5.16 3.87
C SER CA 179 111.41 -6.53 3.66
N ASP CA 180 111.78 -7.54 4.44
CA ASP CA 180 111.18 -8.87 4.34
C ASP CA 180 109.85 -8.89 5.10
N PHE CA 181 108.90 -8.10 4.61
CA PHE CA 181 107.62 -7.90 5.27
C PHE CA 181 106.52 -7.92 4.20
N ALA CA 182 105.58 -8.86 4.33
CA ALA CA 182 104.47 -8.98 3.40
C ALA CA 182 103.19 -9.20 4.18
N CYS CA 183 102.07 -8.83 3.57
CA CYS CA 183 100.77 -8.99 4.22
C CYS CA 183 100.35 -10.45 4.30
N ALA CA 184 100.84 -11.29 3.39
CA ALA CA 184 100.54 -12.71 3.47
C ALA CA 184 101.21 -13.33 4.69
N ASN CA 185 102.43 -12.90 5.02
CA ASN CA 185 103.16 -13.39 6.17
C ASN CA 185 102.95 -12.54 7.42
N ALA CA 186 102.04 -11.58 7.36
CA ALA CA 186 101.63 -10.81 8.53
C ALA CA 186 100.33 -11.35 9.09
N PHE CA 187 100.03 -10.95 10.32
CA PHE CA 187 98.80 -11.31 11.04
C PHE CA 187 98.68 -12.80 11.32
N ASN CA 188 99.75 -13.58 11.16
CA ASN CA 188 99.66 -15.02 11.35
C ASN CA 188 99.45 -15.41 12.81
N ASN CA 189 99.68 -14.49 13.75
CA ASN CA 189 99.55 -14.79 15.16
C ASN CA 189 98.11 -14.73 15.65
N SER CA 190 97.18 -14.31 14.80
CA SER CA 190 95.77 -14.16 15.16
C SER CA 190 94.95 -15.26 14.50
N ILE CA 191 93.66 -15.29 14.83
CA ILE CA 191 92.74 -16.31 14.30
C ILE CA 191 92.16 -15.73 13.01
N ILE CA 192 92.85 -15.98 11.90
CA ILE CA 192 92.42 -15.46 10.61
C ILE CA 192 91.30 -16.33 10.06
N PRO CA 193 90.15 -15.76 9.72
CA PRO CA 193 89.11 -16.55 9.04
C PRO CA 193 89.57 -16.96 7.64
N GLU CA 194 89.06 -18.10 7.19
CA GLU CA 194 89.51 -18.67 5.92
C GLU CA 194 88.93 -17.95 4.71
N ASP CA 195 88.02 -16.99 4.91
CA ASP CA 195 87.39 -16.27 3.81
C ASP CA 195 88.03 -14.90 3.58
N THR CA 196 89.26 -14.70 4.03
CA THR CA 196 89.94 -13.42 3.82
C THR CA 196 90.54 -13.34 2.43
N PHE CA 197 90.40 -12.18 1.81
CA PHE CA 197 90.96 -11.94 0.49
C PHE CA 197 92.43 -11.58 0.58
N PHE CA 198 93.17 -11.90 -0.48
CA PHE CA 198 94.61 -11.62 -0.55
C PHE CA 198 94.96 -11.18 -1.96
N PRO CA 199 95.60 -10.01 -2.13
CA PRO CA 199 96.01 -9.51 -3.46
C PRO CA 199 97.08 -10.39 -4.10
N ALA DA 2 77.31 28.61 30.63
CA ALA DA 2 77.53 28.45 32.07
C ALA DA 2 78.00 27.04 32.39
N ALA DA 3 79.31 26.87 32.58
CA ALA DA 3 79.87 25.56 32.85
C ALA DA 3 81.12 25.73 33.71
N VAL DA 4 81.87 24.64 33.86
CA VAL DA 4 83.15 24.63 34.58
C VAL DA 4 84.27 24.54 33.56
N THR DA 5 85.35 25.27 33.82
CA THR DA 5 86.46 25.40 32.87
C THR DA 5 87.77 25.23 33.62
N GLN DA 6 88.71 24.51 33.02
CA GLN DA 6 89.99 24.21 33.63
C GLN DA 6 91.12 24.77 32.78
N SER DA 7 92.13 25.33 33.45
CA SER DA 7 93.28 25.94 32.79
C SER DA 7 94.50 25.84 33.70
N PRO DA 8 95.58 25.17 33.28
CA PRO DA 8 95.81 24.58 31.95
C PRO DA 8 94.99 23.32 31.69
N ARG DA 9 94.93 22.88 30.44
CA ARG DA 9 94.22 21.66 30.07
C ARG DA 9 95.16 20.52 29.72
N ASN DA 10 96.44 20.83 29.45
CA ASN DA 10 97.45 19.83 29.16
C ASN DA 10 98.79 20.43 29.53
N LYS DA 11 99.55 19.77 30.40
CA LYS DA 11 100.79 20.33 30.91
C LYS DA 11 101.84 19.24 31.10
N VAL DA 12 103.06 19.53 30.66
CA VAL DA 12 104.23 18.68 30.91
C VAL DA 12 105.13 19.43 31.87
N ALA DA 13 105.63 18.72 32.89
CA ALA DA 13 106.45 19.35 33.92
C ALA DA 13 107.63 18.46 34.26
N VAL DA 14 108.58 19.03 35.01
CA VAL DA 14 109.75 18.31 35.49
C VAL DA 14 109.62 18.12 36.99
N THR DA 15 110.17 17.01 37.48
CA THR DA 15 110.18 16.74 38.91
C THR DA 15 110.84 17.88 39.66
N GLY DA 16 110.10 18.48 40.59
CA GLY DA 16 110.57 19.60 41.38
C GLY DA 16 109.97 20.92 41.00
N GLY DA 17 109.23 21.00 39.90
CA GLY DA 17 108.61 22.23 39.47
C GLY DA 17 107.27 22.48 40.16
N LYS DA 18 106.70 23.63 39.84
CA LYS DA 18 105.43 24.06 40.41
C LYS DA 18 104.37 24.09 39.33
N VAL DA 19 103.26 23.39 39.55
CA VAL DA 19 102.12 23.38 38.64
C VAL DA 19 100.91 23.90 39.41
N THR DA 20 100.19 24.85 38.82
CA THR DA 20 98.98 25.43 39.41
C THR DA 20 97.83 25.20 38.44
N LEU DA 21 96.95 24.26 38.77
CA LEU DA 21 95.78 23.98 37.95
C LEU DA 21 94.60 24.80 38.49
N SER DA 22 93.88 25.46 37.59
CA SER DA 22 92.85 26.40 37.98
C SER DA 22 91.50 25.97 37.42
N CYS DA 23 90.44 26.30 38.17
CA CYS DA 23 89.08 25.93 37.83
C CYS DA 23 88.17 27.14 38.01
N ASN DA 24 87.16 27.24 37.14
CA ASN DA 24 86.24 28.37 37.17
C ASN DA 24 84.82 27.86 36.94
N GLN DA 25 83.96 28.03 37.94
CA GLN DA 25 82.56 27.64 37.82
C GLN DA 25 81.71 28.89 37.58
N THR DA 26 80.71 28.74 36.73
CA THR DA 26 79.72 29.78 36.50
C THR DA 26 78.31 29.29 36.82
N ASN DA 27 78.21 28.17 37.54
CA ASN DA 27 76.93 27.60 37.94
C ASN DA 27 76.41 28.18 39.25
N ASN DA 28 77.08 29.21 39.77
CA ASN DA 28 76.68 29.85 41.04
C ASN DA 28 76.62 28.82 42.17
N HIS DA 29 77.54 27.87 42.16
CA HIS DA 29 77.65 26.86 43.20
C HIS DA 29 78.52 27.36 44.34
N ASN DA 30 78.38 26.72 45.50
CA ASN DA 30 79.15 27.11 46.68
C ASN DA 30 80.33 26.19 46.94
N ASN DA 31 80.19 24.90 46.68
CA ASN DA 31 81.25 23.92 46.93
C ASN DA 31 81.97 23.56 45.64
N MET DA 32 83.28 23.47 45.71
CA MET DA 32 84.11 23.09 44.58
C MET DA 32 85.10 22.02 45.02
N TYR DA 33 85.38 21.08 44.12
CA TYR DA 33 86.18 19.91 44.44
C TYR DA 33 87.26 19.73 43.39
N TRP DA 34 88.36 19.11 43.79
CA TRP DA 34 89.46 18.77 42.90
C TRP DA 34 89.73 17.29 43.00
N TYR DA 35 89.55 16.56 41.89
CA TYR DA 35 89.66 15.10 41.88
C TYR DA 35 90.90 14.67 41.12
N ARG DA 36 91.20 13.38 41.24
CA ARG DA 36 92.34 12.76 40.58
C ARG DA 36 91.90 11.39 40.07
N GLN DA 37 92.03 11.17 38.76
CA GLN DA 37 91.58 9.94 38.12
C GLN DA 37 92.79 9.08 37.78
N ASP DA 38 92.80 7.86 38.31
CA ASP DA 38 93.84 6.89 38.04
C ASP DA 38 93.20 5.52 37.87
N THR DA 39 93.79 4.70 37.00
CA THR DA 39 93.23 3.38 36.73
C THR DA 39 93.24 2.52 37.99
N GLY DA 40 92.11 1.88 38.28
CA GLY DA 40 91.97 1.07 39.47
C GLY DA 40 91.66 1.85 40.73
N HIS DA 41 91.37 3.15 40.60
CA HIS DA 41 91.06 3.99 41.74
C HIS DA 41 89.82 4.85 41.56
N GLY DA 42 89.28 4.94 40.35
CA GLY DA 42 88.13 5.79 40.12
C GLY DA 42 88.52 7.25 40.24
N LEU DA 43 87.74 8.01 41.01
CA LEU DA 43 88.04 9.40 41.30
C LEU DA 43 88.33 9.54 42.79
N ARG DA 44 89.31 10.38 43.12
CA ARG DA 44 89.76 10.53 44.50
C ARG DA 44 89.88 12.01 44.83
N LEU DA 45 89.25 12.42 45.92
CA LEU DA 45 89.21 13.82 46.32
C LEU DA 45 90.56 14.21 46.93
N ILE DA 46 91.18 15.25 46.38
CA ILE DA 46 92.43 15.79 46.91
C ILE DA 46 92.11 16.90 47.90
N HIS DA 47 91.43 17.94 47.42
CA HIS DA 47 91.11 19.10 48.22
C HIS DA 47 89.74 19.62 47.80
N TYR DA 48 89.00 20.17 48.76
CA TYR DA 48 87.69 20.72 48.47
C TYR DA 48 87.48 21.99 49.30
N SER DA 49 86.56 22.82 48.83
CA SER DA 49 86.28 24.10 49.47
C SER DA 49 84.78 24.31 49.58
N TYR DA 50 84.32 24.59 50.80
CA TYR DA 50 82.91 24.83 51.06
C TYR DA 50 82.51 26.28 50.82
N GLY DA 51 83.48 27.17 50.65
CA GLY DA 51 83.20 28.59 50.40
C GLY DA 51 84.51 29.32 50.19
N ALA DA 52 84.38 30.59 49.79
CA ALA DA 52 85.56 31.40 49.54
C ALA DA 52 86.36 31.61 50.82
N GLY DA 53 87.68 31.50 50.71
CA GLY DA 53 88.56 31.60 51.85
C GLY DA 53 88.87 30.30 52.55
N SER DA 54 87.99 29.31 52.45
CA SER DA 54 88.20 28.01 53.07
C SER DA 54 88.78 27.03 52.06
N THR DA 55 89.63 26.12 52.56
CA THR DA 55 90.19 25.06 51.72
C THR DA 55 90.47 23.85 52.62
N GLU DA 56 89.51 22.93 52.66
CA GLU DA 56 89.62 21.74 53.48
C GLU DA 56 90.29 20.61 52.70
N LYS DA 57 90.92 19.70 53.44
CA LYS DA 57 91.66 18.60 52.84
C LYS DA 57 90.76 17.41 52.55
N GLY DA 58 91.15 16.61 51.56
CA GLY DA 58 90.37 15.45 51.18
C GLY DA 58 90.99 14.14 51.61
N ASP DA 59 90.90 13.11 50.76
CA ASP DA 59 91.42 11.79 51.09
C ASP DA 59 92.88 11.62 50.71
N ILE DA 60 93.33 12.24 49.63
CA ILE DA 60 94.74 12.19 49.23
C ILE DA 60 95.32 13.60 49.16
N PRO DA 61 95.35 14.35 50.26
CA PRO DA 61 95.83 15.74 50.20
C PRO DA 61 97.33 15.89 50.24
N ASP DA 62 98.08 14.78 50.28
CA ASP DA 62 99.53 14.84 50.43
C ASP DA 62 100.18 15.16 49.10
N GLY DA 63 101.05 16.17 49.10
CA GLY DA 63 101.72 16.61 47.89
C GLY DA 63 101.01 17.71 47.14
N TYR DA 64 99.81 18.10 47.58
CA TYR DA 64 99.02 19.12 46.91
C TYR DA 64 98.60 20.19 47.90
N LYS DA 65 98.63 21.45 47.45
CA LYS DA 65 98.07 22.56 48.19
C LYS DA 65 96.91 23.14 47.37
N ALA DA 66 96.11 24.00 48.00
CA ALA DA 66 94.92 24.51 47.33
C ALA DA 66 94.59 25.90 47.85
N SER DA 67 93.77 26.62 47.08
CA SER DA 67 93.34 27.96 47.44
C SER DA 67 92.05 28.28 46.71
N ARG DA 68 91.12 28.93 47.42
CA ARG DA 68 89.84 29.37 46.87
C ARG DA 68 89.77 30.88 46.97
N PRO DA 69 90.23 31.61 45.94
CA PRO DA 69 90.21 33.07 46.03
C PRO DA 69 88.82 33.67 46.02
N SER DA 70 87.94 33.19 45.14
CA SER DA 70 86.55 33.64 45.07
C SER DA 70 85.65 32.43 45.06
N GLN DA 71 84.33 32.69 45.15
CA GLN DA 71 83.36 31.60 45.05
C GLN DA 71 83.33 30.99 43.65
N GLU DA 72 83.91 31.65 42.65
CA GLU DA 72 83.85 31.19 41.27
C GLU DA 72 85.15 30.53 40.81
N ASN DA 73 86.20 30.53 41.64
CA ASN DA 73 87.49 30.04 41.21
C ASN DA 73 88.12 29.18 42.30
N PHE DA 74 88.79 28.11 41.88
CA PHE DA 74 89.43 27.17 42.78
C PHE DA 74 90.73 26.70 42.14
N SER DA 75 91.79 26.60 42.93
CA SER DA 75 93.13 26.30 42.41
C SER DA 75 93.78 25.18 43.20
N LEU DA 76 94.48 24.30 42.48
CA LEU DA 76 95.27 23.22 43.07
C LEU DA 76 96.73 23.47 42.73
N ILE DA 77 97.58 23.57 43.75
CA ILE DA 77 98.97 23.95 43.58
C ILE DA 77 99.86 22.76 43.92
N LEU DA 78 100.68 22.35 42.96
CA LEU DA 78 101.65 21.27 43.14
C LEU DA 78 103.03 21.90 43.28
N GLU DA 79 103.35 22.32 44.52
CA GLU DA 79 104.58 23.07 44.75
C GLU DA 79 105.82 22.28 44.36
N LEU DA 80 105.90 21.02 44.79
CA LEU DA 80 107.03 20.15 44.49
C LEU DA 80 106.49 18.96 43.69
N ALA DA 81 106.53 19.08 42.37
CA ALA DA 81 105.99 18.04 41.51
C ALA DA 81 106.82 16.77 41.60
N THR DA 82 106.14 15.64 41.71
CA THR DA 82 106.75 14.32 41.70
C THR DA 82 106.17 13.50 40.56
N PRO DA 83 106.91 12.50 40.06
CA PRO DA 83 106.37 11.66 38.98
C PRO DA 83 105.11 10.92 39.40
N SER DA 84 104.93 10.66 40.70
CA SER DA 84 103.75 9.98 41.18
C SER DA 84 102.48 10.83 41.06
N GLN DA 85 102.61 12.10 40.69
CA GLN DA 85 101.47 12.99 40.53
C GLN DA 85 101.05 13.14 39.07
N THR DA 86 101.29 12.11 38.26
CA THR DA 86 100.92 12.11 36.85
C THR DA 86 99.58 11.41 36.69
N SER DA 87 98.56 12.15 36.30
CA SER DA 87 97.21 11.61 36.09
C SER DA 87 96.38 12.71 35.42
N VAL DA 88 95.09 12.42 35.24
CA VAL DA 88 94.14 13.40 34.75
C VAL DA 88 93.38 13.96 35.95
N TYR DA 89 93.37 15.28 36.08
CA TYR DA 89 92.80 15.96 37.22
C TYR DA 89 91.47 16.61 36.83
N PHE DA 90 90.44 16.38 37.62
CA PHE DA 90 89.10 16.89 37.35
C PHE DA 90 88.66 17.80 38.49
N CYS DA 91 88.00 18.89 38.14
CA CYS DA 91 87.40 19.79 39.13
C CYS DA 91 85.89 19.76 38.97
N ALA DA 92 85.18 19.76 40.10
CA ALA DA 92 83.73 19.65 40.09
C ALA DA 92 83.12 20.73 40.97
N SER DA 93 82.00 21.30 40.50
CA SER DA 93 81.25 22.28 41.26
C SER DA 93 79.92 21.68 41.69
N GLY DA 94 79.50 22.00 42.91
CA GLY DA 94 78.23 21.51 43.40
C GLY DA 94 77.82 22.27 44.65
N ASP DA 95 76.72 21.83 45.23
CA ASP DA 95 76.18 22.40 46.46
C ASP DA 95 76.18 21.32 47.55
N PHE DA 96 75.78 21.71 48.75
CA PHE DA 96 75.79 20.78 49.88
C PHE DA 96 74.70 19.72 49.68
N GLY DA 97 75.10 18.57 49.13
CA GLY DA 97 74.25 17.41 48.88
C GLY DA 97 72.78 17.71 48.58
N GLY DA 98 72.48 18.15 47.37
CA GLY DA 98 73.45 18.20 46.30
C GLY DA 98 73.09 17.18 45.24
N TYR DA 99 72.33 17.61 44.24
CA TYR DA 99 71.80 16.66 43.26
C TYR DA 99 72.88 16.14 42.33
N GLU DA 100 73.87 16.96 41.99
CA GLU DA 100 74.83 16.61 40.96
C GLU DA 100 76.14 17.36 41.18
N GLN DA 101 77.25 16.68 40.93
CA GLN DA 101 78.56 17.32 40.85
C GLN DA 101 78.89 17.52 39.38
N TYR DA 102 79.02 18.77 38.96
CA TYR DA 102 79.26 19.09 37.55
C TYR DA 102 80.77 19.10 37.30
N PHE DA 103 81.24 18.15 36.51
CA PHE DA 103 82.68 17.95 36.31
C PHE DA 103 83.21 18.79 35.15
N GLY DA 104 84.49 19.15 35.27
CA GLY DA 104 85.15 19.97 34.28
C GLY DA 104 85.77 19.15 33.16
N PRO DA 105 86.35 19.82 32.18
CA PRO DA 105 86.92 19.10 31.01
C PRO DA 105 88.04 18.15 31.39
N GLY DA 106 88.83 18.49 32.39
CA GLY DA 106 89.92 17.63 32.82
C GLY DA 106 91.26 18.13 32.32
N THR DA 107 92.31 17.84 33.10
CA THR DA 107 93.66 18.27 32.77
C THR DA 107 94.61 17.09 32.88
N ARG DA 108 95.39 16.86 31.82
CA ARG DA 108 96.35 15.75 31.77
C ARG DA 108 97.73 16.32 32.09
N LEU DA 109 98.19 16.07 33.32
CA LEU DA 109 99.51 16.48 33.77
C LEU DA 109 100.47 15.30 33.70
N THR DA 110 101.66 15.53 33.16
CA THR DA 110 102.69 14.49 33.03
C THR DA 110 103.99 15.02 33.62
N VAL DA 111 104.36 14.50 34.78
CA VAL DA 111 105.59 14.92 35.47
C VAL DA 111 106.71 13.98 35.06
N LEU DA 112 107.63 14.49 34.24
CA LEU DA 112 108.80 13.74 33.81
C LEU DA 112 110.00 14.12 34.66
N GLU DA 113 111.04 13.28 34.60
CA GLU DA 113 112.28 13.56 35.30
C GLU DA 113 113.24 14.41 34.49
N ASP DA 114 113.00 14.53 33.18
CA ASP DA 114 113.81 15.36 32.30
C ASP DA 114 113.02 15.60 31.03
N LEU DA 115 113.09 16.82 30.50
CA LEU DA 115 112.39 17.16 29.27
C LEU DA 115 113.10 16.68 28.02
N LYS DA 116 114.24 15.99 28.16
CA LYS DA 116 115.02 15.59 27.00
C LYS DA 116 114.47 14.34 26.32
N ASN DA 117 113.44 13.72 26.88
CA ASN DA 117 112.78 12.58 26.25
C ASN DA 117 111.54 12.99 25.45
N VAL DA 118 111.19 14.27 25.45
CA VAL DA 118 109.98 14.73 24.78
C VAL DA 118 110.26 14.87 23.29
N PHE DA 119 109.42 14.24 22.48
CA PHE DA 119 109.54 14.26 21.03
C PHE DA 119 108.18 14.47 20.39
N PRO DA 120 108.10 15.30 19.36
CA PRO DA 120 106.84 15.46 18.63
C PRO DA 120 106.57 14.25 17.77
N PRO DA 121 105.32 14.01 17.39
CA PRO DA 121 105.02 12.88 16.51
C PRO DA 121 105.33 13.19 15.06
N GLU DA 122 105.54 12.13 14.29
CA GLU DA 122 105.70 12.21 12.85
C GLU DA 122 104.52 11.49 12.20
N VAL DA 123 103.81 12.19 11.33
CA VAL DA 123 102.53 11.73 10.78
C VAL DA 123 102.67 11.56 9.28
N ALA DA 124 102.23 10.39 8.79
CA ALA DA 124 102.22 10.10 7.36
C ALA DA 124 100.92 9.39 7.01
N VAL DA 125 100.23 9.88 5.98
CA VAL DA 125 98.97 9.31 5.52
C VAL DA 125 99.26 8.31 4.41
N PHE DA 126 98.60 7.16 4.47
CA PHE DA 126 98.81 6.07 3.52
C PHE DA 126 97.56 5.86 2.69
N GLU DA 127 97.72 5.90 1.37
CA GLU DA 127 96.59 5.86 0.44
C GLU DA 127 96.02 4.44 0.33
N PRO DA 128 94.71 4.33 0.07
CA PRO DA 128 94.07 3.01 0.09
C PRO DA 128 94.59 2.09 -0.99
N SER DA 129 94.51 0.79 -0.72
CA SER DA 129 94.90 -0.22 -1.70
C SER DA 129 93.83 -0.36 -2.77
N GLU DA 130 94.27 -0.59 -4.01
CA GLU DA 130 93.31 -0.80 -5.09
C GLU DA 130 92.57 -2.12 -4.93
N ALA DA 131 93.19 -3.11 -4.30
CA ALA DA 131 92.52 -4.38 -4.05
C ALA DA 131 91.30 -4.20 -3.15
N GLU DA 132 91.32 -3.18 -2.29
CA GLU DA 132 90.17 -2.91 -1.43
C GLU DA 132 89.05 -2.24 -2.20
N ILE DA 133 89.41 -1.38 -3.17
CA ILE DA 133 88.40 -0.75 -4.01
C ILE DA 133 87.75 -1.78 -4.93
N SER DA 134 88.53 -2.73 -5.44
CA SER DA 134 87.99 -3.72 -6.36
C SER DA 134 87.10 -4.72 -5.65
N HIS DA 135 87.47 -5.11 -4.42
CA HIS DA 135 86.78 -6.19 -3.72
C HIS DA 135 85.57 -5.70 -2.93
N THR DA 136 85.66 -4.51 -2.31
CA THR DA 136 84.61 -4.02 -1.43
C THR DA 136 84.03 -2.67 -1.85
N GLN DA 137 84.59 -2.00 -2.85
CA GLN DA 137 84.12 -0.68 -3.31
C GLN DA 137 84.14 0.34 -2.17
N LYS DA 138 85.14 0.24 -1.31
CA LYS DA 138 85.35 1.17 -0.21
C LYS DA 138 86.83 1.43 -0.07
N ALA DA 139 87.17 2.62 0.43
CA ALA DA 139 88.56 3.06 0.53
C ALA DA 139 88.88 3.41 1.98
N THR DA 140 89.95 2.83 2.52
CA THR DA 140 90.38 3.05 3.89
C THR DA 140 91.73 3.75 3.91
N LEU DA 141 91.82 4.83 4.67
CA LEU DA 141 93.05 5.57 4.86
C LEU DA 141 93.62 5.27 6.23
N VAL DA 142 94.92 4.99 6.30
CA VAL DA 142 95.61 4.66 7.54
C VAL DA 142 96.55 5.81 7.87
N CYS DA 143 96.44 6.35 9.08
CA CYS DA 143 97.30 7.43 9.56
C CYS DA 143 98.11 6.95 10.75
N LEU DA 144 99.43 7.11 10.66
CA LEU DA 144 100.34 6.67 11.71
C LEU DA 144 101.07 7.88 12.29
N ALA DA 145 100.91 8.11 13.59
CA ALA DA 145 101.70 9.06 14.34
C ALA DA 145 102.69 8.28 15.20
N THR DA 146 103.98 8.45 14.91
CA THR DA 146 105.02 7.62 15.49
C THR DA 146 106.06 8.47 16.19
N GLY DA 147 106.67 7.90 17.23
CA GLY DA 147 107.78 8.53 17.93
C GLY DA 147 107.43 9.78 18.69
N PHE DA 148 106.34 9.76 19.46
CA PHE DA 148 105.95 10.89 20.30
C PHE DA 148 106.00 10.49 21.76
N TYR DA 149 106.35 11.46 22.61
CA TYR DA 149 106.45 11.28 24.04
C TYR DA 149 106.33 12.66 24.66
N PRO DA 150 105.48 12.85 25.67
CA PRO DA 150 104.63 11.86 26.34
C PRO DA 150 103.39 11.44 25.54
N ASP DA 151 102.42 10.81 26.19
CA ASP DA 151 101.33 10.16 25.47
C ASP DA 151 100.22 11.12 25.03
N HIS DA 152 100.03 12.26 25.70
CA HIS DA 152 98.84 13.06 25.44
C HIS DA 152 98.95 13.74 24.06
N VAL DA 153 98.29 13.13 23.08
CA VAL DA 153 98.10 13.68 21.75
C VAL DA 153 96.61 13.65 21.44
N GLU DA 154 96.24 14.19 20.28
CA GLU DA 154 94.83 14.25 19.88
C GLU DA 154 94.78 14.11 18.36
N LEU DA 155 94.26 12.99 17.87
CA LEU DA 155 94.20 12.72 16.45
C LEU DA 155 92.81 13.04 15.92
N SER DA 156 92.75 13.72 14.78
CA SER DA 156 91.49 14.05 14.12
C SER DA 156 91.68 13.95 12.61
N TRP DA 157 90.57 13.77 11.91
CA TRP DA 157 90.55 13.69 10.46
C TRP DA 157 89.81 14.90 9.90
N TRP DA 158 90.31 15.43 8.79
CA TRP DA 158 89.78 16.64 8.17
C TRP DA 158 89.65 16.42 6.67
N VAL DA 159 88.42 16.25 6.20
CA VAL DA 159 88.14 15.98 4.79
C VAL DA 159 87.67 17.28 4.16
N ASN DA 160 88.45 17.78 3.20
CA ASN DA 160 88.15 19.02 2.46
C ASN DA 160 87.94 20.22 3.37
N GLY DA 161 88.48 20.18 4.59
CA GLY DA 161 88.41 21.28 5.52
C GLY DA 161 87.48 21.07 6.70
N LYS DA 162 86.49 20.18 6.56
CA LYS DA 162 85.60 19.84 7.66
C LYS DA 162 86.17 18.67 8.45
N GLU DA 163 86.03 18.74 9.78
CA GLU DA 163 86.38 17.60 10.61
C GLU DA 163 85.29 16.55 10.51
N VAL DA 164 85.68 15.31 10.22
CA VAL DA 164 84.73 14.22 10.02
C VAL DA 164 84.75 13.32 11.25
N HIS DA 165 83.57 13.02 11.78
CA HIS DA 165 83.40 12.05 12.84
C HIS DA 165 82.87 10.71 12.34
N SER DA 166 82.48 10.63 11.07
CA SER DA 166 81.89 9.43 10.48
C SER DA 166 82.97 8.59 9.82
N GLY DA 167 82.86 7.28 9.96
CA GLY DA 167 83.85 6.37 9.42
C GLY DA 167 85.23 6.54 10.01
N VAL DA 168 85.34 7.17 11.19
CA VAL DA 168 86.61 7.48 11.82
C VAL DA 168 86.67 6.77 13.15
N CYS DA 169 87.78 6.10 13.42
CA CYS DA 169 88.05 5.58 14.75
C CYS DA 169 89.55 5.56 14.97
N THR DA 170 89.95 5.78 16.22
CA THR DA 170 91.35 5.82 16.60
C THR DA 170 91.59 4.72 17.64
N ASP DA 171 92.83 4.23 17.68
CA ASP DA 171 93.19 3.24 18.69
C ASP DA 171 92.92 3.78 20.08
N PRO DA 172 92.34 2.98 20.97
CA PRO DA 172 92.04 3.49 22.32
C PRO DA 172 93.29 3.87 23.12
N GLN DA 173 94.40 3.16 22.92
CA GLN DA 173 95.61 3.40 23.68
C GLN DA 173 96.81 3.50 22.75
N PRO DA 174 97.70 4.47 22.99
CA PRO DA 174 98.98 4.47 22.26
C PRO DA 174 99.82 3.26 22.65
N LEU DA 175 100.56 2.74 21.68
CA LEU DA 175 101.38 1.55 21.87
C LEU DA 175 102.84 1.93 21.92
N LYS DA 176 103.61 1.19 22.72
CA LYS DA 176 105.02 1.48 22.94
C LYS DA 176 105.85 0.92 21.79
N GLU DA 177 106.69 1.78 21.19
CA GLU DA 177 107.60 1.33 20.14
C GLU DA 177 108.65 0.36 20.70
N GLN DA 178 109.17 0.65 21.88
CA GLN DA 178 110.11 -0.22 22.59
C GLN DA 178 109.58 -0.40 24.01
N PRO DA 179 108.69 -1.37 24.22
CA PRO DA 179 108.02 -1.47 25.52
C PRO DA 179 108.94 -1.81 26.68
N ALA DA 180 110.13 -2.37 26.40
CA ALA DA 180 111.05 -2.70 27.48
C ALA DA 180 111.68 -1.45 28.08
N LEU DA 181 111.94 -0.44 27.25
CA LEU DA 181 112.62 0.76 27.70
C LEU DA 181 111.69 1.68 28.48
N ASN DA 182 112.19 2.23 29.57
CA ASN DA 182 111.49 3.32 30.24
C ASN DA 182 111.61 4.58 29.39
N ASP DA 183 110.61 5.46 29.53
CA ASP DA 183 110.52 6.67 28.72
C ASP DA 183 110.50 6.33 27.23
N SER DA 184 109.83 5.23 26.89
CA SER DA 184 109.73 4.80 25.50
C SER DA 184 108.83 5.75 24.71
N ARG DA 185 109.12 5.87 23.42
CA ARG DA 185 108.34 6.71 22.53
C ARG DA 185 107.18 5.91 21.96
N TYR DA 186 106.02 6.55 21.85
CA TYR DA 186 104.77 5.86 21.57
C TYR DA 186 104.38 5.99 20.10
N ALA DA 187 103.37 5.20 19.72
CA ALA DA 187 102.82 5.23 18.37
C ALA DA 187 101.32 5.09 18.44
N LEU DA 188 100.63 5.69 17.48
CA LEU DA 188 99.17 5.68 17.44
C LEU DA 188 98.71 5.65 16.00
N SER DA 189 97.57 4.99 15.77
CA SER DA 189 97.04 4.80 14.43
C SER DA 189 95.57 5.17 14.39
N SER DA 190 95.07 5.39 13.18
CA SER DA 190 93.68 5.75 12.98
C SER DA 190 93.24 5.32 11.58
N ARG DA 191 91.93 5.18 11.40
CA ARG DA 191 91.35 4.73 10.15
C ARG DA 191 90.23 5.66 9.70
N LEU DA 192 90.11 5.81 8.39
CA LEU DA 192 89.02 6.58 7.79
C LEU DA 192 88.58 5.87 6.52
N ARG DA 193 87.28 5.59 6.41
CA ARG DA 193 86.72 4.91 5.25
C ARG DA 193 85.66 5.79 4.60
N VAL DA 194 85.71 5.83 3.26
CA VAL DA 194 84.68 6.49 2.45
C VAL DA 194 84.40 5.60 1.25
N SER DA 195 83.37 5.96 0.49
CA SER DA 195 83.02 5.19 -0.70
C SER DA 195 84.14 5.28 -1.73
N ALA DA 196 84.25 4.23 -2.54
CA ALA DA 196 85.31 4.19 -3.55
C ALA DA 196 85.19 5.34 -4.53
N THR DA 197 83.95 5.75 -4.85
CA THR DA 197 83.77 6.87 -5.77
C THR DA 197 84.27 8.17 -5.16
N PHE DA 198 84.13 8.33 -3.84
CA PHE DA 198 84.61 9.55 -3.19
C PHE DA 198 86.12 9.65 -3.23
N TRP DA 199 86.82 8.53 -3.03
CA TRP DA 199 88.27 8.54 -3.10
C TRP DA 199 88.76 8.83 -4.52
N GLN DA 200 88.08 8.29 -5.53
CA GLN DA 200 88.55 8.43 -6.91
C GLN DA 200 88.47 9.85 -7.44
N ASN DA 201 87.66 10.71 -6.85
CA ASN DA 201 87.62 12.10 -7.26
C ASN DA 201 88.88 12.82 -6.80
N PRO DA 202 89.68 13.38 -7.71
CA PRO DA 202 90.94 14.02 -7.29
C PRO DA 202 90.77 15.37 -6.61
N ARG DA 203 89.59 16.00 -6.71
CA ARG DA 203 89.37 17.31 -6.10
C ARG DA 203 89.17 17.23 -4.59
N ASN DA 204 89.11 16.03 -4.02
CA ASN DA 204 88.91 15.86 -2.58
C ASN DA 204 90.25 15.85 -1.86
N HIS DA 205 90.32 16.58 -0.75
CA HIS DA 205 91.53 16.71 0.05
C HIS DA 205 91.33 16.04 1.40
N PHE DA 206 92.21 15.10 1.72
CA PHE DA 206 92.19 14.38 2.99
C PHE DA 206 93.40 14.77 3.80
N ARG DA 207 93.19 15.11 5.08
CA ARG DA 207 94.28 15.51 5.95
C ARG DA 207 94.12 14.88 7.33
N CYS DA 208 95.16 14.21 7.80
CA CYS DA 208 95.20 13.65 9.14
C CYS DA 208 95.92 14.62 10.06
N GLN DA 209 95.26 15.03 11.14
CA GLN DA 209 95.78 16.05 12.04
C GLN DA 209 96.02 15.43 13.41
N VAL DA 210 97.20 15.66 13.97
CA VAL DA 210 97.56 15.19 15.30
C VAL DA 210 98.00 16.40 16.13
N GLN DA 211 97.26 16.68 17.19
CA GLN DA 211 97.61 17.75 18.12
C GLN DA 211 98.53 17.17 19.20
N PHE DA 212 99.76 17.68 19.25
CA PHE DA 212 100.72 17.26 20.27
C PHE DA 212 100.80 18.34 21.34
N TYR DA 213 100.60 17.94 22.60
CA TYR DA 213 100.74 18.84 23.73
C TYR DA 213 102.11 18.57 24.37
N GLY DA 214 102.99 19.57 24.32
CA GLY DA 214 104.33 19.40 24.82
C GLY DA 214 104.83 20.55 25.67
N LEU DA 215 106.00 21.08 25.33
CA LEU DA 215 106.65 22.10 26.13
C LEU DA 215 106.07 23.48 25.79
N SER DA 216 106.66 24.52 26.37
CA SER DA 216 106.28 25.89 26.09
C SER DA 216 107.53 26.75 25.89
N GLU DA 217 107.36 28.06 25.77
CA GLU DA 217 108.50 28.94 25.57
C GLU DA 217 109.34 29.10 26.82
N ASN DA 218 108.75 28.89 28.00
CA ASN DA 218 109.43 29.10 29.27
C ASN DA 218 110.16 27.85 29.76
N ASP DA 219 110.57 26.97 28.85
CA ASP DA 219 111.29 25.76 29.18
C ASP DA 219 112.78 25.95 28.88
N GLU DA 220 113.58 24.96 29.29
CA GLU DA 220 115.03 25.04 29.20
C GLU DA 220 115.51 24.01 28.18
N TRP DA 221 116.07 24.50 27.06
CA TRP DA 221 116.52 23.64 25.99
C TRP DA 221 118.02 23.79 25.79
N THR DA 222 118.73 22.65 25.78
CA THR DA 222 120.18 22.63 25.64
C THR DA 222 120.62 21.66 24.54
N GLN DA 223 119.70 21.22 23.69
CA GLN DA 223 119.98 20.17 22.71
C GLN DA 223 120.10 20.75 21.31
N ASP DA 224 120.66 19.95 20.41
CA ASP DA 224 120.82 20.34 19.02
C ASP DA 224 119.56 20.17 18.19
N ARG DA 225 118.52 19.55 18.75
CA ARG DA 225 117.23 19.45 18.07
C ARG DA 225 116.39 20.69 18.35
N ALA DA 226 115.17 20.69 17.84
CA ALA DA 226 114.24 21.79 18.06
C ALA DA 226 113.46 21.57 19.35
N LYS DA 227 112.98 22.67 19.93
CA LYS DA 227 112.24 22.58 21.18
C LYS DA 227 110.90 21.89 20.93
N PRO DA 228 110.59 20.81 21.64
CA PRO DA 228 109.32 20.10 21.37
C PRO DA 228 108.14 20.75 22.07
N VAL DA 229 107.55 21.76 21.44
CA VAL DA 229 106.48 22.54 22.04
C VAL DA 229 105.13 21.99 21.61
N THR DA 230 104.06 22.48 22.23
CA THR DA 230 102.71 22.14 21.80
C THR DA 230 102.50 22.61 20.37
N GLN DA 231 102.16 21.68 19.47
CA GLN DA 231 102.13 21.98 18.05
C GLN DA 231 101.22 20.98 17.35
N ILE DA 232 101.02 21.20 16.05
CA ILE DA 232 100.18 20.36 15.22
C ILE DA 232 101.06 19.73 14.15
N VAL DA 233 101.05 18.41 14.06
CA VAL DA 233 101.77 17.66 13.04
C VAL DA 233 100.74 17.05 12.10
N SER DA 234 100.75 17.50 10.85
CA SER DA 234 99.75 17.10 9.87
C SER DA 234 100.39 16.38 8.69
N ALA DA 235 99.63 15.45 8.13
CA ALA DA 235 99.94 14.82 6.85
C ALA DA 235 98.69 14.81 5.99
N GLU DA 236 98.88 14.87 4.68
CA GLU DA 236 97.76 15.00 3.76
C GLU DA 236 97.91 14.04 2.60
N ALA DA 237 96.77 13.69 2.01
CA ALA DA 237 96.72 12.86 0.81
C ALA DA 237 95.59 13.38 -0.08
N TRP DA 238 95.68 13.08 -1.36
CA TRP DA 238 94.74 13.58 -2.35
C TRP DA 238 94.09 12.42 -3.09
N GLY DA 239 92.85 12.62 -3.51
CA GLY DA 239 92.15 11.60 -4.26
C GLY DA 239 92.79 11.36 -5.61
N ARG DA 240 92.69 10.11 -6.08
CA ARG DA 240 93.29 9.74 -7.35
C ARG DA 240 92.42 8.68 -8.02
N GLY EA 1 -29.58 80.09 -9.09
CA GLY EA 1 -29.79 81.15 -10.06
C GLY EA 1 -28.60 82.09 -10.18
N SER EA 2 -28.72 83.07 -11.09
CA SER EA 2 -27.64 84.02 -11.29
C SER EA 2 -27.54 84.99 -10.11
N HIS EA 3 -26.31 85.23 -9.65
CA HIS EA 3 -26.05 86.10 -8.52
C HIS EA 3 -24.99 87.13 -8.89
N SER EA 4 -24.87 88.18 -8.07
CA SER EA 4 -24.02 89.32 -8.39
C SER EA 4 -23.40 89.88 -7.13
N MET EA 5 -22.28 90.59 -7.31
CA MET EA 5 -21.65 91.34 -6.23
C MET EA 5 -21.24 92.66 -6.88
N ARG EA 6 -21.52 93.77 -6.20
CA ARG EA 6 -21.22 95.08 -6.71
C ARG EA 6 -20.83 95.99 -5.57
N TYR EA 7 -19.72 96.69 -5.75
CA TYR EA 7 -19.20 97.66 -4.80
C TYR EA 7 -19.39 99.03 -5.44
N PHE EA 8 -19.97 99.96 -4.69
CA PHE EA 8 -20.21 101.32 -5.17
C PHE EA 8 -19.34 102.29 -4.38
N TYR EA 9 -18.63 103.15 -5.10
CA TYR EA 9 -17.73 104.13 -4.51
C TYR EA 9 -18.24 105.54 -4.81
N THR EA 10 -18.15 106.42 -3.82
CA THR EA 10 -18.49 107.83 -4.03
C THR EA 10 -17.50 108.69 -3.27
N SER EA 11 -16.87 109.63 -3.97
CA SER EA 11 -15.88 110.53 -3.36
C SER EA 11 -16.27 111.96 -3.74
N VAL EA 12 -16.82 112.70 -2.77
CA VAL EA 12 -17.23 114.08 -2.98
C VAL EA 12 -16.15 115.00 -2.42
N SER EA 13 -15.74 115.97 -3.23
CA SER EA 13 -14.72 116.92 -2.83
C SER EA 13 -15.34 118.03 -1.99
N ARG EA 14 -14.64 118.42 -0.93
CA ARG EA 14 -15.07 119.48 -0.03
C ARG EA 14 -14.01 120.58 -0.06
N PRO EA 15 -14.13 121.56 -0.98
CA PRO EA 15 -13.08 122.58 -1.11
C PRO EA 15 -12.98 123.48 0.10
N GLY EA 16 -11.87 123.40 0.83
CA GLY EA 16 -11.68 124.20 2.02
C GLY EA 16 -12.37 123.67 3.26
N ARG EA 17 -13.32 122.76 3.12
CA ARG EA 17 -13.98 122.14 4.26
C ARG EA 17 -13.23 120.90 4.76
N GLY EA 18 -12.10 120.54 4.15
CA GLY EA 18 -11.29 119.43 4.58
C GLY EA 18 -10.95 118.49 3.45
N GLU EA 19 -10.63 117.25 3.81
CA GLU EA 19 -10.32 116.22 2.82
C GLU EA 19 -11.61 115.74 2.15
N PRO EA 20 -11.51 115.19 0.93
CA PRO EA 20 -12.71 114.66 0.29
C PRO EA 20 -13.32 113.52 1.09
N ARG EA 21 -14.65 113.42 1.02
CA ARG EA 21 -15.39 112.38 1.72
C ARG EA 21 -15.53 111.15 0.84
N PHE EA 22 -15.31 109.98 1.44
CA PHE EA 22 -15.35 108.70 0.72
C PHE EA 22 -16.40 107.80 1.36
N ILE EA 23 -17.45 107.47 0.60
CA ILE EA 23 -18.47 106.52 1.02
C ILE EA 23 -18.40 105.32 0.10
N ALA EA 24 -18.29 104.12 0.68
CA ALA EA 24 -18.17 102.88 -0.07
C ALA EA 24 -19.16 101.87 0.50
N VAL EA 25 -20.02 101.33 -0.37
CA VAL EA 25 -20.99 100.32 0.04
C VAL EA 25 -20.82 99.09 -0.86
N GLY EA 26 -21.15 97.93 -0.31
CA GLY EA 26 -21.03 96.69 -1.04
C GLY EA 26 -22.28 95.83 -0.97
N TYR EA 27 -22.78 95.39 -2.13
CA TYR EA 27 -24.02 94.66 -2.22
C TYR EA 27 -23.76 93.29 -2.84
N VAL EA 28 -24.26 92.24 -2.20
CA VAL EA 28 -24.40 90.93 -2.83
C VAL EA 28 -25.86 90.82 -3.29
N ASP EA 29 -26.05 90.68 -4.61
CA ASP EA 29 -27.37 90.81 -5.21
C ASP EA 29 -28.00 92.15 -4.83
N ASP EA 30 -29.03 92.12 -3.99
CA ASP EA 30 -29.71 93.33 -3.55
C ASP EA 30 -29.60 93.51 -2.03
N THR EA 31 -28.55 92.94 -1.42
CA THR EA 31 -28.39 92.97 0.03
C THR EA 31 -27.01 93.52 0.36
N GLN EA 32 -26.98 94.66 1.05
CA GLN EA 32 -25.72 95.27 1.45
C GLN EA 32 -25.05 94.47 2.56
N PHE EA 33 -23.72 94.47 2.57
CA PHE EA 33 -22.99 93.75 3.61
C PHE EA 33 -21.76 94.47 4.15
N VAL EA 34 -21.28 95.53 3.50
CA VAL EA 34 -20.15 96.30 4.01
C VAL EA 34 -20.44 97.78 3.83
N ARG EA 35 -19.65 98.61 4.50
CA ARG EA 35 -19.87 100.05 4.49
C ARG EA 35 -18.63 100.72 5.05
N PHE EA 36 -18.26 101.86 4.46
CA PHE EA 36 -17.14 102.65 4.95
C PHE EA 36 -17.40 104.11 4.66
N ASP EA 37 -17.41 104.94 5.70
CA ASP EA 37 -17.58 106.38 5.57
C ASP EA 37 -16.35 107.06 6.17
N SER EA 38 -15.75 107.97 5.41
CA SER EA 38 -14.55 108.67 5.88
C SER EA 38 -14.90 109.75 6.89
N ASP EA 39 -16.10 110.31 6.83
CA ASP EA 39 -16.56 111.25 7.83
C ASP EA 39 -17.27 110.57 9.00
N ALA EA 40 -16.96 109.29 9.25
CA ALA EA 40 -17.51 108.57 10.38
C ALA EA 40 -16.49 108.53 11.52
N ALA EA 41 -16.75 107.72 12.52
CA ALA EA 41 -15.89 107.65 13.70
C ALA EA 41 -14.96 106.44 13.68
N SER EA 42 -15.49 105.26 13.36
CA SER EA 42 -14.69 104.04 13.43
C SER EA 42 -13.57 104.03 12.41
N GLN EA 43 -13.77 104.68 11.26
CA GLN EA 43 -12.80 104.67 10.16
C GLN EA 43 -12.40 103.24 9.81
N ARG EA 44 -13.40 102.37 9.75
CA ARG EA 44 -13.18 100.95 9.54
C ARG EA 44 -14.34 100.39 8.72
N MET EA 45 -14.08 99.31 8.01
CA MET EA 45 -15.16 98.62 7.29
C MET EA 45 -16.13 98.04 8.29
N GLU EA 46 -17.43 98.33 8.12
CA GLU EA 46 -18.39 97.88 9.10
C GLU EA 46 -19.38 96.90 8.48
N PRO EA 47 -19.78 95.87 9.21
CA PRO EA 47 -20.79 94.95 8.69
C PRO EA 47 -22.14 95.61 8.53
N ARG EA 48 -22.91 95.13 7.55
CA ARG EA 48 -24.27 95.59 7.32
C ARG EA 48 -25.22 94.43 7.08
N ALA EA 49 -24.81 93.20 7.40
CA ALA EA 49 -25.59 91.99 7.20
C ALA EA 49 -25.13 90.96 8.21
N PRO EA 50 -25.98 90.02 8.59
CA PRO EA 50 -25.58 89.03 9.62
C PRO EA 50 -24.58 88.00 9.13
N TRP EA 51 -24.61 87.65 7.85
CA TRP EA 51 -23.76 86.59 7.32
C TRP EA 51 -22.34 87.07 7.03
N ILE EA 52 -22.01 88.32 7.36
CA ILE EA 52 -20.67 88.85 7.17
C ILE EA 52 -19.94 89.08 8.49
N GLU EA 53 -20.65 89.07 9.62
CA GLU EA 53 -20.01 89.23 10.92
C GLU EA 53 -19.30 87.96 11.36
N GLN EA 54 -19.62 86.82 10.74
CA GLN EA 54 -18.91 85.58 11.04
C GLN EA 54 -17.46 85.63 10.60
N GLU EA 55 -17.11 86.56 9.71
CA GLU EA 55 -15.73 86.70 9.29
C GLU EA 55 -14.88 87.25 10.43
N GLY EA 56 -13.64 86.79 10.50
CA GLY EA 56 -12.78 87.12 11.61
C GLY EA 56 -12.21 88.52 11.51
N PRO EA 57 -11.33 88.85 12.47
CA PRO EA 57 -10.72 90.19 12.47
C PRO EA 57 -9.86 90.46 11.25
N GLU EA 58 -9.22 89.42 10.70
CA GLU EA 58 -8.33 89.61 9.56
C GLU EA 58 -9.08 90.17 8.36
N TYR EA 59 -10.28 89.65 8.10
CA TYR EA 59 -11.09 90.16 6.99
C TYR EA 59 -11.38 91.64 7.14
N TRP EA 60 -11.74 92.07 8.36
CA TRP EA 60 -12.08 93.47 8.56
C TRP EA 60 -10.84 94.37 8.51
N ASP EA 61 -9.70 93.87 8.95
CA ASP EA 61 -8.47 94.66 8.88
C ASP EA 61 -8.02 94.87 7.44
N GLN EA 62 -8.00 93.79 6.64
CA GLN EA 62 -7.53 93.91 5.27
C GLN EA 62 -8.50 94.72 4.41
N GLU EA 63 -9.81 94.56 4.63
CA GLU EA 63 -10.79 95.29 3.84
C GLU EA 63 -10.73 96.78 4.15
N THR EA 64 -10.46 97.12 5.41
CA THR EA 64 -10.32 98.53 5.79
C THR EA 64 -9.09 99.13 5.11
N ARG EA 65 -7.97 98.41 5.11
CA ARG EA 65 -6.77 98.93 4.46
C ARG EA 65 -6.98 99.12 2.97
N ASN EA 66 -7.63 98.15 2.32
CA ASN EA 66 -7.79 98.22 0.87
C ASN EA 66 -8.79 99.28 0.47
N VAL EA 67 -9.88 99.43 1.23
CA VAL EA 67 -10.87 100.45 0.88
C VAL EA 67 -10.33 101.85 1.17
N LYS EA 68 -9.44 101.98 2.17
CA LYS EA 68 -8.82 103.27 2.41
C LYS EA 68 -7.86 103.65 1.29
N ALA EA 69 -7.33 102.65 0.59
CA ALA EA 69 -6.41 102.92 -0.51
C ALA EA 69 -7.13 103.61 -1.67
N GLN EA 70 -8.36 103.18 -1.97
CA GLN EA 70 -9.12 103.84 -3.03
C GLN EA 70 -9.51 105.25 -2.62
N SER EA 71 -9.65 105.51 -1.33
CA SER EA 71 -9.88 106.87 -0.85
C SER EA 71 -8.70 107.76 -1.21
N GLN EA 72 -7.48 107.29 -0.97
CA GLN EA 72 -6.30 108.06 -1.34
C GLN EA 72 -6.17 108.19 -2.85
N THR EA 73 -6.49 107.13 -3.59
CA THR EA 73 -6.39 107.17 -5.05
C THR EA 73 -7.40 108.16 -5.63
N ASP EA 74 -8.66 108.07 -5.18
CA ASP EA 74 -9.68 108.99 -5.69
C ASP EA 74 -9.35 110.44 -5.35
N ARG EA 75 -8.65 110.67 -4.24
CA ARG EA 75 -8.34 112.03 -3.83
C ARG EA 75 -7.43 112.73 -4.84
N VAL EA 76 -6.41 112.02 -5.33
CA VAL EA 76 -5.54 112.63 -6.32
C VAL EA 76 -6.23 112.68 -7.68
N ASP EA 77 -7.15 111.75 -7.96
CA ASP EA 77 -7.90 111.78 -9.22
C ASP EA 77 -8.82 112.99 -9.28
N LEU EA 78 -9.42 113.37 -8.14
CA LEU EA 78 -10.24 114.57 -8.06
C LEU EA 78 -9.53 115.78 -8.64
N GLY EA 79 -8.28 115.99 -8.22
CA GLY EA 79 -7.53 117.13 -8.73
C GLY EA 79 -7.10 116.97 -10.18
N THR EA 80 -6.68 115.76 -10.55
CA THR EA 80 -6.27 115.51 -11.93
C THR EA 80 -7.44 115.74 -12.89
N LEU EA 81 -8.63 115.26 -12.54
CA LEU EA 81 -9.79 115.49 -13.38
C LEU EA 81 -10.17 116.97 -13.44
N ARG EA 82 -9.94 117.69 -12.34
CA ARG EA 82 -10.22 119.12 -12.34
C ARG EA 82 -9.40 119.85 -13.38
N GLY EA 83 -8.10 119.53 -13.46
CA GLY EA 83 -7.26 120.16 -14.47
C GLY EA 83 -7.59 119.70 -15.88
N TYR EA 84 -7.99 118.43 -16.03
CA TYR EA 84 -8.42 117.93 -17.34
C TYR EA 84 -9.57 118.76 -17.87
N TYR EA 85 -10.55 119.06 -17.02
CA TYR EA 85 -11.75 119.80 -17.40
C TYR EA 85 -11.59 121.31 -17.26
N ASN EA 86 -10.44 121.77 -16.76
CA ASN EA 86 -10.20 123.18 -16.46
C ASN EA 86 -11.32 123.75 -15.58
N GLN EA 87 -11.47 123.15 -14.40
CA GLN EA 87 -12.50 123.54 -13.45
C GLN EA 87 -11.89 124.38 -12.34
N SER EA 88 -12.77 125.02 -11.56
CA SER EA 88 -12.34 125.87 -10.47
C SER EA 88 -11.96 125.06 -9.24
N GLU EA 89 -11.12 125.66 -8.40
CA GLU EA 89 -10.64 124.99 -7.19
C GLU EA 89 -11.62 125.10 -6.02
N ASP EA 90 -12.66 125.91 -6.14
CA ASP EA 90 -13.64 126.08 -5.08
C ASP EA 90 -14.91 125.28 -5.31
N GLY EA 91 -15.00 124.53 -6.41
CA GLY EA 91 -16.19 123.76 -6.71
C GLY EA 91 -16.09 122.34 -6.19
N SER EA 92 -17.23 121.81 -5.73
CA SER EA 92 -17.30 120.45 -5.23
C SER EA 92 -17.63 119.50 -6.38
N HIS EA 93 -16.82 118.45 -6.55
CA HIS EA 93 -16.97 117.50 -7.63
C HIS EA 93 -16.94 116.08 -7.07
N THR EA 94 -17.63 115.17 -7.75
CA THR EA 94 -17.80 113.80 -7.27
C THR EA 94 -17.26 112.81 -8.29
N ILE EA 95 -16.56 111.78 -7.79
CA ILE EA 95 -16.16 110.63 -8.59
C ILE EA 95 -16.94 109.41 -8.08
N GLN EA 96 -17.53 108.66 -9.02
CA GLN EA 96 -18.32 107.49 -8.70
C GLN EA 96 -17.77 106.28 -9.46
N ILE EA 97 -17.61 105.17 -8.76
CA ILE EA 97 -17.06 103.94 -9.33
C ILE EA 97 -17.98 102.78 -8.99
N MET EA 98 -18.30 101.96 -9.98
CA MET EA 98 -19.10 100.76 -9.80
C MET EA 98 -18.36 99.59 -10.43
N TYR EA 99 -18.09 98.55 -9.63
CA TYR EA 99 -17.42 97.37 -10.15
C TYR EA 99 -17.94 96.14 -9.45
N GLY EA 100 -17.69 94.98 -10.04
CA GLY EA 100 -18.11 93.73 -9.48
C GLY EA 100 -18.17 92.64 -10.54
N CYS EA 101 -18.72 91.50 -10.15
CA CYS EA 101 -18.77 90.32 -11.01
C CYS EA 101 -20.15 89.70 -10.98
N ASP EA 102 -20.41 88.85 -11.97
CA ASP EA 102 -21.66 88.11 -12.09
C ASP EA 102 -21.34 86.61 -12.18
N VAL EA 103 -21.97 85.82 -11.34
CA VAL EA 103 -21.85 84.36 -11.39
C VAL EA 103 -23.18 83.79 -11.88
N GLY EA 104 -23.15 82.50 -12.23
CA GLY EA 104 -24.34 81.81 -12.65
C GLY EA 104 -24.77 80.78 -11.61
N PRO EA 105 -25.77 79.97 -11.95
CA PRO EA 105 -26.14 78.88 -11.04
C PRO EA 105 -25.01 77.92 -10.78
N ASP EA 106 -24.15 77.69 -11.78
CA ASP EA 106 -23.02 76.79 -11.61
C ASP EA 106 -22.01 77.34 -10.60
N GLY EA 107 -21.96 78.65 -10.42
CA GLY EA 107 -20.95 79.26 -9.59
C GLY EA 107 -19.72 79.64 -10.40
N ARG EA 108 -19.95 80.06 -11.64
CA ARG EA 108 -18.88 80.34 -12.59
C ARG EA 108 -18.98 81.79 -13.06
N PHE EA 109 -17.84 82.33 -13.48
CA PHE EA 109 -17.81 83.69 -14.00
C PHE EA 109 -18.73 83.82 -15.21
N LEU EA 110 -19.63 84.80 -15.17
CA LEU EA 110 -20.49 85.13 -16.30
C LEU EA 110 -20.13 86.45 -16.95
N ARG EA 111 -19.99 87.53 -16.15
CA ARG EA 111 -19.63 88.82 -16.69
C ARG EA 111 -18.95 89.66 -15.62
N GLY EA 112 -18.20 90.65 -16.08
CA GLY EA 112 -17.51 91.57 -15.18
C GLY EA 112 -17.59 92.98 -15.71
N TYR EA 113 -17.45 93.94 -14.81
CA TYR EA 113 -17.71 95.33 -15.14
C TYR EA 113 -16.97 96.24 -14.16
N ARG EA 114 -16.63 97.43 -14.66
CA ARG EA 114 -15.88 98.45 -13.91
C ARG EA 114 -16.15 99.76 -14.62
N GLN EA 115 -17.01 100.59 -14.03
CA GLN EA 115 -17.46 101.83 -14.67
C GLN EA 115 -17.19 102.99 -13.74
N ASP EA 116 -16.59 104.06 -14.28
CA ASP EA 116 -16.26 105.24 -13.51
C ASP EA 116 -17.02 106.45 -14.06
N ALA EA 117 -17.19 107.46 -13.22
CA ALA EA 117 -17.99 108.63 -13.57
C ALA EA 117 -17.44 109.86 -12.89
N TYR EA 118 -17.85 111.02 -13.41
CA TYR EA 118 -17.44 112.32 -12.89
C TYR EA 118 -18.63 113.28 -12.97
N ASP EA 119 -19.02 113.83 -11.82
CA ASP EA 119 -20.13 114.79 -11.75
C ASP EA 119 -21.40 114.22 -12.37
N GLY EA 120 -21.70 112.96 -12.05
CA GLY EA 120 -22.89 112.30 -12.55
C GLY EA 120 -22.88 111.97 -14.01
N LYS EA 121 -21.76 112.12 -14.69
CA LYS EA 121 -21.64 111.78 -16.11
C LYS EA 121 -20.59 110.71 -16.30
N ASP EA 122 -20.77 109.89 -17.34
CA ASP EA 122 -19.84 108.80 -17.62
C ASP EA 122 -18.47 109.35 -17.96
N TYR EA 123 -17.43 108.71 -17.42
CA TYR EA 123 -16.05 109.08 -17.68
C TYR EA 123 -15.31 107.98 -18.44
N ILE EA 124 -15.07 106.84 -17.79
CA ILE EA 124 -14.41 105.71 -18.43
C ILE EA 124 -15.09 104.43 -17.95
N ALA EA 125 -14.94 103.36 -18.73
CA ALA EA 125 -15.62 102.10 -18.41
C ALA EA 125 -14.91 100.93 -19.08
N LEU EA 126 -14.65 99.88 -18.31
CA LEU EA 126 -14.16 98.63 -18.88
C LEU EA 126 -15.25 97.96 -19.69
N ASN EA 127 -14.89 97.45 -20.87
CA ASN EA 127 -15.86 96.81 -21.75
C ASN EA 127 -16.12 95.37 -21.30
N GLU EA 128 -16.97 94.67 -22.05
CA GLU EA 128 -17.32 93.30 -21.72
C GLU EA 128 -16.14 92.36 -21.90
N ASP EA 129 -15.29 92.61 -22.89
CA ASP EA 129 -14.13 91.74 -23.12
C ASP EA 129 -13.12 91.81 -21.99
N LEU EA 130 -13.28 92.72 -21.03
CA LEU EA 130 -12.37 92.89 -19.89
C LEU EA 130 -10.94 93.14 -20.35
N ARG EA 131 -10.78 93.66 -21.56
CA ARG EA 131 -9.48 93.85 -22.19
C ARG EA 131 -9.36 95.20 -22.87
N SER EA 132 -10.42 96.00 -22.94
CA SER EA 132 -10.44 97.27 -23.64
C SER EA 132 -11.29 98.26 -22.87
N TRP EA 133 -10.85 99.51 -22.83
CA TRP EA 133 -11.55 100.58 -22.14
C TRP EA 133 -12.36 101.40 -23.13
N THR EA 134 -13.38 102.09 -22.62
CA THR EA 134 -14.19 102.99 -23.43
C THR EA 134 -14.31 104.34 -22.74
N ALA EA 135 -13.95 105.40 -23.46
CA ALA EA 135 -13.98 106.76 -22.94
C ALA EA 135 -15.20 107.51 -23.47
N ALA EA 136 -15.65 108.51 -22.70
CA ALA EA 136 -16.79 109.34 -23.08
C ALA EA 136 -16.36 110.66 -23.69
N ASP EA 137 -15.52 111.42 -22.99
CA ASP EA 137 -15.00 112.68 -23.48
C ASP EA 137 -13.51 112.53 -23.82
N MET EA 138 -12.92 113.61 -24.36
CA MET EA 138 -11.54 113.55 -24.79
C MET EA 138 -10.56 113.59 -23.62
N ALA EA 139 -10.99 114.11 -22.46
CA ALA EA 139 -10.16 114.03 -21.26
C ALA EA 139 -10.12 112.61 -20.71
N ALA EA 140 -11.15 111.81 -20.98
CA ALA EA 140 -11.13 110.41 -20.56
C ALA EA 140 -10.19 109.57 -21.40
N GLN EA 141 -9.88 110.01 -22.62
CA GLN EA 141 -8.90 109.30 -23.43
C GLN EA 141 -7.50 109.44 -22.86
N ILE EA 142 -7.20 110.59 -22.25
CA ILE EA 142 -5.94 110.74 -21.52
C ILE EA 142 -5.83 109.66 -20.44
N THR EA 143 -6.91 109.45 -19.69
CA THR EA 143 -6.94 108.38 -18.71
C THR EA 143 -6.83 107.02 -19.39
N LYS EA 144 -7.55 106.82 -20.48
CA LYS EA 144 -7.50 105.55 -21.20
C LYS EA 144 -6.08 105.25 -21.66
N ARG EA 145 -5.40 106.22 -22.28
CA ARG EA 145 -4.05 106.00 -22.75
C ARG EA 145 -3.11 105.67 -21.60
N LYS EA 146 -3.25 106.36 -20.48
CA LYS EA 146 -2.46 106.04 -19.30
C LYS EA 146 -2.79 104.65 -18.78
N TRP EA 147 -4.08 104.33 -18.71
CA TRP EA 147 -4.49 103.04 -18.15
C TRP EA 147 -4.15 101.90 -19.09
N GLU EA 148 -4.17 102.15 -20.40
CA GLU EA 148 -3.82 101.12 -21.37
C GLU EA 148 -2.33 100.84 -21.37
N ALA EA 149 -1.52 101.83 -21.00
CA ALA EA 149 -0.08 101.63 -20.87
C ALA EA 149 0.30 101.03 -19.53
N ALA EA 150 -0.60 101.09 -18.55
CA ALA EA 150 -0.38 100.48 -17.25
C ALA EA 150 -1.01 99.10 -17.15
N HIS EA 151 -1.59 98.59 -18.24
CA HIS EA 151 -2.23 97.28 -18.27
C HIS EA 151 -3.31 97.17 -17.19
N ALA EA 152 -4.07 98.26 -17.01
CA ALA EA 152 -5.07 98.28 -15.95
C ALA EA 152 -6.15 97.23 -16.17
N ALA EA 153 -6.54 97.02 -17.43
CA ALA EA 153 -7.59 96.06 -17.73
C ALA EA 153 -7.20 94.66 -17.27
N GLU EA 154 -5.97 94.24 -17.55
CA GLU EA 154 -5.49 92.94 -17.11
C GLU EA 154 -5.55 92.82 -15.60
N GLN EA 155 -5.14 93.88 -14.89
CA GLN EA 155 -5.16 93.84 -13.43
C GLN EA 155 -6.59 93.79 -12.90
N GLN EA 156 -7.49 94.55 -13.51
CA GLN EA 156 -8.89 94.51 -13.10
C GLN EA 156 -9.51 93.17 -13.45
N ARG EA 157 -9.15 92.61 -14.61
CA ARG EA 157 -9.65 91.29 -14.99
C ARG EA 157 -9.23 90.24 -13.99
N ALA EA 158 -8.01 90.35 -13.45
CA ALA EA 158 -7.52 89.36 -12.49
C ALA EA 158 -8.41 89.31 -11.26
N TYR EA 159 -8.90 90.45 -10.79
CA TYR EA 159 -9.83 90.47 -9.67
C TYR EA 159 -11.20 89.97 -10.09
N LEU EA 160 -11.73 90.52 -11.18
CA LEU EA 160 -13.11 90.20 -11.60
C LEU EA 160 -13.26 88.73 -11.93
N GLU EA 161 -12.25 88.14 -12.57
CA GLU EA 161 -12.30 86.73 -12.92
C GLU EA 161 -11.77 85.82 -11.83
N GLY EA 162 -11.13 86.37 -10.80
CA GLY EA 162 -10.57 85.57 -9.74
C GLY EA 162 -11.14 85.85 -8.37
N ARG EA 163 -10.52 86.79 -7.65
CA ARG EA 163 -10.89 87.01 -6.26
C ARG EA 163 -12.36 87.41 -6.11
N CYS EA 164 -12.92 88.09 -7.11
CA CYS EA 164 -14.32 88.49 -7.06
C CYS EA 164 -15.24 87.28 -6.95
N VAL EA 165 -15.21 86.41 -7.97
CA VAL EA 165 -16.11 85.27 -7.99
C VAL EA 165 -15.80 84.30 -6.87
N GLU EA 166 -14.53 84.20 -6.44
CA GLU EA 166 -14.19 83.30 -5.36
C GLU EA 166 -14.89 83.69 -4.07
N TRP EA 167 -14.89 84.98 -3.74
CA TRP EA 167 -15.50 85.42 -2.49
C TRP EA 167 -17.01 85.57 -2.62
N LEU EA 168 -17.52 85.82 -3.82
CA LEU EA 168 -18.97 85.84 -4.01
C LEU EA 168 -19.55 84.47 -3.67
N ARG EA 169 -18.87 83.40 -4.07
CA ARG EA 169 -19.31 82.05 -3.71
C ARG EA 169 -19.25 81.85 -2.20
N ARG EA 170 -18.19 82.35 -1.56
CA ARG EA 170 -18.08 82.25 -0.11
C ARG EA 170 -19.19 83.01 0.59
N TYR EA 171 -19.49 84.23 0.11
CA TYR EA 171 -20.58 85.00 0.72
C TYR EA 171 -21.92 84.31 0.56
N LEU EA 172 -22.18 83.72 -0.62
CA LEU EA 172 -23.44 83.04 -0.84
C LEU EA 172 -23.62 81.86 0.13
N GLU EA 173 -22.56 81.07 0.32
CA GLU EA 173 -22.64 79.94 1.23
C GLU EA 173 -22.78 80.40 2.68
N ASN EA 174 -22.07 81.47 3.05
CA ASN EA 174 -22.13 81.96 4.42
C ASN EA 174 -23.53 82.37 4.83
N GLY EA 175 -24.36 82.82 3.89
CA GLY EA 175 -25.70 83.21 4.24
C GLY EA 175 -26.73 82.71 3.25
N LYS EA 176 -26.66 81.42 2.92
CA LYS EA 176 -27.60 80.82 1.96
C LYS EA 176 -29.04 81.15 2.29
N GLU EA 177 -29.40 81.09 3.57
CA GLU EA 177 -30.79 81.28 3.96
C GLU EA 177 -31.30 82.65 3.58
N THR EA 178 -30.49 83.68 3.76
CA THR EA 178 -30.93 85.06 3.57
C THR EA 178 -30.63 85.62 2.18
N LEU EA 179 -29.96 84.85 1.33
CA LEU EA 179 -29.52 85.36 0.03
C LEU EA 179 -30.15 84.64 -1.15
N GLN EA 180 -30.15 83.31 -1.14
CA GLN EA 180 -30.69 82.53 -2.25
C GLN EA 180 -32.18 82.20 -2.07
N ARG EA 181 -32.91 83.06 -1.36
CA ARG EA 181 -34.35 82.90 -1.18
C ARG EA 181 -35.09 83.91 -2.04
N THR EA 182 -36.32 83.57 -2.40
CA THR EA 182 -37.20 84.46 -3.13
C THR EA 182 -38.46 84.69 -2.32
N ASP EA 183 -38.76 85.96 -2.03
CA ASP EA 183 -39.96 86.31 -1.28
C ASP EA 183 -41.02 86.80 -2.26
N PRO EA 184 -42.11 86.06 -2.47
CA PRO EA 184 -43.11 86.49 -3.43
C PRO EA 184 -43.87 87.69 -2.92
N PRO EA 185 -44.44 88.50 -3.81
CA PRO EA 185 -45.15 89.70 -3.37
C PRO EA 185 -46.47 89.37 -2.69
N LYS EA 186 -46.83 90.22 -1.73
CA LYS EA 186 -48.14 90.15 -1.07
C LYS EA 186 -49.03 91.17 -1.77
N THR EA 187 -49.74 90.72 -2.80
CA THR EA 187 -50.47 91.61 -3.69
C THR EA 187 -51.91 91.80 -3.23
N HIS EA 188 -52.42 93.02 -3.40
CA HIS EA 188 -53.82 93.33 -3.18
C HIS EA 188 -54.19 94.53 -4.04
N MET EA 189 -55.47 94.86 -4.08
CA MET EA 189 -55.98 95.94 -4.90
C MET EA 189 -56.87 96.86 -4.08
N THR EA 190 -56.81 98.16 -4.40
CA THR EA 190 -57.58 99.17 -3.70
C THR EA 190 -58.26 100.10 -4.70
N HIS EA 191 -59.32 100.74 -4.23
CA HIS EA 191 -60.19 101.56 -5.08
C HIS EA 191 -60.29 102.97 -4.50
N HIS EA 192 -60.24 103.97 -5.38
CA HIS EA 192 -60.26 105.38 -4.97
C HIS EA 192 -61.04 106.21 -5.98
N PRO EA 193 -62.27 106.61 -5.65
CA PRO EA 193 -63.04 107.49 -6.55
C PRO EA 193 -62.43 108.88 -6.61
N ILE EA 194 -62.03 109.29 -7.82
CA ILE EA 194 -61.62 110.68 -8.03
C ILE EA 194 -62.82 111.60 -7.85
N SER EA 195 -63.94 111.26 -8.45
CA SER EA 195 -65.19 112.00 -8.31
C SER EA 195 -66.33 110.99 -8.44
N TRP EA 204 -51.03 96.67 -5.93
CA TRP EA 204 -49.91 96.74 -5.00
C TRP EA 204 -49.05 95.49 -5.04
N ALA EA 205 -47.83 95.61 -4.52
CA ALA EA 205 -46.90 94.49 -4.39
C ALA EA 205 -46.04 94.79 -3.17
N LEU EA 206 -46.37 94.15 -2.05
CA LEU EA 206 -45.76 94.45 -0.76
C LEU EA 206 -44.79 93.35 -0.35
N GLY EA 207 -43.61 93.75 0.13
CA GLY EA 207 -42.66 92.85 0.74
C GLY EA 207 -42.13 91.73 -0.15
N PHE EA 208 -41.70 92.07 -1.36
CA PHE EA 208 -41.15 91.09 -2.28
C PHE EA 208 -39.64 91.27 -2.41
N TYR EA 209 -38.99 90.21 -2.89
CA TYR EA 209 -37.53 90.16 -3.07
C TYR EA 209 -37.22 89.11 -4.11
N PRO EA 210 -36.29 89.37 -5.03
CA PRO EA 210 -35.51 90.60 -5.23
C PRO EA 210 -36.29 91.73 -5.89
N ALA EA 211 -35.59 92.74 -6.41
CA ALA EA 211 -36.24 93.95 -6.92
C ALA EA 211 -36.90 93.76 -8.28
N GLU EA 212 -36.52 92.72 -9.02
CA GLU EA 212 -37.05 92.53 -10.37
C GLU EA 212 -38.52 92.17 -10.29
N ILE EA 213 -39.38 93.05 -10.80
CA ILE EA 213 -40.82 92.82 -10.83
C ILE EA 213 -41.41 93.61 -11.98
N THR EA 214 -42.45 93.05 -12.60
CA THR EA 214 -43.15 93.69 -13.71
C THR EA 214 -44.64 93.71 -13.41
N LEU EA 215 -45.23 94.90 -13.43
CA LEU EA 215 -46.65 95.09 -13.14
C LEU EA 215 -47.30 95.75 -14.35
N THR EA 216 -48.39 95.14 -14.84
CA THR EA 216 -49.03 95.60 -16.06
C THR EA 216 -50.54 95.50 -15.94
N TRP EA 217 -51.24 96.53 -16.39
CA TRP EA 217 -52.69 96.52 -16.48
C TRP EA 217 -53.15 96.02 -17.84
N LEU EA 230 -46.81 104.58 -12.96
CA LEU EA 230 -45.85 103.57 -12.53
C LEU EA 230 -44.80 104.25 -11.65
N VAL EA 231 -44.76 103.87 -10.38
CA VAL EA 231 -43.79 104.44 -9.46
C VAL EA 231 -42.56 103.54 -9.39
N GLU EA 232 -41.44 104.14 -9.01
CA GLU EA 232 -40.19 103.40 -8.90
C GLU EA 232 -40.26 102.38 -7.77
N THR EA 233 -39.67 101.20 -7.99
CA THR EA 233 -39.60 100.20 -6.95
C THR EA 233 -38.86 100.76 -5.74
N ARG EA 234 -39.44 100.56 -4.55
CA ARG EA 234 -38.94 101.21 -3.35
C ARG EA 234 -38.68 100.19 -2.26
N PRO EA 235 -37.69 100.44 -1.40
CA PRO EA 235 -37.37 99.50 -0.32
C PRO EA 235 -38.25 99.72 0.90
N ALA EA 236 -38.64 98.61 1.53
CA ALA EA 236 -39.42 98.65 2.76
C ALA EA 236 -38.56 98.85 4.00
N GLY EA 237 -37.24 98.65 3.89
CA GLY EA 237 -36.33 98.84 4.99
C GLY EA 237 -35.90 97.56 5.68
N ASP EA 238 -36.64 96.47 5.50
CA ASP EA 238 -36.32 95.20 6.14
C ASP EA 238 -35.66 94.21 5.17
N GLY EA 239 -35.25 94.67 4.00
CA GLY EA 239 -34.70 93.81 2.98
C GLY EA 239 -35.66 93.47 1.85
N THR EA 240 -36.95 93.71 2.04
CA THR EA 240 -37.95 93.50 1.00
C THR EA 240 -38.31 94.82 0.32
N PHE EA 241 -38.99 94.72 -0.81
CA PHE EA 241 -39.23 95.86 -1.68
C PHE EA 241 -40.72 96.02 -1.96
N GLN EA 242 -41.09 97.16 -2.51
CA GLN EA 242 -42.48 97.53 -2.73
C GLN EA 242 -42.63 98.20 -4.09
N LYS EA 243 -43.83 98.12 -4.65
CA LYS EA 243 -44.12 98.74 -5.94
C LYS EA 243 -45.63 98.69 -6.15
N TRP EA 244 -46.21 99.83 -6.53
CA TRP EA 244 -47.64 99.95 -6.77
C TRP EA 244 -47.90 100.64 -8.10
N ALA EA 245 -49.03 100.30 -8.71
CA ALA EA 245 -49.40 100.76 -10.05
C ALA EA 245 -50.87 101.15 -10.05
N HIS EA 260 -51.59 92.28 -13.72
CA HIS EA 260 -50.80 91.06 -13.79
C HIS EA 260 -49.44 91.29 -13.12
N VAL EA 261 -49.13 90.47 -12.12
CA VAL EA 261 -47.89 90.56 -11.37
C VAL EA 261 -46.93 89.49 -11.89
N GLN EA 262 -45.73 89.89 -12.27
CA GLN EA 262 -44.70 88.98 -12.73
C GLN EA 262 -43.48 89.11 -11.83
N HIS EA 263 -43.08 88.00 -11.20
CA HIS EA 263 -41.97 87.98 -10.26
C HIS EA 263 -41.43 86.57 -10.19
N GLU EA 264 -40.11 86.46 -9.99
CA GLU EA 264 -39.47 85.16 -10.01
C GLU EA 264 -39.75 84.33 -8.76
N GLY EA 265 -40.28 84.94 -7.71
CA GLY EA 265 -40.73 84.22 -6.54
C GLY EA 265 -42.12 83.64 -6.65
N LEU EA 266 -42.83 83.93 -7.74
CA LEU EA 266 -44.15 83.38 -7.97
C LEU EA 266 -44.06 82.30 -9.04
N PRO EA 267 -44.48 81.06 -8.76
CA PRO EA 267 -44.37 80.01 -9.78
C PRO EA 267 -45.19 80.30 -11.03
N LYS EA 268 -46.34 80.96 -10.88
CA LYS EA 268 -47.17 81.35 -11.99
C LYS EA 268 -47.58 82.81 -11.83
N PRO EA 269 -47.63 83.57 -12.93
CA PRO EA 269 -48.00 84.99 -12.82
C PRO EA 269 -49.41 85.16 -12.26
N LEU EA 270 -49.58 86.17 -11.41
CA LEU EA 270 -50.85 86.45 -10.79
C LEU EA 270 -51.74 87.29 -11.70
N MET FA 1 -22.99 122.00 -14.32
CA MET FA 1 -22.96 120.59 -13.98
C MET FA 1 -24.34 119.98 -14.17
N ILE FA 2 -24.39 118.66 -14.36
CA ILE FA 2 -25.66 117.96 -14.42
C ILE FA 2 -26.15 117.72 -13.00
N GLN FA 3 -27.16 118.48 -12.59
CA GLN FA 3 -27.78 118.34 -11.27
C GLN FA 3 -29.20 117.83 -11.44
N ARG FA 4 -29.57 116.86 -10.61
CA ARG FA 4 -30.82 116.12 -10.76
C ARG FA 4 -31.72 116.38 -9.56
N THR FA 5 -32.98 116.72 -9.83
CA THR FA 5 -33.93 116.97 -8.75
C THR FA 5 -34.34 115.65 -8.11
N PRO FA 6 -34.36 115.56 -6.78
CA PRO FA 6 -34.71 114.29 -6.13
C PRO FA 6 -36.16 113.91 -6.33
N LYS FA 7 -36.41 112.61 -6.34
CA LYS FA 7 -37.76 112.06 -6.34
C LYS FA 7 -38.08 111.55 -4.95
N ILE FA 8 -39.23 111.99 -4.41
CA ILE FA 8 -39.59 111.75 -3.01
C ILE FA 8 -40.81 110.84 -2.99
N GLN FA 9 -40.73 109.78 -2.18
CA GLN FA 9 -41.86 108.90 -1.92
C GLN FA 9 -41.94 108.67 -0.42
N VAL FA 10 -43.14 108.84 0.14
CA VAL FA 10 -43.38 108.65 1.57
C VAL FA 10 -44.37 107.50 1.73
N TYR FA 11 -44.03 106.55 2.59
CA TYR FA 11 -44.81 105.34 2.75
C TYR FA 11 -44.40 104.65 4.04
N SER FA 12 -45.10 103.57 4.36
CA SER FA 12 -44.84 102.77 5.56
C SER FA 12 -44.40 101.38 5.16
N ARG FA 13 -43.61 100.76 6.04
CA ARG FA 13 -43.06 99.43 5.74
C ARG FA 13 -44.18 98.41 5.58
N HIS FA 14 -45.08 98.34 6.54
CA HIS FA 14 -46.23 97.44 6.51
C HIS FA 14 -47.52 98.22 6.33
N PRO FA 15 -48.58 97.59 5.85
CA PRO FA 15 -49.87 98.30 5.74
C PRO FA 15 -50.30 98.90 7.06
N ALA FA 16 -50.84 100.12 6.99
CA ALA FA 16 -51.09 100.93 8.17
C ALA FA 16 -52.31 100.42 8.93
N GLU FA 17 -52.09 100.01 10.18
CA GLU FA 17 -53.16 99.68 11.12
C GLU FA 17 -52.91 100.45 12.40
N ASN FA 18 -53.88 101.26 12.81
CA ASN FA 18 -53.70 102.18 13.91
C ASN FA 18 -53.48 101.44 15.22
N GLY FA 19 -52.55 101.95 16.03
CA GLY FA 19 -52.23 101.34 17.30
C GLY FA 19 -51.21 100.21 17.23
N LYS FA 20 -50.69 99.91 16.05
CA LYS FA 20 -49.72 98.84 15.87
C LYS FA 20 -48.40 99.41 15.36
N SER FA 21 -47.30 98.85 15.86
CA SER FA 21 -45.97 99.38 15.55
C SER FA 21 -45.67 99.22 14.06
N ASN FA 22 -45.00 100.24 13.50
CA ASN FA 22 -44.63 100.23 12.10
C ASN FA 22 -43.51 101.25 11.90
N PHE FA 23 -42.93 101.24 10.71
CA PHE FA 23 -41.86 102.17 10.35
C PHE FA 23 -42.35 103.16 9.29
N LEU FA 24 -41.87 104.40 9.39
CA LEU FA 24 -42.16 105.44 8.42
C LEU FA 24 -40.97 105.58 7.49
N ASN FA 25 -41.20 105.39 6.19
CA ASN FA 25 -40.14 105.43 5.18
C ASN FA 25 -40.29 106.65 4.31
N CYS FA 26 -39.19 107.39 4.13
CA CYS FA 26 -39.09 108.44 3.13
C CYS FA 26 -37.93 108.09 2.21
N TYR FA 27 -38.24 107.72 0.97
CA TYR FA 27 -37.27 107.20 0.01
C TYR FA 27 -36.98 108.27 -1.03
N VAL FA 28 -35.78 108.83 -0.98
CA VAL FA 28 -35.34 109.87 -1.91
C VAL FA 28 -34.39 109.22 -2.91
N SER FA 29 -34.65 109.40 -4.20
CA SER FA 29 -33.89 108.72 -5.23
C SER FA 29 -33.74 109.63 -6.45
N GLY FA 30 -32.76 109.29 -7.28
CA GLY FA 30 -32.56 110.00 -8.54
C GLY FA 30 -32.10 111.43 -8.40
N PHE FA 31 -31.22 111.71 -7.45
CA PHE FA 31 -30.74 113.06 -7.20
C PHE FA 31 -29.22 113.14 -7.29
N HIS FA 32 -28.74 114.35 -7.60
CA HIS FA 32 -27.32 114.61 -7.78
C HIS FA 32 -27.10 116.12 -7.68
N PRO FA 33 -26.08 116.58 -6.93
CA PRO FA 33 -25.04 115.83 -6.22
C PRO FA 33 -25.52 115.13 -4.94
N SER FA 34 -24.58 114.61 -4.15
CA SER FA 34 -24.93 113.77 -3.02
C SER FA 34 -25.41 114.57 -1.81
N ASP FA 35 -24.97 115.81 -1.67
CA ASP FA 35 -25.37 116.62 -0.52
C ASP FA 35 -26.88 116.81 -0.51
N ILE FA 36 -27.52 116.35 0.56
CA ILE FA 36 -28.98 116.46 0.70
C ILE FA 36 -29.31 116.49 2.18
N GLU FA 37 -30.39 117.21 2.51
CA GLU FA 37 -30.90 117.31 3.87
C GLU FA 37 -32.37 116.92 3.86
N VAL FA 38 -32.70 115.89 4.63
CA VAL FA 38 -34.07 115.37 4.67
C VAL FA 38 -34.46 115.15 6.12
N ASP FA 39 -35.67 115.59 6.48
CA ASP FA 39 -36.20 115.42 7.83
C ASP FA 39 -37.59 114.78 7.74
N LEU FA 40 -37.91 113.99 8.76
CA LEU FA 40 -39.24 113.39 8.89
C LEU FA 40 -40.08 114.24 9.83
N LEU FA 41 -41.28 114.61 9.39
CA LEU FA 41 -42.14 115.55 10.10
C LEU FA 41 -43.31 114.80 10.73
N LYS FA 42 -43.46 114.94 12.04
CA LYS FA 42 -44.63 114.47 12.77
C LYS FA 42 -45.47 115.69 13.14
N ASN FA 43 -46.61 115.83 12.49
CA ASN FA 43 -47.53 116.95 12.72
C ASN FA 43 -46.83 118.30 12.51
N GLY FA 44 -45.92 118.33 11.54
CA GLY FA 44 -45.22 119.55 11.19
C GLY FA 44 -43.94 119.82 11.97
N GLU FA 45 -43.46 118.85 12.74
CA GLU FA 45 -42.25 119.03 13.54
C GLU FA 45 -41.25 117.93 13.23
N ARG FA 46 -39.97 118.27 13.35
CA ARG FA 46 -38.90 117.31 13.11
C ARG FA 46 -38.95 116.17 14.11
N ILE FA 47 -38.59 114.98 13.66
CA ILE FA 47 -38.45 113.80 14.50
C ILE FA 47 -36.98 113.67 14.89
N GLU FA 48 -36.72 113.46 16.18
CA GLU FA 48 -35.35 113.52 16.69
C GLU FA 48 -34.52 112.33 16.21
N LYS FA 49 -34.92 111.12 16.60
CA LYS FA 49 -34.15 109.91 16.30
C LYS FA 49 -34.59 109.36 14.96
N VAL FA 50 -33.84 109.70 13.90
CA VAL FA 50 -34.10 109.21 12.55
C VAL FA 50 -32.81 108.59 12.02
N GLU FA 51 -32.87 107.32 11.68
CA GLU FA 51 -31.74 106.65 11.05
C GLU FA 51 -31.89 106.68 9.53
N HIS FA 52 -30.75 106.68 8.83
CA HIS FA 52 -30.73 106.81 7.39
C HIS FA 52 -29.86 105.73 6.78
N SER FA 53 -30.24 105.31 5.57
CA SER FA 53 -29.50 104.26 4.88
C SER FA 53 -28.16 104.79 4.37
N ASP FA 54 -27.32 103.87 3.91
CA ASP FA 54 -26.01 104.23 3.40
C ASP FA 54 -26.10 104.70 1.96
N LEU FA 55 -25.19 105.62 1.60
CA LEU FA 55 -25.24 106.25 0.29
C LEU FA 55 -24.94 105.25 -0.82
N SER FA 56 -25.75 105.29 -1.88
CA SER FA 56 -25.57 104.42 -3.04
C SER FA 56 -26.22 105.11 -4.22
N PHE FA 57 -25.83 104.67 -5.43
CA PHE FA 57 -26.34 105.27 -6.65
C PHE FA 57 -26.76 104.18 -7.64
N SER FA 58 -27.64 104.58 -8.56
CA SER FA 58 -28.24 103.68 -9.54
C SER FA 58 -27.34 103.57 -10.76
N LYS FA 59 -27.88 103.00 -11.84
CA LYS FA 59 -27.10 102.81 -13.06
C LYS FA 59 -26.74 104.14 -13.70
N ASP FA 60 -27.67 105.09 -13.69
CA ASP FA 60 -27.46 106.40 -14.28
C ASP FA 60 -26.70 107.36 -13.38
N TRP FA 61 -25.98 106.85 -12.38
CA TRP FA 61 -25.14 107.59 -11.44
C TRP FA 61 -25.93 108.47 -10.48
N SER FA 62 -27.26 108.41 -10.52
CA SER FA 62 -28.08 109.18 -9.60
C SER FA 62 -28.19 108.47 -8.26
N PHE FA 63 -28.07 109.25 -7.18
CA PHE FA 63 -28.04 108.69 -5.84
C PHE FA 63 -29.45 108.28 -5.37
N TYR FA 64 -29.49 107.50 -4.30
CA TYR FA 64 -30.75 107.16 -3.66
C TYR FA 64 -30.51 106.91 -2.18
N LEU FA 65 -31.44 107.35 -1.34
CA LEU FA 65 -31.35 107.20 0.11
C LEU FA 65 -32.73 106.88 0.67
N LEU FA 66 -32.74 106.28 1.86
CA LEU FA 66 -33.97 105.93 2.55
C LEU FA 66 -33.84 106.33 4.01
N TYR FA 67 -34.68 107.26 4.46
CA TYR FA 67 -34.71 107.68 5.85
C TYR FA 67 -35.94 107.05 6.52
N TYR FA 68 -35.73 106.41 7.67
CA TYR FA 68 -36.77 105.65 8.32
C TYR FA 68 -36.72 105.88 9.82
N THR FA 69 -37.88 105.71 10.46
CA THR FA 69 -37.99 105.76 11.92
C THR FA 69 -39.20 104.94 12.33
N GLU FA 70 -39.22 104.54 13.60
CA GLU FA 70 -40.31 103.74 14.15
C GLU FA 70 -41.39 104.65 14.72
N PHE FA 71 -42.64 104.35 14.40
CA PHE FA 71 -43.76 105.19 14.80
C PHE FA 71 -45.01 104.34 14.93
N THR FA 72 -45.97 104.86 15.70
CA THR FA 72 -47.26 104.20 15.87
C THR FA 72 -48.34 105.05 15.21
N PRO FA 73 -48.93 104.63 14.10
CA PRO FA 73 -49.90 105.46 13.40
C PRO FA 73 -51.19 105.62 14.18
N THR FA 74 -51.80 106.80 14.05
CA THR FA 74 -53.09 107.09 14.63
C THR FA 74 -53.98 107.71 13.55
N GLU FA 75 -55.29 107.72 13.81
CA GLU FA 75 -56.22 108.32 12.86
C GLU FA 75 -56.05 109.82 12.76
N LYS FA 76 -55.34 110.44 13.71
CA LYS FA 76 -55.29 111.89 13.83
C LYS FA 76 -53.96 112.48 13.36
N ASP FA 77 -52.85 111.85 13.72
CA ASP FA 77 -51.54 112.40 13.41
C ASP FA 77 -51.29 112.44 11.90
N GLU FA 78 -50.71 113.54 11.44
CA GLU FA 78 -50.30 113.70 10.05
C GLU FA 78 -48.77 113.66 9.98
N TYR FA 79 -48.26 112.81 9.09
CA TYR FA 79 -46.83 112.65 8.91
C TYR FA 79 -46.42 113.12 7.53
N ALA FA 80 -45.25 113.73 7.43
CA ALA FA 80 -44.75 114.24 6.16
C ALA FA 80 -43.23 114.15 6.15
N CYS FA 81 -42.67 114.33 4.96
CA CYS FA 81 -41.22 114.31 4.76
C CYS FA 81 -40.79 115.62 4.15
N ARG FA 82 -39.72 116.21 4.69
CA ARG FA 82 -39.19 117.49 4.24
C ARG FA 82 -37.83 117.26 3.60
N VAL FA 83 -37.68 117.70 2.37
CA VAL FA 83 -36.46 117.47 1.60
C VAL FA 83 -35.93 118.82 1.10
N ASN FA 84 -34.69 119.13 1.43
CA ASN FA 84 -34.02 120.34 0.97
C ASN FA 84 -32.80 119.93 0.16
N HIS FA 85 -32.68 120.48 -1.05
CA HIS FA 85 -31.63 120.09 -1.98
C HIS FA 85 -31.16 121.33 -2.74
N VAL FA 86 -29.98 121.21 -3.36
CA VAL FA 86 -29.43 122.33 -4.12
C VAL FA 86 -30.28 122.63 -5.34
N THR FA 87 -30.99 121.63 -5.87
CA THR FA 87 -31.87 121.83 -7.01
C THR FA 87 -33.25 122.32 -6.62
N LEU FA 88 -33.51 122.54 -5.34
CA LEU FA 88 -34.81 122.99 -4.86
C LEU FA 88 -34.67 124.41 -4.35
N SER FA 89 -35.48 125.32 -4.90
CA SER FA 89 -35.45 126.71 -4.44
C SER FA 89 -35.95 126.81 -3.00
N GLN FA 90 -36.99 126.07 -2.66
CA GLN FA 90 -37.51 125.99 -1.30
C GLN FA 90 -37.71 124.53 -0.92
N PRO FA 91 -37.63 124.21 0.37
CA PRO FA 91 -37.84 122.81 0.79
C PRO FA 91 -39.20 122.28 0.36
N LYS FA 92 -39.22 121.03 -0.06
CA LYS FA 92 -40.42 120.38 -0.57
C LYS FA 92 -41.00 119.46 0.49
N ILE FA 93 -42.32 119.54 0.68
CA ILE FA 93 -43.04 118.74 1.66
C ILE FA 93 -43.90 117.73 0.91
N VAL FA 94 -43.80 116.46 1.29
CA VAL FA 94 -44.64 115.40 0.76
C VAL FA 94 -45.35 114.75 1.94
N LYS FA 95 -46.65 115.00 2.06
CA LYS FA 95 -47.42 114.42 3.16
C LYS FA 95 -47.59 112.93 2.95
N TRP FA 96 -47.59 112.19 4.06
CA TRP FA 96 -47.77 110.74 4.01
C TRP FA 96 -49.24 110.44 3.75
N ASP FA 97 -49.55 110.09 2.51
CA ASP FA 97 -50.89 109.65 2.15
C ASP FA 97 -50.95 108.14 2.33
N ARG FA 98 -51.70 107.70 3.34
CA ARG FA 98 -51.95 106.28 3.51
C ARG FA 98 -52.65 105.75 2.26
N ASP FA 99 -52.23 104.56 1.83
CA ASP FA 99 -52.61 103.86 0.58
C ASP FA 99 -51.99 104.48 -0.66
N MET FA 100 -50.93 105.28 -0.50
CA MET FA 100 -50.18 105.79 -1.65
C MET FA 100 -48.68 105.59 -1.43
N VAL GA 1 -14.92 91.01 -1.51
CA VAL GA 1 -13.77 91.80 -1.11
C VAL GA 1 -13.60 93.01 -2.04
N VAL GA 2 -12.70 93.91 -1.66
CA VAL GA 2 -12.38 95.11 -2.44
C VAL GA 2 -11.26 94.80 -3.42
N GLY GA 3 -11.41 95.25 -4.66
CA GLY GA 3 -10.42 94.94 -5.67
C GLY GA 3 -10.30 95.95 -6.79
N ALA GA 4 -10.66 97.20 -6.51
CA ALA GA 4 -10.58 98.28 -7.51
C ALA GA 4 -9.13 98.68 -7.73
N VAL GA 5 -8.66 98.53 -8.96
CA VAL GA 5 -7.28 98.87 -9.32
C VAL GA 5 -7.22 100.37 -9.61
N GLY GA 6 -6.68 101.14 -8.67
CA GLY GA 6 -6.49 102.57 -8.89
C GLY GA 6 -5.17 102.86 -9.56
N VAL GA 7 -5.20 103.44 -10.76
CA VAL GA 7 -3.99 103.64 -11.54
C VAL GA 7 -3.88 105.06 -12.09
N GLY GA 8 -4.38 106.03 -11.34
CA GLY GA 8 -4.02 107.42 -11.62
C GLY GA 8 -5.10 108.29 -12.22
N LYS GA 9 -5.85 107.77 -13.18
CA LYS GA 9 -6.91 108.52 -13.85
C LYS GA 9 -6.41 109.86 -14.39
N GLN HA 2 9.61 81.17 4.70
CA GLN HA 2 8.56 82.14 4.40
C GLN HA 2 7.42 81.45 3.65
N LYS HA 3 6.52 82.24 3.08
CA LYS HA 3 5.43 81.66 2.29
C LYS HA 3 5.89 81.27 0.89
N VAL HA 4 6.65 82.13 0.23
CA VAL HA 4 7.09 81.89 -1.14
C VAL HA 4 8.43 81.17 -1.13
N GLN HA 5 8.45 79.96 -1.68
CA GLN HA 5 9.64 79.12 -1.70
C GLN HA 5 10.06 78.87 -3.14
N GLN HA 6 11.28 79.28 -3.49
CA GLN HA 6 11.82 79.07 -4.82
C GLN HA 6 12.78 77.90 -4.82
N SER HA 7 12.94 77.28 -5.99
CA SER HA 7 13.88 76.20 -6.18
C SER HA 7 14.22 76.15 -7.66
N PRO HA 8 15.48 75.90 -8.02
CA PRO HA 8 16.62 75.60 -7.15
C PRO HA 8 17.24 76.84 -6.53
N GLU HA 9 18.27 76.66 -5.69
CA GLU HA 9 19.00 77.80 -5.15
C GLU HA 9 20.07 78.28 -6.13
N SER HA 10 20.85 77.34 -6.67
CA SER HA 10 21.87 77.65 -7.65
C SER HA 10 21.64 76.78 -8.89
N LEU HA 11 22.04 77.31 -10.04
CA LEU HA 11 21.80 76.64 -11.32
C LEU HA 11 22.92 77.01 -12.27
N ILE HA 12 23.68 76.01 -12.72
CA ILE HA 12 24.73 76.20 -13.72
C ILE HA 12 24.23 75.57 -15.01
N VAL HA 13 23.79 76.39 -15.94
CA VAL HA 13 23.22 75.93 -17.22
C VAL HA 13 24.22 76.24 -18.33
N PRO HA 14 24.57 75.29 -19.18
CA PRO HA 14 25.49 75.57 -20.27
C PRO HA 14 24.87 76.50 -21.29
N GLU HA 15 25.72 77.22 -22.02
CA GLU HA 15 25.26 78.13 -23.05
C GLU HA 15 24.40 77.40 -24.07
N GLY HA 16 23.28 78.03 -24.45
CA GLY HA 16 22.34 77.42 -25.35
C GLY HA 16 21.38 76.43 -24.72
N GLY HA 17 21.46 76.24 -23.39
CA GLY HA 17 20.59 75.31 -22.71
C GLY HA 17 19.28 75.96 -22.28
N MET HA 18 18.48 75.17 -21.56
CA MET HA 18 17.22 75.63 -21.00
C MET HA 18 17.38 75.83 -19.50
N ALA HA 19 16.88 76.96 -19.00
CA ALA HA 19 16.90 77.28 -17.59
C ALA HA 19 15.48 77.20 -17.05
N SER HA 20 15.19 76.16 -16.27
CA SER HA 20 13.87 75.97 -15.67
C SER HA 20 13.94 76.31 -14.19
N LEU HA 21 13.28 77.40 -13.81
CA LEU HA 21 13.25 77.87 -12.44
C LEU HA 21 11.84 77.72 -11.89
N ASN HA 22 11.71 77.32 -10.63
CA ASN HA 22 10.41 77.06 -10.04
C ASN HA 22 10.23 77.90 -8.78
N CYS HA 23 8.96 78.12 -8.44
CA CYS HA 23 8.58 78.87 -7.25
C CYS HA 23 7.19 78.43 -6.81
N THR HA 24 7.03 78.22 -5.51
CA THR HA 24 5.77 77.74 -4.95
C THR HA 24 5.42 78.55 -3.71
N SER HA 25 4.14 78.87 -3.57
CA SER HA 25 3.65 79.67 -2.46
C SER HA 25 2.88 78.79 -1.47
N SER HA 26 2.92 79.19 -0.20
CA SER HA 26 2.17 78.52 0.86
C SER HA 26 0.85 79.22 1.18
N ASP HA 27 0.78 80.53 0.96
CA ASP HA 27 -0.46 81.28 1.16
C ASP HA 27 -1.44 80.91 0.06
N ARG HA 28 -2.51 80.19 0.42
CA ARG HA 28 -3.48 79.74 -0.58
C ARG HA 28 -4.20 80.91 -1.23
N ASN HA 29 -4.26 82.06 -0.57
CA ASN HA 29 -4.94 83.23 -1.11
C ASN HA 29 -3.93 84.13 -1.84
N VAL HA 30 -3.48 83.64 -2.99
CA VAL HA 30 -2.57 84.36 -3.87
C VAL HA 30 -3.17 84.34 -5.27
N ASP HA 31 -3.39 85.52 -5.84
CA ASP HA 31 -4.08 85.62 -7.13
C ASP HA 31 -3.18 86.10 -8.26
N TYR HA 32 -1.90 86.30 -8.02
CA TYR HA 32 -1.00 86.82 -9.04
C TYR HA 32 0.42 86.41 -8.70
N PHE HA 33 1.18 86.00 -9.70
CA PHE HA 33 2.58 85.63 -9.55
C PHE HA 33 3.44 86.48 -10.48
N TRP HA 34 4.67 86.76 -10.03
CA TRP HA 34 5.58 87.62 -10.78
C TRP HA 34 6.97 87.00 -10.79
N TRP HA 35 7.73 87.31 -11.84
CA TRP HA 35 9.12 86.90 -11.94
C TRP HA 35 9.96 88.14 -12.22
N TYR HA 36 10.92 88.42 -11.33
CA TYR HA 36 11.76 89.61 -11.41
C TYR HA 36 13.21 89.21 -11.61
N ARG HA 37 13.91 89.90 -12.51
CA ARG HA 37 15.32 89.67 -12.77
C ARG HA 37 16.14 90.79 -12.14
N GLN HA 38 17.15 90.42 -11.35
CA GLN HA 38 18.08 91.39 -10.77
C GLN HA 38 19.49 91.03 -11.24
N HIS HA 39 20.01 91.78 -12.21
CA HIS HA 39 21.42 91.65 -12.57
C HIS HA 39 22.29 92.11 -11.41
N SER HA 40 23.52 91.58 -11.37
CA SER HA 40 24.39 91.80 -10.22
C SER HA 40 24.62 93.29 -9.97
N GLY HA 41 24.33 93.73 -8.75
CA GLY HA 41 24.50 95.13 -8.39
C GLY HA 41 23.56 96.08 -9.10
N LYS HA 42 22.35 95.63 -9.44
CA LYS HA 42 21.38 96.44 -10.14
C LYS HA 42 20.04 96.37 -9.43
N SER HA 43 19.06 97.07 -9.99
CA SER HA 43 17.73 97.09 -9.42
C SER HA 43 16.91 95.89 -9.92
N PRO HA 44 16.05 95.31 -9.08
CA PRO HA 44 15.14 94.28 -9.57
C PRO HA 44 14.22 94.84 -10.65
N LYS HA 45 14.13 94.12 -11.77
CA LYS HA 45 13.30 94.53 -12.89
C LYS HA 45 12.39 93.38 -13.27
N MET HA 46 11.11 93.67 -13.47
CA MET HA 46 10.14 92.63 -13.80
C MET HA 46 10.46 92.00 -15.14
N LEU HA 47 10.43 90.66 -15.19
CA LEU HA 47 10.54 89.92 -16.43
C LEU HA 47 9.18 89.53 -16.98
N MET HA 48 8.41 88.77 -16.21
CA MET HA 48 7.15 88.20 -16.68
C MET HA 48 6.10 88.29 -15.58
N SER HA 49 4.85 88.21 -15.99
CA SER HA 49 3.71 88.19 -15.08
C SER HA 49 2.75 87.08 -15.50
N ILE HA 50 2.06 86.51 -14.51
CA ILE HA 50 1.08 85.46 -14.84
C ILE HA 50 0.02 85.40 -13.74
N PHE HA 51 -1.25 85.36 -14.15
CA PHE HA 51 -2.35 85.21 -13.20
C PHE HA 51 -3.37 84.17 -13.61
N SER HA 52 -3.42 83.77 -14.88
CA SER HA 52 -4.30 82.73 -15.36
C SER HA 52 -3.53 81.44 -15.56
N ASN HA 53 -4.20 80.32 -15.29
CA ASN HA 53 -3.58 79.02 -15.50
C ASN HA 53 -3.25 78.84 -16.99
N GLY HA 54 -2.03 78.39 -17.26
CA GLY HA 54 -1.59 78.18 -18.62
C GLY HA 54 -0.15 78.53 -18.86
N GLU HA 55 0.15 79.06 -20.04
CA GLU HA 55 1.52 79.40 -20.43
C GLU HA 55 1.54 80.76 -21.10
N LYS HA 56 2.68 81.42 -21.03
CA LYS HA 56 2.84 82.75 -21.64
C LYS HA 56 4.26 82.84 -22.20
N GLU HA 57 4.38 82.95 -23.52
CA GLU HA 57 5.66 82.95 -24.21
C GLU HA 57 5.94 84.37 -24.72
N GLU HA 58 6.92 85.04 -24.11
CA GLU HA 58 7.42 86.32 -24.60
C GLU HA 58 8.91 86.18 -24.86
N GLY HA 59 9.28 85.90 -26.11
CA GLY HA 59 10.67 85.75 -26.45
C GLY HA 59 11.17 84.38 -26.05
N ARG HA 60 12.34 84.34 -25.41
CA ARG HA 60 12.90 83.09 -24.93
C ARG HA 60 12.33 82.68 -23.58
N PHE HA 61 11.40 83.45 -23.03
CA PHE HA 61 10.89 83.24 -21.69
C PHE HA 61 9.47 82.68 -21.75
N THR HA 62 9.20 81.67 -20.93
CA THR HA 62 7.89 81.06 -20.81
C THR HA 62 7.55 80.88 -19.35
N VAL HA 63 6.39 81.37 -18.94
CA VAL HA 63 5.91 81.17 -17.58
C VAL HA 63 4.72 80.22 -17.61
N HIS HA 64 4.61 79.42 -16.56
CA HIS HA 64 3.52 78.47 -16.40
C HIS HA 64 2.91 78.69 -15.02
N LEU HA 65 1.62 78.40 -14.90
CA LEU HA 65 0.92 78.58 -13.63
C LEU HA 65 -0.06 77.44 -13.42
N ASN HA 66 -0.04 76.86 -12.21
CA ASN HA 66 -1.03 75.88 -11.77
C ASN HA 66 -1.56 76.40 -10.44
N LYS HA 67 -2.64 77.20 -10.50
CA LYS HA 67 -3.15 77.84 -9.29
C LYS HA 67 -3.57 76.82 -8.24
N ALA HA 68 -3.94 75.61 -8.66
CA ALA HA 68 -4.31 74.56 -7.70
C ALA HA 68 -3.15 74.24 -6.77
N SER HA 69 -1.96 74.04 -7.33
CA SER HA 69 -0.77 73.76 -6.55
C SER HA 69 0.06 75.00 -6.23
N LEU HA 70 -0.37 76.16 -6.70
CA LEU HA 70 0.33 77.43 -6.49
C LEU HA 70 1.81 77.32 -6.88
N HIS HA 71 2.02 77.00 -8.15
CA HIS HA 71 3.36 76.78 -8.69
C HIS HA 71 3.50 77.55 -9.99
N THR HA 72 4.54 78.38 -10.06
CA THR HA 72 4.91 79.07 -11.29
C THR HA 72 6.32 78.67 -11.67
N SER HA 73 6.60 78.71 -12.98
CA SER HA 73 7.89 78.27 -13.48
C SER HA 73 8.31 79.14 -14.66
N LEU HA 74 9.52 79.70 -14.59
CA LEU HA 74 10.10 80.47 -15.67
C LEU HA 74 11.08 79.59 -16.44
N HIS HA 75 10.94 79.57 -17.76
CA HIS HA 75 11.77 78.73 -18.63
C HIS HA 75 12.48 79.62 -19.65
N ILE HA 76 13.80 79.66 -19.58
CA ILE HA 76 14.63 80.47 -20.48
C ILE HA 76 15.31 79.53 -21.45
N ARG HA 77 14.98 79.67 -22.74
CA ARG HA 77 15.62 78.89 -23.79
C ARG HA 77 16.82 79.63 -24.35
N ASP HA 78 17.69 78.88 -25.03
CA ASP HA 78 18.90 79.42 -25.66
C ASP HA 78 19.63 80.36 -24.72
N SER HA 79 20.00 79.83 -23.56
CA SER HA 79 20.59 80.64 -22.50
C SER HA 79 21.85 81.34 -22.99
N GLN HA 80 21.90 82.67 -22.77
CA GLN HA 80 23.02 83.52 -23.11
C GLN HA 80 23.70 84.04 -21.85
N PRO HA 81 25.03 84.20 -21.85
CA PRO HA 81 25.72 84.67 -20.63
C PRO HA 81 25.17 85.98 -20.08
N SER HA 82 24.39 86.71 -20.87
CA SER HA 82 23.72 87.93 -20.43
C SER HA 82 22.43 87.66 -19.67
N ASP HA 83 22.19 86.42 -19.25
CA ASP HA 83 21.04 86.09 -18.41
C ASP HA 83 21.46 85.68 -17.01
N SER HA 84 22.75 85.56 -16.74
CA SER HA 84 23.24 85.17 -15.41
C SER HA 84 22.86 86.24 -14.39
N ALA HA 85 21.92 85.90 -13.49
CA ALA HA 85 21.40 86.89 -12.55
C ALA HA 85 20.71 86.18 -11.41
N LEU HA 86 20.14 86.97 -10.50
CA LEU HA 86 19.26 86.49 -9.46
C LEU HA 86 17.82 86.69 -9.92
N TYR HA 87 17.06 85.60 -9.95
CA TYR HA 87 15.67 85.63 -10.39
C TYR HA 87 14.78 85.47 -9.16
N LEU HA 88 13.89 86.44 -8.95
CA LEU HA 88 13.03 86.49 -7.77
C LEU HA 88 11.59 86.23 -8.17
N CYS HA 89 10.87 85.53 -7.30
CA CYS HA 89 9.46 85.21 -7.51
C CYS HA 89 8.62 85.99 -6.51
N ALA HA 90 7.53 86.59 -7.00
CA ALA HA 90 6.65 87.41 -6.16
C ALA HA 90 5.23 86.89 -6.26
N ALA HA 91 4.46 87.15 -5.21
CA ALA HA 91 3.08 86.67 -5.13
C ALA HA 91 2.22 87.69 -4.42
N ARG HA 92 1.08 88.05 -5.03
CA ARG HA 92 0.16 89.00 -4.42
C ARG HA 92 -0.45 88.41 -3.16
N ASP HA 93 -0.49 89.23 -2.10
CA ASP HA 93 -0.95 88.78 -0.80
C ASP HA 93 -2.48 88.73 -0.75
N SER HA 94 -3.02 88.42 0.43
CA SER HA 94 -4.44 88.66 0.67
C SER HA 94 -4.74 90.14 0.67
N ASN HA 95 -3.77 90.94 1.09
CA ASN HA 95 -3.74 92.37 0.78
C ASN HA 95 -3.32 92.50 -0.67
N TYR HA 96 -2.73 93.62 -1.05
CA TYR HA 96 -2.26 93.77 -2.42
C TYR HA 96 -0.78 94.13 -2.43
N GLN HA 97 -0.04 93.50 -1.51
CA GLN HA 97 1.41 93.61 -1.40
C GLN HA 97 2.06 92.34 -1.92
N LEU HA 98 3.33 92.45 -2.32
CA LEU HA 98 4.07 91.35 -2.91
C LEU HA 98 4.85 90.60 -1.85
N ILE HA 99 4.70 89.28 -1.85
CA ILE HA 99 5.52 88.39 -1.01
C ILE HA 99 6.66 87.89 -1.88
N TRP HA 100 7.89 88.17 -1.46
CA TRP HA 100 9.07 87.82 -2.24
C TRP HA 100 9.69 86.51 -1.75
N GLY HA 101 10.52 85.92 -2.61
CA GLY HA 101 11.22 84.71 -2.28
C GLY HA 101 12.72 84.95 -2.15
N SER HA 102 13.42 83.92 -1.66
CA SER HA 102 14.85 84.04 -1.39
C SER HA 102 15.62 84.37 -2.67
N GLY HA 103 15.34 83.65 -3.75
CA GLY HA 103 15.99 83.93 -5.02
C GLY HA 103 16.74 82.75 -5.61
N THR HA 104 16.93 82.78 -6.93
CA THR HA 104 17.62 81.71 -7.64
C THR HA 104 18.76 82.31 -8.46
N LYS HA 105 19.96 81.76 -8.31
CA LYS HA 105 21.16 82.29 -8.95
C LYS HA 105 21.42 81.50 -10.22
N LEU HA 106 21.27 82.15 -11.37
CA LEU HA 106 21.58 81.55 -12.66
C LEU HA 106 23.02 81.85 -13.03
N ILE HA 107 23.77 80.81 -13.36
CA ILE HA 107 25.16 80.94 -13.81
C ILE HA 107 25.26 80.21 -15.15
N ILE HA 108 25.45 80.95 -16.22
CA ILE HA 108 25.49 80.39 -17.56
C ILE HA 108 26.95 80.28 -18.00
N LYS HA 109 27.44 79.06 -18.00
CA LYS HA 109 28.81 78.78 -18.38
C LYS HA 109 28.98 79.01 -19.87
N PRO HA 110 29.90 79.87 -20.30
CA PRO HA 110 30.02 80.18 -21.73
C PRO HA 110 30.71 79.07 -22.51
N ASP HA 111 30.60 79.16 -23.83
CA ASP HA 111 31.25 78.23 -24.75
C ASP HA 111 32.56 78.86 -25.21
N ILE HA 112 33.67 78.36 -24.68
CA ILE HA 112 35.00 78.82 -25.11
C ILE HA 112 35.32 78.12 -26.42
N GLN HA 113 35.39 78.89 -27.50
CA GLN HA 113 35.54 78.30 -28.84
C GLN HA 113 36.92 77.69 -29.03
N ASN HA 114 37.97 78.48 -28.82
CA ASN HA 114 39.35 78.04 -29.07
C ASN HA 114 40.17 78.23 -27.80
N PRO HA 115 40.20 77.23 -26.93
CA PRO HA 115 40.94 77.37 -25.67
C PRO HA 115 42.45 77.28 -25.90
N ASP HA 116 43.18 78.26 -25.38
CA ASP HA 116 44.64 78.28 -25.43
C ASP HA 116 45.17 78.73 -24.07
N PRO HA 117 45.00 77.90 -23.06
CA PRO HA 117 45.35 78.32 -21.69
C PRO HA 117 46.84 78.57 -21.54
N ALA HA 118 47.17 79.48 -20.61
CA ALA HA 118 48.55 79.88 -20.36
C ALA HA 118 48.61 80.66 -19.06
N VAL HA 119 49.85 80.90 -18.61
CA VAL HA 119 50.12 81.65 -17.40
C VAL HA 119 51.22 82.66 -17.72
N TYR HA 120 51.07 83.90 -17.24
CA TYR HA 120 51.97 84.98 -17.60
C TYR HA 120 52.37 85.78 -16.37
N GLN HA 121 53.54 86.43 -16.48
CA GLN HA 121 54.04 87.34 -15.46
C GLN HA 121 53.83 88.78 -15.90
N LEU HA 122 53.36 89.62 -14.97
CA LEU HA 122 53.12 91.03 -15.23
C LEU HA 122 53.78 91.86 -14.14
N ARG HA 123 54.51 92.90 -14.54
CA ARG HA 123 55.26 93.74 -13.61
C ARG HA 123 54.58 95.08 -13.44
N ASP HA 124 54.74 95.65 -12.24
CA ASP HA 124 54.10 96.92 -11.91
C ASP HA 124 54.69 98.06 -12.75
N SER HA 125 53.84 99.04 -13.07
CA SER HA 125 54.24 100.13 -13.96
C SER HA 125 55.29 101.02 -13.31
N LYS HA 126 55.16 101.30 -12.02
CA LYS HA 126 56.08 102.21 -11.34
C LYS HA 126 57.43 101.54 -11.09
N SER HA 127 57.44 100.50 -10.28
CA SER HA 127 58.65 99.74 -9.99
C SER HA 127 58.33 98.26 -10.01
N SER HA 128 59.34 97.44 -10.30
CA SER HA 128 59.17 96.01 -10.45
C SER HA 128 59.22 95.25 -9.13
N ASP HA 129 58.89 95.91 -8.02
CA ASP HA 129 58.97 95.24 -6.72
C ASP HA 129 57.91 94.15 -6.56
N LYS HA 130 56.74 94.33 -7.17
CA LYS HA 130 55.63 93.40 -7.05
C LYS HA 130 55.25 92.86 -8.41
N SER HA 131 54.83 91.59 -8.45
CA SER HA 131 54.48 90.92 -9.70
C SER HA 131 53.22 90.10 -9.49
N VAL HA 132 52.52 89.82 -10.59
CA VAL HA 132 51.27 89.08 -10.56
C VAL HA 132 51.30 88.00 -11.64
N CYS HA 133 50.51 86.95 -11.42
CA CYS HA 133 50.34 85.87 -12.37
C CYS HA 133 48.93 85.91 -12.94
N LEU HA 134 48.81 85.67 -14.25
CA LEU HA 134 47.54 85.71 -14.96
C LEU HA 134 47.29 84.36 -15.63
N PHE HA 135 46.18 83.71 -15.25
CA PHE HA 135 45.72 82.49 -15.90
C PHE HA 135 44.55 82.84 -16.80
N THR HA 136 44.76 82.77 -18.12
CA THR HA 136 43.77 83.25 -19.07
C THR HA 136 43.62 82.26 -20.21
N ASP HA 137 42.60 82.50 -21.03
CA ASP HA 137 42.34 81.73 -22.26
C ASP HA 137 42.06 80.26 -21.98
N PHE HA 138 41.49 79.94 -20.81
CA PHE HA 138 41.12 78.57 -20.49
C PHE HA 138 39.62 78.40 -20.63
N ASP HA 139 39.20 77.15 -20.83
CA ASP HA 139 37.81 76.84 -21.10
C ASP HA 139 36.99 76.88 -19.80
N SER HA 140 35.67 76.73 -19.97
CA SER HA 140 34.76 76.80 -18.83
C SER HA 140 34.85 75.57 -17.94
N GLN HA 141 35.31 74.44 -18.47
CA GLN HA 141 35.41 73.22 -17.66
C GLN HA 141 36.42 73.39 -16.53
N THR HA 142 37.54 74.06 -16.81
CA THR HA 142 38.55 74.28 -15.80
C THR HA 142 37.98 75.07 -14.63
N ASN HA 143 38.22 74.60 -13.42
CA ASN HA 143 37.71 75.21 -12.19
C ASN HA 143 38.89 75.76 -11.40
N VAL HA 144 38.85 77.05 -11.11
CA VAL HA 144 39.94 77.72 -10.40
C VAL HA 144 39.76 77.49 -8.91
N SER HA 145 40.63 76.67 -8.32
CA SER HA 145 40.58 76.42 -6.90
C SER HA 145 41.17 77.59 -6.13
N GLN HA 146 40.73 77.74 -4.89
CA GLN HA 146 41.18 78.85 -4.06
C GLN HA 146 42.67 78.73 -3.77
N SER HA 147 43.33 79.87 -3.60
CA SER HA 147 44.73 79.89 -3.22
C SER HA 147 44.93 79.22 -1.87
N LYS HA 148 45.90 78.31 -1.80
CA LYS HA 148 46.22 77.67 -0.54
C LYS HA 148 47.23 78.51 0.26
N ASP HA 149 48.45 78.67 -0.28
CA ASP HA 149 49.48 79.44 0.40
C ASP HA 149 48.95 80.81 0.82
N SER HA 150 48.88 81.03 2.13
CA SER HA 150 48.22 82.21 2.68
C SER HA 150 48.89 83.50 2.24
N ASP HA 151 50.16 83.47 1.86
CA ASP HA 151 50.84 84.69 1.43
C ASP HA 151 50.32 85.16 0.07
N VAL HA 152 49.92 84.24 -0.81
CA VAL HA 152 49.45 84.57 -2.14
C VAL HA 152 47.93 84.49 -2.17
N TYR HA 153 47.31 85.40 -2.93
CA TYR HA 153 45.86 85.46 -3.07
C TYR HA 153 45.48 85.26 -4.52
N ILE HA 154 44.57 84.31 -4.77
CA ILE HA 154 44.10 83.99 -6.11
C ILE HA 154 42.66 84.47 -6.24
N THR HA 155 42.36 85.19 -7.31
CA THR HA 155 41.03 85.71 -7.54
C THR HA 155 40.14 84.65 -8.15
N ASP HA 156 38.83 84.90 -8.09
CA ASP HA 156 37.86 83.99 -8.66
C ASP HA 156 37.88 84.05 -10.19
N LYS HA 157 37.28 83.04 -10.81
CA LYS HA 157 37.20 83.01 -12.26
C LYS HA 157 36.31 84.13 -12.77
N CYS HA 158 36.66 84.68 -13.93
CA CYS HA 158 35.91 85.76 -14.55
C CYS HA 158 35.86 85.52 -16.05
N VAL HA 159 34.83 86.06 -16.69
CA VAL HA 159 34.58 85.83 -18.12
C VAL HA 159 34.64 87.17 -18.85
N LEU HA 160 35.51 87.27 -19.84
CA LEU HA 160 35.66 88.44 -20.68
C LEU HA 160 34.91 88.25 -21.99
N ASP HA 161 34.79 89.33 -22.76
CA ASP HA 161 34.11 89.27 -24.05
C ASP HA 161 34.59 90.42 -24.92
N MET HA 162 35.41 90.11 -25.92
CA MET HA 162 35.84 91.08 -26.92
C MET HA 162 34.90 90.96 -28.12
N ARG HA 163 34.05 91.96 -28.31
CA ARG HA 163 32.93 91.83 -29.24
C ARG HA 163 33.35 91.95 -30.70
N SER HA 164 34.40 92.72 -30.99
CA SER HA 164 34.82 92.91 -32.38
C SER HA 164 35.36 91.61 -32.97
N MET HA 165 35.92 90.73 -32.15
CA MET HA 165 36.53 89.49 -32.63
C MET HA 165 35.70 88.26 -32.31
N ASP HA 166 34.56 88.41 -31.64
CA ASP HA 166 33.72 87.29 -31.21
C ASP HA 166 34.53 86.29 -30.38
N PHE HA 167 35.39 86.81 -29.51
CA PHE HA 167 36.27 85.99 -28.68
C PHE HA 167 35.84 86.11 -27.22
N LYS HA 168 35.68 84.97 -26.57
CA LYS HA 168 35.34 84.90 -25.16
C LYS HA 168 36.45 84.17 -24.43
N SER HA 169 36.91 84.75 -23.32
CA SER HA 169 38.02 84.19 -22.57
C SER HA 169 37.69 84.22 -21.08
N ASN HA 170 38.39 83.37 -20.33
CA ASN HA 170 38.28 83.33 -18.88
C ASN HA 170 39.62 83.71 -18.28
N SER HA 171 39.58 84.34 -17.10
CA SER HA 171 40.78 84.87 -16.47
C SER HA 171 40.77 84.62 -14.98
N ALA HA 172 41.98 84.50 -14.42
CA ALA HA 172 42.19 84.39 -12.98
C ALA HA 172 43.54 84.97 -12.66
N VAL HA 173 43.63 85.67 -11.52
CA VAL HA 173 44.80 86.47 -11.18
C VAL HA 173 45.31 86.07 -9.81
N ALA HA 174 46.63 86.08 -9.64
CA ALA HA 174 47.28 85.83 -8.36
C ALA HA 174 48.38 86.87 -8.13
N TRP HA 175 48.63 87.16 -6.86
CA TRP HA 175 49.70 88.07 -6.48
C TRP HA 175 50.20 87.72 -5.09
N SER HA 176 51.47 88.03 -4.83
CA SER HA 176 52.09 87.75 -3.55
C SER HA 176 53.16 88.80 -3.28
N ASN HA 177 53.29 89.19 -2.00
CA ASN HA 177 54.29 90.18 -1.62
C ASN HA 177 55.67 89.57 -1.48
N LYS HA 178 55.76 88.27 -1.20
CA LYS HA 178 57.04 87.62 -1.02
C LYS HA 178 57.77 87.45 -2.35
N SER HA 179 59.10 87.51 -2.29
CA SER HA 179 59.90 87.47 -3.51
C SER HA 179 59.97 86.07 -4.09
N ASP HA 180 59.90 85.04 -3.25
CA ASP HA 180 59.96 83.65 -3.71
C ASP HA 180 58.62 83.23 -4.32
N PHE HA 181 58.24 83.93 -5.38
CA PHE HA 181 56.94 83.76 -6.04
C PHE HA 181 57.15 83.69 -7.54
N ALA HA 182 56.72 82.58 -8.14
CA ALA HA 182 56.84 82.39 -9.58
C ALA HA 182 55.52 81.83 -10.12
N CYS HA 183 55.27 82.09 -11.40
CA CYS HA 183 54.02 81.62 -12.01
C CYS HA 183 54.00 80.11 -12.20
N ALA HA 184 55.18 79.49 -12.39
CA ALA HA 184 55.22 78.04 -12.49
C ALA HA 184 54.81 77.38 -11.18
N ASN HA 185 55.24 77.95 -10.05
CA ASN HA 185 54.87 77.46 -8.73
C ASN HA 185 53.56 78.03 -8.22
N ALA HA 186 52.86 78.82 -9.02
CA ALA HA 186 51.54 79.32 -8.68
C ALA HA 186 50.46 78.50 -9.37
N PHE HA 187 49.24 78.62 -8.85
CA PHE HA 187 48.05 77.94 -9.37
C PHE HA 187 48.09 76.43 -9.24
N ASN HA 188 49.04 75.88 -8.46
CA ASN HA 188 49.15 74.44 -8.32
C ASN HA 188 47.97 73.83 -7.56
N ASN HA 189 47.25 74.64 -6.77
CA ASN HA 189 46.12 74.12 -6.01
C ASN HA 189 44.90 73.83 -6.89
N SER HA 190 44.91 74.26 -8.15
CA SER HA 190 43.78 74.10 -9.04
C SER HA 190 44.04 72.95 -10.02
N ILE HA 191 43.07 72.70 -10.88
CA ILE HA 191 43.17 71.62 -11.88
C ILE HA 191 43.67 72.28 -13.16
N ILE HA 192 44.99 72.34 -13.31
CA ILE HA 192 45.61 72.97 -14.47
C ILE HA 192 45.57 71.99 -15.64
N PRO HA 193 45.03 72.39 -16.80
CA PRO HA 193 45.14 71.53 -17.98
C PRO HA 193 46.59 71.41 -18.43
N GLU HA 194 46.91 70.28 -19.06
CA GLU HA 194 48.29 70.00 -19.44
C GLU HA 194 48.72 70.70 -20.72
N ASP HA 195 47.86 71.50 -21.34
CA ASP HA 195 48.20 72.22 -22.56
C ASP HA 195 48.53 73.69 -22.30
N THR HA 196 48.69 74.08 -21.05
CA THR HA 196 48.99 75.47 -20.73
C THR HA 196 50.41 75.84 -21.15
N PHE HA 197 50.57 77.10 -21.56
CA PHE HA 197 51.87 77.64 -21.93
C PHE HA 197 52.59 78.20 -20.72
N PHE HA 198 53.92 78.15 -20.75
CA PHE HA 198 54.75 78.73 -19.71
C PHE HA 198 55.97 79.40 -20.33
N PRO HA 199 56.18 80.70 -20.08
CA PRO HA 199 57.30 81.46 -20.66
C PRO HA 199 58.66 80.97 -20.18
N ALA IA 3 11.88 108.92 -13.32
CA ALA IA 3 11.77 107.60 -12.71
C ALA IA 3 11.83 107.69 -11.19
N VAL IA 4 12.58 106.77 -10.58
CA VAL IA 4 12.70 106.68 -9.13
C VAL IA 4 14.18 106.81 -8.77
N THR IA 5 14.46 107.64 -7.76
CA THR IA 5 15.82 107.98 -7.36
C THR IA 5 15.97 107.77 -5.86
N GLN IA 6 17.22 107.60 -5.42
CA GLN IA 6 17.52 107.36 -4.02
C GLN IA 6 18.69 108.22 -3.59
N SER IA 7 18.59 108.78 -2.37
CA SER IA 7 19.60 109.67 -1.83
C SER IA 7 19.70 109.47 -0.32
N PRO IA 8 20.85 109.05 0.20
CA PRO IA 8 22.13 108.80 -0.51
C PRO IA 8 22.12 107.52 -1.33
N ARG IA 9 23.20 107.27 -2.08
CA ARG IA 9 23.36 106.03 -2.82
C ARG IA 9 24.34 105.09 -2.17
N ASN IA 10 25.21 105.61 -1.31
CA ASN IA 10 26.14 104.83 -0.51
C ASN IA 10 26.41 105.60 0.77
N LYS IA 11 26.57 104.89 1.89
CA LYS IA 11 26.76 105.55 3.17
C LYS IA 11 27.48 104.62 4.13
N VAL IA 12 28.38 105.19 4.92
CA VAL IA 12 29.07 104.49 6.00
C VAL IA 12 28.68 105.18 7.31
N ALA IA 13 28.15 104.41 8.25
CA ALA IA 13 27.58 104.97 9.48
C ALA IA 13 28.25 104.34 10.69
N VAL IA 14 27.87 104.84 11.88
CA VAL IA 14 28.34 104.33 13.15
C VAL IA 14 27.14 103.95 14.01
N THR IA 15 27.35 102.96 14.88
CA THR IA 15 26.29 102.51 15.77
C THR IA 15 25.79 103.66 16.63
N GLY IA 16 24.50 103.96 16.52
CA GLY IA 16 23.88 105.04 17.25
C GLY IA 16 23.54 106.25 16.40
N GLY IA 17 24.11 106.35 15.20
CA GLY IA 17 23.86 107.49 14.36
C GLY IA 17 22.50 107.44 13.67
N LYS IA 18 22.06 108.59 13.19
CA LYS IA 18 20.80 108.70 12.48
C LYS IA 18 21.06 108.73 10.98
N VAL IA 19 20.51 107.75 10.27
CA VAL IA 19 20.63 107.64 8.83
C VAL IA 19 19.25 107.80 8.22
N THR IA 20 19.09 108.80 7.35
CA THR IA 20 17.82 109.06 6.67
C THR IA 20 18.01 108.83 5.18
N LEU IA 21 17.63 107.64 4.72
CA LEU IA 21 17.64 107.34 3.30
C LEU IA 21 16.37 107.87 2.67
N SER IA 22 16.49 108.44 1.47
CA SER IA 22 15.39 109.12 0.83
C SER IA 22 15.12 108.54 -0.55
N CYS IA 23 13.90 108.78 -1.03
CA CYS IA 23 13.46 108.23 -2.32
C CYS IA 23 12.45 109.20 -2.94
N ASN IA 24 12.53 109.36 -4.26
CA ASN IA 24 11.67 110.28 -4.98
C ASN IA 24 11.20 109.63 -6.27
N GLN IA 25 9.90 109.57 -6.47
CA GLN IA 25 9.32 109.03 -7.70
C GLN IA 25 8.65 110.15 -8.49
N THR IA 26 8.78 110.08 -9.82
CA THR IA 26 8.10 110.98 -10.72
C THR IA 26 7.07 110.25 -11.58
N ASN IA 27 6.71 109.02 -11.20
CA ASN IA 27 5.79 108.19 -11.96
C ASN IA 27 4.33 108.38 -11.55
N ASN IA 28 4.04 109.39 -10.72
CA ASN IA 28 2.67 109.70 -10.31
C ASN IA 28 2.00 108.53 -9.59
N HIS IA 29 2.80 107.72 -8.88
CA HIS IA 29 2.31 106.53 -8.20
C HIS IA 29 1.90 106.90 -6.78
N ASN IA 30 0.73 106.38 -6.35
CA ASN IA 30 0.24 106.69 -5.02
C ASN IA 30 0.86 105.80 -3.95
N ASN IA 31 1.33 104.60 -4.31
CA ASN IA 31 1.92 103.67 -3.36
C ASN IA 31 3.44 103.64 -3.53
N MET IA 32 4.15 103.75 -2.41
CA MET IA 32 5.60 103.67 -2.39
C MET IA 32 6.03 102.71 -1.29
N TYR IA 33 7.14 102.00 -1.54
CA TYR IA 33 7.58 100.93 -0.67
C TYR IA 33 9.07 101.07 -0.37
N TRP IA 34 9.47 100.52 0.78
CA TRP IA 34 10.87 100.50 1.20
C TRP IA 34 11.25 99.07 1.54
N TYR IA 35 12.22 98.52 0.81
CA TYR IA 35 12.64 97.14 0.95
C TYR IA 35 14.09 97.09 1.42
N ARG IA 36 14.50 95.93 1.95
CA ARG IA 36 15.91 95.65 2.19
C ARG IA 36 16.24 94.26 1.66
N GLN IA 37 17.36 94.16 0.96
CA GLN IA 37 17.78 92.93 0.30
C GLN IA 37 18.96 92.34 1.06
N ASP IA 38 18.74 91.20 1.72
CA ASP IA 38 19.79 90.47 2.41
C ASP IA 38 19.85 89.05 1.87
N THR IA 39 21.05 88.49 1.80
CA THR IA 39 21.23 87.15 1.25
C THR IA 39 20.46 86.13 2.07
N GLY IA 40 19.61 85.35 1.39
CA GLY IA 40 18.82 84.32 2.02
C GLY IA 40 17.40 84.74 2.35
N HIS IA 41 17.14 86.04 2.48
CA HIS IA 41 15.81 86.54 2.80
C HIS IA 41 15.14 87.23 1.61
N GLY IA 42 15.85 87.39 0.49
CA GLY IA 42 15.27 88.07 -0.66
C GLY IA 42 14.96 89.51 -0.34
N LEU IA 43 13.86 90.01 -0.88
CA LEU IA 43 13.39 91.35 -0.58
C LEU IA 43 12.37 91.29 0.55
N ARG IA 44 12.51 92.20 1.51
CA ARG IA 44 11.67 92.23 2.69
C ARG IA 44 11.15 93.64 2.93
N LEU IA 45 9.84 93.77 3.12
CA LEU IA 45 9.21 95.08 3.21
C LEU IA 45 9.41 95.66 4.61
N ILE IA 46 10.07 96.80 4.69
CA ILE IA 46 10.24 97.49 5.96
C ILE IA 46 9.02 98.35 6.27
N HIS IA 47 8.74 99.32 5.41
CA HIS IA 47 7.61 100.22 5.57
C HIS IA 47 7.04 100.52 4.20
N TYR IA 48 5.79 100.96 4.17
CA TYR IA 48 5.15 101.36 2.91
C TYR IA 48 4.12 102.44 3.19
N SER IA 49 3.60 103.03 2.11
CA SER IA 49 2.69 104.16 2.22
C SER IA 49 1.69 104.11 1.08
N TYR IA 50 0.40 104.19 1.42
CA TYR IA 50 -0.68 104.19 0.44
C TYR IA 50 -0.95 105.58 -0.14
N GLY IA 51 -0.43 106.62 0.49
CA GLY IA 51 -0.67 107.97 0.03
C GLY IA 51 0.13 108.95 0.87
N ALA IA 52 0.12 110.20 0.44
CA ALA IA 52 0.90 111.23 1.11
C ALA IA 52 0.40 111.44 2.54
N GLY IA 53 1.33 111.49 3.49
CA GLY IA 53 1.02 111.69 4.88
C GLY IA 53 0.72 110.44 5.67
N SER IA 54 0.33 109.35 4.99
CA SER IA 54 -0.04 108.11 5.65
C SER IA 54 1.04 107.07 5.38
N THR IA 55 1.83 106.75 6.41
CA THR IA 55 2.80 105.68 6.35
C THR IA 55 2.32 104.50 7.18
N GLU IA 56 2.63 103.29 6.73
CA GLU IA 56 2.16 102.08 7.38
C GLU IA 56 3.32 101.10 7.52
N LYS IA 57 3.23 100.23 8.53
CA LYS IA 57 4.32 99.32 8.84
C LYS IA 57 4.30 98.10 7.93
N GLY IA 58 5.47 97.47 7.78
CA GLY IA 58 5.61 96.30 6.96
C GLY IA 58 5.86 95.02 7.74
N ASP IA 59 6.63 94.10 7.16
CA ASP IA 59 6.89 92.81 7.81
C ASP IA 59 8.06 92.86 8.79
N ILE IA 60 9.01 93.77 8.59
CA ILE IA 60 10.14 93.93 9.51
C ILE IA 60 10.31 95.40 9.86
N PRO IA 61 9.35 96.00 10.58
CA PRO IA 61 9.39 97.44 10.82
C PRO IA 61 10.23 97.87 12.02
N ASP IA 62 10.66 96.95 12.86
CA ASP IA 62 11.35 97.32 14.08
C ASP IA 62 12.75 97.85 13.78
N GLY IA 63 13.10 98.97 14.42
CA GLY IA 63 14.37 99.62 14.18
C GLY IA 63 14.34 100.69 13.11
N TYR IA 64 13.21 100.87 12.43
CA TYR IA 64 13.09 101.84 11.35
C TYR IA 64 11.85 102.70 11.56
N LYS IA 65 11.95 103.95 11.11
CA LYS IA 65 10.80 104.84 11.03
C LYS IA 65 10.75 105.44 9.63
N ALA IA 66 9.55 105.83 9.20
CA ALA IA 66 9.35 106.29 7.83
C ALA IA 66 8.35 107.44 7.80
N SER IA 67 8.42 108.22 6.72
CA SER IA 67 7.55 109.38 6.55
C SER IA 67 7.37 109.67 5.07
N ARG IA 68 6.14 110.01 4.69
CA ARG IA 68 5.78 110.33 3.30
C ARG IA 68 5.36 111.80 3.25
N PRO IA 69 6.31 112.73 3.04
CA PRO IA 69 5.92 114.15 3.02
C PRO IA 69 5.03 114.50 1.84
N SER IA 70 5.32 113.99 0.65
CA SER IA 70 4.52 114.25 -0.53
C SER IA 70 4.29 112.94 -1.28
N GLN IA 71 3.45 113.00 -2.31
CA GLN IA 71 3.22 111.83 -3.15
C GLN IA 71 4.49 111.37 -3.84
N GLU IA 72 5.48 112.25 -3.98
CA GLU IA 72 6.69 111.93 -4.72
C GLU IA 72 7.83 111.43 -3.83
N ASN IA 73 7.90 111.88 -2.58
CA ASN IA 73 9.02 111.56 -1.70
C ASN IA 73 8.60 110.67 -0.55
N PHE IA 74 9.49 109.75 -0.18
CA PHE IA 74 9.26 108.79 0.89
C PHE IA 74 10.60 108.45 1.50
N SER IA 75 10.74 108.63 2.82
CA SER IA 75 12.03 108.51 3.49
C SER IA 75 11.97 107.46 4.59
N LEU IA 76 13.09 106.76 4.76
CA LEU IA 76 13.27 105.76 5.82
C LEU IA 76 14.31 106.29 6.80
N ILE IA 77 13.92 106.43 8.07
CA ILE IA 77 14.76 107.03 9.10
C ILE IA 77 15.25 105.94 10.05
N LEU IA 78 16.54 105.94 10.32
CA LEU IA 78 17.21 104.99 11.21
C LEU IA 78 17.80 105.79 12.36
N GLU IA 79 16.98 106.08 13.38
CA GLU IA 79 17.42 106.96 14.46
C GLU IA 79 18.62 106.39 15.20
N LEU IA 80 18.54 105.13 15.62
CA LEU IA 80 19.60 104.47 16.37
C LEU IA 80 20.11 103.30 15.54
N ALA IA 81 21.10 103.57 14.69
CA ALA IA 81 21.61 102.55 13.78
C ALA IA 81 22.28 101.43 14.54
N THR IA 82 21.93 100.20 14.19
CA THR IA 82 22.55 99.01 14.73
C THR IA 82 23.34 98.30 13.63
N PRO IA 83 24.36 97.51 14.01
CA PRO IA 83 25.11 96.77 12.98
C PRO IA 83 24.23 95.85 12.15
N SER IA 84 23.15 95.32 12.73
CA SER IA 84 22.25 94.43 12.00
C SER IA 84 21.52 95.13 10.87
N GLN IA 85 21.47 96.47 10.89
CA GLN IA 85 20.79 97.24 9.87
C GLN IA 85 21.69 97.55 8.66
N THR IA 86 22.70 96.72 8.43
CA THR IA 86 23.56 96.85 7.26
C THR IA 86 22.97 96.02 6.12
N SER IA 87 22.62 96.68 5.03
CA SER IA 87 21.98 95.99 3.90
C SER IA 87 22.00 96.92 2.69
N VAL IA 88 21.50 96.40 1.57
CA VAL IA 88 21.24 97.19 0.37
C VAL IA 88 19.76 97.53 0.39
N TYR IA 89 19.44 98.81 0.62
CA TYR IA 89 18.06 99.26 0.76
C TYR IA 89 17.49 99.70 -0.58
N PHE IA 90 16.29 99.23 -0.90
CA PHE IA 90 15.63 99.49 -2.16
C PHE IA 90 14.29 100.16 -1.93
N CYS IA 91 13.96 101.14 -2.77
CA CYS IA 91 12.67 101.82 -2.71
C CYS IA 91 11.91 101.56 -4.00
N ALA IA 92 10.61 101.29 -3.88
CA ALA IA 92 9.79 100.93 -5.02
C ALA IA 92 8.56 101.80 -5.09
N SER IA 93 8.08 102.02 -6.31
CA SER IA 93 6.85 102.78 -6.54
C SER IA 93 5.91 101.95 -7.40
N GLY IA 94 4.62 102.01 -7.08
CA GLY IA 94 3.62 101.30 -7.85
C GLY IA 94 2.24 101.81 -7.50
N ASP IA 95 1.24 101.21 -8.12
CA ASP IA 95 -0.16 101.50 -7.86
C ASP IA 95 -0.81 100.30 -7.17
N PHE IA 96 -2.11 100.42 -6.92
CA PHE IA 96 -2.80 99.36 -6.19
C PHE IA 96 -2.99 98.11 -7.04
N GLY IA 97 -2.00 97.21 -7.01
CA GLY IA 97 -2.00 95.94 -7.73
C GLY IA 97 -2.66 95.97 -9.09
N GLY IA 98 -1.99 96.56 -10.08
CA GLY IA 98 -0.62 97.00 -9.97
C GLY IA 98 0.26 96.07 -10.78
N TYR IA 99 0.54 96.47 -12.03
CA TYR IA 99 1.22 95.57 -12.94
C TYR IA 99 2.67 95.35 -12.54
N GLU IA 100 3.34 96.37 -12.02
CA GLU IA 100 4.76 96.30 -11.77
C GLU IA 100 5.13 97.27 -10.66
N GLN IA 101 6.04 96.84 -9.80
CA GLN IA 101 6.69 97.72 -8.83
C GLN IA 101 7.99 98.22 -9.45
N TYR IA 102 8.15 99.53 -9.53
CA TYR IA 102 9.32 100.13 -10.17
C TYR IA 102 10.36 100.41 -9.10
N PHE IA 103 11.48 99.68 -9.16
CA PHE IA 103 12.50 99.72 -8.12
C PHE IA 103 13.54 100.80 -8.38
N GLY IA 104 14.19 101.24 -7.31
CA GLY IA 104 15.17 102.29 -7.37
C GLY IA 104 16.58 101.81 -7.57
N PRO IA 105 17.53 102.74 -7.65
CA PRO IA 105 18.93 102.34 -7.87
C PRO IA 105 19.49 101.46 -6.77
N GLY IA 106 19.26 101.81 -5.51
CA GLY IA 106 19.75 101.05 -4.38
C GLY IA 106 20.73 101.82 -3.53
N THR IA 107 20.73 101.54 -2.23
CA THR IA 107 21.57 102.26 -1.27
C THR IA 107 22.30 101.25 -0.39
N ARG IA 108 23.63 101.38 -0.31
CA ARG IA 108 24.47 100.45 0.44
C ARG IA 108 24.85 101.09 1.77
N LEU IA 109 24.02 100.85 2.78
CA LEU IA 109 24.30 101.30 4.14
C LEU IA 109 25.16 100.27 4.85
N THR IA 110 26.30 100.73 5.38
CA THR IA 110 27.26 99.86 6.08
C THR IA 110 27.47 100.44 7.48
N VAL IA 111 26.67 99.98 8.44
CA VAL IA 111 26.75 100.44 9.82
C VAL IA 111 27.94 99.76 10.49
N LEU IA 112 28.98 100.53 10.76
CA LEU IA 112 30.14 100.05 11.51
C LEU IA 112 30.03 100.47 12.97
N GLU IA 113 30.91 99.92 13.79
CA GLU IA 113 31.00 100.31 15.19
C GLU IA 113 32.08 101.37 15.42
N ASP IA 114 32.96 101.57 14.45
CA ASP IA 114 33.99 102.61 14.52
C ASP IA 114 34.45 102.92 13.11
N LEU IA 115 34.62 104.21 12.81
CA LEU IA 115 35.10 104.64 11.51
C LEU IA 115 36.60 104.48 11.33
N LYS IA 116 37.32 104.05 12.36
CA LYS IA 116 38.78 104.00 12.29
C LYS IA 116 39.29 102.84 11.46
N ASN IA 117 38.42 101.94 11.02
CA ASN IA 117 38.80 100.83 10.15
C ASN IA 117 38.62 101.16 8.68
N VAL IA 118 38.12 102.34 8.34
CA VAL IA 118 37.83 102.71 6.96
C VAL IA 118 39.12 103.13 6.28
N PHE IA 119 39.43 102.49 5.15
CA PHE IA 119 40.65 102.78 4.39
C PHE IA 119 40.30 102.88 2.91
N PRO IA 120 40.82 103.89 2.21
CA PRO IA 120 40.63 103.95 0.76
C PRO IA 120 41.51 102.92 0.07
N PRO IA 121 41.15 102.51 -1.14
CA PRO IA 121 41.95 101.52 -1.86
C PRO IA 121 43.20 102.13 -2.48
N GLU IA 122 44.17 101.26 -2.73
CA GLU IA 122 45.35 101.60 -3.51
C GLU IA 122 45.29 100.83 -4.83
N VAL IA 123 45.38 101.55 -5.94
CA VAL IA 123 45.10 101.01 -7.26
C VAL IA 123 46.37 101.06 -8.10
N ALA IA 124 46.70 99.93 -8.74
CA ALA IA 124 47.84 99.83 -9.63
C ALA IA 124 47.45 99.02 -10.86
N VAL IA 125 47.95 99.44 -12.01
CA VAL IA 125 47.69 98.79 -13.29
C VAL IA 125 48.96 98.09 -13.75
N PHE IA 126 48.82 96.86 -14.23
CA PHE IA 126 49.95 96.03 -14.61
C PHE IA 126 49.92 95.77 -16.11
N GLU IA 127 51.04 96.00 -16.78
CA GLU IA 127 51.10 95.98 -18.23
C GLU IA 127 51.13 94.55 -18.75
N PRO IA 128 50.59 94.32 -19.95
CA PRO IA 128 50.48 92.95 -20.47
C PRO IA 128 51.83 92.29 -20.66
N SER IA 129 51.87 90.99 -20.41
CA SER IA 129 53.08 90.22 -20.62
C SER IA 129 53.35 90.05 -22.11
N GLU IA 130 54.63 90.13 -22.50
CA GLU IA 130 54.98 89.95 -23.90
C GLU IA 130 54.77 88.51 -24.36
N ALA IA 131 54.87 87.55 -23.44
CA ALA IA 131 54.60 86.16 -23.79
C ALA IA 131 53.16 85.97 -24.24
N GLU IA 132 52.24 86.77 -23.71
CA GLU IA 132 50.85 86.72 -24.15
C GLU IA 132 50.69 87.32 -25.53
N ILE IA 133 51.42 88.40 -25.82
CA ILE IA 133 51.34 89.02 -27.12
C ILE IA 133 51.91 88.11 -28.19
N SER IA 134 53.01 87.42 -27.89
CA SER IA 134 53.63 86.53 -28.87
C SER IA 134 52.77 85.31 -29.14
N HIS IA 135 52.13 84.77 -28.10
CA HIS IA 135 51.44 83.49 -28.22
C HIS IA 135 50.03 83.63 -28.78
N THR IA 136 49.30 84.66 -28.34
CA THR IA 136 47.90 84.83 -28.73
C THR IA 136 47.61 86.13 -29.46
N GLN IA 137 48.58 87.03 -29.59
CA GLN IA 137 48.39 88.32 -30.27
C GLN IA 137 47.28 89.13 -29.63
N LYS IA 138 47.18 89.06 -28.30
CA LYS IA 138 46.23 89.84 -27.53
C LYS IA 138 46.92 90.29 -26.24
N ALA IA 139 46.44 91.40 -25.69
CA ALA IA 139 47.06 92.02 -24.52
C ALA IA 139 46.04 92.19 -23.41
N THR IA 140 46.38 91.70 -22.22
CA THR IA 140 45.49 91.76 -21.06
C THR IA 140 46.10 92.69 -20.02
N LEU IA 141 45.29 93.61 -19.51
CA LEU IA 141 45.68 94.53 -18.45
C LEU IA 141 44.98 94.14 -17.15
N VAL IA 142 45.75 94.10 -16.07
CA VAL IA 142 45.25 93.71 -14.76
C VAL IA 142 45.28 94.92 -13.83
N CYS IA 143 44.16 95.21 -13.20
CA CYS IA 143 44.03 96.30 -12.24
C CYS IA 143 43.69 95.73 -10.88
N LEU IA 144 44.49 96.09 -9.87
CA LEU IA 144 44.30 95.63 -8.50
C LEU IA 144 43.99 96.80 -7.60
N ALA IA 145 42.87 96.72 -6.88
CA ALA IA 145 42.53 97.66 -5.81
C ALA IA 145 42.60 96.91 -4.49
N THR IA 146 43.54 97.31 -3.64
CA THR IA 146 43.85 96.56 -2.43
C THR IA 146 43.70 97.44 -1.20
N GLY IA 147 43.41 96.79 -0.07
CA GLY IA 147 43.38 97.45 1.22
C GLY IA 147 42.29 98.49 1.37
N PHE IA 148 41.06 98.17 0.98
CA PHE IA 148 39.93 99.07 1.13
C PHE IA 148 38.90 98.44 2.05
N TYR IA 149 38.12 99.30 2.71
CA TYR IA 149 37.10 98.90 3.66
C TYR IA 149 36.17 100.09 3.91
N PRO IA 150 34.85 99.93 3.81
CA PRO IA 150 34.07 98.71 3.52
C PRO IA 150 34.17 98.20 2.08
N ASP IA 151 33.29 97.27 1.72
CA ASP IA 151 33.45 96.53 0.47
C ASP IA 151 33.04 97.32 -0.77
N HIS IA 152 32.03 98.17 -0.66
CA HIS IA 152 31.39 98.74 -1.85
C HIS IA 152 32.33 99.73 -2.54
N VAL IA 153 32.89 99.31 -3.67
CA VAL IA 153 33.63 100.16 -4.58
C VAL IA 153 33.17 99.84 -5.99
N GLU IA 154 33.37 100.80 -6.89
CA GLU IA 154 32.92 100.66 -8.27
C GLU IA 154 34.12 100.87 -9.20
N LEU IA 155 34.64 99.78 -9.75
CA LEU IA 155 35.77 99.83 -10.66
C LEU IA 155 35.28 100.04 -12.09
N SER IA 156 36.06 100.81 -12.86
CA SER IA 156 35.75 101.05 -14.26
C SER IA 156 37.06 101.19 -15.02
N TRP IA 157 37.01 100.85 -16.31
CA TRP IA 157 38.15 100.99 -17.20
C TRP IA 157 37.89 102.14 -18.16
N TRP IA 158 38.93 102.93 -18.43
CA TRP IA 158 38.83 104.14 -19.24
C TRP IA 158 39.96 104.16 -20.25
N VAL IA 159 39.65 103.82 -21.49
CA VAL IA 159 40.63 103.74 -22.57
C VAL IA 159 40.59 105.05 -23.35
N ASN IA 160 41.71 105.76 -23.35
CA ASN IA 160 41.85 107.06 -24.03
C ASN IA 160 40.78 108.06 -23.60
N GLY IA 161 40.22 107.90 -22.42
CA GLY IA 161 39.19 108.79 -21.91
C GLY IA 161 37.78 108.23 -21.96
N LYS IA 162 37.54 107.25 -22.82
CA LYS IA 162 36.22 106.63 -22.93
C LYS IA 162 36.12 105.42 -22.00
N GLU IA 163 34.99 105.31 -21.30
CA GLU IA 163 34.73 104.13 -20.50
C GLU IA 163 34.35 102.97 -21.41
N VAL IA 164 35.03 101.83 -21.23
CA VAL IA 164 34.85 100.67 -22.09
C VAL IA 164 34.12 99.59 -21.32
N HIS IA 165 33.15 98.96 -21.98
CA HIS IA 165 32.44 97.81 -21.44
C HIS IA 165 32.77 96.51 -22.17
N SER IA 166 33.57 96.58 -23.23
CA SER IA 166 33.94 95.41 -24.01
C SER IA 166 35.29 94.88 -23.56
N GLY IA 167 35.39 93.55 -23.47
CA GLY IA 167 36.62 92.94 -22.98
C GLY IA 167 36.94 93.25 -21.54
N VAL IA 168 35.95 93.65 -20.76
CA VAL IA 168 36.13 94.09 -19.38
C VAL IA 168 35.28 93.22 -18.48
N CYS IA 169 35.87 92.71 -17.40
CA CYS IA 169 35.10 92.04 -16.37
C CYS IA 169 35.79 92.23 -15.03
N THR IA 170 34.99 92.33 -13.97
CA THR IA 170 35.48 92.50 -12.62
C THR IA 170 35.00 91.33 -11.77
N ASP IA 171 35.79 90.99 -10.77
CA ASP IA 171 35.39 89.95 -9.83
C ASP IA 171 34.05 90.34 -9.20
N PRO IA 172 33.09 89.42 -9.10
CA PRO IA 172 31.80 89.76 -8.50
C PRO IA 172 31.85 89.92 -6.99
N GLN IA 173 32.89 89.41 -6.33
CA GLN IA 173 32.95 89.37 -4.88
C GLN IA 173 34.30 89.88 -4.40
N PRO IA 174 34.35 90.99 -3.65
CA PRO IA 174 35.62 91.42 -3.05
C PRO IA 174 36.17 90.36 -2.12
N LEU IA 175 37.43 89.98 -2.33
CA LEU IA 175 38.08 89.00 -1.47
C LEU IA 175 38.65 89.68 -0.22
N LYS IA 176 38.88 88.88 0.81
CA LYS IA 176 39.43 89.36 2.07
C LYS IA 176 40.91 89.02 2.15
N GLU IA 177 41.75 90.03 2.38
CA GLU IA 177 43.19 89.78 2.47
C GLU IA 177 43.53 89.01 3.73
N GLN IA 178 42.84 89.28 4.84
CA GLN IA 178 42.99 88.53 6.08
C GLN IA 178 41.62 88.05 6.51
N PRO IA 179 41.15 86.92 5.97
CA PRO IA 179 39.78 86.48 6.26
C PRO IA 179 39.54 86.12 7.72
N ALA IA 180 40.60 85.84 8.48
CA ALA IA 180 40.41 85.48 9.89
C ALA IA 180 39.97 86.68 10.72
N LEU IA 181 40.51 87.86 10.43
CA LEU IA 181 40.24 89.03 11.25
C LEU IA 181 38.89 89.66 10.90
N ASN IA 182 38.24 90.20 11.92
CA ASN IA 182 37.08 91.05 11.70
C ASN IA 182 37.53 92.42 11.21
N ASP IA 183 36.65 93.08 10.46
CA ASP IA 183 36.95 94.37 9.84
C ASP IA 183 38.19 94.27 8.94
N SER IA 184 38.33 93.13 8.27
CA SER IA 184 39.46 92.93 7.38
C SER IA 184 39.36 93.84 6.16
N ARG IA 185 40.51 94.21 5.63
CA ARG IA 185 40.59 95.05 4.44
C ARG IA 185 40.53 94.17 3.20
N TYR IA 186 39.86 94.68 2.16
CA TYR IA 186 39.49 93.86 1.02
C TYR IA 186 40.38 94.17 -0.18
N ALA IA 187 40.27 93.32 -1.20
CA ALA IA 187 40.99 93.49 -2.45
C ALA IA 187 40.07 93.09 -3.60
N LEU IA 188 40.29 93.72 -4.77
CA LEU IA 188 39.44 93.47 -5.93
C LEU IA 188 40.30 93.59 -7.18
N SER IA 189 39.92 92.85 -8.22
CA SER IA 189 40.69 92.78 -9.45
C SER IA 189 39.78 92.87 -10.66
N SER IA 190 40.35 93.35 -11.77
CA SER IA 190 39.60 93.47 -13.02
C SER IA 190 40.55 93.24 -14.19
N ARG IA 191 39.98 92.87 -15.33
CA ARG IA 191 40.74 92.51 -16.52
C ARG IA 191 40.26 93.32 -17.71
N LEU IA 192 41.19 93.67 -18.58
CA LEU IA 192 40.88 94.34 -19.85
C LEU IA 192 41.77 93.77 -20.93
N ARG IA 193 41.16 93.23 -21.98
CA ARG IA 193 41.90 92.67 -23.11
C ARG IA 193 41.59 93.47 -24.36
N VAL IA 194 42.64 93.76 -25.14
CA VAL IA 194 42.53 94.38 -26.45
C VAL IA 194 43.49 93.68 -27.39
N SER IA 195 43.43 94.05 -28.65
CA SER IA 195 44.34 93.49 -29.64
C SER IA 195 45.78 93.90 -29.35
N ALA IA 196 46.72 93.03 -29.72
CA ALA IA 196 48.13 93.32 -29.46
C ALA IA 196 48.57 94.59 -30.19
N THR IA 197 48.03 94.82 -31.38
CA THR IA 197 48.37 96.04 -32.11
C THR IA 197 47.85 97.28 -31.38
N PHE IA 198 46.69 97.16 -30.73
CA PHE IA 198 46.07 98.34 -30.08
C PHE IA 198 46.93 98.78 -28.91
N TRP IA 199 47.03 97.93 -27.89
CA TRP IA 199 47.90 98.25 -26.75
C TRP IA 199 49.17 98.91 -27.27
N GLN IA 200 49.81 98.29 -28.26
CA GLN IA 200 51.11 98.81 -28.77
C GLN IA 200 51.02 100.32 -29.03
N ASN IA 201 50.01 100.77 -29.79
CA ASN IA 201 49.88 102.21 -30.11
C ASN IA 201 50.12 103.04 -28.85
N PRO IA 202 51.18 103.87 -28.80
CA PRO IA 202 51.48 104.62 -27.59
C PRO IA 202 50.51 105.76 -27.46
N ARG IA 203 49.66 105.97 -28.47
CA ARG IA 203 48.63 107.04 -28.39
C ARG IA 203 47.39 106.48 -27.70
N ASN IA 204 47.56 105.40 -26.92
CA ASN IA 204 46.42 104.76 -26.21
C ASN IA 204 46.56 104.90 -24.70
N HIS IA 205 45.72 105.74 -24.09
CA HIS IA 205 45.76 105.92 -22.61
C HIS IA 205 44.92 104.82 -21.96
N PHE IA 206 45.55 104.07 -21.06
CA PHE IA 206 44.79 103.02 -20.32
C PHE IA 206 44.75 103.43 -18.87
N ARG IA 207 43.56 103.75 -18.38
CA ARG IA 207 43.39 104.19 -17.00
C ARG IA 207 42.32 103.35 -16.31
N CYS IA 208 42.65 102.83 -15.13
CA CYS IA 208 41.72 102.08 -14.29
C CYS IA 208 41.23 102.99 -13.17
N GLN IA 209 39.92 103.15 -13.06
CA GLN IA 209 39.32 104.06 -12.10
C GLN IA 209 38.51 103.27 -11.07
N VAL IA 210 38.75 103.56 -9.79
CA VAL IA 210 38.04 102.92 -8.69
C VAL IA 210 37.35 104.01 -7.88
N GLN IA 211 36.04 103.89 -7.70
CA GLN IA 211 35.25 104.84 -6.94
C GLN IA 211 35.02 104.25 -5.54
N PHE IA 212 35.67 104.84 -4.54
CA PHE IA 212 35.52 104.41 -3.16
C PHE IA 212 34.48 105.29 -2.48
N TYR IA 213 33.47 104.67 -1.89
CA TYR IA 213 32.44 105.37 -1.14
C TYR IA 213 32.72 105.19 0.34
N GLY IA 214 33.09 106.28 1.02
CA GLY IA 214 33.41 106.21 2.43
C GLY IA 214 32.76 107.31 3.24
N LEU IA 215 33.59 108.10 3.93
CA LEU IA 215 33.06 109.17 4.78
C LEU IA 215 32.62 110.36 3.93
N SER IA 216 31.71 111.15 4.48
CA SER IA 216 31.19 112.32 3.79
C SER IA 216 31.84 113.58 4.37
N GLU IA 217 31.40 114.73 3.86
CA GLU IA 217 31.95 116.00 4.31
C GLU IA 217 31.53 116.32 5.74
N ASN IA 218 30.31 115.93 6.12
CA ASN IA 218 29.79 116.22 7.46
C ASN IA 218 30.36 115.28 8.52
N ASP IA 219 30.91 114.14 8.12
CA ASP IA 219 31.46 113.19 9.08
C ASP IA 219 32.65 113.80 9.83
N GLU IA 220 32.85 113.33 11.05
CA GLU IA 220 33.93 113.82 11.91
C GLU IA 220 35.08 112.82 11.91
N TRP IA 221 36.29 113.33 11.70
CA TRP IA 221 37.51 112.52 11.67
C TRP IA 221 38.40 112.91 12.84
N THR IA 222 38.89 111.91 13.57
CA THR IA 222 39.73 112.14 14.74
C THR IA 222 41.10 111.48 14.65
N GLN IA 223 41.36 110.66 13.63
CA GLN IA 223 42.61 109.94 13.53
C GLN IA 223 43.71 110.86 12.97
N ASP IA 224 44.93 110.32 12.89
CA ASP IA 224 46.08 111.03 12.37
C ASP IA 224 46.37 110.71 10.92
N ARG IA 225 45.52 109.94 10.26
CA ARG IA 225 45.64 109.68 8.83
C ARG IA 225 44.91 110.76 8.05
N ALA IA 226 44.79 110.57 6.74
CA ALA IA 226 43.86 111.38 5.97
C ALA IA 226 42.44 110.89 6.20
N LYS IA 227 41.49 111.78 5.96
CA LYS IA 227 40.09 111.43 6.14
C LYS IA 227 39.62 110.57 4.97
N PRO IA 228 39.25 109.31 5.20
CA PRO IA 228 38.82 108.46 4.07
C PRO IA 228 37.47 108.87 3.51
N VAL IA 229 37.44 109.96 2.75
CA VAL IA 229 36.19 110.46 2.18
C VAL IA 229 35.86 109.70 0.92
N THR IA 230 34.64 109.87 0.43
CA THR IA 230 34.29 109.37 -0.90
C THR IA 230 35.17 110.05 -1.94
N GLN IA 231 35.92 109.25 -2.69
CA GLN IA 231 36.96 109.79 -3.57
C GLN IA 231 37.20 108.82 -4.72
N ILE IA 232 38.12 109.19 -5.59
CA ILE IA 232 38.49 108.40 -6.76
C ILE IA 232 39.98 108.11 -6.69
N VAL IA 233 40.34 106.85 -6.80
CA VAL IA 233 41.74 106.42 -6.88
C VAL IA 233 41.96 105.81 -8.25
N SER IA 234 42.85 106.40 -9.03
CA SER IA 234 43.08 105.98 -10.40
C SER IA 234 44.53 105.56 -10.59
N ALA IA 235 44.74 104.57 -11.46
CA ALA IA 235 46.05 104.16 -11.90
C ALA IA 235 46.05 104.08 -13.42
N GLU IA 236 47.16 104.45 -14.04
CA GLU IA 236 47.23 104.58 -15.48
C GLU IA 236 48.43 103.84 -16.03
N ALA IA 237 48.29 103.37 -17.26
CA ALA IA 237 49.38 102.74 -18.01
C ALA IA 237 49.28 103.19 -19.46
N TRP IA 238 50.43 103.20 -20.14
CA TRP IA 238 50.53 103.68 -21.50
C TRP IA 238 50.99 102.56 -22.42
N GLY IA 239 50.55 102.63 -23.68
CA GLY IA 239 50.99 101.65 -24.65
C GLY IA 239 52.47 101.74 -24.92
N GLY JA 1 -16.98 -21.52 -91.97
CA GLY JA 1 -16.70 -22.93 -92.18
C GLY JA 1 -17.92 -23.81 -91.98
N SER JA 2 -17.88 -25.02 -92.56
CA SER JA 2 -18.99 -25.95 -92.45
C SER JA 2 -19.23 -26.35 -90.99
N HIS JA 3 -20.32 -25.87 -90.41
CA HIS JA 3 -20.66 -26.16 -89.03
C HIS JA 3 -21.66 -27.31 -88.96
N SER JA 4 -21.89 -27.82 -87.76
CA SER JA 4 -22.67 -29.03 -87.61
C SER JA 4 -23.53 -28.97 -86.35
N MET JA 5 -24.57 -29.81 -86.34
CA MET JA 5 -25.43 -29.99 -85.14
C MET JA 5 -25.72 -31.50 -85.12
N ARG JA 6 -25.56 -32.16 -83.98
CA ARG JA 6 -25.67 -33.61 -83.88
C ARG JA 6 -26.27 -33.97 -82.53
N TYR JA 7 -27.35 -34.73 -82.54
CA TYR JA 7 -27.94 -35.29 -81.32
C TYR JA 7 -27.63 -36.78 -81.26
N PHE JA 8 -27.10 -37.22 -80.13
CA PHE JA 8 -26.76 -38.63 -79.93
C PHE JA 8 -27.68 -39.23 -78.89
N TYR JA 9 -28.34 -40.33 -79.24
CA TYR JA 9 -29.29 -41.00 -78.38
C TYR JA 9 -28.75 -42.37 -77.97
N THR JA 10 -29.00 -42.75 -76.72
CA THR JA 10 -28.58 -44.05 -76.20
C THR JA 10 -29.67 -44.57 -75.28
N SER JA 11 -30.19 -45.76 -75.59
CA SER JA 11 -31.23 -46.40 -74.79
C SER JA 11 -30.78 -47.82 -74.49
N VAL JA 12 -30.49 -48.10 -73.22
CA VAL JA 12 -30.04 -49.42 -72.77
C VAL JA 12 -31.15 -50.02 -71.92
N SER JA 13 -31.65 -51.18 -72.33
CA SER JA 13 -32.68 -51.86 -71.55
C SER JA 13 -32.08 -52.46 -70.29
N ARG JA 14 -32.80 -52.31 -69.18
CA ARG JA 14 -32.40 -52.83 -67.88
C ARG JA 14 -33.44 -53.86 -67.44
N PRO JA 15 -33.39 -55.08 -68.00
CA PRO JA 15 -34.39 -56.09 -67.63
C PRO JA 15 -34.22 -56.58 -66.20
N GLY JA 16 -35.08 -56.10 -65.31
CA GLY JA 16 -35.02 -56.42 -63.90
C GLY JA 16 -34.71 -55.23 -63.02
N ARG JA 17 -34.14 -54.16 -63.58
CA ARG JA 17 -33.91 -52.92 -62.84
C ARG JA 17 -34.98 -51.86 -63.12
N GLY JA 18 -35.86 -52.09 -64.09
CA GLY JA 18 -36.91 -51.15 -64.39
C GLY JA 18 -37.06 -50.84 -65.87
N GLU JA 19 -37.44 -49.61 -66.19
CA GLU JA 19 -37.59 -49.19 -67.57
C GLU JA 19 -36.25 -48.79 -68.17
N PRO JA 20 -36.12 -48.85 -69.50
CA PRO JA 20 -34.84 -48.57 -70.14
C PRO JA 20 -34.29 -47.19 -69.79
N ARG JA 21 -32.96 -47.12 -69.64
CA ARG JA 21 -32.30 -45.85 -69.41
C ARG JA 21 -32.08 -45.13 -70.74
N PHE JA 22 -32.46 -43.86 -70.79
CA PHE JA 22 -32.36 -43.05 -72.00
C PHE JA 22 -31.46 -41.86 -71.73
N ILE JA 23 -30.33 -41.79 -72.43
CA ILE JA 23 -29.43 -40.64 -72.37
C ILE JA 23 -29.43 -39.96 -73.73
N ALA JA 24 -29.28 -38.64 -73.71
CA ALA JA 24 -29.33 -37.84 -74.93
C ALA JA 24 -28.42 -36.64 -74.78
N VAL JA 25 -27.59 -36.39 -75.79
CA VAL JA 25 -26.64 -35.28 -75.78
C VAL JA 25 -26.70 -34.57 -77.11
N GLY JA 26 -26.67 -33.24 -77.07
CA GLY JA 26 -26.65 -32.42 -78.27
C GLY JA 26 -25.30 -31.73 -78.42
N TYR JA 27 -24.74 -31.81 -79.62
CA TYR JA 27 -23.37 -31.33 -79.89
C TYR JA 27 -23.42 -30.43 -81.12
N VAL JA 28 -23.29 -29.12 -80.93
CA VAL JA 28 -23.04 -28.22 -82.04
C VAL JA 28 -21.54 -28.27 -82.34
N ASP JA 29 -21.18 -28.73 -83.53
CA ASP JA 29 -19.80 -29.01 -83.88
C ASP JA 29 -19.19 -29.97 -82.87
N ASP JA 30 -18.24 -29.49 -82.06
CA ASP JA 30 -17.62 -30.30 -81.02
C ASP JA 30 -17.93 -29.80 -79.62
N THR JA 31 -19.00 -29.01 -79.47
CA THR JA 31 -19.37 -28.43 -78.19
C THR JA 31 -20.77 -28.90 -77.81
N GLN JA 32 -20.89 -29.50 -76.64
CA GLN JA 32 -22.20 -29.92 -76.13
C GLN JA 32 -23.01 -28.71 -75.70
N PHE JA 33 -24.33 -28.85 -75.76
CA PHE JA 33 -25.21 -27.80 -75.26
C PHE JA 33 -26.47 -28.29 -74.55
N VAL JA 34 -26.89 -29.54 -74.73
CA VAL JA 34 -28.06 -30.07 -74.02
C VAL JA 34 -27.74 -31.47 -73.52
N ARG JA 35 -28.54 -31.92 -72.55
CA ARG JA 35 -28.37 -33.23 -71.95
C ARG JA 35 -29.70 -33.65 -71.34
N PHE JA 36 -29.97 -34.96 -71.38
CA PHE JA 36 -31.14 -35.52 -70.70
C PHE JA 36 -30.80 -36.94 -70.29
N ASP JA 37 -30.96 -37.24 -69.00
CA ASP JA 37 -30.76 -38.58 -68.46
C ASP JA 37 -32.05 -39.05 -67.81
N SER JA 38 -32.52 -40.23 -68.21
CA SER JA 38 -33.76 -40.76 -67.65
C SER JA 38 -33.58 -41.21 -66.21
N ASP JA 39 -32.38 -41.69 -65.86
CA ASP JA 39 -32.06 -42.06 -64.49
C ASP JA 39 -31.48 -40.88 -63.72
N ALA JA 40 -32.15 -39.73 -63.79
CA ALA JA 40 -31.75 -38.54 -63.07
C ALA JA 40 -32.92 -37.99 -62.26
N ALA JA 41 -32.76 -36.81 -61.68
CA ALA JA 41 -33.78 -36.21 -60.84
C ALA JA 41 -34.55 -35.09 -61.53
N SER JA 42 -33.87 -34.29 -62.36
CA SER JA 42 -34.53 -33.15 -62.98
C SER JA 42 -35.60 -33.59 -63.97
N GLN JA 43 -35.37 -34.70 -64.67
CA GLN JA 43 -36.27 -35.16 -65.74
C GLN JA 43 -36.60 -34.01 -66.70
N ARG JA 44 -35.54 -33.33 -67.14
CA ARG JA 44 -35.68 -32.11 -67.91
C ARG JA 44 -34.41 -31.92 -68.75
N MET JA 45 -34.57 -31.27 -69.90
CA MET JA 45 -33.40 -30.92 -70.70
C MET JA 45 -32.52 -29.95 -69.92
N GLU JA 46 -31.22 -30.24 -69.87
CA GLU JA 46 -30.31 -29.50 -69.04
C GLU JA 46 -29.28 -28.76 -69.89
N PRO JA 47 -29.06 -27.47 -69.65
CA PRO JA 47 -28.01 -26.76 -70.38
C PRO JA 47 -26.63 -27.30 -70.04
N ARG JA 48 -25.80 -27.41 -71.07
CA ARG JA 48 -24.40 -27.81 -70.89
C ARG JA 48 -23.44 -26.82 -71.52
N ALA JA 49 -23.93 -25.64 -71.91
CA ALA JA 49 -23.13 -24.61 -72.53
C ALA JA 49 -23.69 -23.25 -72.11
N PRO JA 50 -22.87 -22.21 -72.07
CA PRO JA 50 -23.37 -20.91 -71.61
C PRO JA 50 -24.26 -20.20 -72.61
N TRP JA 51 -24.15 -20.50 -73.90
CA TRP JA 51 -24.89 -19.78 -74.92
C TRP JA 51 -26.28 -20.35 -75.16
N ILE JA 52 -26.62 -21.47 -74.53
CA ILE JA 52 -27.96 -22.04 -74.63
C ILE JA 52 -28.85 -21.63 -73.46
N GLU JA 53 -28.26 -21.07 -72.39
CA GLU JA 53 -29.04 -20.55 -71.27
C GLU JA 53 -29.77 -19.27 -71.64
N GLN JA 54 -29.42 -18.65 -72.77
CA GLN JA 54 -30.14 -17.48 -73.25
C GLN JA 54 -31.60 -17.80 -73.56
N GLU JA 55 -31.88 -19.05 -73.94
CA GLU JA 55 -33.24 -19.42 -74.32
C GLU JA 55 -34.14 -19.48 -73.08
N GLY JA 56 -35.41 -19.18 -73.29
CA GLY JA 56 -36.36 -19.06 -72.20
C GLY JA 56 -36.93 -20.38 -71.73
N PRO JA 57 -37.89 -20.33 -70.82
CA PRO JA 57 -38.50 -21.57 -70.31
C PRO JA 57 -39.22 -22.37 -71.37
N GLU JA 58 -39.73 -21.71 -72.41
CA GLU JA 58 -40.44 -22.40 -73.48
C GLU JA 58 -39.54 -23.41 -74.18
N TYR JA 59 -38.31 -22.99 -74.50
CA TYR JA 59 -37.35 -23.90 -75.12
C TYR JA 59 -37.06 -25.09 -74.22
N TRP JA 60 -36.82 -24.84 -72.94
CA TRP JA 60 -36.49 -25.91 -72.00
C TRP JA 60 -37.71 -26.76 -71.63
N ASP JA 61 -38.90 -26.37 -72.05
CA ASP JA 61 -40.09 -27.19 -71.88
C ASP JA 61 -40.41 -28.02 -73.12
N GLN JA 62 -40.29 -27.42 -74.32
CA GLN JA 62 -40.58 -28.18 -75.53
C GLN JA 62 -39.51 -29.24 -75.78
N GLU JA 63 -38.26 -28.93 -75.49
CA GLU JA 63 -37.20 -29.93 -75.66
C GLU JA 63 -37.38 -31.10 -74.72
N THR JA 64 -37.83 -30.82 -73.49
CA THR JA 64 -38.07 -31.89 -72.52
C THR JA 64 -39.17 -32.82 -73.01
N ARG JA 65 -40.28 -32.25 -73.48
CA ARG JA 65 -41.39 -33.07 -73.97
C ARG JA 65 -40.96 -33.92 -75.16
N ASN JA 66 -40.25 -33.30 -76.12
CA ASN JA 66 -39.92 -34.00 -77.36
C ASN JA 66 -38.88 -35.08 -77.14
N VAL JA 67 -37.86 -34.80 -76.31
CA VAL JA 67 -36.85 -35.82 -76.05
C VAL JA 67 -37.42 -36.92 -75.17
N LYS JA 68 -38.43 -36.61 -74.34
CA LYS JA 68 -39.09 -37.64 -73.56
C LYS JA 68 -39.94 -38.54 -74.45
N ALA JA 69 -40.43 -38.01 -75.57
CA ALA JA 69 -41.23 -38.83 -76.48
C ALA JA 69 -40.37 -39.89 -77.16
N GLN JA 70 -39.13 -39.55 -77.51
CA GLN JA 70 -38.24 -40.54 -78.09
C GLN JA 70 -37.91 -41.65 -77.09
N SER JA 71 -37.86 -41.32 -75.79
CA SER JA 71 -37.67 -42.36 -74.79
C SER JA 71 -38.80 -43.37 -74.80
N GLN JA 72 -40.05 -42.88 -74.93
CA GLN JA 72 -41.19 -43.79 -75.07
C GLN JA 72 -41.10 -44.56 -76.38
N THR JA 73 -40.67 -43.91 -77.45
CA THR JA 73 -40.53 -44.59 -78.73
C THR JA 73 -39.49 -45.70 -78.64
N ASP JA 74 -38.33 -45.40 -78.05
CA ASP JA 74 -37.27 -46.40 -77.96
C ASP JA 74 -37.67 -47.55 -77.05
N ARG JA 75 -38.46 -47.28 -76.00
CA ARG JA 75 -38.88 -48.35 -75.08
C ARG JA 75 -39.52 -49.51 -75.83
N VAL JA 76 -40.51 -49.21 -76.68
CA VAL JA 76 -41.16 -50.28 -77.43
C VAL JA 76 -40.26 -50.81 -78.54
N ASP JA 77 -39.36 -49.98 -79.06
CA ASP JA 77 -38.45 -50.44 -80.11
C ASP JA 77 -37.43 -51.44 -79.56
N LEU JA 78 -37.01 -51.28 -78.31
CA LEU JA 78 -36.17 -52.29 -77.67
C LEU JA 78 -36.85 -53.66 -77.68
N GLY JA 79 -38.14 -53.70 -77.33
CA GLY JA 79 -38.85 -54.96 -77.33
C GLY JA 79 -39.09 -55.50 -78.73
N THR JA 80 -39.44 -54.62 -79.68
CA THR JA 80 -39.67 -55.05 -81.05
C THR JA 80 -38.40 -55.63 -81.66
N LEU JA 81 -37.25 -55.01 -81.38
CA LEU JA 81 -36.00 -55.52 -81.93
C LEU JA 81 -35.61 -56.85 -81.30
N ARG JA 82 -35.91 -57.02 -80.01
CA ARG JA 82 -35.63 -58.30 -79.35
C ARG JA 82 -36.39 -59.43 -80.03
N GLY JA 83 -37.66 -59.19 -80.40
CA GLY JA 83 -38.41 -60.21 -81.09
C GLY JA 83 -37.92 -60.45 -82.51
N TYR JA 84 -37.45 -59.39 -83.16
CA TYR JA 84 -36.91 -59.54 -84.52
C TYR JA 84 -35.71 -60.49 -84.52
N TYR JA 85 -34.85 -60.39 -83.52
CA TYR JA 85 -33.64 -61.21 -83.44
C TYR JA 85 -33.84 -62.48 -82.62
N ASN JA 86 -35.04 -62.72 -82.11
CA ASN JA 86 -35.34 -63.86 -81.23
C ASN JA 86 -34.36 -63.91 -80.06
N GLN JA 87 -34.37 -62.84 -79.28
CA GLN JA 87 -33.48 -62.69 -78.14
C GLN JA 87 -34.24 -62.96 -76.84
N SER JA 88 -33.47 -63.23 -75.78
CA SER JA 88 -34.06 -63.53 -74.48
C SER JA 88 -34.63 -62.26 -73.85
N GLU JA 89 -35.49 -62.46 -72.85
CA GLU JA 89 -36.16 -61.37 -72.16
C GLU JA 89 -35.37 -60.83 -70.97
N ASP JA 90 -34.15 -61.33 -70.76
CA ASP JA 90 -33.31 -60.89 -69.64
C ASP JA 90 -32.03 -60.20 -70.08
N GLY JA 91 -31.74 -60.16 -71.38
CA GLY JA 91 -30.49 -59.58 -71.86
C GLY JA 91 -30.60 -58.08 -72.05
N SER JA 92 -29.61 -57.36 -71.55
CA SER JA 92 -29.58 -55.91 -71.70
C SER JA 92 -29.08 -55.56 -73.10
N HIS JA 93 -29.90 -54.87 -73.88
CA HIS JA 93 -29.59 -54.52 -75.25
C HIS JA 93 -29.65 -53.01 -75.41
N THR JA 94 -28.86 -52.48 -76.36
CA THR JA 94 -28.70 -51.05 -76.53
C THR JA 94 -29.16 -50.61 -77.92
N ILE JA 95 -29.89 -49.50 -77.97
CA ILE JA 95 -30.32 -48.86 -79.21
C ILE JA 95 -29.69 -47.47 -79.26
N GLN JA 96 -28.94 -47.20 -80.31
CA GLN JA 96 -28.23 -45.92 -80.44
C GLN JA 96 -28.68 -45.21 -81.72
N ILE JA 97 -28.88 -43.90 -81.63
CA ILE JA 97 -29.37 -43.09 -82.73
C ILE JA 97 -28.50 -41.84 -82.86
N MET JA 98 -28.06 -41.55 -84.08
CA MET JA 98 -27.33 -40.33 -84.39
C MET JA 98 -28.02 -39.63 -85.55
N TYR JA 99 -28.36 -38.36 -85.35
CA TYR JA 99 -28.98 -37.57 -86.41
C TYR JA 99 -28.57 -36.11 -86.28
N GLY JA 100 -28.59 -35.41 -87.40
CA GLY JA 100 -28.23 -34.01 -87.40
C GLY JA 100 -28.12 -33.48 -88.82
N CYS JA 101 -27.81 -32.19 -88.90
CA CYS JA 101 -27.71 -31.48 -90.16
C CYS JA 101 -26.34 -30.84 -90.29
N ASP JA 102 -26.02 -30.41 -91.51
CA ASP JA 102 -24.75 -29.75 -91.81
C ASP JA 102 -25.03 -28.48 -92.60
N VAL JA 103 -24.65 -27.35 -92.05
CA VAL JA 103 -24.73 -26.08 -92.76
C VAL JA 103 -23.36 -25.74 -93.31
N GLY JA 104 -23.31 -24.74 -94.17
CA GLY JA 104 -22.06 -24.31 -94.76
C GLY JA 104 -21.68 -22.92 -94.30
N PRO JA 105 -20.64 -22.36 -94.91
CA PRO JA 105 -20.27 -20.97 -94.58
C PRO JA 105 -21.38 -19.98 -94.84
N ASP JA 106 -22.19 -20.20 -95.87
CA ASP JA 106 -23.32 -19.34 -96.19
C ASP JA 106 -24.53 -19.60 -95.31
N GLY JA 107 -24.44 -20.53 -94.37
CA GLY JA 107 -25.58 -20.86 -93.52
C GLY JA 107 -26.71 -21.50 -94.29
N ARG JA 108 -26.39 -22.48 -95.13
CA ARG JA 108 -27.37 -23.15 -95.96
C ARG JA 108 -27.20 -24.65 -95.83
N PHE JA 109 -28.30 -25.39 -96.06
CA PHE JA 109 -28.28 -26.83 -95.91
C PHE JA 109 -27.26 -27.46 -96.85
N LEU JA 110 -26.26 -28.13 -96.27
CA LEU JA 110 -25.29 -28.91 -97.03
C LEU JA 110 -25.65 -30.39 -97.08
N ARG JA 111 -25.76 -31.03 -95.91
CA ARG JA 111 -26.06 -32.46 -95.87
C ARG JA 111 -26.83 -32.77 -94.60
N GLY JA 112 -27.61 -33.84 -94.65
CA GLY JA 112 -28.31 -34.32 -93.48
C GLY JA 112 -28.06 -35.81 -93.31
N TYR JA 113 -28.27 -36.28 -92.08
CA TYR JA 113 -28.00 -37.67 -91.78
C TYR JA 113 -28.87 -38.14 -90.62
N ARG JA 114 -29.16 -39.44 -90.62
CA ARG JA 114 -29.89 -40.11 -89.54
C ARG JA 114 -29.50 -41.58 -89.60
N GLN JA 115 -28.94 -42.09 -88.51
CA GLN JA 115 -28.44 -43.45 -88.46
C GLN JA 115 -28.83 -44.08 -87.13
N ASP JA 116 -29.34 -45.31 -87.18
CA ASP JA 116 -29.72 -46.03 -85.98
C ASP JA 116 -28.93 -47.34 -85.90
N ALA JA 117 -28.83 -47.88 -84.69
CA ALA JA 117 -27.97 -49.03 -84.43
C ALA JA 117 -28.62 -49.92 -83.37
N TYR JA 118 -27.99 -51.07 -83.16
CA TYR JA 118 -28.45 -52.06 -82.17
C TYR JA 118 -27.26 -52.88 -81.71
N ASP JA 119 -26.98 -52.85 -80.41
CA ASP JA 119 -25.87 -53.60 -79.81
C ASP JA 119 -24.55 -53.31 -80.52
N GLY JA 120 -24.28 -52.01 -80.73
CA GLY JA 120 -23.05 -51.60 -81.38
C GLY JA 120 -22.91 -52.08 -82.80
N LYS JA 121 -24.02 -52.24 -83.52
CA LYS JA 121 -24.02 -52.71 -84.89
C LYS JA 121 -25.02 -51.90 -85.69
N ASP JA 122 -24.71 -51.64 -86.95
CA ASP JA 122 -25.61 -50.89 -87.81
C ASP JA 122 -26.94 -51.62 -87.96
N TYR JA 123 -28.04 -50.88 -87.87
CA TYR JA 123 -29.37 -51.41 -88.08
C TYR JA 123 -30.03 -50.81 -89.31
N ILE JA 124 -30.37 -49.52 -89.27
CA ILE JA 124 -30.95 -48.85 -90.43
C ILE JA 124 -30.36 -47.44 -90.51
N ALA JA 125 -30.37 -46.87 -91.71
CA ALA JA 125 -29.75 -45.56 -91.92
C ALA JA 125 -30.39 -44.85 -93.10
N LEU JA 126 -30.69 -43.57 -92.93
CA LEU JA 126 -31.15 -42.72 -94.02
C LEU JA 126 -29.98 -42.36 -94.92
N ASN JA 127 -30.15 -42.53 -96.23
CA ASN JA 127 -29.09 -42.25 -97.17
C ASN JA 127 -28.93 -40.74 -97.39
N GLU JA 128 -27.90 -40.38 -98.16
CA GLU JA 128 -27.63 -38.97 -98.42
C GLU JA 128 -28.75 -38.31 -99.22
N ASP JA 129 -29.46 -39.08 -100.04
CA ASP JA 129 -30.58 -38.54 -100.80
C ASP JA 129 -31.75 -38.13 -99.91
N LEU JA 130 -31.72 -38.50 -98.62
CA LEU JA 130 -32.77 -38.15 -97.65
C LEU JA 130 -34.14 -38.63 -98.11
N ARG JA 131 -34.16 -39.72 -98.90
CA ARG JA 131 -35.38 -40.23 -99.49
C ARG JA 131 -35.45 -41.74 -99.48
N SER JA 132 -34.35 -42.44 -99.20
CA SER JA 132 -34.28 -43.88 -99.24
C SER JA 132 -33.46 -44.38 -98.06
N TRP JA 133 -33.86 -45.52 -97.50
CA TRP JA 133 -33.19 -46.09 -96.33
C TRP JA 133 -32.29 -47.24 -96.76
N THR JA 134 -31.25 -47.49 -95.96
CA THR JA 134 -30.36 -48.63 -96.16
C THR JA 134 -30.37 -49.51 -94.92
N ALA JA 135 -30.65 -50.79 -95.11
CA ALA JA 135 -30.71 -51.75 -94.01
C ALA JA 135 -29.49 -52.66 -94.04
N ALA JA 136 -29.17 -53.22 -92.89
CA ALA JA 136 -28.03 -54.12 -92.75
C ALA JA 136 -28.43 -55.59 -92.78
N ASP JA 137 -29.43 -55.92 -91.98
CA ASP JA 137 -29.88 -57.34 -91.87
C ASP JA 137 -31.35 -57.47 -92.27
N MET JA 138 -31.89 -58.66 -92.09
CA MET JA 138 -33.29 -58.91 -92.46
C MET JA 138 -34.25 -58.17 -91.55
N ALA JA 139 -34.03 -58.26 -90.24
CA ALA JA 139 -34.88 -57.55 -89.29
C ALA JA 139 -34.91 -56.06 -89.58
N ALA JA 140 -33.83 -55.51 -90.13
CA ALA JA 140 -33.80 -54.10 -90.48
C ALA JA 140 -34.66 -53.80 -91.70
N GLN JA 141 -34.76 -54.74 -92.64
CA GLN JA 141 -35.67 -54.55 -93.78
C GLN JA 141 -37.12 -54.51 -93.33
N ILE JA 142 -37.46 -55.26 -92.28
CA ILE JA 142 -38.78 -55.17 -91.69
C ILE JA 142 -39.05 -53.74 -91.24
N THR JA 143 -38.07 -53.14 -90.52
CA THR JA 143 -38.19 -51.75 -90.14
C THR JA 143 -38.23 -50.84 -91.36
N LYS JA 144 -37.41 -51.14 -92.37
CA LYS JA 144 -37.40 -50.34 -93.59
C LYS JA 144 -38.76 -50.32 -94.25
N ARG JA 145 -39.35 -51.49 -94.45
CA ARG JA 145 -40.65 -51.56 -95.11
C ARG JA 145 -41.72 -50.82 -94.32
N LYS JA 146 -41.70 -50.95 -93.00
CA LYS JA 146 -42.63 -50.19 -92.17
C LYS JA 146 -42.39 -48.70 -92.32
N TRP JA 147 -41.12 -48.28 -92.30
CA TRP JA 147 -40.81 -46.86 -92.37
C TRP JA 147 -41.06 -46.31 -93.76
N GLU JA 148 -40.98 -47.16 -94.79
CA GLU JA 148 -41.26 -46.70 -96.15
C GLU JA 148 -42.74 -46.48 -96.36
N ALA JA 149 -43.59 -47.22 -95.65
CA ALA JA 149 -45.03 -47.02 -95.74
C ALA JA 149 -45.52 -45.85 -94.89
N ALA JA 150 -44.77 -45.49 -93.85
CA ALA JA 150 -45.09 -44.33 -93.02
C ALA JA 150 -44.46 -43.05 -93.55
N HIS JA 151 -43.75 -43.12 -94.68
CA HIS JA 151 -43.11 -41.96 -95.28
C HIS JA 151 -42.18 -41.26 -94.28
N ALA JA 152 -41.42 -42.07 -93.54
CA ALA JA 152 -40.52 -41.51 -92.53
C ALA JA 152 -39.43 -40.67 -93.16
N ALA JA 153 -38.94 -41.07 -94.33
CA ALA JA 153 -37.87 -40.33 -94.99
C ALA JA 153 -38.29 -38.89 -95.27
N GLU JA 154 -39.52 -38.69 -95.75
CA GLU JA 154 -40.01 -37.33 -95.97
C GLU JA 154 -40.07 -36.56 -94.66
N GLN JA 155 -40.57 -37.18 -93.61
CA GLN JA 155 -40.71 -36.50 -92.32
C GLN JA 155 -39.35 -36.16 -91.73
N GLN JA 156 -38.40 -37.09 -91.81
CA GLN JA 156 -37.07 -36.82 -91.27
C GLN JA 156 -36.35 -35.77 -92.10
N ARG JA 157 -36.53 -35.80 -93.42
CA ARG JA 157 -35.97 -34.76 -94.28
C ARG JA 157 -36.57 -33.39 -93.94
N ALA JA 158 -37.86 -33.36 -93.60
CA ALA JA 158 -38.49 -32.10 -93.24
C ALA JA 158 -37.81 -31.44 -92.05
N TYR JA 159 -37.31 -32.25 -91.11
CA TYR JA 159 -36.59 -31.69 -89.98
C TYR JA 159 -35.16 -31.32 -90.36
N LEU JA 160 -34.45 -32.24 -91.01
CA LEU JA 160 -33.05 -32.00 -91.35
C LEU JA 160 -32.90 -30.80 -92.27
N GLU JA 161 -33.82 -30.64 -93.21
CA GLU JA 161 -33.81 -29.50 -94.13
C GLU JA 161 -34.52 -28.28 -93.59
N GLY JA 162 -35.21 -28.39 -92.46
CA GLY JA 162 -35.98 -27.28 -91.94
C GLY JA 162 -35.56 -26.82 -90.56
N ARG JA 163 -36.23 -27.33 -89.53
CA ARG JA 163 -35.98 -26.86 -88.17
C ARG JA 163 -34.52 -27.06 -87.75
N CYS JA 164 -33.87 -28.09 -88.28
CA CYS JA 164 -32.48 -28.37 -87.92
C CYS JA 164 -31.57 -27.22 -88.34
N VAL JA 165 -31.54 -26.92 -89.64
CA VAL JA 165 -30.64 -25.87 -90.12
C VAL JA 165 -31.04 -24.51 -89.59
N GLU JA 166 -32.34 -24.29 -89.35
CA GLU JA 166 -32.78 -23.02 -88.80
C GLU JA 166 -32.20 -22.79 -87.41
N TRP JA 167 -32.30 -23.79 -86.53
CA TRP JA 167 -31.81 -23.64 -85.17
C TRP JA 167 -30.29 -23.80 -85.09
N LEU JA 168 -29.67 -24.49 -86.05
CA LEU JA 168 -28.22 -24.49 -86.13
C LEU JA 168 -27.70 -23.08 -86.30
N ARG JA 169 -28.30 -22.32 -87.22
CA ARG JA 169 -27.90 -20.94 -87.45
C ARG JA 169 -28.14 -20.09 -86.21
N ARG JA 170 -29.29 -20.31 -85.55
CA ARG JA 170 -29.59 -19.56 -84.33
C ARG JA 170 -28.55 -19.82 -83.24
N TYR JA 171 -28.13 -21.08 -83.09
CA TYR JA 171 -27.14 -21.41 -82.07
C TYR JA 171 -25.79 -20.79 -82.38
N LEU JA 172 -25.40 -20.76 -83.65
CA LEU JA 172 -24.10 -20.22 -84.02
C LEU JA 172 -24.01 -18.72 -83.71
N GLU JA 173 -25.12 -18.00 -83.88
CA GLU JA 173 -25.14 -16.57 -83.58
C GLU JA 173 -25.48 -16.28 -82.13
N ASN JA 174 -26.08 -17.23 -81.41
CA ASN JA 174 -26.25 -17.07 -79.98
C ASN JA 174 -24.93 -17.18 -79.23
N GLY JA 175 -24.01 -18.01 -79.73
CA GLY JA 175 -22.70 -18.09 -79.11
C GLY JA 175 -21.59 -17.96 -80.11
N LYS JA 176 -21.57 -16.84 -80.84
CA LYS JA 176 -20.55 -16.61 -81.88
C LYS JA 176 -19.15 -16.77 -81.32
N GLU JA 177 -18.91 -16.20 -80.14
CA GLU JA 177 -17.55 -16.19 -79.59
C GLU JA 177 -17.08 -17.58 -79.23
N THR JA 178 -17.96 -18.39 -78.61
CA THR JA 178 -17.56 -19.70 -78.13
C THR JA 178 -17.57 -20.77 -79.21
N LEU JA 179 -18.32 -20.59 -80.30
CA LEU JA 179 -18.45 -21.61 -81.33
C LEU JA 179 -17.60 -21.32 -82.56
N GLN JA 180 -17.71 -20.14 -83.14
CA GLN JA 180 -16.95 -19.78 -84.34
C GLN JA 180 -15.59 -19.20 -83.94
N ARG JA 181 -14.78 -20.06 -83.33
CA ARG JA 181 -13.44 -19.68 -82.90
C ARG JA 181 -12.50 -20.86 -83.06
N THR JA 182 -11.26 -20.57 -83.40
CA THR JA 182 -10.23 -21.59 -83.57
C THR JA 182 -9.13 -21.36 -82.55
N ASP JA 183 -8.86 -22.37 -81.73
CA ASP JA 183 -7.75 -22.31 -80.78
C ASP JA 183 -6.60 -23.14 -81.33
N PRO JA 184 -5.49 -22.52 -81.72
CA PRO JA 184 -4.39 -23.27 -82.32
C PRO JA 184 -3.69 -24.13 -81.27
N PRO JA 185 -3.05 -25.22 -81.66
CA PRO JA 185 -2.41 -26.10 -80.68
C PRO JA 185 -1.16 -25.46 -80.08
N LYS JA 186 -0.94 -25.75 -78.79
CA LYS JA 186 0.27 -25.34 -78.10
C LYS JA 186 1.26 -26.49 -78.19
N THR JA 187 2.12 -26.44 -79.20
CA THR JA 187 2.98 -27.57 -79.55
C THR JA 187 4.34 -27.46 -78.87
N HIS JA 188 4.82 -28.59 -78.36
CA HIS JA 188 6.17 -28.70 -77.83
C HIS JA 188 6.63 -30.14 -77.95
N MET JA 189 7.94 -30.35 -77.89
CA MET JA 189 8.56 -31.65 -78.08
C MET JA 189 9.32 -32.07 -76.83
N THR JA 190 9.31 -33.37 -76.54
CA THR JA 190 9.96 -33.91 -75.36
C THR JA 190 10.78 -35.14 -75.74
N HIS JA 191 11.77 -35.44 -74.90
CA HIS JA 191 12.76 -36.48 -75.15
C HIS JA 191 12.73 -37.50 -74.03
N HIS JA 192 12.83 -38.78 -74.40
CA HIS JA 192 12.78 -39.88 -73.43
C HIS JA 192 13.70 -41.01 -73.87
N PRO JA 193 14.89 -41.10 -73.28
CA PRO JA 193 15.80 -42.22 -73.61
C PRO JA 193 15.24 -43.55 -73.12
N ILE JA 194 15.05 -44.48 -74.06
CA ILE JA 194 14.67 -45.85 -73.70
C ILE JA 194 15.81 -46.53 -72.97
N ARG JA 202 8.70 -37.40 -78.49
CA ARG JA 202 7.26 -37.21 -78.54
C ARG JA 202 6.91 -35.79 -78.95
N CYS JA 203 5.68 -35.65 -79.48
CA CYS JA 203 5.23 -34.47 -80.20
C CYS JA 203 3.85 -34.08 -79.69
N TRP JA 204 3.77 -33.00 -78.92
CA TRP JA 204 2.55 -32.65 -78.22
C TRP JA 204 1.75 -31.59 -78.97
N ALA JA 205 0.44 -31.55 -78.67
CA ALA JA 205 -0.47 -30.56 -79.20
C ALA JA 205 -1.53 -30.30 -78.11
N LEU JA 206 -1.30 -29.26 -77.32
CA LEU JA 206 -2.08 -29.01 -76.11
C LEU JA 206 -3.11 -27.91 -76.36
N GLY JA 207 -4.34 -28.15 -75.92
CA GLY JA 207 -5.35 -27.11 -75.90
C GLY JA 207 -5.76 -26.58 -77.26
N PHE JA 208 -5.98 -27.46 -78.23
CA PHE JA 208 -6.43 -27.04 -79.55
C PHE JA 208 -7.91 -27.35 -79.75
N TYR JA 209 -8.50 -26.66 -80.73
CA TYR JA 209 -9.91 -26.76 -81.06
C TYR JA 209 -10.10 -26.32 -82.50
N PRO JA 210 -10.91 -27.03 -83.30
CA PRO JA 210 -11.66 -28.25 -83.00
C PRO JA 210 -10.81 -29.51 -82.96
N ALA JA 211 -11.45 -30.68 -83.07
CA ALA JA 211 -10.73 -31.95 -82.92
C ALA JA 211 -9.87 -32.29 -84.13
N GLU JA 212 -10.23 -31.81 -85.31
CA GLU JA 212 -9.49 -32.17 -86.51
C GLU JA 212 -8.05 -31.67 -86.44
N ILE JA 213 -7.10 -32.60 -86.52
CA ILE JA 213 -5.68 -32.29 -86.44
C ILE JA 213 -4.92 -33.43 -87.10
N THR JA 214 -3.77 -33.11 -87.67
CA THR JA 214 -2.93 -34.09 -88.34
C THR JA 214 -1.49 -33.93 -87.85
N LEU JA 215 -0.90 -35.01 -87.37
CA LEU JA 215 0.46 -35.02 -86.86
C LEU JA 215 1.24 -36.12 -87.55
N THR JA 216 2.37 -35.76 -88.15
CA THR JA 216 3.15 -36.70 -88.95
C THR JA 216 4.64 -36.47 -88.74
N TRP JA 217 5.38 -37.56 -88.55
CA TRP JA 217 6.83 -37.52 -88.45
C TRP JA 217 7.45 -37.65 -89.83
N THR JA 228 5.50 -45.21 -85.90
CA THR JA 228 4.92 -44.10 -85.16
C THR JA 228 3.87 -44.60 -84.19
N GLU JA 229 3.94 -44.10 -82.95
CA GLU JA 229 2.89 -44.32 -81.95
C GLU JA 229 1.90 -43.16 -82.02
N LEU JA 230 0.66 -43.46 -82.38
CA LEU JA 230 -0.37 -42.45 -82.58
C LEU JA 230 -1.54 -42.74 -81.64
N VAL JA 231 -1.78 -41.85 -80.69
CA VAL JA 231 -2.86 -42.03 -79.73
C VAL JA 231 -4.09 -41.29 -80.22
N GLU JA 232 -5.25 -41.70 -79.71
CA GLU JA 232 -6.51 -41.08 -80.07
C GLU JA 232 -6.58 -39.66 -79.51
N THR JA 233 -7.14 -38.75 -80.30
CA THR JA 233 -7.35 -37.38 -79.83
C THR JA 233 -8.24 -37.39 -78.59
N ARG JA 234 -7.82 -36.66 -77.56
CA ARG JA 234 -8.47 -36.73 -76.26
C ARG JA 234 -8.89 -35.36 -75.78
N PRO JA 235 -9.98 -35.28 -75.03
CA PRO JA 235 -10.44 -33.98 -74.52
C PRO JA 235 -9.71 -33.56 -73.26
N ALA JA 236 -9.49 -32.25 -73.14
CA ALA JA 236 -8.87 -31.69 -71.95
C ALA JA 236 -9.87 -31.39 -70.84
N GLY JA 237 -11.16 -31.43 -71.14
CA GLY JA 237 -12.20 -31.14 -70.17
C GLY JA 237 -12.69 -29.71 -70.16
N ASP JA 238 -11.94 -28.78 -70.76
CA ASP JA 238 -12.31 -27.37 -70.79
C ASP JA 238 -12.83 -26.94 -72.17
N GLY JA 239 -13.14 -27.89 -73.05
CA GLY JA 239 -13.54 -27.59 -74.40
C GLY JA 239 -12.44 -27.72 -75.43
N THR JA 240 -11.18 -27.80 -75.00
CA THR JA 240 -10.04 -27.98 -75.90
C THR JA 240 -9.59 -29.44 -75.87
N PHE JA 241 -8.73 -29.79 -76.82
CA PHE JA 241 -8.37 -31.18 -77.09
C PHE JA 241 -6.86 -31.35 -77.06
N GLN JA 242 -6.41 -32.60 -76.99
CA GLN JA 242 -5.00 -32.93 -76.86
C GLN JA 242 -4.68 -34.12 -77.75
N LYS JA 243 -3.41 -34.21 -78.16
CA LYS JA 243 -2.95 -35.31 -78.99
C LYS JA 243 -1.43 -35.28 -79.03
N TRP JA 244 -0.81 -36.43 -78.78
CA TRP JA 244 0.64 -36.56 -78.78
C TRP JA 244 1.05 -37.73 -79.65
N ALA JA 245 2.25 -37.64 -80.23
CA ALA JA 245 2.76 -38.59 -81.21
C ALA JA 245 4.23 -38.89 -80.89
N ALA JA 246 4.61 -40.16 -80.99
CA ALA JA 246 5.94 -40.61 -80.59
C ALA JA 246 6.63 -41.34 -81.73
N VAL JA 247 7.95 -41.48 -81.58
CA VAL JA 247 8.79 -42.25 -82.50
C VAL JA 247 10.08 -42.59 -81.77
N CYS JA 259 8.45 -33.33 -86.60
CA CYS JA 259 7.02 -33.56 -86.41
C CYS JA 259 6.25 -32.37 -86.97
N HIS JA 260 5.37 -32.62 -87.93
CA HIS JA 260 4.59 -31.58 -88.58
C HIS JA 260 3.19 -31.54 -88.01
N VAL JA 261 2.76 -30.35 -87.59
CA VAL JA 261 1.44 -30.12 -87.03
C VAL JA 261 0.57 -29.47 -88.09
N GLN JA 262 -0.60 -30.06 -88.34
CA GLN JA 262 -1.57 -29.53 -89.30
C GLN JA 262 -2.89 -29.31 -88.59
N HIS JA 263 -3.36 -28.06 -88.59
CA HIS JA 263 -4.57 -27.70 -87.89
C HIS JA 263 -5.11 -26.42 -88.50
N GLU JA 264 -6.44 -26.31 -88.53
CA GLU JA 264 -7.08 -25.16 -89.19
C GLU JA 264 -6.98 -23.88 -88.37
N GLY JA 265 -6.63 -23.96 -87.09
CA GLY JA 265 -6.34 -22.77 -86.30
C GLY JA 265 -4.93 -22.22 -86.49
N LEU JA 266 -4.10 -22.93 -87.24
CA LEU JA 266 -2.76 -22.47 -87.56
C LEU JA 266 -2.74 -21.97 -89.00
N PRO JA 267 -2.40 -20.70 -89.25
CA PRO JA 267 -2.37 -20.22 -90.63
C PRO JA 267 -1.38 -20.96 -91.52
N LYS JA 268 -0.25 -21.38 -90.95
CA LYS JA 268 0.74 -22.18 -91.65
C LYS JA 268 1.08 -23.41 -90.82
N PRO JA 269 1.27 -24.56 -91.44
CA PRO JA 269 1.61 -25.77 -90.68
C PRO JA 269 2.94 -25.61 -89.95
N LEU JA 270 2.99 -26.14 -88.73
CA LEU JA 270 4.19 -26.04 -87.92
C LEU JA 270 5.16 -27.18 -88.26
N THR JA 271 6.40 -26.99 -87.84
CA THR JA 271 7.44 -28.03 -87.97
C THR JA 271 8.30 -27.97 -86.72
N ILE KA 2 -21.31 -58.24 -80.20
CA ILE KA 2 -20.04 -57.52 -80.24
C ILE KA 2 -19.82 -56.74 -78.94
N GLN KA 3 -18.68 -56.97 -78.31
CA GLN KA 3 -18.27 -56.24 -77.11
C GLN KA 3 -16.86 -55.71 -77.31
N ARG KA 4 -16.66 -54.43 -76.96
CA ARG KA 4 -15.42 -53.72 -77.26
C ARG KA 4 -14.70 -53.39 -75.96
N THR KA 5 -13.42 -53.73 -75.90
CA THR KA 5 -12.61 -53.44 -74.73
C THR KA 5 -12.27 -51.96 -74.68
N PRO KA 6 -12.45 -51.29 -73.54
CA PRO KA 6 -12.22 -49.84 -73.49
C PRO KA 6 -10.75 -49.49 -73.66
N LYS KA 7 -10.52 -48.32 -74.23
CA LYS KA 7 -9.19 -47.72 -74.32
C LYS KA 7 -9.08 -46.65 -73.24
N ILE KA 8 -8.03 -46.73 -72.44
CA ILE KA 8 -7.88 -45.90 -71.25
C ILE KA 8 -6.69 -44.98 -71.44
N GLN KA 9 -6.89 -43.69 -71.19
CA GLN KA 9 -5.82 -42.71 -71.19
C GLN KA 9 -5.94 -41.85 -69.93
N VAL KA 10 -4.85 -41.72 -69.20
CA VAL KA 10 -4.79 -40.92 -67.97
C VAL KA 10 -3.82 -39.78 -68.20
N TYR KA 11 -4.26 -38.56 -67.88
CA TYR KA 11 -3.48 -37.36 -68.14
C TYR KA 11 -4.05 -36.22 -67.31
N SER KA 12 -3.50 -35.03 -67.52
CA SER KA 12 -3.93 -33.83 -66.81
C SER KA 12 -4.38 -32.79 -67.82
N ARG KA 13 -5.27 -31.90 -67.38
CA ARG KA 13 -5.79 -30.85 -68.25
C ARG KA 13 -4.68 -29.93 -68.74
N HIS KA 14 -3.92 -29.37 -67.81
CA HIS KA 14 -2.79 -28.50 -68.10
C HIS KA 14 -1.49 -29.22 -67.78
N PRO KA 15 -0.37 -28.80 -68.39
CA PRO KA 15 0.92 -29.37 -68.01
C PRO KA 15 1.15 -29.25 -66.50
N ALA KA 16 1.51 -30.38 -65.89
CA ALA KA 16 1.52 -30.50 -64.44
C ALA KA 16 2.73 -29.77 -63.86
N GLU KA 17 2.47 -28.84 -62.95
CA GLU KA 17 3.49 -28.20 -62.14
C GLU KA 17 3.12 -28.37 -60.67
N ASN KA 18 4.06 -28.87 -59.88
CA ASN KA 18 3.77 -29.25 -58.51
C ASN KA 18 3.35 -28.05 -57.69
N GLY KA 19 2.31 -28.25 -56.86
CA GLY KA 19 1.80 -27.19 -56.01
C GLY KA 19 0.76 -26.30 -56.65
N LYS KA 20 0.44 -26.50 -57.92
CA LYS KA 20 -0.51 -25.65 -58.65
C LYS KA 20 -1.73 -26.46 -59.02
N SER KA 21 -2.90 -25.82 -58.93
CA SER KA 21 -4.16 -26.50 -59.18
C SER KA 21 -4.24 -26.99 -60.62
N ASN KA 22 -4.75 -28.20 -60.79
CA ASN KA 22 -4.89 -28.82 -62.11
C ASN KA 22 -5.94 -29.90 -62.00
N PHE KA 23 -6.38 -30.41 -63.15
CA PHE KA 23 -7.41 -31.43 -63.20
C PHE KA 23 -6.83 -32.75 -63.70
N LEU KA 24 -7.29 -33.84 -63.10
CA LEU KA 24 -6.87 -35.19 -63.48
C LEU KA 24 -7.96 -35.81 -64.35
N ASN KA 25 -7.57 -36.25 -65.55
CA ASN KA 25 -8.51 -36.77 -66.53
C ASN KA 25 -8.22 -38.24 -66.80
N CYS KA 26 -9.26 -39.07 -66.76
CA CYS KA 26 -9.20 -40.46 -67.18
C CYS KA 26 -10.23 -40.62 -68.30
N TYR KA 27 -9.75 -40.65 -69.54
CA TYR KA 27 -10.61 -40.67 -70.71
C TYR KA 27 -10.76 -42.10 -71.20
N VAL KA 28 -11.94 -42.67 -70.99
CA VAL KA 28 -12.25 -44.04 -71.40
C VAL KA 28 -13.10 -43.96 -72.67
N SER KA 29 -12.61 -44.56 -73.75
CA SER KA 29 -13.26 -44.43 -75.05
C SER KA 29 -13.24 -45.77 -75.78
N GLY KA 30 -14.09 -45.86 -76.80
CA GLY KA 30 -14.12 -47.03 -77.66
C GLY KA 30 -14.58 -48.32 -77.01
N PHE KA 31 -15.55 -48.24 -76.10
CA PHE KA 31 -16.04 -49.41 -75.39
C PHE KA 31 -17.53 -49.61 -75.63
N HIS KA 32 -17.95 -50.85 -75.45
CA HIS KA 32 -19.34 -51.26 -75.63
C HIS KA 32 -19.56 -52.58 -74.87
N PRO KA 33 -20.66 -52.72 -74.13
CA PRO KA 33 -21.78 -51.79 -73.96
C PRO KA 33 -21.49 -50.61 -73.05
N SER KA 34 -22.53 -49.86 -72.69
CA SER KA 34 -22.35 -48.61 -71.96
C SER KA 34 -21.98 -48.84 -70.50
N ASP KA 35 -22.39 -49.97 -69.92
CA ASP KA 35 -22.15 -50.22 -68.51
C ASP KA 35 -20.65 -50.29 -68.22
N ILE KA 36 -20.17 -49.36 -67.40
CA ILE KA 36 -18.76 -49.29 -67.04
C ILE KA 36 -18.63 -48.68 -65.65
N GLU KA 37 -17.61 -49.12 -64.91
CA GLU KA 37 -17.30 -48.60 -63.59
C GLU KA 37 -15.85 -48.13 -63.60
N VAL KA 38 -15.64 -46.85 -63.32
CA VAL KA 38 -14.31 -46.24 -63.36
C VAL KA 38 -14.13 -45.39 -62.12
N ASP KA 39 -12.97 -45.53 -61.47
CA ASP KA 39 -12.63 -44.76 -60.28
C ASP KA 39 -11.24 -44.14 -60.46
N LEU KA 40 -11.08 -42.93 -59.96
CA LEU KA 40 -9.78 -42.26 -59.93
C LEU KA 40 -9.09 -42.59 -58.61
N LEU KA 41 -7.81 -42.95 -58.69
CA LEU KA 41 -7.05 -43.43 -57.55
C LEU KA 41 -5.95 -42.43 -57.19
N LYS KA 42 -5.98 -41.95 -55.95
CA LYS KA 42 -4.90 -41.16 -55.37
C LYS KA 42 -4.12 -42.07 -54.43
N ASN KA 43 -2.86 -42.32 -54.79
CA ASN KA 43 -2.00 -43.26 -54.05
C ASN KA 43 -2.66 -44.64 -53.96
N GLY KA 44 -3.36 -45.03 -55.03
CA GLY KA 44 -4.06 -46.29 -55.06
C GLY KA 44 -5.37 -46.32 -54.30
N GLU KA 45 -5.92 -45.16 -53.94
CA GLU KA 45 -7.13 -45.08 -53.13
C GLU KA 45 -8.18 -44.25 -53.85
N ARG KA 46 -9.44 -44.66 -53.71
CA ARG KA 46 -10.53 -44.02 -54.44
C ARG KA 46 -10.67 -42.55 -54.05
N ILE KA 47 -10.97 -41.71 -55.04
CA ILE KA 47 -11.27 -40.31 -54.82
C ILE KA 47 -12.78 -40.16 -54.68
N GLU KA 48 -13.22 -39.45 -53.65
CA GLU KA 48 -14.65 -39.39 -53.34
C GLU KA 48 -15.40 -38.53 -54.36
N LYS KA 49 -15.07 -37.25 -54.45
CA LYS KA 49 -15.78 -36.32 -55.34
C LYS KA 49 -15.19 -36.43 -56.74
N VAL KA 50 -15.81 -37.26 -57.56
CA VAL KA 50 -15.42 -37.44 -58.96
C VAL KA 50 -16.64 -37.16 -59.83
N GLU KA 51 -16.53 -36.14 -60.68
CA GLU KA 51 -17.57 -35.82 -61.65
C GLU KA 51 -17.23 -36.47 -62.99
N HIS KA 52 -18.27 -36.90 -63.70
CA HIS KA 52 -18.09 -37.60 -64.97
C HIS KA 52 -18.92 -36.91 -66.05
N SER KA 53 -18.43 -37.00 -67.28
CA SER KA 53 -19.08 -36.33 -68.40
C SER KA 53 -20.35 -37.08 -68.80
N ASP KA 54 -20.99 -36.60 -69.87
CA ASP KA 54 -22.23 -37.18 -70.34
C ASP KA 54 -21.96 -38.25 -71.39
N LEU KA 55 -22.75 -39.33 -71.34
CA LEU KA 55 -22.53 -40.47 -72.21
C LEU KA 55 -22.73 -40.10 -73.67
N SER KA 56 -21.77 -40.50 -74.51
CA SER KA 56 -21.83 -40.25 -75.93
C SER KA 56 -21.09 -41.38 -76.64
N PHE KA 57 -21.10 -41.34 -77.97
CA PHE KA 57 -20.44 -42.38 -78.76
C PHE KA 57 -19.91 -41.80 -80.05
N SER KA 58 -18.95 -42.49 -80.65
CA SER KA 58 -18.30 -42.05 -81.87
C SER KA 58 -19.00 -42.66 -83.08
N LYS KA 59 -18.34 -42.60 -84.24
CA LYS KA 59 -18.96 -43.06 -85.48
C LYS KA 59 -19.25 -44.55 -85.44
N ASP KA 60 -18.33 -45.34 -84.90
CA ASP KA 60 -18.47 -46.80 -84.86
C ASP KA 60 -19.34 -47.27 -83.69
N TRP KA 61 -20.17 -46.41 -83.12
CA TRP KA 61 -21.13 -46.70 -82.06
C TRP KA 61 -20.47 -47.06 -80.73
N SER KA 62 -19.14 -46.94 -80.63
CA SER KA 62 -18.45 -47.23 -79.38
C SER KA 62 -18.50 -46.00 -78.46
N PHE KA 63 -18.78 -46.25 -77.19
CA PHE KA 63 -18.98 -45.19 -76.22
C PHE KA 63 -17.66 -44.54 -75.82
N TYR KA 64 -17.76 -43.34 -75.25
CA TYR KA 64 -16.59 -42.67 -74.67
C TYR KA 64 -17.05 -41.80 -73.50
N LEU KA 65 -16.25 -41.81 -72.44
CA LEU KA 65 -16.54 -41.03 -71.25
C LEU KA 65 -15.26 -40.39 -70.73
N LEU KA 66 -15.42 -39.37 -69.91
CA LEU KA 66 -14.30 -38.64 -69.32
C LEU KA 66 -14.60 -38.38 -67.86
N TYR KA 67 -13.86 -39.02 -66.96
CA TYR KA 67 -13.98 -38.77 -65.53
C TYR KA 67 -12.86 -37.83 -65.09
N TYR KA 68 -13.22 -36.84 -64.28
CA TYR KA 68 -12.27 -35.81 -63.88
C TYR KA 68 -12.54 -35.37 -62.45
N THR KA 69 -11.51 -34.78 -61.85
CA THR KA 69 -11.61 -34.19 -60.51
C THR KA 69 -10.48 -33.18 -60.36
N GLU KA 70 -10.63 -32.30 -59.37
CA GLU KA 70 -9.63 -31.29 -59.09
C GLU KA 70 -8.60 -31.83 -58.11
N PHE KA 71 -7.32 -31.58 -58.40
CA PHE KA 71 -6.24 -32.10 -57.58
C PHE KA 71 -5.02 -31.19 -57.72
N THR KA 72 -4.08 -31.37 -56.79
CA THR KA 72 -2.83 -30.61 -56.81
C THR KA 72 -1.67 -31.60 -56.89
N PRO KA 73 -0.95 -31.66 -58.00
CA PRO KA 73 0.12 -32.66 -58.13
C PRO KA 73 1.28 -32.37 -57.21
N THR KA 74 1.91 -33.44 -56.72
CA THR KA 74 3.10 -33.36 -55.89
C THR KA 74 4.13 -34.34 -56.43
N GLU KA 75 5.38 -34.14 -55.99
CA GLU KA 75 6.46 -35.03 -56.42
C GLU KA 75 6.27 -36.43 -55.87
N LYS KA 76 5.61 -36.57 -54.73
CA LYS KA 76 5.47 -37.86 -54.05
C LYS KA 76 4.22 -38.62 -54.47
N ASP KA 77 3.09 -37.93 -54.57
CA ASP KA 77 1.82 -38.61 -54.80
C ASP KA 77 1.78 -39.26 -56.18
N GLU KA 78 1.25 -40.49 -56.22
CA GLU KA 78 1.04 -41.22 -57.46
C GLU KA 78 -0.45 -41.32 -57.74
N TYR KA 79 -0.85 -40.99 -58.95
CA TYR KA 79 -2.25 -41.02 -59.35
C TYR KA 79 -2.46 -42.08 -60.43
N ALA KA 80 -3.63 -42.70 -60.40
CA ALA KA 80 -3.94 -43.77 -61.35
C ALA KA 80 -5.45 -43.84 -61.53
N CYS KA 81 -5.87 -44.65 -62.51
CA CYS KA 81 -7.28 -44.81 -62.85
C CYS KA 81 -7.60 -46.30 -62.86
N ARG KA 82 -8.69 -46.67 -62.18
CA ARG KA 82 -9.16 -48.04 -62.12
C ARG KA 82 -10.41 -48.18 -62.97
N VAL KA 83 -10.35 -49.02 -64.00
CA VAL KA 83 -11.44 -49.22 -64.93
C VAL KA 83 -11.86 -50.69 -64.89
N ASN KA 84 -13.13 -50.93 -64.59
CA ASN KA 84 -13.69 -52.27 -64.57
C ASN KA 84 -14.80 -52.34 -65.61
N HIS KA 85 -14.76 -53.37 -66.44
CA HIS KA 85 -15.72 -53.50 -67.53
C HIS KA 85 -16.01 -54.98 -67.74
N VAL KA 86 -17.13 -55.26 -68.43
CA VAL KA 86 -17.53 -56.64 -68.67
C VAL KA 86 -16.52 -57.36 -69.56
N THR KA 87 -15.81 -56.61 -70.41
CA THR KA 87 -14.79 -57.22 -71.27
C THR KA 87 -13.48 -57.45 -70.55
N LEU KA 88 -13.34 -56.99 -69.31
CA LEU KA 88 -12.09 -57.12 -68.55
C LEU KA 88 -12.28 -58.20 -67.50
N SER KA 89 -11.42 -59.22 -67.53
CA SER KA 89 -11.49 -60.29 -66.54
C SER KA 89 -11.22 -59.75 -65.15
N GLN KA 90 -10.26 -58.85 -65.02
CA GLN KA 90 -9.93 -58.16 -63.77
C GLN KA 90 -9.84 -56.68 -64.03
N PRO KA 91 -10.10 -55.85 -63.02
CA PRO KA 91 -10.01 -54.39 -63.21
C PRO KA 91 -8.62 -53.98 -63.67
N LYS KA 92 -8.59 -53.03 -64.62
CA LYS KA 92 -7.35 -52.56 -65.21
C LYS KA 92 -6.91 -51.26 -64.58
N ILE KA 93 -5.61 -51.16 -64.30
CA ILE KA 93 -5.02 -49.98 -63.65
C ILE KA 93 -4.07 -49.33 -64.63
N VAL KA 94 -4.23 -48.02 -64.83
CA VAL KA 94 -3.33 -47.23 -65.66
C VAL KA 94 -2.80 -46.09 -64.80
N LYS KA 95 -1.49 -46.09 -64.55
CA LYS KA 95 -0.88 -45.06 -63.73
C LYS KA 95 -0.72 -43.77 -64.52
N TRP KA 96 -0.86 -42.64 -63.83
CA TRP KA 96 -0.70 -41.33 -64.45
C TRP KA 96 0.78 -41.07 -64.67
N ASP KA 97 1.26 -41.37 -65.87
CA ASP KA 97 2.63 -41.04 -66.23
C ASP KA 97 2.68 -39.59 -66.69
N ARG KA 98 3.24 -38.72 -65.86
CA ARG KA 98 3.47 -37.34 -66.26
C ARG KA 98 4.37 -37.33 -67.49
N ASP KA 99 3.99 -36.52 -68.48
CA ASP KA 99 4.52 -36.46 -69.86
C ASP KA 99 3.98 -37.58 -70.74
N MET KA 100 2.90 -38.25 -70.32
CA MET KA 100 2.23 -39.23 -71.16
C MET KA 100 0.71 -39.08 -71.06
N VAL LA 1 -32.63 -27.96 -81.83
CA VAL LA 1 -33.79 -28.61 -81.23
C VAL LA 1 -33.77 -30.11 -81.52
N VAL LA 2 -34.63 -30.84 -80.82
CA VAL LA 2 -34.78 -32.27 -81.01
C VAL LA 2 -35.76 -32.52 -82.15
N GLY LA 3 -35.40 -33.39 -83.08
CA GLY LA 3 -36.25 -33.59 -84.23
C GLY LA 3 -36.28 -34.99 -84.82
N ALA LA 4 -35.95 -35.99 -84.01
CA ALA LA 4 -35.97 -37.36 -84.47
C ALA LA 4 -37.40 -37.85 -84.67
N VAL LA 5 -37.62 -38.55 -85.78
CA VAL LA 5 -38.93 -39.10 -86.12
C VAL LA 5 -38.95 -40.56 -85.67
N GLY LA 6 -39.70 -40.85 -84.61
CA GLY LA 6 -39.88 -42.22 -84.18
C GLY LA 6 -41.13 -42.82 -84.77
N VAL LA 7 -40.99 -43.89 -85.56
CA VAL LA 7 -42.13 -44.46 -86.27
C VAL LA 7 -42.17 -45.98 -86.14
N GLY LA 8 -41.74 -46.51 -85.00
CA GLY LA 8 -42.02 -47.90 -84.69
C GLY LA 8 -40.84 -48.85 -84.66
N LYS LA 9 -39.91 -48.71 -85.60
CA LYS LA 9 -38.74 -49.60 -85.71
C LYS LA 9 -39.12 -51.07 -85.62
N GLN MA 2 -58.25 -18.14 -83.91
CA GLN MA 2 -57.28 -19.20 -83.68
C GLN MA 2 -55.93 -18.82 -84.27
N LYS MA 3 -54.99 -19.77 -84.27
CA LYS MA 3 -53.71 -19.57 -84.93
C LYS MA 3 -53.77 -19.91 -86.41
N VAL MA 4 -54.54 -20.93 -86.77
CA VAL MA 4 -54.75 -21.32 -88.17
C VAL MA 4 -56.08 -20.73 -88.62
N GLN MA 5 -56.03 -19.92 -89.68
CA GLN MA 5 -57.21 -19.24 -90.22
C GLN MA 5 -57.49 -19.74 -91.62
N GLN MA 6 -58.70 -20.25 -91.83
CA GLN MA 6 -59.10 -20.77 -93.13
C GLN MA 6 -60.08 -19.82 -93.81
N SER MA 7 -59.97 -19.76 -95.14
CA SER MA 7 -60.84 -18.91 -95.94
C SER MA 7 -60.97 -19.56 -97.31
N PRO MA 8 -62.18 -19.64 -97.87
CA PRO MA 8 -63.45 -19.10 -97.36
C PRO MA 8 -64.06 -19.92 -96.23
N GLU MA 9 -65.27 -19.55 -95.81
CA GLU MA 9 -66.03 -20.35 -94.86
C GLU MA 9 -67.01 -21.26 -95.57
N SER MA 10 -67.61 -20.78 -96.66
CA SER MA 10 -68.50 -21.59 -97.49
C SER MA 10 -68.16 -21.33 -98.95
N LEU MA 11 -68.49 -22.30 -99.80
CA LEU MA 11 -68.06 -22.27 -101.19
C LEU MA 11 -69.00 -23.16 -102.01
N ILE MA 12 -69.81 -22.54 -102.86
CA ILE MA 12 -70.71 -23.24 -103.77
C ILE MA 12 -70.04 -23.23 -105.14
N VAL MA 13 -69.22 -24.23 -105.42
CA VAL MA 13 -68.54 -24.35 -106.70
C VAL MA 13 -69.35 -25.23 -107.64
N PRO MA 14 -69.56 -24.81 -108.89
CA PRO MA 14 -70.31 -25.64 -109.84
C PRO MA 14 -69.59 -26.94 -110.15
N GLU MA 15 -70.36 -27.91 -110.62
CA GLU MA 15 -69.81 -29.20 -111.01
C GLU MA 15 -68.86 -29.04 -112.19
N GLY MA 16 -67.64 -29.51 -112.02
CA GLY MA 16 -66.62 -29.39 -113.05
C GLY MA 16 -65.73 -28.17 -112.93
N GLY MA 17 -65.92 -27.35 -111.89
CA GLY MA 17 -65.10 -26.17 -111.70
C GLY MA 17 -63.92 -26.42 -110.81
N MET MA 18 -63.15 -25.36 -110.57
CA MET MA 18 -61.99 -25.39 -109.70
C MET MA 18 -62.36 -24.82 -108.34
N ALA MA 19 -61.99 -25.53 -107.28
CA ALA MA 19 -62.24 -25.10 -105.91
C ALA MA 19 -60.91 -24.75 -105.26
N SER MA 20 -60.67 -23.46 -105.03
CA SER MA 20 -59.45 -22.99 -104.40
C SER MA 20 -59.77 -22.62 -102.95
N LEU MA 21 -59.19 -23.36 -102.01
CA LEU MA 21 -59.37 -23.12 -100.59
C LEU MA 21 -58.04 -22.66 -100.01
N ASN MA 22 -58.09 -21.70 -99.09
CA ASN MA 22 -56.88 -21.09 -98.54
C ASN MA 22 -56.83 -21.27 -97.04
N CYS MA 23 -55.60 -21.25 -96.51
CA CYS MA 23 -55.35 -21.40 -95.08
C CYS MA 23 -54.04 -20.71 -94.76
N THR MA 24 -54.00 -20.00 -93.63
CA THR MA 24 -52.84 -19.23 -93.24
C THR MA 24 -52.69 -19.27 -91.72
N SER MA 25 -51.46 -19.47 -91.26
CA SER MA 25 -51.15 -19.56 -89.84
C SER MA 25 -50.58 -18.24 -89.33
N SER MA 26 -50.86 -17.97 -88.05
CA SER MA 26 -50.27 -16.82 -87.36
C SER MA 26 -49.08 -17.20 -86.49
N ASP MA 27 -48.92 -18.48 -86.19
CA ASP MA 27 -47.73 -18.96 -85.49
C ASP MA 27 -46.58 -19.07 -86.49
N ARG MA 28 -45.54 -18.26 -86.29
CA ARG MA 28 -44.43 -18.24 -87.23
C ARG MA 28 -43.65 -19.54 -87.25
N ASN MA 29 -43.63 -20.28 -86.14
CA ASN MA 29 -42.87 -21.51 -86.04
C ASN MA 29 -43.72 -22.71 -86.45
N VAL MA 30 -43.98 -22.79 -87.74
CA VAL MA 30 -44.72 -23.89 -88.35
C VAL MA 30 -43.86 -24.47 -89.47
N ASP MA 31 -43.67 -25.79 -89.46
CA ASP MA 31 -42.81 -26.45 -90.43
C ASP MA 31 -43.52 -27.40 -91.36
N TYR MA 32 -44.80 -27.69 -91.14
CA TYR MA 32 -45.51 -28.69 -91.93
C TYR MA 32 -46.98 -28.34 -91.94
N PHE MA 33 -47.58 -28.30 -93.13
CA PHE MA 33 -49.00 -28.04 -93.31
C PHE MA 33 -49.70 -29.28 -93.81
N TRP MA 34 -50.99 -29.39 -93.49
CA TRP MA 34 -51.79 -30.55 -93.83
C TRP MA 34 -53.19 -30.11 -94.25
N TRP MA 35 -53.79 -30.87 -95.16
CA TRP MA 35 -55.16 -30.65 -95.59
C TRP MA 35 -55.94 -31.93 -95.35
N TYR MA 36 -57.00 -31.85 -94.54
CA TYR MA 36 -57.81 -33.01 -94.17
C TYR MA 36 -59.23 -32.83 -94.70
N ARG MA 37 -59.82 -33.93 -95.17
CA ARG MA 37 -61.18 -33.95 -95.70
C ARG MA 37 -62.09 -34.72 -94.76
N GLN MA 38 -63.24 -34.16 -94.43
CA GLN MA 38 -64.24 -34.83 -93.60
C GLN MA 38 -65.59 -34.76 -94.28
N HIS MA 39 -66.06 -35.91 -94.79
CA HIS MA 39 -67.41 -35.99 -95.32
C HIS MA 39 -68.41 -35.93 -94.17
N SER MA 40 -69.65 -35.54 -94.50
CA SER MA 40 -70.66 -35.33 -93.48
C SER MA 40 -70.91 -36.60 -92.67
N GLY MA 41 -70.70 -36.50 -91.37
CA GLY MA 41 -70.91 -37.65 -90.50
C GLY MA 41 -69.87 -38.73 -90.60
N LYS MA 42 -68.68 -38.42 -91.11
CA LYS MA 42 -67.59 -39.37 -91.24
C LYS MA 42 -66.37 -38.85 -90.50
N SER MA 43 -65.28 -39.61 -90.58
CA SER MA 43 -64.09 -39.19 -89.85
C SER MA 43 -63.20 -38.33 -90.75
N PRO MA 44 -62.43 -37.42 -90.16
CA PRO MA 44 -61.45 -36.66 -90.94
C PRO MA 44 -60.38 -37.59 -91.49
N LYS MA 45 -59.99 -37.34 -92.74
CA LYS MA 45 -58.98 -38.15 -93.42
C LYS MA 45 -58.07 -37.22 -94.20
N MET MA 46 -56.76 -37.50 -94.14
CA MET MA 46 -55.79 -36.64 -94.82
C MET MA 46 -55.96 -36.72 -96.33
N LEU MA 47 -55.92 -35.56 -96.98
CA LEU MA 47 -55.90 -35.47 -98.44
C LEU MA 47 -54.49 -35.31 -98.99
N MET MA 48 -53.83 -34.19 -98.67
CA MET MA 48 -52.49 -33.91 -99.15
C MET MA 48 -51.64 -33.37 -98.01
N SER MA 49 -50.32 -33.33 -98.24
CA SER MA 49 -49.36 -32.81 -97.29
C SER MA 49 -48.35 -31.95 -98.03
N ILE MA 50 -47.77 -30.98 -97.31
CA ILE MA 50 -46.74 -30.13 -97.89
C ILE MA 50 -45.87 -29.58 -96.77
N PHE MA 51 -44.55 -29.58 -97.00
CA PHE MA 51 -43.62 -28.92 -96.11
C PHE MA 51 -42.57 -28.11 -96.85
N SER MA 52 -42.47 -28.25 -98.17
CA SER MA 52 -41.52 -27.51 -98.98
C SER MA 52 -42.27 -26.49 -99.82
N ASN MA 53 -41.70 -25.29 -99.95
CA ASN MA 53 -42.30 -24.26 -100.78
C ASN MA 53 -42.44 -24.75 -102.22
N GLY MA 54 -43.64 -24.67 -102.76
CA GLY MA 54 -43.88 -25.12 -104.11
C GLY MA 54 -45.29 -25.69 -104.23
N GLU MA 55 -45.45 -26.62 -105.16
CA GLU MA 55 -46.73 -27.24 -105.45
C GLU MA 55 -46.60 -28.75 -105.43
N LYS MA 56 -47.72 -29.43 -105.23
CA LYS MA 56 -47.76 -30.89 -105.16
C LYS MA 56 -49.03 -31.34 -105.86
N GLU MA 57 -48.88 -31.90 -107.06
CA GLU MA 57 -50.02 -32.30 -107.89
C GLU MA 57 -50.21 -33.81 -107.78
N GLU MA 58 -51.33 -34.22 -107.17
CA GLU MA 58 -51.73 -35.62 -107.13
C GLU MA 58 -53.18 -35.71 -107.55
N GLY MA 59 -53.42 -36.26 -108.74
CA GLY MA 59 -54.79 -36.42 -109.21
C GLY MA 59 -55.39 -35.09 -109.60
N ARG MA 60 -56.57 -34.80 -109.07
CA ARG MA 60 -57.25 -33.53 -109.30
C ARG MA 60 -56.91 -32.49 -108.25
N PHE MA 61 -55.99 -32.79 -107.33
CA PHE MA 61 -55.68 -31.92 -106.22
C PHE MA 61 -54.28 -31.35 -106.37
N THR MA 62 -54.14 -30.07 -105.99
CA THR MA 62 -52.85 -29.40 -106.01
C THR MA 62 -52.73 -28.55 -104.76
N VAL MA 63 -51.62 -28.69 -104.04
CA VAL MA 63 -51.40 -27.98 -102.79
C VAL MA 63 -50.17 -27.09 -102.94
N HIS MA 64 -50.36 -25.79 -102.76
CA HIS MA 64 -49.30 -24.81 -102.86
C HIS MA 64 -48.88 -24.36 -101.46
N LEU MA 65 -47.63 -23.94 -101.32
CA LEU MA 65 -47.12 -23.49 -100.03
C LEU MA 65 -46.09 -22.39 -100.22
N ASN MA 66 -46.22 -21.34 -99.40
CA ASN MA 66 -45.22 -20.27 -99.31
C ASN MA 66 -44.96 -20.04 -97.82
N LYS MA 67 -43.88 -20.63 -97.31
CA LYS MA 67 -43.58 -20.53 -95.88
C LYS MA 67 -43.35 -19.10 -95.42
N ALA MA 68 -42.94 -18.20 -96.33
CA ALA MA 68 -42.75 -16.81 -95.95
C ALA MA 68 -44.05 -16.17 -95.48
N SER MA 69 -45.12 -16.40 -96.22
CA SER MA 69 -46.45 -15.93 -95.84
C SER MA 69 -47.23 -16.97 -95.05
N LEU MA 70 -46.67 -18.17 -94.84
CA LEU MA 70 -47.33 -19.24 -94.12
C LEU MA 70 -48.71 -19.54 -94.70
N HIS MA 71 -48.79 -19.53 -96.03
CA HIS MA 71 -50.05 -19.71 -96.74
C HIS MA 71 -50.00 -21.01 -97.52
N THR MA 72 -50.98 -21.89 -97.28
CA THR MA 72 -51.18 -23.07 -98.09
C THR MA 72 -52.55 -22.98 -98.75
N SER MA 73 -52.68 -23.64 -99.91
CA SER MA 73 -53.92 -23.56 -100.65
C SER MA 73 -54.18 -24.89 -101.35
N LEU MA 74 -55.39 -25.41 -101.17
CA LEU MA 74 -55.83 -26.64 -101.82
C LEU MA 74 -56.70 -26.28 -103.02
N HIS MA 75 -56.35 -26.82 -104.18
CA HIS MA 75 -57.09 -26.57 -105.41
C HIS MA 75 -57.61 -27.89 -105.97
N ILE MA 76 -58.94 -28.01 -106.04
CA ILE MA 76 -59.60 -29.22 -106.51
C ILE MA 76 -60.15 -28.93 -107.89
N ARG MA 77 -59.57 -29.57 -108.90
CA ARG MA 77 -60.02 -29.40 -110.28
C ARG MA 77 -61.09 -30.44 -110.62
N ASP MA 78 -61.90 -30.11 -111.63
CA ASP MA 78 -62.97 -30.98 -112.11
C ASP MA 78 -63.84 -31.45 -110.95
N SER MA 79 -64.43 -30.48 -110.25
CA SER MA 79 -65.17 -30.75 -109.03
C SER MA 79 -66.30 -31.73 -109.29
N GLN MA 80 -66.26 -32.86 -108.60
CA GLN MA 80 -67.30 -33.87 -108.61
C GLN MA 80 -68.17 -33.75 -107.36
N PRO MA 81 -69.43 -34.18 -107.42
CA PRO MA 81 -70.30 -34.10 -106.23
C PRO MA 81 -69.80 -34.96 -105.08
N SER MA 82 -68.84 -35.85 -105.31
CA SER MA 82 -68.21 -36.62 -104.25
C SER MA 82 -67.13 -35.83 -103.51
N ASP MA 83 -67.04 -34.52 -103.76
CA ASP MA 83 -66.08 -33.67 -103.07
C ASP MA 83 -66.72 -32.72 -102.08
N SER MA 84 -68.06 -32.67 -102.02
CA SER MA 84 -68.73 -31.83 -101.02
C SER MA 84 -68.42 -32.33 -99.62
N ALA MA 85 -67.65 -31.55 -98.86
CA ALA MA 85 -67.26 -31.95 -97.51
C ALA MA 85 -66.71 -30.74 -96.79
N LEU MA 86 -66.30 -30.95 -95.55
CA LEU MA 86 -65.62 -29.95 -94.75
C LEU MA 86 -64.12 -30.20 -94.85
N TYR MA 87 -63.38 -29.18 -95.27
CA TYR MA 87 -61.93 -29.29 -95.46
C TYR MA 87 -61.23 -28.56 -94.33
N LEU MA 88 -60.35 -29.27 -93.63
CA LEU MA 88 -59.68 -28.74 -92.45
C LEU MA 88 -58.18 -28.62 -92.72
N CYS MA 89 -57.60 -27.49 -92.32
CA CYS MA 89 -56.17 -27.24 -92.51
C CYS MA 89 -55.46 -27.38 -91.17
N ALA MA 90 -54.31 -28.04 -91.20
CA ALA MA 90 -53.52 -28.30 -89.99
C ALA MA 90 -52.11 -27.78 -90.18
N ALA MA 91 -51.44 -27.54 -89.05
CA ALA MA 91 -50.08 -27.00 -89.05
C ALA MA 91 -49.33 -27.54 -87.85
N ARG MA 92 -48.09 -27.96 -88.06
CA ARG MA 92 -47.28 -28.53 -86.99
C ARG MA 92 -46.80 -27.43 -86.05
N ASP MA 93 -46.94 -27.67 -84.75
CA ASP MA 93 -46.64 -26.69 -83.71
C ASP MA 93 -45.13 -26.52 -83.53
N SER MA 94 -44.74 -25.67 -82.59
CA SER MA 94 -43.36 -25.65 -82.12
C SER MA 94 -43.01 -26.98 -81.46
N ASN MA 95 -43.99 -27.60 -80.81
CA ASN MA 95 -43.92 -29.01 -80.45
C ASN MA 95 -44.10 -29.82 -81.72
N TYR MA 96 -44.64 -31.02 -81.63
CA TYR MA 96 -44.94 -31.79 -82.83
C TYR MA 96 -46.41 -32.16 -82.86
N GLN MA 97 -47.25 -31.27 -82.35
CA GLN MA 97 -48.69 -31.43 -82.36
C GLN MA 97 -49.30 -30.54 -83.45
N LEU MA 98 -50.58 -30.79 -83.75
CA LEU MA 98 -51.26 -30.17 -84.87
C LEU MA 98 -52.16 -29.04 -84.39
N ILE MA 99 -52.09 -27.91 -85.08
CA ILE MA 99 -52.98 -26.78 -84.86
C ILE MA 99 -54.06 -26.86 -85.94
N TRP MA 100 -55.30 -27.13 -85.51
CA TRP MA 100 -56.39 -27.30 -86.46
C TRP MA 100 -57.10 -25.97 -86.71
N GLY MA 101 -57.82 -25.91 -87.85
CA GLY MA 101 -58.53 -24.72 -88.25
C GLY MA 101 -60.04 -24.84 -88.07
N SER MA 102 -60.72 -23.75 -88.40
CA SER MA 102 -62.18 -23.74 -88.32
C SER MA 102 -62.80 -24.73 -89.30
N GLY MA 103 -62.43 -24.62 -90.57
CA GLY MA 103 -62.96 -25.51 -91.59
C GLY MA 103 -63.67 -24.76 -92.70
N THR MA 104 -63.63 -25.28 -93.92
CA THR MA 104 -64.29 -24.67 -95.06
C THR MA 104 -65.28 -25.67 -95.65
N LYS MA 105 -66.51 -25.21 -95.88
CA LYS MA 105 -67.59 -26.07 -96.36
C LYS MA 105 -67.68 -25.96 -97.88
N LEU MA 106 -67.43 -27.08 -98.56
CA LEU MA 106 -67.53 -27.16 -100.01
C LEU MA 106 -68.87 -27.76 -100.39
N ILE MA 107 -69.59 -27.10 -101.29
CA ILE MA 107 -70.90 -27.54 -101.76
C ILE MA 107 -70.88 -27.58 -103.28
N ILE MA 108 -70.86 -28.78 -103.85
CA ILE MA 108 -70.80 -28.95 -105.30
C ILE MA 108 -72.24 -28.98 -105.81
N LYS MA 109 -72.66 -27.93 -106.48
CA LYS MA 109 -73.98 -27.92 -107.11
C LYS MA 109 -73.97 -28.82 -108.34
N PRO MA 110 -74.82 -29.85 -108.40
CA PRO MA 110 -74.80 -30.74 -109.56
C PRO MA 110 -75.43 -30.11 -110.79
N ASP MA 111 -75.04 -30.63 -111.95
CA ASP MA 111 -75.58 -30.19 -113.23
C ASP MA 111 -76.80 -31.03 -113.58
N ILE MA 112 -77.98 -30.43 -113.56
CA ILE MA 112 -79.21 -31.12 -113.89
C ILE MA 112 -79.37 -31.05 -115.40
N GLN MA 113 -79.21 -32.21 -116.07
CA GLN MA 113 -79.17 -32.24 -117.52
C GLN MA 113 -80.53 -31.89 -118.13
N ASN MA 114 -81.59 -32.55 -117.67
CA ASN MA 114 -82.93 -32.38 -118.23
C ASN MA 114 -83.90 -32.02 -117.13
N PRO MA 115 -84.07 -30.72 -116.84
CA PRO MA 115 -84.95 -30.30 -115.74
C PRO MA 115 -86.43 -30.41 -116.13
N ASP MA 116 -87.17 -31.19 -115.35
CA ASP MA 116 -88.61 -31.36 -115.55
C ASP MA 116 -89.31 -31.27 -114.19
N PRO MA 117 -89.34 -30.09 -113.59
CA PRO MA 117 -89.85 -29.98 -112.22
C PRO MA 117 -91.34 -30.26 -112.13
N ALA MA 118 -91.76 -30.73 -110.95
CA ALA MA 118 -93.15 -31.11 -110.73
C ALA MA 118 -93.40 -31.24 -109.24
N VAL MA 119 -94.67 -31.40 -108.88
CA VAL MA 119 -95.11 -31.60 -107.51
C VAL MA 119 -96.15 -32.73 -107.50
N TYR MA 120 -96.06 -33.62 -106.52
CA TYR MA 120 -96.93 -34.80 -106.47
C TYR MA 120 -97.43 -35.02 -105.05
N GLN MA 121 -98.55 -35.75 -104.95
CA GLN MA 121 -99.10 -36.18 -103.68
C GLN MA 121 -98.79 -37.65 -103.46
N LEU MA 122 -98.57 -38.02 -102.19
CA LEU MA 122 -98.30 -39.39 -101.81
C LEU MA 122 -99.07 -39.74 -100.55
N ARG MA 123 -99.59 -40.96 -100.50
CA ARG MA 123 -100.41 -41.41 -99.39
C ARG MA 123 -100.22 -42.91 -99.23
N ASP MA 124 -100.50 -43.40 -98.03
CA ASP MA 124 -100.49 -44.83 -97.75
C ASP MA 124 -101.20 -45.06 -96.42
N SER MA 125 -101.26 -46.32 -96.00
CA SER MA 125 -102.02 -46.69 -94.79
C SER MA 125 -101.13 -46.63 -93.55
N LYS MA 126 -100.23 -47.62 -93.41
CA LYS MA 126 -99.35 -47.85 -92.27
C LYS MA 126 -99.65 -46.97 -91.05
N SER MA 127 -98.83 -45.95 -90.83
CA SER MA 127 -99.11 -44.97 -89.79
C SER MA 127 -99.27 -43.57 -90.36
N SER MA 128 -99.45 -43.45 -91.68
CA SER MA 128 -99.51 -42.14 -92.31
C SER MA 128 -100.87 -41.50 -92.05
N ASP MA 129 -100.88 -40.48 -91.20
CA ASP MA 129 -101.98 -39.54 -91.11
C ASP MA 129 -101.68 -38.24 -91.87
N LYS MA 130 -100.52 -38.16 -92.52
CA LYS MA 130 -100.07 -36.95 -93.19
C LYS MA 130 -99.85 -37.26 -94.67
N SER MA 131 -100.69 -36.69 -95.52
CA SER MA 131 -100.41 -36.70 -96.95
C SER MA 131 -99.26 -35.74 -97.25
N VAL MA 132 -98.31 -36.18 -98.06
CA VAL MA 132 -97.07 -35.44 -98.28
C VAL MA 132 -97.02 -34.91 -99.70
N CYS MA 133 -96.22 -33.86 -99.88
CA CYS MA 133 -95.95 -33.28 -101.19
C CYS MA 133 -94.49 -33.50 -101.54
N LEU MA 134 -94.21 -33.72 -102.82
CA LEU MA 134 -92.87 -34.01 -103.31
C LEU MA 134 -92.54 -33.07 -104.46
N PHE MA 135 -91.55 -32.21 -104.26
CA PHE MA 135 -91.04 -31.32 -105.31
C PHE MA 135 -89.72 -31.91 -105.81
N THR MA 136 -89.75 -32.47 -107.02
CA THR MA 136 -88.62 -33.22 -107.55
C THR MA 136 -88.32 -32.76 -108.97
N ASP MA 137 -87.19 -33.26 -109.49
CA ASP MA 137 -86.76 -33.04 -110.87
C ASP MA 137 -86.58 -31.57 -111.21
N PHE MA 138 -86.17 -30.77 -110.24
CA PHE MA 138 -85.87 -29.36 -110.48
C PHE MA 138 -84.37 -29.14 -110.50
N ASP MA 139 -83.94 -28.13 -111.25
CA ASP MA 139 -82.53 -27.88 -111.46
C ASP MA 139 -81.87 -27.35 -110.18
N SER MA 140 -80.54 -27.20 -110.24
CA SER MA 140 -79.79 -26.71 -109.10
C SER MA 140 -79.98 -25.21 -108.89
N GLN MA 141 -80.51 -24.50 -109.88
CA GLN MA 141 -80.67 -23.05 -109.75
C GLN MA 141 -81.81 -22.70 -108.80
N THR MA 142 -82.90 -23.48 -108.83
CA THR MA 142 -84.01 -23.25 -107.92
C THR MA 142 -83.58 -23.53 -106.49
N ASN MA 143 -83.93 -22.63 -105.58
CA ASN MA 143 -83.56 -22.74 -104.18
C ASN MA 143 -84.82 -22.94 -103.34
N VAL MA 144 -84.83 -24.00 -102.54
CA VAL MA 144 -86.00 -24.37 -101.74
C VAL MA 144 -86.01 -23.48 -100.50
N SER MA 145 -86.97 -22.56 -100.44
CA SER MA 145 -87.12 -21.71 -99.27
C SER MA 145 -87.81 -22.48 -98.15
N GLN MA 146 -87.52 -22.06 -96.92
CA GLN MA 146 -88.11 -22.71 -95.75
C GLN MA 146 -89.62 -22.49 -95.72
N SER MA 147 -90.33 -23.46 -95.14
CA SER MA 147 -91.78 -23.35 -95.00
C SER MA 147 -92.16 -22.16 -94.15
N LYS MA 148 -93.21 -21.46 -94.56
CA LYS MA 148 -93.73 -20.33 -93.78
C LYS MA 148 -94.78 -20.82 -92.77
N ASP MA 149 -95.86 -21.42 -93.27
CA ASP MA 149 -96.87 -21.95 -92.37
C ASP MA 149 -96.25 -23.00 -91.44
N SER MA 150 -96.67 -22.98 -90.18
CA SER MA 150 -95.94 -23.72 -89.15
C SER MA 150 -96.14 -25.23 -89.27
N ASP MA 151 -97.37 -25.68 -89.50
CA ASP MA 151 -97.69 -27.09 -89.38
C ASP MA 151 -97.28 -27.91 -90.60
N VAL MA 152 -96.96 -27.28 -91.73
CA VAL MA 152 -96.30 -27.97 -92.83
C VAL MA 152 -94.80 -27.84 -92.65
N TYR MA 153 -94.09 -28.96 -92.77
CA TYR MA 153 -92.66 -29.03 -92.48
C TYR MA 153 -91.93 -29.35 -93.78
N ILE MA 154 -91.32 -28.32 -94.37
CA ILE MA 154 -90.62 -28.46 -95.64
C ILE MA 154 -89.18 -28.90 -95.37
N THR MA 155 -88.77 -29.99 -96.03
CA THR MA 155 -87.40 -30.47 -95.89
C THR MA 155 -86.46 -29.67 -96.79
N ASP MA 156 -85.17 -29.74 -96.45
CA ASP MA 156 -84.17 -29.06 -97.24
C ASP MA 156 -83.97 -29.77 -98.58
N LYS MA 157 -83.30 -29.08 -99.49
CA LYS MA 157 -83.01 -29.65 -100.81
C LYS MA 157 -82.05 -30.83 -100.68
N CYS MA 158 -82.28 -31.84 -101.51
CA CYS MA 158 -81.44 -33.03 -101.56
C CYS MA 158 -81.22 -33.41 -103.02
N VAL MA 159 -80.11 -34.09 -103.29
CA VAL MA 159 -79.70 -34.42 -104.65
C VAL MA 159 -79.64 -35.94 -104.79
N LEU MA 160 -80.40 -36.47 -105.74
CA LEU MA 160 -80.45 -37.89 -106.04
C LEU MA 160 -79.56 -38.21 -107.25
N ASP MA 161 -79.25 -39.49 -107.41
CA ASP MA 161 -78.38 -39.92 -108.50
C ASP MA 161 -78.67 -41.39 -108.81
N MET MA 162 -79.37 -41.63 -109.91
CA MET MA 162 -79.55 -42.98 -110.45
C MET MA 162 -78.37 -43.27 -111.38
N ARG MA 163 -77.47 -44.14 -110.93
CA ARG MA 163 -76.20 -44.32 -111.65
C ARG MA 163 -76.41 -45.08 -112.94
N SER MA 164 -77.34 -46.04 -112.97
CA SER MA 164 -77.52 -46.86 -114.16
C SER MA 164 -78.07 -46.05 -115.33
N MET MA 165 -78.84 -45.00 -115.06
CA MET MA 165 -79.42 -44.17 -116.11
C MET MA 165 -78.68 -42.86 -116.31
N ASP MA 166 -77.65 -42.59 -115.50
CA ASP MA 166 -76.90 -41.32 -115.56
C ASP MA 166 -77.85 -40.12 -115.43
N PHE MA 167 -78.80 -40.23 -114.51
CA PHE MA 167 -79.77 -39.17 -114.24
C PHE MA 167 -79.55 -38.63 -112.83
N LYS MA 168 -79.60 -37.32 -112.70
CA LYS MA 168 -79.47 -36.64 -111.42
C LYS MA 168 -80.69 -35.77 -111.20
N SER MA 169 -81.28 -35.87 -110.01
CA SER MA 169 -82.49 -35.12 -109.69
C SER MA 169 -82.37 -34.54 -108.29
N ASN MA 170 -83.10 -33.45 -108.07
CA ASN MA 170 -83.21 -32.82 -106.77
C ASN MA 170 -84.61 -33.06 -106.22
N SER MA 171 -84.74 -33.05 -104.90
CA SER MA 171 -86.01 -33.37 -104.27
C SER MA 171 -86.21 -32.56 -103.00
N ALA MA 172 -87.47 -32.28 -102.69
CA ALA MA 172 -87.87 -31.63 -101.45
C ALA MA 172 -89.24 -32.18 -101.04
N VAL MA 173 -89.44 -32.29 -99.74
CA VAL MA 173 -90.62 -32.96 -99.18
C VAL MA 173 -91.29 -32.05 -98.16
N ALA MA 174 -92.62 -32.05 -98.16
CA ALA MA 174 -93.40 -31.30 -97.18
C ALA MA 174 -94.58 -32.14 -96.72
N TRP MA 175 -94.71 -32.33 -95.42
CA TRP MA 175 -95.82 -33.08 -94.86
C TRP MA 175 -96.64 -32.19 -93.92
N SER MA 176 -97.87 -32.60 -93.67
CA SER MA 176 -98.77 -31.88 -92.78
C SER MA 176 -99.94 -32.79 -92.41
N ASN MA 177 -100.20 -32.93 -91.12
CA ASN MA 177 -101.36 -33.70 -90.68
C ASN MA 177 -102.67 -32.97 -90.96
N LYS MA 178 -102.61 -31.66 -91.26
CA LYS MA 178 -103.81 -30.92 -91.59
C LYS MA 178 -104.46 -31.43 -92.87
N SER MA 179 -105.80 -31.43 -92.88
CA SER MA 179 -106.56 -31.74 -94.09
C SER MA 179 -106.68 -30.53 -95.00
N ASP MA 180 -106.50 -29.33 -94.45
CA ASP MA 180 -106.52 -28.10 -95.24
C ASP MA 180 -105.21 -27.88 -95.99
N PHE MA 181 -104.71 -28.97 -96.60
CA PHE MA 181 -103.37 -29.02 -97.18
C PHE MA 181 -103.43 -29.66 -98.56
N ALA MA 182 -102.97 -28.93 -99.57
CA ALA MA 182 -102.86 -29.44 -100.92
C ALA MA 182 -101.50 -29.04 -101.51
N CYS MA 183 -101.03 -29.83 -102.48
CA CYS MA 183 -99.74 -29.54 -103.09
C CYS MA 183 -99.76 -28.27 -103.91
N ALA MA 184 -100.92 -27.90 -104.44
CA ALA MA 184 -101.04 -26.63 -105.17
C ALA MA 184 -100.81 -25.44 -104.25
N ASN MA 185 -101.31 -25.53 -103.01
CA ASN MA 185 -101.13 -24.48 -102.01
C ASN MA 185 -99.91 -24.72 -101.12
N ALA MA 186 -99.13 -25.75 -101.41
CA ALA MA 186 -97.88 -26.01 -100.69
C ALA MA 186 -96.70 -25.54 -101.54
N PHE MA 187 -95.54 -25.44 -100.91
CA PHE MA 187 -94.30 -24.98 -101.52
C PHE MA 187 -94.41 -23.55 -102.05
N ASN MA 188 -95.45 -22.81 -101.66
CA ASN MA 188 -95.74 -21.53 -102.29
C ASN MA 188 -94.71 -20.45 -101.95
N ASN MA 189 -93.98 -20.61 -100.85
CA ASN MA 189 -93.06 -19.57 -100.40
C ASN MA 189 -91.77 -19.55 -101.23
N SER MA 190 -91.52 -20.56 -102.05
CA SER MA 190 -90.26 -20.70 -102.76
C SER MA 190 -90.35 -20.13 -104.18
N ILE MA 191 -89.21 -20.15 -104.88
CA ILE MA 191 -89.14 -19.63 -106.25
C ILE MA 191 -89.47 -20.79 -107.18
N ILE MA 192 -90.77 -21.02 -107.35
CA ILE MA 192 -91.24 -22.13 -108.18
C ILE MA 192 -91.10 -21.75 -109.66
N PRO MA 193 -90.35 -22.53 -110.44
CA PRO MA 193 -90.32 -22.29 -111.88
C PRO MA 193 -91.70 -22.50 -112.50
N GLU MA 194 -91.98 -21.77 -113.57
CA GLU MA 194 -93.31 -21.79 -114.17
C GLU MA 194 -93.57 -23.05 -114.98
N ASP MA 195 -92.58 -23.91 -115.16
CA ASP MA 195 -92.72 -25.12 -115.96
C ASP MA 195 -93.04 -26.35 -115.12
N THR MA 196 -93.42 -26.17 -113.86
CA THR MA 196 -93.71 -27.30 -112.99
C THR MA 196 -95.05 -27.93 -113.35
N PHE MA 197 -95.12 -29.26 -113.21
CA PHE MA 197 -96.33 -30.02 -113.46
C PHE MA 197 -97.20 -30.05 -112.20
N PHE MA 198 -98.52 -30.16 -112.43
CA PHE MA 198 -99.48 -30.24 -111.33
C PHE MA 198 -100.60 -31.19 -111.75
N PRO MA 199 -100.90 -32.23 -110.96
CA PRO MA 199 -101.95 -33.21 -111.25
C PRO MA 199 -103.34 -32.60 -111.21
N ALA NA 2 -53.61 -48.28 -89.09
CA ALA NA 2 -54.56 -47.38 -89.72
C ALA NA 2 -55.97 -47.57 -89.16
N ALA NA 3 -56.17 -48.69 -88.48
CA ALA NA 3 -57.49 -49.08 -87.98
C ALA NA 3 -57.61 -48.63 -86.52
N VAL NA 4 -58.41 -47.58 -86.29
CA VAL NA 4 -58.70 -47.07 -84.96
C VAL NA 4 -60.18 -47.30 -84.68
N THR NA 5 -60.49 -47.83 -83.50
CA THR NA 5 -61.86 -48.13 -83.10
C THR NA 5 -62.26 -47.24 -81.94
N GLN NA 6 -63.56 -47.15 -81.71
CA GLN NA 6 -64.12 -46.34 -80.64
C GLN NA 6 -65.32 -47.06 -80.02
N SER NA 7 -65.47 -46.94 -78.71
CA SER NA 7 -66.54 -47.61 -77.99
C SER NA 7 -66.94 -46.80 -76.76
N PRO NA 8 -68.20 -46.37 -76.66
CA PRO NA 8 -69.31 -46.62 -77.57
C PRO NA 8 -69.21 -45.78 -78.84
N ARG NA 9 -70.18 -45.90 -79.74
CA ARG NA 9 -70.26 -45.06 -80.92
C ARG NA 9 -71.45 -44.12 -80.88
N ASN NA 10 -72.45 -44.39 -80.05
CA ASN NA 10 -73.59 -43.51 -79.84
C ASN NA 10 -74.04 -43.68 -78.39
N LYS NA 11 -73.98 -42.61 -77.62
CA LYS NA 11 -74.28 -42.70 -76.19
C LYS NA 11 -75.22 -41.57 -75.77
N VAL NA 12 -76.23 -41.93 -74.99
CA VAL NA 12 -77.17 -40.97 -74.40
C VAL NA 12 -77.03 -41.06 -72.89
N ALA NA 13 -76.69 -39.95 -72.26
CA ALA NA 13 -76.40 -39.92 -70.83
C ALA NA 13 -77.30 -38.90 -70.12
N VAL NA 14 -77.11 -38.79 -68.81
CA VAL NA 14 -77.86 -37.87 -67.97
C VAL NA 14 -76.88 -37.00 -67.19
N THR NA 15 -77.29 -35.75 -66.94
CA THR NA 15 -76.45 -34.80 -66.23
C THR NA 15 -76.06 -35.35 -64.86
N GLY NA 16 -74.76 -35.47 -64.64
CA GLY NA 16 -74.22 -36.03 -63.41
C GLY NA 16 -73.65 -37.43 -63.56
N GLY NA 17 -73.94 -38.11 -64.67
CA GLY NA 17 -73.45 -39.47 -64.85
C GLY NA 17 -72.01 -39.52 -65.29
N LYS NA 18 -71.45 -40.73 -65.24
CA LYS NA 18 -70.08 -40.98 -65.65
C LYS NA 18 -70.09 -41.67 -67.02
N VAL NA 19 -69.53 -41.00 -68.03
CA VAL NA 19 -69.43 -41.55 -69.38
C VAL NA 19 -67.95 -41.81 -69.66
N THR NA 20 -67.61 -43.06 -69.95
CA THR NA 20 -66.24 -43.46 -70.25
C THR NA 20 -66.17 -43.88 -71.72
N LEU NA 21 -65.68 -42.98 -72.56
CA LEU NA 21 -65.50 -43.25 -73.98
C LEU NA 21 -64.13 -43.89 -74.18
N SER NA 22 -64.06 -44.88 -75.06
CA SER NA 22 -62.84 -45.68 -75.21
C SER NA 22 -62.41 -45.72 -76.66
N CYS NA 23 -61.10 -45.91 -76.85
CA CYS NA 23 -60.47 -45.91 -78.17
C CYS NA 23 -59.36 -46.96 -78.17
N ASN NA 24 -59.30 -47.76 -79.23
CA ASN NA 24 -58.34 -48.86 -79.33
C ASN NA 24 -57.64 -48.79 -80.68
N GLN NA 25 -56.32 -48.75 -80.65
CA GLN NA 25 -55.48 -48.78 -81.84
C GLN NA 25 -54.76 -50.11 -81.94
N THR NA 26 -54.28 -50.43 -83.15
CA THR NA 26 -53.53 -51.65 -83.39
C THR NA 26 -52.37 -51.40 -84.36
N ASN NA 27 -51.85 -50.18 -84.38
CA ASN NA 27 -50.86 -49.75 -85.37
C ASN NA 27 -49.60 -49.19 -84.70
N ASN NA 28 -49.32 -49.64 -83.48
CA ASN NA 28 -48.11 -49.30 -82.73
C ASN NA 28 -47.79 -47.80 -82.82
N HIS NA 29 -48.79 -46.99 -82.47
CA HIS NA 29 -48.60 -45.54 -82.40
C HIS NA 29 -48.45 -45.16 -80.94
N ASN NA 30 -47.27 -44.64 -80.57
CA ASN NA 30 -47.04 -44.26 -79.18
C ASN NA 30 -47.92 -43.08 -78.76
N ASN NA 31 -48.30 -42.22 -79.71
CA ASN NA 31 -49.09 -41.03 -79.41
C ASN NA 31 -50.54 -41.25 -79.81
N MET NA 32 -51.46 -40.90 -78.90
CA MET NA 32 -52.89 -41.01 -79.14
C MET NA 32 -53.57 -39.75 -78.64
N TYR NA 33 -54.67 -39.38 -79.29
CA TYR NA 33 -55.32 -38.10 -79.02
C TYR NA 33 -56.82 -38.28 -78.86
N TRP NA 34 -57.45 -37.29 -78.23
CA TRP NA 34 -58.90 -37.28 -78.02
C TRP NA 34 -59.39 -35.88 -78.35
N TYR NA 35 -60.16 -35.74 -79.43
CA TYR NA 35 -60.62 -34.44 -79.90
C TYR NA 35 -62.10 -34.25 -79.62
N ARG NA 36 -62.56 -33.02 -79.89
CA ARG NA 36 -63.97 -32.64 -79.73
C ARG NA 36 -64.33 -31.71 -80.88
N GLN NA 37 -65.27 -32.13 -81.73
CA GLN NA 37 -65.66 -31.36 -82.91
C GLN NA 37 -67.00 -30.70 -82.66
N ASP NA 38 -67.00 -29.39 -82.50
CA ASP NA 38 -68.20 -28.58 -82.38
C ASP NA 38 -68.31 -27.63 -83.57
N THR NA 39 -69.54 -27.37 -84.00
CA THR NA 39 -69.77 -26.51 -85.16
C THR NA 39 -69.25 -25.10 -84.90
N GLY NA 40 -68.28 -24.68 -85.72
CA GLY NA 40 -67.65 -23.38 -85.57
C GLY NA 40 -66.33 -23.39 -84.83
N HIS NA 41 -65.93 -24.53 -84.27
CA HIS NA 41 -64.66 -24.64 -83.56
C HIS NA 41 -63.68 -25.61 -84.20
N GLY NA 42 -64.15 -26.53 -85.04
CA GLY NA 42 -63.28 -27.55 -85.59
C GLY NA 42 -62.87 -28.54 -84.51
N LEU NA 43 -61.85 -29.33 -84.83
CA LEU NA 43 -61.33 -30.30 -83.88
C LEU NA 43 -60.54 -29.58 -82.79
N ARG NA 44 -60.90 -29.85 -81.52
CA ARG NA 44 -60.29 -29.20 -80.37
C ARG NA 44 -59.78 -30.28 -79.44
N LEU NA 45 -58.46 -30.32 -79.21
CA LEU NA 45 -57.86 -31.35 -78.38
C LEU NA 45 -58.29 -31.20 -76.92
N ILE NA 46 -58.70 -32.31 -76.31
CA ILE NA 46 -59.07 -32.33 -74.91
C ILE NA 46 -57.90 -32.86 -74.10
N HIS NA 47 -57.53 -34.10 -74.36
CA HIS NA 47 -56.43 -34.77 -73.68
C HIS NA 47 -55.64 -35.56 -74.72
N TYR NA 48 -54.36 -35.78 -74.44
CA TYR NA 48 -53.54 -36.58 -75.34
C TYR NA 48 -52.50 -37.33 -74.53
N SER NA 49 -51.81 -38.25 -75.19
CA SER NA 49 -50.88 -39.15 -74.51
C SER NA 49 -49.66 -39.38 -75.39
N TYR NA 50 -48.47 -39.26 -74.79
CA TYR NA 50 -47.22 -39.53 -75.47
C TYR NA 50 -46.81 -40.99 -75.40
N GLY NA 51 -47.47 -41.78 -74.55
CA GLY NA 51 -47.12 -43.18 -74.38
C GLY NA 51 -47.99 -43.81 -73.32
N ALA NA 52 -47.75 -45.09 -73.07
CA ALA NA 52 -48.54 -45.83 -72.10
C ALA NA 52 -48.22 -45.36 -70.68
N GLY NA 53 -49.27 -45.04 -69.92
CA GLY NA 53 -49.11 -44.59 -68.56
C GLY NA 53 -48.90 -43.10 -68.39
N SER NA 54 -49.00 -42.32 -69.47
CA SER NA 54 -48.76 -40.88 -69.43
C SER NA 54 -49.89 -40.19 -70.18
N THR NA 55 -50.64 -39.34 -69.48
CA THR NA 55 -51.73 -38.58 -70.07
C THR NA 55 -51.53 -37.10 -69.77
N GLU NA 56 -51.43 -36.28 -70.81
CA GLU NA 56 -51.21 -34.85 -70.68
C GLU NA 56 -52.43 -34.09 -71.17
N LYS NA 57 -52.62 -32.90 -70.60
CA LYS NA 57 -53.80 -32.09 -70.89
C LYS NA 57 -53.63 -31.35 -72.21
N GLY NA 58 -54.75 -31.12 -72.88
CA GLY NA 58 -54.80 -30.42 -74.17
C GLY NA 58 -55.21 -28.97 -74.04
N ASP NA 59 -56.03 -28.52 -74.98
CA ASP NA 59 -56.50 -27.14 -74.98
C ASP NA 59 -57.76 -26.94 -74.15
N ILE NA 60 -58.65 -27.92 -74.10
CA ILE NA 60 -59.86 -27.82 -73.29
C ILE NA 60 -59.97 -29.03 -72.37
N PRO NA 61 -59.08 -29.19 -71.38
CA PRO NA 61 -59.12 -30.39 -70.54
C PRO NA 61 -60.13 -30.32 -69.40
N ASP NA 62 -60.69 -29.14 -69.12
CA ASP NA 62 -61.60 -28.99 -67.98
C ASP NA 62 -62.90 -29.74 -68.25
N GLY NA 63 -63.36 -30.47 -67.24
CA GLY NA 63 -64.54 -31.30 -67.37
C GLY NA 63 -64.28 -32.72 -67.82
N TYR NA 64 -63.07 -33.02 -68.29
CA TYR NA 64 -62.73 -34.35 -68.79
C TYR NA 64 -61.48 -34.86 -68.09
N LYS NA 65 -61.38 -36.18 -68.00
CA LYS NA 65 -60.18 -36.87 -67.55
C LYS NA 65 -59.88 -38.01 -68.50
N ALA NA 66 -58.62 -38.44 -68.54
CA ALA NA 66 -58.21 -39.46 -69.49
C ALA NA 66 -57.23 -40.41 -68.83
N SER NA 67 -57.14 -41.62 -69.40
CA SER NA 67 -56.27 -42.65 -68.88
C SER NA 67 -55.76 -43.50 -70.05
N ARG NA 68 -54.47 -43.84 -69.99
CA ARG NA 68 -53.82 -44.68 -71.01
C ARG NA 68 -53.28 -45.92 -70.33
N PRO NA 69 -54.09 -46.98 -70.18
CA PRO NA 69 -53.58 -48.20 -69.56
C PRO NA 69 -52.50 -48.87 -70.38
N SER NA 70 -52.68 -48.96 -71.70
CA SER NA 70 -51.70 -49.56 -72.59
C SER NA 70 -51.53 -48.67 -73.81
N GLN NA 71 -50.56 -49.04 -74.65
CA GLN NA 71 -50.38 -48.34 -75.92
C GLN NA 71 -51.59 -48.49 -76.82
N GLU NA 72 -52.34 -49.58 -76.67
CA GLU NA 72 -53.49 -49.84 -77.55
C GLU NA 72 -54.71 -49.04 -77.16
N ASN NA 73 -54.95 -48.84 -75.86
CA ASN NA 73 -56.20 -48.27 -75.38
C ASN NA 73 -55.98 -46.90 -74.74
N PHE NA 74 -56.90 -45.98 -75.04
CA PHE NA 74 -56.89 -44.62 -74.51
C PHE NA 74 -58.34 -44.22 -74.27
N SER NA 75 -58.69 -43.96 -73.01
CA SER NA 75 -60.08 -43.75 -72.62
C SER NA 75 -60.28 -42.34 -72.06
N LEU NA 76 -61.39 -41.72 -72.45
CA LEU NA 76 -61.79 -40.39 -71.97
C LEU NA 76 -62.94 -40.55 -70.99
N ILE NA 77 -62.75 -40.06 -69.77
CA ILE NA 77 -63.71 -40.24 -68.68
C ILE NA 77 -64.38 -38.91 -68.38
N LEU NA 78 -65.71 -38.94 -68.23
CA LEU NA 78 -66.54 -37.78 -67.94
C LEU NA 78 -67.28 -38.05 -66.63
N GLU NA 79 -66.59 -37.87 -65.51
CA GLU NA 79 -67.17 -38.28 -64.22
C GLU NA 79 -68.45 -37.50 -63.91
N LEU NA 80 -68.42 -36.19 -64.07
CA LEU NA 80 -69.59 -35.34 -63.89
C LEU NA 80 -69.98 -34.78 -65.25
N ALA NA 81 -71.07 -35.30 -65.81
CA ALA NA 81 -71.50 -34.93 -67.15
C ALA NA 81 -72.38 -33.68 -67.11
N THR NA 82 -72.14 -32.78 -68.05
CA THR NA 82 -72.91 -31.56 -68.22
C THR NA 82 -73.50 -31.53 -69.63
N PRO NA 83 -74.61 -30.81 -69.84
CA PRO NA 83 -75.14 -30.66 -71.20
C PRO NA 83 -74.16 -29.96 -72.15
N SER NA 84 -73.20 -29.21 -71.62
CA SER NA 84 -72.18 -28.56 -72.44
C SER NA 84 -71.10 -29.53 -72.93
N GLN NA 85 -71.23 -30.82 -72.62
CA GLN NA 85 -70.31 -31.84 -73.11
C GLN NA 85 -70.94 -32.69 -74.19
N THR NA 86 -72.03 -32.20 -74.80
CA THR NA 86 -72.69 -32.89 -75.91
C THR NA 86 -71.97 -32.51 -77.20
N SER NA 87 -71.34 -33.49 -77.84
CA SER NA 87 -70.62 -33.24 -79.08
C SER NA 87 -70.27 -34.59 -79.70
N VAL NA 88 -69.58 -34.53 -80.85
CA VAL NA 88 -69.01 -35.70 -81.49
C VAL NA 88 -67.53 -35.77 -81.08
N TYR NA 89 -67.15 -36.85 -80.43
CA TYR NA 89 -65.81 -37.02 -79.88
C TYR NA 89 -65.00 -37.95 -80.78
N PHE NA 90 -63.83 -37.47 -81.21
CA PHE NA 90 -62.96 -38.19 -82.13
C PHE NA 90 -61.67 -38.56 -81.43
N CYS NA 91 -61.07 -39.67 -81.85
CA CYS NA 91 -59.82 -40.15 -81.30
C CYS NA 91 -58.83 -40.40 -82.43
N ALA NA 92 -57.56 -40.06 -82.21
CA ALA NA 92 -56.55 -40.14 -83.25
C ALA NA 92 -55.30 -40.84 -82.74
N SER NA 93 -54.50 -41.34 -83.68
CA SER NA 93 -53.25 -42.03 -83.36
C SER NA 93 -52.19 -41.65 -84.39
N GLY NA 94 -51.00 -41.30 -83.91
CA GLY NA 94 -49.90 -40.92 -84.77
C GLY NA 94 -48.58 -41.30 -84.14
N ASP NA 95 -47.49 -41.01 -84.86
CA ASP NA 95 -46.14 -41.43 -84.44
C ASP NA 95 -45.19 -40.24 -84.56
N PHE NA 96 -45.27 -39.33 -83.58
CA PHE NA 96 -44.39 -38.16 -83.45
C PHE NA 96 -44.02 -37.52 -84.78
N GLY NA 97 -45.05 -36.95 -85.45
CA GLY NA 97 -44.87 -36.23 -86.70
C GLY NA 97 -43.92 -36.88 -87.70
N GLY NA 98 -44.38 -37.89 -88.41
CA GLY NA 98 -45.77 -38.28 -88.36
C GLY NA 98 -46.48 -37.80 -89.61
N TYR NA 99 -46.60 -38.70 -90.59
CA TYR NA 99 -47.18 -38.33 -91.87
C TYR NA 99 -48.67 -38.03 -91.74
N GLU NA 100 -49.37 -38.75 -90.87
CA GLU NA 100 -50.82 -38.64 -90.80
C GLU NA 100 -51.30 -39.00 -89.40
N GLN NA 101 -52.32 -38.27 -88.93
CA GLN NA 101 -53.06 -38.65 -87.73
C GLN NA 101 -54.27 -39.45 -88.16
N TYR NA 102 -54.34 -40.71 -87.71
CA TYR NA 102 -55.41 -41.62 -88.13
C TYR NA 102 -56.59 -41.44 -87.18
N PHE NA 103 -57.71 -40.96 -87.72
CA PHE NA 103 -58.89 -40.66 -86.92
C PHE NA 103 -59.85 -41.84 -86.89
N GLY NA 104 -60.45 -42.08 -85.72
CA GLY NA 104 -61.39 -43.15 -85.55
C GLY NA 104 -62.77 -42.76 -86.01
N PRO NA 105 -63.72 -43.69 -85.81
CA PRO NA 105 -65.09 -43.44 -86.31
C PRO NA 105 -65.76 -42.22 -85.70
N GLY NA 106 -65.68 -42.07 -84.39
CA GLY NA 106 -66.27 -40.94 -83.70
C GLY NA 106 -67.49 -41.36 -82.92
N THR NA 107 -67.62 -40.83 -81.71
CA THR NA 107 -68.73 -41.15 -80.82
C THR NA 107 -69.62 -39.94 -80.66
N ARG NA 108 -70.93 -40.16 -80.77
CA ARG NA 108 -71.93 -39.10 -80.65
C ARG NA 108 -72.52 -39.17 -79.24
N LEU NA 109 -72.03 -38.30 -78.35
CA LEU NA 109 -72.52 -38.21 -76.99
C LEU NA 109 -73.59 -37.12 -76.91
N THR NA 110 -74.70 -37.43 -76.25
CA THR NA 110 -75.82 -36.50 -76.10
C THR NA 110 -76.21 -36.52 -74.62
N VAL NA 111 -75.63 -35.61 -73.85
CA VAL NA 111 -75.92 -35.52 -72.42
C VAL NA 111 -77.26 -34.78 -72.26
N LEU NA 112 -78.28 -35.51 -71.84
CA LEU NA 112 -79.57 -34.93 -71.51
C LEU NA 112 -79.68 -34.72 -70.01
N GLU NA 113 -80.76 -34.05 -69.61
CA GLU NA 113 -81.05 -33.87 -68.19
C GLU NA 113 -82.03 -34.91 -67.66
N ASP NA 114 -82.75 -35.58 -68.54
CA ASP NA 114 -83.75 -36.58 -68.16
C ASP NA 114 -84.01 -37.49 -69.35
N LEU NA 115 -84.04 -38.79 -69.11
CA LEU NA 115 -84.27 -39.76 -70.18
C LEU NA 115 -85.73 -39.85 -70.59
N LYS NA 116 -86.63 -39.15 -69.90
CA LYS NA 116 -88.06 -39.27 -70.19
C LYS NA 116 -88.45 -38.67 -71.53
N ASN NA 117 -87.56 -37.93 -72.18
CA ASN NA 117 -87.82 -37.35 -73.48
C ASN NA 117 -87.42 -38.26 -74.64
N VAL NA 118 -86.81 -39.40 -74.35
CA VAL NA 118 -86.27 -40.26 -75.40
C VAL NA 118 -87.39 -41.07 -76.03
N PHE NA 119 -87.51 -40.98 -77.36
CA PHE NA 119 -88.53 -41.71 -78.10
C PHE NA 119 -87.91 -42.39 -79.31
N PRO NA 120 -88.36 -43.60 -79.64
CA PRO NA 120 -87.95 -44.21 -80.90
C PRO NA 120 -88.72 -43.61 -82.07
N PRO NA 121 -88.21 -43.71 -83.28
CA PRO NA 121 -88.90 -43.12 -84.44
C PRO NA 121 -90.05 -43.99 -84.91
N GLU NA 122 -90.97 -43.36 -85.62
CA GLU NA 122 -92.04 -44.03 -86.35
C GLU NA 122 -91.78 -43.84 -87.84
N VAL NA 123 -91.67 -44.95 -88.56
CA VAL NA 123 -91.21 -44.94 -89.95
C VAL NA 123 -92.36 -45.38 -90.85
N ALA NA 124 -92.61 -44.63 -91.91
CA ALA NA 124 -93.65 -44.95 -92.89
C ALA NA 124 -93.13 -44.65 -94.29
N VAL NA 125 -93.45 -45.53 -95.24
CA VAL NA 125 -93.00 -45.41 -96.62
C VAL NA 125 -94.20 -45.10 -97.49
N PHE NA 126 -94.04 -44.13 -98.39
CA PHE NA 126 -95.13 -43.64 -99.22
C PHE NA 126 -94.87 -44.05 -100.67
N GLU NA 127 -95.86 -44.70 -101.28
CA GLU NA 127 -95.70 -45.22 -102.62
C GLU NA 127 -95.69 -44.07 -103.64
N PRO NA 128 -94.99 -44.26 -104.76
CA PRO NA 128 -94.87 -43.18 -105.74
C PRO NA 128 -96.22 -42.80 -106.34
N SER NA 129 -96.32 -41.53 -106.76
CA SER NA 129 -97.52 -41.05 -107.43
C SER NA 129 -97.51 -41.48 -108.89
N GLU NA 130 -98.67 -41.94 -109.37
CA GLU NA 130 -98.80 -42.34 -110.77
C GLU NA 130 -98.57 -41.18 -111.72
N ALA NA 131 -98.80 -39.94 -111.27
CA ALA NA 131 -98.52 -38.78 -112.11
C ALA NA 131 -97.04 -38.69 -112.47
N GLU NA 132 -96.17 -39.05 -111.52
CA GLU NA 132 -94.74 -39.04 -111.80
C GLU NA 132 -94.36 -40.16 -112.77
N ILE NA 133 -94.99 -41.31 -112.63
CA ILE NA 133 -94.70 -42.44 -113.51
C ILE NA 133 -95.10 -42.10 -114.95
N SER NA 134 -96.28 -41.49 -115.12
CA SER NA 134 -96.74 -41.17 -116.47
C SER NA 134 -95.89 -40.07 -117.10
N HIS NA 135 -95.46 -39.10 -116.29
CA HIS NA 135 -94.80 -37.91 -116.84
C HIS NA 135 -93.31 -38.15 -117.10
N THR NA 136 -92.64 -38.89 -116.21
CA THR NA 136 -91.19 -39.04 -116.29
C THR NA 136 -90.71 -40.49 -116.39
N GLN NA 137 -91.62 -41.46 -116.36
CA GLN NA 137 -91.27 -42.89 -116.38
C GLN NA 137 -90.29 -43.25 -115.27
N LYS NA 138 -90.43 -42.61 -114.12
CA LYS NA 138 -89.59 -42.85 -112.96
C LYS NA 138 -90.46 -42.81 -111.70
N ALA NA 139 -90.05 -43.56 -110.69
CA ALA NA 139 -90.84 -43.70 -109.46
C ALA NA 139 -90.00 -43.27 -108.27
N THR NA 140 -90.54 -42.38 -107.45
CA THR NA 140 -89.87 -41.87 -106.26
C THR NA 140 -90.61 -42.33 -105.02
N LEU NA 141 -89.89 -42.96 -104.09
CA LEU NA 141 -90.43 -43.39 -102.81
C LEU NA 141 -89.93 -42.45 -101.71
N VAL NA 142 -90.84 -42.06 -100.83
CA VAL NA 142 -90.55 -41.14 -99.74
C VAL NA 142 -90.67 -41.88 -98.42
N CYS NA 143 -89.62 -41.82 -97.60
CA CYS NA 143 -89.60 -42.45 -96.28
C CYS NA 143 -89.48 -41.36 -95.23
N LEU NA 144 -90.42 -41.34 -94.29
CA LEU NA 144 -90.43 -40.37 -93.20
C LEU NA 144 -90.16 -41.08 -91.88
N ALA NA 145 -89.20 -40.55 -91.12
CA ALA NA 145 -88.93 -40.98 -89.76
C ALA NA 145 -89.24 -39.81 -88.84
N THR NA 146 -90.28 -39.94 -88.03
CA THR NA 146 -90.79 -38.83 -87.23
C THR NA 146 -90.79 -39.20 -85.76
N GLY NA 147 -90.72 -38.17 -84.92
CA GLY NA 147 -90.86 -38.32 -83.48
C GLY NA 147 -89.76 -39.11 -82.79
N PHE NA 148 -88.51 -38.89 -83.17
CA PHE NA 148 -87.39 -39.54 -82.52
C PHE NA 148 -86.52 -38.52 -81.81
N TYR NA 149 -85.90 -38.95 -80.72
CA TYR NA 149 -85.07 -38.10 -79.89
C TYR NA 149 -84.15 -38.99 -79.06
N PRO NA 150 -82.83 -38.71 -79.03
CA PRO NA 150 -82.10 -37.62 -79.68
C PRO NA 150 -82.02 -37.71 -81.19
N ASP NA 151 -81.22 -36.84 -81.81
CA ASP NA 151 -81.22 -36.73 -83.27
C ASP NA 151 -80.59 -37.93 -83.95
N HIS NA 152 -79.58 -38.54 -83.34
CA HIS NA 152 -78.70 -39.44 -84.07
C HIS NA 152 -79.41 -40.73 -84.43
N VAL NA 153 -79.76 -40.85 -85.73
CA VAL NA 153 -80.29 -42.07 -86.32
C VAL NA 153 -79.57 -42.29 -87.65
N GLU NA 154 -79.72 -43.49 -88.19
CA GLU NA 154 -79.07 -43.86 -89.45
C GLU NA 154 -80.09 -44.53 -90.35
N LEU NA 155 -80.46 -43.84 -91.43
CA LEU NA 155 -81.47 -44.31 -92.37
C LEU NA 155 -80.80 -44.98 -93.56
N SER NA 156 -81.38 -46.08 -94.02
CA SER NA 156 -80.88 -46.80 -95.18
C SER NA 156 -82.05 -47.40 -95.94
N TRP NA 157 -81.85 -47.62 -97.24
CA TRP NA 157 -82.85 -48.23 -98.11
C TRP NA 157 -82.43 -49.65 -98.43
N TRP NA 158 -83.38 -50.58 -98.36
CA TRP NA 158 -83.11 -51.99 -98.61
C TRP NA 158 -84.08 -52.50 -99.64
N VAL NA 159 -83.55 -53.03 -100.74
CA VAL NA 159 -84.35 -53.54 -101.85
C VAL NA 159 -83.99 -55.01 -102.06
N ASN NA 160 -84.98 -55.89 -101.86
CA ASN NA 160 -84.83 -57.32 -102.12
C ASN NA 160 -83.67 -57.91 -101.33
N GLY NA 161 -83.55 -57.51 -100.06
CA GLY NA 161 -82.55 -58.06 -99.17
C GLY NA 161 -81.16 -57.47 -99.33
N LYS NA 162 -80.99 -56.44 -100.15
CA LYS NA 162 -79.68 -55.85 -100.38
C LYS NA 162 -79.80 -54.33 -100.24
N GLU NA 163 -78.90 -53.73 -99.47
CA GLU NA 163 -78.91 -52.30 -99.27
C GLU NA 163 -78.48 -51.60 -100.56
N VAL NA 164 -79.24 -50.58 -100.97
CA VAL NA 164 -78.98 -49.86 -102.21
C VAL NA 164 -78.42 -48.48 -101.86
N HIS NA 165 -77.35 -48.10 -102.53
CA HIS NA 165 -76.76 -46.78 -102.41
C HIS NA 165 -77.05 -45.90 -103.61
N SER NA 166 -77.71 -46.43 -104.63
CA SER NA 166 -77.98 -45.72 -105.86
C SER NA 166 -79.38 -45.11 -105.83
N GLY NA 167 -79.51 -43.91 -106.37
CA GLY NA 167 -80.79 -43.22 -106.37
C GLY NA 167 -81.31 -42.89 -105.00
N VAL NA 168 -80.44 -42.82 -104.00
CA VAL NA 168 -80.82 -42.63 -102.60
C VAL NA 168 -80.12 -41.39 -102.08
N CYS NA 169 -80.87 -40.53 -101.39
CA CYS NA 169 -80.26 -39.46 -100.63
C CYS NA 169 -81.14 -39.17 -99.42
N THR NA 170 -80.50 -38.78 -98.33
CA THR NA 170 -81.19 -38.46 -97.08
C THR NA 170 -80.88 -37.02 -96.71
N ASP NA 171 -81.85 -36.36 -96.07
CA ASP NA 171 -81.66 -34.99 -95.65
C ASP NA 171 -80.42 -34.88 -94.78
N PRO NA 172 -79.59 -33.85 -94.98
CA PRO NA 172 -78.36 -33.74 -94.19
C PRO NA 172 -78.60 -33.57 -92.70
N GLN NA 173 -79.67 -32.87 -92.32
CA GLN NA 173 -79.95 -32.56 -90.93
C GLN NA 173 -81.38 -32.94 -90.58
N PRO NA 174 -81.59 -33.58 -89.43
CA PRO NA 174 -82.95 -33.76 -88.93
C PRO NA 174 -83.55 -32.41 -88.55
N LEU NA 175 -84.81 -32.21 -88.90
CA LEU NA 175 -85.51 -30.97 -88.61
C LEU NA 175 -86.40 -31.14 -87.39
N LYS NA 176 -86.75 -30.01 -86.78
CA LYS NA 176 -87.51 -29.98 -85.54
C LYS NA 176 -89.00 -29.95 -85.84
N GLU NA 177 -89.75 -30.87 -85.23
CA GLU NA 177 -91.20 -30.83 -85.32
C GLU NA 177 -91.81 -29.71 -84.48
N GLN NA 178 -91.04 -29.12 -83.57
CA GLN NA 178 -91.51 -28.02 -82.73
C GLN NA 178 -90.29 -27.19 -82.33
N PRO NA 179 -89.78 -26.36 -83.24
CA PRO NA 179 -88.49 -25.69 -82.98
C PRO NA 179 -88.46 -24.88 -81.71
N ALA NA 180 -89.56 -24.21 -81.35
CA ALA NA 180 -89.57 -23.38 -80.16
C ALA NA 180 -89.48 -24.22 -78.89
N LEU NA 181 -90.25 -25.31 -78.83
CA LEU NA 181 -90.27 -26.16 -77.64
C LEU NA 181 -88.91 -26.80 -77.41
N ASN NA 182 -88.38 -26.65 -76.20
CA ASN NA 182 -87.12 -27.28 -75.85
C ASN NA 182 -87.29 -28.79 -75.77
N ASP NA 183 -86.24 -29.52 -76.16
CA ASP NA 183 -86.26 -30.99 -76.23
C ASP NA 183 -87.40 -31.47 -77.12
N SER NA 184 -87.55 -30.84 -78.28
CA SER NA 184 -88.55 -31.27 -79.25
C SER NA 184 -88.02 -32.45 -80.05
N ARG NA 185 -88.93 -33.32 -80.46
CA ARG NA 185 -88.55 -34.50 -81.23
C ARG NA 185 -88.23 -34.12 -82.67
N TYR NA 186 -87.31 -34.87 -83.27
CA TYR NA 186 -86.81 -34.57 -84.60
C TYR NA 186 -87.55 -35.38 -85.65
N ALA NA 187 -87.30 -35.05 -86.91
CA ALA NA 187 -87.90 -35.74 -88.05
C ALA NA 187 -86.89 -35.78 -89.19
N LEU NA 188 -86.92 -36.87 -89.95
CA LEU NA 188 -85.98 -37.07 -91.04
C LEU NA 188 -86.70 -37.68 -92.23
N SER NA 189 -86.26 -37.32 -93.43
CA SER NA 189 -86.84 -37.82 -94.67
C SER NA 189 -85.74 -38.30 -95.60
N SER NA 190 -86.12 -39.17 -96.52
CA SER NA 190 -85.19 -39.70 -97.51
C SER NA 190 -85.98 -40.07 -98.76
N ARG NA 191 -85.27 -40.15 -99.88
CA ARG NA 191 -85.88 -40.40 -101.18
C ARG NA 191 -85.14 -41.52 -101.90
N LEU NA 192 -85.92 -42.37 -102.58
CA LEU NA 192 -85.39 -43.41 -103.45
C LEU NA 192 -86.12 -43.35 -104.78
N ARG NA 193 -85.37 -43.34 -105.87
CA ARG NA 193 -85.93 -43.31 -107.21
C ARG NA 193 -85.43 -44.51 -108.01
N VAL NA 194 -86.37 -45.19 -108.67
CA VAL NA 194 -86.06 -46.28 -109.59
C VAL NA 194 -86.92 -46.12 -110.83
N SER NA 195 -86.63 -46.93 -111.85
CA SER NA 195 -87.38 -46.87 -113.09
C SER NA 195 -88.83 -47.28 -112.85
N ALA NA 196 -89.72 -46.76 -113.71
CA ALA NA 196 -91.14 -47.07 -113.58
C ALA NA 196 -91.40 -48.57 -113.74
N THR NA 197 -90.70 -49.21 -114.67
CA THR NA 197 -90.88 -50.65 -114.86
C THR NA 197 -90.45 -51.43 -113.63
N PHE NA 198 -89.36 -51.00 -112.98
CA PHE NA 198 -88.91 -51.66 -111.76
C PHE NA 198 -89.95 -51.54 -110.65
N TRP NA 199 -90.63 -50.39 -110.57
CA TRP NA 199 -91.68 -50.22 -109.57
C TRP NA 199 -92.90 -51.08 -109.88
N GLN NA 200 -93.20 -51.30 -111.15
CA GLN NA 200 -94.41 -52.02 -111.54
C GLN NA 200 -94.28 -53.53 -111.34
N ASN NA 201 -93.09 -54.03 -111.07
CA ASN NA 201 -92.90 -55.45 -110.78
C ASN NA 201 -93.31 -55.73 -109.34
N PRO NA 202 -94.38 -56.49 -109.09
CA PRO NA 202 -94.80 -56.72 -107.70
C PRO NA 202 -93.86 -57.62 -106.93
N ARG NA 203 -92.98 -58.36 -107.60
CA ARG NA 203 -92.04 -59.26 -106.94
C ARG NA 203 -90.79 -58.54 -106.42
N ASN NA 204 -90.82 -57.21 -106.34
CA ASN NA 204 -89.74 -56.42 -105.78
C ASN NA 204 -90.17 -55.87 -104.42
N HIS NA 205 -89.31 -56.05 -103.42
CA HIS NA 205 -89.59 -55.63 -102.05
C HIS NA 205 -88.75 -54.42 -101.69
N PHE NA 206 -89.41 -53.36 -101.24
CA PHE NA 206 -88.74 -52.12 -100.83
C PHE NA 206 -88.92 -51.94 -99.34
N ARG NA 207 -87.81 -51.70 -98.63
CA ARG NA 207 -87.85 -51.50 -97.19
C ARG NA 207 -86.97 -50.32 -96.81
N CYS NA 208 -87.49 -49.45 -95.96
CA CYS NA 208 -86.76 -48.33 -95.40
C CYS NA 208 -86.40 -48.66 -93.96
N GLN NA 209 -85.12 -48.70 -93.65
CA GLN NA 209 -84.62 -49.11 -92.34
C GLN NA 209 -83.98 -47.92 -91.63
N VAL NA 210 -84.45 -47.64 -90.42
CA VAL NA 210 -83.92 -46.58 -89.58
C VAL NA 210 -83.33 -47.21 -88.34
N GLN NA 211 -82.03 -46.96 -88.10
CA GLN NA 211 -81.37 -47.43 -86.88
C GLN NA 211 -81.42 -46.30 -85.85
N PHE NA 212 -82.16 -46.53 -84.78
CA PHE NA 212 -82.26 -45.59 -83.68
C PHE NA 212 -81.29 -46.00 -82.58
N TYR NA 213 -80.48 -45.05 -82.13
CA TYR NA 213 -79.53 -45.27 -81.05
C TYR NA 213 -80.05 -44.59 -79.80
N GLY NA 214 -80.37 -45.38 -78.78
CA GLY NA 214 -80.96 -44.83 -77.57
C GLY NA 214 -80.37 -45.37 -76.29
N LEU NA 215 -81.24 -45.86 -75.41
CA LEU NA 215 -80.83 -46.32 -74.10
C LEU NA 215 -80.16 -47.68 -74.19
N SER NA 216 -79.10 -47.86 -73.39
CA SER NA 216 -78.37 -49.11 -73.37
C SER NA 216 -79.08 -50.11 -72.45
N GLU NA 217 -78.47 -51.28 -72.30
CA GLU NA 217 -79.04 -52.31 -71.43
C GLU NA 217 -78.88 -51.96 -69.96
N ASN NA 218 -77.90 -51.13 -69.61
CA ASN NA 218 -77.63 -50.78 -68.23
C ASN NA 218 -78.39 -49.53 -67.76
N ASP NA 219 -78.97 -48.78 -68.68
CA ASP NA 219 -79.71 -47.57 -68.31
C ASP NA 219 -81.00 -47.95 -67.57
N GLU NA 220 -81.37 -47.11 -66.61
CA GLU NA 220 -82.53 -47.35 -65.76
C GLU NA 220 -83.75 -46.65 -66.34
N TRP NA 221 -84.85 -47.39 -66.46
CA TRP NA 221 -86.10 -46.87 -67.00
C TRP NA 221 -87.16 -46.86 -65.92
N THR NA 222 -87.90 -45.75 -65.83
CA THR NA 222 -88.94 -45.57 -64.83
C THR NA 222 -90.30 -45.20 -65.39
N GLN NA 223 -90.38 -44.81 -66.67
CA GLN NA 223 -91.65 -44.35 -67.23
C GLN NA 223 -92.58 -45.53 -67.53
N ASP NA 224 -93.84 -45.19 -67.79
CA ASP NA 224 -94.87 -46.18 -68.10
C ASP NA 224 -94.93 -46.51 -69.59
N ARG NA 225 -93.92 -46.13 -70.36
CA ARG NA 225 -93.82 -46.51 -71.77
C ARG NA 225 -92.93 -47.74 -71.89
N ALA NA 226 -92.71 -48.18 -73.13
CA ALA NA 226 -91.66 -49.14 -73.39
C ALA NA 226 -90.31 -48.46 -73.21
N LYS NA 227 -89.25 -49.28 -73.13
CA LYS NA 227 -87.91 -48.75 -72.93
C LYS NA 227 -87.31 -48.38 -74.28
N PRO NA 228 -87.05 -47.10 -74.57
CA PRO NA 228 -86.50 -46.73 -75.87
C PRO NA 228 -85.05 -47.13 -76.03
N VAL NA 229 -84.80 -48.43 -76.22
CA VAL NA 229 -83.44 -48.94 -76.38
C VAL NA 229 -83.00 -48.76 -77.82
N THR NA 230 -81.70 -48.92 -78.06
CA THR NA 230 -81.19 -48.95 -79.43
C THR NA 230 -81.83 -50.09 -80.19
N GLN NA 231 -82.54 -49.76 -81.27
CA GLN NA 231 -83.35 -50.73 -81.99
C GLN NA 231 -83.44 -50.32 -83.45
N ILE NA 232 -84.24 -51.08 -84.21
CA ILE NA 232 -84.44 -50.86 -85.63
C ILE NA 232 -85.94 -50.72 -85.87
N VAL NA 233 -86.33 -49.65 -86.58
CA VAL NA 233 -87.72 -49.42 -86.94
C VAL NA 233 -87.79 -49.40 -88.46
N SER NA 234 -88.55 -50.31 -89.04
CA SER NA 234 -88.60 -50.50 -90.48
C SER NA 234 -90.02 -50.29 -91.00
N ALA NA 235 -90.10 -49.78 -92.22
CA ALA NA 235 -91.35 -49.68 -92.96
C ALA NA 235 -91.11 -50.15 -94.38
N GLU NA 236 -92.10 -50.84 -94.94
CA GLU NA 236 -91.94 -51.46 -96.24
C GLU NA 236 -93.10 -51.09 -97.15
N ALA NA 237 -92.82 -51.11 -98.46
CA ALA NA 237 -93.83 -50.92 -99.49
C ALA NA 237 -93.57 -51.92 -100.59
N TRP NA 238 -94.59 -52.17 -101.40
CA TRP NA 238 -94.55 -53.23 -102.39
C TRP NA 238 -94.84 -52.69 -103.78
N GLY NA 239 -94.07 -53.16 -104.76
CA GLY NA 239 -94.33 -52.79 -106.14
C GLY NA 239 -95.71 -53.25 -106.58
N ARG NA 240 -96.35 -52.44 -107.41
CA ARG NA 240 -97.72 -52.72 -107.85
C ARG NA 240 -97.88 -52.28 -109.29
N ALA NA 241 -98.39 -53.19 -110.12
CA ALA NA 241 -98.69 -52.82 -111.51
C ALA NA 241 -99.78 -51.76 -111.57
N ASP NA 242 -100.81 -51.90 -110.73
CA ASP NA 242 -101.89 -50.93 -110.62
C ASP NA 242 -102.58 -50.68 -111.96
N GLY OA 1 30.90 -16.67 28.34
CA GLY OA 1 30.74 -17.63 29.42
C GLY OA 1 31.96 -18.51 29.62
N SER OA 2 31.98 -19.26 30.73
CA SER OA 2 33.08 -20.15 31.03
C SER OA 2 33.28 -21.18 29.93
N HIS OA 3 34.39 -21.06 29.19
CA HIS OA 3 34.70 -21.95 28.09
C HIS OA 3 35.78 -22.94 28.51
N SER OA 4 36.01 -23.94 27.67
CA SER OA 4 36.88 -25.04 28.06
C SER OA 4 37.59 -25.61 26.84
N MET OA 5 38.69 -26.32 27.10
CA MET OA 5 39.42 -27.09 26.10
C MET OA 5 39.94 -28.35 26.77
N ARG OA 6 39.44 -29.51 26.36
CA ARG OA 6 39.87 -30.78 26.91
C ARG OA 6 40.43 -31.68 25.81
N TYR OA 7 41.43 -32.47 26.17
CA TYR OA 7 42.08 -33.41 25.26
C TYR OA 7 41.90 -34.80 25.85
N PHE OA 8 41.35 -35.72 25.06
CA PHE OA 8 41.10 -37.08 25.51
C PHE OA 8 42.01 -38.05 24.78
N TYR OA 9 42.68 -38.92 25.54
CA TYR OA 9 43.63 -39.88 24.99
C TYR OA 9 43.16 -41.29 25.32
N THR OA 10 43.32 -42.21 24.36
CA THR OA 10 43.01 -43.61 24.57
C THR OA 10 44.11 -44.44 23.94
N SER OA 11 44.75 -45.28 24.74
CA SER OA 11 45.81 -46.18 24.27
C SER OA 11 45.43 -47.59 24.70
N VAL OA 12 45.10 -48.44 23.73
CA VAL OA 12 44.68 -49.81 23.99
C VAL OA 12 45.81 -50.74 23.54
N SER OA 13 46.24 -51.60 24.45
CA SER OA 13 47.29 -52.56 24.12
C SER OA 13 46.74 -53.67 23.23
N ARG OA 14 47.57 -54.13 22.30
CA ARG OA 14 47.18 -55.15 21.33
C ARG OA 14 48.23 -56.26 21.38
N PRO OA 15 48.14 -57.15 22.37
CA PRO OA 15 49.18 -58.19 22.54
C PRO OA 15 49.28 -59.08 21.32
N GLY OA 16 50.48 -59.11 20.72
CA GLY OA 16 50.76 -59.94 19.58
C GLY OA 16 50.44 -59.31 18.23
N ARG OA 17 49.39 -58.48 18.16
CA ARG OA 17 49.00 -57.88 16.90
C ARG OA 17 49.83 -56.64 16.56
N GLY OA 18 50.72 -56.20 17.45
CA GLY OA 18 51.59 -55.08 17.18
C GLY OA 18 51.61 -54.11 18.34
N GLU OA 19 52.03 -52.89 18.07
CA GLU OA 19 52.10 -51.85 19.08
C GLU OA 19 50.71 -51.33 19.41
N PRO OA 20 50.52 -50.79 20.61
CA PRO OA 20 49.17 -50.35 21.03
C PRO OA 20 48.59 -49.30 20.10
N ARG OA 21 47.25 -49.27 20.05
CA ARG OA 21 46.53 -48.29 19.25
C ARG OA 21 46.35 -47.01 20.06
N PHE OA 22 46.65 -45.87 19.44
CA PHE OA 22 46.55 -44.57 20.10
C PHE OA 22 45.52 -43.72 19.37
N ILE OA 23 44.43 -43.39 20.05
CA ILE OA 23 43.41 -42.50 19.54
C ILE OA 23 43.39 -41.25 20.41
N ALA OA 24 43.34 -40.08 19.77
CA ALA OA 24 43.36 -38.81 20.48
C ALA OA 24 42.34 -37.86 19.87
N VAL OA 25 41.59 -37.17 20.73
CA VAL OA 25 40.58 -36.21 20.31
C VAL OA 25 40.72 -34.95 21.14
N GLY OA 26 40.43 -33.81 20.51
CA GLY OA 26 40.46 -32.54 21.20
C GLY OA 26 39.16 -31.77 21.05
N TYR OA 27 38.60 -31.32 22.16
CA TYR OA 27 37.31 -30.66 22.18
C TYR OA 27 37.46 -29.26 22.75
N VAL OA 28 36.92 -28.26 22.07
CA VAL OA 28 36.71 -26.94 22.66
C VAL OA 28 35.25 -26.87 23.06
N ASP OA 29 35.00 -26.71 24.36
CA ASP OA 29 33.66 -26.82 24.93
C ASP OA 29 33.06 -28.17 24.58
N ASP OA 30 32.10 -28.18 23.64
CA ASP OA 30 31.46 -29.41 23.21
C ASP OA 30 31.63 -29.64 21.71
N THR OA 31 32.73 -29.14 21.14
CA THR OA 31 32.98 -29.23 19.70
C THR OA 31 34.38 -29.77 19.47
N GLN OA 32 34.47 -30.91 18.79
CA GLN OA 32 35.77 -31.47 18.44
C GLN OA 32 36.46 -30.61 17.39
N PHE OA 33 37.79 -30.59 17.44
CA PHE OA 33 38.56 -29.87 16.42
C PHE OA 33 39.81 -30.59 15.93
N VAL OA 34 40.31 -31.60 16.62
CA VAL OA 34 41.48 -32.35 16.15
C VAL OA 34 41.24 -33.83 16.38
N ARG OA 35 42.05 -34.64 15.69
CA ARG OA 35 41.92 -36.10 15.78
C ARG OA 35 43.22 -36.73 15.31
N PHE OA 36 43.64 -37.80 15.99
CA PHE OA 36 44.79 -38.58 15.57
C PHE OA 36 44.54 -40.04 15.91
N ASP OA 37 44.69 -40.92 14.92
CA ASP OA 37 44.55 -42.35 15.10
C ASP OA 37 45.81 -43.04 14.60
N SER OA 38 46.40 -43.87 15.46
CA SER OA 38 47.65 -44.54 15.12
C SER OA 38 47.44 -45.68 14.12
N ASP OA 39 46.24 -46.25 14.06
CA ASP OA 39 45.93 -47.31 13.12
C ASP OA 39 45.34 -46.79 11.81
N ALA OA 40 45.62 -45.54 11.46
CA ALA OA 40 45.15 -44.93 10.22
C ALA OA 40 46.30 -44.83 9.23
N ALA OA 41 46.04 -44.15 8.12
CA ALA OA 41 47.03 -44.00 7.06
C ALA OA 41 47.70 -42.63 7.07
N SER OA 42 46.93 -41.57 7.37
CA SER OA 42 47.49 -40.22 7.32
C SER OA 42 48.64 -40.05 8.30
N GLN OA 43 48.52 -40.66 9.49
CA GLN OA 43 49.51 -40.54 10.56
C GLN OA 43 49.86 -39.08 10.82
N ARG OA 44 48.81 -38.27 10.96
CA ARG OA 44 48.96 -36.84 11.15
C ARG OA 44 47.73 -36.33 11.91
N MET OA 45 47.90 -35.18 12.56
CA MET OA 45 46.77 -34.55 13.23
C MET OA 45 45.81 -34.01 12.19
N GLU OA 46 44.60 -34.57 12.15
CA GLU OA 46 43.67 -34.11 11.12
C GLU OA 46 42.64 -33.15 11.71
N PRO OA 47 42.33 -32.08 10.99
CA PRO OA 47 41.28 -31.17 11.45
C PRO OA 47 39.92 -31.88 11.46
N ARG OA 48 39.12 -31.58 12.48
CA ARG OA 48 37.77 -32.11 12.58
C ARG OA 48 36.75 -30.99 12.81
N ALA OA 49 37.12 -29.76 12.44
CA ALA OA 49 36.25 -28.60 12.60
C ALA OA 49 36.66 -27.57 11.56
N PRO OA 50 35.75 -26.67 11.17
CA PRO OA 50 36.08 -25.70 10.11
C PRO OA 50 36.96 -24.56 10.58
N TRP OA 51 36.86 -24.17 11.85
CA TRP OA 51 37.61 -23.02 12.35
C TRP OA 51 39.05 -23.35 12.70
N ILE OA 52 39.51 -24.55 12.39
CA ILE OA 52 40.90 -24.94 12.65
C ILE OA 52 41.65 -25.23 11.35
N GLU OA 53 40.96 -25.31 10.22
CA GLU OA 53 41.64 -25.53 8.95
C GLU OA 53 42.51 -24.34 8.57
N GLN OA 54 42.17 -23.15 9.05
CA GLN OA 54 42.90 -21.94 8.70
C GLN OA 54 44.33 -21.95 9.22
N GLU OA 55 44.61 -22.74 10.26
CA GLU OA 55 45.94 -22.75 10.85
C GLU OA 55 46.97 -23.31 9.86
N GLY OA 56 48.18 -22.76 9.93
CA GLY OA 56 49.21 -23.08 8.98
C GLY OA 56 49.70 -24.50 9.04
N PRO OA 57 50.49 -24.91 8.05
CA PRO OA 57 51.04 -26.27 8.06
C PRO OA 57 51.95 -26.53 9.24
N GLU OA 58 52.60 -25.49 9.76
CA GLU OA 58 53.49 -25.65 10.92
C GLU OA 58 52.73 -26.08 12.15
N TYR OA 59 51.54 -25.52 12.36
CA TYR OA 59 50.70 -25.94 13.49
C TYR OA 59 50.40 -27.42 13.42
N TRP OA 60 50.04 -27.92 12.24
CA TRP OA 60 49.72 -29.33 12.09
C TRP OA 60 50.95 -30.22 12.23
N ASP OA 61 52.12 -29.71 11.84
CA ASP OA 61 53.35 -30.48 11.95
C ASP OA 61 53.74 -30.67 13.41
N GLN OA 62 53.74 -29.58 14.20
CA GLN OA 62 54.12 -29.71 15.61
C GLN OA 62 53.08 -30.51 16.37
N GLU OA 63 51.80 -30.35 16.04
CA GLU OA 63 50.75 -31.11 16.71
C GLU OA 63 50.89 -32.59 16.42
N THR OA 64 51.26 -32.93 15.18
CA THR OA 64 51.51 -34.33 14.84
C THR OA 64 52.68 -34.89 15.64
N ARG OA 65 53.79 -34.15 15.68
CA ARG OA 65 54.95 -34.61 16.42
C ARG OA 65 54.64 -34.77 17.90
N ASN OA 66 53.98 -33.77 18.49
CA ASN OA 66 53.74 -33.80 19.93
C ASN OA 66 52.79 -34.92 20.33
N VAL OA 67 51.71 -35.12 19.57
CA VAL OA 67 50.76 -36.18 19.90
C VAL OA 67 51.38 -37.55 19.65
N LYS OA 68 52.30 -37.65 18.68
CA LYS OA 68 52.99 -38.92 18.45
C LYS OA 68 53.94 -39.24 19.59
N ALA OA 69 54.46 -38.23 20.27
CA ALA OA 69 55.32 -38.47 21.43
C ALA OA 69 54.54 -39.08 22.58
N GLN OA 70 53.27 -38.70 22.73
CA GLN OA 70 52.45 -39.30 23.77
C GLN OA 70 52.14 -40.77 23.47
N SER OA 71 52.12 -41.14 22.19
CA SER OA 71 51.95 -42.54 21.84
C SER OA 71 53.16 -43.36 22.28
N GLN OA 72 54.37 -42.81 22.13
CA GLN OA 72 55.57 -43.47 22.61
C GLN OA 72 55.60 -43.50 24.14
N THR OA 73 55.16 -42.41 24.78
CA THR OA 73 55.12 -42.37 26.23
C THR OA 73 54.19 -43.43 26.78
N ASP OA 74 52.95 -43.49 26.26
CA ASP OA 74 52.02 -44.48 26.75
C ASP OA 74 52.46 -45.91 26.41
N ARG OA 75 53.11 -46.10 25.27
CA ARG OA 75 53.54 -47.44 24.86
C ARG OA 75 54.36 -48.10 25.96
N VAL OA 76 55.37 -47.40 26.47
CA VAL OA 76 56.18 -47.97 27.54
C VAL OA 76 55.42 -47.99 28.85
N ASP OA 77 54.49 -47.05 29.04
CA ASP OA 77 53.74 -47.00 30.29
C ASP OA 77 52.75 -48.17 30.40
N LEU OA 78 52.25 -48.68 29.27
CA LEU OA 78 51.43 -49.89 29.31
C LEU OA 78 52.19 -51.04 29.94
N GLY OA 79 53.46 -51.23 29.56
CA GLY OA 79 54.25 -52.30 30.15
C GLY OA 79 54.57 -52.05 31.61
N THR OA 80 54.92 -50.82 31.96
CA THR OA 80 55.21 -50.49 33.34
C THR OA 80 54.00 -50.75 34.23
N LEU OA 81 52.82 -50.31 33.79
CA LEU OA 81 51.61 -50.52 34.57
C LEU OA 81 51.26 -52.01 34.65
N ARG OA 82 51.49 -52.76 33.57
CA ARG OA 82 51.21 -54.18 33.60
C ARG OA 82 52.01 -54.87 34.71
N GLY OA 83 53.30 -54.55 34.82
CA GLY OA 83 54.11 -55.13 35.88
C GLY OA 83 53.71 -54.69 37.27
N TYR OA 84 53.24 -53.44 37.42
CA TYR OA 84 52.81 -52.95 38.72
C TYR OA 84 51.70 -53.83 39.29
N TYR OA 85 50.74 -54.20 38.46
CA TYR OA 85 49.60 -55.00 38.89
C TYR OA 85 49.85 -56.49 38.76
N ASN OA 86 51.04 -56.89 38.33
CA ASN OA 86 51.39 -58.29 38.06
C ASN OA 86 50.38 -58.91 37.10
N GLN OA 87 50.31 -58.35 35.90
CA GLN OA 87 49.39 -58.79 34.86
C GLN OA 87 50.16 -59.52 33.77
N SER OA 88 49.42 -60.34 33.02
CA SER OA 88 50.02 -61.14 31.96
C SER OA 88 50.20 -60.32 30.68
N GLU OA 89 51.07 -60.83 29.80
CA GLU OA 89 51.41 -60.14 28.56
C GLU OA 89 50.49 -60.52 27.40
N ASP OA 90 49.42 -61.26 27.66
CA ASP OA 90 48.50 -61.68 26.62
C ASP OA 90 47.17 -60.91 26.64
N GLY OA 91 46.90 -60.15 27.69
CA GLY OA 91 45.64 -59.44 27.83
C GLY OA 91 45.78 -57.98 27.41
N SER OA 92 44.73 -57.46 26.79
CA SER OA 92 44.70 -56.07 26.37
C SER OA 92 44.29 -55.18 27.54
N HIS OA 93 44.99 -54.04 27.67
CA HIS OA 93 44.73 -53.09 28.74
C HIS OA 93 44.74 -51.69 28.14
N THR OA 94 44.05 -50.77 28.83
CA THR OA 94 43.83 -49.43 28.29
C THR OA 94 44.32 -48.36 29.27
N ILE OA 95 45.00 -47.35 28.73
CA ILE OA 95 45.42 -46.17 29.49
C ILE OA 95 44.73 -44.96 28.90
N GLN OA 96 43.96 -44.25 29.73
CA GLN OA 96 43.18 -43.10 29.29
C GLN OA 96 43.65 -41.86 30.03
N ILE OA 97 43.84 -40.76 29.30
CA ILE OA 97 44.32 -39.51 29.85
C ILE OA 97 43.38 -38.41 29.41
N MET OA 98 42.99 -37.54 30.35
CA MET OA 98 42.16 -36.38 30.07
C MET OA 98 42.82 -35.19 30.74
N TYR OA 99 43.13 -34.16 29.96
CA TYR OA 99 43.70 -32.93 30.49
C TYR OA 99 43.10 -31.74 29.75
N GLY OA 100 43.15 -30.58 30.40
CA GLY OA 100 42.63 -29.38 29.78
C GLY OA 100 42.55 -28.25 30.77
N CYS OA 101 42.08 -27.11 30.26
CA CYS OA 101 42.01 -25.88 31.03
C CYS OA 101 40.61 -25.28 30.92
N ASP OA 102 40.28 -24.43 31.88
CA ASP OA 102 38.99 -23.74 31.93
C ASP OA 102 39.23 -22.24 32.00
N VAL OA 103 38.79 -21.52 30.98
CA VAL OA 103 38.83 -20.07 30.99
C VAL OA 103 37.44 -19.55 31.34
N GLY OA 104 37.37 -18.26 31.66
CA GLY OA 104 36.10 -17.66 32.00
C GLY OA 104 35.64 -16.66 30.96
N PRO OA 105 34.58 -15.91 31.27
CA PRO OA 105 34.11 -14.87 30.34
C PRO OA 105 35.19 -13.84 30.03
N ASP OA 106 36.04 -13.52 31.01
CA ASP OA 106 37.15 -12.60 30.82
C ASP OA 106 38.28 -13.17 29.98
N GLY OA 107 38.31 -14.49 29.77
CA GLY OA 107 39.44 -15.10 29.09
C GLY OA 107 40.64 -15.29 29.99
N ARG OA 108 40.42 -15.71 31.23
CA ARG OA 108 41.47 -15.83 32.23
C ARG OA 108 41.41 -17.23 32.83
N PHE OA 109 42.57 -17.71 33.28
CA PHE OA 109 42.65 -19.04 33.87
C PHE OA 109 41.76 -19.15 35.10
N LEU OA 110 40.80 -20.06 35.04
CA LEU OA 110 39.94 -20.39 36.17
C LEU OA 110 40.34 -21.71 36.83
N ARG OA 111 40.53 -22.76 36.02
CA ARG OA 111 40.84 -24.07 36.56
C ARG OA 111 41.59 -24.88 35.52
N GLY OA 112 42.40 -25.82 35.99
CA GLY OA 112 43.07 -26.76 35.12
C GLY OA 112 42.97 -28.16 35.70
N TYR OA 113 42.91 -29.14 34.81
CA TYR OA 113 42.69 -30.51 35.26
C TYR OA 113 43.53 -31.48 34.44
N ARG OA 114 43.84 -32.61 35.07
CA ARG OA 114 44.60 -33.70 34.44
C ARG OA 114 44.32 -34.96 35.23
N GLN OA 115 43.81 -35.99 34.56
CA GLN OA 115 43.44 -37.24 35.20
C GLN OA 115 43.86 -38.40 34.31
N ASP OA 116 44.53 -39.39 34.90
CA ASP OA 116 44.95 -40.59 34.21
C ASP OA 116 44.19 -41.80 34.76
N ALA OA 117 44.02 -42.81 33.91
CA ALA OA 117 43.23 -43.98 34.27
C ALA OA 117 43.81 -45.23 33.64
N TYR OA 118 43.48 -46.37 34.25
CA TYR OA 118 43.93 -47.68 33.77
C TYR OA 118 42.75 -48.64 33.83
N ASP OA 119 42.39 -49.21 32.68
CA ASP OA 119 41.29 -50.18 32.58
C ASP OA 119 40.00 -49.60 33.16
N GLY OA 120 39.65 -48.39 32.72
CA GLY OA 120 38.42 -47.77 33.16
C GLY OA 120 38.34 -47.53 34.65
N LYS OA 121 39.48 -47.42 35.32
CA LYS OA 121 39.55 -47.18 36.75
C LYS OA 121 40.51 -46.02 37.00
N ASP OA 122 40.18 -45.19 37.99
CA ASP OA 122 41.05 -44.07 38.32
C ASP OA 122 42.44 -44.57 38.70
N TYR OA 123 43.46 -43.88 38.20
CA TYR OA 123 44.85 -44.20 38.54
C TYR OA 123 45.51 -43.06 39.28
N ILE OA 124 45.71 -41.90 38.64
CA ILE OA 124 46.31 -40.74 39.28
C ILE OA 124 45.59 -39.50 38.77
N ALA OA 125 45.69 -38.42 39.55
CA ALA OA 125 44.93 -37.21 39.21
C ALA OA 125 45.62 -35.99 39.82
N LEU OA 126 45.96 -35.02 38.97
CA LEU OA 126 46.45 -33.73 39.46
C LEU OA 126 45.33 -33.01 40.18
N ASN OA 127 45.62 -32.53 41.39
CA ASN OA 127 44.61 -31.84 42.20
C ASN OA 127 44.45 -30.40 41.72
N GLU OA 128 43.52 -29.68 42.38
CA GLU OA 128 43.22 -28.30 41.97
C GLU OA 128 44.43 -27.39 42.13
N ASP OA 129 45.24 -27.62 43.16
CA ASP OA 129 46.40 -26.77 43.39
C ASP OA 129 47.47 -26.90 42.30
N LEU OA 130 47.30 -27.85 41.37
CA LEU OA 130 48.26 -28.08 40.29
C LEU OA 130 49.68 -28.26 40.83
N ARG OA 131 49.77 -28.76 42.07
CA ARG OA 131 51.02 -28.94 42.78
C ARG OA 131 51.12 -30.26 43.49
N SER OA 132 50.01 -30.99 43.64
CA SER OA 132 49.96 -32.26 44.36
C SER OA 132 49.12 -33.24 43.55
N TRP OA 133 49.56 -34.50 43.53
CA TRP OA 133 48.84 -35.57 42.85
C TRP OA 133 48.04 -36.39 43.86
N THR OA 134 47.01 -37.06 43.36
CA THR OA 134 46.20 -37.96 44.18
C THR OA 134 46.18 -39.34 43.53
N ALA OA 135 46.63 -40.35 44.26
CA ALA OA 135 46.71 -41.71 43.76
C ALA OA 135 45.50 -42.51 44.22
N ALA OA 136 45.12 -43.52 43.41
CA ALA OA 136 43.97 -44.36 43.70
C ALA OA 136 44.35 -45.65 44.41
N ASP OA 137 45.32 -46.38 43.88
CA ASP OA 137 45.82 -47.60 44.49
C ASP OA 137 47.27 -47.40 44.95
N MET OA 138 47.86 -48.46 45.49
CA MET OA 138 49.25 -48.38 45.92
C MET OA 138 50.20 -48.41 44.73
N ALA OA 139 49.78 -48.99 43.60
CA ALA OA 139 50.61 -48.95 42.40
C ALA OA 139 50.69 -47.56 41.80
N ALA OA 140 49.71 -46.71 42.07
CA ALA OA 140 49.77 -45.33 41.58
C ALA OA 140 50.73 -44.48 42.42
N GLN OA 141 50.92 -44.82 43.69
CA GLN OA 141 51.90 -44.12 44.50
C GLN OA 141 53.31 -44.35 43.98
N ILE OA 142 53.57 -45.50 43.35
CA ILE OA 142 54.84 -45.68 42.64
C ILE OA 142 54.98 -44.61 41.58
N THR OA 143 53.93 -44.39 40.79
CA THR OA 143 53.95 -43.33 39.79
C THR OA 143 54.02 -41.97 40.45
N LYS OA 144 53.26 -41.77 41.54
CA LYS OA 144 53.26 -40.48 42.23
C LYS OA 144 54.66 -40.10 42.69
N ARG OA 145 55.35 -41.02 43.36
CA ARG OA 145 56.69 -40.70 43.88
C ARG OA 145 57.65 -40.36 42.77
N LYS OA 146 57.64 -41.15 41.68
CA LYS OA 146 58.47 -40.83 40.52
C LYS OA 146 58.13 -39.47 39.95
N TRP OA 147 56.83 -39.17 39.86
CA TRP OA 147 56.40 -37.91 39.26
C TRP OA 147 56.68 -36.73 40.17
N GLU OA 148 56.62 -36.93 41.48
CA GLU OA 148 56.90 -35.87 42.42
C GLU OA 148 58.39 -35.59 42.56
N ALA OA 149 59.24 -36.55 42.16
CA ALA OA 149 60.67 -36.32 42.10
C ALA OA 149 61.13 -35.76 40.76
N ALA OA 150 60.30 -35.90 39.72
CA ALA OA 150 60.56 -35.27 38.44
C ALA OA 150 59.87 -33.93 38.29
N HIS OA 151 59.22 -33.44 39.34
CA HIS OA 151 58.50 -32.17 39.34
C HIS OA 151 57.53 -32.11 38.15
N ALA OA 152 56.71 -33.15 38.02
CA ALA OA 152 55.76 -33.20 36.91
C ALA OA 152 54.66 -32.18 37.09
N ALA OA 153 54.27 -31.91 38.34
CA ALA OA 153 53.21 -30.93 38.59
C ALA OA 153 53.61 -29.55 38.09
N GLU OA 154 54.87 -29.18 38.29
CA GLU OA 154 55.36 -27.89 37.80
C GLU OA 154 55.24 -27.79 36.28
N GLN OA 155 55.66 -28.84 35.58
CA GLN OA 155 55.62 -28.83 34.12
C GLN OA 155 54.20 -28.82 33.60
N GLN OA 156 53.31 -29.61 34.21
CA GLN OA 156 51.92 -29.64 33.76
C GLN OA 156 51.21 -28.33 34.07
N ARG OA 157 51.54 -27.71 35.21
CA ARG OA 157 50.99 -26.40 35.52
C ARG OA 157 51.41 -25.37 34.48
N ALA OA 158 52.64 -25.48 33.97
CA ALA OA 158 53.12 -24.52 32.99
C ALA OA 158 52.28 -24.55 31.71
N TYR OA 159 51.88 -25.75 31.28
CA TYR OA 159 51.02 -25.85 30.11
C TYR OA 159 49.60 -25.38 30.44
N LEU OA 160 49.04 -25.86 31.55
CA LEU OA 160 47.65 -25.57 31.87
C LEU OA 160 47.43 -24.08 32.11
N GLU OA 161 48.38 -23.43 32.78
CA GLU OA 161 48.27 -22.01 33.05
C GLU OA 161 48.81 -21.14 31.91
N GLY OA 162 49.56 -21.72 30.98
CA GLY OA 162 50.14 -20.95 29.90
C GLY OA 162 49.64 -21.33 28.51
N ARG OA 163 50.32 -22.27 27.87
CA ARG OA 163 50.02 -22.63 26.49
C ARG OA 163 48.55 -22.97 26.30
N CYS OA 164 47.95 -23.64 27.28
CA CYS OA 164 46.55 -24.04 27.20
C CYS OA 164 45.62 -22.86 27.02
N VAL OA 165 45.59 -21.96 28.00
CA VAL OA 165 44.64 -20.85 27.99
C VAL OA 165 44.94 -19.90 26.84
N GLU OA 166 46.20 -19.80 26.42
CA GLU OA 166 46.54 -18.92 25.31
C GLU OA 166 45.87 -19.38 24.03
N TRP OA 167 46.03 -20.65 23.68
CA TRP OA 167 45.46 -21.17 22.45
C TRP OA 167 43.96 -21.44 22.56
N LEU OA 168 43.45 -21.65 23.77
CA LEU OA 168 42.01 -21.74 23.95
C LEU OA 168 41.36 -20.42 23.55
N ARG OA 169 41.92 -19.30 24.01
CA ARG OA 169 41.41 -17.99 23.63
C ARG OA 169 41.56 -17.77 22.13
N ARG OA 170 42.68 -18.21 21.55
CA ARG OA 170 42.88 -18.08 20.12
C ARG OA 170 41.82 -18.87 19.35
N TYR OA 171 41.52 -20.09 19.79
CA TYR OA 171 40.52 -20.89 19.11
C TYR OA 171 39.14 -20.25 19.21
N LEU OA 172 38.81 -19.67 20.37
CA LEU OA 172 37.50 -19.04 20.53
C LEU OA 172 37.35 -17.83 19.61
N GLU OA 173 38.45 -17.16 19.28
CA GLU OA 173 38.38 -16.04 18.36
C GLU OA 173 38.40 -16.50 16.91
N ASN OA 174 39.01 -17.64 16.62
CA ASN OA 174 38.94 -18.17 15.26
C ASN OA 174 37.53 -18.62 14.91
N GLY OA 175 36.80 -19.16 15.87
CA GLY OA 175 35.45 -19.62 15.59
C GLY OA 175 34.41 -18.97 16.46
N LYS OA 176 34.41 -17.62 16.53
CA LYS OA 176 33.41 -16.91 17.31
C LYS OA 176 32.00 -17.25 16.86
N GLU OA 177 31.83 -17.59 15.57
CA GLU OA 177 30.50 -17.86 15.05
C GLU OA 177 29.99 -19.25 15.43
N THR OA 178 30.89 -20.21 15.59
CA THR OA 178 30.49 -21.60 15.82
C THR OA 178 30.69 -22.06 17.26
N LEU OA 179 31.37 -21.27 18.10
CA LEU OA 179 31.70 -21.68 19.45
C LEU OA 179 31.05 -20.82 20.53
N GLN OA 180 30.92 -19.52 20.30
CA GLN OA 180 30.31 -18.62 21.28
C GLN OA 180 28.82 -18.44 21.05
N ARG OA 181 28.20 -19.33 20.28
CA ARG OA 181 26.78 -19.26 19.98
C ARG OA 181 26.01 -20.25 20.84
N THR OA 182 24.80 -19.87 21.23
CA THR OA 182 23.91 -20.74 21.97
C THR OA 182 22.71 -21.10 21.10
N ASP OA 183 22.43 -22.40 20.97
CA ASP OA 183 21.30 -22.87 20.19
C ASP OA 183 20.20 -23.34 21.14
N PRO OA 184 19.07 -22.66 21.20
CA PRO OA 184 18.00 -23.06 22.13
C PRO OA 184 17.34 -24.34 21.68
N PRO OA 185 16.73 -25.09 22.59
CA PRO OA 185 16.11 -26.36 22.19
C PRO OA 185 14.78 -26.15 21.49
N LYS OA 186 14.59 -26.86 20.40
CA LYS OA 186 13.29 -26.95 19.74
C LYS OA 186 12.44 -27.95 20.51
N THR OA 187 11.42 -27.46 21.21
CA THR OA 187 10.67 -28.26 22.17
C THR OA 187 9.27 -28.57 21.64
N HIS OA 188 8.86 -29.83 21.77
CA HIS OA 188 7.50 -30.25 21.46
C HIS OA 188 7.17 -31.46 22.32
N MET OA 189 5.88 -31.74 22.44
CA MET OA 189 5.39 -32.83 23.28
C MET OA 189 4.55 -33.79 22.44
N THR OA 190 4.63 -35.07 22.80
CA THR OA 190 3.92 -36.12 22.06
C THR OA 190 3.16 -37.02 23.03
N HIS OA 191 2.18 -37.73 22.49
CA HIS OA 191 1.22 -38.51 23.28
C HIS OA 191 1.18 -39.95 22.76
N HIS OA 192 1.28 -40.91 23.66
CA HIS OA 192 1.30 -42.33 23.28
C HIS OA 192 0.53 -43.15 24.32
N PRO OA 193 -0.68 -43.58 23.99
CA PRO OA 193 -1.44 -44.47 24.89
C PRO OA 193 -0.81 -45.84 24.98
N ILE OA 194 -0.46 -46.24 26.21
CA ILE OA 194 -0.04 -47.62 26.44
C ILE OA 194 -1.22 -48.57 26.29
N SER OA 195 -2.38 -48.18 26.82
CA SER OA 195 -3.61 -48.96 26.72
C SER OA 195 -4.78 -47.98 26.79
N ASP OA 196 -5.99 -48.52 26.85
CA ASP OA 196 -7.15 -47.66 27.02
C ASP OA 196 -7.29 -47.12 28.44
N HIS OA 197 -6.30 -47.34 29.30
CA HIS OA 197 -6.32 -46.87 30.68
C HIS OA 197 -5.22 -45.86 31.00
N GLU OA 198 -4.04 -45.99 30.38
CA GLU OA 198 -2.93 -45.09 30.65
C GLU OA 198 -2.27 -44.68 29.34
N ALA OA 199 -1.40 -43.68 29.42
CA ALA OA 199 -0.71 -43.15 28.24
C ALA OA 199 0.68 -42.67 28.65
N THR OA 200 1.46 -42.26 27.66
CA THR OA 200 2.84 -41.82 27.87
C THR OA 200 3.03 -40.45 27.22
N LEU OA 201 3.40 -39.47 28.04
CA LEU OA 201 3.70 -38.12 27.57
C LEU OA 201 5.20 -37.95 27.48
N ARG OA 202 5.70 -37.61 26.28
CA ARG OA 202 7.14 -37.42 26.07
C ARG OA 202 7.44 -35.97 25.77
N CYS OA 203 8.30 -35.37 26.59
CA CYS OA 203 8.80 -34.02 26.39
C CYS OA 203 10.10 -34.07 25.60
N TRP OA 204 10.14 -33.33 24.49
CA TRP OA 204 11.28 -33.39 23.58
C TRP OA 204 12.06 -32.09 23.60
N ALA OA 205 13.36 -32.20 23.32
CA ALA OA 205 14.25 -31.04 23.15
C ALA OA 205 15.22 -31.36 22.03
N LEU OA 206 15.02 -30.74 20.86
CA LEU OA 206 15.74 -31.08 19.66
C LEU OA 206 16.71 -29.97 19.26
N GLY OA 207 17.88 -30.38 18.78
CA GLY OA 207 18.81 -29.45 18.14
C GLY OA 207 19.29 -28.31 19.01
N PHE OA 208 19.62 -28.58 20.27
CA PHE OA 208 20.10 -27.57 21.18
C PHE OA 208 21.62 -27.68 21.37
N TYR OA 209 22.21 -26.58 21.85
CA TYR OA 209 23.65 -26.49 22.10
C TYR OA 209 23.88 -25.43 23.14
N PRO OA 210 24.76 -25.66 24.13
CA PRO OA 210 25.58 -26.86 24.35
C PRO OA 210 24.81 -28.02 24.98
N ALA OA 211 25.54 -28.97 25.57
CA ALA OA 211 24.91 -30.19 26.06
C ALA OA 211 24.11 -29.97 27.33
N GLU OA 212 24.51 -29.00 28.16
CA GLU OA 212 23.88 -28.81 29.46
C GLU OA 212 22.41 -28.46 29.30
N ILE OA 213 21.54 -29.30 29.84
CA ILE OA 213 20.10 -29.09 29.76
C ILE OA 213 19.45 -29.86 30.89
N THR OA 214 18.29 -29.37 31.35
CA THR OA 214 17.55 -29.99 32.44
C THR OA 214 16.08 -30.11 32.05
N LEU OA 215 15.54 -31.32 32.17
CA LEU OA 215 14.15 -31.58 31.84
C LEU OA 215 13.47 -32.26 33.03
N THR OA 216 12.35 -31.69 33.47
CA THR OA 216 11.69 -32.14 34.68
C THR OA 216 10.18 -32.08 34.51
N TRP OA 217 9.50 -33.13 34.98
CA TRP OA 217 8.05 -33.19 34.99
C TRP OA 217 7.51 -32.73 36.34
N GLN OA 218 6.31 -32.14 36.31
CA GLN OA 218 5.63 -31.70 37.52
C GLN OA 218 4.17 -32.13 37.49
N ARG OA 219 3.67 -32.57 38.64
CA ARG OA 219 2.27 -32.93 38.83
C ARG OA 219 1.65 -31.91 39.78
N ASP OA 220 0.94 -30.93 39.21
CA ASP OA 220 0.33 -29.84 39.98
C ASP OA 220 1.39 -29.09 40.79
N GLY OA 221 2.58 -28.94 40.20
CA GLY OA 221 3.70 -28.33 40.88
C GLY OA 221 4.58 -29.27 41.67
N GLU OA 222 4.23 -30.56 41.72
CA GLU OA 222 5.00 -31.56 42.45
C GLU OA 222 5.84 -32.35 41.45
N ASP OA 223 7.14 -32.46 41.74
CA ASP OA 223 8.05 -33.14 40.83
C ASP OA 223 7.76 -34.64 40.77
N GLN OA 224 7.89 -35.21 39.57
CA GLN OA 224 7.62 -36.63 39.33
C GLN OA 224 8.89 -37.36 38.91
N THR OA 225 10.00 -37.06 39.59
CA THR OA 225 11.28 -37.63 39.19
C THR OA 225 11.32 -39.14 39.39
N GLN OA 226 10.49 -39.66 40.30
CA GLN OA 226 10.50 -41.10 40.57
C GLN OA 226 9.75 -41.90 39.50
N ASP OA 227 8.76 -41.28 38.85
CA ASP OA 227 7.95 -41.95 37.83
C ASP OA 227 8.35 -41.54 36.42
N THR OA 228 9.62 -41.20 36.22
CA THR OA 228 10.08 -40.55 35.00
C THR OA 228 11.12 -41.42 34.29
N GLU OA 229 11.02 -41.49 32.97
CA GLU OA 229 12.05 -42.09 32.13
C GLU OA 229 12.90 -40.99 31.52
N LEU OA 230 14.20 -41.04 31.81
CA LEU OA 230 15.16 -40.03 31.35
C LEU OA 230 16.22 -40.72 30.51
N VAL OA 231 16.46 -40.21 29.31
CA VAL OA 231 17.48 -40.78 28.41
C VAL OA 231 18.68 -39.86 28.40
N GLU OA 232 19.84 -40.46 28.17
CA GLU OA 232 21.09 -39.71 28.12
C GLU OA 232 21.09 -38.73 26.96
N THR OA 233 21.65 -37.54 27.19
CA THR OA 233 21.76 -36.55 26.14
C THR OA 233 22.60 -37.07 24.99
N ARG OA 234 22.06 -37.00 23.78
CA ARG OA 234 22.62 -37.67 22.62
C ARG OA 234 22.92 -36.68 21.51
N PRO OA 235 23.94 -36.96 20.70
CA PRO OA 235 24.29 -36.04 19.61
C PRO OA 235 23.45 -36.27 18.37
N ALA OA 236 23.05 -35.16 17.74
CA ALA OA 236 22.33 -35.23 16.47
C ALA OA 236 23.26 -35.47 15.28
N GLY OA 237 24.56 -35.28 15.44
CA GLY OA 237 25.50 -35.45 14.36
C GLY OA 237 25.90 -34.18 13.64
N ASP OA 238 25.15 -33.09 13.83
CA ASP OA 238 25.44 -31.81 13.19
C ASP OA 238 25.97 -30.78 14.18
N GLY OA 239 26.48 -31.23 15.33
CA GLY OA 239 26.95 -30.34 16.36
C GLY OA 239 25.91 -29.97 17.39
N THR OA 240 24.65 -30.32 17.18
CA THR OA 240 23.57 -30.08 18.13
C THR OA 240 23.20 -31.39 18.81
N PHE OA 241 22.43 -31.26 19.90
CA PHE OA 241 22.16 -32.39 20.78
C PHE OA 241 20.66 -32.57 20.97
N GLN OA 242 20.30 -33.74 21.50
CA GLN OA 242 18.90 -34.13 21.66
C GLN OA 242 18.67 -34.76 23.02
N LYS OA 243 17.44 -34.68 23.50
CA LYS OA 243 17.05 -35.28 24.78
C LYS OA 243 15.54 -35.32 24.92
N TRP OA 244 15.00 -36.46 25.36
CA TRP OA 244 13.56 -36.62 25.52
C TRP OA 244 13.25 -37.28 26.86
N ALA OA 245 12.08 -36.95 27.41
CA ALA OA 245 11.71 -37.36 28.77
C ALA OA 245 10.25 -37.79 28.76
N ALA OA 246 9.97 -38.92 29.42
CA ALA OA 246 8.64 -39.52 29.38
C ALA OA 246 8.05 -39.66 30.78
N VAL OA 247 6.73 -39.79 30.83
CA VAL OA 247 6.00 -40.02 32.06
C VAL OA 247 4.69 -40.70 31.69
N VAL OA 248 4.18 -41.53 32.60
CA VAL OA 248 2.95 -42.28 32.37
C VAL OA 248 1.79 -41.55 33.05
N VAL OA 249 0.67 -41.46 32.36
CA VAL OA 249 -0.46 -40.63 32.81
C VAL OA 249 -1.71 -41.48 32.87
N PRO OA 250 -2.69 -41.07 33.68
CA PRO OA 250 -4.04 -41.63 33.54
C PRO OA 250 -4.71 -41.12 32.26
N SER OA 251 -5.81 -41.78 31.89
CA SER OA 251 -6.45 -41.49 30.61
C SER OA 251 -6.90 -40.04 30.51
N GLY OA 252 -7.47 -39.50 31.59
CA GLY OA 252 -8.02 -38.16 31.51
C GLY OA 252 -7.32 -37.14 32.39
N GLU OA 253 -6.00 -37.30 32.55
CA GLU OA 253 -5.24 -36.39 33.45
C GLU OA 253 -4.00 -35.83 32.77
N GLU OA 254 -4.00 -35.77 31.44
CA GLU OA 254 -2.82 -35.29 30.73
C GLU OA 254 -2.50 -33.85 31.10
N GLN OA 255 -3.53 -33.01 31.23
CA GLN OA 255 -3.34 -31.59 31.53
C GLN OA 255 -2.78 -31.35 32.93
N ARG OA 256 -2.73 -32.37 33.79
CA ARG OA 256 -2.20 -32.21 35.13
C ARG OA 256 -0.69 -32.19 35.18
N TYR OA 257 -0.01 -32.66 34.14
CA TYR OA 257 1.44 -32.78 34.12
C TYR OA 257 2.06 -31.71 33.24
N THR OA 258 3.20 -31.18 33.66
CA THR OA 258 3.92 -30.16 32.90
C THR OA 258 5.41 -30.46 32.90
N CYS OA 259 6.00 -30.48 31.71
CA CYS OA 259 7.44 -30.52 31.53
C CYS OA 259 8.02 -29.12 31.74
N HIS OA 260 9.32 -29.08 32.08
CA HIS OA 260 10.04 -27.82 32.26
C HIS OA 260 11.42 -27.95 31.65
N VAL OA 261 11.70 -27.08 30.68
CA VAL OA 261 12.96 -27.09 29.94
C VAL OA 261 13.83 -25.97 30.48
N GLN OA 262 15.05 -26.31 30.90
CA GLN OA 262 16.01 -25.34 31.39
C GLN OA 262 17.28 -25.46 30.56
N HIS OA 263 17.68 -24.36 29.92
CA HIS OA 263 18.83 -24.34 29.05
C HIS OA 263 19.34 -22.90 28.94
N GLU OA 264 20.66 -22.75 28.84
CA GLU OA 264 21.24 -21.42 28.85
C GLU OA 264 20.98 -20.65 27.57
N GLY OA 265 20.51 -21.31 26.50
CA GLY OA 265 20.09 -20.61 25.31
C GLY OA 265 18.68 -20.05 25.37
N LEU OA 266 17.92 -20.43 26.40
CA LEU OA 266 16.57 -19.93 26.59
C LEU OA 266 16.60 -18.78 27.59
N PRO OA 267 16.14 -17.57 27.23
CA PRO OA 267 16.15 -16.48 28.20
C PRO OA 267 15.28 -16.76 29.42
N LYS OA 268 14.17 -17.46 29.23
CA LYS OA 268 13.30 -17.86 30.32
C LYS OA 268 13.00 -19.35 30.22
N PRO OA 269 12.89 -20.05 31.35
CA PRO OA 269 12.59 -21.48 31.30
C PRO OA 269 11.22 -21.74 30.68
N LEU OA 270 11.15 -22.76 29.84
CA LEU OA 270 9.92 -23.12 29.15
C LEU OA 270 9.08 -24.04 30.03
N THR OA 271 7.79 -24.10 29.70
CA THR OA 271 6.84 -24.97 30.39
C THR OA 271 5.89 -25.54 29.35
N LEU OA 272 6.06 -26.82 29.06
CA LEU OA 272 5.24 -27.51 28.05
C LEU OA 272 4.09 -28.23 28.74
N ARG OA 273 2.89 -28.06 28.19
CA ARG OA 273 1.70 -28.73 28.70
C ARG OA 273 0.93 -29.32 27.53
N TRP OA 274 0.27 -30.44 27.78
CA TRP OA 274 -0.50 -31.12 26.75
C TRP OA 274 -1.92 -30.56 26.66
N ILE PA 2 36.82 -54.47 35.41
CA ILE PA 2 35.55 -53.80 35.20
C ILE PA 2 35.24 -53.70 33.72
N GLN PA 3 34.12 -54.30 33.31
CA GLN PA 3 33.61 -54.22 31.95
C GLN PA 3 32.18 -53.71 31.98
N ARG PA 4 31.86 -52.80 31.06
CA ARG PA 4 30.60 -52.07 31.08
C ARG PA 4 29.79 -52.39 29.83
N THR PA 5 28.51 -52.70 30.03
CA THR PA 5 27.63 -53.03 28.91
C THR PA 5 27.20 -51.76 28.19
N PRO PA 6 27.26 -51.72 26.86
CA PRO PA 6 26.93 -50.49 26.15
C PRO PA 6 25.45 -50.15 26.24
N LYS PA 7 25.18 -48.85 26.23
CA LYS PA 7 23.83 -48.31 26.14
C LYS PA 7 23.59 -47.86 24.70
N ILE PA 8 22.50 -48.32 24.10
CA ILE PA 8 22.25 -48.14 22.68
C ILE PA 8 20.99 -47.31 22.50
N GLN PA 9 21.08 -46.28 21.66
CA GLN PA 9 19.94 -45.47 21.27
C GLN PA 9 19.95 -45.30 19.76
N VAL PA 10 18.81 -45.56 19.12
CA VAL PA 10 18.67 -45.44 17.67
C VAL PA 10 17.64 -44.38 17.37
N TYR PA 11 17.97 -43.46 16.48
CA TYR PA 11 17.15 -42.29 16.20
C TYR PA 11 17.63 -41.67 14.90
N SER PA 12 17.02 -40.54 14.54
CA SER PA 12 17.36 -39.81 13.32
C SER PA 12 17.70 -38.37 13.66
N ARG PA 13 18.56 -37.77 12.83
CA ARG PA 13 19.03 -36.42 13.09
C ARG PA 13 17.88 -35.42 13.10
N HIS PA 14 17.00 -35.49 12.10
CA HIS PA 14 15.83 -34.65 12.00
C HIS PA 14 14.57 -35.50 12.11
N PRO PA 15 13.44 -34.92 12.49
CA PRO PA 15 12.19 -35.70 12.57
C PRO PA 15 11.87 -36.40 11.25
N ALA PA 16 11.40 -37.64 11.36
CA ALA PA 16 11.27 -38.51 10.20
C ALA PA 16 10.08 -38.09 9.35
N GLU PA 17 10.36 -37.69 8.11
CA GLU PA 17 9.33 -37.46 7.09
C GLU PA 17 9.70 -38.27 5.87
N ASN PA 18 8.77 -39.12 5.43
CA ASN PA 18 9.06 -40.07 4.36
C ASN PA 18 9.35 -39.35 3.05
N GLY PA 19 10.31 -39.88 2.30
CA GLY PA 19 10.69 -39.31 1.03
C GLY PA 19 11.67 -38.15 1.11
N LYS PA 20 12.12 -37.78 2.31
CA LYS PA 20 13.03 -36.67 2.49
C LYS PA 20 14.33 -37.18 3.11
N SER PA 21 15.45 -36.59 2.70
CA SER PA 21 16.75 -37.05 3.14
C SER PA 21 16.95 -36.78 4.62
N ASN PA 22 17.54 -37.75 5.32
CA ASN PA 22 17.81 -37.64 6.74
C ASN PA 22 18.97 -38.58 7.07
N PHE PA 23 19.46 -38.50 8.29
CA PHE PA 23 20.55 -39.34 8.77
C PHE PA 23 20.05 -40.31 9.83
N LEU PA 24 20.54 -41.54 9.79
CA LEU PA 24 20.22 -42.56 10.77
C LEU PA 24 21.36 -42.67 11.76
N ASN PA 25 21.07 -42.46 13.03
CA ASN PA 25 22.08 -42.43 14.09
C ASN PA 25 21.91 -43.63 15.01
N CYS PA 26 23.01 -44.32 15.30
CA CYS PA 26 23.08 -45.31 16.37
C CYS PA 26 24.17 -44.87 17.34
N TYR PA 27 23.76 -44.39 18.50
CA TYR PA 27 24.66 -43.80 19.48
C TYR PA 27 24.92 -44.82 20.59
N VAL PA 28 26.15 -45.31 20.66
CA VAL PA 28 26.55 -46.31 21.65
C VAL PA 28 27.44 -45.61 22.68
N SER PA 29 27.03 -45.66 23.95
CA SER PA 29 27.71 -44.92 24.99
C SER PA 29 27.82 -45.78 26.25
N GLY PA 30 28.77 -45.42 27.11
CA GLY PA 30 28.88 -46.05 28.42
C GLY PA 30 29.44 -47.45 28.44
N PHE PA 31 30.25 -47.82 27.45
CA PHE PA 31 30.81 -49.15 27.37
C PHE PA 31 32.31 -49.13 27.61
N HIS PA 32 32.84 -50.30 27.97
CA HIS PA 32 34.27 -50.48 28.23
C HIS PA 32 34.57 -51.96 28.17
N PRO PA 33 35.66 -52.39 27.50
CA PRO PA 33 36.71 -51.59 26.84
C PRO PA 33 36.31 -50.99 25.50
N SER PA 34 37.29 -50.53 24.71
CA SER PA 34 36.98 -49.76 23.51
C SER PA 34 36.56 -50.65 22.34
N ASP PA 35 37.04 -51.89 22.28
CA ASP PA 35 36.76 -52.76 21.15
C ASP PA 35 35.29 -53.07 21.03
N ILE PA 36 34.66 -52.57 19.97
CA ILE PA 36 33.23 -52.77 19.73
C ILE PA 36 32.99 -52.87 18.24
N GLU PA 37 31.99 -53.66 17.87
CA GLU PA 37 31.56 -53.82 16.49
C GLU PA 37 30.08 -53.46 16.40
N VAL PA 38 29.76 -52.48 15.56
CA VAL PA 38 28.40 -51.98 15.42
C VAL PA 38 28.08 -51.81 13.94
N ASP PA 39 26.92 -52.31 13.53
CA ASP PA 39 26.47 -52.23 12.15
C ASP PA 39 25.05 -51.66 12.09
N LEU PA 40 24.76 -50.93 11.02
CA LEU PA 40 23.43 -50.41 10.77
C LEU PA 40 22.70 -51.33 9.80
N LEU PA 41 21.47 -51.69 10.15
CA LEU PA 41 20.71 -52.70 9.43
C LEU PA 41 19.52 -52.05 8.71
N LYS PA 42 19.35 -52.38 7.43
CA LYS PA 42 18.20 -51.98 6.65
C LYS PA 42 17.46 -53.26 6.23
N ASN PA 43 16.26 -53.45 6.79
CA ASN PA 43 15.43 -54.63 6.51
C ASN PA 43 16.19 -55.93 6.83
N GLY PA 44 17.04 -55.89 7.84
CA GLY PA 44 17.79 -57.06 8.26
C GLY PA 44 19.13 -57.24 7.58
N GLU PA 45 19.53 -56.34 6.70
CA GLU PA 45 20.80 -56.45 5.99
C GLU PA 45 21.69 -55.26 6.32
N ARG PA 46 23.00 -55.51 6.33
CA ARG PA 46 23.97 -54.50 6.70
C ARG PA 46 24.02 -53.38 5.66
N ILE PA 47 24.33 -52.18 6.14
CA ILE PA 47 24.50 -51.00 5.30
C ILE PA 47 25.99 -50.83 5.02
N GLU PA 48 26.34 -50.62 3.76
CA GLU PA 48 27.75 -50.66 3.35
C GLU PA 48 28.50 -49.41 3.82
N LYS PA 49 28.10 -48.24 3.33
CA LYS PA 49 28.82 -46.99 3.61
C LYS PA 49 28.27 -46.37 4.88
N VAL PA 50 28.91 -46.68 6.01
CA VAL PA 50 28.55 -46.14 7.31
C VAL PA 50 29.78 -45.45 7.89
N GLU PA 51 29.67 -44.15 8.15
CA GLU PA 51 30.75 -43.41 8.79
C GLU PA 51 30.51 -43.35 10.30
N HIS PA 52 31.62 -43.35 11.04
CA HIS PA 52 31.57 -43.40 12.49
C HIS PA 52 32.38 -42.25 13.08
N SER PA 53 32.01 -41.85 14.29
CA SER PA 53 32.67 -40.74 14.97
C SER PA 53 34.02 -41.18 15.52
N ASP PA 54 34.73 -40.23 16.12
CA ASP PA 54 36.04 -40.50 16.70
C ASP PA 54 35.88 -40.92 18.16
N LEU PA 55 36.73 -41.85 18.60
CA LEU PA 55 36.60 -42.41 19.93
C LEU PA 55 36.86 -41.36 21.00
N SER PA 56 35.95 -41.29 21.97
CA SER PA 56 36.12 -40.42 23.13
C SER PA 56 35.51 -41.14 24.33
N PHE PA 57 35.60 -40.50 25.50
CA PHE PA 57 35.06 -41.11 26.71
C PHE PA 57 34.53 -40.03 27.62
N SER PA 58 33.64 -40.45 28.54
CA SER PA 58 32.95 -39.55 29.43
C SER PA 58 33.73 -39.40 30.73
N LYS PA 59 33.09 -38.80 31.74
CA LYS PA 59 33.77 -38.55 33.01
C LYS PA 59 34.13 -39.86 33.71
N ASP PA 60 33.23 -40.85 33.66
CA ASP PA 60 33.46 -42.13 34.33
C ASP PA 60 34.32 -43.08 33.50
N TRP PA 61 35.08 -42.56 32.52
CA TRP PA 61 36.01 -43.30 31.68
C TRP PA 61 35.31 -44.24 30.71
N SER PA 62 33.99 -44.24 30.65
CA SER PA 62 33.27 -45.07 29.70
C SER PA 62 33.24 -44.41 28.32
N PHE PA 63 33.41 -45.23 27.29
CA PHE PA 63 33.52 -44.73 25.93
C PHE PA 63 32.15 -44.41 25.33
N TYR PA 64 32.16 -43.67 24.23
CA TYR PA 64 30.95 -43.41 23.47
C TYR PA 64 31.30 -43.14 22.02
N LEU PA 65 30.46 -43.66 21.12
CA LEU PA 65 30.65 -43.50 19.68
C LEU PA 65 29.30 -43.26 19.02
N LEU PA 66 29.34 -42.68 17.82
CA LEU PA 66 28.15 -42.40 17.03
C LEU PA 66 28.37 -42.88 15.61
N TYR PA 67 27.62 -43.90 15.20
CA TYR PA 67 27.66 -44.39 13.84
C TYR PA 67 26.45 -43.84 13.09
N TYR PA 68 26.69 -43.31 11.89
CA TYR PA 68 25.65 -42.61 11.14
C TYR PA 68 25.82 -42.88 9.65
N THR PA 69 24.72 -42.69 8.91
CA THR PA 69 24.73 -42.77 7.46
C THR PA 69 23.51 -42.04 6.94
N GLU PA 70 23.56 -41.68 5.67
CA GLU PA 70 22.47 -40.95 5.02
C GLU PA 70 21.46 -41.94 4.44
N PHE PA 71 20.18 -41.64 4.63
CA PHE PA 71 19.12 -42.54 4.22
C PHE PA 71 17.85 -41.74 3.99
N THR PA 72 16.88 -42.38 3.36
CA THR PA 72 15.56 -41.79 3.12
C THR PA 72 14.49 -42.68 3.70
N PRO PA 73 13.82 -42.28 4.79
CA PRO PA 73 12.85 -43.17 5.43
C PRO PA 73 11.61 -43.37 4.55
N THR PA 74 11.01 -44.54 4.71
CA THR PA 74 9.77 -44.88 4.04
C THR PA 74 8.81 -45.50 5.05
N GLU PA 75 7.55 -45.65 4.62
CA GLU PA 75 6.55 -46.26 5.50
C GLU PA 75 6.81 -47.74 5.71
N LYS PA 76 7.48 -48.39 4.76
CA LYS PA 76 7.65 -49.84 4.77
C LYS PA 76 8.98 -50.26 5.40
N ASP PA 77 10.08 -49.60 5.02
CA ASP PA 77 11.41 -50.05 5.43
C ASP PA 77 11.58 -49.97 6.94
N GLU PA 78 12.07 -51.05 7.52
CA GLU PA 78 12.44 -51.10 8.93
C GLU PA 78 13.94 -50.92 9.05
N TYR PA 79 14.36 -50.24 10.12
CA TYR PA 79 15.77 -50.01 10.40
C TYR PA 79 16.08 -50.41 11.83
N ALA PA 80 17.32 -50.87 12.04
CA ALA PA 80 17.76 -51.31 13.35
C ALA PA 80 19.27 -51.18 13.44
N CYS PA 81 19.80 -51.35 14.65
CA CYS PA 81 21.23 -51.27 14.91
C CYS PA 81 21.69 -52.56 15.57
N ARG PA 82 22.77 -53.14 15.04
CA ARG PA 82 23.33 -54.37 15.55
C ARG PA 82 24.64 -54.05 16.27
N VAL PA 83 24.70 -54.36 17.57
CA VAL PA 83 25.85 -54.05 18.40
C VAL PA 83 26.34 -55.36 19.02
N ASN PA 84 27.60 -55.69 18.77
CA ASN PA 84 28.24 -56.85 19.38
C ASN PA 84 29.40 -56.36 20.23
N HIS PA 85 29.40 -56.76 21.50
CA HIS PA 85 30.40 -56.30 22.45
C HIS PA 85 30.84 -57.47 23.32
N VAL PA 86 32.01 -57.33 23.95
CA VAL PA 86 32.55 -58.40 24.77
C VAL PA 86 31.66 -58.65 25.98
N THR PA 87 30.91 -57.65 26.43
CA THR PA 87 29.96 -57.83 27.50
C THR PA 87 28.65 -58.44 27.03
N LEU PA 88 28.48 -58.64 25.73
CA LEU PA 88 27.26 -59.19 25.16
C LEU PA 88 27.52 -60.63 24.74
N SER PA 89 26.77 -61.57 25.35
CA SER PA 89 26.88 -62.96 24.94
C SER PA 89 26.48 -63.15 23.49
N GLN PA 90 25.39 -62.52 23.08
CA GLN PA 90 24.91 -62.52 21.70
C GLN PA 90 24.68 -61.09 21.25
N PRO PA 91 24.81 -60.82 19.96
CA PRO PA 91 24.60 -59.45 19.47
C PRO PA 91 23.21 -58.92 19.81
N LYS PA 92 23.14 -57.64 20.13
CA LYS PA 92 21.90 -57.00 20.54
C LYS PA 92 21.35 -56.17 19.39
N ILE PA 93 20.05 -56.29 19.14
CA ILE PA 93 19.36 -55.57 18.07
C ILE PA 93 18.41 -54.56 18.71
N VAL PA 94 18.50 -53.31 18.27
CA VAL PA 94 17.60 -52.25 18.69
C VAL PA 94 16.96 -51.67 17.44
N LYS PA 95 15.66 -51.90 17.28
CA LYS PA 95 14.94 -51.40 16.11
C LYS PA 95 14.75 -49.89 16.23
N TRP PA 96 14.78 -49.20 15.08
CA TRP PA 96 14.58 -47.76 15.05
C TRP PA 96 13.09 -47.47 15.20
N ASP PA 97 12.69 -47.11 16.41
CA ASP PA 97 11.32 -46.69 16.67
C ASP PA 97 11.20 -45.20 16.35
N ARG PA 98 10.49 -44.88 15.28
CA ARG PA 98 10.18 -43.48 15.00
C ARG PA 98 9.33 -42.91 16.13
N ASP PA 99 9.67 -41.69 16.55
CA ASP PA 99 9.19 -40.95 17.73
C ASP PA 99 9.78 -41.47 19.03
N MET PA 100 10.84 -42.27 18.97
CA MET PA 100 11.57 -42.68 20.18
C MET PA 100 13.07 -42.49 19.99
N VAL QA 1 46.08 -26.99 21.50
CA VAL QA 1 47.43 -27.54 21.46
C VAL QA 1 47.62 -28.67 22.47
N VAL QA 2 48.41 -29.66 22.08
CA VAL QA 2 48.69 -30.81 22.93
C VAL QA 2 49.75 -30.43 23.94
N GLY QA 3 49.52 -30.77 25.21
CA GLY QA 3 50.46 -30.36 26.23
C GLY QA 3 50.56 -31.29 27.43
N ALA QA 4 50.31 -32.57 27.21
CA ALA QA 4 50.39 -33.57 28.26
C ALA QA 4 51.85 -33.87 28.59
N VAL QA 5 52.23 -33.68 29.85
CA VAL QA 5 53.59 -33.95 30.30
C VAL QA 5 53.74 -35.45 30.52
N GLY QA 6 54.52 -36.10 29.67
CA GLY QA 6 54.78 -37.52 29.84
C GLY QA 6 56.10 -37.79 30.52
N VAL QA 7 56.05 -38.19 31.79
CA VAL QA 7 57.25 -38.33 32.61
C VAL QA 7 57.55 -39.77 33.02
N GLY QA 8 56.65 -40.73 32.77
CA GLY QA 8 57.04 -42.12 32.97
C GLY QA 8 56.03 -43.06 33.58
N LYS QA 9 55.12 -42.55 34.41
CA LYS QA 9 54.16 -43.38 35.15
C LYS QA 9 54.84 -44.58 35.81
N GLN RA 2 70.55 -15.50 16.54
CA GLN RA 2 69.67 -16.64 16.77
C GLN RA 2 68.35 -16.17 17.37
N LYS RA 3 67.60 -17.11 17.93
CA LYS RA 3 66.39 -16.75 18.67
C LYS RA 3 66.73 -16.29 20.08
N VAL RA 4 67.58 -17.04 20.77
CA VAL RA 4 67.99 -16.71 22.13
C VAL RA 4 69.29 -15.91 22.07
N GLN RA 5 69.28 -14.73 22.68
CA GLN RA 5 70.45 -13.86 22.73
C GLN RA 5 70.81 -13.58 24.19
N GLN RA 6 71.96 -14.11 24.62
CA GLN RA 6 72.45 -13.88 25.96
C GLN RA 6 73.38 -12.68 25.97
N SER RA 7 73.21 -11.82 26.98
CA SER RA 7 74.07 -10.65 27.17
C SER RA 7 74.28 -10.50 28.67
N PRO RA 8 75.52 -10.29 29.13
CA PRO RA 8 76.74 -10.09 28.34
C PRO RA 8 77.31 -11.38 27.77
N GLU RA 9 78.32 -11.26 26.91
CA GLU RA 9 79.05 -12.42 26.40
C GLU RA 9 80.26 -12.75 27.26
N SER RA 10 80.92 -11.72 27.81
CA SER RA 10 82.01 -11.91 28.75
C SER RA 10 81.79 -10.99 29.94
N LEU RA 11 82.12 -11.49 31.13
CA LEU RA 11 81.91 -10.72 32.37
C LEU RA 11 83.04 -11.04 33.33
N ILE RA 12 83.76 -10.02 33.77
CA ILE RA 12 84.81 -10.15 34.76
C ILE RA 12 84.28 -9.52 36.05
N VAL RA 13 83.92 -10.34 37.01
CA VAL RA 13 83.31 -9.90 38.27
C VAL RA 13 84.31 -10.10 39.40
N PRO RA 14 84.56 -9.10 40.23
CA PRO RA 14 85.44 -9.29 41.39
C PRO RA 14 84.82 -10.26 42.37
N GLU RA 15 85.68 -10.95 43.12
CA GLU RA 15 85.20 -11.87 44.13
C GLU RA 15 84.33 -11.15 45.14
N GLY RA 16 83.10 -11.64 45.32
CA GLY RA 16 82.16 -11.05 46.24
C GLY RA 16 81.10 -10.19 45.59
N GLY RA 17 81.26 -9.83 44.32
CA GLY RA 17 80.28 -9.01 43.65
C GLY RA 17 79.13 -9.83 43.09
N MET RA 18 78.06 -9.12 42.73
CA MET RA 18 76.90 -9.75 42.11
C MET RA 18 77.13 -9.83 40.61
N ALA RA 19 76.88 -11.00 40.04
CA ALA RA 19 77.05 -11.25 38.61
C ALA RA 19 75.67 -11.40 37.98
N SER RA 20 75.20 -10.36 37.31
CA SER RA 20 73.88 -10.36 36.69
C SER RA 20 74.04 -10.66 35.20
N LEU RA 21 73.54 -11.81 34.77
CA LEU RA 21 73.51 -12.19 33.37
C LEU RA 21 72.08 -12.20 32.87
N ASN RA 22 71.89 -11.83 31.61
CA ASN RA 22 70.57 -11.75 31.02
C ASN RA 22 70.48 -12.61 29.79
N CYS RA 23 69.24 -12.88 29.36
CA CYS RA 23 68.97 -13.66 28.17
C CYS RA 23 67.56 -13.34 27.68
N THR RA 24 67.43 -13.08 26.39
CA THR RA 24 66.15 -12.73 25.77
C THR RA 24 65.95 -13.60 24.55
N SER RA 25 64.69 -13.92 24.25
CA SER RA 25 64.36 -14.75 23.10
C SER RA 25 63.56 -13.94 22.09
N SER RA 26 63.69 -14.34 20.81
CA SER RA 26 62.95 -13.71 19.73
C SER RA 26 61.66 -14.46 19.43
N ASP RA 27 61.64 -15.78 19.61
CA ASP RA 27 60.43 -16.57 19.42
C ASP RA 27 59.42 -16.24 20.52
N ARG RA 28 58.31 -15.61 20.14
CA ARG RA 28 57.29 -15.25 21.12
C ARG RA 28 56.62 -16.47 21.74
N ASN RA 29 56.72 -17.63 21.10
CA ASN RA 29 56.09 -18.84 21.61
C ASN RA 29 57.06 -19.62 22.50
N VAL RA 30 57.43 -19.00 23.61
CA VAL RA 30 58.29 -19.61 24.62
C VAL RA 30 57.54 -19.55 25.95
N ASP RA 31 57.39 -20.71 26.59
CA ASP RA 31 56.66 -20.80 27.85
C ASP RA 31 57.53 -21.18 29.02
N TYR RA 32 58.81 -21.50 28.80
CA TYR RA 32 59.68 -21.97 29.87
C TYR RA 32 61.12 -21.58 29.53
N PHE RA 33 61.81 -21.01 30.51
CA PHE RA 33 63.21 -20.63 30.37
C PHE RA 33 64.05 -21.44 31.33
N TRP RA 34 65.33 -21.63 30.97
CA TRP RA 34 66.24 -22.45 31.76
C TRP RA 34 67.61 -21.78 31.80
N TRP RA 35 68.38 -22.09 32.85
CA TRP RA 35 69.75 -21.62 33.00
C TRP RA 35 70.63 -22.82 33.34
N TYR RA 36 71.70 -23.02 32.56
CA TYR RA 36 72.57 -24.18 32.70
C TYR RA 36 74.00 -23.73 32.97
N ARG RA 37 74.65 -24.36 33.94
CA ARG RA 37 76.04 -24.10 34.27
C ARG RA 37 76.93 -25.19 33.71
N GLN RA 38 77.95 -24.79 32.95
CA GLN RA 38 78.93 -25.72 32.40
C GLN RA 38 80.33 -25.24 32.78
N HIS RA 39 81.00 -26.00 33.65
CA HIS RA 39 82.39 -25.70 33.95
C HIS RA 39 83.27 -26.18 32.80
N SER RA 40 84.51 -25.69 32.78
CA SER RA 40 85.42 -25.98 31.68
C SER RA 40 85.65 -27.48 31.55
N GLY RA 41 85.43 -28.01 30.34
CA GLY RA 41 85.62 -29.41 30.06
C GLY RA 41 84.72 -30.32 30.87
N LYS RA 42 83.43 -30.00 30.91
CA LYS RA 42 82.45 -30.77 31.67
C LYS RA 42 81.13 -30.75 30.92
N SER RA 43 80.08 -31.21 31.58
CA SER RA 43 78.75 -31.30 30.99
C SER RA 43 77.85 -30.19 31.52
N PRO RA 44 77.04 -29.59 30.67
CA PRO RA 44 76.06 -28.61 31.15
C PRO RA 44 75.10 -29.24 32.14
N LYS RA 45 74.83 -28.51 33.23
CA LYS RA 45 73.96 -28.98 34.29
C LYS RA 45 72.98 -27.87 34.63
N MET RA 46 71.71 -28.23 34.81
CA MET RA 46 70.70 -27.21 35.07
C MET RA 46 70.95 -26.52 36.39
N LEU RA 47 70.95 -25.18 36.38
CA LEU RA 47 71.02 -24.39 37.60
C LEU RA 47 69.64 -23.95 38.07
N MET RA 48 68.93 -23.18 37.25
CA MET RA 48 67.64 -22.64 37.64
C MET RA 48 66.63 -22.86 36.52
N SER RA 49 65.36 -22.68 36.87
CA SER RA 49 64.26 -22.81 35.94
C SER RA 49 63.17 -21.82 36.34
N ILE RA 50 62.46 -21.28 35.34
CA ILE RA 50 61.38 -20.34 35.60
C ILE RA 50 60.39 -20.42 34.45
N PHE RA 51 59.10 -20.34 34.79
CA PHE RA 51 58.04 -20.27 33.79
C PHE RA 51 56.96 -19.26 34.14
N SER RA 52 56.93 -18.73 35.35
CA SER RA 52 55.95 -17.73 35.77
C SER RA 52 56.66 -16.42 36.06
N ASN RA 53 55.99 -15.31 35.75
CA ASN RA 53 56.56 -13.99 36.00
C ASN RA 53 56.83 -13.80 37.49
N GLY RA 54 58.04 -13.36 37.81
CA GLY RA 54 58.45 -13.13 39.17
C GLY RA 54 59.90 -13.52 39.38
N GLU RA 55 60.24 -13.80 40.63
CA GLU RA 55 61.61 -14.11 41.01
C GLU RA 55 61.62 -15.43 41.77
N LYS RA 56 62.75 -16.14 41.69
CA LYS RA 56 62.92 -17.42 42.37
C LYS RA 56 64.31 -17.45 42.99
N GLU RA 57 64.37 -17.46 44.32
CA GLU RA 57 65.62 -17.42 45.06
C GLU RA 57 65.98 -18.82 45.55
N GLU RA 58 67.22 -19.23 45.31
CA GLU RA 58 67.73 -20.49 45.83
C GLU RA 58 69.23 -20.31 46.08
N GLY RA 59 69.61 -20.24 47.35
CA GLY RA 59 71.00 -19.99 47.69
C GLY RA 59 71.45 -18.60 47.30
N ARG RA 60 72.51 -18.52 46.51
CA ARG RA 60 73.01 -17.24 46.01
C ARG RA 60 72.49 -16.91 44.62
N PHE RA 61 71.57 -17.72 44.09
CA PHE RA 61 71.11 -17.59 42.72
C PHE RA 61 69.65 -17.15 42.70
N THR RA 62 69.38 -16.03 42.04
CA THR RA 62 68.03 -15.56 41.78
C THR RA 62 67.78 -15.55 40.28
N VAL RA 63 66.64 -16.10 39.86
CA VAL RA 63 66.23 -16.07 38.47
C VAL RA 63 64.95 -15.25 38.37
N HIS RA 64 64.88 -14.41 37.35
CA HIS RA 64 63.77 -13.48 37.15
C HIS RA 64 63.21 -13.67 35.75
N LEU RA 65 61.91 -13.38 35.59
CA LEU RA 65 61.25 -13.58 34.31
C LEU RA 65 60.22 -12.49 34.08
N ASN RA 66 60.22 -11.95 32.86
CA ASN RA 66 59.17 -11.05 32.37
C ASN RA 66 58.73 -11.60 31.01
N LYS RA 67 57.63 -12.37 31.02
CA LYS RA 67 57.21 -13.04 29.79
C LYS RA 67 56.79 -12.04 28.72
N ALA RA 68 56.35 -10.83 29.12
CA ALA RA 68 55.95 -9.83 28.14
C ALA RA 68 57.11 -9.47 27.22
N SER RA 69 58.32 -9.40 27.76
CA SER RA 69 59.52 -9.12 26.97
C SER RA 69 60.40 -10.35 26.79
N LEU RA 70 59.99 -11.50 27.31
CA LEU RA 70 60.75 -12.75 27.19
C LEU RA 70 62.18 -12.57 27.71
N HIS RA 71 62.29 -12.01 28.91
CA HIS RA 71 63.59 -11.67 29.48
C HIS RA 71 63.81 -12.49 30.73
N THR RA 72 64.89 -13.27 30.74
CA THR RA 72 65.33 -14.02 31.92
C THR RA 72 66.63 -13.40 32.43
N SER RA 73 66.86 -13.50 33.73
CA SER RA 73 68.07 -12.96 34.31
C SER RA 73 68.52 -13.81 35.48
N LEU RA 74 69.78 -14.19 35.48
CA LEU RA 74 70.41 -14.91 36.57
C LEU RA 74 71.27 -13.95 37.38
N HIS RA 75 71.20 -14.08 38.71
CA HIS RA 75 71.92 -13.19 39.62
C HIS RA 75 72.69 -14.04 40.63
N ILE RA 76 74.00 -14.10 40.46
CA ILE RA 76 74.87 -14.85 41.36
C ILE RA 76 75.46 -13.85 42.35
N ARG RA 77 74.96 -13.87 43.58
CA ARG RA 77 75.47 -13.00 44.64
C ARG RA 77 76.64 -13.68 45.33
N ASP RA 78 77.49 -12.85 45.95
CA ASP RA 78 78.69 -13.31 46.65
C ASP RA 78 79.49 -14.26 45.76
N SER RA 79 79.94 -13.72 44.63
CA SER RA 79 80.62 -14.52 43.62
C SER RA 79 81.87 -15.16 44.20
N GLN RA 80 81.98 -16.48 44.01
CA GLN RA 80 83.12 -17.26 44.44
C GLN RA 80 83.83 -17.82 43.22
N PRO RA 81 85.16 -17.97 43.25
CA PRO RA 81 85.88 -18.44 42.06
C PRO RA 81 85.36 -19.77 41.50
N SER RA 82 84.63 -20.55 42.29
CA SER RA 82 84.07 -21.80 41.79
C SER RA 82 83.02 -21.57 40.71
N ASP RA 83 82.36 -20.41 40.74
CA ASP RA 83 81.30 -20.12 39.78
C ASP RA 83 81.82 -19.67 38.41
N SER RA 84 83.14 -19.59 38.22
CA SER RA 84 83.69 -19.27 36.92
C SER RA 84 83.34 -20.38 35.94
N ALA RA 85 82.45 -20.11 34.99
CA ALA RA 85 81.98 -21.14 34.06
C ALA RA 85 81.27 -20.44 32.90
N LEU RA 86 80.77 -21.25 31.98
CA LEU RA 86 79.93 -20.79 30.89
C LEU RA 86 78.47 -21.06 31.24
N TYR RA 87 77.64 -20.02 31.20
CA TYR RA 87 76.25 -20.10 31.58
C TYR RA 87 75.38 -20.04 30.32
N LEU RA 88 74.51 -21.04 30.15
CA LEU RA 88 73.72 -21.19 28.94
C LEU RA 88 72.24 -21.02 29.25
N CYS RA 89 71.57 -20.20 28.44
CA CYS RA 89 70.14 -19.96 28.58
C CYS RA 89 69.38 -20.79 27.55
N ALA RA 90 68.33 -21.48 28.00
CA ALA RA 90 67.52 -22.32 27.14
C ALA RA 90 66.07 -21.84 27.17
N ALA RA 91 65.32 -22.19 26.12
CA ALA RA 91 63.94 -21.75 25.99
C ALA RA 91 63.13 -22.82 25.26
N ARG RA 92 61.98 -23.19 25.83
CA ARG RA 92 61.13 -24.19 25.21
C ARG RA 92 60.48 -23.63 23.95
N ASP RA 93 60.43 -24.45 22.90
CA ASP RA 93 59.98 -24.03 21.58
C ASP RA 93 58.46 -24.07 21.50
N SER RA 94 57.94 -23.76 20.30
CA SER RA 94 56.56 -24.10 19.97
C SER RA 94 56.37 -25.60 19.96
N ASN RA 95 57.44 -26.33 19.62
CA ASN RA 95 57.56 -27.76 19.88
C ASN RA 95 57.87 -27.90 21.35
N TYR RA 96 58.49 -29.00 21.75
CA TYR RA 96 58.89 -29.13 23.14
C TYR RA 96 60.39 -29.38 23.23
N GLN RA 97 61.13 -28.74 22.33
CA GLN RA 97 62.58 -28.76 22.31
C GLN RA 97 63.12 -27.44 22.86
N LEU RA 98 64.40 -27.46 23.21
CA LEU RA 98 65.07 -26.33 23.85
C LEU RA 98 65.89 -25.55 22.83
N ILE RA 99 65.65 -24.25 22.74
CA ILE RA 99 66.48 -23.35 21.96
C ILE RA 99 67.61 -22.87 22.86
N TRP RA 100 68.85 -23.23 22.51
CA TRP RA 100 70.01 -22.89 23.32
C TRP RA 100 70.64 -21.59 22.84
N GLY RA 101 71.41 -20.96 23.73
CA GLY RA 101 72.05 -19.70 23.45
C GLY RA 101 73.56 -19.83 23.29
N SER RA 102 74.18 -18.72 22.89
CA SER RA 102 75.62 -18.71 22.65
C SER RA 102 76.40 -18.98 23.93
N GLY RA 103 76.04 -18.31 25.01
CA GLY RA 103 76.68 -18.54 26.30
C GLY RA 103 77.33 -17.29 26.88
N THR RA 104 77.33 -17.20 28.20
CA THR RA 104 77.96 -16.10 28.92
C THR RA 104 79.13 -16.67 29.73
N LYS RA 105 80.33 -16.14 29.50
CA LYS RA 105 81.52 -16.60 30.21
C LYS RA 105 81.73 -15.74 31.45
N LEU RA 106 81.74 -16.38 32.61
CA LEU RA 106 81.95 -15.70 33.88
C LEU RA 106 83.39 -15.94 34.34
N ILE RA 107 84.13 -14.85 34.52
CA ILE RA 107 85.50 -14.90 35.04
C ILE RA 107 85.52 -14.13 36.35
N ILE RA 108 85.81 -14.82 37.45
CA ILE RA 108 85.77 -14.24 38.77
C ILE RA 108 87.21 -14.07 39.26
N LYS RA 109 87.62 -12.81 39.43
CA LYS RA 109 88.98 -12.50 39.82
C LYS RA 109 89.13 -12.65 41.33
N PRO RA 110 90.03 -13.52 41.82
CA PRO RA 110 90.11 -13.76 43.26
C PRO RA 110 90.76 -12.60 44.00
N ASP RA 111 90.53 -12.58 45.31
CA ASP RA 111 91.12 -11.57 46.20
C ASP RA 111 92.40 -12.15 46.78
N ILE RA 112 93.54 -11.76 46.22
CA ILE RA 112 94.83 -12.17 46.76
C ILE RA 112 95.05 -11.39 48.04
N GLN RA 113 95.10 -12.10 49.17
CA GLN RA 113 95.13 -11.45 50.47
C GLN RA 113 96.48 -10.77 50.73
N ASN RA 114 97.58 -11.48 50.46
CA ASN RA 114 98.93 -10.98 50.72
C ASN RA 114 99.78 -11.19 49.48
N PRO RA 115 99.81 -10.21 48.57
CA PRO RA 115 100.61 -10.37 47.34
C PRO RA 115 102.10 -10.22 47.63
N ASP RA 116 102.88 -11.21 47.21
CA ASP RA 116 104.34 -11.18 47.34
C ASP RA 116 104.94 -11.67 46.03
N PRO RA 117 104.84 -10.87 44.97
CA PRO RA 117 105.26 -11.35 43.64
C PRO RA 117 106.75 -11.59 43.56
N ALA RA 118 107.13 -12.56 42.72
CA ALA RA 118 108.52 -12.95 42.57
C ALA RA 118 108.67 -13.77 41.30
N VAL RA 119 109.92 -13.90 40.86
CA VAL RA 119 110.28 -14.67 39.67
C VAL RA 119 111.40 -15.62 40.05
N TYR RA 120 111.29 -16.89 39.65
CA TYR RA 120 112.24 -17.92 40.02
C TYR RA 120 112.67 -18.72 38.80
N GLN RA 121 113.82 -19.37 38.93
CA GLN RA 121 114.34 -20.29 37.93
C GLN RA 121 114.17 -21.73 38.40
N LEU RA 122 113.82 -22.61 37.46
CA LEU RA 122 113.66 -24.03 37.73
C LEU RA 122 114.37 -24.81 36.64
N ARG RA 123 115.21 -25.76 37.04
CA ARG RA 123 115.98 -26.56 36.11
C ARG RA 123 115.37 -27.95 35.94
N ASP RA 124 115.62 -28.54 34.77
CA ASP RA 124 115.08 -29.86 34.46
C ASP RA 124 115.69 -30.91 35.38
N SER RA 125 114.86 -31.90 35.73
CA SER RA 125 115.28 -32.90 36.71
C SER RA 125 116.39 -33.79 36.17
N LYS RA 126 116.32 -34.14 34.89
CA LYS RA 126 117.32 -35.07 34.32
C LYS RA 126 118.64 -34.35 34.05
N SER RA 127 118.62 -33.33 33.20
CA SER RA 127 119.81 -32.55 32.88
C SER RA 127 119.46 -31.07 32.89
N SER RA 128 120.45 -30.25 33.24
CA SER RA 128 120.24 -28.81 33.38
C SER RA 128 120.23 -28.07 32.03
N ASP RA 129 119.92 -28.76 30.93
CA ASP RA 129 119.95 -28.12 29.62
C ASP RA 129 118.83 -27.10 29.47
N LYS RA 130 117.67 -27.37 30.05
CA LYS RA 130 116.47 -26.54 29.87
C LYS RA 130 116.06 -25.93 31.19
N SER RA 131 115.65 -24.66 31.14
CA SER RA 131 115.23 -23.93 32.33
C SER RA 131 113.97 -23.14 32.02
N VAL RA 132 113.20 -22.85 33.07
CA VAL RA 132 111.94 -22.12 32.96
C VAL RA 132 111.89 -21.03 34.00
N CYS RA 133 111.04 -20.03 33.75
CA CYS RA 133 110.79 -18.94 34.68
C CYS RA 133 109.38 -19.09 35.25
N LEU RA 134 109.23 -18.71 36.53
CA LEU RA 134 107.96 -18.84 37.23
C LEU RA 134 107.63 -17.52 37.90
N PHE RA 135 106.53 -16.90 37.47
CA PHE RA 135 106.03 -15.67 38.08
C PHE RA 135 104.82 -16.03 38.94
N THR RA 136 105.00 -15.97 40.26
CA THR RA 136 103.98 -16.46 41.19
C THR RA 136 103.73 -15.43 42.29
N ASP RA 137 102.65 -15.67 43.04
CA ASP RA 137 102.28 -14.88 44.21
C ASP RA 137 102.00 -13.42 43.87
N PHE RA 138 101.44 -13.17 42.69
CA PHE RA 138 101.04 -11.82 42.29
C PHE RA 138 99.53 -11.69 42.36
N ASP RA 139 99.07 -10.46 42.54
CA ASP RA 139 97.64 -10.20 42.73
C ASP RA 139 96.89 -10.31 41.40
N SER RA 140 95.56 -10.23 41.50
CA SER RA 140 94.70 -10.34 40.32
C SER RA 140 94.71 -9.07 39.48
N GLN RA 141 95.19 -7.95 40.03
CA GLN RA 141 95.26 -6.73 39.24
C GLN RA 141 96.31 -6.84 38.13
N THR RA 142 97.41 -7.53 38.42
CA THR RA 142 98.45 -7.73 37.42
C THR RA 142 97.92 -8.58 36.27
N ASN RA 143 98.15 -8.13 35.04
CA ASN RA 143 97.66 -8.79 33.84
C ASN RA 143 98.85 -9.35 33.07
N VAL RA 144 98.83 -10.65 32.82
CA VAL RA 144 99.92 -11.33 32.13
C VAL RA 144 99.77 -11.09 30.63
N SER RA 145 100.75 -10.41 30.05
CA SER RA 145 100.76 -10.15 28.61
C SER RA 145 101.46 -11.29 27.88
N GLN RA 146 101.07 -11.50 26.63
CA GLN RA 146 101.62 -12.60 25.84
C GLN RA 146 103.10 -12.36 25.56
N SER RA 147 103.84 -13.46 25.41
CA SER RA 147 105.26 -13.38 25.09
C SER RA 147 105.47 -12.71 23.74
N LYS RA 148 106.45 -11.82 23.67
CA LYS RA 148 106.76 -11.13 22.43
C LYS RA 148 107.84 -11.88 21.63
N ASP RA 149 109.01 -12.06 22.23
CA ASP RA 149 110.09 -12.77 21.54
C ASP RA 149 109.62 -14.16 21.14
N SER RA 150 109.70 -14.44 19.83
CA SER RA 150 109.11 -15.66 19.29
C SER RA 150 109.77 -16.93 19.80
N ASP RA 151 111.01 -16.84 20.29
CA ASP RA 151 111.70 -18.02 20.78
C ASP RA 151 111.24 -18.45 22.16
N VAL RA 152 110.58 -17.57 22.91
CA VAL RA 152 110.13 -17.86 24.27
C VAL RA 152 108.60 -17.80 24.29
N TYR RA 153 108.00 -18.70 25.07
CA TYR RA 153 106.54 -18.82 25.16
C TYR RA 153 106.12 -18.63 26.61
N ILE RA 154 105.16 -17.73 26.83
CA ILE RA 154 104.65 -17.41 28.16
C ILE RA 154 103.23 -17.96 28.27
N THR RA 155 103.00 -18.75 29.32
CA THR RA 155 101.67 -19.30 29.54
C THR RA 155 100.73 -18.23 30.10
N ASP RA 156 99.43 -18.52 30.05
CA ASP RA 156 98.45 -17.60 30.58
C ASP RA 156 98.41 -17.65 32.11
N LYS RA 157 97.74 -16.67 32.69
CA LYS RA 157 97.62 -16.60 34.15
C LYS RA 157 96.75 -17.74 34.67
N CYS RA 158 97.13 -18.27 35.83
CA CYS RA 158 96.37 -19.32 36.49
C CYS RA 158 96.21 -18.97 37.96
N VAL RA 159 95.24 -19.59 38.62
CA VAL RA 159 94.91 -19.33 40.01
C VAL RA 159 95.02 -20.63 40.79
N LEU RA 160 95.89 -20.64 41.80
CA LEU RA 160 96.07 -21.78 42.68
C LEU RA 160 95.31 -21.57 43.98
N ASP RA 161 95.15 -22.66 44.73
CA ASP RA 161 94.42 -22.60 46.01
C ASP RA 161 94.93 -23.70 46.93
N MET RA 162 95.70 -23.31 47.93
CA MET RA 162 96.08 -24.22 49.02
C MET RA 162 95.05 -24.05 50.14
N ARG RA 163 94.22 -25.09 50.32
CA ARG RA 163 93.03 -24.96 51.17
C ARG RA 163 93.37 -24.99 52.65
N SER RA 164 94.38 -25.79 53.04
CA SER RA 164 94.71 -25.91 54.45
C SER RA 164 95.24 -24.60 55.01
N MET RA 165 96.03 -23.87 54.24
CA MET RA 165 96.61 -22.61 54.68
C MET RA 165 95.75 -21.41 54.33
N ASP RA 166 94.64 -21.61 53.60
CA ASP RA 166 93.77 -20.52 53.16
C ASP RA 166 94.56 -19.47 52.37
N PHE RA 167 95.42 -19.95 51.47
CA PHE RA 167 96.27 -19.10 50.65
C PHE RA 167 95.88 -19.28 49.18
N LYS RA 168 95.70 -18.15 48.49
CA LYS RA 168 95.37 -18.15 47.06
C LYS RA 168 96.49 -17.44 46.32
N SER RA 169 96.99 -18.06 45.26
CA SER RA 169 98.13 -17.53 44.53
C SER RA 169 97.88 -17.64 43.04
N ASN RA 170 98.55 -16.77 42.28
CA ASN RA 170 98.51 -16.78 40.83
C ASN RA 170 99.88 -17.18 40.30
N SER RA 171 99.90 -17.79 39.12
CA SER RA 171 101.15 -18.31 38.56
C SER RA 171 101.16 -18.18 37.04
N ALA RA 172 102.35 -17.96 36.50
CA ALA RA 172 102.59 -17.93 35.06
C ALA RA 172 103.95 -18.56 34.79
N VAL RA 173 104.10 -19.17 33.62
CA VAL RA 173 105.28 -19.95 33.28
C VAL RA 173 105.78 -19.53 31.91
N ALA RA 174 107.10 -19.46 31.77
CA ALA RA 174 107.74 -19.18 30.49
C ALA RA 174 108.93 -20.11 30.30
N TRP RA 175 109.26 -20.40 29.05
CA TRP RA 175 110.40 -21.25 28.73
C TRP RA 175 110.91 -20.90 27.34
N SER RA 176 112.22 -21.09 27.15
CA SER RA 176 112.86 -20.87 25.86
C SER RA 176 113.95 -21.92 25.66
N ASN RA 177 114.21 -22.24 24.40
CA ASN RA 177 115.24 -23.22 24.06
C ASN RA 177 116.62 -22.60 23.88
N LYS RA 178 116.70 -21.29 23.73
CA LYS RA 178 117.99 -20.63 23.55
C LYS RA 178 118.66 -20.37 24.88
N SER RA 179 120.00 -20.37 24.86
CA SER RA 179 120.76 -20.23 26.10
C SER RA 179 120.74 -18.80 26.64
N ASP RA 180 120.66 -17.81 25.75
CA ASP RA 180 120.64 -16.40 26.16
C ASP RA 180 119.25 -16.06 26.69
N PHE RA 181 118.90 -16.69 27.82
CA PHE RA 181 117.58 -16.54 28.43
C PHE RA 181 117.74 -16.47 29.93
N ALA RA 182 117.23 -15.39 30.53
CA ALA RA 182 117.28 -15.21 31.97
C ALA RA 182 115.94 -14.70 32.45
N CYS RA 183 115.61 -15.00 33.70
CA CYS RA 183 114.35 -14.53 34.27
C CYS RA 183 114.35 -13.01 34.46
N ALA RA 184 115.53 -12.41 34.63
CA ALA RA 184 115.60 -10.95 34.72
C ALA RA 184 115.19 -10.31 33.38
N ASN RA 185 115.59 -10.91 32.27
CA ASN RA 185 115.24 -10.43 30.95
C ASN RA 185 113.98 -11.08 30.39
N ALA RA 186 113.26 -11.85 31.22
CA ALA RA 186 111.98 -12.41 30.83
C ALA RA 186 110.85 -11.58 31.42
N PHE RA 187 109.66 -11.79 30.87
CA PHE RA 187 108.42 -11.14 31.32
C PHE RA 187 108.42 -9.63 31.11
N ASN RA 188 109.37 -9.09 30.34
CA ASN RA 188 109.43 -7.65 30.12
C ASN RA 188 108.24 -7.15 29.30
N ASN RA 189 107.51 -8.04 28.64
CA ASN RA 189 106.37 -7.64 27.83
C ASN RA 189 105.11 -7.38 28.65
N SER RA 190 105.14 -7.68 29.95
CA SER RA 190 103.99 -7.51 30.82
C SER RA 190 104.23 -6.36 31.80
N ILE RA 191 103.18 -6.03 32.55
CA ILE RA 191 103.23 -4.95 33.54
C ILE RA 191 103.70 -5.58 34.84
N ILE RA 192 105.01 -5.67 35.00
CA ILE RA 192 105.59 -6.26 36.21
C ILE RA 192 105.48 -5.25 37.35
N PRO RA 193 104.97 -5.64 38.51
CA PRO RA 193 104.99 -4.72 39.65
C PRO RA 193 106.43 -4.52 40.15
N GLU RA 194 106.65 -3.35 40.78
CA GLU RA 194 107.98 -2.98 41.22
C GLU RA 194 108.40 -3.65 42.52
N ASP RA 195 107.53 -4.44 43.14
CA ASP RA 195 107.84 -5.12 44.38
C ASP RA 195 108.18 -6.59 44.19
N THR RA 196 108.46 -7.01 42.95
CA THR RA 196 108.80 -8.40 42.69
C THR RA 196 110.20 -8.71 43.18
N PHE RA 197 110.39 -9.95 43.62
CA PHE RA 197 111.69 -10.44 44.06
C PHE RA 197 112.48 -10.99 42.88
N PHE RA 198 113.80 -10.87 42.97
CA PHE RA 198 114.70 -11.40 41.95
C PHE RA 198 115.93 -12.02 42.62
N PRO RA 199 116.21 -13.30 42.37
CA PRO RA 199 117.38 -13.98 42.94
C PRO RA 199 118.71 -13.38 42.47
N ALA SA 2 70.57 -39.22 37.97
CA ALA SA 2 70.33 -39.66 36.60
C ALA SA 2 71.62 -39.67 35.79
N ALA SA 3 72.09 -40.88 35.45
CA ALA SA 3 73.41 -41.07 34.86
C ALA SA 3 73.27 -41.41 33.37
N VAL SA 4 73.89 -40.61 32.53
CA VAL SA 4 73.93 -40.83 31.09
C VAL SA 4 75.39 -40.97 30.67
N THR SA 5 75.70 -42.04 29.94
CA THR SA 5 77.07 -42.35 29.55
C THR SA 5 77.27 -42.15 28.06
N GLN SA 6 78.53 -42.09 27.64
CA GLN SA 6 78.89 -41.90 26.25
C GLN SA 6 80.13 -42.72 25.93
N SER SA 7 80.12 -43.38 24.76
CA SER SA 7 81.25 -44.18 24.31
C SER SA 7 81.34 -44.05 22.79
N PRO SA 8 82.49 -43.67 22.24
CA PRO SA 8 83.74 -43.36 22.96
C PRO SA 8 83.67 -42.00 23.64
N ARG SA 9 84.67 -41.65 24.43
CA ARG SA 9 84.73 -40.33 25.03
C ARG SA 9 85.66 -39.40 24.30
N ASN SA 10 86.77 -39.91 23.75
CA ASN SA 10 87.67 -39.17 22.88
C ASN SA 10 88.04 -40.07 21.70
N LYS SA 11 88.09 -39.47 20.52
CA LYS SA 11 88.40 -40.27 19.30
C LYS SA 11 89.12 -39.42 18.26
N VAL SA 12 90.31 -39.83 17.82
CA VAL SA 12 91.01 -39.12 16.72
C VAL SA 12 90.42 -39.67 15.41
N ALA SA 13 90.53 -38.94 14.30
CA ALA SA 13 89.82 -39.41 13.09
C ALA SA 13 90.52 -38.99 11.80
N VAL SA 14 90.38 -39.81 10.76
CA VAL SA 14 90.95 -39.45 9.43
C VAL SA 14 89.76 -39.07 8.54
N THR SA 15 89.95 -38.14 7.62
CA THR SA 15 88.80 -37.66 6.81
C THR SA 15 88.20 -38.80 6.03
N GLY SA 16 86.94 -38.65 5.61
CA GLY SA 16 86.25 -39.67 4.87
C GLY SA 16 85.99 -40.93 5.66
N GLY SA 17 86.63 -41.11 6.80
CA GLY SA 17 86.39 -42.26 7.63
C GLY SA 17 85.04 -42.20 8.33
N LYS SA 18 84.66 -43.33 8.92
CA LYS SA 18 83.35 -43.49 9.53
C LYS SA 18 83.51 -43.59 11.05
N VAL SA 19 82.91 -42.64 11.77
CA VAL SA 19 82.92 -42.60 13.23
C VAL SA 19 81.50 -42.80 13.72
N THR SA 20 81.35 -43.58 14.79
CA THR SA 20 80.04 -43.82 15.39
C THR SA 20 80.15 -43.61 16.89
N LEU SA 21 79.50 -42.56 17.40
CA LEU SA 21 79.48 -42.27 18.82
C LEU SA 21 78.15 -42.76 19.41
N SER SA 22 78.23 -43.43 20.54
CA SER SA 22 77.06 -44.01 21.17
C SER SA 22 76.81 -43.36 22.52
N CYS SA 23 75.58 -43.53 23.01
CA CYS SA 23 75.16 -42.95 24.28
C CYS SA 23 74.17 -43.92 24.93
N ASN SA 24 74.31 -44.10 26.24
CA ASN SA 24 73.48 -45.06 26.98
C ASN SA 24 72.86 -44.36 28.18
N GLN SA 25 71.53 -44.27 28.18
CA GLN SA 25 70.77 -43.84 29.35
C GLN SA 25 70.20 -45.05 30.05
N THR SA 26 69.93 -44.89 31.35
CA THR SA 26 69.28 -45.93 32.15
C THR SA 26 68.14 -45.35 32.98
N ASN SA 27 67.67 -44.16 32.63
CA ASN SA 27 66.72 -43.42 33.46
C ASN SA 27 65.31 -43.42 32.88
N ASN SA 28 65.02 -44.37 31.98
CA ASN SA 28 63.67 -44.54 31.44
C ASN SA 28 63.16 -43.27 30.77
N HIS SA 29 64.04 -42.62 30.00
CA HIS SA 29 63.73 -41.37 29.33
C HIS SA 29 63.47 -41.65 27.85
N ASN SA 30 62.23 -41.42 27.40
CA ASN SA 30 61.92 -41.73 26.02
C ASN SA 30 62.52 -40.74 25.04
N ASN SA 31 62.91 -39.55 25.48
CA ASN SA 31 63.48 -38.54 24.60
C ASN SA 31 64.99 -38.51 24.78
N MET SA 32 65.72 -38.75 23.70
CA MET SA 32 67.17 -38.70 23.69
C MET SA 32 67.64 -37.78 22.58
N TYR SA 33 68.71 -37.03 22.85
CA TYR SA 33 69.17 -35.96 21.97
C TYR SA 33 70.66 -36.11 21.70
N TRP SA 34 71.10 -35.50 20.60
CA TRP SA 34 72.52 -35.43 20.25
C TRP SA 34 72.87 -33.99 19.92
N TYR SA 35 73.85 -33.43 20.64
CA TYR SA 35 74.23 -32.03 20.49
C TYR SA 35 75.71 -31.96 20.11
N ARG SA 36 76.10 -30.80 19.56
CA ARG SA 36 77.50 -30.49 19.30
C ARG SA 36 77.77 -29.07 19.80
N GLN SA 37 78.86 -28.90 20.55
CA GLN SA 37 79.18 -27.63 21.19
C GLN SA 37 80.32 -26.96 20.45
N ASP SA 38 80.01 -25.88 19.74
CA ASP SA 38 81.02 -25.07 19.05
C ASP SA 38 81.00 -23.66 19.61
N THR SA 39 82.18 -23.06 19.70
CA THR SA 39 82.32 -21.72 20.25
C THR SA 39 81.55 -20.71 19.40
N GLY SA 40 80.73 -19.89 20.06
CA GLY SA 40 79.92 -18.90 19.38
C GLY SA 40 78.53 -19.36 19.00
N HIS SA 41 78.26 -20.67 19.05
CA HIS SA 41 76.95 -21.21 18.70
C HIS SA 41 76.31 -22.00 19.83
N GLY SA 42 76.99 -22.15 20.97
CA GLY SA 42 76.40 -22.89 22.07
C GLY SA 42 76.22 -24.36 21.72
N LEU SA 43 75.10 -24.93 22.17
CA LEU SA 43 74.75 -26.30 21.83
C LEU SA 43 73.84 -26.31 20.61
N ARG SA 44 74.03 -27.31 19.75
CA ARG SA 44 73.26 -27.42 18.51
C ARG SA 44 72.85 -28.87 18.31
N LEU SA 45 71.54 -29.10 18.16
CA LEU SA 45 70.97 -30.45 18.10
C LEU SA 45 71.15 -31.07 16.72
N ILE SA 46 71.94 -32.14 16.64
CA ILE SA 46 72.08 -32.80 15.34
C ILE SA 46 70.85 -33.66 15.05
N HIS SA 47 70.50 -34.56 15.97
CA HIS SA 47 69.36 -35.45 15.79
C HIS SA 47 68.76 -35.74 17.15
N TYR SA 48 67.43 -35.92 17.18
CA TYR SA 48 66.74 -36.31 18.40
C TYR SA 48 65.87 -37.52 18.11
N SER SA 49 65.32 -38.11 19.16
CA SER SA 49 64.51 -39.32 19.03
C SER SA 49 63.46 -39.34 20.12
N TYR SA 50 62.19 -39.35 19.70
CA TYR SA 50 61.07 -39.37 20.66
C TYR SA 50 60.86 -40.74 21.27
N GLY SA 51 61.40 -41.79 20.68
CA GLY SA 51 61.23 -43.13 21.19
C GLY SA 51 62.10 -44.10 20.43
N ALA SA 52 61.97 -45.38 20.80
CA ALA SA 52 62.80 -46.41 20.21
C ALA SA 52 62.46 -46.58 18.72
N GLY SA 53 63.47 -46.43 17.87
CA GLY SA 53 63.27 -46.64 16.44
C GLY SA 53 62.75 -45.45 15.68
N SER SA 54 62.78 -44.26 16.28
CA SER SA 54 62.19 -43.07 15.67
C SER SA 54 63.20 -41.92 15.63
N THR SA 55 64.38 -42.18 15.05
CA THR SA 55 65.37 -41.12 14.88
C THR SA 55 64.80 -40.03 13.98
N GLU SA 56 64.97 -38.78 14.40
CA GLU SA 56 64.38 -37.63 13.72
C GLU SA 56 65.47 -36.57 13.53
N LYS SA 57 65.28 -35.72 12.53
CA LYS SA 57 66.30 -34.75 12.17
C LYS SA 57 66.20 -33.50 13.05
N GLY SA 58 67.35 -32.85 13.27
CA GLY SA 58 67.44 -31.66 14.11
C GLY SA 58 67.61 -30.38 13.31
N ASP SA 59 68.32 -29.39 13.86
CA ASP SA 59 68.52 -28.15 13.10
C ASP SA 59 69.79 -28.16 12.25
N ILE SA 60 70.72 -29.06 12.53
CA ILE SA 60 71.89 -29.24 11.65
C ILE SA 60 72.07 -30.73 11.35
N PRO SA 61 71.16 -31.35 10.60
CA PRO SA 61 71.20 -32.81 10.41
C PRO SA 61 72.09 -33.28 9.26
N ASP SA 62 72.74 -32.39 8.54
CA ASP SA 62 73.54 -32.77 7.38
C ASP SA 62 74.95 -33.15 7.80
N GLY SA 63 75.52 -34.13 7.10
CA GLY SA 63 76.82 -34.67 7.44
C GLY SA 63 76.81 -35.71 8.54
N TYR SA 64 75.70 -35.88 9.24
CA TYR SA 64 75.59 -36.83 10.34
C TYR SA 64 74.41 -37.75 10.11
N LYS SA 65 74.47 -38.92 10.75
CA LYS SA 65 73.39 -39.90 10.71
C LYS SA 65 73.14 -40.39 12.14
N ALA SA 66 71.99 -41.02 12.35
CA ALA SA 66 71.62 -41.41 13.70
C ALA SA 66 70.80 -42.71 13.66
N SER SA 67 70.76 -43.38 14.80
CA SER SA 67 70.03 -44.64 14.93
C SER SA 67 69.66 -44.84 16.39
N ARG SA 68 68.43 -45.29 16.64
CA ARG SA 68 67.92 -45.56 17.98
C ARG SA 68 67.50 -47.02 18.06
N PRO SA 69 68.38 -47.92 18.51
CA PRO SA 69 68.00 -49.33 18.60
C PRO SA 69 66.99 -49.59 19.70
N SER SA 70 67.25 -49.08 20.89
CA SER SA 70 66.40 -49.33 22.06
C SER SA 70 66.14 -48.01 22.78
N GLN SA 71 65.36 -48.10 23.86
CA GLN SA 71 65.07 -46.91 24.66
C GLN SA 71 66.30 -46.45 25.43
N GLU SA 72 67.29 -47.33 25.60
CA GLU SA 72 68.47 -47.04 26.40
C GLU SA 72 69.67 -46.59 25.59
N ASN SA 73 69.64 -46.76 24.27
CA ASN SA 73 70.81 -46.48 23.44
C ASN SA 73 70.43 -45.59 22.25
N PHE SA 74 71.32 -44.65 21.94
CA PHE SA 74 71.14 -43.72 20.83
C PHE SA 74 72.51 -43.43 20.25
N SER SA 75 72.72 -43.75 18.97
CA SER SA 75 74.02 -43.63 18.35
C SER SA 75 73.99 -42.63 17.21
N LEU SA 76 75.08 -41.88 17.07
CA LEU SA 76 75.25 -40.89 16.01
C LEU SA 76 76.35 -41.39 15.08
N ILE SA 77 75.99 -41.64 13.82
CA ILE SA 77 76.91 -42.20 12.83
C ILE SA 77 77.48 -41.05 12.00
N LEU SA 78 78.76 -41.18 11.64
CA LEU SA 78 79.51 -40.18 10.89
C LEU SA 78 80.18 -40.90 9.71
N GLU SA 79 79.38 -41.28 8.72
CA GLU SA 79 79.90 -42.10 7.62
C GLU SA 79 80.96 -41.36 6.82
N LEU SA 80 80.71 -40.10 6.47
CA LEU SA 80 81.68 -39.27 5.77
C LEU SA 80 82.12 -38.16 6.71
N ALA SA 81 83.37 -38.23 7.14
CA ALA SA 81 83.91 -37.23 8.06
C ALA SA 81 84.40 -36.01 7.30
N THR SA 82 84.55 -34.90 8.04
CA THR SA 82 85.06 -33.65 7.49
C THR SA 82 85.40 -32.68 8.63
N PRO SA 83 86.54 -31.94 8.54
CA PRO SA 83 86.93 -30.99 9.60
C PRO SA 83 85.79 -30.16 10.18
N SER SA 84 84.75 -29.91 9.37
CA SER SA 84 83.52 -29.30 9.86
C SER SA 84 82.84 -30.13 10.95
N GLN SA 85 83.37 -31.31 11.27
CA GLN SA 85 82.80 -32.22 12.27
C GLN SA 85 83.76 -32.41 13.44
N THR SA 86 84.61 -31.41 13.68
CA THR SA 86 85.57 -31.48 14.81
C THR SA 86 85.05 -30.65 15.95
N SER SA 87 84.40 -31.28 16.93
CA SER SA 87 83.91 -30.58 18.11
C SER SA 87 83.67 -31.59 19.23
N VAL SA 88 83.08 -31.10 20.32
CA VAL SA 88 82.67 -31.95 21.43
C VAL SA 88 81.19 -32.27 21.25
N TYR SA 89 80.86 -33.55 21.30
CA TYR SA 89 79.50 -34.02 21.08
C TYR SA 89 78.87 -34.46 22.40
N PHE SA 90 77.65 -34.00 22.66
CA PHE SA 90 76.95 -34.25 23.91
C PHE SA 90 75.64 -34.97 23.62
N CYS SA 91 75.31 -35.96 24.45
CA CYS SA 91 74.04 -36.65 24.37
C CYS SA 91 73.22 -36.36 25.62
N ALA SA 92 71.93 -36.15 25.45
CA ALA SA 92 71.04 -35.78 26.56
C ALA SA 92 69.79 -36.63 26.52
N SER SA 93 69.25 -36.90 27.71
CA SER SA 93 68.02 -37.67 27.87
C SER SA 93 67.02 -36.83 28.66
N GLY SA 94 65.77 -36.78 28.18
CA GLY SA 94 64.72 -36.01 28.82
C GLY SA 94 63.39 -36.68 28.63
N ASP SA 95 62.34 -36.02 29.12
CA ASP SA 95 60.98 -36.58 29.16
C ASP SA 95 59.98 -35.50 28.75
N PHE SA 96 59.90 -35.26 27.43
CA PHE SA 96 58.95 -34.35 26.81
C PHE SA 96 58.55 -33.15 27.67
N GLY SA 97 59.52 -32.30 27.99
CA GLY SA 97 59.30 -31.10 28.78
C GLY SA 97 58.49 -31.33 30.05
N GLY SA 98 59.12 -31.89 31.07
CA GLY SA 98 60.54 -32.15 31.05
C GLY SA 98 61.31 -31.13 31.86
N TYR SA 99 61.53 -31.45 33.13
CA TYR SA 99 62.13 -30.48 34.04
C TYR SA 99 63.62 -30.24 33.76
N GLU SA 100 64.30 -31.20 33.13
CA GLU SA 100 65.74 -31.11 32.94
C GLU SA 100 66.18 -32.02 31.83
N GLN SA 101 67.07 -31.53 30.97
CA GLN SA 101 67.73 -32.35 29.95
C GLN SA 101 69.05 -32.83 30.54
N TYR SA 102 69.08 -34.09 30.99
CA TYR SA 102 70.26 -34.63 31.65
C TYR SA 102 71.33 -34.91 30.61
N PHE SA 103 72.45 -34.18 30.70
CA PHE SA 103 73.50 -34.24 29.69
C PHE SA 103 74.54 -35.31 30.03
N GLY SA 104 75.21 -35.81 28.99
CA GLY SA 104 76.22 -36.83 29.16
C GLY SA 104 77.62 -36.24 29.29
N PRO SA 105 78.62 -37.12 29.43
CA PRO SA 105 79.98 -36.61 29.70
C PRO SA 105 80.58 -35.82 28.55
N GLY SA 106 80.35 -36.23 27.32
CA GLY SA 106 80.86 -35.51 26.17
C GLY SA 106 81.92 -36.31 25.44
N THR SA 107 82.03 -36.04 24.14
CA THR SA 107 82.97 -36.77 23.28
C THR SA 107 83.71 -35.80 22.38
N ARG SA 108 85.04 -35.83 22.45
CA ARG SA 108 85.89 -34.95 21.67
C ARG SA 108 86.34 -35.67 20.39
N LEU SA 109 85.92 -35.15 19.25
CA LEU SA 109 86.25 -35.72 17.95
C LEU SA 109 87.18 -34.78 17.19
N THR SA 110 88.30 -35.32 16.71
CA THR SA 110 89.32 -34.55 16.01
C THR SA 110 89.52 -35.18 14.64
N VAL SA 111 88.71 -34.70 13.68
CA VAL SA 111 88.78 -35.19 12.27
C VAL SA 111 89.96 -34.50 11.57
N LEU SA 112 91.02 -35.25 11.33
CA LEU SA 112 92.22 -34.77 10.65
C LEU SA 112 92.29 -35.38 9.27
N GLU SA 113 93.17 -34.82 8.43
CA GLU SA 113 93.35 -35.37 7.07
C GLU SA 113 94.45 -36.45 7.09
N ASP SA 114 95.27 -36.46 8.15
CA ASP SA 114 96.36 -37.42 8.21
C ASP SA 114 96.73 -37.66 9.67
N LEU SA 115 97.06 -38.91 10.00
CA LEU SA 115 97.47 -39.28 11.33
C LEU SA 115 98.97 -39.16 11.55
N LYS SA 116 99.71 -38.64 10.56
CA LYS SA 116 101.16 -38.51 10.66
C LYS SA 116 101.59 -37.27 11.44
N ASN SA 117 100.64 -36.43 11.87
CA ASN SA 117 100.93 -35.30 12.73
C ASN SA 117 100.64 -35.60 14.20
N VAL SA 118 100.21 -36.81 14.52
CA VAL SA 118 99.83 -37.16 15.89
C VAL SA 118 101.09 -37.51 16.67
N PHE SA 119 101.34 -36.80 17.77
CA PHE SA 119 102.52 -36.98 18.58
C PHE SA 119 102.15 -37.03 20.06
N PRO SA 120 102.73 -37.98 20.80
CA PRO SA 120 102.48 -38.03 22.25
C PRO SA 120 103.21 -36.92 22.97
N PRO SA 121 102.81 -36.57 24.18
CA PRO SA 121 103.47 -35.49 24.90
C PRO SA 121 104.69 -35.97 25.66
N GLU SA 122 105.61 -35.05 25.88
CA GLU SA 122 106.79 -35.27 26.72
C GLU SA 122 106.61 -34.48 28.01
N VAL SA 123 106.67 -35.18 29.14
CA VAL SA 123 106.34 -34.61 30.45
C VAL SA 123 107.60 -34.56 31.30
N ALA SA 124 107.86 -33.41 31.90
CA ALA SA 124 108.98 -33.23 32.81
C ALA SA 124 108.51 -32.44 34.02
N VAL SA 125 109.05 -32.78 35.19
CA VAL SA 125 108.72 -32.12 36.45
C VAL SA 125 109.93 -31.31 36.91
N PHE SA 126 109.70 -30.05 37.25
CA PHE SA 126 110.76 -29.14 37.66
C PHE SA 126 110.65 -28.87 39.15
N GLU SA 127 111.74 -29.08 39.87
CA GLU SA 127 111.72 -28.97 41.32
C GLU SA 127 111.69 -27.50 41.74
N PRO SA 128 111.07 -27.20 42.89
CA PRO SA 128 110.90 -25.80 43.30
C PRO SA 128 112.23 -25.09 43.51
N SER SA 129 112.25 -23.80 43.17
CA SER SA 129 113.42 -22.98 43.42
C SER SA 129 113.54 -22.70 44.92
N GLU SA 130 114.78 -22.73 45.41
CA GLU SA 130 115.01 -22.47 46.83
C GLU SA 130 114.74 -21.03 47.21
N ALA SA 131 114.84 -20.10 46.25
CA ALA SA 131 114.52 -18.71 46.54
C ALA SA 131 113.05 -18.54 46.94
N GLU SA 132 112.18 -19.42 46.45
CA GLU SA 132 110.78 -19.37 46.87
C GLU SA 132 110.60 -19.93 48.27
N ILE SA 133 111.33 -20.99 48.59
CA ILE SA 133 111.23 -21.59 49.93
C ILE SA 133 111.75 -20.62 50.98
N SER SA 134 112.83 -19.91 50.68
CA SER SA 134 113.38 -18.97 51.65
C SER SA 134 112.49 -17.75 51.82
N HIS SA 135 111.87 -17.29 50.73
CA HIS SA 135 111.13 -16.02 50.76
C HIS SA 135 109.70 -16.22 51.25
N THR SA 136 109.06 -17.32 50.87
CA THR SA 136 107.65 -17.53 51.16
C THR SA 136 107.35 -18.77 51.99
N GLN SA 137 108.36 -19.60 52.28
CA GLN SA 137 108.15 -20.85 53.01
C GLN SA 137 107.15 -21.76 52.30
N LYS SA 138 107.18 -21.73 50.96
CA LYS SA 138 106.31 -22.54 50.13
C LYS SA 138 107.10 -23.04 48.93
N ALA SA 139 106.66 -24.17 48.36
CA ALA SA 139 107.34 -24.80 47.25
C ALA SA 139 106.37 -25.02 46.11
N THR SA 140 106.74 -24.57 44.92
CA THR SA 140 105.90 -24.68 43.72
C THR SA 140 106.54 -25.65 42.73
N LEU SA 141 105.76 -26.63 42.30
CA LEU SA 141 106.19 -27.61 41.30
C LEU SA 141 105.54 -27.28 39.97
N VAL SA 142 106.34 -27.18 38.91
CA VAL SA 142 105.88 -26.85 37.58
C VAL SA 142 106.02 -28.09 36.70
N CYS SA 143 104.94 -28.44 36.00
CA CYS SA 143 104.93 -29.59 35.10
C CYS SA 143 104.64 -29.11 33.69
N LEU SA 144 105.50 -29.48 32.75
CA LEU SA 144 105.36 -29.10 31.35
C LEU SA 144 105.14 -30.33 30.48
N ALA SA 145 104.07 -30.31 29.71
CA ALA SA 145 103.82 -31.31 28.68
C ALA SA 145 103.92 -30.61 27.33
N THR SA 146 104.85 -31.07 26.48
CA THR SA 146 105.17 -30.38 25.26
C THR SA 146 105.11 -31.35 24.07
N GLY SA 147 104.85 -30.79 22.90
CA GLY SA 147 104.87 -31.55 21.65
C GLY SA 147 103.79 -32.60 21.52
N PHE SA 148 102.56 -32.26 21.89
CA PHE SA 148 101.44 -33.17 21.76
C PHE SA 148 100.42 -32.62 20.76
N TYR SA 149 99.71 -33.53 20.11
CA TYR SA 149 98.75 -33.20 19.08
C TYR SA 149 97.87 -34.42 18.82
N PRO SA 150 96.54 -34.30 18.87
CA PRO SA 150 95.72 -33.09 19.09
C PRO SA 150 95.78 -32.51 20.50
N ASP SA 151 94.87 -31.57 20.79
CA ASP SA 151 94.99 -30.76 22.00
C ASP SA 151 94.56 -31.52 23.25
N HIS SA 152 93.65 -32.49 23.11
CA HIS SA 152 92.93 -33.02 24.27
C HIS SA 152 93.84 -33.95 25.08
N VAL SA 153 94.29 -33.45 26.24
CA VAL SA 153 95.01 -34.26 27.22
C VAL SA 153 94.45 -33.92 28.59
N GLU SA 154 94.68 -34.82 29.55
CA GLU SA 154 94.19 -34.65 30.91
C GLU SA 154 95.37 -34.75 31.87
N LEU SA 155 95.75 -33.61 32.45
CA LEU SA 155 96.85 -33.54 33.39
C LEU SA 155 96.32 -33.69 34.81
N SER SA 156 96.97 -34.52 35.61
CA SER SA 156 96.61 -34.72 37.01
C SER SA 156 97.88 -34.81 37.84
N TRP SA 157 97.79 -34.33 39.08
CA TRP SA 157 98.90 -34.38 40.02
C TRP SA 157 98.66 -35.50 41.02
N TRP SA 158 99.67 -36.34 41.22
CA TRP SA 158 99.59 -37.50 42.10
C TRP SA 158 100.70 -37.43 43.14
N VAL SA 159 100.32 -37.37 44.40
CA VAL SA 159 101.27 -37.27 45.51
C VAL SA 159 101.11 -38.51 46.38
N ASN SA 160 102.19 -39.28 46.50
CA ASN SA 160 102.22 -40.48 47.34
C ASN SA 160 101.12 -41.47 46.95
N GLY SA 161 100.88 -41.60 45.64
CA GLY SA 161 99.89 -42.53 45.15
C GLY SA 161 98.46 -42.03 45.16
N LYS SA 162 98.21 -40.83 45.69
CA LYS SA 162 96.87 -40.26 45.76
C LYS SA 162 96.81 -39.01 44.89
N GLU SA 163 95.73 -38.87 44.13
CA GLU SA 163 95.54 -37.68 43.31
C GLU SA 163 95.12 -36.52 44.21
N VAL SA 164 95.80 -35.38 44.06
CA VAL SA 164 95.56 -34.20 44.88
C VAL SA 164 94.81 -33.17 44.04
N HIS SA 165 93.72 -32.65 44.59
CA HIS SA 165 92.95 -31.59 43.95
C HIS SA 165 93.20 -30.22 44.60
N SER SA 166 94.08 -30.16 45.59
CA SER SA 166 94.38 -28.93 46.32
C SER SA 166 95.72 -28.38 45.88
N GLY SA 167 95.82 -27.06 45.84
CA GLY SA 167 97.03 -26.41 45.36
C GLY SA 167 97.38 -26.71 43.93
N VAL SA 168 96.41 -27.13 43.12
CA VAL SA 168 96.65 -27.59 41.76
C VAL SA 168 95.81 -26.74 40.81
N CYS SA 169 96.44 -26.25 39.75
CA CYS SA 169 95.70 -25.63 38.66
C CYS SA 169 96.45 -25.89 37.36
N THR SA 170 95.70 -25.99 36.28
CA THR SA 170 96.25 -26.24 34.95
C THR SA 170 95.82 -25.11 34.02
N ASP SA 171 96.70 -24.79 33.08
CA ASP SA 171 96.36 -23.74 32.08
C ASP SA 171 95.03 -24.13 31.44
N PRO SA 172 94.11 -23.17 31.22
CA PRO SA 172 92.82 -23.49 30.60
C PRO SA 172 92.95 -23.93 29.14
N GLN SA 173 93.92 -23.37 28.41
CA GLN SA 173 94.06 -23.65 27.00
C GLN SA 173 95.50 -24.05 26.70
N PRO SA 174 95.73 -25.17 26.00
CA PRO SA 174 97.08 -25.45 25.50
C PRO SA 174 97.50 -24.40 24.49
N LEU SA 175 98.77 -24.03 24.53
CA LEU SA 175 99.32 -23.02 23.64
C LEU SA 175 100.12 -23.67 22.51
N LYS SA 176 100.16 -22.98 21.37
CA LYS SA 176 100.82 -23.51 20.19
C LYS SA 176 102.32 -23.26 20.26
N GLU SA 177 103.11 -24.31 20.04
CA GLU SA 177 104.56 -24.14 19.96
C GLU SA 177 104.95 -23.32 18.74
N GLN SA 178 104.26 -23.52 17.62
CA GLN SA 178 104.47 -22.75 16.40
C GLN SA 178 103.11 -22.29 15.90
N PRO SA 179 102.61 -21.15 16.38
CA PRO SA 179 101.24 -20.74 16.06
C PRO SA 179 101.02 -20.44 14.59
N ALA SA 180 102.08 -20.20 13.81
CA ALA SA 180 101.89 -19.91 12.40
C ALA SA 180 101.60 -21.16 11.59
N LEU SA 181 102.16 -22.30 11.99
CA LEU SA 181 102.02 -23.53 11.23
C LEU SA 181 100.66 -24.19 11.51
N ASN SA 182 100.04 -24.70 10.45
CA ASN SA 182 98.90 -25.59 10.62
C ASN SA 182 99.36 -26.94 11.12
N ASP SA 183 98.47 -27.62 11.85
CA ASP SA 183 98.80 -28.89 12.51
C ASP SA 183 99.98 -28.72 13.46
N SER SA 184 100.06 -27.57 14.10
CA SER SA 184 101.14 -27.30 15.04
C SER SA 184 100.96 -28.13 16.31
N ARG SA 185 102.09 -28.41 16.97
CA ARG SA 185 102.09 -29.19 18.20
C ARG SA 185 101.96 -28.26 19.40
N TYR SA 186 101.25 -28.73 20.41
CA TYR SA 186 100.82 -27.88 21.52
C TYR SA 186 101.67 -28.11 22.76
N ALA SA 187 101.47 -27.25 23.75
CA ALA SA 187 102.14 -27.32 25.04
C ALA SA 187 101.17 -26.94 26.14
N LEU SA 188 101.25 -27.64 27.27
CA LEU SA 188 100.39 -27.37 28.42
C LEU SA 188 101.23 -27.40 29.69
N SER SA 189 100.82 -26.60 30.66
CA SER SA 189 101.55 -26.48 31.92
C SER SA 189 100.57 -26.55 33.09
N SER SA 190 101.12 -26.88 34.27
CA SER SA 190 100.34 -26.96 35.49
C SER SA 190 101.25 -26.65 36.67
N ARG SA 191 100.62 -26.28 37.79
CA ARG SA 191 101.35 -25.90 38.99
C ARG SA 191 100.80 -26.65 40.20
N LEU SA 192 101.69 -27.04 41.09
CA LEU SA 192 101.34 -27.62 42.38
C LEU SA 192 102.18 -26.96 43.47
N ARG SA 193 101.51 -26.49 44.53
CA ARG SA 193 102.18 -25.85 45.64
C ARG SA 193 101.83 -26.57 46.94
N VAL SA 194 102.84 -26.77 47.77
CA VAL SA 194 102.68 -27.32 49.11
C VAL SA 194 103.58 -26.52 50.06
N SER SA 195 103.49 -26.84 51.34
CA SER SA 195 104.33 -26.17 52.33
C SER SA 195 105.80 -26.53 52.11
N ALA SA 196 106.69 -25.64 52.56
CA ALA SA 196 108.12 -25.90 52.41
C ALA SA 196 108.55 -27.13 53.20
N THR SA 197 107.92 -27.38 54.35
CA THR SA 197 108.25 -28.56 55.14
C THR SA 197 107.82 -29.84 54.45
N PHE SA 198 106.74 -29.80 53.66
CA PHE SA 198 106.31 -30.98 52.93
C PHE SA 198 107.25 -31.33 51.79
N TRP SA 199 107.87 -30.32 51.17
CA TRP SA 199 108.81 -30.58 50.10
C TRP SA 199 110.13 -31.14 50.64
N GLN SA 200 110.59 -30.64 51.79
CA GLN SA 200 111.88 -31.03 52.32
C GLN SA 200 111.88 -32.46 52.86
N ASN SA 201 110.72 -33.09 52.95
CA ASN SA 201 110.66 -34.50 53.36
C ASN SA 201 110.99 -35.41 52.18
N PRO SA 202 112.08 -36.18 52.24
CA PRO SA 202 112.44 -37.04 51.10
C PRO SA 202 111.51 -38.24 50.95
N ARG SA 203 110.74 -38.59 51.97
CA ARG SA 203 109.82 -39.71 51.89
C ARG SA 203 108.55 -39.40 51.10
N ASN SA 204 108.44 -38.20 50.55
CA ASN SA 204 107.28 -37.80 49.76
C ASN SA 204 107.60 -37.91 48.27
N HIS SA 205 106.76 -38.65 47.55
CA HIS SA 205 106.94 -38.87 46.12
C HIS SA 205 105.96 -38.02 45.35
N PHE SA 206 106.46 -37.25 44.38
CA PHE SA 206 105.66 -36.35 43.57
C PHE SA 206 105.72 -36.81 42.13
N ARG SA 207 104.56 -36.89 41.47
CA ARG SA 207 104.47 -37.35 40.10
C ARG SA 207 103.41 -36.55 39.35
N CYS SA 208 103.74 -36.13 38.14
CA CYS SA 208 102.82 -35.43 37.25
C CYS SA 208 102.40 -36.39 36.14
N GLN SA 209 101.09 -36.61 36.02
CA GLN SA 209 100.54 -37.58 35.08
C GLN SA 209 99.71 -36.86 34.02
N VAL SA 210 100.04 -37.08 32.76
CA VAL SA 210 99.32 -36.50 31.63
C VAL SA 210 98.72 -37.65 30.83
N GLN SA 211 97.39 -37.68 30.75
CA GLN SA 211 96.67 -38.68 29.99
C GLN SA 211 96.48 -38.17 28.56
N PHE SA 212 97.16 -38.79 27.60
CA PHE SA 212 97.03 -38.44 26.19
C PHE SA 212 96.06 -39.41 25.52
N TYR SA 213 95.14 -38.86 24.75
CA TYR SA 213 94.16 -39.63 23.98
C TYR SA 213 94.51 -39.51 22.51
N GLY SA 214 94.93 -40.62 21.91
CA GLY SA 214 95.32 -40.62 20.51
C GLY SA 214 94.73 -41.76 19.72
N LEU SA 215 95.59 -42.51 19.04
CA LEU SA 215 95.12 -43.60 18.19
C LEU SA 215 94.65 -44.78 19.03
N SER SA 216 93.65 -45.49 18.50
CA SER SA 216 93.12 -46.66 19.19
C SER SA 216 93.85 -47.92 18.72
N GLU SA 217 93.42 -49.07 19.24
CA GLU SA 217 94.05 -50.33 18.86
C GLU SA 217 93.79 -50.65 17.39
N ASN SA 218 92.58 -50.40 16.92
CA ASN SA 218 92.18 -50.77 15.57
C ASN SA 218 92.78 -49.84 14.50
N ASP SA 219 93.30 -48.68 14.89
CA ASP SA 219 93.89 -47.77 13.92
C ASP SA 219 95.14 -48.38 13.29
N GLU SA 220 95.39 -48.04 12.04
CA GLU SA 220 96.51 -48.56 11.27
C GLU SA 220 97.63 -47.53 11.23
N TRP SA 221 98.85 -47.98 11.50
CA TRP SA 221 100.03 -47.12 11.52
C TRP SA 221 100.98 -47.53 10.39
N THR SA 222 101.40 -46.53 9.60
CA THR SA 222 102.32 -46.76 8.50
C THR SA 222 103.66 -46.06 8.67
N GLN SA 223 103.80 -45.17 9.64
CA GLN SA 223 105.03 -44.42 9.83
C GLN SA 223 106.11 -45.31 10.46
N ASP SA 224 107.34 -44.81 10.42
CA ASP SA 224 108.48 -45.50 11.02
C ASP SA 224 108.69 -45.12 12.49
N ARG SA 225 107.74 -44.42 13.08
CA ARG SA 225 107.81 -44.06 14.50
C ARG SA 225 107.04 -45.10 15.32
N ALA SA 226 106.90 -44.85 16.61
CA ALA SA 226 105.98 -45.63 17.42
C ALA SA 226 104.54 -45.20 17.13
N LYS SA 227 103.59 -46.00 17.61
CA LYS SA 227 102.19 -45.73 17.37
C LYS SA 227 101.67 -44.81 18.47
N PRO SA 228 101.28 -43.56 18.15
CA PRO SA 228 100.82 -42.65 19.20
C PRO SA 228 99.45 -43.03 19.75
N VAL SA 229 99.39 -44.12 20.52
CA VAL SA 229 98.13 -44.63 21.05
C VAL SA 229 97.71 -43.80 22.26
N THR SA 230 96.48 -44.01 22.71
CA THR SA 230 96.05 -43.46 24.00
C THR SA 230 96.88 -44.08 25.11
N GLN SA 231 97.65 -43.24 25.81
CA GLN SA 231 98.64 -43.73 26.75
C GLN SA 231 98.80 -42.72 27.88
N ILE SA 232 99.67 -43.06 28.83
CA ILE SA 232 99.96 -42.23 29.99
C ILE SA 232 101.44 -41.90 29.96
N VAL SA 233 101.76 -40.60 29.94
CA VAL SA 233 103.14 -40.13 30.00
C VAL SA 233 103.31 -39.40 31.33
N SER SA 234 104.21 -39.90 32.16
CA SER SA 234 104.38 -39.39 33.52
C SER SA 234 105.83 -39.01 33.77
N ALA SA 235 106.00 -38.01 34.64
CA ALA SA 235 107.32 -37.62 35.15
C ALA SA 235 107.23 -37.48 36.66
N GLU SA 236 108.35 -37.71 37.34
CA GLU SA 236 108.37 -37.75 38.79
C GLU SA 236 109.55 -36.95 39.33
N ALA SA 237 109.37 -36.44 40.54
CA ALA SA 237 110.42 -35.79 41.30
C ALA SA 237 110.27 -36.17 42.76
N TRP SA 238 111.39 -36.13 43.49
CA TRP SA 238 111.41 -36.56 44.89
C TRP SA 238 111.76 -35.37 45.78
N GLY SA 239 111.18 -35.36 46.98
CA GLY SA 239 111.49 -34.32 47.93
C GLY SA 239 112.92 -34.38 48.39
N ARG SA 240 113.50 -33.21 48.65
CA ARG SA 240 114.90 -33.11 49.03
C ARG SA 240 115.08 -31.97 50.02
N ALA SA 241 115.75 -32.25 51.13
CA ALA SA 241 116.04 -31.19 52.10
C ALA SA 241 117.04 -30.19 51.55
N ASP SA 242 118.01 -30.67 50.77
CA ASP SA 242 119.02 -29.82 50.14
C ASP SA 242 119.77 -28.95 51.15
N GLY TA 1 -21.64 8.43 18.35
CA GLY TA 1 -21.87 9.65 19.10
C GLY TA 1 -23.04 10.46 18.59
N SER TA 2 -23.18 11.68 19.11
CA SER TA 2 -24.28 12.56 18.72
C SER TA 2 -24.20 12.87 17.23
N HIS TA 3 -25.33 12.68 16.54
CA HIS TA 3 -25.45 12.95 15.12
C HIS TA 3 -26.57 13.95 14.88
N SER TA 4 -26.63 14.49 13.66
CA SER TA 4 -27.54 15.58 13.39
C SER TA 4 -28.01 15.54 11.94
N MET TA 5 -29.21 16.09 11.72
CA MET TA 5 -29.75 16.33 10.39
C MET TA 5 -30.15 17.79 10.30
N ARG TA 6 -29.83 18.44 9.19
CA ARG TA 6 -30.05 19.87 9.07
C ARG TA 6 -30.41 20.18 7.62
N TYR TA 7 -31.55 20.86 7.42
CA TYR TA 7 -31.99 21.31 6.12
C TYR TA 7 -31.87 22.82 6.04
N PHE TA 8 -31.22 23.31 4.99
CA PHE TA 8 -30.98 24.74 4.81
C PHE TA 8 -31.77 25.23 3.59
N TYR TA 9 -32.56 26.29 3.79
CA TYR TA 9 -33.40 26.84 2.73
C TYR TA 9 -32.97 28.26 2.43
N THR TA 10 -32.97 28.60 1.14
CA THR TA 10 -32.63 29.95 0.69
C THR TA 10 -33.54 30.32 -0.47
N SER TA 11 -34.26 31.43 -0.34
CA SER TA 11 -35.16 31.93 -1.39
C SER TA 11 -34.88 33.41 -1.58
N VAL TA 12 -34.37 33.77 -2.76
CA VAL TA 12 -34.01 35.15 -3.09
C VAL TA 12 -35.02 35.67 -4.10
N SER TA 13 -35.67 36.77 -3.76
CA SER TA 13 -36.63 37.38 -4.67
C SER TA 13 -35.93 37.98 -5.87
N ARG TA 14 -36.52 37.81 -7.05
CA ARG TA 14 -36.00 38.35 -8.30
C ARG TA 14 -37.03 39.34 -8.84
N PRO TA 15 -36.92 40.63 -8.48
CA PRO TA 15 -37.95 41.61 -8.88
C PRO TA 15 -38.06 41.78 -10.38
N GLY TA 16 -39.16 41.29 -10.96
CA GLY TA 16 -39.40 41.47 -12.38
C GLY TA 16 -38.69 40.42 -13.20
N ARG TA 17 -37.66 39.81 -12.61
CA ARG TA 17 -36.92 38.75 -13.29
C ARG TA 17 -37.60 37.39 -13.17
N GLY TA 18 -38.72 37.31 -12.44
CA GLY TA 18 -39.46 36.07 -12.36
C GLY TA 18 -39.72 35.60 -10.94
N GLU TA 19 -39.92 34.29 -10.78
CA GLU TA 19 -40.20 33.71 -9.48
C GLU TA 19 -38.93 33.72 -8.61
N PRO TA 20 -39.08 33.62 -7.29
CA PRO TA 20 -37.91 33.52 -6.42
C PRO TA 20 -37.08 32.28 -6.73
N ARG TA 21 -35.81 32.31 -6.31
CA ARG TA 21 -34.91 31.17 -6.50
C ARG TA 21 -34.82 30.39 -5.19
N PHE TA 22 -35.32 29.16 -5.20
CA PHE TA 22 -35.32 28.30 -4.04
C PHE TA 22 -34.17 27.30 -4.15
N ILE TA 23 -33.21 27.41 -3.23
CA ILE TA 23 -32.09 26.49 -3.14
C ILE TA 23 -32.20 25.76 -1.80
N ALA TA 24 -32.26 24.43 -1.86
CA ALA TA 24 -32.43 23.59 -0.68
C ALA TA 24 -31.30 22.58 -0.62
N VAL TA 25 -30.72 22.40 0.57
CA VAL TA 25 -29.65 21.43 0.80
C VAL TA 25 -29.93 20.70 2.11
N GLY TA 26 -29.58 19.44 2.15
CA GLY TA 26 -29.74 18.62 3.35
C GLY TA 26 -28.40 18.07 3.79
N TYR TA 27 -28.16 18.11 5.10
CA TYR TA 27 -26.86 17.78 5.67
C TYR TA 27 -27.07 16.81 6.83
N VAL TA 28 -26.60 15.58 6.68
CA VAL TA 28 -26.46 14.68 7.82
C VAL TA 28 -25.05 14.85 8.37
N ASP TA 29 -24.94 15.31 9.61
CA ASP TA 29 -23.66 15.69 10.23
C ASP TA 29 -23.04 16.77 9.35
N ASP TA 30 -21.89 16.53 8.71
CA ASP TA 30 -21.26 17.50 7.82
C ASP TA 30 -21.23 17.02 6.38
N THR TA 31 -22.12 16.11 6.01
CA THR TA 31 -22.14 15.49 4.69
C THR TA 31 -23.46 15.82 4.00
N GLN TA 32 -23.38 16.49 2.86
CA GLN TA 32 -24.57 16.81 2.08
C GLN TA 32 -25.13 15.55 1.44
N PHE TA 33 -26.46 15.48 1.32
CA PHE TA 33 -27.08 14.31 0.70
C PHE TA 33 -28.27 14.62 -0.20
N VAL TA 34 -28.87 15.80 -0.17
CA VAL TA 34 -29.93 16.17 -1.10
C VAL TA 34 -29.73 17.61 -1.55
N ARG TA 35 -30.42 17.97 -2.62
CA ARG TA 35 -30.25 19.27 -3.26
C ARG TA 35 -31.46 19.55 -4.14
N PHE TA 36 -31.88 20.81 -4.18
CA PHE TA 36 -32.93 21.25 -5.08
C PHE TA 36 -32.68 22.70 -5.46
N ASP TA 37 -32.82 23.02 -6.74
CA ASP TA 37 -32.63 24.37 -7.25
C ASP TA 37 -33.80 24.74 -8.15
N SER TA 38 -34.35 25.93 -7.92
CA SER TA 38 -35.49 26.39 -8.72
C SER TA 38 -35.07 26.81 -10.12
N ASP TA 39 -33.82 27.21 -10.32
CA ASP TA 39 -33.30 27.56 -11.64
C ASP TA 39 -32.52 26.42 -12.26
N ALA TA 40 -32.97 25.18 -12.04
CA ALA TA 40 -32.33 24.00 -12.59
C ALA TA 40 -33.18 23.44 -13.73
N ALA TA 41 -32.75 22.29 -14.25
CA ALA TA 41 -33.47 21.63 -15.35
C ALA TA 41 -34.34 20.49 -14.87
N SER TA 42 -33.80 19.64 -13.99
CA SER TA 42 -34.55 18.48 -13.53
C SER TA 42 -35.78 18.88 -12.72
N GLN TA 43 -35.69 19.98 -11.97
CA GLN TA 43 -36.76 20.43 -11.09
C GLN TA 43 -37.21 19.29 -10.18
N ARG TA 44 -36.23 18.59 -9.61
CA ARG TA 44 -36.47 17.42 -8.79
C ARG TA 44 -35.41 17.35 -7.70
N MET TA 45 -35.72 16.66 -6.61
CA MET TA 45 -34.76 16.46 -5.55
C MET TA 45 -33.64 15.56 -6.05
N GLU TA 46 -32.41 16.08 -6.08
CA GLU TA 46 -31.29 15.34 -6.62
C GLU TA 46 -30.41 14.80 -5.50
N PRO TA 47 -29.98 13.55 -5.60
CA PRO TA 47 -29.03 13.01 -4.61
C PRO TA 47 -27.68 13.69 -4.71
N ARG TA 48 -26.98 13.74 -3.57
CA ARG TA 48 -25.64 14.32 -3.52
C ARG TA 48 -24.70 13.48 -2.66
N ALA TA 49 -25.04 12.22 -2.41
CA ALA TA 49 -24.23 11.35 -1.56
C ALA TA 49 -24.43 9.91 -2.04
N PRO TA 50 -23.46 9.03 -1.78
CA PRO TA 50 -23.58 7.64 -2.27
C PRO TA 50 -24.59 6.80 -1.52
N TRP TA 51 -24.93 7.13 -0.28
CA TRP TA 51 -25.82 6.30 0.52
C TRP TA 51 -27.29 6.69 0.40
N ILE TA 52 -27.59 7.73 -0.37
CA ILE TA 52 -28.98 8.17 -0.53
C ILE TA 52 -29.56 7.75 -1.88
N GLU TA 53 -28.73 7.37 -2.85
CA GLU TA 53 -29.25 6.88 -4.12
C GLU TA 53 -29.89 5.50 -3.98
N GLN TA 54 -29.61 4.79 -2.88
CA GLN TA 54 -30.21 3.47 -2.65
C GLN TA 54 -31.70 3.55 -2.36
N GLU TA 55 -32.26 4.75 -2.19
CA GLU TA 55 -33.68 4.90 -1.96
C GLU TA 55 -34.44 4.83 -3.27
N GLY TA 56 -35.69 4.40 -3.20
CA GLY TA 56 -36.49 4.16 -4.39
C GLY TA 56 -37.05 5.43 -4.97
N PRO TA 57 -37.70 5.28 -6.13
CA PRO TA 57 -38.32 6.45 -6.78
C PRO TA 57 -39.40 7.11 -5.93
N GLU TA 58 -40.10 6.34 -5.09
CA GLU TA 58 -41.14 6.93 -4.25
C GLU TA 58 -40.57 8.00 -3.33
N TYR TA 59 -39.40 7.73 -2.74
CA TYR TA 59 -38.75 8.71 -1.88
C TYR TA 59 -38.43 9.99 -2.63
N TRP TA 60 -37.92 9.86 -3.85
CA TRP TA 60 -37.50 11.05 -4.60
C TRP TA 60 -38.70 11.85 -5.09
N ASP TA 61 -39.79 11.18 -5.47
CA ASP TA 61 -41.02 11.90 -5.81
C ASP TA 61 -41.58 12.61 -4.59
N GLN TA 62 -41.56 11.93 -3.43
CA GLN TA 62 -42.05 12.55 -2.20
C GLN TA 62 -41.27 13.80 -1.85
N GLU TA 63 -39.94 13.69 -1.80
CA GLU TA 63 -39.11 14.83 -1.43
C GLU TA 63 -39.23 15.95 -2.45
N THR TA 64 -39.32 15.61 -3.73
CA THR TA 64 -39.51 16.62 -4.77
C THR TA 64 -40.80 17.40 -4.55
N ARG TA 65 -41.90 16.67 -4.32
CA ARG TA 65 -43.19 17.32 -4.10
C ARG TA 65 -43.17 18.19 -2.85
N ASN TA 66 -42.67 17.65 -1.74
CA ASN TA 66 -42.69 18.37 -0.47
C ASN TA 66 -41.79 19.60 -0.51
N VAL TA 67 -40.58 19.46 -1.03
CA VAL TA 67 -39.67 20.61 -1.09
C VAL TA 67 -40.19 21.65 -2.07
N LYS TA 68 -40.91 21.22 -3.11
CA LYS TA 68 -41.51 22.18 -4.03
C LYS TA 68 -42.61 23.00 -3.36
N ALA TA 69 -43.27 22.41 -2.35
CA ALA TA 69 -44.32 23.13 -1.64
C ALA TA 69 -43.74 24.27 -0.82
N GLN TA 70 -42.55 24.07 -0.25
CA GLN TA 70 -41.92 25.14 0.52
C GLN TA 70 -41.52 26.31 -0.38
N SER TA 71 -41.18 26.03 -1.64
CA SER TA 71 -40.91 27.12 -2.58
C SER TA 71 -42.16 27.96 -2.79
N GLN TA 72 -43.33 27.31 -2.89
CA GLN TA 72 -44.59 28.05 -2.98
C GLN TA 72 -44.86 28.85 -1.72
N THR TA 73 -44.56 28.27 -0.55
CA THR TA 73 -44.74 28.99 0.70
C THR TA 73 -43.85 30.21 0.76
N ASP TA 74 -42.54 30.03 0.54
CA ASP TA 74 -41.62 31.15 0.60
C ASP TA 74 -41.97 32.25 -0.40
N ARG TA 75 -42.52 31.88 -1.55
CA ARG TA 75 -42.83 32.85 -2.60
C ARG TA 75 -43.75 33.94 -2.08
N VAL TA 76 -44.88 33.56 -1.45
CA VAL TA 76 -45.81 34.55 -0.94
C VAL TA 76 -45.26 35.22 0.31
N ASP TA 77 -44.35 34.54 1.02
CA ASP TA 77 -43.81 35.08 2.25
C ASP TA 77 -42.85 36.23 1.99
N LEU TA 78 -42.15 36.20 0.85
CA LEU TA 78 -41.34 37.35 0.46
C LEU TA 78 -42.20 38.60 0.34
N GLY TA 79 -43.38 38.47 -0.27
CA GLY TA 79 -44.25 39.62 -0.41
C GLY TA 79 -44.85 40.07 0.91
N THR TA 80 -45.27 39.12 1.75
CA THR TA 80 -45.84 39.47 3.04
C THR TA 80 -44.82 40.18 3.92
N LEU TA 81 -43.57 39.71 3.92
CA LEU TA 81 -42.54 40.36 4.72
C LEU TA 81 -42.17 41.71 4.15
N ARG TA 82 -42.27 41.87 2.83
CA ARG TA 82 -42.00 43.17 2.21
C ARG TA 82 -42.98 44.23 2.74
N GLY TA 83 -44.26 43.86 2.86
CA GLY TA 83 -45.24 44.81 3.37
C GLY TA 83 -45.05 45.10 4.85
N TYR TA 84 -44.63 44.09 5.62
CA TYR TA 84 -44.38 44.29 7.04
C TYR TA 84 -43.37 45.41 7.28
N TYR TA 85 -42.29 45.41 6.51
CA TYR TA 85 -41.23 46.41 6.64
C TYR TA 85 -41.45 47.61 5.75
N ASN TA 86 -42.54 47.63 4.97
CA ASN TA 86 -42.83 48.68 4.00
C ASN TA 86 -41.64 48.91 3.07
N GLN TA 87 -41.27 47.84 2.37
CA GLN TA 87 -40.14 47.86 1.46
C GLN TA 87 -40.62 48.03 0.02
N SER TA 88 -39.69 48.37 -0.86
CA SER TA 88 -40.00 48.57 -2.27
C SER TA 88 -40.15 47.23 -2.99
N GLU TA 89 -40.89 47.25 -4.09
CA GLU TA 89 -41.15 46.06 -4.89
C GLU TA 89 -40.05 45.75 -5.90
N ASP TA 90 -39.03 46.60 -5.99
CA ASP TA 90 -37.94 46.41 -6.94
C ASP TA 90 -36.65 45.96 -6.28
N GLY TA 91 -36.70 45.64 -4.98
CA GLY TA 91 -35.52 45.24 -4.24
C GLY TA 91 -35.51 43.74 -4.00
N SER TA 92 -34.35 43.12 -4.26
CA SER TA 92 -34.19 41.69 -4.04
C SER TA 92 -33.96 41.43 -2.55
N HIS TA 93 -34.79 40.56 -1.98
CA HIS TA 93 -34.73 40.23 -0.56
C HIS TA 93 -34.65 38.72 -0.41
N THR TA 94 -34.15 38.27 0.74
CA THR TA 94 -33.90 36.85 0.94
C THR TA 94 -34.54 36.35 2.24
N ILE TA 95 -35.02 35.11 2.19
CA ILE TA 95 -35.61 34.42 3.34
C ILE TA 95 -34.85 33.12 3.53
N GLN TA 96 -34.39 32.88 4.75
CA GLN TA 96 -33.54 31.72 5.06
C GLN TA 96 -34.15 30.94 6.21
N ILE TA 97 -34.21 29.62 6.06
CA ILE TA 97 -34.78 28.72 7.07
C ILE TA 97 -33.77 27.63 7.36
N MET TA 98 -33.60 27.31 8.64
CA MET TA 98 -32.71 26.23 9.09
C MET TA 98 -33.47 25.43 10.13
N TYR TA 99 -33.83 24.20 9.77
CA TYR TA 99 -34.49 23.30 10.70
C TYR TA 99 -33.78 21.95 10.70
N GLY TA 100 -33.96 21.21 11.78
CA GLY TA 100 -33.33 19.91 11.88
C GLY TA 100 -33.47 19.35 13.27
N CYS TA 101 -33.15 18.07 13.38
CA CYS TA 101 -33.23 17.32 14.61
C CYS TA 101 -31.86 16.80 15.00
N ASP TA 102 -31.66 16.56 16.29
CA ASP TA 102 -30.42 16.03 16.83
C ASP TA 102 -30.71 14.77 17.62
N VAL TA 103 -30.10 13.66 17.22
CA VAL TA 103 -30.21 12.41 17.94
C VAL TA 103 -28.96 12.24 18.80
N GLY TA 104 -29.02 11.29 19.73
CA GLY TA 104 -27.89 10.99 20.57
C GLY TA 104 -27.24 9.68 20.20
N PRO TA 105 -26.30 9.22 21.02
CA PRO TA 105 -25.72 7.89 20.78
C PRO TA 105 -26.75 6.78 20.77
N ASP TA 106 -27.77 6.87 21.63
CA ASP TA 106 -28.83 5.88 21.69
C ASP TA 106 -29.71 5.89 20.45
N GLY TA 107 -29.74 7.01 19.72
CA GLY TA 107 -30.70 7.19 18.65
C GLY TA 107 -31.96 7.92 19.07
N ARG TA 108 -32.06 8.32 20.33
CA ARG TA 108 -33.25 8.98 20.85
C ARG TA 108 -33.18 10.48 20.61
N PHE TA 109 -34.35 11.09 20.44
CA PHE TA 109 -34.45 12.53 20.22
C PHE TA 109 -33.79 13.30 21.35
N LEU TA 110 -32.74 14.04 21.02
CA LEU TA 110 -32.05 14.90 21.96
C LEU TA 110 -32.52 16.35 21.87
N ARG TA 111 -32.64 16.87 20.64
CA ARG TA 111 -32.97 18.26 20.41
C ARG TA 111 -33.46 18.45 18.98
N GLY TA 112 -34.37 19.42 18.81
CA GLY TA 112 -34.75 19.89 17.50
C GLY TA 112 -34.76 21.40 17.47
N TYR TA 113 -34.68 21.96 16.26
CA TYR TA 113 -34.61 23.40 16.12
C TYR TA 113 -35.22 23.83 14.79
N ARG TA 114 -35.67 25.09 14.76
CA ARG TA 114 -36.18 25.73 13.55
C ARG TA 114 -35.94 27.23 13.69
N GLN TA 115 -35.27 27.81 12.70
CA GLN TA 115 -34.88 29.21 12.74
C GLN TA 115 -35.12 29.84 11.38
N ASP TA 116 -35.85 30.96 11.35
CA ASP TA 116 -36.09 31.70 10.13
C ASP TA 116 -35.40 33.06 10.20
N ALA TA 117 -35.18 33.65 9.02
CA ALA TA 117 -34.44 34.90 8.92
C ALA TA 117 -34.91 35.68 7.70
N TYR TA 118 -34.57 36.98 7.68
CA TYR TA 118 -34.94 37.87 6.60
C TYR TA 118 -33.79 38.83 6.35
N ASP TA 119 -33.27 38.84 5.12
CA ASP TA 119 -32.15 39.72 4.74
C ASP TA 119 -30.96 39.56 5.68
N GLY TA 120 -30.66 38.30 6.02
CA GLY TA 120 -29.52 38.03 6.88
C GLY TA 120 -29.67 38.48 8.31
N LYS TA 121 -30.90 38.69 8.76
CA LYS TA 121 -31.18 39.07 10.14
C LYS TA 121 -32.18 38.09 10.73
N ASP TA 122 -31.99 37.73 12.00
CA ASP TA 122 -32.91 36.81 12.66
C ASP TA 122 -34.32 37.40 12.67
N TYR TA 123 -35.30 36.56 12.30
CA TYR TA 123 -36.70 36.95 12.25
C TYR TA 123 -37.50 36.26 13.34
N ILE TA 124 -37.67 34.94 13.24
CA ILE TA 124 -38.40 34.17 14.23
C ILE TA 124 -37.67 32.85 14.44
N ALA TA 125 -37.91 32.22 15.58
CA ALA TA 125 -37.21 30.99 15.92
C ALA TA 125 -37.98 30.18 16.94
N LEU TA 126 -38.14 28.88 16.67
CA LEU TA 126 -38.72 27.98 17.65
C LEU TA 126 -37.72 27.72 18.77
N ASN TA 127 -38.20 27.73 20.00
CA ASN TA 127 -37.33 27.61 21.17
C ASN TA 127 -37.07 26.12 21.40
N GLU TA 128 -36.27 25.82 22.44
CA GLU TA 128 -35.95 24.44 22.77
C GLU TA 128 -37.17 23.63 23.16
N ASP TA 129 -38.13 24.28 23.82
CA ASP TA 129 -39.33 23.61 24.32
C ASP TA 129 -40.16 23.11 23.15
N LEU TA 130 -39.92 23.62 21.94
CA LEU TA 130 -40.69 23.23 20.74
C LEU TA 130 -42.18 23.54 20.91
N ARG TA 131 -42.49 24.51 21.77
CA ARG TA 131 -43.86 24.91 22.06
C ARG TA 131 -44.06 26.40 22.03
N SER TA 132 -42.99 27.20 22.04
CA SER TA 132 -43.09 28.65 22.06
C SER TA 132 -42.12 29.24 21.05
N TRP TA 133 -42.56 30.28 20.35
CA TRP TA 133 -41.74 30.97 19.36
C TRP TA 133 -41.11 32.21 19.98
N THR TA 134 -39.94 32.59 19.45
CA THR TA 134 -39.24 33.80 19.89
C THR TA 134 -39.07 34.72 18.70
N ALA TA 135 -39.56 35.95 18.82
CA ALA TA 135 -39.46 36.94 17.76
C ALA TA 135 -38.37 37.95 18.10
N ALA TA 136 -37.83 38.58 17.06
CA ALA TA 136 -36.76 39.56 17.20
C ALA TA 136 -37.22 41.00 16.98
N ASP TA 137 -38.04 41.24 15.96
CA ASP TA 137 -38.57 42.56 15.67
C ASP TA 137 -40.09 42.53 15.74
N MET TA 138 -40.69 43.71 15.68
CA MET TA 138 -42.14 43.82 15.82
C MET TA 138 -42.88 43.10 14.70
N ALA TA 139 -42.33 43.14 13.48
CA ALA TA 139 -42.97 42.45 12.36
C ALA TA 139 -42.97 40.94 12.55
N ALA TA 140 -41.96 40.42 13.26
CA ALA TA 140 -41.91 39.00 13.54
C ALA TA 140 -42.98 38.58 14.55
N GLN TA 141 -43.44 39.50 15.40
CA GLN TA 141 -44.53 39.17 16.31
C GLN TA 141 -45.86 39.07 15.58
N ILE TA 142 -46.02 39.78 14.46
CA ILE TA 142 -47.18 39.56 13.60
C ILE TA 142 -47.19 38.13 13.12
N THR TA 143 -46.04 37.63 12.67
CA THR TA 143 -45.92 36.23 12.28
C THR TA 143 -46.12 35.31 13.49
N LYS TA 144 -45.57 35.69 14.65
CA LYS TA 144 -45.69 34.87 15.84
C LYS TA 144 -47.15 34.68 16.24
N ARG TA 145 -47.92 35.77 16.28
CA ARG TA 145 -49.33 35.67 16.65
C ARG TA 145 -50.09 34.77 15.69
N LYS TA 146 -49.85 34.93 14.38
CA LYS TA 146 -50.50 34.08 13.40
C LYS TA 146 -50.10 32.62 13.60
N TRP TA 147 -48.83 32.36 13.89
CA TRP TA 147 -48.36 30.99 14.01
C TRP TA 147 -48.82 30.38 15.32
N GLU TA 148 -49.01 31.19 16.35
CA GLU TA 148 -49.46 30.68 17.64
C GLU TA 148 -50.93 30.28 17.57
N ALA TA 149 -51.71 30.94 16.72
CA ALA TA 149 -53.11 30.58 16.54
C ALA TA 149 -53.29 29.41 15.59
N ALA TA 150 -52.34 29.18 14.70
CA ALA TA 150 -52.36 28.01 13.82
C ALA TA 150 -51.69 26.80 14.43
N HIS TA 151 -51.25 26.89 15.68
CA HIS TA 151 -50.56 25.81 16.38
C HIS TA 151 -49.39 25.29 15.54
N ALA TA 152 -48.55 26.22 15.10
CA ALA TA 152 -47.41 25.86 14.27
C ALA TA 152 -46.38 25.06 15.07
N ALA TA 153 -46.16 25.44 16.33
CA ALA TA 153 -45.18 24.73 17.15
C ALA TA 153 -45.56 23.26 17.33
N GLU TA 154 -46.86 22.98 17.54
CA GLU TA 154 -47.31 21.60 17.61
C GLU TA 154 -46.95 20.84 16.34
N GLN TA 155 -47.20 21.45 15.18
CA GLN TA 155 -46.94 20.77 13.91
C GLN TA 155 -45.44 20.58 13.69
N GLN TA 156 -44.64 21.60 14.00
CA GLN TA 156 -43.20 21.47 13.82
C GLN TA 156 -42.60 20.48 14.80
N ARG TA 157 -43.15 20.41 16.02
CA ARG TA 157 -42.69 19.43 16.99
C ARG TA 157 -42.95 18.02 16.50
N ALA TA 158 -44.10 17.79 15.86
CA ALA TA 158 -44.45 16.45 15.40
C ALA TA 158 -43.43 15.93 14.40
N TYR TA 159 -42.94 16.79 13.51
CA TYR TA 159 -41.90 16.37 12.58
C TYR TA 159 -40.57 16.18 13.31
N LEU TA 160 -40.16 17.17 14.11
CA LEU TA 160 -38.86 17.12 14.75
C LEU TA 160 -38.75 15.93 15.70
N GLU TA 161 -39.81 15.67 16.47
CA GLU TA 161 -39.81 14.54 17.39
C GLU TA 161 -40.18 13.23 16.73
N GLY TA 162 -40.69 13.26 15.50
CA GLY TA 162 -41.15 12.05 14.84
C GLY TA 162 -40.41 11.71 13.57
N ARG TA 163 -40.95 12.14 12.42
CA ARG TA 163 -40.38 11.73 11.14
C ARG TA 163 -38.91 12.09 11.02
N CYS TA 164 -38.50 13.22 11.61
CA CYS TA 164 -37.11 13.66 11.52
C CYS TA 164 -36.15 12.63 12.10
N VAL TA 165 -36.32 12.29 13.38
CA VAL TA 165 -35.38 11.38 14.03
C VAL TA 165 -35.51 9.98 13.45
N GLU TA 166 -36.68 9.62 12.93
CA GLU TA 166 -36.84 8.30 12.32
C GLU TA 166 -35.97 8.16 11.08
N TRP TA 167 -36.05 9.12 10.17
CA TRP TA 167 -35.29 9.04 8.93
C TRP TA 167 -33.81 9.35 9.16
N LEU TA 168 -33.49 10.10 10.21
CA LEU TA 168 -32.08 10.32 10.54
C LEU TA 168 -31.41 9.00 10.89
N ARG TA 169 -32.08 8.20 11.73
CA ARG TA 169 -31.54 6.89 12.09
C ARG TA 169 -31.46 5.98 10.86
N ARG TA 170 -32.45 6.06 9.97
CA ARG TA 170 -32.41 5.28 8.74
C ARG TA 170 -31.26 5.74 7.84
N TYR TA 171 -31.04 7.05 7.76
CA TYR TA 171 -29.93 7.55 6.95
C TYR TA 171 -28.59 7.11 7.49
N LEU TA 172 -28.42 7.12 8.82
CA LEU TA 172 -27.14 6.70 9.40
C LEU TA 172 -26.85 5.24 9.12
N GLU TA 173 -27.87 4.39 9.22
CA GLU TA 173 -27.69 2.98 8.91
C GLU TA 173 -27.39 2.76 7.43
N ASN TA 174 -28.05 3.53 6.56
CA ASN TA 174 -27.79 3.41 5.13
C ASN TA 174 -26.34 3.71 4.77
N GLY TA 175 -25.70 4.63 5.47
CA GLY TA 175 -24.32 4.93 5.15
C GLY TA 175 -23.41 4.93 6.36
N LYS TA 176 -23.42 3.84 7.11
CA LYS TA 176 -22.64 3.75 8.34
C LYS TA 176 -21.15 3.99 8.08
N GLU TA 177 -20.64 3.48 6.96
CA GLU TA 177 -19.22 3.59 6.66
C GLU TA 177 -18.81 4.96 6.15
N THR TA 178 -19.78 5.83 5.85
CA THR TA 178 -19.49 7.17 5.37
C THR TA 178 -19.88 8.25 6.37
N LEU TA 179 -20.74 7.92 7.34
CA LEU TA 179 -21.27 8.91 8.27
C LEU TA 179 -20.78 8.73 9.71
N GLN TA 180 -20.57 7.49 10.16
CA GLN TA 180 -20.18 7.23 11.54
C GLN TA 180 -18.67 6.98 11.68
N ARG TA 181 -17.87 7.43 10.72
CA ARG TA 181 -16.43 7.28 10.77
C ARG TA 181 -15.77 8.62 11.05
N THR TA 182 -14.60 8.58 11.68
CA THR TA 182 -13.81 9.76 11.98
C THR TA 182 -12.47 9.64 11.27
N ASP TA 183 -12.09 10.69 10.54
CA ASP TA 183 -10.80 10.71 9.87
C ASP TA 183 -9.88 11.65 10.63
N PRO TA 184 -8.85 11.14 11.30
CA PRO TA 184 -7.98 12.02 12.08
C PRO TA 184 -7.15 12.91 11.16
N PRO TA 185 -6.71 14.08 11.64
CA PRO TA 185 -6.01 15.02 10.75
C PRO TA 185 -4.59 14.58 10.45
N LYS TA 186 -4.19 14.79 9.21
CA LYS TA 186 -2.79 14.60 8.79
C LYS TA 186 -2.05 15.90 9.11
N THR TA 187 -1.25 15.86 10.17
CA THR TA 187 -0.63 17.06 10.72
C THR TA 187 0.83 17.16 10.30
N HIS TA 188 1.23 18.35 9.86
CA HIS TA 188 2.63 18.64 9.55
C HIS TA 188 2.89 20.11 9.81
N MET TA 189 4.17 20.45 9.97
CA MET TA 189 4.58 21.79 10.33
C MET TA 189 5.52 22.34 9.25
N THR TA 190 5.37 23.62 8.95
CA THR TA 190 6.20 24.30 7.96
C THR TA 190 6.71 25.61 8.54
N HIS TA 191 7.84 26.08 8.01
CA HIS TA 191 8.55 27.22 8.59
C HIS TA 191 9.11 28.07 7.46
N HIS TA 192 8.64 29.31 7.35
CA HIS TA 192 9.12 30.24 6.33
C HIS TA 192 9.69 31.49 6.98
N PRO TA 193 11.00 31.71 6.91
CA PRO TA 193 11.55 32.99 7.35
C PRO TA 193 10.93 34.16 6.61
N ILE TA 194 10.48 35.17 7.36
CA ILE TA 194 10.02 36.40 6.75
C ILE TA 194 11.11 37.45 6.69
N SER TA 195 12.19 37.28 7.45
CA SER TA 195 13.33 38.20 7.43
C SER TA 195 14.51 37.48 8.05
N ASP TA 196 15.66 38.13 8.02
CA ASP TA 196 16.83 37.62 8.73
C ASP TA 196 16.65 37.64 10.23
N HIS TA 197 15.54 38.18 10.72
CA HIS TA 197 15.31 38.42 12.13
C HIS TA 197 14.17 37.61 12.71
N GLU TA 198 13.12 37.35 11.93
CA GLU TA 198 11.94 36.65 12.42
C GLU TA 198 11.48 35.65 11.36
N ALA TA 199 10.62 34.71 11.79
CA ALA TA 199 10.12 33.69 10.89
C ALA TA 199 8.68 33.33 11.27
N THR TA 200 7.97 32.74 10.31
CA THR TA 200 6.59 32.33 10.50
C THR TA 200 6.52 30.81 10.59
N LEU TA 201 5.79 30.31 11.58
CA LEU TA 201 5.67 28.88 11.84
C LEU TA 201 4.21 28.48 11.74
N ARG TA 202 3.91 27.53 10.86
CA ARG TA 202 2.54 27.12 10.58
C ARG TA 202 2.30 25.68 10.99
N CYS TA 203 1.09 25.43 11.49
CA CYS TA 203 0.67 24.14 12.02
C CYS TA 203 -0.54 23.68 11.20
N TRP TA 204 -0.33 22.68 10.35
CA TRP TA 204 -1.35 22.25 9.41
C TRP TA 204 -2.18 21.10 9.96
N ALA TA 205 -3.39 20.97 9.41
CA ALA TA 205 -4.29 19.86 9.72
C ALA TA 205 -5.07 19.55 8.46
N LEU TA 206 -4.74 18.44 7.81
CA LEU TA 206 -5.24 18.12 6.47
C LEU TA 206 -6.13 16.90 6.50
N GLY TA 207 -7.14 16.90 5.64
CA GLY TA 207 -7.97 15.73 5.38
C GLY TA 207 -8.64 15.12 6.59
N PHE TA 208 -9.17 15.94 7.48
CA PHE TA 208 -9.83 15.46 8.70
C PHE TA 208 -11.34 15.60 8.58
N TYR TA 209 -12.04 14.85 9.44
CA TYR TA 209 -13.49 14.83 9.49
C TYR TA 209 -13.89 14.37 10.90
N PRO TA 210 -14.89 15.00 11.52
CA PRO TA 210 -15.71 16.12 11.05
C PRO TA 210 -15.04 17.49 11.15
N ALA TA 211 -15.83 18.55 11.15
CA ALA TA 211 -15.25 19.90 11.09
C ALA TA 211 -14.70 20.35 12.43
N GLU TA 212 -15.28 19.88 13.53
CA GLU TA 212 -14.89 20.35 14.85
C GLU TA 212 -13.42 20.03 15.14
N ILE TA 213 -12.59 21.07 15.22
CA ILE TA 213 -11.17 20.89 15.49
C ILE TA 213 -10.68 22.13 16.24
N THR TA 214 -9.68 21.92 17.10
CA THR TA 214 -9.10 22.99 17.91
C THR TA 214 -7.59 22.99 17.70
N LEU TA 215 -7.05 24.15 17.35
CA LEU TA 215 -5.62 24.32 17.10
C LEU TA 215 -5.11 25.49 17.93
N THR TA 216 -4.04 25.26 18.69
CA THR TA 216 -3.56 26.27 19.62
C THR TA 216 -2.06 26.19 19.76
N TRP TA 217 -1.41 27.34 19.84
CA TRP TA 217 0.02 27.45 20.07
C TRP TA 217 0.30 27.65 21.56
N GLN TA 218 1.52 27.30 21.97
CA GLN TA 218 1.97 27.50 23.34
C GLN TA 218 3.43 27.94 23.35
N ARG TA 219 3.72 28.94 24.18
CA ARG TA 219 5.09 29.43 24.39
C ARG TA 219 5.49 29.03 25.80
N ASP TA 220 6.27 27.95 25.90
CA ASP TA 220 6.68 27.38 27.18
C ASP TA 220 5.48 27.06 28.06
N GLY TA 221 4.41 26.55 27.44
CA GLY TA 221 3.17 26.26 28.13
C GLY TA 221 2.19 27.41 28.20
N GLU TA 222 2.56 28.60 27.72
CA GLU TA 222 1.69 29.76 27.74
C GLU TA 222 1.05 29.96 26.38
N ASP TA 223 -0.28 30.09 26.37
CA ASP TA 223 -1.00 30.21 25.12
C ASP TA 223 -0.66 31.54 24.44
N GLN TA 224 -0.46 31.49 23.12
CA GLN TA 224 -0.14 32.65 22.31
C GLN TA 224 -1.32 33.03 21.42
N THR TA 225 -2.53 32.97 21.97
CA THR TA 225 -3.73 33.21 21.17
C THR TA 225 -3.79 34.65 20.66
N GLN TA 226 -3.12 35.58 21.33
CA GLN TA 226 -3.15 36.98 20.91
C GLN TA 226 -2.24 37.24 19.71
N ASP TA 227 -1.15 36.48 19.58
CA ASP TA 227 -0.18 36.68 18.51
C ASP TA 227 -0.31 35.62 17.43
N THR TA 228 -1.52 35.10 17.20
CA THR TA 228 -1.76 33.94 16.37
C THR TA 228 -2.66 34.29 15.19
N GLU TA 229 -2.34 33.76 14.02
CA GLU TA 229 -3.20 33.86 12.85
C GLU TA 229 -3.98 32.56 12.70
N LEU TA 230 -5.30 32.67 12.70
CA LEU TA 230 -6.20 31.52 12.62
C LEU TA 230 -7.12 31.70 11.43
N VAL TA 231 -7.12 30.73 10.51
CA VAL TA 231 -7.99 30.78 9.34
C VAL TA 231 -9.19 29.89 9.60
N GLU TA 232 -10.30 30.23 8.94
CA GLU TA 232 -11.53 29.45 9.09
C GLU TA 232 -11.33 28.04 8.56
N THR TA 233 -11.96 27.07 9.22
CA THR TA 233 -11.95 25.70 8.74
C THR TA 233 -12.53 25.63 7.35
N ARG TA 234 -11.82 24.97 6.43
CA ARG TA 234 -12.18 25.01 5.02
C ARG TA 234 -12.36 23.59 4.47
N PRO TA 235 -13.25 23.43 3.50
CA PRO TA 235 -13.48 22.10 2.92
C PRO TA 235 -12.45 21.77 1.85
N ALA TA 236 -12.04 20.50 1.82
CA ALA TA 236 -11.12 20.04 0.80
C ALA TA 236 -11.83 19.69 -0.50
N GLY TA 237 -13.14 19.52 -0.48
CA GLY TA 237 -13.90 19.13 -1.65
C GLY TA 237 -14.19 17.66 -1.77
N ASP TA 238 -13.50 16.82 -0.99
CA ASP TA 238 -13.72 15.38 -1.00
C ASP TA 238 -14.46 14.88 0.24
N GLY TA 239 -15.04 15.79 1.02
CA GLY TA 239 -15.69 15.45 2.26
C GLY TA 239 -14.85 15.68 3.49
N THR TA 240 -13.54 15.84 3.33
CA THR TA 240 -12.65 16.13 4.44
C THR TA 240 -12.35 17.63 4.50
N PHE TA 241 -11.76 18.06 5.61
CA PHE TA 241 -11.63 19.47 5.92
C PHE TA 241 -10.18 19.82 6.22
N GLN TA 242 -9.88 21.12 6.19
CA GLN TA 242 -8.52 21.61 6.35
C GLN TA 242 -8.51 22.81 7.28
N LYS TA 243 -7.37 23.03 7.94
CA LYS TA 243 -7.17 24.17 8.82
C LYS TA 243 -5.69 24.31 9.16
N TRP TA 244 -5.16 25.53 9.07
CA TRP TA 244 -3.77 25.80 9.40
C TRP TA 244 -3.67 27.03 10.29
N ALA TA 245 -2.63 27.06 11.12
CA ALA TA 245 -2.47 28.07 12.16
C ALA TA 245 -1.02 28.53 12.18
N ALA TA 246 -0.80 29.86 12.19
CA ALA TA 246 0.53 30.43 12.09
C ALA TA 246 0.89 31.19 13.37
N VAL TA 247 2.19 31.38 13.55
CA VAL TA 247 2.74 32.19 14.64
C VAL TA 247 4.09 32.72 14.19
N VAL TA 248 4.42 33.93 14.63
CA VAL TA 248 5.68 34.59 14.27
C VAL TA 248 6.70 34.34 15.38
N VAL TA 249 7.90 33.94 14.98
CA VAL TA 249 8.90 33.47 15.94
C VAL TA 249 10.19 34.28 15.81
N PRO TA 250 11.00 34.37 16.85
CA PRO TA 250 12.37 34.84 16.69
C PRO TA 250 13.20 33.82 15.92
N SER TA 251 14.35 34.28 15.41
CA SER TA 251 15.16 33.44 14.54
C SER TA 251 15.64 32.18 15.24
N GLY TA 252 16.05 32.30 16.51
CA GLY TA 252 16.64 31.16 17.19
C GLY TA 252 15.82 30.52 18.29
N GLU TA 253 14.50 30.67 18.24
CA GLU TA 253 13.63 30.18 19.30
C GLU TA 253 12.43 29.46 18.71
N GLU TA 254 12.65 28.69 17.63
CA GLU TA 254 11.56 27.92 17.04
C GLU TA 254 11.15 26.84 18.02
N GLN TA 255 12.12 26.23 18.72
CA GLN TA 255 11.83 25.13 19.62
C GLN TA 255 11.06 25.55 20.86
N ARG TA 256 10.88 26.85 21.09
CA ARG TA 256 10.13 27.31 22.26
C ARG TA 256 8.62 27.22 22.07
N TYR TA 257 8.14 27.09 20.84
CA TYR TA 257 6.72 27.09 20.54
C TYR TA 257 6.25 25.69 20.18
N THR TA 258 5.08 25.32 20.67
CA THR TA 258 4.47 24.03 20.36
C THR TA 258 3.03 24.24 19.90
N CYS TA 259 2.57 23.37 19.01
CA CYS TA 259 1.21 23.38 18.50
C CYS TA 259 0.46 22.17 19.04
N HIS TA 260 -0.78 22.36 19.45
CA HIS TA 260 -1.61 21.31 20.01
C HIS TA 260 -2.87 21.13 19.18
N VAL TA 261 -3.01 19.95 18.59
CA VAL TA 261 -4.15 19.60 17.75
C VAL TA 261 -5.13 18.80 18.58
N GLN TA 262 -6.39 19.24 18.60
CA GLN TA 262 -7.46 18.54 19.31
C GLN TA 262 -8.56 18.19 18.32
N HIS TA 263 -8.89 16.90 18.24
CA HIS TA 263 -9.90 16.41 17.32
C HIS TA 263 -10.38 15.06 17.83
N GLU TA 264 -11.68 14.80 17.62
CA GLU TA 264 -12.27 13.58 18.18
C GLU TA 264 -11.79 12.32 17.48
N GLY TA 265 -11.23 12.44 16.28
CA GLY TA 265 -10.62 11.31 15.60
C GLY TA 265 -9.23 10.95 16.10
N LEU TA 266 -8.67 11.76 17.00
CA LEU TA 266 -7.37 11.48 17.59
C LEU TA 266 -7.57 10.95 18.99
N PRO TA 267 -7.09 9.74 19.31
CA PRO TA 267 -7.27 9.23 20.68
C PRO TA 267 -6.59 10.09 21.73
N LYS TA 268 -5.41 10.63 21.42
CA LYS TA 268 -4.71 11.54 22.31
C LYS TA 268 -4.39 12.83 21.56
N PRO TA 269 -4.53 13.99 22.21
CA PRO TA 269 -4.21 15.26 21.55
C PRO TA 269 -2.76 15.31 21.13
N LEU TA 270 -2.53 15.77 19.89
CA LEU TA 270 -1.19 15.82 19.34
C LEU TA 270 -0.47 17.09 19.81
N THR TA 271 0.86 17.03 19.77
CA THR TA 271 1.72 18.16 20.07
C THR TA 271 2.81 18.23 19.01
N LEU TA 272 2.77 19.27 18.19
CA LEU TA 272 3.70 19.44 17.09
C LEU TA 272 4.76 20.46 17.48
N ARG TA 273 6.03 20.10 17.30
CA ARG TA 273 7.15 20.97 17.62
C ARG TA 273 8.13 20.98 16.46
N TRP TA 274 8.77 22.13 16.25
CA TRP TA 274 9.72 22.29 15.16
C TRP TA 274 11.11 21.83 15.59
N ILE UA 2 -28.04 45.02 5.91
CA ILE UA 2 -26.75 44.43 6.24
C ILE UA 2 -26.19 43.66 5.05
N GLN UA 3 -24.99 44.05 4.61
CA GLN UA 3 -24.27 43.35 3.56
C GLN UA 3 -22.88 42.99 4.07
N ARG UA 4 -22.43 41.78 3.75
CA ARG UA 4 -21.21 41.22 4.31
C ARG UA 4 -20.21 40.95 3.19
N THR UA 5 -18.99 41.42 3.38
CA THR UA 5 -17.95 41.20 2.37
C THR UA 5 -17.45 39.77 2.43
N PRO UA 6 -17.33 39.08 1.29
CA PRO UA 6 -16.90 37.68 1.31
C PRO UA 6 -15.46 37.51 1.77
N LYS UA 7 -15.21 36.40 2.43
CA LYS UA 7 -13.86 35.96 2.79
C LYS UA 7 -13.41 34.92 1.78
N ILE UA 8 -12.20 35.09 1.25
CA ILE UA 8 -11.69 34.29 0.15
C ILE UA 8 -10.46 33.53 0.62
N GLN UA 9 -10.42 32.23 0.33
CA GLN UA 9 -9.24 31.41 0.53
C GLN UA 9 -9.02 30.55 -0.71
N VAL UA 10 -7.77 30.49 -1.17
CA VAL UA 10 -7.39 29.71 -2.34
C VAL UA 10 -6.33 28.70 -1.92
N TYR UA 11 -6.52 27.46 -2.32
CA TYR UA 11 -5.69 26.35 -1.86
C TYR UA 11 -5.96 25.14 -2.76
N SER UA 12 -5.22 24.07 -2.49
CA SER UA 12 -5.36 22.82 -3.23
C SER UA 12 -5.86 21.72 -2.31
N ARG UA 13 -6.59 20.77 -2.87
CA ARG UA 13 -7.14 19.68 -2.09
C ARG UA 13 -6.03 18.85 -1.43
N HIS UA 14 -4.99 18.54 -2.18
CA HIS UA 14 -3.85 17.76 -1.71
C HIS UA 14 -2.60 18.63 -1.78
N PRO UA 15 -1.55 18.27 -1.02
CA PRO UA 15 -0.29 19.04 -1.11
C PRO UA 15 0.23 19.10 -2.54
N ALA UA 16 0.75 20.28 -2.91
CA ALA UA 16 1.09 20.57 -4.29
C ALA UA 16 2.41 19.89 -4.67
N GLU UA 17 2.32 18.88 -5.54
CA GLU UA 17 3.49 18.29 -6.18
C GLU UA 17 3.33 18.40 -7.69
N ASN UA 18 4.34 18.98 -8.34
CA ASN UA 18 4.24 19.28 -9.76
C ASN UA 18 4.10 18.01 -10.59
N GLY UA 19 3.25 18.06 -11.61
CA GLY UA 19 3.07 16.94 -12.51
C GLY UA 19 2.08 15.89 -12.05
N LYS UA 20 1.45 16.09 -10.90
CA LYS UA 20 0.51 15.12 -10.35
C LYS UA 20 -0.88 15.75 -10.25
N SER UA 21 -1.90 14.92 -10.45
CA SER UA 21 -3.27 15.42 -10.49
C SER UA 21 -3.70 15.94 -9.12
N ASN UA 22 -4.38 17.10 -9.13
CA ASN UA 22 -4.85 17.72 -7.91
C ASN UA 22 -6.00 18.65 -8.26
N PHE UA 23 -6.71 19.12 -7.24
CA PHE UA 23 -7.84 20.02 -7.42
C PHE UA 23 -7.51 21.40 -6.87
N LEU UA 24 -7.91 22.44 -7.61
CA LEU UA 24 -7.77 23.81 -7.16
C LEU UA 24 -9.09 24.27 -6.57
N ASN UA 25 -9.05 24.71 -5.32
CA ASN UA 25 -10.24 25.12 -4.59
C ASN UA 25 -10.19 26.63 -4.31
N CYS UA 26 -11.32 27.29 -4.53
CA CYS UA 26 -11.52 28.67 -4.09
C CYS UA 26 -12.76 28.68 -3.21
N TYR UA 27 -12.54 28.82 -1.90
CA TYR UA 27 -13.61 28.75 -0.91
C TYR UA 27 -13.99 30.16 -0.48
N VAL UA 28 -15.24 30.55 -0.76
CA VAL UA 28 -15.74 31.88 -0.48
C VAL UA 28 -16.83 31.78 0.57
N SER UA 29 -16.63 32.44 1.71
CA SER UA 29 -17.51 32.28 2.86
C SER UA 29 -17.76 33.64 3.52
N GLY UA 30 -18.79 33.67 4.36
CA GLY UA 30 -19.07 34.84 5.17
C GLY UA 30 -19.62 36.03 4.43
N PHE UA 31 -20.38 35.81 3.36
CA PHE UA 31 -20.88 36.89 2.53
C PHE UA 31 -22.41 36.88 2.50
N HIS UA 32 -22.97 38.05 2.17
CA HIS UA 32 -24.41 38.24 2.07
C HIS UA 32 -24.64 39.51 1.26
N PRO UA 33 -25.58 39.51 0.31
CA PRO UA 33 -26.53 38.43 -0.04
C PRO UA 33 -25.91 37.31 -0.88
N SER UA 34 -26.76 36.51 -1.53
CA SER UA 34 -26.31 35.28 -2.16
C SER UA 34 -25.64 35.51 -3.50
N ASP UA 35 -26.06 36.53 -4.24
CA ASP UA 35 -25.55 36.74 -5.60
C ASP UA 35 -24.05 37.03 -5.56
N ILE UA 36 -23.27 36.17 -6.20
CA ILE UA 36 -21.82 36.32 -6.26
C ILE UA 36 -21.32 35.69 -7.55
N GLU UA 37 -20.30 36.31 -8.15
CA GLU UA 37 -19.67 35.83 -9.37
C GLU UA 37 -18.20 35.58 -9.07
N VAL UA 38 -17.76 34.33 -9.26
CA VAL UA 38 -16.40 33.92 -8.93
C VAL UA 38 -15.86 33.08 -10.08
N ASP UA 39 -14.63 33.40 -10.52
CA ASP UA 39 -13.98 32.70 -11.61
C ASP UA 39 -12.58 32.27 -11.17
N LEU UA 40 -12.16 31.09 -11.65
CA LEU UA 40 -10.81 30.60 -11.42
C LEU UA 40 -9.92 31.01 -12.58
N LEU UA 41 -8.76 31.59 -12.27
CA LEU UA 41 -7.88 32.18 -13.26
C LEU UA 41 -6.60 31.36 -13.37
N LYS UA 42 -6.18 31.08 -14.60
CA LYS UA 42 -4.92 30.40 -14.89
C LYS UA 42 -4.08 31.33 -15.76
N ASN UA 43 -2.98 31.83 -15.18
CA ASN UA 43 -2.09 32.78 -15.85
C ASN UA 43 -2.86 34.01 -16.34
N GLY UA 44 -3.81 34.47 -15.54
CA GLY UA 44 -4.59 35.64 -15.88
C GLY UA 44 -5.76 35.40 -16.80
N GLU UA 45 -6.13 34.14 -17.04
CA GLU UA 45 -7.24 33.81 -17.93
C GLU UA 45 -8.20 32.86 -17.23
N ARG UA 46 -9.48 33.02 -17.55
CA ARG UA 46 -10.54 32.24 -16.91
C ARG UA 46 -10.41 30.76 -17.27
N ILE UA 47 -10.86 29.91 -16.35
CA ILE UA 47 -10.92 28.47 -16.56
C ILE UA 47 -12.35 28.12 -16.95
N GLU UA 48 -12.50 27.30 -18.00
CA GLU UA 48 -13.81 27.06 -18.59
C GLU UA 48 -14.66 26.15 -17.70
N LYS UA 49 -14.24 24.90 -17.52
CA LYS UA 49 -15.04 23.91 -16.79
C LYS UA 49 -14.74 24.03 -15.31
N VAL UA 50 -15.53 24.85 -14.62
CA VAL UA 50 -15.38 25.07 -13.18
C VAL UA 50 -16.68 24.66 -12.51
N GLU UA 51 -16.62 23.63 -11.68
CA GLU UA 51 -17.77 23.18 -10.91
C GLU UA 51 -17.80 23.86 -9.55
N HIS UA 52 -19.00 24.04 -9.02
CA HIS UA 52 -19.22 24.76 -7.77
C HIS UA 52 -20.14 23.95 -6.87
N SER UA 53 -20.01 24.19 -5.57
CA SER UA 53 -20.83 23.50 -4.57
C SER UA 53 -22.23 24.11 -4.54
N ASP UA 54 -23.08 23.55 -3.68
CA ASP UA 54 -24.44 24.00 -3.53
C ASP UA 54 -24.53 25.09 -2.48
N LEU UA 55 -25.45 26.03 -2.67
CA LEU UA 55 -25.53 27.18 -1.79
C LEU UA 55 -25.99 26.74 -0.39
N SER UA 56 -25.25 27.19 0.62
CA SER UA 56 -25.59 26.95 2.02
C SER UA 56 -25.19 28.18 2.80
N PHE UA 57 -25.47 28.17 4.11
CA PHE UA 57 -25.14 29.31 4.95
C PHE UA 57 -24.76 28.82 6.35
N SER UA 58 -24.09 29.70 7.09
CA SER UA 58 -23.56 29.36 8.41
C SER UA 58 -24.57 29.78 9.48
N LYS UA 59 -24.12 29.76 10.74
CA LYS UA 59 -25.02 30.10 11.85
C LYS UA 59 -25.45 31.56 11.80
N ASP UA 60 -24.53 32.45 11.44
CA ASP UA 60 -24.84 33.88 11.35
C ASP UA 60 -25.54 34.25 10.04
N TRP UA 61 -26.11 33.27 9.34
CA TRP UA 61 -26.87 33.44 8.10
C TRP UA 61 -26.00 33.83 6.91
N SER UA 62 -24.68 33.90 7.08
CA SER UA 62 -23.79 34.24 5.98
C SER UA 62 -23.56 33.03 5.09
N PHE UA 63 -23.56 33.26 3.78
CA PHE UA 63 -23.44 32.18 2.82
C PHE UA 63 -21.98 31.70 2.70
N TYR UA 64 -21.82 30.51 2.13
CA TYR UA 64 -20.51 29.99 1.81
C TYR UA 64 -20.60 29.07 0.60
N LEU UA 65 -19.61 29.19 -0.29
CA LEU UA 65 -19.56 28.38 -1.51
C LEU UA 65 -18.12 27.95 -1.77
N LEU UA 66 -18.00 26.88 -2.56
CA LEU UA 66 -16.70 26.32 -2.91
C LEU UA 66 -16.67 26.04 -4.41
N TYR UA 67 -15.84 26.76 -5.14
CA TYR UA 67 -15.62 26.51 -6.55
C TYR UA 67 -14.35 25.70 -6.73
N TYR UA 68 -14.41 24.66 -7.57
CA TYR UA 68 -13.29 23.76 -7.74
C TYR UA 68 -13.19 23.31 -9.19
N THR UA 69 -11.99 22.92 -9.58
CA THR UA 69 -11.74 22.32 -10.88
C THR UA 69 -10.49 21.46 -10.79
N GLU UA 70 -10.35 20.53 -11.73
CA GLU UA 70 -9.21 19.64 -11.77
C GLU UA 70 -8.08 20.29 -12.58
N PHE UA 71 -6.86 20.17 -12.07
CA PHE UA 71 -5.73 20.86 -12.68
C PHE UA 71 -4.45 20.11 -12.32
N THR UA 72 -3.37 20.47 -13.00
CA THR UA 72 -2.04 19.91 -12.74
C THR UA 72 -1.07 21.03 -12.45
N PRO UA 73 -0.56 21.15 -11.23
CA PRO UA 73 0.33 22.27 -10.90
C PRO UA 73 1.68 22.13 -11.57
N THR UA 74 2.26 23.28 -11.92
CA THR UA 74 3.59 23.35 -12.50
C THR UA 74 4.40 24.41 -11.77
N GLU UA 75 5.71 24.43 -12.04
CA GLU UA 75 6.57 25.43 -11.43
C GLU UA 75 6.29 26.83 -11.97
N LYS UA 76 5.92 26.94 -13.25
CA LYS UA 76 5.77 28.23 -13.91
C LYS UA 76 4.37 28.83 -13.74
N ASP UA 77 3.32 28.00 -13.83
CA ASP UA 77 1.97 28.52 -13.86
C ASP UA 77 1.60 29.20 -12.56
N GLU UA 78 0.92 30.34 -12.67
CA GLU UA 78 0.33 31.04 -11.54
C GLU UA 78 -1.18 30.89 -11.60
N TYR UA 79 -1.79 30.52 -10.48
CA TYR UA 79 -3.23 30.37 -10.38
C TYR UA 79 -3.78 31.41 -9.40
N ALA UA 80 -4.97 31.90 -9.69
CA ALA UA 80 -5.61 32.91 -8.84
C ALA UA 80 -7.12 32.79 -8.95
N CYS UA 81 -7.80 33.38 -7.99
CA CYS UA 81 -9.27 33.35 -7.92
C CYS UA 81 -9.80 34.78 -7.98
N ARG UA 82 -10.75 35.00 -8.89
CA ARG UA 82 -11.36 36.31 -9.09
C ARG UA 82 -12.77 36.28 -8.52
N VAL UA 83 -13.03 37.14 -7.54
CA VAL UA 83 -14.32 37.20 -6.84
C VAL UA 83 -14.89 38.60 -6.98
N ASN UA 84 -16.10 38.69 -7.51
CA ASN UA 84 -16.81 39.96 -7.63
C ASN UA 84 -18.10 39.88 -6.83
N HIS UA 85 -18.41 40.95 -6.09
CA HIS UA 85 -19.55 40.94 -5.19
C HIS UA 85 -20.06 42.37 -5.04
N VAL UA 86 -21.30 42.50 -4.57
CA VAL UA 86 -21.92 43.80 -4.41
C VAL UA 86 -21.20 44.65 -3.36
N THR UA 87 -20.52 44.00 -2.40
CA THR UA 87 -19.76 44.72 -1.40
C THR UA 87 -18.36 45.11 -1.88
N LEU UA 88 -17.97 44.71 -3.08
CA LEU UA 88 -16.65 45.00 -3.63
C LEU UA 88 -16.78 46.05 -4.73
N SER UA 89 -16.06 47.16 -4.58
CA SER UA 89 -16.06 48.19 -5.60
C SER UA 89 -15.49 47.67 -6.92
N GLN UA 90 -14.41 46.90 -6.84
CA GLN UA 90 -13.79 46.24 -7.98
C GLN UA 90 -13.58 44.77 -7.64
N PRO UA 91 -13.51 43.91 -8.66
CA PRO UA 91 -13.26 42.49 -8.39
C PRO UA 91 -11.94 42.28 -7.64
N LYS UA 92 -11.96 41.35 -6.70
CA LYS UA 92 -10.80 41.07 -5.86
C LYS UA 92 -10.08 39.83 -6.37
N ILE UA 93 -8.75 39.92 -6.42
CA ILE UA 93 -7.89 38.84 -6.90
C ILE UA 93 -7.10 38.30 -5.72
N VAL UA 94 -7.10 36.97 -5.57
CA VAL UA 94 -6.32 36.29 -4.55
C VAL UA 94 -5.49 35.23 -5.27
N LYS UA 95 -4.17 35.42 -5.28
CA LYS UA 95 -3.29 34.46 -5.90
C LYS UA 95 -3.16 33.20 -5.04
N TRP UA 96 -2.96 32.07 -5.70
CA TRP UA 96 -2.81 30.79 -5.02
C TRP UA 96 -1.37 30.67 -4.51
N ASP UA 97 -1.17 30.95 -3.23
CA ASP UA 97 0.13 30.78 -2.59
C ASP UA 97 0.24 29.35 -2.10
N ARG UA 98 1.05 28.55 -2.80
CA ARG UA 98 1.35 27.21 -2.33
C ARG UA 98 1.96 27.28 -0.94
N ASP UA 99 1.52 26.38 -0.06
CA ASP UA 99 1.77 26.33 1.39
C ASP UA 99 1.02 27.41 2.15
N MET UA 100 0.00 28.03 1.55
CA MET UA 100 -0.88 28.95 2.25
C MET UA 100 -2.35 28.63 1.95
N VAL VA 1 -35.60 13.52 5.33
CA VAL VA 1 -36.87 13.95 4.78
C VAL VA 1 -37.12 15.42 5.10
N VAL VA 2 -38.05 16.03 4.37
CA VAL VA 2 -38.36 17.45 4.49
C VAL VA 2 -39.60 17.58 5.37
N GLY VA 3 -39.56 18.53 6.32
CA GLY VA 3 -40.68 18.66 7.23
C GLY VA 3 -40.92 20.06 7.76
N ALA VA 4 -40.53 21.06 6.98
CA ALA VA 4 -40.70 22.47 7.36
C ALA VA 4 -42.17 22.85 7.24
N VAL VA 5 -42.82 23.12 8.36
CA VAL VA 5 -44.22 23.49 8.37
C VAL VA 5 -44.36 24.89 7.78
N GLY VA 6 -44.93 24.97 6.59
CA GLY VA 6 -45.19 26.25 5.97
C GLY VA 6 -46.55 26.80 6.33
N VAL VA 7 -46.57 27.82 7.20
CA VAL VA 7 -47.81 28.37 7.73
C VAL VA 7 -48.08 29.81 7.32
N GLY VA 8 -47.10 30.53 6.76
CA GLY VA 8 -47.44 31.79 6.12
C GLY VA 8 -46.62 33.02 6.47
N LYS VA 9 -45.96 33.02 7.64
CA LYS VA 9 -45.24 34.20 8.11
C LYS VA 9 -46.04 35.50 7.96
N GLN WA 2 -59.14 0.25 1.74
CA GLN WA 2 -58.37 1.49 1.90
C GLN WA 2 -57.24 1.27 2.90
N LYS WA 3 -56.60 2.36 3.32
CA LYS WA 3 -55.56 2.29 4.36
C LYS WA 3 -56.12 2.58 5.75
N VAL WA 4 -57.13 3.43 5.85
CA VAL WA 4 -57.68 3.84 7.14
C VAL WA 4 -59.01 3.11 7.34
N GLN WA 5 -59.09 2.32 8.40
CA GLN WA 5 -60.27 1.53 8.72
C GLN WA 5 -60.83 1.96 10.06
N GLN WA 6 -62.07 2.45 10.06
CA GLN WA 6 -62.76 2.83 11.29
C GLN WA 6 -63.72 1.72 11.71
N SER WA 7 -63.79 1.48 13.02
CA SER WA 7 -64.72 0.52 13.59
C SER WA 7 -65.22 1.11 14.89
N PRO WA 8 -66.54 1.03 15.16
CA PRO WA 8 -67.57 0.36 14.36
C PRO WA 8 -68.01 1.13 13.13
N GLU WA 9 -68.88 0.54 12.32
CA GLU WA 9 -69.51 1.27 11.22
C GLU WA 9 -70.73 2.05 11.72
N SER WA 10 -71.55 1.43 12.56
CA SER WA 10 -72.71 2.09 13.16
C SER WA 10 -72.72 1.84 14.66
N LEU WA 11 -73.18 2.84 15.41
CA LEU WA 11 -73.19 2.79 16.87
C LEU WA 11 -74.46 3.46 17.38
N ILE WA 12 -75.28 2.69 18.08
CA ILE WA 12 -76.48 3.18 18.74
C ILE WA 12 -76.19 3.21 20.24
N VAL WA 13 -76.01 4.41 20.78
CA VAL WA 13 -75.62 4.62 22.17
C VAL WA 13 -76.74 5.33 22.89
N PRO WA 14 -77.17 4.87 24.07
CA PRO WA 14 -78.20 5.58 24.82
C PRO WA 14 -77.71 6.93 25.30
N GLU WA 15 -78.65 7.85 25.51
CA GLU WA 15 -78.32 9.15 26.06
C GLU WA 15 -77.69 9.00 27.45
N GLY WA 16 -76.61 9.74 27.68
CA GLY WA 16 -75.90 9.63 28.93
C GLY WA 16 -74.94 8.48 29.01
N GLY WA 17 -74.40 8.03 27.88
CA GLY WA 17 -73.47 6.93 27.86
C GLY WA 17 -72.14 7.33 27.25
N MET WA 18 -71.27 6.35 27.02
CA MET WA 18 -69.97 6.59 26.40
C MET WA 18 -69.95 5.93 25.03
N ALA WA 19 -69.59 6.70 24.02
CA ALA WA 19 -69.47 6.22 22.65
C ALA WA 19 -67.99 6.10 22.32
N SER WA 20 -67.51 4.85 22.21
CA SER WA 20 -66.10 4.59 21.92
C SER WA 20 -65.96 4.21 20.45
N LEU WA 21 -65.41 5.11 19.65
CA LEU WA 21 -65.12 4.86 18.24
C LEU WA 21 -63.63 4.68 18.06
N ASN WA 22 -63.25 3.78 17.16
CA ASN WA 22 -61.83 3.48 16.91
C ASN WA 22 -61.51 3.67 15.44
N CYS WA 23 -60.21 3.79 15.16
CA CYS WA 23 -59.71 3.91 13.80
C CYS WA 23 -58.27 3.43 13.75
N THR WA 24 -57.93 2.71 12.69
CA THR WA 24 -56.62 2.11 12.51
C THR WA 24 -56.16 2.32 11.08
N SER WA 25 -54.86 2.53 10.91
CA SER WA 25 -54.26 2.68 9.59
C SER WA 25 -53.34 1.51 9.30
N SER WA 26 -53.20 1.21 8.01
CA SER WA 26 -52.26 0.20 7.53
C SER WA 26 -50.94 0.79 7.07
N ASP WA 27 -50.96 2.02 6.57
CA ASP WA 27 -49.73 2.72 6.20
C ASP WA 27 -48.88 2.95 7.44
N ARG WA 28 -47.76 2.25 7.54
CA ARG WA 28 -46.90 2.36 8.72
C ARG WA 28 -46.20 3.71 8.82
N ASN WA 29 -46.20 4.51 7.76
CA ASN WA 29 -45.58 5.84 7.79
C ASN WA 29 -46.64 6.92 7.99
N VAL WA 30 -47.29 6.87 9.16
CA VAL WA 30 -48.27 7.87 9.56
C VAL WA 30 -47.80 8.52 10.85
N ASP WA 31 -47.73 9.85 10.86
CA ASP WA 31 -47.21 10.59 12.00
C ASP WA 31 -48.27 11.40 12.73
N TYR WA 32 -49.49 11.48 12.21
CA TYR WA 32 -50.51 12.35 12.78
C TYR WA 32 -51.88 11.74 12.52
N PHE WA 33 -52.76 11.82 13.51
CA PHE WA 33 -54.13 11.32 13.40
C PHE WA 33 -55.11 12.43 13.76
N TRP WA 34 -56.26 12.40 13.09
CA TRP WA 34 -57.28 13.43 13.25
C TRP WA 34 -58.65 12.78 13.41
N TRP WA 35 -59.57 13.52 14.03
CA TRP WA 35 -60.96 13.10 14.16
C TRP WA 35 -61.84 14.27 13.74
N TYR WA 36 -62.72 14.04 12.76
CA TYR WA 36 -63.57 15.09 12.20
C TYR WA 36 -65.04 14.71 12.40
N ARG WA 37 -65.86 15.70 12.75
CA ARG WA 37 -67.28 15.51 12.96
C ARG WA 37 -68.07 16.13 11.81
N GLN WA 38 -68.94 15.34 11.19
CA GLN WA 38 -69.81 15.81 10.11
C GLN WA 38 -71.26 15.59 10.51
N HIS WA 39 -71.96 16.69 10.82
CA HIS WA 39 -73.39 16.61 11.02
C HIS WA 39 -74.09 16.46 9.66
N SER WA 40 -75.38 16.12 9.71
CA SER WA 40 -76.13 15.86 8.49
C SER WA 40 -76.19 17.10 7.61
N GLY WA 41 -75.72 16.97 6.37
CA GLY WA 41 -75.73 18.09 5.45
C GLY WA 41 -74.90 19.27 5.89
N LYS WA 42 -73.78 19.01 6.57
CA LYS WA 42 -72.89 20.05 7.07
C LYS WA 42 -71.47 19.77 6.59
N SER WA 43 -70.56 20.67 6.93
CA SER WA 43 -69.17 20.46 6.55
C SER WA 43 -68.44 19.67 7.64
N PRO WA 44 -67.54 18.77 7.25
CA PRO WA 44 -66.68 18.13 8.24
C PRO WA 44 -65.85 19.17 8.97
N LYS WA 45 -65.79 19.04 10.30
CA LYS WA 45 -65.07 19.98 11.13
C LYS WA 45 -64.21 19.20 12.12
N MET WA 46 -62.98 19.65 12.31
CA MET WA 46 -62.06 18.94 13.20
C MET WA 46 -62.58 18.96 14.63
N LEU WA 47 -62.62 17.77 15.25
CA LEU WA 47 -62.92 17.65 16.67
C LEU WA 47 -61.66 17.63 17.51
N MET WA 48 -60.79 16.63 17.28
CA MET WA 48 -59.58 16.46 18.07
C MET WA 48 -58.41 16.11 17.16
N SER WA 49 -57.22 16.12 17.74
CA SER WA 49 -56.00 15.80 17.03
C SER WA 49 -55.03 15.14 17.99
N ILE WA 50 -54.23 14.20 17.46
CA ILE WA 50 -53.22 13.53 18.27
C ILE WA 50 -52.06 13.12 17.37
N PHE WA 51 -50.84 13.26 17.90
CA PHE WA 51 -49.64 12.81 17.20
C PHE WA 51 -48.64 12.12 18.11
N SER WA 52 -48.83 12.13 19.42
CA SER WA 52 -47.94 11.48 20.36
C SER WA 52 -48.71 10.43 21.15
N ASN WA 53 -48.01 9.36 21.51
CA ASN WA 53 -48.63 8.30 22.31
C ASN WA 53 -49.09 8.85 23.65
N GLY WA 54 -50.37 8.67 23.94
CA GLY WA 54 -50.94 9.14 25.19
C GLY WA 54 -52.44 9.40 25.01
N GLU WA 55 -52.94 10.30 25.84
CA GLU WA 55 -54.35 10.67 25.85
C GLU WA 55 -54.48 12.18 25.82
N LYS WA 56 -55.67 12.65 25.42
CA LYS WA 56 -55.93 14.08 25.27
C LYS WA 56 -57.39 14.31 25.64
N GLU WA 57 -57.62 14.94 26.80
CA GLU WA 57 -58.96 15.22 27.30
C GLU WA 57 -59.24 16.72 27.13
N GLU WA 58 -60.08 17.06 26.17
CA GLU WA 58 -60.56 18.43 25.98
C GLU WA 58 -62.09 18.38 26.00
N GLY WA 59 -62.66 18.51 27.20
CA GLY WA 59 -64.10 18.48 27.36
C GLY WA 59 -64.64 17.09 27.64
N ARG WA 60 -65.75 16.73 26.98
CA ARG WA 60 -66.28 15.39 27.09
C ARG WA 60 -65.55 14.38 26.21
N PHE WA 61 -64.76 14.85 25.25
CA PHE WA 61 -64.10 14.00 24.28
C PHE WA 61 -62.68 13.69 24.73
N THR WA 62 -62.26 12.45 24.50
CA THR WA 62 -60.93 11.98 24.86
C THR WA 62 -60.38 11.16 23.71
N VAL WA 63 -59.15 11.43 23.30
CA VAL WA 63 -58.53 10.78 22.15
C VAL WA 63 -57.24 10.10 22.61
N HIS WA 64 -57.09 8.83 22.28
CA HIS WA 64 -55.93 8.03 22.64
C HIS WA 64 -55.20 7.61 21.36
N LEU WA 65 -53.88 7.39 21.49
CA LEU WA 65 -53.07 6.98 20.35
C LEU WA 65 -51.99 6.00 20.79
N ASN WA 66 -51.82 4.93 20.01
CA ASN WA 66 -50.73 3.97 20.18
C ASN WA 66 -50.09 3.79 18.81
N LYS WA 67 -49.00 4.51 18.57
CA LYS WA 67 -48.35 4.47 17.26
C LYS WA 67 -47.82 3.09 16.90
N ALA WA 68 -47.61 2.21 17.89
CA ALA WA 68 -47.15 0.86 17.60
C ALA WA 68 -48.19 0.11 16.77
N SER WA 69 -49.46 0.22 17.11
CA SER WA 69 -50.54 -0.40 16.36
C SER WA 69 -51.25 0.58 15.44
N LEU WA 70 -50.83 1.85 15.44
CA LEU WA 70 -51.46 2.90 14.63
C LEU WA 70 -52.97 2.94 14.88
N HIS WA 71 -53.33 3.05 16.14
CA HIS WA 71 -54.74 3.01 16.55
C HIS WA 71 -55.08 4.27 17.35
N THR WA 72 -56.11 4.98 16.91
CA THR WA 72 -56.64 6.12 17.64
C THR WA 72 -58.09 5.85 17.99
N SER WA 73 -58.52 6.35 19.14
CA SER WA 73 -59.86 6.07 19.64
C SER WA 73 -60.46 7.34 20.23
N LEU WA 74 -61.68 7.67 19.79
CA LEU WA 74 -62.44 8.78 20.34
C LEU WA 74 -63.47 8.25 21.33
N HIS WA 75 -63.50 8.85 22.51
CA HIS WA 75 -64.41 8.44 23.59
C HIS WA 75 -65.27 9.63 23.99
N ILE WA 76 -66.52 9.65 23.53
CA ILE WA 76 -67.45 10.73 23.83
C ILE WA 76 -68.24 10.33 25.08
N ARG WA 77 -68.00 11.04 26.18
CA ARG WA 77 -68.71 10.80 27.43
C ARG WA 77 -69.97 11.66 27.49
N ASP WA 78 -70.91 11.22 28.33
CA ASP WA 78 -72.21 11.88 28.49
C ASP WA 78 -72.82 12.24 27.13
N SER WA 79 -73.08 11.19 26.36
CA SER WA 79 -73.56 11.35 24.99
C SER WA 79 -74.88 12.13 24.97
N GLN WA 80 -74.85 13.30 24.36
CA GLN WA 80 -76.02 14.15 24.16
C GLN WA 80 -76.46 14.07 22.69
N PRO WA 81 -77.78 14.13 22.44
CA PRO WA 81 -78.29 13.91 21.07
C PRO WA 81 -77.64 14.79 20.02
N SER WA 82 -77.02 15.90 20.44
CA SER WA 82 -76.31 16.77 19.52
C SER WA 82 -75.13 16.06 18.86
N ASP WA 83 -74.54 15.08 19.55
CA ASP WA 83 -73.38 14.37 19.03
C ASP WA 83 -73.74 13.33 17.97
N SER WA 84 -75.02 13.18 17.62
CA SER WA 84 -75.41 12.26 16.56
C SER WA 84 -74.90 12.79 15.23
N ALA WA 85 -73.86 12.16 14.70
CA ALA WA 85 -73.24 12.62 13.46
C ALA WA 85 -72.35 11.52 12.91
N LEU WA 86 -71.70 11.79 11.79
CA LEU WA 86 -70.68 10.93 11.24
C LEU WA 86 -69.32 11.39 11.72
N TYR WA 87 -68.45 10.43 12.05
CA TYR WA 87 -67.14 10.72 12.61
C TYR WA 87 -66.07 10.12 11.70
N LEU WA 88 -65.22 10.98 11.16
CA LEU WA 88 -64.22 10.59 10.17
C LEU WA 88 -62.83 10.66 10.77
N CYS WA 89 -62.03 9.63 10.53
CA CYS WA 89 -60.67 9.55 11.02
C CYS WA 89 -59.71 9.85 9.87
N ALA WA 90 -58.72 10.71 10.13
CA ALA WA 90 -57.75 11.10 9.12
C ALA WA 90 -56.34 10.75 9.59
N ALA WA 91 -55.45 10.53 8.63
CA ALA WA 91 -54.06 10.19 8.92
C ALA WA 91 -53.16 10.86 7.90
N ARG WA 92 -52.05 11.45 8.38
CA ARG WA 92 -51.13 12.14 7.49
C ARG WA 92 -50.21 11.14 6.79
N ASP WA 93 -50.19 11.23 5.46
CA ASP WA 93 -49.37 10.30 4.64
C ASP WA 93 -47.94 10.82 4.56
N SER WA 94 -47.02 9.97 4.12
CA SER WA 94 -45.64 10.46 3.89
C SER WA 94 -45.75 11.80 3.17
N ASN WA 95 -46.32 11.78 1.96
CA ASN WA 95 -46.59 13.08 1.30
C ASN WA 95 -47.66 13.72 2.17
N TYR WA 96 -47.35 14.84 2.81
CA TYR WA 96 -48.31 15.44 3.79
C TYR WA 96 -49.68 15.58 3.13
N GLN WA 97 -50.43 14.48 3.15
CA GLN WA 97 -51.80 14.47 2.59
C GLN WA 97 -52.64 13.62 3.52
N LEU WA 98 -53.92 13.96 3.68
CA LEU WA 98 -54.79 13.26 4.63
C LEU WA 98 -55.45 12.06 3.97
N ILE WA 99 -55.20 10.87 4.51
CA ILE WA 99 -55.91 9.65 4.11
C ILE WA 99 -57.17 9.57 4.95
N TRP WA 100 -58.33 9.63 4.31
CA TRP WA 100 -59.60 9.65 5.03
C TRP WA 100 -60.17 8.23 5.16
N GLY WA 101 -61.03 8.06 6.16
CA GLY WA 101 -61.71 6.82 6.40
C GLY WA 101 -63.19 6.91 6.05
N SER WA 102 -63.84 5.74 6.04
CA SER WA 102 -65.25 5.67 5.66
C SER WA 102 -66.11 6.49 6.61
N GLY WA 103 -66.11 6.12 7.89
CA GLY WA 103 -66.86 6.88 8.88
C GLY WA 103 -67.73 6.03 9.79
N THR WA 104 -67.95 6.52 11.00
CA THR WA 104 -68.77 5.85 11.99
C THR WA 104 -69.97 6.75 12.30
N LYS WA 105 -71.18 6.22 12.07
CA LYS WA 105 -72.40 6.96 12.35
C LYS WA 105 -72.81 6.76 13.80
N LEU WA 106 -73.05 7.86 14.50
CA LEU WA 106 -73.47 7.85 15.89
C LEU WA 106 -74.96 8.19 15.98
N ILE WA 107 -75.72 7.31 16.63
CA ILE WA 107 -77.15 7.51 16.84
C ILE WA 107 -77.39 7.47 18.35
N ILE WA 108 -77.87 8.59 18.89
CA ILE WA 108 -78.05 8.72 20.33
C ILE WA 108 -79.55 8.74 20.63
N LYS WA 109 -80.03 7.66 21.23
CA LYS WA 109 -81.43 7.53 21.60
C LYS WA 109 -81.74 8.45 22.77
N PRO WA 110 -82.61 9.44 22.61
CA PRO WA 110 -82.90 10.35 23.72
C PRO WA 110 -83.72 9.69 24.81
N ASP WA 111 -83.66 10.29 25.99
CA ASP WA 111 -84.45 9.83 27.15
C ASP WA 111 -85.80 10.54 27.13
N ILE WA 112 -86.84 9.81 26.74
CA ILE WA 112 -88.20 10.32 26.80
C ILE WA 112 -88.66 10.26 28.25
N GLN WA 113 -88.77 11.42 28.88
CA GLN WA 113 -89.03 11.47 30.32
C GLN WA 113 -90.43 10.97 30.65
N ASN WA 114 -91.44 11.44 29.90
CA ASN WA 114 -92.83 11.11 30.16
C ASN WA 114 -93.49 10.68 28.85
N PRO WA 115 -93.46 9.38 28.53
CA PRO WA 115 -94.05 8.92 27.26
C PRO WA 115 -95.57 8.85 27.36
N ASP WA 116 -96.24 9.46 26.38
CA ASP WA 116 -97.70 9.44 26.28
C ASP WA 116 -98.09 9.21 24.82
N PRO WA 117 -97.83 8.01 24.30
CA PRO WA 117 -98.02 7.78 22.87
C PRO WA 117 -99.48 7.87 22.46
N ALA WA 118 -99.69 8.30 21.22
CA ALA WA 118 -101.04 8.46 20.69
C ALA WA 118 -100.97 8.58 19.17
N VAL WA 119 -102.12 8.43 18.53
CA VAL WA 119 -102.26 8.54 17.08
C VAL WA 119 -103.38 9.52 16.79
N TYR WA 120 -103.15 10.44 15.85
CA TYR WA 120 -104.11 11.50 15.55
C TYR WA 120 -104.32 11.62 14.05
N GLN WA 121 -105.50 12.13 13.68
CA GLN WA 121 -105.83 12.45 12.30
C GLN WA 121 -105.66 13.94 12.07
N LEU WA 122 -105.11 14.28 10.90
CA LEU WA 122 -104.93 15.67 10.50
C LEU WA 122 -105.47 15.83 9.09
N ARG WA 123 -106.33 16.82 8.88
CA ARG WA 123 -106.95 17.07 7.59
C ARG WA 123 -106.28 18.25 6.89
N ASP WA 124 -106.31 18.21 5.57
CA ASP WA 124 -105.68 19.26 4.77
C ASP WA 124 -106.39 20.59 4.99
N SER WA 125 -105.60 21.68 4.98
CA SER WA 125 -106.15 22.99 5.30
C SER WA 125 -107.08 23.51 4.21
N LYS WA 126 -106.84 23.14 2.95
CA LYS WA 126 -107.67 23.63 1.86
C LYS WA 126 -108.97 22.84 1.76
N SER WA 127 -108.87 21.52 1.51
CA SER WA 127 -110.03 20.66 1.43
C SER WA 127 -109.73 19.36 2.17
N SER WA 128 -110.78 18.73 2.69
CA SER WA 128 -110.66 17.53 3.51
C SER WA 128 -110.45 16.26 2.68
N ASP WA 129 -109.95 16.38 1.44
CA ASP WA 129 -109.79 15.21 0.59
C ASP WA 129 -108.71 14.28 1.12
N LYS WA 130 -107.63 14.83 1.67
CA LYS WA 130 -106.46 14.06 2.08
C LYS WA 130 -106.26 14.17 3.58
N SER WA 131 -105.93 13.05 4.21
CA SER WA 131 -105.73 12.97 5.65
C SER WA 131 -104.46 12.19 5.95
N VAL WA 132 -103.87 12.45 7.12
CA VAL WA 132 -102.63 11.81 7.54
C VAL WA 132 -102.78 11.33 8.98
N CYS WA 133 -101.90 10.40 9.35
CA CYS WA 133 -101.83 9.88 10.71
C CYS WA 133 -100.52 10.33 11.35
N LEU WA 134 -100.58 10.62 12.65
CA LEU WA 134 -99.44 11.14 13.40
C LEU WA 134 -99.25 10.34 14.67
N PHE WA 135 -98.15 9.59 14.75
CA PHE WA 135 -97.80 8.82 15.94
C PHE WA 135 -96.73 9.60 16.70
N THR WA 136 -97.09 10.14 17.86
CA THR WA 136 -96.22 11.06 18.59
C THR WA 136 -96.14 10.67 20.06
N ASP WA 137 -95.19 11.30 20.75
CA ASP WA 137 -95.02 11.18 22.21
C ASP WA 137 -94.73 9.76 22.65
N PHE WA 138 -94.04 8.98 21.81
CA PHE WA 138 -93.64 7.63 22.17
C PHE WA 138 -92.16 7.60 22.53
N ASP WA 139 -91.80 6.63 23.36
CA ASP WA 139 -90.43 6.55 23.85
C ASP WA 139 -89.48 6.06 22.75
N SER WA 140 -88.19 6.06 23.08
CA SER WA 140 -87.17 5.62 22.13
C SER WA 140 -87.13 4.11 21.96
N GLN WA 141 -87.74 3.36 22.88
CA GLN WA 141 -87.74 1.90 22.75
C GLN WA 141 -88.62 1.46 21.59
N THR WA 142 -89.73 2.16 21.36
CA THR WA 142 -90.62 1.84 20.25
C THR WA 142 -89.91 2.09 18.92
N ASN WA 143 -89.98 1.10 18.03
CA ASN WA 143 -89.33 1.17 16.73
C ASN WA 143 -90.38 1.28 15.63
N VAL WA 144 -90.25 2.28 14.79
CA VAL WA 144 -91.20 2.52 13.70
C VAL WA 144 -90.85 1.58 12.55
N SER WA 145 -91.71 0.60 12.29
CA SER WA 145 -91.51 -0.32 11.18
C SER WA 145 -92.04 0.28 9.89
N GLN WA 146 -91.43 -0.13 8.78
CA GLN WA 146 -91.80 0.41 7.48
C GLN WA 146 -93.24 0.05 7.13
N SER WA 147 -93.87 0.94 6.35
CA SER WA 147 -95.23 0.69 5.89
C SER WA 147 -95.27 -0.53 4.97
N LYS WA 148 -96.22 -1.42 5.22
CA LYS WA 148 -96.37 -2.61 4.39
C LYS WA 148 -97.29 -2.34 3.21
N ASP WA 149 -98.53 -1.93 3.47
CA ASP WA 149 -99.48 -1.63 2.40
C ASP WA 149 -98.91 -0.57 1.46
N SER WA 150 -98.76 -0.94 0.19
CA SER WA 150 -98.06 -0.09 -0.76
C SER WA 150 -98.77 1.24 -1.01
N ASP WA 151 -100.07 1.32 -0.75
CA ASP WA 151 -100.80 2.55 -0.98
C ASP WA 151 -100.52 3.60 0.10
N VAL WA 152 -100.06 3.18 1.28
CA VAL WA 152 -99.78 4.09 2.39
C VAL WA 152 -98.27 4.13 2.64
N TYR WA 153 -97.77 5.30 2.97
CA TYR WA 153 -96.35 5.51 3.24
C TYR WA 153 -96.16 6.03 4.66
N ILE WA 154 -95.29 5.38 5.41
CA ILE WA 154 -95.01 5.73 6.80
C ILE WA 154 -93.61 6.33 6.86
N THR WA 155 -93.50 7.52 7.45
CA THR WA 155 -92.21 8.17 7.58
C THR WA 155 -91.39 7.53 8.69
N ASP WA 156 -90.09 7.79 8.67
CA ASP WA 156 -89.19 7.26 9.67
C ASP WA 156 -89.37 8.02 10.99
N LYS WA 157 -88.80 7.46 12.05
CA LYS WA 157 -88.87 8.09 13.36
C LYS WA 157 -88.05 9.37 13.39
N CYS WA 158 -88.56 10.37 14.09
CA CYS WA 158 -87.85 11.63 14.28
C CYS WA 158 -87.97 12.04 15.75
N VAL WA 159 -87.07 12.92 16.18
CA VAL WA 159 -87.00 13.36 17.56
C VAL WA 159 -87.19 14.87 17.62
N LEU WA 160 -88.17 15.32 18.39
CA LEU WA 160 -88.45 16.73 18.60
C LEU WA 160 -87.94 17.18 19.97
N ASP WA 161 -87.83 18.49 20.13
CA ASP WA 161 -87.32 19.06 21.38
C ASP WA 161 -87.88 20.47 21.55
N MET WA 162 -88.82 20.63 22.47
CA MET WA 162 -89.32 21.95 22.86
C MET WA 162 -88.52 22.41 24.06
N ARG WA 163 -87.69 23.43 23.87
CA ARG WA 163 -86.67 23.77 24.86
C ARG WA 163 -87.27 24.49 26.07
N SER WA 164 -88.32 25.29 25.87
CA SER WA 164 -88.87 26.06 26.98
C SER WA 164 -89.53 25.16 28.03
N MET WA 165 -90.09 24.02 27.61
CA MET WA 165 -90.76 23.11 28.53
C MET WA 165 -89.90 21.91 28.90
N ASP WA 166 -88.69 21.79 28.36
CA ASP WA 166 -87.80 20.65 28.61
C ASP WA 166 -88.50 19.33 28.29
N PHE WA 167 -89.18 19.31 27.15
CA PHE WA 167 -89.94 18.14 26.70
C PHE WA 167 -89.33 17.62 25.40
N LYS WA 168 -89.10 16.31 25.35
CA LYS WA 168 -88.58 15.64 24.17
C LYS WA 168 -89.60 14.63 23.69
N SER WA 169 -89.92 14.67 22.40
CA SER WA 169 -90.95 13.80 21.83
C SER WA 169 -90.46 13.22 20.52
N ASN WA 170 -91.00 12.05 20.17
CA ASN WA 170 -90.72 11.40 18.91
C ASN WA 170 -91.98 11.44 18.05
N SER WA 171 -91.80 11.34 16.73
CA SER WA 171 -92.92 11.48 15.83
C SER WA 171 -92.70 10.67 14.56
N ALA WA 172 -93.79 10.15 14.01
CA ALA WA 172 -93.81 9.48 12.71
C ALA WA 172 -95.12 9.81 12.02
N VAL WA 173 -95.09 9.85 10.70
CA VAL WA 173 -96.21 10.33 9.89
C VAL WA 173 -96.54 9.29 8.83
N ALA WA 174 -97.84 9.10 8.58
CA ALA WA 174 -98.33 8.22 7.52
C ALA WA 174 -99.42 8.92 6.74
N TRP WA 175 -99.50 8.61 5.44
CA TRP WA 175 -100.54 9.16 4.59
C TRP WA 175 -100.85 8.17 3.47
N SER WA 176 -102.07 8.25 2.96
CA SER WA 176 -102.49 7.40 1.85
C SER WA 176 -103.49 8.18 0.99
N ASN WA 177 -103.54 7.82 -0.29
CA ASN WA 177 -104.44 8.47 -1.24
C ASN WA 177 -105.81 7.79 -1.30
N LYS WA 178 -105.95 6.58 -0.79
CA LYS WA 178 -107.22 5.87 -0.82
C LYS WA 178 -108.08 6.27 0.38
N SER WA 179 -109.40 6.26 0.16
CA SER WA 179 -110.33 6.72 1.19
C SER WA 179 -110.50 5.71 2.32
N ASP WA 180 -110.34 4.41 2.05
CA ASP WA 180 -110.45 3.38 3.06
C ASP WA 180 -109.19 3.34 3.93
N PHE WA 181 -108.92 4.48 4.57
CA PHE WA 181 -107.72 4.68 5.38
C PHE WA 181 -108.11 5.32 6.70
N ALA WA 182 -107.80 4.65 7.80
CA ALA WA 182 -108.07 5.16 9.13
C ALA WA 182 -106.84 4.96 10.00
N CYS WA 183 -106.69 5.83 11.00
CA CYS WA 183 -105.54 5.74 11.89
C CYS WA 183 -105.60 4.52 12.81
N ALA WA 184 -106.79 3.99 13.07
CA ALA WA 184 -106.89 2.76 13.84
C ALA WA 184 -106.31 1.58 13.07
N ASN WA 185 -106.52 1.55 11.75
CA ASN WA 185 -105.99 0.49 10.90
C ASN WA 185 -104.64 0.85 10.30
N ALA WA 186 -104.02 1.93 10.73
CA ALA WA 186 -102.68 2.30 10.31
C ALA WA 186 -101.68 1.94 11.40
N PHE WA 187 -100.39 1.91 11.02
CA PHE WA 187 -99.27 1.63 11.90
C PHE WA 187 -99.28 0.21 12.45
N ASN WA 188 -100.12 -0.68 11.93
CA ASN WA 188 -100.18 -2.04 12.45
C ASN WA 188 -98.91 -2.83 12.16
N ASN WA 189 -98.11 -2.39 11.17
CA ASN WA 189 -96.86 -3.08 10.85
C ASN WA 189 -95.79 -2.87 11.91
N SER WA 190 -95.97 -1.92 12.82
CA SER WA 190 -94.99 -1.61 13.85
C SER WA 190 -95.42 -2.18 15.19
N ILE WA 191 -94.50 -2.11 16.16
CA ILE WA 191 -94.74 -2.64 17.50
C ILE WA 191 -95.38 -1.51 18.30
N ILE WA 192 -96.70 -1.40 18.20
CA ILE WA 192 -97.43 -0.34 18.90
C ILE WA 192 -97.54 -0.70 20.38
N PRO WA 193 -97.16 0.19 21.29
CA PRO WA 193 -97.41 -0.06 22.71
C PRO WA 193 -98.90 -0.04 23.02
N GLU WA 194 -99.28 -0.77 24.05
CA GLU WA 194 -100.69 -0.92 24.40
C GLU WA 194 -101.26 0.29 25.14
N ASP WA 195 -100.43 1.29 25.45
CA ASP WA 195 -100.89 2.47 26.17
C ASP WA 195 -101.18 3.65 25.24
N THR WA 196 -101.28 3.41 23.94
CA THR WA 196 -101.54 4.49 23.00
C THR WA 196 -102.99 4.94 23.07
N PHE WA 197 -103.23 6.19 22.69
CA PHE WA 197 -104.55 6.78 22.66
C PHE WA 197 -105.15 6.69 21.26
N PHE WA 198 -106.47 6.58 21.19
CA PHE WA 198 -107.19 6.55 19.92
C PHE WA 198 -108.48 7.36 20.04
N PRO WA 199 -108.68 8.38 19.20
CA PRO WA 199 -109.88 9.23 19.24
C PRO WA 199 -111.14 8.46 18.87
N ALA XA 2 -60.82 29.73 7.91
CA ALA XA 2 -62.20 29.63 8.39
C ALA XA 2 -63.21 29.85 7.27
N ALA XA 3 -62.95 30.85 6.44
CA ALA XA 3 -63.91 31.31 5.43
C ALA XA 3 -63.63 30.62 4.10
N VAL XA 4 -64.22 29.44 3.92
CA VAL XA 4 -64.18 28.72 2.65
C VAL XA 4 -65.57 28.75 2.04
N THR XA 5 -65.67 29.24 0.81
CA THR XA 5 -66.94 29.38 0.11
C THR XA 5 -66.95 28.52 -1.13
N GLN XA 6 -68.15 28.08 -1.53
CA GLN XA 6 -68.31 27.22 -2.69
C GLN XA 6 -69.49 27.68 -3.52
N SER XA 7 -69.34 27.61 -4.84
CA SER XA 7 -70.39 28.02 -5.78
C SER XA 7 -70.22 27.19 -7.05
N PRO XA 8 -71.28 26.52 -7.53
CA PRO XA 8 -72.66 26.54 -7.01
C PRO XA 8 -72.82 25.73 -5.73
N ARG XA 9 -74.02 25.72 -5.15
CA ARG XA 9 -74.31 24.98 -3.93
C ARG XA 9 -75.18 23.76 -4.17
N ASN XA 10 -76.04 23.79 -5.20
CA ASN XA 10 -76.88 22.67 -5.58
C ASN XA 10 -77.12 22.76 -7.07
N LYS XA 11 -76.60 21.81 -7.84
CA LYS XA 11 -76.69 21.85 -9.29
C LYS XA 11 -77.27 20.57 -9.84
N VAL XA 12 -78.21 20.70 -10.78
CA VAL XA 12 -78.81 19.58 -11.48
C VAL XA 12 -78.34 19.63 -12.94
N ALA XA 13 -77.75 18.55 -13.41
CA ALA XA 13 -77.11 18.53 -14.71
C ALA XA 13 -77.62 17.36 -15.55
N VAL XA 14 -77.27 17.39 -16.84
CA VAL XA 14 -77.57 16.32 -17.79
C VAL XA 14 -76.29 15.62 -18.20
N THR XA 15 -76.41 14.35 -18.57
CA THR XA 15 -75.28 13.60 -19.07
C THR XA 15 -74.73 14.26 -20.32
N GLY XA 16 -73.45 14.62 -20.27
CA GLY XA 16 -72.77 15.29 -21.38
C GLY XA 16 -72.47 16.75 -21.13
N GLY XA 17 -73.11 17.37 -20.14
CA GLY XA 17 -72.91 18.77 -19.87
C GLY XA 17 -71.60 19.05 -19.16
N LYS XA 18 -71.27 20.34 -19.10
CA LYS XA 18 -70.06 20.82 -18.44
C LYS XA 18 -70.44 21.45 -17.11
N VAL XA 19 -69.85 20.95 -16.01
CA VAL XA 19 -70.08 21.48 -14.67
C VAL XA 19 -68.75 21.97 -14.13
N THR XA 20 -68.65 23.27 -13.87
CA THR XA 20 -67.46 23.90 -13.32
C THR XA 20 -67.77 24.39 -11.91
N LEU XA 21 -67.46 23.55 -10.92
CA LEU XA 21 -67.63 23.94 -9.53
C LEU XA 21 -66.44 24.79 -9.10
N SER XA 22 -66.71 25.81 -8.29
CA SER XA 22 -65.68 26.77 -7.90
C SER XA 22 -65.62 26.90 -6.38
N CYS XA 23 -64.44 27.22 -5.88
CA CYS XA 23 -64.19 27.36 -4.45
C CYS XA 23 -63.33 28.59 -4.23
N ASN XA 24 -63.64 29.35 -3.18
CA ASN XA 24 -62.92 30.59 -2.88
C ASN XA 24 -62.57 30.61 -1.40
N GLN XA 25 -61.28 30.72 -1.10
CA GLN XA 25 -60.81 30.93 0.27
C GLN XA 25 -60.23 32.33 0.40
N THR XA 26 -60.26 32.85 1.62
CA THR XA 26 -59.63 34.14 1.93
C THR XA 26 -58.68 34.02 3.10
N ASN XA 27 -58.26 32.80 3.44
CA ASN XA 27 -57.49 32.52 4.66
C ASN XA 27 -55.99 32.39 4.39
N ASN XA 28 -55.54 32.80 3.20
CA ASN XA 28 -54.10 32.77 2.85
C ASN XA 28 -53.53 31.36 2.99
N HIS XA 29 -54.27 30.39 2.49
CA HIS XA 29 -53.87 28.98 2.53
C HIS XA 29 -53.40 28.58 1.13
N ASN XA 30 -52.09 28.32 1.00
CA ASN XA 30 -51.58 27.98 -0.33
C ASN XA 30 -52.02 26.60 -0.79
N ASN XA 31 -52.47 25.74 0.12
CA ASN XA 31 -52.93 24.40 -0.24
C ASN XA 31 -54.46 24.37 -0.29
N MET XA 32 -55.00 23.90 -1.41
CA MET XA 32 -56.43 23.78 -1.61
C MET XA 32 -56.75 22.41 -2.21
N TYR XA 33 -57.88 21.83 -1.80
CA TYR XA 33 -58.23 20.47 -2.18
C TYR XA 33 -59.67 20.41 -2.66
N TRP XA 34 -60.01 19.30 -3.33
CA TRP XA 34 -61.35 19.03 -3.80
C TRP XA 34 -61.68 17.57 -3.50
N TYR XA 35 -62.78 17.34 -2.79
CA TYR XA 35 -63.16 16.00 -2.34
C TYR XA 35 -64.56 15.68 -2.83
N ARG XA 36 -64.90 14.39 -2.79
CA ARG XA 36 -66.27 13.92 -2.97
C ARG XA 36 -66.62 12.93 -1.89
N GLN XA 37 -67.81 13.07 -1.32
CA GLN XA 37 -68.27 12.26 -0.19
C GLN XA 37 -69.36 11.32 -0.66
N ASP XA 38 -68.99 10.09 -0.99
CA ASP XA 38 -69.93 9.05 -1.36
C ASP XA 38 -70.07 8.05 -0.22
N THR XA 39 -71.31 7.64 0.05
CA THR XA 39 -71.57 6.74 1.17
C THR XA 39 -70.85 5.41 0.97
N GLY XA 40 -70.09 5.00 1.99
CA GLY XA 40 -69.28 3.79 1.92
C GLY XA 40 -67.80 4.02 1.67
N HIS XA 41 -67.42 5.23 1.27
CA HIS XA 41 -66.01 5.54 1.00
C HIS XA 41 -65.51 6.76 1.76
N GLY XA 42 -66.38 7.58 2.34
CA GLY XA 42 -65.92 8.77 3.01
C GLY XA 42 -65.47 9.83 2.03
N LEU XA 43 -64.51 10.65 2.47
CA LEU XA 43 -63.97 11.71 1.64
C LEU XA 43 -62.85 11.16 0.76
N ARG XA 44 -62.89 11.48 -0.53
CA ARG XA 44 -61.91 10.98 -1.49
C ARG XA 44 -61.38 12.14 -2.31
N LEU XA 45 -60.05 12.30 -2.31
CA LEU XA 45 -59.43 13.42 -3.00
C LEU XA 45 -59.48 13.24 -4.51
N ILE XA 46 -59.96 14.25 -5.22
CA ILE XA 46 -60.03 14.22 -6.67
C ILE XA 46 -58.84 14.94 -7.26
N HIS XA 47 -58.69 16.22 -6.92
CA HIS XA 47 -57.60 17.05 -7.40
C HIS XA 47 -57.18 18.00 -6.28
N TYR XA 48 -55.91 18.38 -6.27
CA TYR XA 48 -55.41 19.30 -5.25
C TYR XA 48 -54.34 20.19 -5.86
N SER XA 49 -54.00 21.26 -5.13
CA SER XA 49 -53.08 22.27 -5.62
C SER XA 49 -52.22 22.77 -4.48
N TYR XA 50 -50.91 22.72 -4.65
CA TYR XA 50 -49.94 23.19 -3.67
C TYR XA 50 -49.69 24.68 -3.76
N GLY XA 51 -50.27 25.35 -4.75
CA GLY XA 51 -50.05 26.77 -4.94
C GLY XA 51 -50.77 27.23 -6.19
N ALA XA 52 -50.64 28.53 -6.46
CA ALA XA 52 -51.31 29.12 -7.62
C ALA XA 52 -50.66 28.62 -8.90
N GLY XA 53 -51.46 28.02 -9.79
CA GLY XA 53 -50.99 27.59 -11.09
C GLY XA 53 -50.48 26.17 -11.16
N SER XA 54 -50.52 25.42 -10.06
CA SER XA 54 -50.00 24.05 -10.01
C SER XA 54 -51.10 23.11 -9.53
N THR XA 55 -51.93 22.66 -10.46
CA THR XA 55 -52.96 21.68 -10.17
C THR XA 55 -52.39 20.27 -10.33
N GLU XA 56 -52.55 19.44 -9.31
CA GLU XA 56 -52.01 18.10 -9.30
C GLU XA 56 -53.15 17.08 -9.19
N LYS XA 57 -52.87 15.86 -9.63
CA LYS XA 57 -53.86 14.80 -9.60
C LYS XA 57 -53.97 14.21 -8.21
N GLY XA 58 -55.18 13.76 -7.87
CA GLY XA 58 -55.46 13.17 -6.56
C GLY XA 58 -55.49 11.67 -6.59
N ASP XA 59 -56.42 11.08 -5.83
CA ASP XA 59 -56.57 9.64 -5.78
C ASP XA 59 -57.51 9.12 -6.86
N ILE XA 60 -58.57 9.85 -7.16
CA ILE XA 60 -59.51 9.47 -8.22
C ILE XA 60 -59.70 10.65 -9.17
N PRO XA 61 -58.66 11.04 -9.93
CA PRO XA 61 -58.79 12.21 -10.81
C PRO XA 61 -59.43 11.89 -12.16
N ASP XA 62 -59.68 10.63 -12.47
CA ASP XA 62 -60.24 10.26 -13.76
C ASP XA 62 -61.66 10.78 -13.88
N GLY XA 63 -61.96 11.44 -15.00
CA GLY XA 63 -63.26 12.04 -15.23
C GLY XA 63 -63.40 13.46 -14.74
N TYR XA 64 -62.32 14.07 -14.25
CA TYR XA 64 -62.36 15.42 -13.70
C TYR XA 64 -61.20 16.24 -14.24
N LYS XA 65 -61.27 17.54 -14.01
CA LYS XA 65 -60.24 18.48 -14.42
C LYS XA 65 -60.19 19.61 -13.38
N ALA XA 66 -59.05 20.28 -13.30
CA ALA XA 66 -58.86 21.28 -12.26
C ALA XA 66 -58.08 22.48 -12.81
N SER XA 67 -58.29 23.63 -12.17
CA SER XA 67 -57.62 24.86 -12.56
C SER XA 67 -57.47 25.74 -11.32
N ARG XA 68 -56.25 26.28 -11.12
CA ARG XA 68 -55.96 27.16 -9.99
C ARG XA 68 -55.49 28.51 -10.54
N PRO XA 69 -56.40 29.48 -10.68
CA PRO XA 69 -56.00 30.79 -11.20
C PRO XA 69 -55.16 31.57 -10.20
N SER XA 70 -55.65 31.69 -8.97
CA SER XA 70 -54.98 32.46 -7.92
C SER XA 70 -54.81 31.59 -6.68
N GLN XA 71 -54.21 32.17 -5.65
CA GLN XA 71 -54.12 31.50 -4.36
C GLN XA 71 -55.47 31.44 -3.65
N GLU XA 72 -56.47 32.18 -4.14
CA GLU XA 72 -57.76 32.26 -3.48
C GLU XA 72 -58.86 31.46 -4.18
N ASN XA 73 -58.64 31.01 -5.41
CA ASN XA 73 -59.67 30.30 -6.16
C ASN XA 73 -59.15 28.99 -6.72
N PHE XA 74 -60.02 27.98 -6.69
CA PHE XA 74 -59.72 26.64 -7.16
C PHE XA 74 -61.00 26.06 -7.74
N SER XA 75 -60.95 25.59 -8.99
CA SER XA 75 -62.14 25.20 -9.73
C SER XA 75 -62.01 23.75 -10.20
N LEU XA 76 -63.07 22.97 -9.99
CA LEU XA 76 -63.17 21.60 -10.48
C LEU XA 76 -64.05 21.58 -11.73
N ILE XA 77 -63.48 21.19 -12.86
CA ILE XA 77 -64.16 21.22 -14.15
C ILE XA 77 -64.58 19.81 -14.52
N LEU XA 78 -65.84 19.63 -14.91
CA LEU XA 78 -66.39 18.35 -15.32
C LEU XA 78 -66.80 18.48 -16.79
N GLU XA 79 -65.86 18.13 -17.70
CA GLU XA 79 -66.10 18.31 -19.13
C GLU XA 79 -67.34 17.57 -19.60
N LEU XA 80 -67.35 16.25 -19.46
CA LEU XA 80 -68.49 15.43 -19.87
C LEU XA 80 -69.06 14.76 -18.63
N ALA XA 81 -70.12 15.36 -18.08
CA ALA XA 81 -70.72 14.86 -16.85
C ALA XA 81 -71.36 13.50 -17.08
N THR XA 82 -70.91 12.50 -16.34
CA THR XA 82 -71.50 11.17 -16.34
C THR XA 82 -72.35 10.99 -15.10
N PRO XA 83 -73.33 10.08 -15.14
CA PRO XA 83 -74.11 9.80 -13.92
C PRO XA 83 -73.27 9.25 -12.78
N SER XA 84 -72.10 8.67 -13.09
CA SER XA 84 -71.23 8.15 -12.04
C SER XA 84 -70.67 9.25 -11.14
N GLN XA 85 -70.60 10.49 -11.65
CA GLN XA 85 -70.07 11.61 -10.88
C GLN XA 85 -71.17 12.38 -10.15
N THR XA 86 -72.20 11.68 -9.68
CA THR XA 86 -73.25 12.29 -8.87
C THR XA 86 -72.90 12.10 -7.39
N SER XA 87 -72.62 13.20 -6.70
CA SER XA 87 -72.19 13.14 -5.30
C SER XA 87 -72.24 14.54 -4.72
N VAL XA 88 -71.85 14.64 -3.45
CA VAL XA 88 -71.64 15.91 -2.77
C VAL XA 88 -70.14 16.23 -2.83
N TYR XA 89 -69.81 17.43 -3.26
CA TYR XA 89 -68.41 17.82 -3.48
C TYR XA 89 -68.00 18.88 -2.46
N PHE XA 90 -66.88 18.64 -1.79
CA PHE XA 90 -66.36 19.52 -0.76
C PHE XA 90 -65.01 20.08 -1.19
N CYS XA 91 -64.70 21.29 -0.75
CA CYS XA 91 -63.42 21.92 -1.00
C CYS XA 91 -62.79 22.32 0.33
N ALA XA 92 -61.48 22.09 0.45
CA ALA XA 92 -60.77 22.37 1.69
C ALA XA 92 -59.53 23.21 1.40
N SER XA 93 -59.09 23.95 2.42
CA SER XA 93 -57.90 24.77 2.33
C SER XA 93 -57.04 24.54 3.57
N GLY XA 94 -55.74 24.30 3.36
CA GLY XA 94 -54.83 24.03 4.45
C GLY XA 94 -53.46 24.62 4.18
N ASP XA 95 -52.50 24.29 5.07
CA ASP XA 95 -51.17 24.90 5.03
C ASP XA 95 -50.13 23.81 5.38
N PHE XA 96 -49.78 23.01 4.37
CA PHE XA 96 -48.78 21.93 4.45
C PHE XA 96 -48.62 21.31 5.84
N GLY XA 97 -49.66 20.65 6.33
CA GLY XA 97 -49.64 19.97 7.60
C GLY XA 97 -49.03 20.79 8.74
N GLY XA 98 -49.79 21.75 9.25
CA GLY XA 98 -51.19 21.90 8.91
C GLY XA 98 -52.08 21.33 9.98
N TYR XA 99 -52.48 22.19 10.91
CA TYR XA 99 -53.25 21.74 12.07
C TYR XA 99 -54.67 21.33 11.72
N GLU XA 100 -55.20 21.79 10.58
CA GLU XA 100 -56.61 21.58 10.25
C GLU XA 100 -56.87 21.87 8.79
N GLN XA 101 -57.61 21.00 8.10
CA GLN XA 101 -58.11 21.28 6.76
C GLN XA 101 -59.47 21.95 6.91
N TYR XA 102 -59.56 23.22 6.52
CA TYR XA 102 -60.80 23.98 6.66
C TYR XA 102 -61.72 23.66 5.49
N PHE XA 103 -62.81 22.94 5.76
CA PHE XA 103 -63.70 22.43 4.74
C PHE XA 103 -64.76 23.47 4.37
N GLY XA 104 -65.20 23.42 3.12
CA GLY XA 104 -66.21 24.33 2.62
C GLY XA 104 -67.62 23.79 2.82
N PRO XA 105 -68.62 24.58 2.41
CA PRO XA 105 -70.02 24.17 2.66
C PRO XA 105 -70.42 22.92 1.89
N GLY XA 106 -69.98 22.78 0.66
CA GLY XA 106 -70.30 21.58 -0.10
C GLY XA 106 -71.26 21.88 -1.25
N THR XA 107 -71.20 21.03 -2.27
CA THR XA 107 -72.01 21.20 -3.47
C THR XA 107 -72.65 19.88 -3.84
N ARG XA 108 -73.98 19.85 -3.88
CA ARG XA 108 -74.73 18.67 -4.27
C ARG XA 108 -74.93 18.68 -5.78
N LEU XA 109 -74.29 17.75 -6.47
CA LEU XA 109 -74.42 17.59 -7.91
C LEU XA 109 -75.21 16.34 -8.22
N THR XA 110 -76.22 16.47 -9.08
CA THR XA 110 -77.10 15.37 -9.45
C THR XA 110 -77.15 15.28 -10.97
N VAL XA 111 -76.42 14.31 -11.53
CA VAL XA 111 -76.32 14.13 -12.97
C VAL XA 111 -77.34 13.07 -13.39
N LEU XA 112 -78.45 13.51 -13.96
CA LEU XA 112 -79.45 12.63 -14.53
C LEU XA 112 -79.25 12.50 -16.04
N GLU XA 113 -79.93 11.52 -16.62
CA GLU XA 113 -79.87 11.31 -18.06
C GLU XA 113 -80.90 12.14 -18.82
N ASP XA 114 -81.82 12.79 -18.11
CA ASP XA 114 -82.87 13.59 -18.73
C ASP XA 114 -83.48 14.50 -17.69
N LEU XA 115 -83.74 15.76 -18.06
CA LEU XA 115 -84.38 16.72 -17.16
C LEU XA 115 -85.89 16.57 -17.10
N LYS XA 116 -86.48 15.67 -17.90
CA LYS XA 116 -87.93 15.56 -17.94
C LYS XA 116 -88.51 14.92 -16.69
N ASN XA 117 -87.67 14.38 -15.80
CA ASN XA 117 -88.12 13.80 -14.55
C ASN XA 117 -88.08 14.80 -13.40
N VAL XA 118 -87.64 16.03 -13.64
CA VAL XA 118 -87.50 17.01 -12.58
C VAL XA 118 -88.86 17.63 -12.28
N PHE XA 119 -89.27 17.59 -11.01
CA PHE XA 119 -90.55 18.11 -10.57
C PHE XA 119 -90.38 18.87 -9.27
N PRO XA 120 -91.04 20.01 -9.11
CA PRO XA 120 -90.99 20.74 -7.85
C PRO XA 120 -91.87 20.07 -6.80
N PRO XA 121 -91.66 20.36 -5.52
CA PRO XA 121 -92.48 19.74 -4.48
C PRO XA 121 -93.81 20.46 -4.29
N GLU XA 122 -94.81 19.69 -3.90
CA GLU XA 122 -96.11 20.22 -3.49
C GLU XA 122 -96.20 20.16 -1.98
N VAL XA 123 -96.45 21.31 -1.36
CA VAL XA 123 -96.35 21.46 0.09
C VAL XA 123 -97.73 21.81 0.65
N ALA XA 124 -98.14 21.08 1.68
CA ALA XA 124 -99.37 21.36 2.40
C ALA XA 124 -99.11 21.26 3.90
N VAL XA 125 -99.80 22.09 4.67
CA VAL XA 125 -99.68 22.13 6.12
C VAL XA 125 -100.97 21.61 6.74
N PHE XA 126 -100.83 20.70 7.70
CA PHE XA 126 -101.95 20.03 8.32
C PHE XA 126 -102.07 20.49 9.77
N GLU XA 127 -103.25 20.98 10.13
CA GLU XA 127 -103.44 21.60 11.43
C GLU XA 127 -103.48 20.55 12.54
N PRO XA 128 -103.07 20.91 13.76
CA PRO XA 128 -103.00 19.92 14.84
C PRO XA 128 -104.37 19.36 15.20
N SER XA 129 -104.39 18.08 15.57
CA SER XA 129 -105.62 17.44 16.00
C SER XA 129 -106.02 17.95 17.38
N GLU XA 130 -107.33 18.10 17.60
CA GLU XA 130 -107.81 18.56 18.90
C GLU XA 130 -107.61 17.51 19.99
N ALA XA 131 -107.61 16.23 19.62
CA ALA XA 131 -107.37 15.18 20.60
C ALA XA 131 -105.99 15.30 21.22
N GLU XA 132 -105.02 15.82 20.47
CA GLU XA 132 -103.69 16.06 21.03
C GLU XA 132 -103.71 17.24 21.98
N ILE XA 133 -104.48 18.28 21.64
CA ILE XA 133 -104.53 19.48 22.48
C ILE XA 133 -105.22 19.17 23.80
N SER XA 134 -106.29 18.36 23.76
CA SER XA 134 -107.00 18.04 24.99
C SER XA 134 -106.19 17.10 25.87
N HIS XA 135 -105.45 16.16 25.27
CA HIS XA 135 -104.77 15.13 26.05
C HIS XA 135 -103.42 15.60 26.58
N THR XA 136 -102.67 16.37 25.78
CA THR XA 136 -101.32 16.74 26.14
C THR XA 136 -101.09 18.24 26.23
N GLN XA 137 -102.08 19.06 25.89
CA GLN XA 137 -101.97 20.53 25.91
C GLN XA 137 -100.80 21.00 25.03
N LYS XA 138 -100.59 20.30 23.91
CA LYS XA 138 -99.57 20.65 22.95
C LYS XA 138 -100.12 20.43 21.55
N ALA XA 139 -99.59 21.19 20.59
CA ALA XA 139 -100.08 21.17 19.22
C ALA XA 139 -98.94 20.83 18.27
N THR XA 140 -99.16 19.85 17.41
CA THR XA 140 -98.17 19.41 16.44
C THR XA 140 -98.67 19.69 15.03
N LEU XA 141 -97.86 20.40 14.25
CA LEU XA 141 -98.15 20.68 12.85
C LEU XA 141 -97.32 19.78 11.96
N VAL XA 142 -97.95 19.26 10.90
CA VAL XA 142 -97.30 18.33 9.97
C VAL XA 142 -97.23 19.00 8.61
N CYS XA 143 -96.04 19.00 8.02
CA CYS XA 143 -95.80 19.57 6.70
C CYS XA 143 -95.30 18.46 5.79
N LEU XA 144 -95.99 18.26 4.67
CA LEU XA 144 -95.63 17.25 3.69
C LEU XA 144 -95.24 17.90 2.38
N ALA XA 145 -94.04 17.55 1.89
CA ALA XA 145 -93.60 17.93 0.56
C ALA XA 145 -93.50 16.64 -0.27
N THR XA 146 -94.33 16.55 -1.31
CA THR XA 146 -94.43 15.33 -2.09
C THR XA 146 -94.24 15.64 -3.58
N GLY XA 147 -93.68 14.66 -4.29
CA GLY XA 147 -93.54 14.77 -5.72
C GLY XA 147 -92.38 15.61 -6.21
N PHE XA 148 -91.28 15.64 -5.46
CA PHE XA 148 -90.10 16.39 -5.85
C PHE XA 148 -88.99 15.45 -6.29
N TYR XA 149 -88.17 15.93 -7.22
CA TYR XA 149 -87.06 15.16 -7.77
C TYR XA 149 -86.09 16.12 -8.45
N PRO XA 150 -84.79 16.07 -8.16
CA PRO XA 150 -84.09 15.14 -7.24
C PRO XA 150 -84.36 15.37 -5.77
N ASP XA 151 -83.50 14.79 -4.91
CA ASP XA 151 -83.82 14.68 -3.49
C ASP XA 151 -83.57 15.98 -2.73
N HIS XA 152 -82.54 16.73 -3.10
CA HIS XA 152 -82.04 17.82 -2.25
C HIS XA 152 -83.04 18.97 -2.21
N VAL XA 153 -83.77 19.07 -1.10
CA VAL XA 153 -84.59 20.22 -0.77
C VAL XA 153 -84.31 20.59 0.69
N GLU XA 154 -84.57 21.84 1.02
CA GLU XA 154 -84.35 22.36 2.36
C GLU XA 154 -85.68 22.86 2.93
N LEU XA 155 -86.16 22.19 3.97
CA LEU XA 155 -87.41 22.55 4.62
C LEU XA 155 -87.13 23.37 5.86
N SER XA 156 -87.91 24.43 6.05
CA SER XA 156 -87.78 25.30 7.22
C SER XA 156 -89.16 25.73 7.67
N TRP XA 157 -89.30 25.96 8.98
CA TRP XA 157 -90.54 26.42 9.57
C TRP XA 157 -90.43 27.90 9.91
N TRP XA 158 -91.41 28.68 9.48
CA TRP XA 158 -91.44 30.12 9.71
C TRP XA 158 -92.68 30.48 10.51
N VAL XA 159 -92.49 31.16 11.63
CA VAL XA 159 -93.57 31.55 12.52
C VAL XA 159 -93.53 33.07 12.69
N ASN XA 160 -94.57 33.75 12.19
CA ASN XA 160 -94.72 35.19 12.31
C ASN XA 160 -93.52 35.93 11.72
N GLY XA 161 -93.01 35.43 10.59
CA GLY XA 161 -91.92 36.06 9.89
C GLY XA 161 -90.53 35.69 10.37
N LYS XA 162 -90.42 34.94 11.45
CA LYS XA 162 -89.13 34.52 12.00
C LYS XA 162 -88.99 33.00 11.88
N GLU XA 163 -87.84 32.55 11.42
CA GLU XA 163 -87.59 31.11 11.32
C GLU XA 163 -87.37 30.53 12.71
N VAL XA 164 -88.03 29.42 13.01
CA VAL XA 164 -87.96 28.77 14.31
C VAL XA 164 -87.09 27.53 14.19
N HIS XA 165 -86.17 27.35 15.14
CA HIS XA 165 -85.32 26.18 15.21
C HIS XA 165 -85.67 25.25 16.38
N SER XA 166 -86.63 25.63 17.20
CA SER XA 166 -87.05 24.84 18.36
C SER XA 166 -88.35 24.12 18.06
N GLY XA 167 -88.50 22.93 18.66
CA GLY XA 167 -89.66 22.11 18.40
C GLY XA 167 -89.80 21.65 16.96
N VAL XA 168 -88.72 21.69 16.19
CA VAL XA 168 -88.74 21.37 14.77
C VAL XA 168 -87.75 20.26 14.49
N CYS XA 169 -88.20 19.24 13.76
CA CYS XA 169 -87.30 18.24 13.22
C CYS XA 169 -87.83 17.77 11.88
N THR XA 170 -86.92 17.43 10.99
CA THR XA 170 -87.26 16.95 9.66
C THR XA 170 -86.71 15.53 9.49
N ASP XA 171 -87.39 14.74 8.67
CA ASP XA 171 -86.97 13.37 8.44
C ASP XA 171 -85.53 13.35 7.91
N PRO XA 172 -84.68 12.46 8.39
CA PRO XA 172 -83.28 12.46 7.94
C PRO XA 172 -83.14 12.17 6.46
N GLN XA 173 -84.00 11.33 5.88
CA GLN XA 173 -83.90 10.96 4.49
C GLN XA 173 -85.25 11.10 3.80
N PRO XA 174 -85.28 11.64 2.59
CA PRO XA 174 -86.51 11.58 1.79
C PRO XA 174 -86.83 10.14 1.43
N LEU XA 175 -88.12 9.84 1.30
CA LEU XA 175 -88.59 8.50 1.00
C LEU XA 175 -89.21 8.47 -0.39
N LYS XA 176 -89.00 7.36 -1.10
CA LYS XA 176 -89.49 7.22 -2.47
C LYS XA 176 -91.00 6.95 -2.46
N GLU XA 177 -91.71 7.64 -3.35
CA GLU XA 177 -93.14 7.36 -3.50
C GLU XA 177 -93.36 6.03 -4.19
N GLN XA 178 -92.53 5.69 -5.17
CA GLN XA 178 -92.58 4.41 -5.86
C GLN XA 178 -91.18 3.82 -5.86
N PRO XA 179 -90.81 3.10 -4.81
CA PRO XA 179 -89.41 2.62 -4.70
C PRO XA 179 -89.01 1.66 -5.79
N ALA XA 180 -89.96 1.00 -6.46
CA ALA XA 180 -89.60 0.07 -7.52
C ALA XA 180 -89.07 0.80 -8.74
N LEU XA 181 -89.60 1.99 -9.03
CA LEU XA 181 -89.26 2.70 -10.26
C LEU XA 181 -87.93 3.44 -10.12
N ASN XA 182 -87.16 3.43 -11.20
CA ASN XA 182 -86.04 4.33 -11.32
C ASN XA 182 -86.53 5.74 -11.59
N ASP XA 183 -85.76 6.73 -11.13
CA ASP XA 183 -86.16 8.14 -11.20
C ASP XA 183 -87.49 8.37 -10.51
N SER XA 184 -87.71 7.66 -9.40
CA SER XA 184 -88.92 7.82 -8.62
C SER XA 184 -88.96 9.18 -7.95
N ARG XA 185 -90.16 9.70 -7.74
CA ARG XA 185 -90.35 10.98 -7.09
C ARG XA 185 -90.44 10.80 -5.58
N TYR XA 186 -89.89 11.76 -4.84
CA TYR XA 186 -89.63 11.61 -3.42
C TYR XA 186 -90.66 12.37 -2.59
N ALA XA 187 -90.64 12.11 -1.28
CA ALA XA 187 -91.54 12.77 -0.34
C ALA XA 187 -90.81 12.96 0.98
N LEU XA 188 -91.01 14.13 1.60
CA LEU XA 188 -90.36 14.48 2.85
C LEU XA 188 -91.38 15.10 3.80
N SER XA 189 -91.19 14.89 5.09
CA SER XA 189 -92.10 15.38 6.11
C SER XA 189 -91.31 16.08 7.22
N SER XA 190 -92.02 16.93 7.96
CA SER XA 190 -91.42 17.66 9.07
C SER XA 190 -92.51 17.96 10.11
N ARG XA 191 -92.06 18.26 11.32
CA ARG XA 191 -92.96 18.48 12.45
C ARG XA 191 -92.58 19.77 13.18
N LEU XA 192 -93.59 20.41 13.76
CA LEU XA 192 -93.40 21.58 14.60
C LEU XA 192 -94.41 21.52 15.74
N ARG XA 193 -93.93 21.59 16.98
CA ARG XA 193 -94.77 21.54 18.16
C ARG XA 193 -94.61 22.81 18.97
N VAL XA 194 -95.74 23.37 19.42
CA VAL XA 194 -95.79 24.52 20.30
C VAL XA 194 -96.84 24.25 21.37
N SER XA 195 -96.99 25.21 22.29
CA SER XA 195 -97.97 25.06 23.36
C SER XA 195 -99.39 25.18 22.81
N ALA XA 196 -100.33 24.63 23.57
CA ALA XA 196 -101.73 24.66 23.13
C ALA XA 196 -102.26 26.10 23.09
N THR XA 197 -101.85 26.93 24.04
CA THR XA 197 -102.29 28.32 24.06
C THR XA 197 -101.72 29.10 22.87
N PHE XA 198 -100.54 28.71 22.39
CA PHE XA 198 -99.94 29.41 21.25
C PHE XA 198 -100.70 29.13 19.96
N TRP XA 199 -101.20 27.90 19.80
CA TRP XA 199 -101.97 27.55 18.61
C TRP XA 199 -103.34 28.21 18.62
N GLN XA 200 -103.96 28.31 19.79
CA GLN XA 200 -105.31 28.86 19.90
C GLN XA 200 -105.32 30.36 19.62
N ASN XA 201 -104.17 31.01 19.55
CA ASN XA 201 -104.11 32.42 19.18
C ASN XA 201 -104.23 32.59 17.68
N PRO XA 202 -105.31 33.19 17.17
CA PRO XA 202 -105.46 33.34 15.71
C PRO XA 202 -104.50 34.35 15.11
N ARG XA 203 -103.85 35.18 15.92
CA ARG XA 203 -102.94 36.20 15.39
C ARG XA 203 -101.58 35.64 15.04
N ASN XA 204 -101.33 34.35 15.32
CA ASN XA 204 -100.06 33.73 14.99
C ASN XA 204 -100.15 33.09 13.61
N HIS XA 205 -99.18 33.41 12.75
CA HIS XA 205 -99.12 32.89 11.39
C HIS XA 205 -98.05 31.82 11.30
N PHE XA 206 -98.43 30.64 10.84
CA PHE XA 206 -97.54 29.50 10.69
C PHE XA 206 -97.37 29.18 9.22
N ARG XA 207 -96.12 29.05 8.78
CA ARG XA 207 -95.82 28.79 7.38
C ARG XA 207 -94.68 27.80 7.25
N CYS XA 208 -94.87 26.80 6.41
CA CYS XA 208 -93.83 25.81 6.10
C CYS XA 208 -93.22 26.14 4.75
N GLN XA 209 -91.90 26.26 4.73
CA GLN XA 209 -91.17 26.68 3.53
C GLN XA 209 -90.22 25.58 3.09
N VAL XA 210 -90.31 25.20 1.81
CA VAL XA 210 -89.45 24.18 1.23
C VAL XA 210 -88.67 24.84 0.08
N GLN XA 211 -87.34 24.82 0.19
CA GLN XA 211 -86.47 25.36 -0.84
C GLN XA 211 -86.10 24.24 -1.80
N PHE XA 212 -86.59 24.33 -3.03
CA PHE XA 212 -86.31 23.35 -4.07
C PHE XA 212 -85.20 23.86 -4.96
N TYR XA 213 -84.16 23.03 -5.13
CA TYR XA 213 -83.03 23.35 -6.01
C TYR XA 213 -83.15 22.48 -7.25
N GLY XA 214 -83.45 23.11 -8.39
CA GLY XA 214 -83.61 22.38 -9.63
C GLY XA 214 -82.86 23.00 -10.80
N LEU XA 215 -83.59 23.33 -11.85
CA LEU XA 215 -82.97 23.90 -13.04
C LEU XA 215 -82.59 25.35 -12.80
N SER XA 216 -81.61 25.82 -13.57
CA SER XA 216 -81.14 27.19 -13.47
C SER XA 216 -81.74 28.03 -14.60
N GLU XA 217 -81.31 29.28 -14.68
CA GLU XA 217 -81.84 30.19 -15.69
C GLU XA 217 -81.33 29.84 -17.08
N ASN XA 218 -80.08 29.36 -17.17
CA ASN XA 218 -79.46 29.06 -18.44
C ASN XA 218 -79.85 27.69 -18.99
N ASP XA 219 -80.50 26.85 -18.18
CA ASP XA 219 -80.90 25.53 -18.67
C ASP XA 219 -82.04 25.66 -19.67
N GLU XA 220 -82.04 24.74 -20.64
CA GLU XA 220 -83.04 24.74 -21.70
C GLU XA 220 -84.17 23.78 -21.35
N TRP XA 221 -85.41 24.24 -21.54
CA TRP XA 221 -86.60 23.45 -21.27
C TRP XA 221 -87.35 23.21 -22.57
N THR XA 222 -87.76 21.96 -22.80
CA THR XA 222 -88.48 21.59 -24.00
C THR XA 222 -89.84 20.96 -23.74
N GLN XA 223 -90.18 20.68 -22.49
CA GLN XA 223 -91.44 20.04 -22.18
C GLN XA 223 -92.59 21.05 -22.20
N ASP XA 224 -93.82 20.54 -22.10
CA ASP XA 224 -95.01 21.36 -22.08
C ASP XA 224 -95.46 21.74 -20.67
N ARG XA 225 -94.63 21.47 -19.66
CA ARG XA 225 -94.93 21.85 -18.29
C ARG XA 225 -94.30 23.20 -18.00
N ALA XA 226 -94.36 23.62 -16.74
CA ALA XA 226 -93.57 24.76 -16.29
C ALA XA 226 -92.11 24.34 -16.13
N LYS XA 227 -91.23 25.34 -16.05
CA LYS XA 227 -89.81 25.06 -15.92
C LYS XA 227 -89.47 24.83 -14.46
N PRO XA 228 -89.05 23.62 -14.07
CA PRO XA 228 -88.75 23.37 -12.64
C PRO XA 228 -87.46 24.03 -12.19
N VAL XA 229 -87.50 25.35 -12.01
CA VAL XA 229 -86.32 26.11 -11.62
C VAL XA 229 -86.14 26.01 -10.11
N THR XA 230 -84.98 26.47 -9.62
CA THR XA 230 -84.80 26.65 -8.19
C THR XA 230 -85.82 27.65 -7.67
N GLN XA 231 -86.64 27.22 -6.71
CA GLN XA 231 -87.79 28.01 -6.30
C GLN XA 231 -88.17 27.64 -4.87
N ILE XA 232 -89.12 28.40 -4.33
CA ILE XA 232 -89.63 28.22 -2.98
C ILE XA 232 -91.09 27.82 -3.07
N VAL XA 233 -91.44 26.68 -2.48
CA VAL XA 233 -92.81 26.22 -2.39
C VAL XA 233 -93.22 26.26 -0.93
N SER XA 234 -94.26 27.03 -0.62
CA SER XA 234 -94.65 27.26 0.76
C SER XA 234 -96.14 26.98 0.94
N ALA XA 235 -96.50 26.57 2.15
CA ALA XA 235 -97.88 26.44 2.58
C ALA XA 235 -98.02 27.04 3.97
N GLU XA 236 -99.19 27.60 4.25
CA GLU XA 236 -99.41 28.34 5.48
C GLU XA 236 -100.68 27.87 6.18
N ALA XA 237 -100.66 27.97 7.51
CA ALA XA 237 -101.82 27.69 8.34
C ALA XA 237 -101.90 28.75 9.43
N TRP XA 238 -103.12 29.00 9.89
CA TRP XA 238 -103.38 30.05 10.87
C TRP XA 238 -103.91 29.44 12.16
N GLY XA 239 -103.61 30.10 13.28
CA GLY XA 239 -104.12 29.65 14.55
C GLY XA 239 -105.63 29.81 14.63
N ARG XA 240 -106.26 28.92 15.40
CA ARG XA 240 -107.70 28.92 15.53
C ARG XA 240 -108.08 28.46 16.94
N ALA XA 241 -108.93 29.24 17.60
CA ALA XA 241 -109.40 28.84 18.92
C ALA XA 241 -110.31 27.63 18.85
N ASP XA 242 -111.16 27.57 17.82
CA ASP XA 242 -112.08 26.46 17.60
C ASP XA 242 -112.96 26.18 18.82
#